data_9I0Y
#
_entry.id   9I0Y
#
_entity_poly.entity_id   1
_entity_poly.type   'polypeptide(L)'
_entity_poly.pdbx_seq_one_letter_code
;MSCECSGSALTCCPDKNYVQDKVCSPWSGTVVATAITNVLYNNNINQNMIGTGFVRYDVGPAPITLTVLDAAGATIDTQT
LNPGTSIAFTYRRFVTIEVTLPAATAGTYQGEFCITTRYPLS
;
_entity_poly.pdbx_strand_id   0,1,2,3,4,5,6,7,8,9,AA,P,Q,R,S,T,U,V,W,X,Y,Z,a,b,c,d,e,f,g,h,i,j,k,l,m,n,o,p,q,r,s,t,u,v,w,x,y,z
#
# COMPACT_ATOMS: atom_id res chain seq x y z
N ALA A 9 97.81 14.49 -33.33
CA ALA A 9 97.70 13.68 -34.54
C ALA A 9 98.91 12.76 -34.71
N LEU A 10 99.62 12.54 -33.61
CA LEU A 10 100.84 11.75 -33.65
C LEU A 10 100.63 10.26 -33.42
N THR A 11 99.42 9.85 -33.02
CA THR A 11 99.20 8.48 -32.60
C THR A 11 97.99 7.88 -33.32
N CYS A 12 98.10 6.59 -33.66
CA CYS A 12 96.95 5.77 -34.03
C CYS A 12 96.49 4.94 -32.85
N CYS A 13 96.56 5.50 -31.63
CA CYS A 13 96.11 4.87 -30.41
C CYS A 13 94.73 5.41 -30.06
N PRO A 14 93.65 4.73 -30.44
CA PRO A 14 92.31 5.23 -30.13
C PRO A 14 91.99 5.09 -28.66
N ASP A 15 91.07 5.94 -28.20
CA ASP A 15 90.62 5.91 -26.82
C ASP A 15 89.69 4.72 -26.59
N LYS A 16 89.61 4.30 -25.33
CA LYS A 16 88.71 3.23 -24.92
C LYS A 16 87.45 3.84 -24.32
N ASN A 17 86.33 3.70 -25.03
CA ASN A 17 85.06 4.24 -24.60
C ASN A 17 84.28 3.14 -23.91
N TYR A 18 84.29 3.14 -22.57
CA TYR A 18 83.61 2.12 -21.79
C TYR A 18 82.14 2.48 -21.60
N VAL A 19 81.27 1.47 -21.69
CA VAL A 19 79.85 1.64 -21.53
C VAL A 19 79.33 0.60 -20.54
N GLN A 20 78.14 0.88 -20.00
CA GLN A 20 77.53 0.08 -18.96
C GLN A 20 76.10 -0.25 -19.32
N ASP A 21 75.70 -1.49 -19.07
CA ASP A 21 74.32 -1.95 -19.24
C ASP A 21 73.85 -2.62 -17.96
N LYS A 22 72.54 -2.85 -17.88
CA LYS A 22 71.93 -3.46 -16.71
C LYS A 22 70.86 -4.44 -17.15
N VAL A 23 70.73 -5.55 -16.43
CA VAL A 23 69.68 -6.53 -16.71
C VAL A 23 69.34 -7.27 -15.43
N CYS A 24 68.04 -7.46 -15.20
CA CYS A 24 67.51 -8.19 -14.06
C CYS A 24 66.56 -9.25 -14.57
N SER A 25 66.54 -10.42 -13.92
CA SER A 25 65.69 -11.51 -14.34
C SER A 25 65.45 -12.46 -13.18
N PRO A 26 64.24 -13.03 -13.07
CA PRO A 26 64.00 -14.09 -12.10
C PRO A 26 64.43 -15.44 -12.67
N TRP A 27 64.76 -16.35 -11.75
CA TRP A 27 65.20 -17.69 -12.12
C TRP A 27 64.46 -18.72 -11.30
N SER A 28 64.26 -19.89 -11.92
CA SER A 28 63.57 -21.00 -11.29
C SER A 28 64.20 -22.31 -11.78
N GLY A 29 64.07 -23.35 -10.97
CA GLY A 29 64.58 -24.65 -11.33
C GLY A 29 63.98 -25.77 -10.51
N THR A 30 63.51 -26.84 -11.17
CA THR A 30 62.87 -27.97 -10.51
C THR A 30 63.81 -29.16 -10.55
N VAL A 31 64.23 -29.63 -9.38
CA VAL A 31 65.10 -30.79 -9.27
C VAL A 31 64.26 -31.99 -8.90
N VAL A 32 64.41 -33.09 -9.66
CA VAL A 32 63.69 -34.33 -9.42
C VAL A 32 64.64 -35.47 -9.02
N ALA A 33 65.62 -35.78 -9.87
CA ALA A 33 66.55 -36.85 -9.57
C ALA A 33 67.98 -36.48 -9.91
N THR A 34 68.17 -35.39 -10.66
CA THR A 34 69.48 -34.99 -11.15
C THR A 34 69.78 -33.56 -10.73
N ALA A 35 71.07 -33.29 -10.49
CA ALA A 35 71.52 -31.96 -10.15
C ALA A 35 71.37 -31.02 -11.35
N ILE A 36 71.21 -29.73 -11.05
CA ILE A 36 70.99 -28.71 -12.08
C ILE A 36 72.10 -27.67 -11.99
N THR A 37 72.47 -27.13 -13.14
CA THR A 37 73.59 -26.19 -13.27
C THR A 37 73.02 -24.95 -13.98
N ASN A 38 71.96 -24.39 -13.39
CA ASN A 38 71.18 -23.32 -14.02
C ASN A 38 72.03 -22.07 -14.26
N VAL A 39 72.28 -21.75 -15.52
CA VAL A 39 73.08 -20.57 -15.88
C VAL A 39 72.18 -19.35 -15.89
N LEU A 40 72.60 -18.29 -15.19
CA LEU A 40 71.82 -17.07 -15.12
C LEU A 40 72.29 -15.98 -16.07
N TYR A 41 73.57 -15.99 -16.44
CA TYR A 41 74.15 -14.95 -17.27
C TYR A 41 75.35 -15.51 -18.01
N ASN A 42 75.56 -15.06 -19.24
CA ASN A 42 76.70 -15.50 -20.04
C ASN A 42 77.05 -14.41 -21.05
N ASN A 43 78.29 -14.43 -21.50
CA ASN A 43 78.78 -13.44 -22.44
C ASN A 43 79.97 -14.00 -23.20
N ASN A 44 80.33 -13.35 -24.30
CA ASN A 44 81.48 -13.72 -25.12
C ASN A 44 82.52 -12.60 -25.19
N ILE A 45 82.49 -11.68 -24.23
CA ILE A 45 83.36 -10.51 -24.23
C ILE A 45 84.20 -10.49 -22.95
N ASN A 46 84.59 -11.68 -22.50
CA ASN A 46 85.24 -11.84 -21.19
C ASN A 46 86.44 -10.92 -21.03
N GLN A 47 87.16 -10.65 -22.11
CA GLN A 47 88.29 -9.72 -22.03
C GLN A 47 87.78 -8.31 -21.78
N ASN A 48 88.29 -7.68 -20.72
CA ASN A 48 87.87 -6.35 -20.31
C ASN A 48 86.37 -6.29 -20.05
N MET A 49 85.87 -7.11 -19.13
CA MET A 49 84.48 -7.06 -18.70
C MET A 49 84.42 -7.07 -17.18
N ILE A 50 83.60 -6.20 -16.60
CA ILE A 50 83.37 -6.22 -15.16
C ILE A 50 81.88 -6.18 -14.89
N GLY A 51 81.43 -6.98 -13.93
CA GLY A 51 80.03 -7.03 -13.58
C GLY A 51 79.78 -6.96 -12.10
N THR A 52 78.88 -6.06 -11.68
CA THR A 52 78.49 -5.90 -10.29
C THR A 52 77.00 -6.21 -10.15
N GLY A 53 76.64 -6.96 -9.12
CA GLY A 53 75.22 -7.26 -8.95
C GLY A 53 74.96 -8.15 -7.75
N PHE A 54 73.79 -8.80 -7.79
CA PHE A 54 73.41 -9.67 -6.70
C PHE A 54 72.59 -10.84 -7.22
N VAL A 55 72.57 -11.90 -6.41
CA VAL A 55 71.73 -13.07 -6.62
C VAL A 55 70.91 -13.27 -5.35
N ARG A 56 69.58 -13.35 -5.49
CA ARG A 56 68.67 -13.49 -4.37
C ARG A 56 68.05 -14.88 -4.40
N TYR A 57 68.20 -15.61 -3.30
CA TYR A 57 67.59 -16.93 -3.11
C TYR A 57 66.37 -16.75 -2.22
N ASP A 58 65.18 -16.93 -2.78
CA ASP A 58 63.93 -16.65 -2.08
C ASP A 58 63.34 -17.89 -1.43
N VAL A 59 63.01 -18.91 -2.23
CA VAL A 59 62.38 -20.13 -1.73
C VAL A 59 63.10 -21.34 -2.33
N GLY A 60 63.24 -22.38 -1.52
CA GLY A 60 63.88 -23.59 -1.97
C GLY A 60 64.05 -24.61 -0.86
N PRO A 61 64.04 -25.90 -1.22
CA PRO A 61 64.17 -26.94 -0.21
C PRO A 61 65.49 -26.92 0.55
N ALA A 62 66.59 -26.52 -0.09
CA ALA A 62 67.91 -26.72 0.50
C ALA A 62 68.88 -25.64 0.07
N PRO A 63 70.05 -25.54 0.71
CA PRO A 63 71.07 -24.59 0.24
C PRO A 63 71.50 -24.87 -1.20
N ILE A 64 71.84 -23.79 -1.91
CA ILE A 64 72.29 -23.86 -3.29
C ILE A 64 73.70 -23.28 -3.36
N THR A 65 74.36 -23.47 -4.50
CA THR A 65 75.70 -22.95 -4.70
C THR A 65 75.67 -21.93 -5.84
N LEU A 66 76.40 -20.83 -5.68
CA LEU A 66 76.56 -19.83 -6.72
C LEU A 66 78.02 -19.85 -7.19
N THR A 67 78.22 -20.10 -8.47
CA THR A 67 79.56 -20.24 -9.03
C THR A 67 79.74 -19.30 -10.22
N VAL A 68 80.98 -18.84 -10.40
CA VAL A 68 81.34 -17.98 -11.52
C VAL A 68 82.48 -18.63 -12.28
N LEU A 69 82.33 -18.73 -13.61
CA LEU A 69 83.26 -19.46 -14.44
C LEU A 69 83.80 -18.57 -15.56
N ASP A 70 85.04 -18.84 -15.94
CA ASP A 70 85.69 -18.16 -17.05
C ASP A 70 85.61 -19.04 -18.30
N ALA A 71 86.20 -18.53 -19.39
CA ALA A 71 86.06 -19.18 -20.69
C ALA A 71 86.67 -20.58 -20.71
N ALA A 72 87.62 -20.85 -19.82
CA ALA A 72 88.25 -22.16 -19.77
C ALA A 72 87.44 -23.17 -18.96
N GLY A 73 86.31 -22.74 -18.39
CA GLY A 73 85.47 -23.61 -17.60
C GLY A 73 85.85 -23.71 -16.14
N ALA A 74 86.95 -23.07 -15.73
CA ALA A 74 87.39 -23.10 -14.34
C ALA A 74 86.49 -22.24 -13.48
N THR A 75 86.59 -22.44 -12.16
CA THR A 75 85.79 -21.69 -11.20
C THR A 75 86.59 -20.51 -10.66
N ILE A 76 86.02 -19.32 -10.77
CA ILE A 76 86.64 -18.13 -10.20
C ILE A 76 86.21 -17.94 -8.75
N ASP A 77 84.92 -18.05 -8.47
CA ASP A 77 84.41 -17.88 -7.12
C ASP A 77 83.21 -18.80 -6.92
N THR A 78 83.10 -19.35 -5.71
CA THR A 78 81.98 -20.21 -5.34
C THR A 78 81.52 -19.83 -3.95
N GLN A 79 80.20 -19.71 -3.79
CA GLN A 79 79.59 -19.34 -2.52
C GLN A 79 78.37 -20.23 -2.27
N THR A 80 77.91 -20.25 -1.03
CA THR A 80 76.76 -21.06 -0.64
C THR A 80 75.66 -20.16 -0.12
N LEU A 81 74.42 -20.46 -0.52
CA LEU A 81 73.26 -19.64 -0.16
C LEU A 81 72.18 -20.51 0.47
N ASN A 82 71.51 -19.97 1.47
CA ASN A 82 70.35 -20.56 2.13
C ASN A 82 69.09 -19.80 1.74
N PRO A 83 67.93 -20.44 1.78
CA PRO A 83 66.70 -19.79 1.31
C PRO A 83 66.41 -18.50 2.07
N GLY A 84 66.01 -17.47 1.32
CA GLY A 84 65.62 -16.20 1.89
C GLY A 84 66.74 -15.18 2.04
N THR A 85 67.87 -15.35 1.36
CA THR A 85 69.00 -14.45 1.53
C THR A 85 69.44 -13.91 0.18
N SER A 86 70.50 -13.11 0.18
CA SER A 86 71.05 -12.49 -1.01
C SER A 86 72.57 -12.49 -0.93
N ILE A 87 73.21 -12.43 -2.10
CA ILE A 87 74.67 -12.32 -2.16
C ILE A 87 75.02 -11.27 -3.21
N ALA A 88 75.89 -10.33 -2.85
CA ALA A 88 76.38 -9.30 -3.76
C ALA A 88 77.78 -9.65 -4.23
N PHE A 89 78.10 -9.20 -5.44
CA PHE A 89 79.37 -9.58 -6.05
C PHE A 89 79.83 -8.50 -7.02
N THR A 90 81.14 -8.50 -7.28
CA THR A 90 81.75 -7.68 -8.32
C THR A 90 82.89 -8.49 -8.91
N TYR A 91 82.77 -8.89 -10.18
CA TYR A 91 83.68 -9.83 -10.81
C TYR A 91 84.24 -9.25 -12.10
N ARG A 92 85.42 -9.72 -12.48
CA ARG A 92 86.02 -9.34 -13.75
C ARG A 92 86.56 -10.58 -14.46
N ARG A 93 86.56 -10.51 -15.79
CA ARG A 93 87.08 -11.57 -16.66
C ARG A 93 86.43 -12.92 -16.34
N PHE A 94 85.10 -12.94 -16.52
CA PHE A 94 84.31 -14.14 -16.30
C PHE A 94 83.44 -14.39 -17.52
N VAL A 95 83.13 -15.66 -17.78
CA VAL A 95 82.30 -16.03 -18.91
C VAL A 95 80.86 -16.30 -18.51
N THR A 96 80.60 -16.75 -17.28
CA THR A 96 79.23 -17.08 -16.91
C THR A 96 79.07 -17.08 -15.40
N ILE A 97 77.83 -16.91 -14.97
CA ILE A 97 77.43 -17.04 -13.57
C ILE A 97 76.29 -18.05 -13.53
N GLU A 98 76.35 -18.98 -12.58
CA GLU A 98 75.37 -20.06 -12.53
C GLU A 98 75.10 -20.46 -11.09
N VAL A 99 73.97 -21.14 -10.91
CA VAL A 99 73.58 -21.70 -9.61
C VAL A 99 73.52 -23.22 -9.76
N THR A 100 74.21 -23.91 -8.87
CA THR A 100 74.20 -25.37 -8.80
C THR A 100 73.20 -25.78 -7.73
N LEU A 101 72.22 -26.60 -8.14
CA LEU A 101 71.16 -27.17 -7.34
C LEU A 101 71.40 -28.67 -7.15
N PRO A 102 71.61 -29.12 -5.92
CA PRO A 102 71.92 -30.53 -5.69
C PRO A 102 70.72 -31.43 -5.97
N ALA A 103 71.02 -32.69 -6.28
CA ALA A 103 70.00 -33.69 -6.56
C ALA A 103 69.46 -34.34 -5.29
N ALA A 104 69.97 -33.95 -4.12
CA ALA A 104 69.57 -34.55 -2.85
C ALA A 104 68.09 -34.35 -2.59
N THR A 105 67.66 -33.09 -2.49
CA THR A 105 66.26 -32.81 -2.20
C THR A 105 65.53 -32.36 -3.45
N ALA A 106 64.45 -33.08 -3.78
CA ALA A 106 63.64 -32.73 -4.94
C ALA A 106 62.68 -31.59 -4.59
N GLY A 107 62.58 -30.63 -5.50
CA GLY A 107 61.71 -29.48 -5.27
C GLY A 107 62.06 -28.35 -6.20
N THR A 108 61.38 -27.22 -5.99
CA THR A 108 61.52 -26.06 -6.83
C THR A 108 62.31 -24.96 -6.10
N TYR A 109 63.32 -24.44 -6.77
CA TYR A 109 64.12 -23.32 -6.28
C TYR A 109 63.80 -22.09 -7.11
N GLN A 110 63.54 -20.97 -6.44
CA GLN A 110 63.18 -19.74 -7.12
C GLN A 110 63.98 -18.58 -6.54
N GLY A 111 64.25 -17.60 -7.37
CA GLY A 111 65.00 -16.44 -6.92
C GLY A 111 65.09 -15.38 -8.00
N GLU A 112 65.96 -14.40 -7.75
CA GLU A 112 66.12 -13.26 -8.65
C GLU A 112 67.61 -13.02 -8.89
N PHE A 113 67.91 -12.25 -9.94
CA PHE A 113 69.29 -11.97 -10.31
C PHE A 113 69.37 -10.60 -10.95
N CYS A 114 70.27 -9.76 -10.47
CA CYS A 114 70.50 -8.43 -11.05
C CYS A 114 71.98 -8.30 -11.36
N ILE A 115 72.30 -7.75 -12.53
CA ILE A 115 73.69 -7.45 -12.87
C ILE A 115 73.75 -6.17 -13.68
N THR A 116 74.85 -5.44 -13.49
CA THR A 116 75.20 -4.31 -14.34
C THR A 116 76.65 -4.50 -14.77
N THR A 117 76.89 -4.40 -16.07
CA THR A 117 78.16 -4.78 -16.66
C THR A 117 78.77 -3.60 -17.42
N ARG A 118 80.08 -3.41 -17.25
CA ARG A 118 80.86 -2.43 -17.96
C ARG A 118 81.84 -3.14 -18.88
N TYR A 119 81.95 -2.62 -20.11
CA TYR A 119 82.78 -3.21 -21.15
C TYR A 119 83.12 -2.12 -22.16
N PRO A 120 84.22 -2.28 -22.90
CA PRO A 120 84.59 -1.26 -23.90
C PRO A 120 83.76 -1.41 -25.17
N LEU A 121 83.26 -0.28 -25.67
CA LEU A 121 82.45 -0.23 -26.89
C LEU A 121 83.33 0.14 -28.07
N SER A 122 84.57 -0.34 -28.10
CA SER A 122 85.49 0.23 -29.06
C SER A 122 85.66 -0.64 -30.31
N ALA B 9 74.98 7.79 -7.54
CA ALA B 9 75.41 6.50 -7.02
C ALA B 9 76.60 6.66 -6.09
N LEU B 10 76.81 7.88 -5.60
CA LEU B 10 77.97 8.17 -4.76
C LEU B 10 77.71 7.97 -3.27
N THR B 11 76.47 7.75 -2.86
CA THR B 11 76.14 7.74 -1.45
C THR B 11 75.35 6.48 -1.08
N CYS B 12 75.63 5.95 0.11
CA CYS B 12 74.76 4.98 0.77
C CYS B 12 73.88 5.66 1.80
N CYS B 13 73.44 6.88 1.49
CA CYS B 13 72.53 7.65 2.34
C CYS B 13 71.12 7.52 1.80
N PRO B 14 70.31 6.60 2.32
CA PRO B 14 68.95 6.42 1.81
C PRO B 14 68.05 7.57 2.24
N ASP B 15 67.00 7.77 1.46
CA ASP B 15 66.02 8.81 1.74
C ASP B 15 65.12 8.39 2.90
N LYS B 16 64.54 9.38 3.57
CA LYS B 16 63.59 9.16 4.64
C LYS B 16 62.18 9.30 4.09
N ASN B 17 61.46 8.19 4.01
CA ASN B 17 60.09 8.16 3.49
C ASN B 17 59.13 8.22 4.67
N TYR B 18 58.60 9.41 4.93
CA TYR B 18 57.69 9.61 6.06
C TYR B 18 56.26 9.25 5.66
N VAL B 19 55.55 8.61 6.57
CA VAL B 19 54.16 8.21 6.35
C VAL B 19 53.32 8.65 7.54
N GLN B 20 52.02 8.71 7.31
CA GLN B 20 51.05 9.21 8.27
C GLN B 20 49.89 8.24 8.43
N ASP B 21 49.48 8.03 9.67
CA ASP B 21 48.31 7.22 10.00
C ASP B 21 47.37 8.02 10.90
N LYS B 22 46.15 7.51 11.06
CA LYS B 22 45.14 8.17 11.86
C LYS B 22 44.37 7.14 12.67
N VAL B 23 43.99 7.48 13.89
CA VAL B 23 43.19 6.60 14.73
C VAL B 23 42.36 7.44 15.69
N CYS B 24 41.09 7.08 15.84
CA CYS B 24 40.17 7.71 16.77
C CYS B 24 39.53 6.64 17.64
N SER B 25 39.31 6.97 18.92
CA SER B 25 38.72 6.01 19.84
C SER B 25 38.05 6.75 21.00
N PRO B 26 36.94 6.23 21.50
CA PRO B 26 36.35 6.77 22.73
C PRO B 26 37.02 6.16 23.96
N TRP B 27 36.96 6.91 25.05
CA TRP B 27 37.57 6.48 26.31
C TRP B 27 36.58 6.68 27.45
N SER B 28 36.69 5.81 28.44
CA SER B 28 35.85 5.85 29.62
C SER B 28 36.66 5.39 30.83
N GLY B 29 36.23 5.84 32.00
CA GLY B 29 36.89 5.46 33.25
C GLY B 29 36.04 5.70 34.46
N THR B 30 35.92 4.70 35.34
CA THR B 30 35.10 4.79 36.53
C THR B 30 36.01 4.88 37.76
N VAL B 31 35.93 5.99 38.47
CA VAL B 31 36.71 6.20 39.68
C VAL B 31 35.83 5.93 40.89
N VAL B 32 36.32 5.10 41.81
CA VAL B 32 35.60 4.75 43.03
C VAL B 32 36.33 5.25 44.27
N ALA B 33 37.58 4.83 44.46
CA ALA B 33 38.34 5.25 45.63
C ALA B 33 39.78 5.61 45.27
N THR B 34 40.22 5.26 44.08
CA THR B 34 41.60 5.45 43.66
C THR B 34 41.67 6.24 42.36
N ALA B 35 42.73 7.04 42.23
CA ALA B 35 42.96 7.80 41.02
C ALA B 35 43.28 6.88 39.85
N ILE B 36 42.98 7.34 38.64
CA ILE B 36 43.16 6.56 37.42
C ILE B 36 44.10 7.32 36.49
N THR B 37 44.91 6.55 35.74
CA THR B 37 45.94 7.08 34.87
C THR B 37 45.67 6.49 33.48
N ASN B 38 44.45 6.70 32.99
CA ASN B 38 43.98 6.05 31.77
C ASN B 38 44.80 6.45 30.55
N VAL B 39 45.54 5.50 29.98
CA VAL B 39 46.37 5.76 28.82
C VAL B 39 45.52 5.64 27.56
N LEU B 40 45.58 6.65 26.70
CA LEU B 40 44.80 6.66 25.47
C LEU B 40 45.60 6.24 24.25
N TYR B 41 46.92 6.43 24.25
CA TYR B 41 47.74 6.14 23.10
C TYR B 41 49.16 5.87 23.57
N ASN B 42 49.84 4.95 22.90
CA ASN B 42 51.23 4.62 23.22
C ASN B 42 51.93 4.10 21.97
N ASN B 43 53.26 4.20 21.97
CA ASN B 43 54.05 3.77 20.84
C ASN B 43 55.47 3.47 21.30
N ASN B 44 56.22 2.77 20.46
CA ASN B 44 57.62 2.45 20.72
C ASN B 44 58.56 3.04 19.67
N ILE B 45 58.10 4.07 18.97
CA ILE B 45 58.86 4.68 17.88
C ILE B 45 59.09 6.16 18.18
N ASN B 46 59.31 6.47 19.46
CA ASN B 46 59.36 7.86 19.91
C ASN B 46 60.36 8.70 19.12
N GLN B 47 61.46 8.08 18.68
CA GLN B 47 62.42 8.81 17.86
C GLN B 47 61.81 9.12 16.51
N ASN B 48 61.81 10.40 16.13
CA ASN B 48 61.21 10.88 14.89
C ASN B 48 59.74 10.51 14.80
N MET B 49 58.95 10.94 15.76
CA MET B 49 57.49 10.77 15.71
C MET B 49 56.82 12.10 16.03
N ILE B 50 55.81 12.45 15.25
CA ILE B 50 55.00 13.64 15.56
C ILE B 50 53.53 13.27 15.48
N GLY B 51 52.75 13.78 16.43
CA GLY B 51 51.33 13.50 16.46
C GLY B 51 50.49 14.73 16.69
N THR B 52 49.47 14.93 15.85
CA THR B 52 48.54 16.03 15.96
C THR B 52 47.14 15.49 16.19
N GLY B 53 46.41 16.09 17.11
CA GLY B 53 45.06 15.60 17.37
C GLY B 53 44.35 16.36 18.46
N PHE B 54 43.32 15.72 19.02
CA PHE B 54 42.54 16.35 20.07
C PHE B 54 42.05 15.30 21.06
N VAL B 55 41.74 15.78 22.26
CA VAL B 55 41.09 15.01 23.31
C VAL B 55 39.83 15.76 23.71
N ARG B 56 38.68 15.08 23.69
CA ARG B 56 37.40 15.66 24.01
C ARG B 56 36.88 15.10 25.32
N TYR B 57 36.59 15.98 26.27
CA TYR B 57 36.00 15.62 27.55
C TYR B 57 34.51 15.96 27.49
N ASP B 58 33.68 14.92 27.48
CA ASP B 58 32.24 15.09 27.28
C ASP B 58 31.46 15.17 28.59
N VAL B 59 31.53 14.11 29.40
CA VAL B 59 30.79 14.03 30.65
C VAL B 59 31.72 13.54 31.75
N GLY B 60 31.56 14.09 32.95
CA GLY B 60 32.36 13.71 34.08
C GLY B 60 32.09 14.55 35.31
N PRO B 61 32.27 13.95 36.49
CA PRO B 61 32.00 14.69 37.74
C PRO B 61 32.90 15.90 37.94
N ALA B 62 34.15 15.86 37.49
CA ALA B 62 35.11 16.88 37.88
C ALA B 62 36.15 17.12 36.79
N PRO B 63 36.94 18.19 36.89
CA PRO B 63 38.03 18.39 35.93
C PRO B 63 39.03 17.23 35.94
N ILE B 64 39.60 16.97 34.76
CA ILE B 64 40.58 15.92 34.58
C ILE B 64 41.87 16.55 34.07
N THR B 65 42.95 15.77 34.06
CA THR B 65 44.24 16.25 33.59
C THR B 65 44.64 15.45 32.36
N LEU B 66 45.21 16.12 31.36
CA LEU B 66 45.75 15.48 30.18
C LEU B 66 47.27 15.65 30.19
N THR B 67 47.99 14.53 30.19
CA THR B 67 49.45 14.56 30.28
C THR B 67 50.07 13.77 29.13
N VAL B 68 51.25 14.21 28.72
CA VAL B 68 52.02 13.55 27.66
C VAL B 68 53.39 13.20 28.21
N LEU B 69 53.81 11.95 28.03
CA LEU B 69 55.02 11.44 28.63
C LEU B 69 55.94 10.86 27.56
N ASP B 70 57.24 10.97 27.81
CA ASP B 70 58.27 10.38 26.97
C ASP B 70 58.74 9.06 27.56
N ALA B 71 59.71 8.44 26.87
CA ALA B 71 60.13 7.09 27.24
C ALA B 71 60.74 7.02 28.63
N ALA B 72 61.25 8.15 29.15
CA ALA B 72 61.84 8.18 30.48
C ALA B 72 60.80 8.35 31.57
N GLY B 73 59.52 8.48 31.20
CA GLY B 73 58.46 8.66 32.17
C GLY B 73 58.22 10.10 32.59
N ALA B 74 59.02 11.04 32.11
CA ALA B 74 58.85 12.44 32.45
C ALA B 74 57.65 13.03 31.72
N THR B 75 57.22 14.19 32.21
CA THR B 75 56.07 14.87 31.62
C THR B 75 56.53 15.93 30.63
N ILE B 76 56.01 15.86 29.41
CA ILE B 76 56.30 16.87 28.39
C ILE B 76 55.32 18.02 28.48
N ASP B 77 54.02 17.72 28.57
CA ASP B 77 53.00 18.74 28.66
C ASP B 77 51.86 18.23 29.52
N THR B 78 51.27 19.14 30.30
CA THR B 78 50.13 18.82 31.15
C THR B 78 49.12 19.96 31.04
N GLN B 79 47.84 19.59 30.87
CA GLN B 79 46.76 20.54 30.74
C GLN B 79 45.58 20.07 31.58
N THR B 80 44.64 20.98 31.84
CA THR B 80 43.46 20.70 32.65
C THR B 80 42.21 20.89 31.80
N LEU B 81 41.27 19.97 31.93
CA LEU B 81 40.05 19.99 31.15
C LEU B 81 38.83 19.91 32.07
N ASN B 82 37.77 20.64 31.69
CA ASN B 82 36.48 20.63 32.34
C ASN B 82 35.46 19.93 31.44
N PRO B 83 34.40 19.36 32.02
CA PRO B 83 33.46 18.57 31.20
C PRO B 83 32.85 19.41 30.08
N GLY B 84 32.75 18.79 28.90
CA GLY B 84 32.12 19.41 27.75
C GLY B 84 33.04 20.22 26.86
N THR B 85 34.36 20.03 26.94
CA THR B 85 35.29 20.84 26.17
C THR B 85 36.24 19.92 25.39
N SER B 86 37.18 20.54 24.68
CA SER B 86 38.15 19.84 23.85
C SER B 86 39.50 20.53 23.96
N ILE B 87 40.56 19.77 23.71
CA ILE B 87 41.91 20.33 23.66
C ILE B 87 42.64 19.77 22.45
N ALA B 88 43.24 20.64 21.65
CA ALA B 88 44.02 20.24 20.49
C ALA B 88 45.52 20.32 20.81
N PHE B 89 46.29 19.49 20.15
CA PHE B 89 47.71 19.39 20.46
C PHE B 89 48.49 18.93 19.23
N THR B 90 49.79 19.24 19.26
CA THR B 90 50.75 18.74 18.29
C THR B 90 52.06 18.51 19.03
N TYR B 91 52.48 17.25 19.14
CA TYR B 91 53.60 16.87 19.99
C TYR B 91 54.62 16.07 19.20
N ARG B 92 55.87 16.12 19.64
CA ARG B 92 56.94 15.32 19.04
C ARG B 92 57.75 14.65 20.14
N ARG B 93 58.31 13.47 19.80
CA ARG B 93 59.16 12.69 20.69
C ARG B 93 58.48 12.42 22.04
N PHE B 94 57.35 11.72 21.95
CA PHE B 94 56.58 11.33 23.11
C PHE B 94 56.29 9.85 23.05
N VAL B 95 56.15 9.23 24.23
CA VAL B 95 55.88 7.80 24.30
C VAL B 95 54.40 7.51 24.56
N THR B 96 53.68 8.39 25.24
CA THR B 96 52.30 8.10 25.55
C THR B 96 51.53 9.38 25.86
N ILE B 97 50.21 9.29 25.70
CA ILE B 97 49.28 10.33 26.09
C ILE B 97 48.25 9.69 27.03
N GLU B 98 47.94 10.36 28.13
CA GLU B 98 47.07 9.78 29.13
C GLU B 98 46.24 10.86 29.80
N VAL B 99 45.16 10.42 30.45
CA VAL B 99 44.29 11.28 31.24
C VAL B 99 44.34 10.81 32.68
N THR B 100 44.62 11.74 33.59
CA THR B 100 44.63 11.48 35.02
C THR B 100 43.29 11.94 35.59
N LEU B 101 42.59 11.01 36.24
CA LEU B 101 41.31 11.16 36.91
C LEU B 101 41.51 11.11 38.42
N PRO B 102 41.21 12.19 39.12
CA PRO B 102 41.44 12.22 40.57
C PRO B 102 40.49 11.29 41.32
N ALA B 103 40.93 10.88 42.51
CA ALA B 103 40.14 10.01 43.36
C ALA B 103 39.15 10.77 44.23
N ALA B 104 39.13 12.10 44.11
CA ALA B 104 38.26 12.93 44.95
C ALA B 104 36.78 12.61 44.71
N THR B 105 36.32 12.78 43.48
CA THR B 105 34.92 12.53 43.18
C THR B 105 34.75 11.21 42.45
N ALA B 106 33.93 10.33 43.00
CA ALA B 106 33.65 9.05 42.39
C ALA B 106 32.61 9.20 41.28
N GLY B 107 32.86 8.56 40.15
CA GLY B 107 31.93 8.64 39.04
C GLY B 107 32.60 8.20 37.75
N THR B 108 31.86 8.35 36.66
CA THR B 108 32.29 7.91 35.34
C THR B 108 32.67 9.10 34.48
N TYR B 109 33.87 9.04 33.88
CA TYR B 109 34.35 10.03 32.94
C TYR B 109 34.35 9.42 31.55
N GLN B 110 33.82 10.15 30.57
CA GLN B 110 33.72 9.66 29.21
C GLN B 110 34.17 10.75 28.25
N GLY B 111 34.73 10.33 27.13
CA GLY B 111 35.20 11.28 26.14
C GLY B 111 35.70 10.59 24.89
N GLU B 112 36.35 11.36 24.03
CA GLU B 112 36.84 10.88 22.75
C GLU B 112 38.28 11.32 22.55
N PHE B 113 38.96 10.68 21.60
CA PHE B 113 40.36 10.97 21.33
C PHE B 113 40.65 10.71 19.86
N CYS B 114 41.25 11.70 19.19
CA CYS B 114 41.65 11.56 17.80
C CYS B 114 43.12 11.91 17.69
N ILE B 115 43.89 11.12 16.93
CA ILE B 115 45.28 11.44 16.66
C ILE B 115 45.63 11.03 15.24
N THR B 116 46.53 11.80 14.62
CA THR B 116 47.16 11.43 13.37
C THR B 116 48.66 11.60 13.55
N THR B 117 49.42 10.56 13.21
CA THR B 117 50.83 10.48 13.53
C THR B 117 51.67 10.30 12.26
N ARG B 118 52.77 11.03 12.19
CA ARG B 118 53.75 10.92 11.13
C ARG B 118 55.05 10.36 11.68
N TYR B 119 55.63 9.42 10.94
CA TYR B 119 56.84 8.72 11.35
C TYR B 119 57.53 8.20 10.10
N PRO B 120 58.84 7.95 10.16
CA PRO B 120 59.56 7.43 8.98
C PRO B 120 59.32 5.94 8.82
N LEU B 121 59.03 5.52 7.58
CA LEU B 121 58.81 4.12 7.24
C LEU B 121 60.09 3.51 6.68
N SER B 122 61.19 3.78 7.38
CA SER B 122 62.52 3.46 6.93
C SER B 122 63.05 2.15 7.53
N ALA C 9 77.35 15.19 -3.31
CA ALA C 9 77.78 14.39 -2.17
C ALA C 9 78.80 15.15 -1.34
N LEU C 10 78.83 16.47 -1.49
CA LEU C 10 79.82 17.30 -0.81
C LEU C 10 79.36 17.80 0.55
N THR C 11 78.09 17.61 0.90
CA THR C 11 77.53 18.24 2.09
C THR C 11 76.81 17.21 2.95
N CYS C 12 76.93 17.37 4.27
CA CYS C 12 76.06 16.71 5.24
C CYS C 12 74.97 17.67 5.70
N CYS C 13 74.49 18.52 4.79
CA CYS C 13 73.40 19.46 5.05
C CYS C 13 72.10 18.89 4.52
N PRO C 14 71.31 18.21 5.35
CA PRO C 14 70.06 17.62 4.86
C PRO C 14 69.02 18.69 4.58
N ASP C 15 68.09 18.35 3.69
CA ASP C 15 66.99 19.23 3.33
C ASP C 15 65.96 19.29 4.45
N LYS C 16 65.20 20.38 4.47
CA LYS C 16 64.11 20.57 5.42
C LYS C 16 62.81 20.23 4.74
N ASN C 17 62.19 19.12 5.16
CA ASN C 17 60.94 18.66 4.58
C ASN C 17 59.80 19.13 5.48
N TYR C 18 59.13 20.21 5.08
CA TYR C 18 58.06 20.79 5.85
C TYR C 18 56.74 20.09 5.55
N VAL C 19 55.94 19.86 6.59
CA VAL C 19 54.65 19.21 6.46
C VAL C 19 53.60 20.04 7.19
N GLN C 20 52.34 19.78 6.83
CA GLN C 20 51.21 20.55 7.32
C GLN C 20 50.12 19.60 7.83
N ASP C 21 49.53 19.97 8.96
CA ASP C 21 48.40 19.26 9.53
C ASP C 21 47.26 20.24 9.82
N LYS C 22 46.08 19.69 10.10
CA LYS C 22 44.90 20.51 10.36
C LYS C 22 44.11 19.88 11.49
N VAL C 23 43.52 20.71 12.35
CA VAL C 23 42.66 20.24 13.42
C VAL C 23 41.63 21.31 13.76
N CYS C 24 40.39 20.89 13.95
CA CYS C 24 39.28 21.75 14.34
C CYS C 24 38.60 21.15 15.57
N SER C 25 38.15 22.00 16.47
CA SER C 25 37.52 21.53 17.70
C SER C 25 36.62 22.63 18.26
N PRO C 26 35.48 22.25 18.84
CA PRO C 26 34.68 23.22 19.58
C PRO C 26 35.18 23.38 21.01
N TRP C 27 34.90 24.55 21.58
CA TRP C 27 35.33 24.87 22.93
C TRP C 27 34.18 25.45 23.73
N SER C 28 34.19 25.18 25.03
CA SER C 28 33.17 25.67 25.94
C SER C 28 33.82 25.96 27.29
N GLY C 29 33.18 26.85 28.04
CA GLY C 29 33.66 27.21 29.37
C GLY C 29 32.61 27.89 30.22
N THR C 30 32.45 27.41 31.46
CA THR C 30 31.44 27.95 32.37
C THR C 30 32.14 28.74 33.47
N VAL C 31 31.87 30.04 33.53
CA VAL C 31 32.43 30.90 34.55
C VAL C 31 31.39 31.13 35.63
N VAL C 32 31.80 30.91 36.89
CA VAL C 32 30.93 31.09 38.04
C VAL C 32 31.42 32.22 38.95
N ALA C 33 32.64 32.14 39.44
CA ALA C 33 33.19 33.17 40.31
C ALA C 33 34.63 33.52 39.97
N THR C 34 35.28 32.70 39.15
CA THR C 34 36.68 32.87 38.83
C THR C 34 36.89 32.94 37.32
N ALA C 35 37.89 33.72 36.92
CA ALA C 35 38.24 33.84 35.51
C ALA C 35 38.82 32.53 35.00
N ILE C 36 38.67 32.30 33.69
CA ILE C 36 39.11 31.07 33.05
C ILE C 36 40.12 31.41 31.96
N THR C 37 41.08 30.52 31.77
CA THR C 37 42.19 30.70 30.85
C THR C 37 42.20 29.48 29.92
N ASN C 38 41.05 29.25 29.27
CA ASN C 38 40.82 28.04 28.49
C ASN C 38 41.79 27.93 27.32
N VAL C 39 42.68 26.94 27.38
CA VAL C 39 43.67 26.72 26.32
C VAL C 39 43.04 25.90 25.22
N LEU C 40 43.15 26.37 23.97
CA LEU C 40 42.57 25.66 22.83
C LEU C 40 43.58 24.83 22.07
N TYR C 41 44.86 25.19 22.09
CA TYR C 41 45.88 24.51 21.32
C TYR C 41 47.23 24.71 22.00
N ASN C 42 48.07 23.69 21.93
CA ASN C 42 49.40 23.76 22.52
C ASN C 42 50.33 22.80 21.77
N ASN C 43 51.63 23.08 21.85
CA ASN C 43 52.63 22.29 21.16
C ASN C 43 53.97 22.46 21.85
N ASN C 44 54.91 21.56 21.53
CA ASN C 44 56.26 21.60 22.06
C ASN C 44 57.30 21.74 20.95
N ILE C 45 56.89 22.24 19.79
CA ILE C 45 57.75 22.35 18.62
C ILE C 45 57.83 23.80 18.17
N ASN C 46 57.81 24.72 19.13
CA ASN C 46 57.68 26.15 18.85
C ASN C 46 58.73 26.64 17.86
N GLN C 47 59.92 26.06 17.88
CA GLN C 47 60.94 26.43 16.90
C GLN C 47 60.52 25.96 15.52
N ASN C 48 60.49 26.90 14.57
CA ASN C 48 60.05 26.64 13.19
C ASN C 48 58.64 26.05 13.16
N MET C 49 57.68 26.78 13.70
CA MET C 49 56.27 26.40 13.60
C MET C 49 55.45 27.59 13.16
N ILE C 50 54.54 27.39 12.21
CA ILE C 50 53.61 28.44 11.81
C ILE C 50 52.20 27.86 11.79
N GLY C 51 51.25 28.65 12.27
CA GLY C 51 49.87 28.23 12.31
C GLY C 51 48.90 29.28 11.80
N THR C 52 48.02 28.89 10.89
CA THR C 52 47.00 29.76 10.34
C THR C 52 45.63 29.20 10.68
N GLY C 53 44.72 30.06 11.10
CA GLY C 53 43.39 29.56 11.43
C GLY C 53 42.46 30.65 11.93
N PHE C 54 41.41 30.21 12.64
CA PHE C 54 40.43 31.14 13.16
C PHE C 54 39.87 30.64 14.48
N VAL C 55 39.34 31.59 15.24
CA VAL C 55 38.60 31.33 16.47
C VAL C 55 37.24 31.99 16.33
N ARG C 56 36.17 31.22 16.54
CA ARG C 56 34.80 31.69 16.39
C ARG C 56 34.14 31.76 17.77
N TYR C 57 33.63 32.94 18.11
CA TYR C 57 32.88 33.15 19.35
C TYR C 57 31.40 33.20 18.99
N ASP C 58 30.65 32.17 19.40
CA ASP C 58 29.26 32.02 19.00
C ASP C 58 28.29 32.60 20.02
N VAL C 59 28.31 32.09 21.25
CA VAL C 59 27.40 32.52 22.30
C VAL C 59 28.18 32.74 23.58
N GLY C 60 27.79 33.77 24.33
CA GLY C 60 28.43 34.10 25.58
C GLY C 60 27.90 35.37 26.19
N PRO C 61 27.95 35.44 27.53
CA PRO C 61 27.43 36.64 28.21
C PRO C 61 28.18 37.92 27.88
N ALA C 62 29.49 37.85 27.63
CA ALA C 62 30.29 39.06 27.56
C ALA C 62 31.47 38.90 26.59
N PRO C 63 32.15 39.99 26.24
CA PRO C 63 33.36 39.87 25.41
C PRO C 63 34.42 39.00 26.08
N ILE C 64 35.19 38.29 25.25
CA ILE C 64 36.27 37.43 25.71
C ILE C 64 37.57 37.93 25.09
N THR C 65 38.69 37.40 25.57
CA THR C 65 40.00 37.78 25.05
C THR C 65 40.65 36.56 24.42
N LEU C 66 41.30 36.75 23.28
CA LEU C 66 42.09 35.69 22.64
C LEU C 66 43.56 36.07 22.70
N THR C 67 44.37 35.20 23.32
CA THR C 67 45.78 35.49 23.53
C THR C 67 46.63 34.35 22.99
N VAL C 68 47.83 34.70 22.53
CA VAL C 68 48.79 33.73 22.02
C VAL C 68 50.10 33.89 22.80
N LEU C 69 50.62 32.78 23.30
CA LEU C 69 51.77 32.79 24.18
C LEU C 69 52.88 31.91 23.65
N ASP C 70 54.12 32.32 23.93
CA ASP C 70 55.31 31.56 23.59
C ASP C 70 55.78 30.76 24.81
N ALA C 71 56.88 30.04 24.62
CA ALA C 71 57.36 29.11 25.63
C ALA C 71 57.74 29.81 26.93
N ALA C 72 58.08 31.10 26.87
CA ALA C 72 58.46 31.85 28.06
C ALA C 72 57.24 32.37 28.82
N GLY C 73 56.03 32.12 28.31
CA GLY C 73 54.83 32.59 28.95
C GLY C 73 54.40 33.99 28.59
N ALA C 74 55.20 34.70 27.78
CA ALA C 74 54.87 36.06 27.37
C ALA C 74 53.75 36.04 26.33
N THR C 75 53.16 37.21 26.13
CA THR C 75 52.06 37.35 25.18
C THR C 75 52.59 37.87 23.85
N ILE C 76 52.28 37.14 22.77
CA ILE C 76 52.65 37.57 21.43
C ILE C 76 51.57 38.47 20.84
N ASP C 77 50.31 38.06 20.95
CA ASP C 77 49.20 38.84 20.40
C ASP C 77 47.99 38.65 21.29
N THR C 78 47.22 39.72 21.47
CA THR C 78 45.98 39.70 22.24
C THR C 78 44.91 40.48 21.49
N GLN C 79 43.72 39.89 21.40
CA GLN C 79 42.59 40.50 20.72
C GLN C 79 41.33 40.32 21.56
N THR C 80 40.30 41.10 21.24
CA THR C 80 39.04 41.07 21.95
C THR C 80 37.93 40.65 21.01
N LEU C 81 37.04 39.78 21.50
CA LEU C 81 35.95 39.24 20.69
C LEU C 81 34.62 39.44 21.39
N ASN C 82 33.59 39.74 20.61
CA ASN C 82 32.21 39.85 21.05
C ASN C 82 31.41 38.67 20.52
N PRO C 83 30.31 38.29 21.20
CA PRO C 83 29.58 37.09 20.78
C PRO C 83 29.08 37.18 19.35
N GLY C 84 29.23 36.07 18.63
CA GLY C 84 28.74 35.97 17.26
C GLY C 84 29.72 36.37 16.19
N THR C 85 31.01 36.45 16.48
CA THR C 85 32.00 36.90 15.50
C THR C 85 33.11 35.88 15.37
N SER C 86 34.11 36.20 14.53
CA SER C 86 35.24 35.34 14.28
C SER C 86 36.50 36.19 14.16
N ILE C 87 37.64 35.56 14.41
CA ILE C 87 38.94 36.22 14.23
C ILE C 87 39.88 35.25 13.54
N ALA C 88 40.54 35.71 12.47
CA ALA C 88 41.53 34.94 11.74
C ALA C 88 42.93 35.38 12.12
N PHE C 89 43.86 34.44 12.04
CA PHE C 89 45.22 34.71 12.50
C PHE C 89 46.21 33.85 11.74
N THR C 90 47.47 34.31 11.73
CA THR C 90 48.61 33.55 11.23
C THR C 90 49.79 33.89 12.12
N TYR C 91 50.29 32.92 12.87
CA TYR C 91 51.29 33.16 13.90
C TYR C 91 52.49 32.24 13.71
N ARG C 92 53.65 32.67 14.19
CA ARG C 92 54.84 31.85 14.18
C ARG C 92 55.52 31.90 15.54
N ARG C 93 56.21 30.81 15.87
CA ARG C 93 56.98 30.69 17.12
C ARG C 93 56.12 30.99 18.35
N PHE C 94 55.08 30.18 18.50
CA PHE C 94 54.17 30.29 19.62
C PHE C 94 54.02 28.93 20.29
N VAL C 95 53.75 28.93 21.58
CA VAL C 95 53.57 27.70 22.34
C VAL C 95 52.10 27.36 22.55
N THR C 96 51.22 28.34 22.63
CA THR C 96 49.82 28.03 22.92
C THR C 96 48.92 29.18 22.48
N ILE C 97 47.66 28.85 22.26
CA ILE C 97 46.59 29.79 21.99
C ILE C 97 45.49 29.54 23.02
N GLU C 98 44.96 30.61 23.60
CA GLU C 98 43.99 30.45 24.68
C GLU C 98 42.98 31.58 24.64
N VAL C 99 41.85 31.36 25.31
CA VAL C 99 40.80 32.36 25.47
C VAL C 99 40.67 32.65 26.96
N THR C 100 40.73 33.92 27.31
CA THR C 100 40.53 34.40 28.68
C THR C 100 39.10 34.86 28.82
N LEU C 101 38.38 34.27 29.77
CA LEU C 101 37.00 34.54 30.15
C LEU C 101 36.97 35.25 31.49
N PRO C 102 36.47 36.49 31.54
CA PRO C 102 36.47 37.23 32.81
C PRO C 102 35.50 36.66 33.82
N ALA C 103 35.78 36.93 35.08
CA ALA C 103 34.94 36.46 36.18
C ALA C 103 33.77 37.40 36.45
N ALA C 104 33.65 38.49 35.69
CA ALA C 104 32.61 39.48 35.91
C ALA C 104 31.22 38.87 35.73
N THR C 105 30.93 38.37 34.54
CA THR C 105 29.61 37.81 34.26
C THR C 105 29.68 36.28 34.27
N ALA C 106 28.84 35.67 35.11
CA ALA C 106 28.77 34.22 35.17
C ALA C 106 27.90 33.68 34.05
N GLY C 107 28.37 32.62 33.42
CA GLY C 107 27.64 32.02 32.32
C GLY C 107 28.53 31.12 31.49
N THR C 108 27.96 30.63 30.40
CA THR C 108 28.62 29.67 29.52
C THR C 108 29.04 30.35 28.23
N TYR C 109 30.31 30.18 27.86
CA TYR C 109 30.85 30.66 26.60
C TYR C 109 31.12 29.46 25.70
N GLN C 110 30.69 29.55 24.45
CA GLN C 110 30.85 28.46 23.50
C GLN C 110 31.36 29.00 22.18
N GLY C 111 32.12 28.18 21.47
CA GLY C 111 32.65 28.60 20.20
C GLY C 111 33.39 27.47 19.50
N GLU C 112 34.10 27.83 18.44
CA GLU C 112 34.82 26.86 17.62
C GLU C 112 36.24 27.36 17.37
N PHE C 113 37.11 26.45 16.94
CA PHE C 113 38.50 26.78 16.69
C PHE C 113 39.04 25.90 15.58
N CYS C 114 39.65 26.51 14.57
CA CYS C 114 40.28 25.78 13.48
C CYS C 114 41.72 26.25 13.34
N ILE C 115 42.65 25.31 13.16
CA ILE C 115 44.03 25.66 12.90
C ILE C 115 44.63 24.67 11.91
N THR C 116 45.56 25.17 11.09
CA THR C 116 46.41 24.34 10.25
C THR C 116 47.84 24.80 10.47
N THR C 117 48.72 23.85 10.76
CA THR C 117 50.07 24.13 11.21
C THR C 117 51.10 23.48 10.28
N ARG C 118 52.15 24.25 9.97
CA ARG C 118 53.28 23.79 9.20
C ARG C 118 54.52 23.75 10.09
N TYR C 119 55.28 22.66 9.96
CA TYR C 119 56.46 22.42 10.78
C TYR C 119 57.38 21.47 10.02
N PRO C 120 58.68 21.48 10.33
CA PRO C 120 59.61 20.57 9.65
C PRO C 120 59.52 19.16 10.21
N LEU C 121 59.46 18.18 9.33
CA LEU C 121 59.41 16.76 9.70
C LEU C 121 60.80 16.15 9.64
N SER C 122 61.77 16.89 10.15
CA SER C 122 63.17 16.51 9.97
C SER C 122 63.80 15.95 11.24
N ALA D 9 78.73 24.48 -2.88
CA ALA D 9 79.03 24.40 -1.46
C ALA D 9 79.83 25.61 -1.00
N LEU D 10 79.78 26.69 -1.80
CA LEU D 10 80.56 27.87 -1.50
C LEU D 10 79.83 28.88 -0.63
N THR D 11 78.54 28.70 -0.37
CA THR D 11 77.75 29.72 0.30
C THR D 11 76.99 29.13 1.47
N CYS D 12 76.87 29.91 2.54
CA CYS D 12 75.91 29.67 3.62
C CYS D 12 74.69 30.55 3.43
N CYS D 13 74.29 30.77 2.17
CA CYS D 13 73.10 31.54 1.83
C CYS D 13 71.95 30.58 1.51
N PRO D 14 71.10 30.28 2.48
CA PRO D 14 70.00 29.34 2.22
C PRO D 14 68.93 29.96 1.34
N ASP D 15 68.20 29.09 0.66
CA ASP D 15 67.10 29.52 -0.20
C ASP D 15 65.90 29.94 0.63
N LYS D 16 65.06 30.79 0.04
CA LYS D 16 63.81 31.22 0.65
C LYS D 16 62.67 30.40 0.09
N ASN D 17 62.10 29.54 0.94
CA ASN D 17 61.00 28.67 0.55
C ASN D 17 59.69 29.34 0.96
N TYR D 18 59.01 29.97 0.02
CA TYR D 18 57.77 30.67 0.29
C TYR D 18 56.59 29.72 0.24
N VAL D 19 55.66 29.89 1.18
CA VAL D 19 54.46 29.06 1.25
C VAL D 19 53.24 29.96 1.35
N GLN D 20 52.08 29.38 1.04
CA GLN D 20 50.82 30.09 0.97
C GLN D 20 49.75 29.36 1.77
N ASP D 21 48.95 30.11 2.51
CA ASP D 21 47.80 29.60 3.24
C ASP D 21 46.56 30.40 2.88
N LYS D 22 45.40 29.88 3.27
CA LYS D 22 44.13 30.52 2.97
C LYS D 22 43.21 30.39 4.18
N VAL D 23 42.42 31.43 4.45
CA VAL D 23 41.44 31.40 5.52
C VAL D 23 40.29 32.33 5.18
N CYS D 24 39.06 31.85 5.43
CA CYS D 24 37.84 32.61 5.23
C CYS D 24 37.03 32.58 6.51
N SER D 25 36.35 33.68 6.82
CA SER D 25 35.57 33.75 8.05
C SER D 25 34.50 34.83 7.91
N PRO D 26 33.31 34.61 8.47
CA PRO D 26 32.31 35.67 8.56
C PRO D 26 32.57 36.57 9.75
N TRP D 27 32.09 37.80 9.64
CA TRP D 27 32.27 38.78 10.70
C TRP D 27 30.95 39.49 10.97
N SER D 28 30.77 39.89 12.23
CA SER D 28 29.57 40.58 12.68
C SER D 28 29.96 41.58 13.75
N GLY D 29 29.14 42.61 13.91
CA GLY D 29 29.37 43.62 14.92
C GLY D 29 28.13 44.46 15.22
N THR D 30 27.81 44.61 16.49
CA THR D 30 26.61 45.35 16.92
C THR D 30 27.06 46.67 17.54
N VAL D 31 26.66 47.77 16.93
CA VAL D 31 26.97 49.10 17.44
C VAL D 31 25.75 49.65 18.16
N VAL D 32 25.96 50.13 19.39
CA VAL D 32 24.90 50.70 20.21
C VAL D 32 25.13 52.18 20.48
N ALA D 33 26.27 52.53 21.08
CA ALA D 33 26.56 53.92 21.38
C ALA D 33 28.01 54.29 21.05
N THR D 34 28.85 53.29 20.82
CA THR D 34 30.27 53.51 20.60
C THR D 34 30.71 52.88 19.29
N ALA D 35 31.70 53.52 18.66
CA ALA D 35 32.27 53.01 17.42
C ALA D 35 33.03 51.72 17.68
N ILE D 36 33.12 50.88 16.65
CA ILE D 36 33.76 49.57 16.75
C ILE D 36 34.91 49.51 15.74
N THR D 37 35.96 48.79 16.12
CA THR D 37 37.19 48.69 15.34
C THR D 37 37.45 47.19 15.14
N ASN D 38 36.46 46.50 14.58
CA ASN D 38 36.47 45.05 14.49
C ASN D 38 37.62 44.54 13.64
N VAL D 39 38.58 43.85 14.26
CA VAL D 39 39.73 43.32 13.56
C VAL D 39 39.37 41.97 12.94
N LEU D 40 39.65 41.81 11.65
CA LEU D 40 39.33 40.56 10.95
C LEU D 40 40.52 39.63 10.81
N TYR D 41 41.74 40.17 10.78
CA TYR D 41 42.92 39.36 10.56
C TYR D 41 44.12 40.07 11.18
N ASN D 42 45.05 39.29 11.72
CA ASN D 42 46.26 39.83 12.32
C ASN D 42 47.37 38.80 12.25
N ASN D 43 48.61 39.28 12.31
CA ASN D 43 49.78 38.41 12.21
C ASN D 43 50.97 39.11 12.86
N ASN D 44 52.01 38.32 13.12
CA ASN D 44 53.26 38.83 13.69
C ASN D 44 54.45 38.58 12.77
N ILE D 45 54.19 38.39 11.48
CA ILE D 45 55.23 38.06 10.51
C ILE D 45 55.25 39.12 9.40
N ASN D 46 54.99 40.37 9.78
CA ASN D 46 54.79 41.46 8.82
C ASN D 46 55.94 41.57 7.83
N GLN D 47 57.16 41.26 8.26
CA GLN D 47 58.28 41.28 7.33
C GLN D 47 58.15 40.15 6.32
N ASN D 48 58.20 40.50 5.04
CA ASN D 48 58.01 39.55 3.95
C ASN D 48 56.69 38.80 4.06
N MET D 49 55.59 39.54 4.07
CA MET D 49 54.25 38.94 4.03
C MET D 49 53.42 39.63 2.97
N ILE D 50 52.70 38.86 2.16
CA ILE D 50 51.76 39.44 1.19
C ILE D 50 50.43 38.71 1.31
N GLY D 51 49.35 39.46 1.25
CA GLY D 51 48.02 38.90 1.35
C GLY D 51 47.07 39.42 0.29
N THR D 52 46.38 38.51 -0.40
CA THR D 52 45.39 38.85 -1.40
C THR D 52 44.04 38.31 -0.97
N GLY D 53 42.99 39.11 -1.12
CA GLY D 53 41.68 38.63 -0.74
C GLY D 53 40.59 39.66 -0.93
N PHE D 54 39.49 39.46 -0.22
CA PHE D 54 38.36 40.36 -0.32
C PHE D 54 37.63 40.46 1.00
N VAL D 55 36.90 41.57 1.15
CA VAL D 55 35.99 41.81 2.26
C VAL D 55 34.61 42.10 1.67
N ARG D 56 33.60 41.37 2.12
CA ARG D 56 32.24 41.50 1.63
C ARG D 56 31.36 42.10 2.70
N TYR D 57 30.70 43.21 2.38
CA TYR D 57 29.74 43.86 3.26
C TYR D 57 28.34 43.50 2.76
N ASP D 58 27.63 42.69 3.55
CA ASP D 58 26.34 42.15 3.14
C ASP D 58 25.17 42.99 3.64
N VAL D 59 25.03 43.13 4.95
CA VAL D 59 23.92 43.86 5.56
C VAL D 59 24.46 44.79 6.63
N GLY D 60 23.85 45.98 6.72
CA GLY D 60 24.26 46.96 7.71
C GLY D 60 23.52 48.27 7.56
N PRO D 61 23.34 48.98 8.68
CA PRO D 61 22.62 50.26 8.63
C PRO D 61 23.30 51.32 7.79
N ALA D 62 24.63 51.34 7.74
CA ALA D 62 25.32 52.48 7.15
C ALA D 62 26.65 52.07 6.52
N PRO D 63 27.29 52.95 5.74
CA PRO D 63 28.62 52.64 5.22
C PRO D 63 29.63 52.37 6.33
N ILE D 64 30.58 51.49 6.05
CA ILE D 64 31.65 51.13 6.97
C ILE D 64 32.98 51.47 6.32
N THR D 65 34.05 51.42 7.12
CA THR D 65 35.39 51.69 6.61
C THR D 65 36.24 50.44 6.74
N LEU D 66 37.06 50.16 5.73
CA LEU D 66 38.02 49.07 5.78
C LEU D 66 39.42 49.65 5.80
N THR D 67 40.19 49.33 6.84
CA THR D 67 41.52 49.90 7.04
C THR D 67 42.54 48.79 7.22
N VAL D 68 43.76 49.05 6.76
CA VAL D 68 44.88 48.12 6.90
C VAL D 68 46.01 48.84 7.63
N LEU D 69 46.55 48.20 8.67
CA LEU D 69 47.52 48.81 9.55
C LEU D 69 48.78 47.97 9.62
N ASP D 70 49.92 48.66 9.80
CA ASP D 70 51.21 48.02 10.00
C ASP D 70 51.54 47.98 11.49
N ALA D 71 52.72 47.44 11.80
CA ALA D 71 53.10 47.19 13.18
C ALA D 71 53.19 48.47 14.00
N ALA D 72 53.42 49.61 13.34
CA ALA D 72 53.53 50.89 14.04
C ALA D 72 52.17 51.52 14.31
N GLY D 73 51.10 50.87 13.87
CA GLY D 73 49.76 51.39 14.07
C GLY D 73 49.28 52.36 13.02
N ALA D 74 50.12 52.71 12.05
CA ALA D 74 49.76 53.64 10.99
C ALA D 74 48.83 52.96 9.99
N THR D 75 48.18 53.78 9.18
CA THR D 75 47.25 53.28 8.17
C THR D 75 47.95 53.17 6.83
N ILE D 76 47.88 51.99 6.22
CA ILE D 76 48.43 51.78 4.89
C ILE D 76 47.39 52.10 3.83
N ASP D 77 46.17 51.60 3.99
CA ASP D 77 45.11 51.84 3.03
C ASP D 77 43.79 51.91 3.77
N THR D 78 42.91 52.80 3.30
CA THR D 78 41.57 52.96 3.86
C THR D 78 40.57 53.11 2.71
N GLN D 79 39.46 52.37 2.80
CA GLN D 79 38.41 52.39 1.79
C GLN D 79 37.06 52.45 2.48
N THR D 80 36.03 52.80 1.71
CA THR D 80 34.68 52.92 2.22
C THR D 80 33.78 51.93 1.51
N LEU D 81 32.89 51.27 2.26
CA LEU D 81 32.02 50.25 1.71
C LEU D 81 30.57 50.56 2.09
N ASN D 82 29.66 50.27 1.16
CA ASN D 82 28.22 50.37 1.34
C ASN D 82 27.61 48.96 1.39
N PRO D 83 26.47 48.80 2.05
CA PRO D 83 25.92 47.44 2.21
C PRO D 83 25.66 46.76 0.88
N GLY D 84 26.01 45.47 0.81
CA GLY D 84 25.77 44.66 -0.37
C GLY D 84 26.87 44.64 -1.39
N THR D 85 28.09 45.06 -1.04
CA THR D 85 29.18 45.13 -2.01
C THR D 85 30.39 44.36 -1.50
N SER D 86 31.47 44.40 -2.29
CA SER D 86 32.71 43.71 -1.96
C SER D 86 33.89 44.58 -2.36
N ILE D 87 35.03 44.34 -1.71
CA ILE D 87 36.28 45.02 -2.06
C ILE D 87 37.40 44.01 -2.09
N ALA D 88 38.17 44.01 -3.17
CA ALA D 88 39.33 43.13 -3.31
C ALA D 88 40.61 43.92 -3.06
N PHE D 89 41.63 43.21 -2.56
CA PHE D 89 42.86 43.87 -2.17
C PHE D 89 44.04 42.92 -2.30
N THR D 90 45.23 43.51 -2.40
CA THR D 90 46.50 42.80 -2.34
C THR D 90 47.49 43.70 -1.62
N TYR D 91 47.94 43.30 -0.44
CA TYR D 91 48.72 44.15 0.44
C TYR D 91 50.01 43.45 0.85
N ARG D 92 51.03 44.24 1.17
CA ARG D 92 52.29 43.71 1.68
C ARG D 92 52.73 44.51 2.90
N ARG D 93 53.44 43.84 3.80
CA ARG D 93 54.01 44.43 5.01
C ARG D 93 52.93 45.15 5.83
N PHE D 94 51.95 44.37 6.26
CA PHE D 94 50.85 44.85 7.09
C PHE D 94 50.71 43.97 8.31
N VAL D 95 50.23 44.55 9.40
CA VAL D 95 50.04 43.81 10.64
C VAL D 95 48.59 43.39 10.86
N THR D 96 47.62 44.14 10.35
CA THR D 96 46.23 43.79 10.60
C THR D 96 45.32 44.43 9.56
N ILE D 97 44.14 43.84 9.41
CA ILE D 97 43.05 44.37 8.60
C ILE D 97 41.83 44.46 9.50
N GLU D 98 41.12 45.58 9.42
CA GLU D 98 40.00 45.81 10.32
C GLU D 98 38.92 46.62 9.63
N VAL D 99 37.72 46.56 10.20
CA VAL D 99 36.58 47.35 9.74
C VAL D 99 36.17 48.28 10.88
N THR D 100 36.07 49.56 10.55
CA THR D 100 35.61 50.59 11.47
C THR D 100 34.13 50.83 11.21
N LEU D 101 33.32 50.66 12.26
CA LEU D 101 31.88 50.87 12.31
C LEU D 101 31.56 52.11 13.12
N PRO D 102 30.96 53.12 12.50
CA PRO D 102 30.68 54.37 13.22
C PRO D 102 29.61 54.20 14.28
N ALA D 103 29.65 55.07 15.27
CA ALA D 103 28.68 55.08 16.35
C ALA D 103 27.41 55.83 16.00
N ALA D 104 27.33 56.40 14.81
CA ALA D 104 26.18 57.19 14.39
C ALA D 104 24.89 56.36 14.40
N THR D 105 24.85 55.32 13.58
CA THR D 105 23.66 54.49 13.49
C THR D 105 23.85 53.19 14.26
N ALA D 106 22.95 52.92 15.20
CA ALA D 106 22.99 51.69 15.97
C ALA D 106 22.37 50.55 15.18
N GLY D 107 23.02 49.40 15.21
CA GLY D 107 22.54 48.25 14.47
C GLY D 107 23.63 47.21 14.30
N THR D 108 23.29 46.18 13.54
CA THR D 108 24.17 45.05 13.32
C THR D 108 24.74 45.07 11.91
N TYR D 109 26.05 44.95 11.81
CA TYR D 109 26.76 44.85 10.55
C TYR D 109 27.28 43.42 10.38
N GLN D 110 27.05 42.84 9.21
CA GLN D 110 27.46 41.47 8.96
C GLN D 110 28.12 41.39 7.59
N GLY D 111 29.06 40.46 7.47
CA GLY D 111 29.76 40.29 6.20
C GLY D 111 30.70 39.10 6.24
N GLU D 112 31.54 39.02 5.22
CA GLU D 112 32.47 37.91 5.06
C GLU D 112 33.86 38.44 4.75
N PHE D 113 34.87 37.57 4.92
CA PHE D 113 36.26 37.97 4.69
C PHE D 113 37.04 36.76 4.22
N CYS D 114 37.76 36.90 3.10
CA CYS D 114 38.63 35.84 2.58
C CYS D 114 40.01 36.41 2.39
N ILE D 115 41.03 35.65 2.79
CA ILE D 115 42.41 36.05 2.53
C ILE D 115 43.25 34.82 2.23
N THR D 116 44.24 35.01 1.38
CA THR D 116 45.29 34.02 1.13
C THR D 116 46.62 34.75 1.25
N THR D 117 47.53 34.19 2.06
CA THR D 117 48.76 34.86 2.45
C THR D 117 49.97 34.03 2.08
N ARG D 118 50.99 34.71 1.54
CA ARG D 118 52.27 34.11 1.21
C ARG D 118 53.34 34.71 2.12
N TYR D 119 54.20 33.82 2.63
CA TYR D 119 55.25 34.20 3.58
C TYR D 119 56.36 33.15 3.49
N PRO D 120 57.59 33.51 3.88
CA PRO D 120 58.68 32.54 3.83
C PRO D 120 58.64 31.57 5.01
N LEU D 121 58.80 30.28 4.73
CA LEU D 121 58.81 29.24 5.74
C LEU D 121 60.24 28.89 6.14
N SER D 122 61.07 29.92 6.30
CA SER D 122 62.49 29.67 6.47
C SER D 122 62.93 29.78 7.93
N ALA E 9 78.95 32.30 -7.04
CA ALA E 9 79.04 32.95 -5.74
C ALA E 9 79.67 34.33 -5.87
N LEU E 10 79.66 34.87 -7.08
CA LEU E 10 80.29 36.15 -7.34
C LEU E 10 79.36 37.35 -7.16
N THR E 11 78.07 37.13 -6.97
CA THR E 11 77.10 38.22 -6.98
C THR E 11 76.20 38.16 -5.75
N CYS E 12 75.87 39.34 -5.23
CA CYS E 12 74.77 39.50 -4.28
C CYS E 12 73.52 40.01 -4.99
N CYS E 13 73.32 39.54 -6.23
CA CYS E 13 72.14 39.87 -7.04
C CYS E 13 71.13 38.73 -6.94
N PRO E 14 70.17 38.80 -6.05
CA PRO E 14 69.20 37.71 -5.91
C PRO E 14 68.23 37.68 -7.08
N ASP E 15 67.68 36.49 -7.33
CA ASP E 15 66.72 36.30 -8.39
C ASP E 15 65.36 36.88 -7.99
N LYS E 16 64.57 37.21 -9.01
CA LYS E 16 63.22 37.71 -8.82
C LYS E 16 62.24 36.56 -9.00
N ASN E 17 61.60 36.15 -7.91
CA ASN E 17 60.65 35.04 -7.94
C ASN E 17 59.24 35.64 -8.03
N TYR E 18 58.67 35.63 -9.24
CA TYR E 18 57.36 36.20 -9.47
C TYR E 18 56.28 35.18 -9.16
N VAL E 19 55.20 35.64 -8.53
CA VAL E 19 54.07 34.79 -8.18
C VAL E 19 52.79 35.45 -8.66
N GLN E 20 51.74 34.63 -8.75
CA GLN E 20 50.45 35.04 -9.29
C GLN E 20 49.33 34.61 -8.35
N ASP E 21 48.37 35.52 -8.16
CA ASP E 21 47.16 35.26 -7.39
C ASP E 21 45.94 35.61 -8.23
N LYS E 22 44.78 35.18 -7.75
CA LYS E 22 43.51 35.42 -8.45
C LYS E 22 42.43 35.75 -7.44
N VAL E 23 41.54 36.67 -7.80
CA VAL E 23 40.40 37.01 -6.96
C VAL E 23 39.25 37.49 -7.83
N CYS E 24 38.04 37.02 -7.50
CA CYS E 24 36.81 37.41 -8.17
C CYS E 24 35.82 37.87 -7.13
N SER E 25 35.02 38.89 -7.47
CA SER E 25 34.04 39.42 -6.54
C SER E 25 32.94 40.13 -7.29
N PRO E 26 31.70 40.04 -6.81
CA PRO E 26 30.62 40.86 -7.36
C PRO E 26 30.61 42.25 -6.75
N TRP E 27 30.07 43.21 -7.51
CA TRP E 27 30.00 44.59 -7.06
C TRP E 27 28.61 45.13 -7.30
N SER E 28 28.21 46.06 -6.43
CA SER E 28 26.91 46.71 -6.51
C SER E 28 27.05 48.14 -6.03
N GLY E 29 26.12 48.98 -6.50
CA GLY E 29 26.12 50.38 -6.10
C GLY E 29 24.79 51.06 -6.38
N THR E 30 24.25 51.77 -5.39
CA THR E 30 22.97 52.44 -5.50
C THR E 30 23.20 53.95 -5.57
N VAL E 31 22.83 54.55 -6.68
CA VAL E 31 22.95 56.00 -6.87
C VAL E 31 21.59 56.64 -6.64
N VAL E 32 21.57 57.68 -5.79
CA VAL E 32 20.36 58.41 -5.47
C VAL E 32 20.44 59.85 -5.95
N ALA E 33 21.44 60.60 -5.50
CA ALA E 33 21.57 62.00 -5.90
C ALA E 33 23.01 62.36 -6.21
N THR E 34 23.96 61.51 -5.84
CA THR E 34 25.37 61.79 -5.99
C THR E 34 26.07 60.68 -6.77
N ALA E 35 27.09 61.08 -7.53
CA ALA E 35 27.89 60.12 -8.28
C ALA E 35 28.69 59.23 -7.34
N ILE E 36 29.01 58.03 -7.82
CA ILE E 36 29.71 57.04 -7.02
C ILE E 36 31.00 56.66 -7.75
N THR E 37 32.03 56.36 -6.96
CA THR E 37 33.38 56.09 -7.45
C THR E 37 33.79 54.73 -6.85
N ASN E 38 32.94 53.72 -7.10
CA ASN E 38 33.07 52.42 -6.46
C ASN E 38 34.38 51.74 -6.83
N VAL E 39 35.27 51.58 -5.86
CA VAL E 39 36.56 50.94 -6.08
C VAL E 39 36.41 49.43 -5.98
N LEU E 40 36.88 48.71 -6.99
CA LEU E 40 36.78 47.25 -7.01
C LEU E 40 38.04 46.55 -6.56
N TYR E 41 39.21 47.17 -6.72
CA TYR E 41 40.48 46.53 -6.39
C TYR E 41 41.51 47.61 -6.08
N ASN E 42 42.39 47.32 -5.14
CA ASN E 42 43.45 48.26 -4.77
C ASN E 42 44.63 47.48 -4.21
N ASN E 43 45.80 48.11 -4.28
CA ASN E 43 47.04 47.48 -3.81
C ASN E 43 48.05 48.55 -3.48
N ASN E 44 49.10 48.15 -2.75
CA ASN E 44 50.19 49.03 -2.38
C ASN E 44 51.53 48.56 -2.94
N ILE E 45 51.49 47.74 -3.98
CA ILE E 45 52.69 47.14 -4.56
C ILE E 45 52.81 47.52 -6.03
N ASN E 46 52.40 48.76 -6.35
CA ASN E 46 52.28 49.20 -7.73
C ASN E 46 53.56 48.98 -8.53
N GLN E 47 54.71 49.09 -7.88
CA GLN E 47 55.97 48.83 -8.57
C GLN E 47 56.07 47.35 -8.90
N ASN E 48 56.29 47.04 -10.18
CA ASN E 48 56.37 45.67 -10.67
C ASN E 48 55.10 44.89 -10.35
N MET E 49 53.95 45.37 -10.80
CA MET E 49 52.69 44.64 -10.68
C MET E 49 51.98 44.62 -12.02
N ILE E 50 51.46 43.46 -12.42
CA ILE E 50 50.65 43.37 -13.62
C ILE E 50 49.37 42.61 -13.30
N GLY E 51 48.25 43.08 -13.84
CA GLY E 51 46.98 42.44 -13.60
C GLY E 51 46.16 42.25 -14.87
N THR E 52 45.67 41.04 -15.08
CA THR E 52 44.83 40.71 -16.22
C THR E 52 43.47 40.25 -15.71
N GLY E 53 42.40 40.73 -16.35
CA GLY E 53 41.09 40.31 -15.90
C GLY E 53 39.97 40.94 -16.69
N PHE E 54 38.78 40.96 -16.09
CA PHE E 54 37.61 41.53 -16.74
C PHE E 54 36.69 42.16 -15.71
N VAL E 55 35.86 43.08 -16.22
CA VAL E 55 34.77 43.69 -15.47
C VAL E 55 33.49 43.46 -16.26
N ARG E 56 32.48 42.90 -15.61
CA ARG E 56 31.20 42.58 -16.24
C ARG E 56 30.12 43.50 -15.69
N TYR E 57 29.43 44.20 -16.59
CA TYR E 57 28.30 45.05 -16.25
C TYR E 57 27.03 44.31 -16.64
N ASP E 58 26.26 43.88 -15.63
CA ASP E 58 25.10 43.03 -15.85
C ASP E 58 23.80 43.83 -15.95
N VAL E 59 23.45 44.57 -14.89
CA VAL E 59 22.21 45.32 -14.85
C VAL E 59 22.50 46.73 -14.33
N GLY E 60 21.81 47.72 -14.89
CA GLY E 60 21.98 49.08 -14.49
C GLY E 60 21.18 50.05 -15.34
N PRO E 61 20.76 51.17 -14.74
CA PRO E 61 19.97 52.16 -15.49
C PRO E 61 20.70 52.77 -16.68
N ALA E 62 22.01 52.96 -16.60
CA ALA E 62 22.71 53.76 -17.59
C ALA E 62 24.14 53.29 -17.80
N PRO E 63 24.83 53.77 -18.83
CA PRO E 63 26.25 53.43 -19.00
C PRO E 63 27.08 53.89 -17.81
N ILE E 64 28.13 53.12 -17.52
CA ILE E 64 29.06 53.40 -16.45
C ILE E 64 30.45 53.57 -17.04
N THR E 65 31.38 54.06 -16.21
CA THR E 65 32.76 54.25 -16.65
C THR E 65 33.66 53.35 -15.84
N LEU E 66 34.65 52.74 -16.49
CA LEU E 66 35.67 51.95 -15.82
C LEU E 66 37.02 52.66 -15.94
N THR E 67 37.63 52.99 -14.80
CA THR E 67 38.86 53.77 -14.79
C THR E 67 39.92 53.04 -13.98
N VAL E 68 41.17 53.23 -14.38
CA VAL E 68 42.32 52.65 -13.69
C VAL E 68 43.27 53.77 -13.29
N LEU E 69 43.67 53.79 -12.03
CA LEU E 69 44.46 54.89 -11.48
C LEU E 69 45.75 54.37 -10.86
N ASP E 70 46.78 55.21 -10.94
CA ASP E 70 48.06 54.94 -10.32
C ASP E 70 48.17 55.66 -8.98
N ALA E 71 49.32 55.51 -8.33
CA ALA E 71 49.49 56.02 -6.97
C ALA E 71 49.36 57.53 -6.89
N ALA E 72 49.61 58.24 -8.00
CA ALA E 72 49.51 59.69 -8.02
C ALA E 72 48.08 60.17 -8.23
N GLY E 73 47.14 59.25 -8.40
CA GLY E 73 45.75 59.59 -8.62
C GLY E 73 45.37 59.88 -10.06
N ALA E 74 46.34 59.84 -10.98
CA ALA E 74 46.07 60.08 -12.39
C ALA E 74 45.37 58.88 -13.01
N THR E 75 44.79 59.10 -14.19
CA THR E 75 44.07 58.06 -14.89
C THR E 75 44.97 57.42 -15.95
N ILE E 76 45.10 56.10 -15.88
CA ILE E 76 45.86 55.35 -16.87
C ILE E 76 44.98 54.97 -18.05
N ASP E 77 43.79 54.44 -17.79
CA ASP E 77 42.88 54.04 -18.85
C ASP E 77 41.45 54.26 -18.38
N THR E 78 40.60 54.69 -19.30
CA THR E 78 39.18 54.90 -19.04
C THR E 78 38.36 54.34 -20.20
N GLN E 79 37.31 53.59 -19.86
CA GLN E 79 36.44 52.97 -20.85
C GLN E 79 35.00 53.16 -20.42
N THR E 80 34.08 52.95 -21.37
CA THR E 80 32.65 53.10 -21.12
C THR E 80 31.96 51.77 -21.34
N LEU E 81 31.02 51.45 -20.45
CA LEU E 81 30.31 50.17 -20.51
C LEU E 81 28.80 50.41 -20.48
N ASN E 82 28.08 49.59 -21.24
CA ASN E 82 26.63 49.56 -21.27
C ASN E 82 26.12 48.28 -20.60
N PRO E 83 24.91 48.27 -20.06
CA PRO E 83 24.44 47.11 -19.30
C PRO E 83 24.45 45.83 -20.15
N GLY E 84 24.90 44.75 -19.53
CA GLY E 84 24.90 43.45 -20.17
C GLY E 84 26.16 43.09 -20.94
N THR E 85 27.27 43.79 -20.71
CA THR E 85 28.49 43.55 -21.48
C THR E 85 29.66 43.30 -20.54
N SER E 86 30.85 43.12 -21.13
CA SER E 86 32.06 42.84 -20.39
C SER E 86 33.23 43.58 -21.03
N ILE E 87 34.27 43.84 -20.24
CA ILE E 87 35.49 44.45 -20.76
C ILE E 87 36.68 43.71 -20.16
N ALA E 88 37.62 43.29 -21.02
CA ALA E 88 38.84 42.63 -20.60
C ALA E 88 40.01 43.62 -20.64
N PHE E 89 40.99 43.40 -19.76
CA PHE E 89 42.09 44.34 -19.61
C PHE E 89 43.34 43.61 -19.14
N THR E 90 44.48 44.25 -19.40
CA THR E 90 45.77 43.83 -18.87
C THR E 90 46.56 45.10 -18.60
N TYR E 91 46.85 45.38 -17.33
CA TYR E 91 47.43 46.65 -16.91
C TYR E 91 48.68 46.42 -16.09
N ARG E 92 49.57 47.41 -16.10
CA ARG E 92 50.77 47.37 -15.26
C ARG E 92 50.95 48.71 -14.57
N ARG E 93 51.56 48.66 -13.38
CA ARG E 93 51.88 49.84 -12.58
C ARG E 93 50.64 50.70 -12.33
N PHE E 94 49.66 50.08 -11.67
CA PHE E 94 48.41 50.75 -11.31
C PHE E 94 48.15 50.55 -9.83
N VAL E 95 47.46 51.51 -9.22
CA VAL E 95 47.14 51.44 -7.80
C VAL E 95 45.71 50.97 -7.56
N THR E 96 44.78 51.23 -8.47
CA THR E 96 43.40 50.87 -8.21
C THR E 96 42.62 50.78 -9.52
N ILE E 97 41.52 50.03 -9.47
CA ILE E 97 40.54 49.94 -10.54
C ILE E 97 39.18 50.28 -9.94
N GLU E 98 38.41 51.12 -10.64
CA GLU E 98 37.15 51.58 -10.08
C GLU E 98 36.13 51.80 -11.19
N VAL E 99 34.86 51.85 -10.79
CA VAL E 99 33.76 52.15 -11.67
C VAL E 99 33.11 53.45 -11.21
N THR E 100 32.96 54.39 -12.13
CA THR E 100 32.28 55.66 -11.89
C THR E 100 30.85 55.53 -12.38
N LEU E 101 29.90 55.77 -11.47
CA LEU E 101 28.46 55.76 -11.68
C LEU E 101 27.93 57.18 -11.63
N PRO E 102 27.36 57.67 -12.72
CA PRO E 102 26.88 59.06 -12.75
C PRO E 102 25.67 59.27 -11.86
N ALA E 103 25.50 60.52 -11.43
CA ALA E 103 24.36 60.89 -10.59
C ALA E 103 23.11 61.20 -11.38
N ALA E 104 23.17 61.10 -12.72
CA ALA E 104 22.05 61.43 -13.58
C ALA E 104 20.85 60.54 -13.29
N THR E 105 21.01 59.23 -13.48
CA THR E 105 19.91 58.30 -13.28
C THR E 105 20.07 57.56 -11.95
N ALA E 106 19.05 57.66 -11.11
CA ALA E 106 19.07 56.97 -9.82
C ALA E 106 18.67 55.51 -10.01
N GLY E 107 19.40 54.62 -9.35
CA GLY E 107 19.11 53.20 -9.46
C GLY E 107 20.29 52.38 -8.99
N THR E 108 20.16 51.06 -9.17
CA THR E 108 21.14 50.11 -8.70
C THR E 108 21.92 49.54 -9.88
N TYR E 109 23.25 49.57 -9.78
CA TYR E 109 24.15 48.98 -10.75
C TYR E 109 24.79 47.75 -10.13
N GLN E 110 24.79 46.64 -10.87
CA GLN E 110 25.34 45.38 -10.38
C GLN E 110 26.21 44.75 -11.45
N GLY E 111 27.23 44.03 -11.00
CA GLY E 111 28.13 43.38 -11.93
C GLY E 111 29.14 42.50 -11.22
N GLU E 112 30.14 42.06 -11.97
CA GLU E 112 31.16 41.15 -11.47
C GLU E 112 32.54 41.67 -11.86
N PHE E 113 33.57 41.14 -11.19
CA PHE E 113 34.93 41.56 -11.44
C PHE E 113 35.87 40.40 -11.17
N CYS E 114 36.75 40.09 -12.14
CA CYS E 114 37.76 39.05 -11.96
C CYS E 114 39.12 39.65 -12.29
N ILE E 115 40.12 39.33 -11.46
CA ILE E 115 41.48 39.74 -11.74
C ILE E 115 42.45 38.65 -11.31
N THR E 116 43.55 38.55 -12.04
CA THR E 116 44.69 37.73 -11.65
C THR E 116 45.93 38.60 -11.77
N THR E 117 46.73 38.64 -10.72
CA THR E 117 47.83 39.58 -10.60
C THR E 117 49.15 38.86 -10.38
N ARG E 118 50.18 39.32 -11.08
CA ARG E 118 51.54 38.84 -10.92
C ARG E 118 52.41 39.93 -10.33
N TYR E 119 53.24 39.54 -9.37
CA TYR E 119 54.10 40.46 -8.63
C TYR E 119 55.28 39.67 -8.08
N PRO E 120 56.40 40.35 -7.79
CA PRO E 120 57.56 39.64 -7.24
C PRO E 120 57.40 39.37 -5.76
N LEU E 121 57.70 38.13 -5.35
CA LEU E 121 57.64 37.71 -3.95
C LEU E 121 59.01 37.82 -3.30
N SER E 122 59.74 38.86 -3.61
CA SER E 122 61.14 38.88 -3.21
C SER E 122 61.39 39.85 -2.05
N ALA F 9 79.18 36.78 -14.40
CA ALA F 9 79.03 37.98 -13.59
C ALA F 9 79.57 39.21 -14.32
N LEU F 10 79.71 39.10 -15.64
CA LEU F 10 80.29 40.17 -16.44
C LEU F 10 79.26 41.17 -16.96
N THR F 11 77.97 40.88 -16.82
CA THR F 11 76.96 41.70 -17.46
C THR F 11 75.88 42.12 -16.47
N CYS F 12 75.39 43.35 -16.62
CA CYS F 12 74.15 43.80 -16.00
C CYS F 12 73.00 43.71 -16.99
N CYS F 13 73.02 42.69 -17.85
CA CYS F 13 71.96 42.43 -18.83
C CYS F 13 71.04 41.35 -18.28
N PRO F 14 69.93 41.72 -17.65
CA PRO F 14 69.03 40.70 -17.10
C PRO F 14 68.26 39.98 -18.19
N ASP F 15 67.84 38.76 -17.87
CA ASP F 15 67.07 37.95 -18.78
C ASP F 15 65.63 38.47 -18.88
N LYS F 16 64.99 38.16 -20.00
CA LYS F 16 63.59 38.49 -20.22
C LYS F 16 62.73 37.27 -19.92
N ASN F 17 61.96 37.36 -18.84
CA ASN F 17 61.09 36.26 -18.40
C ASN F 17 59.69 36.54 -18.92
N TYR F 18 59.31 35.88 -20.00
CA TYR F 18 58.01 36.09 -20.63
C TYR F 18 56.97 35.20 -19.97
N VAL F 19 55.78 35.76 -19.77
CA VAL F 19 54.67 35.04 -19.16
C VAL F 19 53.43 35.20 -20.02
N GLN F 20 52.48 34.30 -19.81
CA GLN F 20 51.26 34.22 -20.61
C GLN F 20 50.04 34.16 -19.70
N ASP F 21 48.99 34.90 -20.09
CA ASP F 21 47.71 34.87 -19.41
C ASP F 21 46.61 34.62 -20.43
N LYS F 22 45.42 34.32 -19.93
CA LYS F 22 44.27 34.01 -20.78
C LYS F 22 43.03 34.65 -20.18
N VAL F 23 42.13 35.14 -21.04
CA VAL F 23 40.86 35.69 -20.59
C VAL F 23 39.82 35.53 -21.70
N CYS F 24 38.62 35.12 -21.30
CA CYS F 24 37.48 34.97 -22.20
C CYS F 24 36.31 35.74 -21.63
N SER F 25 35.51 36.34 -22.51
CA SER F 25 34.37 37.13 -22.06
C SER F 25 33.34 37.24 -23.18
N PRO F 26 32.06 37.22 -22.85
CA PRO F 26 31.02 37.51 -23.84
C PRO F 26 30.83 39.01 -24.00
N TRP F 27 30.34 39.40 -25.18
CA TRP F 27 30.11 40.80 -25.48
C TRP F 27 28.74 40.97 -26.11
N SER F 28 28.15 42.14 -25.84
CA SER F 28 26.82 42.49 -26.36
C SER F 28 26.79 43.98 -26.64
N GLY F 29 25.90 44.36 -27.56
CA GLY F 29 25.74 45.76 -27.92
C GLY F 29 24.44 46.05 -28.62
N THR F 30 23.70 47.06 -28.16
CA THR F 30 22.40 47.41 -28.73
C THR F 30 22.54 48.72 -29.50
N VAL F 31 22.30 48.66 -30.81
CA VAL F 31 22.36 49.82 -31.67
C VAL F 31 20.94 50.32 -31.93
N VAL F 32 20.72 51.62 -31.71
CA VAL F 32 19.42 52.24 -31.91
C VAL F 32 19.47 53.27 -33.04
N ALA F 33 20.34 54.28 -32.91
CA ALA F 33 20.44 55.32 -33.93
C ALA F 33 21.88 55.68 -34.24
N THR F 34 22.81 55.24 -33.39
CA THR F 34 24.21 55.61 -33.52
C THR F 34 25.09 54.37 -33.57
N ALA F 35 26.19 54.48 -34.33
CA ALA F 35 27.15 53.40 -34.43
C ALA F 35 27.86 53.19 -33.09
N ILE F 36 28.33 51.96 -32.87
CA ILE F 36 28.97 51.58 -31.62
C ILE F 36 30.39 51.08 -31.93
N THR F 37 31.30 51.35 -31.00
CA THR F 37 32.72 51.05 -31.15
C THR F 37 33.12 50.21 -29.92
N ASN F 38 32.39 49.11 -29.72
CA ASN F 38 32.51 48.30 -28.52
C ASN F 38 33.90 47.71 -28.36
N VAL F 39 34.65 48.15 -27.35
CA VAL F 39 36.00 47.67 -27.10
C VAL F 39 35.92 46.39 -26.29
N LEU F 40 36.61 45.34 -26.75
CA LEU F 40 36.60 44.06 -26.06
C LEU F 40 37.83 43.84 -25.19
N TYR F 41 38.96 44.45 -25.52
CA TYR F 41 40.20 44.23 -24.80
C TYR F 41 41.09 45.45 -24.96
N ASN F 42 41.84 45.78 -23.90
CA ASN F 42 42.75 46.90 -23.94
C ASN F 42 43.89 46.67 -22.95
N ASN F 43 45.01 47.34 -23.20
CA ASN F 43 46.20 47.17 -22.37
C ASN F 43 47.07 48.41 -22.50
N ASN F 44 48.02 48.55 -21.57
CA ASN F 44 48.98 49.64 -21.57
C ASN F 44 50.42 49.14 -21.68
N ILE F 45 50.60 47.93 -22.18
CA ILE F 45 51.91 47.29 -22.26
C ILE F 45 52.22 46.93 -23.71
N ASN F 46 51.79 47.79 -24.64
CA ASN F 46 51.85 47.50 -26.07
C ASN F 46 53.25 47.10 -26.52
N GLN F 47 54.28 47.67 -25.90
CA GLN F 47 55.65 47.28 -26.24
C GLN F 47 55.90 45.85 -25.78
N ASN F 48 56.34 44.99 -26.71
CA ASN F 48 56.58 43.58 -26.45
C ASN F 48 55.33 42.88 -25.91
N MET F 49 54.24 42.93 -26.66
CA MET F 49 53.03 42.19 -26.32
C MET F 49 52.55 41.43 -27.54
N ILE F 50 52.17 40.16 -27.36
CA ILE F 50 51.56 39.40 -28.44
C ILE F 50 50.30 38.71 -27.91
N GLY F 51 49.26 38.72 -28.73
CA GLY F 51 48.00 38.11 -28.35
C GLY F 51 47.41 37.22 -29.42
N THR F 52 47.04 36.00 -29.05
CA THR F 52 46.40 35.06 -29.96
C THR F 52 45.01 34.71 -29.44
N GLY F 53 44.04 34.69 -30.33
CA GLY F 53 42.70 34.36 -29.88
C GLY F 53 41.68 34.38 -30.99
N PHE F 54 40.41 34.52 -30.59
CA PHE F 54 39.32 34.54 -31.56
C PHE F 54 38.20 35.45 -31.07
N VAL F 55 37.41 35.89 -32.04
CA VAL F 55 36.17 36.64 -31.81
C VAL F 55 35.06 35.89 -32.51
N ARG F 56 33.99 35.58 -31.78
CA ARG F 56 32.85 34.83 -32.30
C ARG F 56 31.65 35.73 -32.38
N TYR F 57 31.06 35.83 -33.57
CA TYR F 57 29.84 36.57 -33.82
C TYR F 57 28.69 35.57 -33.92
N ASP F 58 27.80 35.58 -32.91
CA ASP F 58 26.75 34.59 -32.80
C ASP F 58 25.44 35.05 -33.42
N VAL F 59 24.88 36.14 -32.90
CA VAL F 59 23.59 36.66 -33.37
C VAL F 59 23.71 38.16 -33.58
N GLY F 60 23.04 38.65 -34.63
CA GLY F 60 23.05 40.06 -34.94
C GLY F 60 22.33 40.37 -36.22
N PRO F 61 21.76 41.57 -36.30
CA PRO F 61 21.02 41.96 -37.52
C PRO F 61 21.88 42.02 -38.78
N ALA F 62 23.15 42.40 -38.66
CA ALA F 62 23.93 42.72 -39.85
C ALA F 62 25.41 42.41 -39.65
N PRO F 63 26.21 42.41 -40.71
CA PRO F 63 27.66 42.24 -40.55
C PRO F 63 28.27 43.32 -39.65
N ILE F 64 29.32 42.92 -38.92
CA ILE F 64 30.04 43.82 -38.03
C ILE F 64 31.49 43.87 -38.48
N THR F 65 32.25 44.81 -37.92
CA THR F 65 33.66 44.96 -38.25
C THR F 65 34.49 44.69 -37.01
N LEU F 66 35.60 43.98 -37.18
CA LEU F 66 36.56 43.77 -36.10
C LEU F 66 37.85 44.50 -36.43
N THR F 67 38.25 45.41 -35.54
CA THR F 67 39.41 46.26 -35.78
C THR F 67 40.38 46.16 -34.62
N VAL F 68 41.67 46.30 -34.92
CA VAL F 68 42.73 46.28 -33.93
C VAL F 68 43.53 47.58 -34.05
N LEU F 69 43.74 48.26 -32.93
CA LEU F 69 44.34 49.57 -32.91
C LEU F 69 45.56 49.59 -31.99
N ASP F 70 46.53 50.42 -32.37
CA ASP F 70 47.72 50.66 -31.56
C ASP F 70 47.56 51.95 -30.76
N ALA F 71 48.61 52.29 -30.00
CA ALA F 71 48.53 53.40 -29.06
C ALA F 71 48.29 54.73 -29.76
N ALA F 72 48.66 54.84 -31.04
CA ALA F 72 48.46 56.08 -31.78
C ALA F 72 47.05 56.21 -32.34
N GLY F 73 46.21 55.19 -32.12
CA GLY F 73 44.85 55.21 -32.63
C GLY F 73 44.68 54.70 -34.05
N ALA F 74 45.78 54.37 -34.72
CA ALA F 74 45.72 53.86 -36.09
C ALA F 74 45.21 52.43 -36.11
N THR F 75 44.80 51.97 -37.29
CA THR F 75 44.28 50.63 -37.46
C THR F 75 45.37 49.70 -37.95
N ILE F 76 45.57 48.60 -37.23
CA ILE F 76 46.54 47.58 -37.65
C ILE F 76 45.87 46.57 -38.58
N ASP F 77 44.70 46.07 -38.20
CA ASP F 77 43.99 45.09 -39.02
C ASP F 77 42.50 45.32 -38.86
N THR F 78 41.76 45.13 -39.97
CA THR F 78 40.31 45.25 -39.98
C THR F 78 39.73 44.09 -40.79
N GLN F 79 38.70 43.46 -40.24
CA GLN F 79 38.03 42.34 -40.87
C GLN F 79 36.52 42.50 -40.75
N THR F 80 35.78 41.75 -41.55
CA THR F 80 34.33 41.81 -41.56
C THR F 80 33.77 40.45 -41.16
N LEU F 81 32.73 40.47 -40.33
CA LEU F 81 32.13 39.24 -39.82
C LEU F 81 30.62 39.26 -40.07
N ASN F 82 30.07 38.09 -40.38
CA ASN F 82 28.66 37.84 -40.55
C ASN F 82 28.14 36.99 -39.39
N PRO F 83 26.86 37.08 -39.05
CA PRO F 83 26.36 36.37 -37.87
C PRO F 83 26.59 34.86 -37.97
N GLY F 84 27.01 34.27 -36.86
CA GLY F 84 27.20 32.84 -36.76
C GLY F 84 28.59 32.33 -37.12
N THR F 85 29.59 33.19 -37.16
CA THR F 85 30.93 32.78 -37.58
C THR F 85 31.96 33.18 -36.52
N SER F 86 33.22 32.89 -36.82
CA SER F 86 34.33 33.18 -35.91
C SER F 86 35.53 33.67 -36.72
N ILE F 87 36.41 34.41 -36.07
CA ILE F 87 37.65 34.85 -36.68
C ILE F 87 38.79 34.66 -35.68
N ALA F 88 39.87 34.02 -36.12
CA ALA F 88 41.06 33.82 -35.30
C ALA F 88 42.14 34.82 -35.70
N PHE F 89 42.98 35.16 -34.74
CA PHE F 89 43.98 36.20 -34.97
C PHE F 89 45.19 35.97 -34.07
N THR F 90 46.32 36.55 -34.50
CA THR F 90 47.53 36.62 -33.70
C THR F 90 48.19 37.96 -34.02
N TYR F 91 48.26 38.85 -33.03
CA TYR F 91 48.67 40.23 -33.24
C TYR F 91 49.79 40.61 -32.27
N ARG F 92 50.61 41.57 -32.67
CA ARG F 92 51.65 42.10 -31.82
C ARG F 92 51.64 43.62 -31.86
N ARG F 93 52.06 44.23 -30.75
CA ARG F 93 52.17 45.68 -30.61
C ARG F 93 50.85 46.37 -30.95
N PHE F 94 49.83 46.03 -30.17
CA PHE F 94 48.50 46.61 -30.32
C PHE F 94 48.03 47.10 -28.96
N VAL F 95 47.18 48.13 -28.99
CA VAL F 95 46.65 48.71 -27.76
C VAL F 95 45.23 48.23 -27.46
N THR F 96 44.44 47.89 -28.47
CA THR F 96 43.06 47.51 -28.21
C THR F 96 42.50 46.71 -29.37
N ILE F 97 41.47 45.93 -29.07
CA ILE F 97 40.67 45.21 -30.05
C ILE F 97 39.22 45.60 -29.85
N GLU F 98 38.51 45.89 -30.93
CA GLU F 98 37.15 46.40 -30.81
C GLU F 98 36.31 45.91 -31.98
N VAL F 99 34.99 45.98 -31.79
CA VAL F 99 34.01 45.65 -32.81
C VAL F 99 33.21 46.92 -33.11
N THR F 100 33.15 47.27 -34.39
CA THR F 100 32.36 48.40 -34.88
C THR F 100 31.03 47.85 -35.39
N LEU F 101 29.94 48.37 -34.82
CA LEU F 101 28.55 48.07 -35.14
C LEU F 101 27.92 49.26 -35.85
N PRO F 102 27.50 49.08 -37.10
CA PRO F 102 26.94 50.21 -37.85
C PRO F 102 25.59 50.65 -37.32
N ALA F 103 25.26 51.91 -37.58
CA ALA F 103 23.99 52.49 -37.15
C ALA F 103 22.86 52.20 -38.12
N ALA F 104 23.14 51.49 -39.21
CA ALA F 104 22.14 51.20 -40.24
C ALA F 104 20.98 50.40 -39.67
N THR F 105 21.26 49.20 -39.17
CA THR F 105 20.20 48.35 -38.65
C THR F 105 20.20 48.37 -37.13
N ALA F 106 19.06 48.72 -36.54
CA ALA F 106 18.93 48.73 -35.09
C ALA F 106 18.66 47.33 -34.58
N GLY F 107 19.34 46.97 -33.50
CA GLY F 107 19.17 45.65 -32.92
C GLY F 107 20.32 45.32 -31.98
N THR F 108 20.30 44.08 -31.51
CA THR F 108 21.26 43.61 -30.53
C THR F 108 22.26 42.65 -31.18
N TYR F 109 23.54 42.91 -30.98
CA TYR F 109 24.62 42.05 -31.43
C TYR F 109 25.24 41.37 -30.22
N GLN F 110 25.43 40.05 -30.32
CA GLN F 110 25.97 39.28 -29.21
C GLN F 110 27.05 38.33 -29.74
N GLY F 111 28.03 38.05 -28.89
CA GLY F 111 29.11 37.17 -29.29
C GLY F 111 30.04 36.89 -28.14
N GLU F 112 31.18 36.28 -28.46
CA GLU F 112 32.17 35.87 -27.47
C GLU F 112 33.55 36.31 -27.92
N PHE F 113 34.50 36.32 -26.98
CA PHE F 113 35.86 36.75 -27.27
C PHE F 113 36.83 36.00 -26.36
N CYS F 114 37.85 35.39 -26.96
CA CYS F 114 38.89 34.71 -26.20
C CYS F 114 40.24 35.25 -26.63
N ILE F 115 41.12 35.50 -25.66
CA ILE F 115 42.48 35.92 -25.96
C ILE F 115 43.43 35.31 -24.94
N THR F 116 44.64 35.02 -25.41
CA THR F 116 45.77 34.65 -24.56
C THR F 116 46.95 35.51 -24.97
N THR F 117 47.57 36.16 -23.99
CA THR F 117 48.57 37.19 -24.24
C THR F 117 49.88 36.84 -23.56
N ARG F 118 50.98 37.04 -24.29
CA ARG F 118 52.33 36.88 -23.78
C ARG F 118 53.02 38.25 -23.72
N TYR F 119 53.72 38.47 -22.61
CA TYR F 119 54.38 39.73 -22.34
C TYR F 119 55.52 39.48 -21.36
N PRO F 120 56.53 40.35 -21.32
CA PRO F 120 57.64 40.16 -20.38
C PRO F 120 57.26 40.61 -18.98
N LEU F 121 57.59 39.79 -17.99
CA LEU F 121 57.33 40.08 -16.58
C LEU F 121 58.57 40.67 -15.92
N SER F 122 59.23 41.56 -16.64
CA SER F 122 60.53 42.05 -16.21
C SER F 122 60.45 43.47 -15.65
N ALA G 9 80.43 37.96 -23.57
CA ALA G 9 80.04 39.36 -23.48
C ALA G 9 80.58 40.15 -24.67
N LEU G 10 80.92 39.44 -25.74
CA LEU G 10 81.53 40.06 -26.91
C LEU G 10 80.52 40.52 -27.94
N THR G 11 79.24 40.15 -27.79
CA THR G 11 78.26 40.38 -28.84
C THR G 11 77.02 41.06 -28.29
N CYS G 12 76.46 41.97 -29.08
CA CYS G 12 75.09 42.47 -28.88
C CYS G 12 74.12 41.75 -29.79
N CYS G 13 74.36 40.46 -30.03
CA CYS G 13 73.48 39.60 -30.84
C CYS G 13 72.59 38.79 -29.91
N PRO G 14 71.37 39.25 -29.64
CA PRO G 14 70.50 38.50 -28.73
C PRO G 14 69.97 37.22 -29.38
N ASP G 15 69.61 36.27 -28.54
CA ASP G 15 69.05 35.01 -29.00
C ASP G 15 67.61 35.20 -29.47
N LYS G 16 67.18 34.29 -30.32
CA LYS G 16 65.80 34.26 -30.81
C LYS G 16 65.01 33.23 -30.02
N ASN G 17 64.08 33.70 -29.19
CA ASN G 17 63.27 32.84 -28.34
C ASN G 17 61.94 32.62 -29.06
N TYR G 18 61.80 31.46 -29.71
CA TYR G 18 60.59 31.14 -30.46
C TYR G 18 59.54 30.54 -29.53
N VAL G 19 58.29 30.93 -29.75
CA VAL G 19 57.17 30.44 -28.96
C VAL G 19 56.06 29.98 -29.90
N GLN G 20 55.17 29.16 -29.35
CA GLN G 20 54.10 28.52 -30.11
C GLN G 20 52.76 28.72 -29.41
N ASP G 21 51.74 29.01 -30.20
CA ASP G 21 50.37 29.13 -29.72
C ASP G 21 49.46 28.24 -30.56
N LYS G 22 48.23 28.05 -30.08
CA LYS G 22 47.26 27.21 -30.77
C LYS G 22 45.89 27.85 -30.67
N VAL G 23 45.10 27.72 -31.74
CA VAL G 23 43.72 28.23 -31.74
C VAL G 23 42.89 27.40 -32.71
N CYS G 24 41.68 27.05 -32.27
CA CYS G 24 40.71 26.31 -33.07
C CYS G 24 39.40 27.08 -33.07
N SER G 25 38.69 27.05 -34.19
CA SER G 25 37.44 27.77 -34.30
C SER G 25 36.58 27.16 -35.41
N PRO G 26 35.27 27.11 -35.22
CA PRO G 26 34.37 26.74 -36.32
C PRO G 26 34.07 27.93 -37.22
N TRP G 27 33.74 27.62 -38.47
CA TRP G 27 33.44 28.65 -39.46
C TRP G 27 32.17 28.30 -40.20
N SER G 28 31.43 29.33 -40.60
CA SER G 28 30.19 29.19 -41.33
C SER G 28 30.07 30.33 -42.33
N GLY G 29 29.30 30.09 -43.38
CA GLY G 29 29.06 31.10 -44.40
C GLY G 29 27.86 30.80 -45.27
N THR G 30 26.98 31.79 -45.45
CA THR G 30 25.76 31.62 -46.22
C THR G 30 25.89 32.39 -47.53
N VAL G 31 25.86 31.67 -48.65
CA VAL G 31 25.94 32.28 -49.96
C VAL G 31 24.55 32.37 -50.56
N VAL G 32 24.18 33.56 -51.03
CA VAL G 32 22.87 33.81 -51.64
C VAL G 32 23.00 34.16 -53.12
N ALA G 33 23.74 35.22 -53.43
CA ALA G 33 23.91 35.64 -54.82
C ALA G 33 25.35 36.02 -55.13
N THR G 34 26.17 36.19 -54.11
CA THR G 34 27.54 36.67 -54.28
C THR G 34 28.53 35.70 -53.63
N ALA G 35 29.71 35.60 -54.23
CA ALA G 35 30.77 34.76 -53.70
C ALA G 35 31.28 35.34 -52.38
N ILE G 36 31.82 34.45 -51.54
CA ILE G 36 32.30 34.82 -50.21
C ILE G 36 33.77 34.45 -50.10
N THR G 37 34.51 35.27 -49.35
CA THR G 37 35.96 35.15 -49.21
C THR G 37 36.23 35.08 -47.70
N ASN G 38 35.59 34.12 -47.04
CA ASN G 38 35.60 34.02 -45.59
C ASN G 38 37.00 33.79 -45.03
N VAL G 39 37.53 34.78 -44.32
CA VAL G 39 38.87 34.68 -43.75
C VAL G 39 38.79 33.96 -42.41
N LEU G 40 39.62 32.94 -42.23
CA LEU G 40 39.63 32.16 -41.00
C LEU G 40 40.72 32.57 -40.03
N TYR G 41 41.83 33.12 -40.52
CA TYR G 41 42.96 33.47 -39.68
C TYR G 41 43.76 34.58 -40.34
N ASN G 42 44.30 35.48 -39.53
CA ASN G 42 45.11 36.58 -40.05
C ASN G 42 46.10 37.02 -38.98
N ASN G 43 47.18 37.65 -39.42
CA ASN G 43 48.23 38.09 -38.52
C ASN G 43 49.02 39.22 -39.17
N ASN G 44 49.79 39.93 -38.35
CA ASN G 44 50.64 41.02 -38.82
C ASN G 44 52.12 40.76 -38.53
N ILE G 45 52.48 39.49 -38.34
CA ILE G 45 53.84 39.10 -37.97
C ILE G 45 54.39 38.14 -39.02
N ASN G 46 54.03 38.38 -40.29
CA ASN G 46 54.34 37.44 -41.37
C ASN G 46 55.82 37.09 -41.43
N GLN G 47 56.69 38.03 -41.10
CA GLN G 47 58.11 37.75 -41.07
C GLN G 47 58.43 36.76 -39.94
N ASN G 48 59.07 35.65 -40.29
CA ASN G 48 59.39 34.59 -39.33
C ASN G 48 58.15 34.06 -38.63
N MET G 49 57.18 33.57 -39.40
CA MET G 49 56.00 32.91 -38.84
C MET G 49 55.78 31.60 -39.56
N ILE G 50 55.49 30.53 -38.81
CA ILE G 50 55.12 29.26 -39.41
C ILE G 50 53.87 28.73 -38.73
N GLY G 51 52.96 28.19 -39.53
CA GLY G 51 51.72 27.65 -39.01
C GLY G 51 51.38 26.28 -39.54
N THR G 52 51.07 25.34 -38.65
CA THR G 52 50.67 24.00 -39.02
C THR G 52 49.25 23.75 -38.52
N GLY G 53 48.42 23.14 -39.37
CA GLY G 53 47.06 22.87 -38.93
C GLY G 53 46.22 22.20 -39.99
N PHE G 54 44.91 22.32 -39.83
CA PHE G 54 43.98 21.72 -40.77
C PHE G 54 42.72 22.56 -40.90
N VAL G 55 42.05 22.35 -42.03
CA VAL G 55 40.74 22.93 -42.31
C VAL G 55 39.80 21.77 -42.64
N ARG G 56 38.68 21.69 -41.95
CA ARG G 56 37.70 20.62 -42.12
C ARG G 56 36.44 21.18 -42.75
N TYR G 57 36.04 20.60 -43.87
CA TYR G 57 34.80 20.94 -44.57
C TYR G 57 33.78 19.85 -44.25
N ASP G 58 32.75 20.21 -43.47
CA ASP G 58 31.79 19.25 -42.97
C ASP G 58 30.54 19.15 -43.85
N VAL G 59 29.81 20.26 -44.00
CA VAL G 59 28.58 20.28 -44.76
C VAL G 59 28.59 21.49 -45.69
N GLY G 60 28.05 21.31 -46.89
CA GLY G 60 27.98 22.39 -47.86
C GLY G 60 27.44 21.92 -49.19
N PRO G 61 26.78 22.84 -49.91
CA PRO G 61 26.20 22.48 -51.22
C PRO G 61 27.23 22.05 -52.26
N ALA G 62 28.43 22.62 -52.23
CA ALA G 62 29.36 22.45 -53.35
C ALA G 62 30.81 22.49 -52.89
N PRO G 63 31.77 22.12 -53.74
CA PRO G 63 33.18 22.26 -53.38
C PRO G 63 33.55 23.71 -53.10
N ILE G 64 34.50 23.88 -52.17
CA ILE G 64 35.00 25.20 -51.79
C ILE G 64 36.50 25.24 -52.08
N THR G 65 37.07 26.44 -52.00
CA THR G 65 38.50 26.61 -52.23
C THR G 65 39.16 27.12 -50.95
N LEU G 66 40.34 26.59 -50.65
CA LEU G 66 41.13 27.06 -49.52
C LEU G 66 42.38 27.74 -50.05
N THR G 67 42.57 29.01 -49.70
CA THR G 67 43.67 29.81 -50.23
C THR G 67 44.46 30.42 -49.09
N VAL G 68 45.76 30.60 -49.32
CA VAL G 68 46.66 31.23 -48.36
C VAL G 68 47.34 32.40 -49.03
N LEU G 69 47.31 33.56 -48.38
CA LEU G 69 47.80 34.79 -48.97
C LEU G 69 48.85 35.44 -48.08
N ASP G 70 49.79 36.13 -48.73
CA ASP G 70 50.82 36.89 -48.05
C ASP G 70 50.43 38.37 -48.01
N ALA G 71 51.32 39.18 -47.43
CA ALA G 71 51.00 40.58 -47.18
C ALA G 71 50.75 41.36 -48.47
N ALA G 72 51.29 40.90 -49.59
CA ALA G 72 51.11 41.58 -50.86
C ALA G 72 49.79 41.20 -51.53
N GLY G 73 49.02 40.30 -50.93
CA GLY G 73 47.76 39.87 -51.49
C GLY G 73 47.86 38.73 -52.48
N ALA G 74 49.06 38.28 -52.79
CA ALA G 74 49.25 37.17 -53.72
C ALA G 74 48.88 35.84 -53.07
N THR G 75 48.70 34.83 -53.90
CA THR G 75 48.33 33.50 -53.43
C THR G 75 49.57 32.63 -53.29
N ILE G 76 49.75 32.06 -52.11
CA ILE G 76 50.85 31.12 -51.87
C ILE G 76 50.43 29.70 -52.23
N ASP G 77 49.26 29.28 -51.77
CA ASP G 77 48.77 27.94 -52.04
C ASP G 77 47.25 27.97 -52.15
N THR G 78 46.72 27.17 -53.07
CA THR G 78 45.29 27.04 -53.28
C THR G 78 44.94 25.57 -53.45
N GLN G 79 43.89 25.13 -52.75
CA GLN G 79 43.43 23.75 -52.80
C GLN G 79 41.91 23.74 -52.90
N THR G 80 41.37 22.59 -53.29
CA THR G 80 39.94 22.42 -53.45
C THR G 80 39.44 21.34 -52.49
N LEU G 81 38.29 21.60 -51.87
CA LEU G 81 37.73 20.69 -50.88
C LEU G 81 36.28 20.36 -51.23
N ASN G 82 35.90 19.12 -50.97
CA ASN G 82 34.54 18.62 -51.11
C ASN G 82 33.94 18.36 -49.73
N PRO G 83 32.61 18.41 -49.59
CA PRO G 83 32.01 18.28 -48.27
C PRO G 83 32.38 16.98 -47.59
N GLY G 84 32.68 17.06 -46.29
CA GLY G 84 32.99 15.90 -45.48
C GLY G 84 34.44 15.50 -45.42
N THR G 85 35.37 16.38 -45.79
CA THR G 85 36.79 16.03 -45.84
C THR G 85 37.60 17.03 -45.02
N SER G 86 38.92 16.84 -45.03
CA SER G 86 39.84 17.68 -44.29
C SER G 86 41.10 17.89 -45.12
N ILE G 87 41.81 18.99 -44.85
CA ILE G 87 43.09 19.26 -45.50
C ILE G 87 44.08 19.76 -44.43
N ALA G 88 45.26 19.16 -44.40
CA ALA G 88 46.31 19.55 -43.49
C ALA G 88 47.36 20.38 -44.24
N PHE G 89 48.01 21.28 -43.50
CA PHE G 89 48.93 22.21 -44.13
C PHE G 89 50.01 22.63 -43.13
N THR G 90 51.13 23.09 -43.69
CA THR G 90 52.20 23.72 -42.93
C THR G 90 52.78 24.83 -43.81
N TYR G 91 52.62 26.08 -43.39
CA TYR G 91 52.94 27.23 -44.22
C TYR G 91 53.86 28.18 -43.48
N ARG G 92 54.65 28.95 -44.23
CA ARG G 92 55.49 29.97 -43.66
C ARG G 92 55.34 31.27 -44.46
N ARG G 93 55.55 32.39 -43.77
CA ARG G 93 55.50 33.73 -44.36
C ARG G 93 54.18 33.97 -45.11
N PHE G 94 53.10 33.88 -44.35
CA PHE G 94 51.76 34.11 -44.88
C PHE G 94 51.04 35.12 -44.01
N VAL G 95 50.12 35.88 -44.61
CA VAL G 95 49.36 36.87 -43.89
C VAL G 95 47.96 36.39 -43.52
N THR G 96 47.37 35.50 -44.30
CA THR G 96 46.01 35.08 -43.99
C THR G 96 45.70 33.75 -44.66
N ILE G 97 44.71 33.06 -44.10
CA ILE G 97 44.14 31.84 -44.66
C ILE G 97 42.64 32.07 -44.81
N GLU G 98 42.08 31.69 -45.94
CA GLU G 98 40.68 31.97 -46.21
C GLU G 98 40.07 30.86 -47.05
N VAL G 99 38.74 30.81 -47.04
CA VAL G 99 37.97 29.89 -47.86
C VAL G 99 37.11 30.72 -48.80
N THR G 100 37.20 30.39 -50.09
CA THR G 100 36.40 31.01 -51.13
C THR G 100 35.22 30.10 -51.43
N LEU G 101 34.01 30.65 -51.29
CA LEU G 101 32.72 30.03 -51.53
C LEU G 101 32.10 30.61 -52.80
N PRO G 102 31.89 29.80 -53.83
CA PRO G 102 31.36 30.32 -55.09
C PRO G 102 29.90 30.76 -54.96
N ALA G 103 29.52 31.68 -55.85
CA ALA G 103 28.15 32.18 -55.87
C ALA G 103 27.20 31.29 -56.67
N ALA G 104 27.71 30.20 -57.23
CA ALA G 104 26.91 29.31 -58.06
C ALA G 104 25.74 28.72 -57.27
N THR G 105 26.05 27.96 -56.22
CA THR G 105 25.01 27.32 -55.45
C THR G 105 24.78 28.06 -54.14
N ALA G 106 23.54 28.48 -53.91
CA ALA G 106 23.18 29.17 -52.68
C ALA G 106 22.96 28.16 -51.55
N GLY G 107 23.49 28.48 -50.39
CA GLY G 107 23.36 27.59 -49.24
C GLY G 107 24.38 27.93 -48.17
N THR G 108 24.40 27.09 -47.15
CA THR G 108 25.24 27.30 -45.98
C THR G 108 26.40 26.31 -45.99
N TYR G 109 27.61 26.83 -45.81
CA TYR G 109 28.82 26.03 -45.69
C TYR G 109 29.31 26.11 -44.25
N GLN G 110 29.63 24.96 -43.66
CA GLN G 110 30.06 24.91 -42.28
C GLN G 110 31.29 24.00 -42.17
N GLY G 111 32.15 24.32 -41.21
CA GLY G 111 33.35 23.52 -41.02
C GLY G 111 34.12 23.98 -39.79
N GLU G 112 35.34 23.47 -39.68
CA GLU G 112 36.20 23.75 -38.54
C GLU G 112 37.59 24.11 -39.02
N PHE G 113 38.38 24.72 -38.12
CA PHE G 113 39.72 25.16 -38.47
C PHE G 113 40.60 25.10 -37.23
N CYS G 114 41.76 24.43 -37.35
CA CYS G 114 42.73 24.37 -36.26
C CYS G 114 44.08 24.84 -36.78
N ILE G 115 44.77 25.66 -35.99
CA ILE G 115 46.12 26.08 -36.35
C ILE G 115 46.96 26.19 -35.09
N THR G 116 48.25 25.89 -35.23
CA THR G 116 49.25 26.15 -34.21
C THR G 116 50.41 26.87 -34.89
N THR G 117 50.81 28.01 -34.32
CA THR G 117 51.74 28.92 -34.96
C THR G 117 52.97 29.14 -34.08
N ARG G 118 54.13 29.14 -34.72
CA ARG G 118 55.41 29.45 -34.08
C ARG G 118 55.95 30.76 -34.63
N TYR G 119 56.45 31.60 -33.74
CA TYR G 119 56.96 32.92 -34.07
C TYR G 119 57.94 33.35 -33.00
N PRO G 120 58.85 34.27 -33.31
CA PRO G 120 59.83 34.72 -32.30
C PRO G 120 59.20 35.74 -31.36
N LEU G 121 59.45 35.54 -30.06
CA LEU G 121 58.95 36.43 -29.01
C LEU G 121 60.02 37.45 -28.63
N SER G 122 60.78 37.93 -29.60
CA SER G 122 61.97 38.70 -29.27
C SER G 122 61.69 40.19 -29.42
N ALA H 9 82.72 34.34 -31.02
CA ALA H 9 82.23 35.55 -31.67
C ALA H 9 82.89 35.75 -33.02
N LEU H 10 83.46 34.67 -33.56
CA LEU H 10 84.20 34.74 -34.82
C LEU H 10 83.34 34.50 -36.05
N THR H 11 82.09 34.06 -35.87
CA THR H 11 81.28 33.63 -37.00
C THR H 11 79.92 34.31 -36.99
N CYS H 12 79.43 34.64 -38.19
CA CYS H 12 78.02 34.97 -38.40
C CYS H 12 77.26 33.76 -38.94
N CYS H 13 77.63 32.58 -38.48
CA CYS H 13 76.97 31.32 -38.86
C CYS H 13 76.00 30.92 -37.76
N PRO H 14 74.72 31.27 -37.88
CA PRO H 14 73.76 30.93 -36.82
C PRO H 14 73.45 29.44 -36.82
N ASP H 15 73.03 28.96 -35.66
CA ASP H 15 72.65 27.56 -35.50
C ASP H 15 71.29 27.30 -36.14
N LYS H 16 71.07 26.04 -36.49
CA LYS H 16 69.80 25.59 -37.05
C LYS H 16 68.98 24.95 -35.94
N ASN H 17 67.89 25.61 -35.56
CA ASN H 17 67.01 25.15 -34.50
C ASN H 17 65.84 24.43 -35.14
N TYR H 18 65.89 23.10 -35.15
CA TYR H 18 64.85 22.29 -35.78
C TYR H 18 63.72 22.06 -34.79
N VAL H 19 62.48 22.11 -35.31
CA VAL H 19 61.29 21.90 -34.50
C VAL H 19 60.39 20.90 -35.21
N GLN H 20 59.48 20.32 -34.43
CA GLN H 20 58.60 19.25 -34.88
C GLN H 20 57.16 19.55 -34.53
N ASP H 21 56.25 19.29 -35.46
CA ASP H 21 54.81 19.42 -35.25
C ASP H 21 54.13 18.11 -35.65
N LYS H 22 52.86 17.99 -35.27
CA LYS H 22 52.09 16.79 -35.55
C LYS H 22 50.67 17.20 -35.93
N VAL H 23 50.07 16.48 -36.89
CA VAL H 23 48.69 16.72 -37.28
C VAL H 23 48.09 15.41 -37.80
N CYS H 24 46.86 15.15 -37.38
CA CYS H 24 46.09 13.99 -37.81
C CYS H 24 44.73 14.45 -38.33
N SER H 25 44.22 13.80 -39.36
CA SER H 25 42.95 14.19 -39.95
C SER H 25 42.34 13.01 -40.70
N PRO H 26 41.02 12.87 -40.66
CA PRO H 26 40.36 11.89 -41.52
C PRO H 26 40.12 12.46 -42.90
N TRP H 27 40.03 11.55 -43.88
CA TRP H 27 39.81 11.93 -45.26
C TRP H 27 38.70 11.09 -45.87
N SER H 28 37.98 11.69 -46.81
CA SER H 28 36.88 11.03 -47.51
C SER H 28 36.85 11.54 -48.94
N GLY H 29 36.28 10.71 -49.82
CA GLY H 29 36.14 11.07 -51.21
C GLY H 29 35.12 10.23 -51.95
N THR H 30 34.21 10.88 -52.68
CA THR H 30 33.15 10.19 -53.40
C THR H 30 33.44 10.26 -54.90
N VAL H 31 33.65 9.10 -55.51
CA VAL H 31 33.90 9.02 -56.95
C VAL H 31 32.62 8.61 -57.66
N VAL H 32 32.25 9.36 -58.69
CA VAL H 32 31.05 9.10 -59.47
C VAL H 32 31.40 8.72 -60.91
N ALA H 33 32.09 9.61 -61.62
CA ALA H 33 32.45 9.33 -63.00
C ALA H 33 33.90 9.72 -63.31
N THR H 34 34.53 10.48 -62.42
CA THR H 34 35.86 11.00 -62.65
C THR H 34 36.80 10.61 -61.51
N ALA H 35 38.07 10.41 -61.85
CA ALA H 35 39.09 10.09 -60.86
C ALA H 35 39.33 11.29 -59.95
N ILE H 36 39.78 11.00 -58.74
CA ILE H 36 40.00 12.02 -57.71
C ILE H 36 41.47 11.97 -57.29
N THR H 37 42.01 13.14 -56.95
CA THR H 37 43.42 13.32 -56.62
C THR H 37 43.45 14.01 -55.24
N ASN H 38 42.77 13.39 -54.28
CA ASN H 38 42.55 14.00 -52.98
C ASN H 38 43.86 14.27 -52.23
N VAL H 39 44.19 15.53 -52.04
CA VAL H 39 45.42 15.92 -51.36
C VAL H 39 45.17 15.91 -49.85
N LEU H 40 46.03 15.24 -49.10
CA LEU H 40 45.90 15.14 -47.66
C LEU H 40 46.78 16.12 -46.90
N TYR H 41 47.91 16.52 -47.48
CA TYR H 41 48.87 17.39 -46.79
C TYR H 41 49.66 18.15 -47.84
N ASN H 42 50.01 19.40 -47.51
CA ASN H 42 50.80 20.22 -48.41
C ASN H 42 51.57 21.25 -47.58
N ASN H 43 52.66 21.75 -48.17
CA ASN H 43 53.52 22.71 -47.48
C ASN H 43 54.31 23.49 -48.52
N ASN H 44 54.88 24.61 -48.07
CA ASN H 44 55.71 25.46 -48.93
C ASN H 44 57.14 25.58 -48.38
N ILE H 45 57.55 24.63 -47.56
CA ILE H 45 58.86 24.65 -46.91
C ILE H 45 59.65 23.40 -47.28
N ASN H 46 59.49 22.96 -48.53
CA ASN H 46 60.03 21.67 -48.97
C ASN H 46 61.53 21.55 -48.70
N GLN H 47 62.26 22.66 -48.77
CA GLN H 47 63.68 22.63 -48.46
C GLN H 47 63.87 22.36 -46.97
N ASN H 48 64.64 21.32 -46.64
CA ASN H 48 64.88 20.89 -45.27
C ASN H 48 63.58 20.59 -44.54
N MET H 49 62.79 19.66 -45.07
CA MET H 49 61.60 19.19 -44.40
C MET H 49 61.58 17.67 -44.39
N ILE H 50 61.26 17.07 -43.25
CA ILE H 50 61.09 15.61 -43.19
C ILE H 50 59.78 15.30 -42.48
N GLY H 51 59.06 14.32 -42.99
CA GLY H 51 57.79 13.92 -42.41
C GLY H 51 57.65 12.42 -42.25
N THR H 52 57.26 12.00 -41.05
CA THR H 52 57.02 10.59 -40.75
C THR H 52 55.58 10.40 -40.35
N GLY H 53 54.94 9.36 -40.87
CA GLY H 53 53.55 9.13 -40.51
C GLY H 53 52.95 7.93 -41.18
N PHE H 54 51.62 7.92 -41.24
CA PHE H 54 50.91 6.81 -41.87
C PHE H 54 49.63 7.30 -42.53
N VAL H 55 49.17 6.49 -43.47
CA VAL H 55 47.88 6.66 -44.14
C VAL H 55 47.10 5.36 -43.96
N ARG H 56 45.88 5.47 -43.43
CA ARG H 56 45.03 4.32 -43.17
C ARG H 56 43.85 4.32 -44.13
N TYR H 57 43.68 3.22 -44.86
CA TYR H 57 42.56 3.00 -45.76
C TYR H 57 41.59 2.07 -45.06
N ASP H 58 40.43 2.60 -44.67
CA ASP H 58 39.46 1.85 -43.87
C ASP H 58 38.39 1.18 -44.72
N VAL H 59 37.61 1.96 -45.47
CA VAL H 59 36.52 1.44 -46.28
C VAL H 59 36.60 2.05 -47.67
N GLY H 60 36.27 1.26 -48.68
CA GLY H 60 36.29 1.71 -50.05
C GLY H 60 36.01 0.60 -51.05
N PRO H 61 35.42 0.95 -52.18
CA PRO H 61 35.09 -0.06 -53.19
C PRO H 61 36.30 -0.77 -53.77
N ALA H 62 37.44 -0.10 -53.90
CA ALA H 62 38.54 -0.64 -54.67
C ALA H 62 39.89 -0.17 -54.15
N PRO H 63 41.00 -0.76 -54.59
CA PRO H 63 42.32 -0.27 -54.20
C PRO H 63 42.53 1.19 -54.63
N ILE H 64 43.29 1.91 -53.81
CA ILE H 64 43.63 3.31 -54.07
C ILE H 64 45.14 3.42 -54.18
N THR H 65 45.62 4.58 -54.64
CA THR H 65 47.04 4.83 -54.76
C THR H 65 47.44 5.96 -53.84
N LEU H 66 48.59 5.83 -53.19
CA LEU H 66 49.15 6.89 -52.36
C LEU H 66 50.42 7.41 -53.01
N THR H 67 50.45 8.70 -53.32
CA THR H 67 51.56 9.29 -54.04
C THR H 67 52.11 10.49 -53.28
N VAL H 68 53.41 10.71 -53.42
CA VAL H 68 54.09 11.86 -52.79
C VAL H 68 54.79 12.65 -53.89
N LEU H 69 54.57 13.96 -53.89
CA LEU H 69 55.05 14.82 -54.95
C LEU H 69 55.89 15.96 -54.39
N ASP H 70 56.87 16.38 -55.18
CA ASP H 70 57.72 17.52 -54.86
C ASP H 70 57.22 18.76 -55.60
N ALA H 71 57.93 19.87 -55.40
CA ALA H 71 57.48 21.17 -55.90
C ALA H 71 57.39 21.20 -57.42
N ALA H 72 58.14 20.33 -58.10
CA ALA H 72 58.11 20.30 -59.56
C ALA H 72 56.96 19.45 -60.10
N GLY H 73 56.17 18.86 -59.22
CA GLY H 73 55.05 18.03 -59.63
C GLY H 73 55.39 16.59 -59.91
N ALA H 74 56.67 16.21 -59.83
CA ALA H 74 57.09 14.85 -60.08
C ALA H 74 56.72 13.94 -58.90
N THR H 75 56.75 12.64 -59.14
CA THR H 75 56.40 11.66 -58.12
C THR H 75 57.67 11.14 -57.44
N ILE H 76 57.69 11.24 -56.12
CA ILE H 76 58.80 10.70 -55.34
C ILE H 76 58.55 9.24 -54.99
N ASP H 77 57.35 8.92 -54.51
CA ASP H 77 57.02 7.56 -54.15
C ASP H 77 55.54 7.31 -54.41
N THR H 78 55.23 6.11 -54.89
CA THR H 78 53.86 5.69 -55.15
C THR H 78 53.65 4.28 -54.61
N GLN H 79 52.54 4.08 -53.91
CA GLN H 79 52.20 2.79 -53.33
C GLN H 79 50.72 2.50 -53.57
N THR H 80 50.34 1.24 -53.40
CA THR H 80 48.97 0.81 -53.60
C THR H 80 48.40 0.27 -52.30
N LEU H 81 47.15 0.62 -52.01
CA LEU H 81 46.50 0.23 -50.77
C LEU H 81 45.16 -0.44 -51.07
N ASN H 82 44.84 -1.46 -50.28
CA ASN H 82 43.56 -2.15 -50.31
C ASN H 82 42.75 -1.81 -49.04
N PRO H 83 41.43 -1.89 -49.10
CA PRO H 83 40.61 -1.46 -47.96
C PRO H 83 40.97 -2.22 -46.68
N GLY H 84 41.04 -1.48 -45.57
CA GLY H 84 41.29 -2.07 -44.27
C GLY H 84 42.75 -2.17 -43.86
N THR H 85 43.66 -1.46 -44.52
CA THR H 85 45.08 -1.57 -44.22
C THR H 85 45.68 -0.20 -43.93
N SER H 86 46.99 -0.18 -43.69
CA SER H 86 47.72 1.04 -43.37
C SER H 86 49.07 1.00 -44.06
N ILE H 87 49.64 2.19 -44.29
CA ILE H 87 50.99 2.31 -44.84
C ILE H 87 51.74 3.38 -44.06
N ALA H 88 52.94 3.04 -43.61
CA ALA H 88 53.81 3.97 -42.90
C ALA H 88 54.90 4.49 -43.83
N PHE H 89 55.35 5.71 -43.57
CA PHE H 89 56.30 6.36 -44.47
C PHE H 89 57.16 7.35 -43.70
N THR H 90 58.31 7.65 -44.29
CA THR H 90 59.20 8.71 -43.82
C THR H 90 59.83 9.34 -45.06
N TYR H 91 59.51 10.60 -45.33
CA TYR H 91 59.88 11.25 -46.58
C TYR H 91 60.59 12.57 -46.31
N ARG H 92 61.43 12.98 -47.25
CA ARG H 92 62.10 14.27 -47.18
C ARG H 92 61.99 15.00 -48.51
N ARG H 93 61.99 16.33 -48.44
CA ARG H 93 61.94 17.20 -49.61
C ARG H 93 60.76 16.86 -50.52
N PHE H 94 59.57 17.00 -49.95
CA PHE H 94 58.32 16.75 -50.66
C PHE H 94 57.39 17.94 -50.47
N VAL H 95 56.54 18.17 -51.47
CA VAL H 95 55.60 19.28 -51.41
C VAL H 95 54.20 18.83 -51.01
N THR H 96 53.81 17.60 -51.31
CA THR H 96 52.45 17.18 -50.98
C THR H 96 52.36 15.66 -50.94
N ILE H 97 51.34 15.19 -50.23
CA ILE H 97 50.96 13.78 -50.17
C ILE H 97 49.49 13.70 -50.57
N GLU H 98 49.15 12.73 -51.44
CA GLU H 98 47.81 12.65 -51.95
C GLU H 98 47.42 11.21 -52.20
N VAL H 99 46.12 10.98 -52.32
CA VAL H 99 45.55 9.68 -52.65
C VAL H 99 44.80 9.81 -53.97
N THR H 100 45.14 8.94 -54.91
CA THR H 100 44.47 8.87 -56.21
C THR H 100 43.43 7.76 -56.13
N LEU H 101 42.18 8.14 -56.42
CA LEU H 101 40.99 7.29 -56.47
C LEU H 101 40.55 7.11 -57.92
N PRO H 102 40.57 5.88 -58.42
CA PRO H 102 40.22 5.66 -59.83
C PRO H 102 38.73 5.90 -60.08
N ALA H 103 38.42 6.21 -61.34
CA ALA H 103 37.06 6.44 -61.77
C ALA H 103 36.32 5.16 -62.12
N ALA H 104 36.99 4.01 -62.02
CA ALA H 104 36.39 2.73 -62.38
C ALA H 104 35.18 2.41 -61.54
N THR H 105 35.36 2.30 -60.23
CA THR H 105 34.25 1.97 -59.35
C THR H 105 33.76 3.21 -58.61
N ALA H 106 32.46 3.49 -58.75
CA ALA H 106 31.86 4.63 -58.06
C ALA H 106 31.54 4.25 -56.62
N GLY H 107 31.84 5.15 -55.70
CA GLY H 107 31.59 4.91 -54.31
C GLY H 107 32.39 5.85 -53.43
N THR H 108 32.29 5.62 -52.13
CA THR H 108 32.93 6.47 -51.13
C THR H 108 34.14 5.78 -50.52
N TYR H 109 35.26 6.49 -50.50
CA TYR H 109 36.48 6.03 -49.87
C TYR H 109 36.73 6.86 -48.62
N GLN H 110 37.03 6.18 -47.51
CA GLN H 110 37.23 6.85 -46.23
C GLN H 110 38.48 6.30 -45.56
N GLY H 111 39.15 7.15 -44.80
CA GLY H 111 40.35 6.73 -44.11
C GLY H 111 40.88 7.81 -43.20
N GLU H 112 42.10 7.59 -42.71
CA GLU H 112 42.74 8.51 -41.76
C GLU H 112 44.16 8.80 -42.22
N PHE H 113 44.74 9.86 -41.66
CA PHE H 113 46.09 10.28 -42.02
C PHE H 113 46.75 10.94 -40.82
N CYS H 114 47.96 10.48 -40.48
CA CYS H 114 48.73 11.08 -39.41
C CYS H 114 50.11 11.43 -39.94
N ILE H 115 50.61 12.62 -39.59
CA ILE H 115 51.96 13.00 -39.94
C ILE H 115 52.57 13.82 -38.82
N THR H 116 53.88 13.68 -38.66
CA THR H 116 54.69 14.54 -37.80
C THR H 116 55.88 15.01 -38.62
N THR H 117 56.10 16.31 -38.63
CA THR H 117 57.05 16.96 -39.53
C THR H 117 58.09 17.73 -38.75
N ARG H 118 59.34 17.60 -39.17
CA ARG H 118 60.46 18.35 -38.64
C ARG H 118 61.00 19.30 -39.70
N TYR H 119 61.29 20.53 -39.28
CA TYR H 119 61.74 21.59 -40.17
C TYR H 119 62.50 22.61 -39.34
N PRO H 120 63.39 23.40 -39.96
CA PRO H 120 64.14 24.42 -39.21
C PRO H 120 63.29 25.65 -38.96
N LEU H 121 63.33 26.13 -37.71
CA LEU H 121 62.61 27.34 -37.30
C LEU H 121 63.52 28.55 -37.35
N SER H 122 64.28 28.64 -38.43
CA SER H 122 65.33 29.64 -38.54
C SER H 122 64.97 30.76 -39.50
N ALA I 9 86.60 28.03 -35.90
CA ALA I 9 86.12 28.70 -37.11
C ALA I 9 86.97 28.31 -38.30
N LEU I 10 87.70 27.21 -38.18
CA LEU I 10 88.61 26.78 -39.23
C LEU I 10 87.97 25.85 -40.26
N THR I 11 86.75 25.38 -40.01
CA THR I 11 86.17 24.34 -40.86
C THR I 11 84.78 24.74 -41.31
N CYS I 12 84.45 24.38 -42.55
CA CYS I 12 83.07 24.36 -43.04
C CYS I 12 82.50 22.94 -42.99
N CYS I 13 82.89 22.18 -41.97
CA CYS I 13 82.40 20.83 -41.74
C CYS I 13 81.29 20.87 -40.69
N PRO I 14 80.02 20.93 -41.09
CA PRO I 14 78.95 21.00 -40.10
C PRO I 14 78.75 19.66 -39.39
N ASP I 15 78.19 19.74 -38.20
CA ASP I 15 77.90 18.57 -37.40
C ASP I 15 76.69 17.83 -37.96
N LYS I 16 76.62 16.53 -37.67
CA LYS I 16 75.49 15.69 -38.05
C LYS I 16 74.56 15.56 -36.86
N ASN I 17 73.38 16.16 -36.97
CA ASN I 17 72.39 16.13 -35.90
C ASN I 17 71.38 15.03 -36.22
N TYR I 18 71.54 13.89 -35.57
CA TYR I 18 70.68 12.74 -35.81
C TYR I 18 69.42 12.84 -34.96
N VAL I 19 68.28 12.46 -35.55
CA VAL I 19 67.00 12.49 -34.87
C VAL I 19 66.31 11.16 -35.07
N GLN I 20 65.32 10.90 -34.20
CA GLN I 20 64.62 9.63 -34.16
C GLN I 20 63.11 9.86 -34.13
N ASP I 21 62.40 9.05 -34.91
CA ASP I 21 60.94 9.05 -34.93
C ASP I 21 60.42 7.63 -34.69
N LYS I 22 59.12 7.53 -34.43
CA LYS I 22 58.49 6.25 -34.16
C LYS I 22 57.13 6.21 -34.83
N VAL I 23 56.75 5.04 -35.35
CA VAL I 23 55.43 4.86 -35.95
C VAL I 23 55.02 3.39 -35.81
N CYS I 24 53.76 3.18 -35.43
CA CYS I 24 53.16 1.86 -35.31
C CYS I 24 51.88 1.84 -36.12
N SER I 25 51.59 0.69 -36.75
CA SER I 25 50.40 0.57 -37.57
C SER I 25 50.01 -0.90 -37.70
N PRO I 26 48.71 -1.20 -37.71
CA PRO I 26 48.27 -2.55 -38.05
C PRO I 26 48.20 -2.77 -39.55
N TRP I 27 48.33 -4.03 -39.94
CA TRP I 27 48.32 -4.40 -41.35
C TRP I 27 47.38 -5.58 -41.56
N SER I 28 46.77 -5.62 -42.75
CA SER I 28 45.86 -6.67 -43.13
C SER I 28 45.99 -6.93 -44.63
N GLY I 29 45.65 -8.15 -45.03
CA GLY I 29 45.70 -8.52 -46.43
C GLY I 29 44.88 -9.75 -46.76
N THR I 30 44.05 -9.67 -47.79
CA THR I 30 43.17 -10.77 -48.17
C THR I 30 43.69 -11.38 -49.47
N VAL I 31 44.08 -12.65 -49.40
CA VAL I 31 44.56 -13.37 -50.58
C VAL I 31 43.43 -14.25 -51.11
N VAL I 32 43.17 -14.15 -52.42
CA VAL I 32 42.14 -14.93 -53.08
C VAL I 32 42.73 -15.89 -54.11
N ALA I 33 43.47 -15.36 -55.09
CA ALA I 33 44.06 -16.22 -56.12
C ALA I 33 45.50 -15.82 -56.42
N THR I 34 45.92 -14.65 -55.97
CA THR I 34 47.23 -14.10 -56.29
C THR I 34 48.00 -13.76 -55.02
N ALA I 35 49.32 -13.92 -55.09
CA ALA I 35 50.19 -13.58 -53.99
C ALA I 35 50.20 -12.07 -53.76
N ILE I 36 50.47 -11.67 -52.52
CA ILE I 36 50.45 -10.26 -52.13
C ILE I 36 51.83 -9.88 -51.58
N THR I 37 52.22 -8.64 -51.82
CA THR I 37 53.54 -8.12 -51.48
C THR I 37 53.30 -6.86 -50.63
N ASN I 38 52.53 -7.03 -49.56
CA ASN I 38 52.06 -5.91 -48.76
C ASN I 38 53.21 -5.13 -48.12
N VAL I 39 53.41 -3.90 -48.56
CA VAL I 39 54.48 -3.06 -48.03
C VAL I 39 54.00 -2.37 -46.75
N LEU I 40 54.78 -2.48 -45.68
CA LEU I 40 54.43 -1.88 -44.40
C LEU I 40 55.11 -0.55 -44.15
N TYR I 41 56.28 -0.32 -44.73
CA TYR I 41 57.05 0.90 -44.48
C TYR I 41 57.94 1.18 -45.67
N ASN I 42 58.13 2.46 -45.98
CA ASN I 42 58.99 2.87 -47.08
C ASN I 42 59.53 4.25 -46.80
N ASN I 43 60.66 4.56 -47.44
CA ASN I 43 61.32 5.85 -47.25
C ASN I 43 62.20 6.15 -48.45
N ASN I 44 62.61 7.41 -48.57
CA ASN I 44 63.50 7.86 -49.63
C ASN I 44 64.80 8.43 -49.09
N ILE I 45 65.17 8.05 -47.86
CA ILE I 45 66.34 8.58 -47.18
C ILE I 45 67.29 7.43 -46.81
N ASN I 46 67.35 6.42 -47.69
CA ASN I 46 68.05 5.18 -47.37
C ASN I 46 69.49 5.42 -46.94
N GLN I 47 70.14 6.45 -47.47
CA GLN I 47 71.49 6.78 -47.04
C GLN I 47 71.47 7.29 -45.60
N ASN I 48 72.25 6.66 -44.74
CA ASN I 48 72.30 6.99 -43.32
C ASN I 48 70.93 6.89 -42.66
N MET I 49 70.31 5.71 -42.73
CA MET I 49 69.06 5.45 -42.03
C MET I 49 69.17 4.12 -41.28
N ILE I 50 68.72 4.11 -40.03
CA ILE I 50 68.65 2.86 -39.28
C ILE I 50 67.27 2.74 -38.64
N GLY I 51 66.73 1.54 -38.66
CA GLY I 51 65.42 1.30 -38.10
C GLY I 51 65.36 0.06 -37.22
N THR I 52 64.82 0.19 -36.02
CA THR I 52 64.66 -0.90 -35.08
C THR I 52 63.17 -1.08 -34.80
N GLY I 53 62.72 -2.33 -34.79
CA GLY I 53 61.30 -2.55 -34.50
C GLY I 53 60.91 -4.01 -34.55
N PHE I 54 59.62 -4.23 -34.73
CA PHE I 54 59.10 -5.60 -34.79
C PHE I 54 57.91 -5.68 -35.73
N VAL I 55 57.66 -6.90 -36.19
CA VAL I 55 56.48 -7.26 -36.97
C VAL I 55 55.79 -8.40 -36.26
N ARG I 56 54.50 -8.24 -35.97
CA ARG I 56 53.71 -9.23 -35.25
C ARG I 56 52.70 -9.86 -36.21
N TYR I 57 52.74 -11.18 -36.31
CA TYR I 57 51.79 -11.96 -37.09
C TYR I 57 50.79 -12.58 -36.11
N ASP I 58 49.54 -12.10 -36.17
CA ASP I 58 48.52 -12.50 -35.20
C ASP I 58 47.66 -13.65 -35.70
N VAL I 59 46.96 -13.45 -36.81
CA VAL I 59 46.04 -14.44 -37.36
C VAL I 59 46.29 -14.57 -38.86
N GLY I 60 46.19 -15.79 -39.36
CA GLY I 60 46.39 -16.05 -40.77
C GLY I 60 46.36 -17.53 -41.11
N PRO I 61 45.92 -17.84 -42.33
CA PRO I 61 45.84 -19.26 -42.73
C PRO I 61 47.17 -19.98 -42.76
N ALA I 62 48.26 -19.29 -43.09
CA ALA I 62 49.52 -19.98 -43.39
C ALA I 62 50.72 -19.12 -43.02
N PRO I 63 51.93 -19.69 -43.01
CA PRO I 63 53.13 -18.87 -42.79
C PRO I 63 53.29 -17.80 -43.85
N ILE I 64 53.86 -16.66 -43.43
CA ILE I 64 54.13 -15.53 -44.31
C ILE I 64 55.62 -15.27 -44.31
N THR I 65 56.07 -14.41 -45.23
CA THR I 65 57.48 -14.05 -45.33
C THR I 65 57.63 -12.56 -45.05
N LEU I 66 58.67 -12.21 -44.30
CA LEU I 66 59.02 -10.81 -44.06
C LEU I 66 60.33 -10.50 -44.76
N THR I 67 60.30 -9.52 -45.66
CA THR I 67 61.47 -9.19 -46.47
C THR I 67 61.79 -7.72 -46.34
N VAL I 68 63.08 -7.39 -46.45
CA VAL I 68 63.56 -6.02 -46.41
C VAL I 68 64.36 -5.75 -47.67
N LEU I 69 64.05 -4.64 -48.34
CA LEU I 69 64.61 -4.33 -49.64
C LEU I 69 65.27 -2.96 -49.63
N ASP I 70 66.32 -2.83 -50.43
CA ASP I 70 67.02 -1.58 -50.64
C ASP I 70 66.55 -0.92 -51.93
N ALA I 71 67.13 0.24 -52.24
CA ALA I 71 66.66 1.04 -53.36
C ALA I 71 66.81 0.34 -54.69
N ALA I 72 67.72 -0.63 -54.79
CA ALA I 72 67.94 -1.37 -56.03
C ALA I 72 66.95 -2.52 -56.19
N GLY I 73 66.08 -2.72 -55.21
CA GLY I 73 65.11 -3.80 -55.26
C GLY I 73 65.60 -5.14 -54.75
N ALA I 74 66.87 -5.24 -54.38
CA ALA I 74 67.43 -6.48 -53.88
C ALA I 74 66.95 -6.74 -52.45
N THR I 75 67.12 -7.99 -52.01
CA THR I 75 66.69 -8.40 -50.68
C THR I 75 67.86 -8.34 -49.71
N ILE I 76 67.67 -7.62 -48.61
CA ILE I 76 68.68 -7.55 -47.55
C ILE I 76 68.50 -8.69 -46.56
N ASP I 77 67.27 -8.90 -46.11
CA ASP I 77 66.99 -9.96 -45.15
C ASP I 77 65.59 -10.51 -45.42
N THR I 78 65.46 -11.82 -45.24
CA THR I 78 64.18 -12.51 -45.40
C THR I 78 64.00 -13.50 -44.27
N GLN I 79 62.82 -13.50 -43.67
CA GLN I 79 62.49 -14.38 -42.56
C GLN I 79 61.09 -14.96 -42.78
N THR I 80 60.78 -16.02 -42.04
CA THR I 80 59.49 -16.70 -42.14
C THR I 80 58.77 -16.62 -40.80
N LEU I 81 57.47 -16.36 -40.86
CA LEU I 81 56.67 -16.21 -39.65
C LEU I 81 55.45 -17.12 -39.72
N ASN I 82 55.08 -17.66 -38.56
CA ASN I 82 53.88 -18.46 -38.36
C ASN I 82 52.88 -17.68 -37.53
N PRO I 83 51.57 -17.97 -37.67
CA PRO I 83 50.57 -17.16 -36.97
C PRO I 83 50.77 -17.15 -35.46
N GLY I 84 50.61 -15.98 -34.86
CA GLY I 84 50.71 -15.82 -33.42
C GLY I 84 52.07 -15.51 -32.87
N THR I 85 53.02 -15.07 -33.70
CA THR I 85 54.38 -14.83 -33.25
C THR I 85 54.82 -13.41 -33.62
N SER I 86 56.07 -13.09 -33.29
CA SER I 86 56.64 -11.78 -33.55
C SER I 86 58.09 -11.94 -33.99
N ILE I 87 58.59 -10.94 -34.71
CA ILE I 87 59.99 -10.91 -35.12
C ILE I 87 60.53 -9.50 -34.90
N ALA I 88 61.67 -9.39 -34.23
CA ALA I 88 62.34 -8.13 -33.99
C ALA I 88 63.52 -7.97 -34.94
N PHE I 89 63.83 -6.72 -35.28
CA PHE I 89 64.85 -6.46 -36.28
C PHE I 89 65.50 -5.10 -36.02
N THR I 90 66.71 -4.96 -36.56
CA THR I 90 67.43 -3.69 -36.60
C THR I 90 68.20 -3.64 -37.92
N TYR I 91 67.82 -2.74 -38.80
CA TYR I 91 68.33 -2.72 -40.17
C TYR I 91 68.89 -1.34 -40.51
N ARG I 92 69.83 -1.32 -41.45
CA ARG I 92 70.38 -0.06 -41.95
C ARG I 92 70.42 -0.09 -43.48
N ARG I 93 70.30 1.09 -44.07
CA ARG I 93 70.38 1.28 -45.52
C ARG I 93 69.38 0.38 -46.26
N PHE I 94 68.11 0.59 -45.95
CA PHE I 94 67.02 -0.15 -46.56
C PHE I 94 65.98 0.84 -47.09
N VAL I 95 65.27 0.44 -48.14
CA VAL I 95 64.26 1.29 -48.74
C VAL I 95 62.85 0.90 -48.30
N THR I 96 62.60 -0.38 -47.98
CA THR I 96 61.25 -0.78 -47.64
C THR I 96 61.27 -2.08 -46.86
N ILE I 97 60.18 -2.29 -46.11
CA ILE I 97 59.92 -3.54 -45.41
C ILE I 97 58.55 -4.02 -45.85
N GLU I 98 58.42 -5.30 -46.15
CA GLU I 98 57.17 -5.82 -46.69
C GLU I 98 56.96 -7.26 -46.23
N VAL I 99 55.70 -7.68 -46.33
CA VAL I 99 55.30 -9.06 -46.05
C VAL I 99 54.76 -9.68 -47.33
N THR I 100 55.30 -10.83 -47.68
CA THR I 100 54.87 -11.62 -48.82
C THR I 100 53.91 -12.70 -48.32
N LEU I 101 52.70 -12.69 -48.87
CA LEU I 101 51.60 -13.61 -48.61
C LEU I 101 51.41 -14.53 -49.81
N PRO I 102 51.59 -15.83 -49.65
CA PRO I 102 51.48 -16.75 -50.79
C PRO I 102 50.05 -16.88 -51.27
N ALA I 103 49.91 -17.26 -52.54
CA ALA I 103 48.62 -17.46 -53.16
C ALA I 103 48.05 -18.85 -52.90
N ALA I 104 48.78 -19.69 -52.18
CA ALA I 104 48.35 -21.06 -51.92
C ALA I 104 47.04 -21.11 -51.15
N THR I 105 47.02 -20.55 -49.94
CA THR I 105 45.82 -20.58 -49.12
C THR I 105 45.12 -19.23 -49.16
N ALA I 106 43.85 -19.23 -49.55
CA ALA I 106 43.06 -18.01 -49.58
C ALA I 106 42.55 -17.68 -48.18
N GLY I 107 42.63 -16.42 -47.80
CA GLY I 107 42.19 -15.99 -46.49
C GLY I 107 42.76 -14.64 -46.13
N THR I 108 42.48 -14.23 -44.90
CA THR I 108 42.87 -12.93 -44.39
C THR I 108 44.03 -13.06 -43.41
N TYR I 109 45.08 -12.27 -43.63
CA TYR I 109 46.22 -12.19 -42.74
C TYR I 109 46.19 -10.84 -42.03
N GLN I 110 46.37 -10.85 -40.71
CA GLN I 110 46.32 -9.63 -39.94
C GLN I 110 47.49 -9.61 -38.96
N GLY I 111 47.96 -8.40 -38.65
CA GLY I 111 49.07 -8.26 -37.73
C GLY I 111 49.36 -6.82 -37.42
N GLU I 112 50.50 -6.59 -36.78
CA GLU I 112 50.91 -5.27 -36.34
C GLU I 112 52.36 -5.01 -36.74
N PHE I 113 52.76 -3.75 -36.73
CA PHE I 113 54.11 -3.37 -37.11
C PHE I 113 54.53 -2.13 -36.34
N CYS I 114 55.70 -2.19 -35.69
CA CYS I 114 56.25 -1.04 -34.98
C CYS I 114 57.66 -0.79 -35.48
N ILE I 115 57.99 0.48 -35.72
CA ILE I 115 59.36 0.84 -36.09
C ILE I 115 59.72 2.17 -35.46
N THR I 116 61.00 2.31 -35.12
CA THR I 116 61.58 3.58 -34.73
C THR I 116 62.85 3.77 -35.55
N THR I 117 62.97 4.93 -36.18
CA THR I 117 64.00 5.18 -37.18
C THR I 117 64.84 6.39 -36.79
N ARG I 118 66.15 6.25 -36.96
CA ARG I 118 67.11 7.33 -36.76
C ARG I 118 67.73 7.71 -38.09
N TYR I 119 67.85 9.02 -38.31
CA TYR I 119 68.35 9.58 -39.56
C TYR I 119 68.90 10.97 -39.27
N PRO I 120 69.80 11.47 -40.12
CA PRO I 120 70.35 12.83 -39.90
C PRO I 120 69.38 13.90 -40.37
N LEU I 121 69.18 14.91 -39.54
CA LEU I 121 68.31 16.05 -39.84
C LEU I 121 69.13 17.21 -40.40
N SER I 122 70.04 16.88 -41.29
CA SER I 122 71.01 17.86 -41.76
C SER I 122 70.71 18.35 -43.18
N ALA J 9 91.64 20.83 -36.66
CA ALA J 9 91.31 20.74 -38.07
C ALA J 9 92.36 19.96 -38.83
N LEU J 10 93.15 19.16 -38.11
CA LEU J 10 94.24 18.43 -38.72
C LEU J 10 93.85 17.04 -39.20
N THR J 11 92.65 16.57 -38.89
CA THR J 11 92.29 15.19 -39.15
C THR J 11 90.96 15.11 -39.88
N CYS J 12 90.86 14.15 -40.80
CA CYS J 12 89.58 13.70 -41.35
C CYS J 12 89.12 12.42 -40.66
N CYS J 13 89.40 12.31 -39.37
CA CYS J 13 88.99 11.18 -38.55
C CYS J 13 87.73 11.56 -37.77
N PRO J 14 86.55 11.23 -38.26
CA PRO J 14 85.32 11.61 -37.56
C PRO J 14 85.12 10.76 -36.31
N ASP J 15 84.38 11.32 -35.36
CA ASP J 15 84.07 10.64 -34.12
C ASP J 15 83.01 9.56 -34.35
N LYS J 16 83.00 8.57 -33.46
CA LYS J 16 82.02 7.50 -33.49
C LYS J 16 80.92 7.82 -32.48
N ASN J 17 79.73 8.11 -32.99
CA ASN J 17 78.58 8.46 -32.17
C ASN J 17 77.74 7.20 -31.99
N TYR J 18 77.87 6.54 -30.84
CA TYR J 18 77.16 5.31 -30.56
C TYR J 18 75.78 5.63 -30.00
N VAL J 19 74.79 4.85 -30.44
CA VAL J 19 73.41 5.02 -29.99
C VAL J 19 72.86 3.66 -29.57
N GLN J 20 71.79 3.71 -28.79
CA GLN J 20 71.18 2.53 -28.18
C GLN J 20 69.68 2.53 -28.43
N ASP J 21 69.15 1.35 -28.76
CA ASP J 21 67.72 1.13 -28.93
C ASP J 21 67.29 -0.06 -28.07
N LYS J 22 65.98 -0.21 -27.92
CA LYS J 22 65.42 -1.28 -27.11
C LYS J 22 64.19 -1.84 -27.82
N VAL J 23 63.98 -3.16 -27.72
CA VAL J 23 62.79 -3.79 -28.27
C VAL J 23 62.48 -5.05 -27.47
N CYS J 24 61.19 -5.24 -27.16
CA CYS J 24 60.69 -6.41 -26.47
C CYS J 24 59.55 -7.01 -27.27
N SER J 25 59.46 -8.33 -27.28
CA SER J 25 58.42 -9.02 -28.04
C SER J 25 58.17 -10.40 -27.46
N PRO J 26 56.93 -10.86 -27.46
CA PRO J 26 56.65 -12.25 -27.12
C PRO J 26 56.84 -13.17 -28.32
N TRP J 27 57.13 -14.43 -28.03
CA TRP J 27 57.35 -15.42 -29.06
C TRP J 27 56.57 -16.68 -28.75
N SER J 28 56.15 -17.37 -29.81
CA SER J 28 55.39 -18.60 -29.71
C SER J 28 55.79 -19.52 -30.85
N GLY J 29 55.59 -20.82 -30.64
CA GLY J 29 55.89 -21.81 -31.66
C GLY J 29 55.24 -23.15 -31.41
N THR J 30 54.58 -23.69 -32.42
CA THR J 30 53.86 -24.96 -32.30
C THR J 30 54.62 -26.03 -33.07
N VAL J 31 55.09 -27.05 -32.35
CA VAL J 31 55.80 -28.16 -32.96
C VAL J 31 54.85 -29.34 -33.10
N VAL J 32 54.79 -29.91 -34.30
CA VAL J 32 53.93 -31.06 -34.59
C VAL J 32 54.76 -32.30 -34.93
N ALA J 33 55.59 -32.21 -35.97
CA ALA J 33 56.40 -33.35 -36.38
C ALA J 33 57.83 -32.94 -36.71
N THR J 34 58.09 -31.64 -36.85
CA THR J 34 59.38 -31.15 -37.28
C THR J 34 59.92 -30.13 -36.27
N ALA J 35 61.24 -30.11 -36.12
CA ALA J 35 61.90 -29.14 -35.25
C ALA J 35 61.75 -27.74 -35.81
N ILE J 36 61.79 -26.76 -34.91
CA ILE J 36 61.60 -25.36 -35.26
C ILE J 36 62.84 -24.57 -34.83
N THR J 37 63.17 -23.55 -35.62
CA THR J 37 64.37 -22.74 -35.46
C THR J 37 63.91 -21.28 -35.38
N ASN J 38 63.00 -21.02 -34.44
CA ASN J 38 62.32 -19.74 -34.34
C ASN J 38 63.29 -18.59 -34.07
N VAL J 39 63.46 -17.69 -35.03
CA VAL J 39 64.36 -16.57 -34.89
C VAL J 39 63.63 -15.44 -34.18
N LEU J 40 64.26 -14.90 -33.11
CA LEU J 40 63.66 -13.83 -32.34
C LEU J 40 64.17 -12.44 -32.71
N TYR J 41 65.41 -12.35 -33.22
CA TYR J 41 66.02 -11.07 -33.53
C TYR J 41 67.06 -11.27 -34.61
N ASN J 42 67.19 -10.28 -35.49
CA ASN J 42 68.19 -10.33 -36.56
C ASN J 42 68.57 -8.91 -36.95
N ASN J 43 69.75 -8.79 -37.54
CA ASN J 43 70.27 -7.49 -37.95
C ASN J 43 71.31 -7.68 -39.05
N ASN J 44 71.63 -6.58 -39.74
CA ASN J 44 72.63 -6.58 -40.79
C ASN J 44 73.79 -5.63 -40.47
N ILE J 45 73.98 -5.31 -39.20
CA ILE J 45 75.00 -4.37 -38.75
C ILE J 45 75.95 -5.04 -37.77
N ASN J 46 76.23 -6.32 -38.02
CA ASN J 46 76.98 -7.15 -37.08
C ASN J 46 78.31 -6.52 -36.67
N GLN J 47 78.95 -5.79 -37.59
CA GLN J 47 80.18 -5.11 -37.24
C GLN J 47 79.89 -3.99 -36.25
N ASN J 48 80.59 -4.00 -35.12
CA ASN J 48 80.39 -3.03 -34.05
C ASN J 48 78.94 -3.00 -33.56
N MET J 49 78.44 -4.14 -33.11
CA MET J 49 77.12 -4.21 -32.49
C MET J 49 77.20 -4.98 -31.18
N ILE J 50 76.56 -4.47 -30.13
CA ILE J 50 76.49 -5.19 -28.87
C ILE J 50 75.04 -5.18 -28.40
N GLY J 51 74.59 -6.33 -27.88
CA GLY J 51 73.24 -6.46 -27.40
C GLY J 51 73.14 -7.12 -26.04
N THR J 52 72.42 -6.49 -25.11
CA THR J 52 72.20 -7.03 -23.78
C THR J 52 70.70 -7.26 -23.58
N GLY J 53 70.35 -8.40 -23.01
CA GLY J 53 68.93 -8.66 -22.79
C GLY J 53 68.67 -10.00 -22.15
N PHE J 54 67.44 -10.47 -22.31
CA PHE J 54 67.05 -11.75 -21.74
C PHE J 54 66.03 -12.44 -22.63
N VAL J 55 65.95 -13.76 -22.45
CA VAL J 55 64.94 -14.61 -23.07
C VAL J 55 64.24 -15.36 -21.95
N ARG J 56 62.91 -15.28 -21.91
CA ARG J 56 62.10 -15.91 -20.87
C ARG J 56 61.30 -17.05 -21.48
N TYR J 57 61.46 -18.24 -20.91
CA TYR J 57 60.71 -19.43 -21.29
C TYR J 57 59.62 -19.64 -20.24
N ASP J 58 58.37 -19.43 -20.65
CA ASP J 58 57.24 -19.46 -19.72
C ASP J 58 56.55 -20.83 -19.67
N VAL J 59 56.02 -21.28 -20.80
CA VAL J 59 55.29 -22.54 -20.87
C VAL J 59 55.78 -23.33 -22.08
N GLY J 60 55.85 -24.65 -21.92
CA GLY J 60 56.29 -25.51 -22.99
C GLY J 60 56.43 -26.96 -22.55
N PRO J 61 56.21 -27.88 -23.49
CA PRO J 61 56.30 -29.31 -23.14
C PRO J 61 57.69 -29.75 -22.68
N ALA J 62 58.75 -29.15 -23.21
CA ALA J 62 60.08 -29.70 -23.00
C ALA J 62 61.15 -28.62 -23.00
N PRO J 63 62.38 -28.93 -22.57
CA PRO J 63 63.47 -27.95 -22.66
C PRO J 63 63.70 -27.49 -24.10
N ILE J 64 64.11 -26.24 -24.25
CA ILE J 64 64.41 -25.64 -25.54
C ILE J 64 65.87 -25.19 -25.52
N THR J 65 66.38 -24.83 -26.71
CA THR J 65 67.75 -24.35 -26.83
C THR J 65 67.74 -22.91 -27.31
N LEU J 66 68.62 -22.09 -26.73
CA LEU J 66 68.82 -20.72 -27.18
C LEU J 66 70.20 -20.59 -27.81
N THR J 67 70.24 -20.18 -29.08
CA THR J 67 71.49 -20.11 -29.83
C THR J 67 71.66 -18.72 -30.42
N VAL J 68 72.93 -18.32 -30.55
CA VAL J 68 73.28 -17.03 -31.14
C VAL J 68 74.25 -17.29 -32.29
N LEU J 69 73.96 -16.70 -33.44
CA LEU J 69 74.69 -16.98 -34.67
C LEU J 69 75.22 -15.69 -35.27
N ASP J 70 76.38 -15.80 -35.92
CA ASP J 70 77.00 -14.72 -36.65
C ASP J 70 76.68 -14.83 -38.14
N ALA J 71 77.22 -13.90 -38.92
CA ALA J 71 76.87 -13.80 -40.34
C ALA J 71 77.28 -15.04 -41.12
N ALA J 72 78.27 -15.78 -40.64
CA ALA J 72 78.73 -16.99 -41.32
C ALA J 72 77.87 -18.20 -40.99
N GLY J 73 76.87 -18.04 -40.13
CA GLY J 73 76.01 -19.13 -39.73
C GLY J 73 76.52 -19.98 -38.59
N ALA J 74 77.72 -19.70 -38.09
CA ALA J 74 78.30 -20.45 -36.98
C ALA J 74 77.62 -20.07 -35.67
N THR J 75 77.82 -20.91 -34.66
CA THR J 75 77.22 -20.68 -33.35
C THR J 75 78.22 -20.00 -32.43
N ILE J 76 77.80 -18.87 -31.86
CA ILE J 76 78.62 -18.17 -30.88
C ILE J 76 78.38 -18.70 -29.47
N ASP J 77 77.11 -18.85 -29.10
CA ASP J 77 76.77 -19.34 -27.77
C ASP J 77 75.48 -20.16 -27.86
N THR J 78 75.42 -21.22 -27.08
CA THR J 78 74.25 -22.09 -27.01
C THR J 78 73.97 -22.43 -25.55
N GLN J 79 72.71 -22.31 -25.15
CA GLN J 79 72.28 -22.59 -23.78
C GLN J 79 70.99 -23.40 -23.82
N THR J 80 70.66 -24.01 -22.69
CA THR J 80 69.46 -24.83 -22.57
C THR J 80 68.54 -24.23 -21.52
N LEU J 81 67.23 -24.22 -21.83
CA LEU J 81 66.25 -23.62 -20.94
C LEU J 81 65.13 -24.61 -20.66
N ASN J 82 64.62 -24.59 -19.42
CA ASN J 82 63.48 -25.36 -18.97
C ASN J 82 62.29 -24.43 -18.75
N PRO J 83 61.06 -24.93 -18.85
CA PRO J 83 59.89 -24.04 -18.75
C PRO J 83 59.86 -23.28 -17.42
N GLY J 84 59.52 -22.00 -17.50
CA GLY J 84 59.37 -21.16 -16.33
C GLY J 84 60.61 -20.43 -15.88
N THR J 85 61.63 -20.32 -16.71
CA THR J 85 62.89 -19.69 -16.32
C THR J 85 63.26 -18.58 -17.29
N SER J 86 64.42 -17.96 -17.05
CA SER J 86 64.92 -16.87 -17.86
C SER J 86 66.43 -17.01 -18.02
N ILE J 87 66.96 -16.41 -19.09
CA ILE J 87 68.40 -16.37 -19.32
C ILE J 87 68.78 -14.97 -19.77
N ALA J 88 69.79 -14.40 -19.13
CA ALA J 88 70.32 -13.09 -19.49
C ALA J 88 71.61 -13.24 -20.28
N PHE J 89 71.87 -12.27 -21.15
CA PHE J 89 73.01 -12.37 -22.04
C PHE J 89 73.50 -10.99 -22.43
N THR J 90 74.77 -10.95 -22.85
CA THR J 90 75.38 -9.75 -23.45
C THR J 90 76.33 -10.25 -24.53
N TYR J 91 76.03 -9.93 -25.79
CA TYR J 91 76.74 -10.50 -26.92
C TYR J 91 77.24 -9.40 -27.84
N ARG J 92 78.31 -9.68 -28.57
CA ARG J 92 78.84 -8.76 -29.57
C ARG J 92 79.12 -9.51 -30.87
N ARG J 93 79.00 -8.79 -31.98
CA ARG J 93 79.28 -9.30 -33.32
C ARG J 93 78.49 -10.59 -33.60
N PHE J 94 77.17 -10.43 -33.57
CA PHE J 94 76.25 -11.52 -33.84
C PHE J 94 75.24 -11.06 -34.88
N VAL J 95 74.74 -12.02 -35.66
CA VAL J 95 73.75 -11.72 -36.69
C VAL J 95 72.33 -12.06 -36.26
N THR J 96 72.15 -13.05 -35.38
CA THR J 96 70.78 -13.42 -35.02
C THR J 96 70.78 -14.17 -33.70
N ILE J 97 69.63 -14.16 -33.05
CA ILE J 97 69.34 -14.94 -31.86
C ILE J 97 68.10 -15.77 -32.13
N GLU J 98 68.13 -17.04 -31.78
CA GLU J 98 67.03 -17.93 -32.10
C GLU J 98 66.84 -18.98 -31.02
N VAL J 99 65.67 -19.59 -31.02
CA VAL J 99 65.33 -20.69 -30.13
C VAL J 99 65.06 -21.93 -30.98
N THR J 100 65.73 -23.02 -30.65
CA THR J 100 65.54 -24.30 -31.30
C THR J 100 64.60 -25.13 -30.43
N LEU J 101 63.49 -25.57 -31.02
CA LEU J 101 62.45 -26.40 -30.46
C LEU J 101 62.52 -27.80 -31.06
N PRO J 102 62.78 -28.83 -30.25
CA PRO J 102 62.92 -30.18 -30.79
C PRO J 102 61.59 -30.74 -31.28
N ALA J 103 61.69 -31.68 -32.21
CA ALA J 103 60.52 -32.35 -32.77
C ALA J 103 60.03 -33.51 -31.92
N ALA J 104 60.71 -33.78 -30.80
CA ALA J 104 60.35 -34.91 -29.94
C ALA J 104 58.94 -34.77 -29.39
N THR J 105 58.70 -33.71 -28.62
CA THR J 105 57.38 -33.52 -28.02
C THR J 105 56.60 -32.46 -28.78
N ALA J 106 55.41 -32.84 -29.24
CA ALA J 106 54.54 -31.91 -29.94
C ALA J 106 53.79 -31.04 -28.95
N GLY J 107 53.71 -29.75 -29.24
CA GLY J 107 53.04 -28.82 -28.37
C GLY J 107 53.44 -27.38 -28.67
N THR J 108 52.94 -26.49 -27.83
CA THR J 108 53.15 -25.06 -28.00
C THR J 108 54.14 -24.54 -26.97
N TYR J 109 55.15 -23.80 -27.44
CA TYR J 109 56.12 -23.14 -26.60
C TYR J 109 55.88 -21.64 -26.68
N GLN J 110 55.85 -20.99 -25.51
CA GLN J 110 55.59 -19.56 -25.44
C GLN J 110 56.58 -18.91 -24.49
N GLY J 111 56.90 -17.65 -24.78
CA GLY J 111 57.84 -16.93 -23.94
C GLY J 111 57.96 -15.49 -24.36
N GLU J 112 58.97 -14.81 -23.81
CA GLU J 112 59.20 -13.40 -24.05
C GLU J 112 60.67 -13.16 -24.38
N PHE J 113 60.96 -12.00 -24.95
CA PHE J 113 62.32 -11.66 -25.34
C PHE J 113 62.51 -10.15 -25.24
N CYS J 114 63.57 -9.72 -24.54
CA CYS J 114 63.91 -8.32 -24.45
C CYS J 114 65.35 -8.13 -24.87
N ILE J 115 65.62 -7.10 -25.66
CA ILE J 115 67.00 -6.77 -26.02
C ILE J 115 67.15 -5.26 -26.11
N THR J 116 68.34 -4.79 -25.76
CA THR J 116 68.76 -3.42 -25.99
C THR J 116 70.12 -3.46 -26.67
N THR J 117 70.24 -2.74 -27.79
CA THR J 117 71.39 -2.85 -28.66
C THR J 117 72.07 -1.50 -28.84
N ARG J 118 73.40 -1.51 -28.79
CA ARG J 118 74.23 -0.35 -29.06
C ARG J 118 75.02 -0.57 -30.35
N TYR J 119 75.05 0.49 -31.16
CA TYR J 119 75.71 0.44 -32.47
C TYR J 119 76.08 1.86 -32.86
N PRO J 120 77.07 2.03 -33.76
CA PRO J 120 77.47 3.38 -34.17
C PRO J 120 76.50 3.95 -35.20
N LEU J 121 76.10 5.19 -35.00
CA LEU J 121 75.20 5.91 -35.91
C LEU J 121 76.00 6.76 -36.89
N SER J 122 77.06 6.17 -37.42
CA SER J 122 78.04 6.89 -38.22
C SER J 122 77.83 6.71 -39.72
N ALA K 9 102.80 12.31 -26.82
CA ALA K 9 102.96 11.02 -27.48
C ALA K 9 104.25 10.34 -27.07
N LEU K 10 104.81 10.78 -25.95
CA LEU K 10 106.10 10.26 -25.48
C LEU K 10 105.98 9.05 -24.57
N THR K 11 104.77 8.70 -24.14
CA THR K 11 104.61 7.67 -23.11
C THR K 11 103.60 6.62 -23.54
N CYS K 12 103.87 5.37 -23.20
CA CYS K 12 102.87 4.30 -23.22
C CYS K 12 102.31 4.07 -21.83
N CYS K 13 102.15 5.15 -21.06
CA CYS K 13 101.57 5.11 -19.71
C CYS K 13 100.11 5.53 -19.80
N PRO K 14 99.18 4.59 -19.90
CA PRO K 14 97.76 4.97 -20.00
C PRO K 14 97.23 5.49 -18.68
N ASP K 15 96.18 6.30 -18.78
CA ASP K 15 95.52 6.86 -17.61
C ASP K 15 94.68 5.80 -16.91
N LYS K 16 94.45 6.01 -15.61
CA LYS K 16 93.60 5.14 -14.81
C LYS K 16 92.21 5.77 -14.71
N ASN K 17 91.24 5.13 -15.34
CA ASN K 17 89.86 5.61 -15.36
C ASN K 17 89.09 4.86 -14.28
N TYR K 18 88.90 5.50 -13.13
CA TYR K 18 88.20 4.88 -12.02
C TYR K 18 86.70 5.05 -12.15
N VAL K 19 85.96 3.99 -11.81
CA VAL K 19 84.50 4.00 -11.89
C VAL K 19 83.94 3.49 -10.57
N GLN K 20 82.67 3.81 -10.35
CA GLN K 20 81.99 3.52 -9.10
C GLN K 20 80.65 2.84 -9.37
N ASP K 21 80.34 1.81 -8.58
CA ASP K 21 79.06 1.13 -8.63
C ASP K 21 78.46 1.08 -7.23
N LYS K 22 77.18 0.71 -7.17
CA LYS K 22 76.46 0.65 -5.90
C LYS K 22 75.56 -0.57 -5.90
N VAL K 23 75.43 -1.22 -4.74
CA VAL K 23 74.53 -2.37 -4.60
C VAL K 23 74.06 -2.45 -3.16
N CYS K 24 72.76 -2.71 -2.98
CA CYS K 24 72.14 -2.88 -1.67
C CYS K 24 71.37 -4.20 -1.69
N SER K 25 71.37 -4.89 -0.56
CA SER K 25 70.69 -6.17 -0.46
C SER K 25 70.35 -6.48 0.99
N PRO K 26 69.21 -7.11 1.26
CA PRO K 26 68.93 -7.61 2.60
C PRO K 26 69.56 -8.98 2.81
N TRP K 27 69.82 -9.28 4.08
CA TRP K 27 70.44 -10.54 4.45
C TRP K 27 69.68 -11.17 5.61
N SER K 28 69.69 -12.50 5.63
CA SER K 28 69.03 -13.28 6.66
C SER K 28 69.83 -14.54 6.93
N GLY K 29 69.66 -15.07 8.13
CA GLY K 29 70.36 -16.30 8.52
C GLY K 29 69.74 -16.97 9.72
N THR K 30 69.48 -18.28 9.62
CA THR K 30 68.85 -19.04 10.69
C THR K 30 69.89 -19.95 11.32
N VAL K 31 70.17 -19.73 12.61
CA VAL K 31 71.12 -20.55 13.35
C VAL K 31 70.34 -21.56 14.20
N VAL K 32 70.71 -22.83 14.09
CA VAL K 32 70.08 -23.90 14.84
C VAL K 32 71.05 -24.55 15.83
N ALA K 33 72.17 -25.08 15.33
CA ALA K 33 73.14 -25.73 16.21
C ALA K 33 74.58 -25.33 15.85
N THR K 34 74.78 -24.72 14.69
CA THR K 34 76.10 -24.40 14.19
C THR K 34 76.21 -22.91 13.86
N ALA K 35 77.41 -22.37 14.06
CA ALA K 35 77.68 -20.97 13.74
C ALA K 35 77.62 -20.76 12.23
N ILE K 36 77.30 -19.53 11.83
CA ILE K 36 77.15 -19.18 10.43
C ILE K 36 78.12 -18.05 10.09
N THR K 37 78.62 -18.08 8.86
CA THR K 37 79.64 -17.15 8.38
C THR K 37 79.09 -16.50 7.11
N ASN K 38 77.90 -15.90 7.25
CA ASN K 38 77.14 -15.39 6.11
C ASN K 38 77.89 -14.30 5.37
N VAL K 39 78.30 -14.57 4.14
CA VAL K 39 79.03 -13.61 3.33
C VAL K 39 78.04 -12.69 2.63
N LEU K 40 78.24 -11.38 2.75
CA LEU K 40 77.35 -10.40 2.14
C LEU K 40 77.87 -9.84 0.82
N TYR K 41 79.19 -9.82 0.63
CA TYR K 41 79.78 -9.22 -0.56
C TYR K 41 81.13 -9.87 -0.81
N ASN K 42 81.47 -10.04 -2.08
CA ASN K 42 82.77 -10.62 -2.45
C ASN K 42 83.17 -10.11 -3.83
N ASN K 43 84.47 -10.15 -4.10
CA ASN K 43 84.99 -9.66 -5.36
C ASN K 43 86.34 -10.32 -5.63
N ASN K 44 86.79 -10.22 -6.89
CA ASN K 44 88.08 -10.75 -7.30
C ASN K 44 89.01 -9.66 -7.83
N ILE K 45 88.75 -8.41 -7.44
CA ILE K 45 89.50 -7.26 -7.94
C ILE K 45 90.12 -6.50 -6.77
N ASN K 46 90.56 -7.26 -5.75
CA ASN K 46 91.01 -6.68 -4.49
C ASN K 46 92.08 -5.61 -4.70
N GLN K 47 92.94 -5.78 -5.69
CA GLN K 47 93.94 -4.77 -5.99
C GLN K 47 93.27 -3.51 -6.50
N ASN K 48 93.55 -2.38 -5.86
CA ASN K 48 92.95 -1.09 -6.19
C ASN K 48 91.43 -1.15 -6.12
N MET K 49 90.88 -1.51 -4.98
CA MET K 49 89.44 -1.47 -4.75
C MET K 49 89.15 -0.76 -3.43
N ILE K 50 88.17 0.14 -3.42
CA ILE K 50 87.73 0.77 -2.19
C ILE K 50 86.21 0.69 -2.11
N GLY K 51 85.69 0.40 -0.92
CA GLY K 51 84.26 0.30 -0.72
C GLY K 51 83.78 1.03 0.51
N THR K 52 82.75 1.85 0.34
CA THR K 52 82.14 2.60 1.43
C THR K 52 80.69 2.17 1.57
N GLY K 53 80.24 1.95 2.80
CA GLY K 53 78.85 1.55 2.97
C GLY K 53 78.48 1.32 4.42
N PHE K 54 77.41 0.56 4.61
CA PHE K 54 76.94 0.26 5.95
C PHE K 54 76.32 -1.13 6.00
N VAL K 55 76.27 -1.67 7.22
CA VAL K 55 75.58 -2.92 7.54
C VAL K 55 74.61 -2.61 8.67
N ARG K 56 73.34 -2.95 8.46
CA ARG K 56 72.27 -2.69 9.42
C ARG K 56 71.80 -4.00 10.03
N TYR K 57 71.84 -4.09 11.35
CA TYR K 57 71.34 -5.23 12.11
C TYR K 57 69.98 -4.84 12.69
N ASP K 58 68.91 -5.46 12.17
CA ASP K 58 67.56 -5.07 12.54
C ASP K 58 66.99 -5.93 13.66
N VAL K 59 66.88 -7.24 13.43
CA VAL K 59 66.30 -8.16 14.41
C VAL K 59 67.21 -9.38 14.54
N GLY K 60 67.32 -9.88 15.77
CA GLY K 60 68.13 -11.03 16.03
C GLY K 60 68.22 -11.37 17.51
N PRO K 61 68.39 -12.66 17.83
CA PRO K 61 68.46 -13.06 19.25
C PRO K 61 69.63 -12.48 20.00
N ALA K 62 70.77 -12.26 19.34
CA ALA K 62 72.00 -11.95 20.07
C ALA K 62 72.92 -11.07 19.25
N PRO K 63 73.97 -10.50 19.85
CA PRO K 63 74.96 -9.74 19.08
C PRO K 63 75.62 -10.59 18.01
N ILE K 64 75.97 -9.95 16.89
CA ILE K 64 76.64 -10.59 15.78
C ILE K 64 77.97 -9.90 15.55
N THR K 65 78.82 -10.50 14.72
CA THR K 65 80.11 -9.94 14.41
C THR K 65 80.17 -9.60 12.92
N LEU K 66 80.76 -8.46 12.58
CA LEU K 66 81.00 -8.07 11.20
C LEU K 66 82.49 -8.07 10.94
N THR K 67 82.91 -8.88 9.96
CA THR K 67 84.33 -9.05 9.66
C THR K 67 84.60 -8.78 8.19
N VAL K 68 85.80 -8.27 7.91
CA VAL K 68 86.25 -8.01 6.56
C VAL K 68 87.55 -8.76 6.32
N LEU K 69 87.61 -9.49 5.21
CA LEU K 69 88.72 -10.37 4.92
C LEU K 69 89.34 -10.05 3.57
N ASP K 70 90.65 -10.27 3.48
CA ASP K 70 91.40 -10.12 2.24
C ASP K 70 91.59 -11.48 1.58
N ALA K 71 92.29 -11.46 0.45
CA ALA K 71 92.42 -12.67 -0.37
C ALA K 71 93.14 -13.79 0.36
N ALA K 72 93.97 -13.46 1.35
CA ALA K 72 94.70 -14.47 2.09
C ALA K 72 93.87 -15.08 3.21
N GLY K 73 92.64 -14.62 3.38
CA GLY K 73 91.77 -15.13 4.43
C GLY K 73 91.94 -14.47 5.78
N ALA K 74 92.88 -13.54 5.92
CA ALA K 74 93.11 -12.84 7.17
C ALA K 74 92.02 -11.81 7.41
N THR K 75 91.93 -11.35 8.66
CA THR K 75 90.93 -10.38 9.05
C THR K 75 91.52 -8.97 9.02
N ILE K 76 90.87 -8.08 8.29
CA ILE K 76 91.27 -6.68 8.25
C ILE K 76 90.62 -5.89 9.37
N ASP K 77 89.32 -6.06 9.56
CA ASP K 77 88.59 -5.35 10.60
C ASP K 77 87.46 -6.23 11.11
N THR K 78 87.22 -6.16 12.42
CA THR K 78 86.14 -6.89 13.06
C THR K 78 85.43 -5.98 14.04
N GLN K 79 84.10 -5.99 14.00
CA GLN K 79 83.27 -5.18 14.87
C GLN K 79 82.12 -6.02 15.40
N THR K 80 81.47 -5.52 16.46
CA THR K 80 80.37 -6.21 17.09
C THR K 80 79.11 -5.35 16.99
N LEU K 81 77.99 -6.00 16.69
CA LEU K 81 76.72 -5.30 16.50
C LEU K 81 75.65 -5.92 17.38
N ASN K 82 74.77 -5.08 17.91
CA ASN K 82 73.59 -5.46 18.67
C ASN K 82 72.34 -5.18 17.85
N PRO K 83 71.24 -5.90 18.10
CA PRO K 83 70.05 -5.74 17.26
C PRO K 83 69.54 -4.31 17.25
N GLY K 84 69.15 -3.84 16.07
CA GLY K 84 68.57 -2.53 15.90
C GLY K 84 69.55 -1.39 15.64
N THR K 85 70.77 -1.69 15.23
CA THR K 85 71.79 -0.66 15.03
C THR K 85 72.37 -0.77 13.63
N SER K 86 73.35 0.09 13.35
CA SER K 86 74.01 0.14 12.05
C SER K 86 75.49 0.42 12.25
N ILE K 87 76.30 0.02 11.28
CA ILE K 87 77.74 0.32 11.29
C ILE K 87 78.15 0.76 9.90
N ALA K 88 78.85 1.90 9.83
CA ALA K 88 79.37 2.43 8.58
C ALA K 88 80.86 2.12 8.47
N PHE K 89 81.32 1.99 7.22
CA PHE K 89 82.70 1.57 7.00
C PHE K 89 83.20 2.11 5.66
N THR K 90 84.53 2.19 5.55
CA THR K 90 85.22 2.51 4.30
C THR K 90 86.51 1.69 4.30
N TYR K 91 86.61 0.74 3.38
CA TYR K 91 87.69 -0.24 3.39
C TYR K 91 88.38 -0.27 2.03
N ARG K 92 89.65 -0.67 2.03
CA ARG K 92 90.42 -0.85 0.80
C ARG K 92 91.15 -2.17 0.84
N ARG K 93 91.36 -2.75 -0.35
CA ARG K 93 92.10 -4.00 -0.53
C ARG K 93 91.53 -5.11 0.35
N PHE K 94 90.26 -5.43 0.09
CA PHE K 94 89.56 -6.49 0.79
C PHE K 94 88.91 -7.41 -0.22
N VAL K 95 88.76 -8.68 0.17
CA VAL K 95 88.15 -9.68 -0.72
C VAL K 95 86.69 -9.94 -0.37
N THR K 96 86.29 -9.79 0.90
CA THR K 96 84.93 -10.11 1.26
C THR K 96 84.54 -9.42 2.55
N ILE K 97 83.23 -9.26 2.74
CA ILE K 97 82.62 -8.77 3.97
C ILE K 97 81.60 -9.80 4.41
N GLU K 98 81.60 -10.14 5.69
CA GLU K 98 80.73 -11.20 6.17
C GLU K 98 80.28 -10.91 7.59
N VAL K 99 79.20 -11.59 7.99
CA VAL K 99 78.67 -11.53 9.35
C VAL K 99 78.77 -12.92 9.96
N THR K 100 79.38 -12.99 11.13
CA THR K 100 79.49 -14.22 11.90
C THR K 100 78.38 -14.23 12.95
N LEU K 101 77.56 -15.27 12.91
CA LEU K 101 76.44 -15.56 13.79
C LEU K 101 76.80 -16.73 14.70
N PRO K 102 76.85 -16.50 16.02
CA PRO K 102 77.25 -17.58 16.94
C PRO K 102 76.20 -18.67 17.03
N ALA K 103 76.66 -19.86 17.41
CA ALA K 103 75.78 -21.01 17.56
C ALA K 103 75.12 -21.06 18.93
N ALA K 104 75.42 -20.09 19.80
CA ALA K 104 74.88 -20.07 21.16
C ALA K 104 73.35 -20.00 21.16
N THR K 105 72.80 -18.93 20.60
CA THR K 105 71.35 -18.76 20.59
C THR K 105 70.78 -19.09 19.21
N ALA K 106 69.85 -20.02 19.18
CA ALA K 106 69.19 -20.40 17.93
C ALA K 106 68.10 -19.39 17.59
N GLY K 107 68.04 -19.01 16.33
CA GLY K 107 67.05 -18.06 15.87
C GLY K 107 67.43 -17.45 14.55
N THR K 108 66.63 -16.49 14.12
CA THR K 108 66.78 -15.84 12.82
C THR K 108 67.34 -14.44 13.00
N TYR K 109 68.40 -14.14 12.24
CA TYR K 109 69.00 -12.82 12.19
C TYR K 109 68.69 -12.20 10.83
N GLN K 110 68.24 -10.95 10.84
CA GLN K 110 67.88 -10.25 9.62
C GLN K 110 68.45 -8.85 9.63
N GLY K 111 68.77 -8.36 8.44
CA GLY K 111 69.33 -7.02 8.33
C GLY K 111 69.49 -6.60 6.89
N GLU K 112 70.21 -5.49 6.70
CA GLU K 112 70.41 -4.92 5.37
C GLU K 112 71.89 -4.59 5.17
N PHE K 113 72.27 -4.38 3.92
CA PHE K 113 73.66 -4.09 3.59
C PHE K 113 73.71 -3.21 2.36
N CYS K 114 74.44 -2.09 2.44
CA CYS K 114 74.64 -1.20 1.31
C CYS K 114 76.12 -0.99 1.11
N ILE K 115 76.57 -1.02 -0.15
CA ILE K 115 77.96 -0.72 -0.46
C ILE K 115 78.02 0.02 -1.78
N THR K 116 79.01 0.91 -1.89
CA THR K 116 79.38 1.54 -3.15
C THR K 116 80.88 1.40 -3.30
N THR K 117 81.32 0.91 -4.44
CA THR K 117 82.70 0.50 -4.67
C THR K 117 83.30 1.25 -5.84
N ARG K 118 84.54 1.69 -5.67
CA ARG K 118 85.33 2.33 -6.71
C ARG K 118 86.51 1.43 -7.07
N TYR K 119 86.75 1.31 -8.38
CA TYR K 119 87.79 0.44 -8.92
C TYR K 119 88.18 0.95 -10.29
N PRO K 120 89.39 0.64 -10.77
CA PRO K 120 89.81 1.10 -12.09
C PRO K 120 89.20 0.25 -13.19
N LEU K 121 88.67 0.91 -14.22
CA LEU K 121 88.07 0.24 -15.38
C LEU K 121 89.09 0.14 -16.51
N SER K 122 90.34 -0.11 -16.15
CA SER K 122 91.44 -0.01 -17.09
C SER K 122 91.69 -1.34 -17.76
N ALA L 9 -38.81 -22.55 0.63
CA ALA L 9 -38.81 -23.58 -0.40
C ALA L 9 -37.53 -24.42 -0.32
N LEU L 10 -36.87 -24.37 0.83
CA LEU L 10 -35.60 -25.07 1.00
C LEU L 10 -35.75 -26.49 1.51
N THR L 11 -36.94 -26.89 1.94
CA THR L 11 -37.11 -28.16 2.63
C THR L 11 -38.22 -28.98 2.00
N CYS L 12 -38.03 -30.30 1.94
CA CYS L 12 -39.10 -31.26 1.69
C CYS L 12 -39.58 -31.87 3.00
N CYS L 13 -39.60 -31.06 4.06
CA CYS L 13 -40.08 -31.46 5.38
C CYS L 13 -41.51 -30.96 5.56
N PRO L 14 -42.52 -31.78 5.27
CA PRO L 14 -43.90 -31.32 5.41
C PRO L 14 -44.30 -31.19 6.88
N ASP L 15 -45.29 -30.34 7.12
CA ASP L 15 -45.82 -30.11 8.45
C ASP L 15 -46.68 -31.30 8.88
N LYS L 16 -46.80 -31.47 10.19
CA LYS L 16 -47.66 -32.49 10.78
C LYS L 16 -48.98 -31.85 11.19
N ASN L 17 -50.04 -32.21 10.49
CA ASN L 17 -51.38 -31.68 10.73
C ASN L 17 -52.13 -32.69 11.61
N TYR L 18 -52.19 -32.41 12.90
CA TYR L 18 -52.84 -33.29 13.85
C TYR L 18 -54.33 -33.01 13.91
N VAL L 19 -55.14 -34.08 13.99
CA VAL L 19 -56.58 -33.97 14.06
C VAL L 19 -57.09 -34.82 15.21
N GLN L 20 -58.32 -34.53 15.64
CA GLN L 20 -58.94 -35.14 16.80
C GLN L 20 -60.33 -35.63 16.45
N ASP L 21 -60.65 -36.83 16.94
CA ASP L 21 -61.99 -37.41 16.80
C ASP L 21 -62.49 -37.84 18.18
N LYS L 22 -63.79 -38.14 18.25
CA LYS L 22 -64.42 -38.55 19.49
C LYS L 22 -65.41 -39.66 19.21
N VAL L 23 -65.51 -40.62 20.13
CA VAL L 23 -66.48 -41.70 20.02
C VAL L 23 -66.85 -42.20 21.41
N CYS L 24 -68.15 -42.42 21.62
CA CYS L 24 -68.69 -42.95 22.87
C CYS L 24 -69.56 -44.16 22.54
N SER L 25 -69.53 -45.16 23.42
CA SER L 25 -70.29 -46.37 23.19
C SER L 25 -70.54 -47.09 24.51
N PRO L 26 -71.71 -47.70 24.68
CA PRO L 26 -71.94 -48.57 25.84
C PRO L 26 -71.40 -49.97 25.58
N TRP L 27 -71.08 -50.65 26.67
CA TRP L 27 -70.52 -51.99 26.59
C TRP L 27 -71.24 -52.90 27.58
N SER L 28 -71.35 -54.17 27.20
CA SER L 28 -71.99 -55.19 28.03
C SER L 28 -71.27 -56.51 27.83
N GLY L 29 -71.39 -57.37 28.84
CA GLY L 29 -70.77 -58.69 28.77
C GLY L 29 -71.35 -59.66 29.77
N THR L 30 -71.70 -60.86 29.33
CA THR L 30 -72.31 -61.88 30.18
C THR L 30 -71.31 -63.00 30.42
N VAL L 31 -70.92 -63.18 31.67
CA VAL L 31 -70.00 -64.24 32.05
C VAL L 31 -70.78 -65.40 32.63
N VAL L 32 -70.52 -66.60 32.12
CA VAL L 32 -71.18 -67.82 32.57
C VAL L 32 -70.19 -68.78 33.23
N ALA L 33 -69.15 -69.19 32.51
CA ALA L 33 -68.17 -70.12 33.06
C ALA L 33 -66.74 -69.71 32.71
N THR L 34 -66.59 -68.80 31.76
CA THR L 34 -65.27 -68.41 31.26
C THR L 34 -65.07 -66.90 31.37
N ALA L 35 -63.83 -66.51 31.62
CA ALA L 35 -63.47 -65.10 31.69
C ALA L 35 -63.62 -64.43 30.33
N ILE L 36 -63.87 -63.13 30.35
CA ILE L 36 -64.10 -62.36 29.12
C ILE L 36 -63.06 -61.24 29.05
N THR L 37 -62.66 -60.91 27.82
CA THR L 37 -61.61 -59.95 27.54
C THR L 37 -62.20 -58.92 26.58
N ASN L 38 -63.32 -58.33 26.99
CA ASN L 38 -64.12 -57.47 26.13
C ASN L 38 -63.34 -56.24 25.69
N VAL L 39 -63.04 -56.15 24.40
CA VAL L 39 -62.30 -55.02 23.84
C VAL L 39 -63.26 -53.89 23.54
N LEU L 40 -62.96 -52.69 24.02
CA LEU L 40 -63.81 -51.52 23.81
C LEU L 40 -63.35 -50.64 22.67
N TYR L 41 -62.04 -50.61 22.38
CA TYR L 41 -61.50 -49.73 21.37
C TYR L 41 -60.22 -50.34 20.81
N ASN L 42 -59.97 -50.14 19.52
CA ASN L 42 -58.77 -50.64 18.88
C ASN L 42 -58.44 -49.76 17.69
N ASN L 43 -57.16 -49.79 17.30
CA ASN L 43 -56.68 -48.97 16.19
C ASN L 43 -55.41 -49.59 15.62
N ASN L 44 -55.04 -49.14 14.41
CA ASN L 44 -53.83 -49.59 13.75
C ASN L 44 -52.87 -48.44 13.48
N ILE L 45 -53.00 -47.34 14.24
CA ILE L 45 -52.21 -46.14 14.03
C ILE L 45 -51.44 -45.81 15.32
N ASN L 46 -50.99 -46.86 16.02
CA ASN L 46 -50.41 -46.70 17.36
C ASN L 46 -49.27 -45.69 17.38
N GLN L 47 -48.52 -45.60 16.29
CA GLN L 47 -47.45 -44.60 16.22
C GLN L 47 -48.06 -43.20 16.17
N ASN L 48 -47.65 -42.34 17.10
CA ASN L 48 -48.17 -40.98 17.21
C ASN L 48 -49.69 -40.97 17.39
N MET L 49 -50.18 -41.63 18.43
CA MET L 49 -51.59 -41.59 18.78
C MET L 49 -51.73 -41.29 20.27
N ILE L 50 -52.64 -40.39 20.62
CA ILE L 50 -52.94 -40.14 22.03
C ILE L 50 -54.45 -40.15 22.22
N GLY L 51 -54.90 -40.75 23.31
CA GLY L 51 -56.31 -40.84 23.60
C GLY L 51 -56.65 -40.48 25.04
N THR L 52 -57.62 -39.60 25.22
CA THR L 52 -58.09 -39.19 26.53
C THR L 52 -59.56 -39.56 26.67
N GLY L 53 -59.94 -40.11 27.82
CA GLY L 53 -61.33 -40.47 27.98
C GLY L 53 -61.61 -41.11 29.32
N PHE L 54 -62.73 -41.84 29.38
CA PHE L 54 -63.12 -42.50 30.61
C PHE L 54 -63.85 -43.81 30.31
N VAL L 55 -63.84 -44.68 31.31
CA VAL L 55 -64.60 -45.92 31.31
C VAL L 55 -65.48 -45.92 32.56
N ARG L 56 -66.78 -46.12 32.37
CA ARG L 56 -67.74 -46.10 33.47
C ARG L 56 -68.27 -47.51 33.70
N TYR L 57 -68.14 -47.99 34.93
CA TYR L 57 -68.68 -49.28 35.36
C TYR L 57 -69.95 -49.01 36.16
N ASP L 58 -71.10 -49.39 35.58
CA ASP L 58 -72.40 -49.05 36.16
C ASP L 58 -72.95 -50.18 37.02
N VAL L 59 -73.17 -51.36 36.43
CA VAL L 59 -73.75 -52.50 37.14
C VAL L 59 -72.94 -53.74 36.83
N GLY L 60 -72.78 -54.59 37.84
CA GLY L 60 -72.04 -55.82 37.68
C GLY L 60 -71.87 -56.58 38.98
N PRO L 61 -71.79 -57.91 38.88
CA PRO L 61 -71.65 -58.72 40.10
C PRO L 61 -70.37 -58.46 40.89
N ALA L 62 -69.27 -58.12 40.22
CA ALA L 62 -67.97 -58.10 40.89
C ALA L 62 -67.04 -57.07 40.29
N PRO L 63 -65.91 -56.76 40.94
CA PRO L 63 -64.93 -55.85 40.33
C PRO L 63 -64.41 -56.38 39.00
N ILE L 64 -64.10 -55.45 38.10
CA ILE L 64 -63.57 -55.77 36.79
C ILE L 64 -62.19 -55.11 36.65
N THR L 65 -61.47 -55.48 35.61
CA THR L 65 -60.15 -54.91 35.35
C THR L 65 -60.17 -54.14 34.03
N LEU L 66 -59.53 -52.99 34.01
CA LEU L 66 -59.36 -52.22 32.79
C LEU L 66 -57.89 -52.22 32.39
N THR L 67 -57.60 -52.71 31.18
CA THR L 67 -56.23 -52.87 30.73
C THR L 67 -56.05 -52.18 29.39
N VAL L 68 -54.83 -51.68 29.17
CA VAL L 68 -54.46 -51.03 27.91
C VAL L 68 -53.24 -51.74 27.33
N LEU L 69 -53.31 -52.11 26.06
CA LEU L 69 -52.30 -52.93 25.43
C LEU L 69 -51.76 -52.25 24.19
N ASP L 70 -50.48 -52.50 23.91
CA ASP L 70 -49.82 -52.03 22.71
C ASP L 70 -49.77 -53.13 21.66
N ALA L 71 -49.16 -52.82 20.52
CA ALA L 71 -49.19 -53.72 19.37
C ALA L 71 -48.50 -55.05 19.67
N ALA L 72 -47.58 -55.08 20.63
CA ALA L 72 -46.87 -56.30 20.98
C ALA L 72 -47.66 -57.17 21.94
N GLY L 73 -48.85 -56.72 22.36
CA GLY L 73 -49.67 -57.47 23.29
C GLY L 73 -49.36 -57.25 24.75
N ALA L 74 -48.33 -56.46 25.06
CA ALA L 74 -47.97 -56.19 26.44
C ALA L 74 -48.95 -55.22 27.08
N THR L 75 -48.91 -55.16 28.41
CA THR L 75 -49.81 -54.29 29.15
C THR L 75 -49.11 -52.98 29.49
N ILE L 76 -49.75 -51.87 29.12
CA ILE L 76 -49.24 -50.55 29.45
C ILE L 76 -49.75 -50.10 30.81
N ASP L 77 -51.05 -50.25 31.05
CA ASP L 77 -51.63 -49.84 32.32
C ASP L 77 -52.79 -50.78 32.64
N THR L 78 -52.93 -51.09 33.93
CA THR L 78 -54.01 -51.93 34.43
C THR L 78 -54.58 -51.31 35.70
N GLN L 79 -55.90 -51.25 35.77
CA GLN L 79 -56.62 -50.68 36.92
C GLN L 79 -57.78 -51.58 37.29
N THR L 80 -58.30 -51.39 38.49
CA THR L 80 -59.42 -52.18 38.99
C THR L 80 -60.60 -51.27 39.27
N LEU L 81 -61.80 -51.73 38.89
CA LEU L 81 -63.02 -50.95 39.03
C LEU L 81 -64.08 -51.75 39.77
N ASN L 82 -64.84 -51.05 40.61
CA ASN L 82 -65.99 -51.58 41.33
C ASN L 82 -67.28 -51.01 40.75
N PRO L 83 -68.40 -51.71 40.87
CA PRO L 83 -69.63 -51.25 40.22
C PRO L 83 -70.04 -49.85 40.69
N GLY L 84 -70.47 -49.03 39.74
CA GLY L 84 -70.95 -47.69 40.03
C GLY L 84 -69.91 -46.60 40.01
N THR L 85 -68.74 -46.82 39.42
CA THR L 85 -67.67 -45.83 39.44
C THR L 85 -67.19 -45.54 38.02
N SER L 86 -66.18 -44.68 37.92
CA SER L 86 -65.62 -44.28 36.64
C SER L 86 -64.10 -44.16 36.79
N ILE L 87 -63.40 -44.29 35.67
CA ILE L 87 -61.95 -44.09 35.63
C ILE L 87 -61.60 -43.26 34.41
N ALA L 88 -60.82 -42.20 34.61
CA ALA L 88 -60.35 -41.35 33.53
C ALA L 88 -58.90 -41.68 33.19
N PHE L 89 -58.54 -41.46 31.94
CA PHE L 89 -57.22 -41.86 31.47
C PHE L 89 -56.77 -40.97 30.31
N THR L 90 -55.46 -40.93 30.12
CA THR L 90 -54.83 -40.30 28.95
C THR L 90 -53.62 -41.14 28.59
N TYR L 91 -53.66 -41.78 27.42
CA TYR L 91 -52.65 -42.76 27.05
C TYR L 91 -52.06 -42.42 25.68
N ARG L 92 -50.83 -42.87 25.45
CA ARG L 92 -50.18 -42.71 24.16
C ARG L 92 -49.54 -44.03 23.73
N ARG L 93 -49.46 -44.22 22.42
CA ARG L 93 -48.84 -45.40 21.81
C ARG L 93 -49.43 -46.70 22.37
N PHE L 94 -50.73 -46.85 22.15
CA PHE L 94 -51.47 -48.04 22.58
C PHE L 94 -52.26 -48.58 21.39
N VAL L 95 -52.47 -49.89 21.39
CA VAL L 95 -53.22 -50.55 20.32
C VAL L 95 -54.67 -50.82 20.71
N THR L 96 -54.96 -51.04 21.99
CA THR L 96 -56.32 -51.39 22.36
C THR L 96 -56.56 -51.10 23.83
N ILE L 97 -57.83 -50.93 24.17
CA ILE L 97 -58.30 -50.80 25.55
C ILE L 97 -59.38 -51.87 25.75
N GLU L 98 -59.31 -52.57 26.87
CA GLU L 98 -60.22 -53.69 27.09
C GLU L 98 -60.55 -53.81 28.58
N VAL L 99 -61.65 -54.51 28.86
CA VAL L 99 -62.07 -54.83 30.21
C VAL L 99 -62.04 -56.35 30.37
N THR L 100 -61.35 -56.80 31.41
CA THR L 100 -61.28 -58.21 31.78
C THR L 100 -62.31 -58.47 32.87
N LEU L 101 -63.21 -59.41 32.60
CA LEU L 101 -64.28 -59.89 33.46
C LEU L 101 -63.95 -61.29 33.95
N PRO L 102 -63.79 -61.48 35.26
CA PRO L 102 -63.41 -62.79 35.79
C PRO L 102 -64.53 -63.81 35.65
N ALA L 103 -64.14 -65.08 35.60
CA ALA L 103 -65.09 -66.18 35.51
C ALA L 103 -65.64 -66.60 36.85
N ALA L 104 -65.23 -65.95 37.94
CA ALA L 104 -65.66 -66.31 39.28
C ALA L 104 -67.17 -66.16 39.44
N THR L 105 -67.67 -64.94 39.27
CA THR L 105 -69.10 -64.71 39.44
C THR L 105 -69.78 -64.58 38.08
N ALA L 106 -70.81 -65.41 37.86
CA ALA L 106 -71.57 -65.36 36.63
C ALA L 106 -72.60 -64.25 36.70
N GLY L 107 -72.72 -63.50 35.62
CA GLY L 107 -73.66 -62.40 35.56
C GLY L 107 -73.34 -61.45 34.43
N THR L 108 -74.08 -60.36 34.40
CA THR L 108 -73.97 -59.36 33.33
C THR L 108 -73.31 -58.10 33.85
N TYR L 109 -72.27 -57.65 33.13
CA TYR L 109 -71.58 -56.40 33.41
C TYR L 109 -71.94 -55.39 32.34
N GLN L 110 -72.28 -54.18 32.76
CA GLN L 110 -72.70 -53.13 31.83
C GLN L 110 -72.00 -51.83 32.19
N GLY L 111 -71.74 -51.02 31.18
CA GLY L 111 -71.09 -49.75 31.42
C GLY L 111 -71.00 -48.93 30.16
N GLU L 112 -70.21 -47.85 30.23
CA GLU L 112 -70.06 -46.91 29.13
C GLU L 112 -68.58 -46.62 28.90
N PHE L 113 -68.27 -46.06 27.74
CA PHE L 113 -66.90 -45.76 27.38
C PHE L 113 -66.86 -44.54 26.46
N CYS L 114 -66.04 -43.55 26.81
CA CYS L 114 -65.86 -42.37 25.98
C CYS L 114 -64.38 -42.20 25.71
N ILE L 115 -64.03 -41.87 24.46
CA ILE L 115 -62.64 -41.56 24.13
C ILE L 115 -62.62 -40.46 23.08
N THR L 116 -61.58 -39.63 23.15
CA THR L 116 -61.25 -38.67 22.11
C THR L 116 -59.77 -38.85 21.79
N THR L 117 -59.46 -39.00 20.51
CA THR L 117 -58.13 -39.39 20.06
C THR L 117 -57.56 -38.35 19.10
N ARG L 118 -56.28 -38.04 19.30
CA ARG L 118 -55.52 -37.17 18.41
C ARG L 118 -54.45 -37.97 17.69
N TYR L 119 -54.31 -37.71 16.40
CA TYR L 119 -53.38 -38.43 15.54
C TYR L 119 -53.05 -37.55 14.34
N PRO L 120 -51.91 -37.77 13.69
CA PRO L 120 -51.55 -36.96 12.52
C PRO L 120 -52.30 -37.41 11.27
N LEU L 121 -52.85 -36.44 10.54
CA LEU L 121 -53.58 -36.70 9.30
C LEU L 121 -52.66 -36.51 8.10
N SER L 122 -51.46 -37.06 8.23
CA SER L 122 -50.39 -36.81 7.28
C SER L 122 -50.21 -37.99 6.31
N ALA M 9 -33.59 -23.72 7.72
CA ALA M 9 -33.34 -25.11 7.34
C ALA M 9 -32.04 -25.61 7.95
N LEU M 10 -31.57 -24.92 8.99
CA LEU M 10 -30.30 -25.25 9.61
C LEU M 10 -30.41 -26.26 10.74
N THR M 11 -31.62 -26.57 11.19
CA THR M 11 -31.79 -27.38 12.40
C THR M 11 -32.74 -28.54 12.15
N CYS M 12 -32.43 -29.68 12.77
CA CYS M 12 -33.38 -30.78 12.92
C CYS M 12 -34.01 -30.75 14.31
N CYS M 13 -34.26 -29.54 14.83
CA CYS M 13 -34.91 -29.32 16.11
C CYS M 13 -36.38 -29.02 15.87
N PRO M 14 -37.27 -30.01 15.94
CA PRO M 14 -38.69 -29.75 15.69
C PRO M 14 -39.32 -28.98 16.85
N ASP M 15 -40.39 -28.27 16.52
CA ASP M 15 -41.15 -27.52 17.51
C ASP M 15 -41.97 -28.46 18.39
N LYS M 16 -42.29 -27.99 19.59
CA LYS M 16 -43.14 -28.71 20.53
C LYS M 16 -44.56 -28.16 20.42
N ASN M 17 -45.46 -28.97 19.89
CA ASN M 17 -46.86 -28.58 19.71
C ASN M 17 -47.66 -29.14 20.89
N TYR M 18 -47.94 -28.28 21.87
CA TYR M 18 -48.66 -28.69 23.06
C TYR M 18 -50.17 -28.63 22.82
N VAL M 19 -50.89 -29.63 23.33
CA VAL M 19 -52.34 -29.71 23.20
C VAL M 19 -52.94 -29.97 24.56
N GLN M 20 -54.24 -29.69 24.66
CA GLN M 20 -54.99 -29.75 25.91
C GLN M 20 -56.27 -30.55 25.71
N ASP M 21 -56.58 -31.40 26.69
CA ASP M 21 -57.82 -32.15 26.73
C ASP M 21 -58.50 -31.94 28.07
N LYS M 22 -59.76 -32.35 28.16
CA LYS M 22 -60.55 -32.19 29.37
C LYS M 22 -61.39 -33.44 29.59
N VAL M 23 -61.56 -33.83 30.85
CA VAL M 23 -62.42 -34.96 31.19
C VAL M 23 -62.96 -34.77 32.60
N CYS M 24 -64.26 -35.06 32.76
CA CYS M 24 -64.94 -35.00 34.04
C CYS M 24 -65.65 -36.32 34.28
N SER M 25 -65.69 -36.76 35.53
CA SER M 25 -66.31 -38.03 35.86
C SER M 25 -66.71 -38.05 37.34
N PRO M 26 -67.84 -38.66 37.67
CA PRO M 26 -68.18 -38.89 39.07
C PRO M 26 -67.50 -40.14 39.60
N TRP M 27 -67.30 -40.16 40.92
CA TRP M 27 -66.64 -41.28 41.57
C TRP M 27 -67.44 -41.70 42.80
N SER M 28 -67.37 -42.99 43.10
CA SER M 28 -68.07 -43.57 44.25
C SER M 28 -67.22 -44.70 44.81
N GLY M 29 -67.43 -44.98 46.09
CA GLY M 29 -66.71 -46.05 46.75
C GLY M 29 -67.36 -46.50 48.05
N THR M 30 -67.56 -47.80 48.22
CA THR M 30 -68.21 -48.35 49.39
C THR M 30 -67.17 -49.06 50.26
N VAL M 31 -66.97 -48.56 51.47
CA VAL M 31 -66.04 -49.16 52.41
C VAL M 31 -66.82 -50.00 53.41
N VAL M 32 -66.38 -51.24 53.60
CA VAL M 32 -67.01 -52.18 54.53
C VAL M 32 -66.06 -52.54 55.67
N ALA M 33 -64.90 -53.10 55.35
CA ALA M 33 -63.95 -53.49 56.38
C ALA M 33 -62.52 -53.10 56.03
N THR M 34 -62.28 -52.74 54.77
CA THR M 34 -60.94 -52.45 54.27
C THR M 34 -60.89 -51.07 53.65
N ALA M 35 -59.73 -50.43 53.79
CA ALA M 35 -59.50 -49.12 53.18
C ALA M 35 -59.48 -49.23 51.67
N ILE M 36 -59.82 -48.13 51.00
CA ILE M 36 -59.92 -48.08 49.54
C ILE M 36 -58.97 -47.01 49.03
N THR M 37 -58.40 -47.26 47.86
CA THR M 37 -57.39 -46.40 47.23
C THR M 37 -57.92 -46.06 45.83
N ASN M 38 -59.13 -45.52 45.78
CA ASN M 38 -59.85 -45.30 44.53
C ASN M 38 -59.10 -44.34 43.61
N VAL M 39 -58.61 -44.84 42.49
CA VAL M 39 -57.88 -44.03 41.52
C VAL M 39 -58.87 -43.34 40.60
N LEU M 40 -58.74 -42.02 40.45
CA LEU M 40 -59.63 -41.24 39.60
C LEU M 40 -59.06 -40.95 38.23
N TYR M 41 -57.74 -40.89 38.10
CA TYR M 41 -57.11 -40.53 36.84
C TYR M 41 -55.71 -41.14 36.79
N ASN M 42 -55.28 -41.55 35.60
CA ASN M 42 -53.96 -42.11 35.43
C ASN M 42 -53.50 -41.89 33.99
N ASN M 43 -52.18 -41.91 33.79
CA ASN M 43 -51.61 -41.66 32.48
C ASN M 43 -50.22 -42.29 32.42
N ASN M 44 -49.70 -42.42 31.20
CA ASN M 44 -48.36 -42.96 30.97
C ASN M 44 -47.46 -41.96 30.27
N ILE M 45 -47.80 -40.67 30.36
CA ILE M 45 -47.07 -39.61 29.67
C ILE M 45 -46.55 -38.59 30.68
N ASN M 46 -46.14 -39.10 31.85
CA ASN M 46 -45.79 -38.23 32.99
C ASN M 46 -44.75 -37.18 32.61
N GLN M 47 -43.84 -37.51 31.70
CA GLN M 47 -42.87 -36.52 31.25
C GLN M 47 -43.57 -35.43 30.46
N ASN M 48 -43.36 -34.18 30.86
CA ASN M 48 -44.01 -33.03 30.24
C ASN M 48 -45.52 -33.15 30.23
N MET M 49 -46.13 -33.29 31.42
CA MET M 49 -47.58 -33.30 31.55
C MET M 49 -47.97 -32.35 32.68
N ILE M 50 -48.99 -31.52 32.45
CA ILE M 50 -49.53 -30.67 33.49
C ILE M 50 -51.05 -30.82 33.52
N GLY M 51 -51.61 -30.87 34.72
CA GLY M 51 -53.05 -31.01 34.86
C GLY M 51 -53.63 -30.06 35.89
N THR M 52 -54.68 -29.35 35.50
CA THR M 52 -55.39 -28.44 36.39
C THR M 52 -56.82 -28.91 36.55
N GLY M 53 -57.33 -28.88 37.77
CA GLY M 53 -58.71 -29.32 37.96
C GLY M 53 -59.14 -29.27 39.40
N PHE M 54 -60.20 -30.03 39.71
CA PHE M 54 -60.73 -30.06 41.05
C PHE M 54 -61.29 -31.45 41.37
N VAL M 55 -61.37 -31.72 42.66
CA VAL M 55 -62.03 -32.90 43.21
C VAL M 55 -63.09 -32.42 44.19
N ARG M 56 -64.32 -32.87 44.01
CA ARG M 56 -65.45 -32.48 44.85
C ARG M 56 -65.90 -33.66 45.69
N TYR M 57 -65.93 -33.46 47.00
CA TYR M 57 -66.42 -34.45 47.96
C TYR M 57 -67.83 -34.01 48.38
N ASP M 58 -68.83 -34.79 47.96
CA ASP M 58 -70.23 -34.41 48.16
C ASP M 58 -70.83 -35.04 49.42
N VAL M 59 -70.86 -36.37 49.47
CA VAL M 59 -71.45 -37.10 50.59
C VAL M 59 -70.50 -38.20 51.03
N GLY M 60 -70.44 -38.43 52.33
CA GLY M 60 -69.59 -39.46 52.88
C GLY M 60 -69.58 -39.47 54.39
N PRO M 61 -69.38 -40.65 54.99
CA PRO M 61 -69.36 -40.75 56.45
C PRO M 61 -68.25 -39.96 57.12
N ALA M 62 -67.09 -39.82 56.49
CA ALA M 62 -65.93 -39.31 57.19
C ALA M 62 -64.99 -38.55 56.24
N PRO M 63 -64.01 -37.81 56.77
CA PRO M 63 -63.01 -37.18 55.89
C PRO M 63 -62.26 -38.21 55.06
N ILE M 64 -61.87 -37.79 53.85
CA ILE M 64 -61.11 -38.62 52.92
C ILE M 64 -59.79 -37.91 52.63
N THR M 65 -58.88 -38.63 51.98
CA THR M 65 -57.59 -38.07 51.61
C THR M 65 -57.47 -38.05 50.09
N LEU M 66 -56.91 -36.98 49.55
CA LEU M 66 -56.62 -36.87 48.13
C LEU M 66 -55.11 -36.84 47.94
N THR M 67 -54.59 -37.81 47.18
CA THR M 67 -53.16 -37.96 46.99
C THR M 67 -52.82 -37.99 45.52
N VAL M 68 -51.62 -37.49 45.19
CA VAL M 68 -51.11 -37.48 43.83
C VAL M 68 -49.77 -38.20 43.81
N LEU M 69 -49.62 -39.14 42.88
CA LEU M 69 -48.45 -40.00 42.85
C LEU M 69 -47.77 -39.93 41.49
N ASP M 70 -46.44 -40.09 41.50
CA ASP M 70 -45.64 -40.16 40.31
C ASP M 70 -45.34 -41.61 39.95
N ALA M 71 -44.59 -41.80 38.87
CA ALA M 71 -44.36 -43.15 38.34
C ALA M 71 -43.62 -44.05 39.32
N ALA M 72 -42.87 -43.48 40.25
CA ALA M 72 -42.13 -44.26 41.23
C ALA M 72 -43.00 -44.67 42.42
N GLY M 73 -44.26 -44.25 42.43
CA GLY M 73 -45.17 -44.57 43.51
C GLY M 73 -45.11 -43.63 44.70
N ALA M 74 -44.21 -42.66 44.68
CA ALA M 74 -44.09 -41.70 45.77
C ALA M 74 -45.24 -40.70 45.74
N THR M 75 -45.42 -40.00 46.85
CA THR M 75 -46.48 -39.02 46.98
C THR M 75 -45.95 -37.62 46.69
N ILE M 76 -46.60 -36.94 45.74
CA ILE M 76 -46.25 -35.56 45.43
C ILE M 76 -47.01 -34.58 46.33
N ASP M 77 -48.32 -34.79 46.49
CA ASP M 77 -49.13 -33.92 47.32
C ASP M 77 -50.24 -34.74 47.95
N THR M 78 -50.56 -34.40 49.20
CA THR M 78 -51.64 -35.05 49.93
C THR M 78 -52.44 -33.99 50.67
N GLN M 79 -53.77 -34.09 50.58
CA GLN M 79 -54.68 -33.15 51.20
C GLN M 79 -55.82 -33.93 51.85
N THR M 80 -56.55 -33.25 52.75
CA THR M 80 -57.66 -33.85 53.46
C THR M 80 -58.94 -33.11 53.12
N LEU M 81 -60.02 -33.86 52.90
CA LEU M 81 -61.30 -33.29 52.52
C LEU M 81 -62.40 -33.78 53.45
N ASN M 82 -63.34 -32.89 53.75
CA ASN M 82 -64.54 -33.17 54.52
C ASN M 82 -65.77 -33.14 53.61
N PRO M 83 -66.84 -33.85 53.95
CA PRO M 83 -67.99 -33.94 53.04
C PRO M 83 -68.56 -32.56 52.71
N GLY M 84 -68.90 -32.38 51.44
CA GLY M 84 -69.53 -31.16 50.97
C GLY M 84 -68.58 -30.07 50.52
N THR M 85 -67.33 -30.37 50.24
CA THR M 85 -66.35 -29.35 49.87
C THR M 85 -65.67 -29.71 48.55
N SER M 86 -64.73 -28.88 48.13
CA SER M 86 -63.99 -29.06 46.89
C SER M 86 -62.54 -28.66 47.11
N ILE M 87 -61.66 -29.21 46.27
CA ILE M 87 -60.25 -28.85 46.29
C ILE M 87 -59.77 -28.68 44.85
N ALA M 88 -59.12 -27.54 44.57
CA ALA M 88 -58.55 -27.26 43.27
C ALA M 88 -57.04 -27.49 43.29
N PHE M 89 -56.50 -27.86 42.12
CA PHE M 89 -55.10 -28.24 42.06
C PHE M 89 -54.56 -27.96 40.67
N THR M 90 -53.23 -27.83 40.61
CA THR M 90 -52.48 -27.76 39.35
C THR M 90 -51.16 -28.48 39.58
N TYR M 91 -50.96 -29.60 38.88
CA TYR M 91 -49.83 -30.48 39.15
C TYR M 91 -49.07 -30.76 37.87
N ARG M 92 -47.78 -31.08 38.01
CA ARG M 92 -46.95 -31.47 36.88
C ARG M 92 -46.15 -32.72 37.24
N ARG M 93 -45.85 -33.52 36.21
CA ARG M 93 -45.05 -34.73 36.33
C ARG M 93 -45.62 -35.67 37.40
N PHE M 94 -46.85 -36.10 37.16
CA PHE M 94 -47.55 -37.02 38.03
C PHE M 94 -48.10 -38.18 37.21
N VAL M 95 -48.22 -39.34 37.84
CA VAL M 95 -48.72 -40.52 37.16
C VAL M 95 -50.18 -40.79 37.50
N THR M 96 -50.66 -40.41 38.68
CA THR M 96 -52.04 -40.73 39.04
C THR M 96 -52.53 -39.80 40.14
N ILE M 97 -53.84 -39.68 40.22
CA ILE M 97 -54.54 -38.98 41.29
C ILE M 97 -55.55 -39.95 41.89
N GLU M 98 -55.61 -40.01 43.22
CA GLU M 98 -56.46 -40.99 43.88
C GLU M 98 -57.01 -40.44 45.18
N VAL M 99 -58.07 -41.07 45.65
CA VAL M 99 -58.68 -40.77 46.94
C VAL M 99 -58.54 -41.98 47.84
N THR M 100 -58.01 -41.78 49.03
CA THR M 100 -57.89 -42.80 50.05
C THR M 100 -59.05 -42.66 51.02
N LEU M 101 -59.82 -43.74 51.16
CA LEU M 101 -60.97 -43.89 52.04
C LEU M 101 -60.62 -44.81 53.20
N PRO M 102 -60.65 -44.32 54.43
CA PRO M 102 -60.26 -45.15 55.57
C PRO M 102 -61.27 -46.26 55.84
N ALA M 103 -60.77 -47.31 56.48
CA ALA M 103 -61.61 -48.46 56.84
C ALA M 103 -62.34 -48.25 58.16
N ALA M 104 -62.14 -47.11 58.82
CA ALA M 104 -62.75 -46.84 60.11
C ALA M 104 -64.27 -46.85 60.03
N THR M 105 -64.85 -45.95 59.22
CA THR M 105 -66.29 -45.87 59.11
C THR M 105 -66.76 -46.51 57.80
N ALA M 106 -67.67 -47.49 57.93
CA ALA M 106 -68.23 -48.15 56.76
C ALA M 106 -69.35 -47.31 56.16
N GLY M 107 -69.34 -47.20 54.85
CA GLY M 107 -70.35 -46.42 54.16
C GLY M 107 -69.92 -46.08 52.75
N THR M 108 -70.74 -45.26 52.09
CA THR M 108 -70.54 -44.91 50.70
C THR M 108 -70.05 -43.47 50.59
N TYR M 109 -68.97 -43.27 49.85
CA TYR M 109 -68.42 -41.96 49.53
C TYR M 109 -68.69 -41.66 48.07
N GLN M 110 -69.18 -40.46 47.80
CA GLN M 110 -69.52 -40.07 46.44
C GLN M 110 -69.00 -38.66 46.17
N GLY M 111 -68.64 -38.40 44.93
CA GLY M 111 -68.13 -37.09 44.56
C GLY M 111 -67.91 -36.97 43.07
N GLU M 112 -67.23 -35.90 42.68
CA GLU M 112 -66.98 -35.59 41.28
C GLU M 112 -65.51 -35.24 41.09
N PHE M 113 -65.07 -35.28 39.83
CA PHE M 113 -63.68 -34.99 39.52
C PHE M 113 -63.60 -34.37 38.12
N CYS M 114 -62.92 -33.23 38.01
CA CYS M 114 -62.70 -32.58 36.72
C CYS M 114 -61.21 -32.34 36.55
N ILE M 115 -60.69 -32.61 35.35
CA ILE M 115 -59.30 -32.31 35.05
C ILE M 115 -59.20 -31.85 33.60
N THR M 116 -58.25 -30.95 33.35
CA THR M 116 -57.83 -30.57 32.01
C THR M 116 -56.31 -30.66 31.97
N THR M 117 -55.80 -31.36 30.97
CA THR M 117 -54.38 -31.73 30.90
C THR M 117 -53.75 -31.21 29.62
N ARG M 118 -52.55 -30.67 29.76
CA ARG M 118 -51.72 -30.22 28.65
C ARG M 118 -50.49 -31.11 28.54
N TYR M 119 -50.18 -31.49 27.30
CA TYR M 119 -49.07 -32.40 27.00
C TYR M 119 -48.62 -32.16 25.57
N PRO M 120 -47.37 -32.49 25.23
CA PRO M 120 -46.90 -32.30 23.86
C PRO M 120 -47.41 -33.40 22.94
N LEU M 121 -47.91 -33.00 21.76
CA LEU M 121 -48.41 -33.92 20.76
C LEU M 121 -47.32 -34.20 19.71
N SER M 122 -46.11 -34.42 20.22
CA SER M 122 -44.96 -34.50 19.34
C SER M 122 -44.50 -35.94 19.12
N ALA N 9 -29.52 -20.51 14.92
CA ALA N 9 -29.12 -21.86 15.32
C ALA N 9 -27.89 -21.81 16.21
N LEU N 10 -27.64 -20.65 16.81
CA LEU N 10 -26.46 -20.46 17.63
C LEU N 10 -26.67 -20.80 19.10
N THR N 11 -27.92 -21.04 19.53
CA THR N 11 -28.21 -21.17 20.95
C THR N 11 -29.01 -22.44 21.21
N CYS N 12 -28.71 -23.08 22.34
CA CYS N 12 -29.57 -24.11 22.94
C CYS N 12 -30.42 -23.50 24.05
N CYS N 13 -30.84 -22.25 23.87
CA CYS N 13 -31.70 -21.54 24.82
C CYS N 13 -33.13 -21.59 24.31
N PRO N 14 -33.94 -22.55 24.77
CA PRO N 14 -35.32 -22.64 24.28
C PRO N 14 -36.18 -21.52 24.85
N ASP N 15 -37.25 -21.22 24.11
CA ASP N 15 -38.20 -20.20 24.52
C ASP N 15 -39.08 -20.71 25.66
N LYS N 16 -39.61 -19.78 26.44
CA LYS N 16 -40.54 -20.08 27.52
C LYS N 16 -41.96 -19.86 27.02
N ASN N 17 -42.71 -20.94 26.87
CA ASN N 17 -44.09 -20.88 26.38
C ASN N 17 -45.02 -20.92 27.60
N TYR N 18 -45.52 -19.75 27.98
CA TYR N 18 -46.38 -19.64 29.15
C TYR N 18 -47.82 -19.93 28.77
N VAL N 19 -48.53 -20.65 29.65
CA VAL N 19 -49.92 -20.99 29.42
C VAL N 19 -50.72 -20.65 30.67
N GLN N 20 -52.04 -20.54 30.48
CA GLN N 20 -52.97 -20.11 31.52
C GLN N 20 -54.13 -21.07 31.62
N ASP N 21 -54.52 -21.39 32.85
CA ASP N 21 -55.70 -22.20 33.14
C ASP N 21 -56.60 -21.47 34.13
N LYS N 22 -57.82 -21.98 34.28
CA LYS N 22 -58.80 -21.37 35.17
C LYS N 22 -59.56 -22.46 35.89
N VAL N 23 -59.90 -22.23 37.16
CA VAL N 23 -60.70 -23.16 37.94
C VAL N 23 -61.47 -22.41 39.00
N CYS N 24 -62.75 -22.76 39.16
CA CYS N 24 -63.63 -22.19 40.17
C CYS N 24 -64.27 -23.33 40.95
N SER N 25 -64.46 -23.12 42.25
CA SER N 25 -65.03 -24.14 43.10
C SER N 25 -65.65 -23.51 44.34
N PRO N 26 -66.77 -24.05 44.83
CA PRO N 26 -67.30 -23.63 46.12
C PRO N 26 -66.61 -24.37 47.26
N TRP N 27 -66.62 -23.72 48.42
CA TRP N 27 -65.99 -24.28 49.60
C TRP N 27 -66.93 -24.17 50.80
N SER N 28 -66.82 -25.14 51.70
CA SER N 28 -67.64 -25.19 52.90
C SER N 28 -66.80 -25.78 54.03
N GLY N 29 -67.18 -25.44 55.26
CA GLY N 29 -66.50 -25.94 56.44
C GLY N 29 -67.30 -25.81 57.71
N THR N 30 -67.42 -26.88 58.48
CA THR N 30 -68.20 -26.89 59.70
C THR N 30 -67.26 -26.94 60.90
N VAL N 31 -67.29 -25.90 61.72
CA VAL N 31 -66.47 -25.83 62.92
C VAL N 31 -67.33 -26.19 64.13
N VAL N 32 -66.84 -27.12 64.94
CA VAL N 32 -67.52 -27.57 66.14
C VAL N 32 -66.75 -27.20 67.41
N ALA N 33 -65.51 -27.67 67.52
CA ALA N 33 -64.70 -27.39 68.70
C ALA N 33 -63.27 -27.01 68.34
N THR N 34 -62.87 -27.27 67.09
CA THR N 34 -61.49 -27.06 66.66
C THR N 34 -61.45 -26.15 65.44
N ALA N 35 -60.37 -25.37 65.35
CA ALA N 35 -60.15 -24.49 64.22
C ALA N 35 -59.89 -25.31 62.95
N ILE N 36 -60.21 -24.72 61.80
CA ILE N 36 -60.09 -25.39 60.52
C ILE N 36 -59.15 -24.57 59.63
N THR N 37 -58.40 -25.27 58.80
CA THR N 37 -57.37 -24.68 57.93
C THR N 37 -57.69 -25.13 56.50
N ASN N 38 -58.92 -24.85 56.08
CA ASN N 38 -59.44 -25.37 54.81
C ASN N 38 -58.65 -24.87 53.62
N VAL N 39 -57.94 -25.78 52.94
CA VAL N 39 -57.14 -25.42 51.78
C VAL N 39 -58.02 -25.40 50.54
N LEU N 40 -57.97 -24.32 49.79
CA LEU N 40 -58.78 -24.18 48.58
C LEU N 40 -58.03 -24.50 47.30
N TYR N 41 -56.71 -24.32 47.28
CA TYR N 41 -55.92 -24.52 46.08
C TYR N 41 -54.50 -24.87 46.48
N ASN N 42 -53.86 -25.73 45.69
CA ASN N 42 -52.47 -26.12 45.95
C ASN N 42 -51.83 -26.54 44.64
N ASN N 43 -50.50 -26.47 44.61
CA ASN N 43 -49.73 -26.80 43.41
C ASN N 43 -48.32 -27.17 43.81
N ASN N 44 -47.60 -27.80 42.88
CA ASN N 44 -46.21 -28.18 43.07
C ASN N 44 -45.30 -27.51 42.04
N ILE N 45 -45.73 -26.40 41.46
CA ILE N 45 -45.00 -25.71 40.41
C ILE N 45 -44.71 -24.28 40.84
N ASN N 46 -44.46 -24.09 42.14
CA ASN N 46 -44.36 -22.75 42.73
C ASN N 46 -43.36 -21.87 41.98
N GLN N 47 -42.29 -22.46 41.45
CA GLN N 47 -41.33 -21.68 40.68
C GLN N 47 -41.99 -21.21 39.37
N ASN N 48 -41.95 -19.90 39.13
CA ASN N 48 -42.58 -19.30 37.96
C ASN N 48 -44.06 -19.62 37.86
N MET N 49 -44.82 -19.27 38.90
CA MET N 49 -46.28 -19.41 38.87
C MET N 49 -46.91 -18.11 39.34
N ILE N 50 -47.94 -17.65 38.63
CA ILE N 50 -48.71 -16.49 39.07
C ILE N 50 -50.18 -16.82 39.01
N GLY N 51 -50.92 -16.38 40.02
CA GLY N 51 -52.35 -16.64 40.08
C GLY N 51 -53.16 -15.41 40.44
N THR N 52 -54.19 -15.13 39.65
CA THR N 52 -55.10 -14.02 39.89
C THR N 52 -56.50 -14.55 40.12
N GLY N 53 -57.19 -14.02 41.12
CA GLY N 53 -58.54 -14.50 41.35
C GLY N 53 -59.20 -13.84 42.54
N PHE N 54 -60.22 -14.50 43.07
CA PHE N 54 -60.96 -13.97 44.20
C PHE N 54 -61.46 -15.09 45.10
N VAL N 55 -61.72 -14.72 46.35
CA VAL N 55 -62.35 -15.58 47.34
C VAL N 55 -63.59 -14.84 47.86
N ARG N 56 -64.74 -15.50 47.80
CA ARG N 56 -66.00 -14.92 48.21
C ARG N 56 -66.50 -15.60 49.48
N TYR N 57 -66.74 -14.81 50.51
CA TYR N 57 -67.31 -15.28 51.78
C TYR N 57 -68.78 -14.89 51.79
N ASP N 58 -69.64 -15.91 51.71
CA ASP N 58 -71.08 -15.69 51.57
C ASP N 58 -71.81 -15.72 52.90
N VAL N 59 -71.75 -16.86 53.60
CA VAL N 59 -72.46 -17.03 54.87
C VAL N 59 -71.50 -17.65 55.89
N GLY N 60 -71.63 -17.22 57.13
CA GLY N 60 -70.79 -17.73 58.19
C GLY N 60 -71.02 -17.00 59.51
N PRO N 61 -70.82 -17.71 60.62
CA PRO N 61 -71.03 -17.10 61.94
C PRO N 61 -70.10 -15.93 62.24
N ALA N 62 -68.87 -15.95 61.74
CA ALA N 62 -67.87 -14.99 62.20
C ALA N 62 -66.86 -14.67 61.10
N PRO N 63 -66.03 -13.63 61.29
CA PRO N 63 -64.97 -13.36 60.32
C PRO N 63 -64.01 -14.53 60.17
N ILE N 64 -63.48 -14.70 58.96
CA ILE N 64 -62.52 -15.75 58.65
C ILE N 64 -61.23 -15.09 58.16
N THR N 65 -60.18 -15.89 58.06
CA THR N 65 -58.89 -15.40 57.58
C THR N 65 -58.54 -16.09 56.28
N LEU N 66 -57.99 -15.33 55.33
CA LEU N 66 -57.48 -15.88 54.08
C LEU N 66 -55.97 -15.74 54.05
N THR N 67 -55.26 -16.86 53.92
CA THR N 67 -53.82 -16.88 53.98
C THR N 67 -53.25 -17.55 52.75
N VAL N 68 -52.06 -17.10 52.33
CA VAL N 68 -51.34 -17.67 51.21
C VAL N 68 -49.97 -18.11 51.68
N LEU N 69 -49.59 -19.34 51.36
CA LEU N 69 -48.37 -19.94 51.86
C LEU N 69 -47.49 -20.43 50.72
N ASP N 70 -46.19 -20.37 50.95
CA ASP N 70 -45.20 -20.90 50.02
C ASP N 70 -44.74 -22.28 50.47
N ALA N 71 -43.80 -22.85 49.70
CA ALA N 71 -43.40 -24.23 49.91
C ALA N 71 -42.76 -24.45 51.28
N ALA N 72 -42.21 -23.40 51.88
CA ALA N 72 -41.58 -23.50 53.19
C ALA N 72 -42.58 -23.41 54.32
N GLY N 73 -43.86 -23.22 54.01
CA GLY N 73 -44.89 -23.11 55.02
C GLY N 73 -45.09 -21.72 55.58
N ALA N 74 -44.28 -20.76 55.17
CA ALA N 74 -44.40 -19.39 55.65
C ALA N 74 -45.61 -18.71 55.02
N THR N 75 -46.01 -17.59 55.62
CA THR N 75 -47.16 -16.83 55.14
C THR N 75 -46.70 -15.68 54.24
N ILE N 76 -47.24 -15.63 53.04
CA ILE N 76 -46.96 -14.54 52.12
C ILE N 76 -47.92 -13.38 52.35
N ASP N 77 -49.22 -13.67 52.45
CA ASP N 77 -50.21 -12.63 52.65
C ASP N 77 -51.34 -13.20 53.50
N THR N 78 -51.88 -12.36 54.39
CA THR N 78 -53.01 -12.72 55.24
C THR N 78 -54.00 -11.57 55.26
N GLN N 79 -55.28 -11.89 55.10
CA GLN N 79 -56.35 -10.91 55.09
C GLN N 79 -57.52 -11.43 55.92
N THR N 80 -58.42 -10.53 56.29
CA THR N 80 -59.58 -10.86 57.10
C THR N 80 -60.85 -10.57 56.31
N LEU N 81 -61.81 -11.48 56.39
CA LEU N 81 -63.06 -11.36 55.65
C LEU N 81 -64.25 -11.48 56.59
N ASN N 82 -65.29 -10.71 56.31
CA ASN N 82 -66.57 -10.76 57.00
C ASN N 82 -67.63 -11.34 56.08
N PRO N 83 -68.69 -11.95 56.62
CA PRO N 83 -69.67 -12.63 55.77
C PRO N 83 -70.30 -11.68 54.74
N GLY N 84 -70.44 -12.18 53.52
CA GLY N 84 -71.08 -11.43 52.45
C GLY N 84 -70.17 -10.57 51.61
N THR N 85 -68.86 -10.78 51.65
CA THR N 85 -67.93 -9.93 50.92
C THR N 85 -67.02 -10.78 50.03
N SER N 86 -66.09 -10.11 49.34
CA SER N 86 -65.16 -10.77 48.43
C SER N 86 -63.79 -10.11 48.56
N ILE N 87 -62.76 -10.86 48.20
CA ILE N 87 -61.39 -10.33 48.17
C ILE N 87 -60.71 -10.80 46.90
N ALA N 88 -60.12 -9.86 46.16
CA ALA N 88 -59.37 -10.16 44.94
C ALA N 88 -57.88 -10.14 45.24
N PHE N 89 -57.14 -10.94 44.47
CA PHE N 89 -55.71 -11.10 44.72
C PHE N 89 -54.98 -11.44 43.44
N THR N 90 -53.67 -11.15 43.45
CA THR N 90 -52.75 -11.59 42.41
C THR N 90 -51.43 -11.92 43.08
N TYR N 91 -51.03 -13.19 43.05
CA TYR N 91 -49.90 -13.67 43.83
C TYR N 91 -48.92 -14.41 42.93
N ARG N 92 -47.65 -14.44 43.35
CA ARG N 92 -46.63 -15.19 42.65
C ARG N 92 -45.80 -15.99 43.65
N ARG N 93 -45.29 -17.13 43.18
CA ARG N 93 -44.42 -18.01 43.96
C ARG N 93 -45.08 -18.39 45.29
N PHE N 94 -46.21 -19.06 45.18
CA PHE N 94 -46.97 -19.54 46.32
C PHE N 94 -47.29 -21.01 46.13
N VAL N 95 -47.41 -21.74 47.24
CA VAL N 95 -47.72 -23.16 47.18
C VAL N 95 -49.19 -23.44 47.46
N THR N 96 -49.88 -22.61 48.25
CA THR N 96 -51.26 -22.91 48.57
C THR N 96 -51.98 -21.65 49.03
N ILE N 97 -53.31 -21.70 48.90
CA ILE N 97 -54.21 -20.68 49.41
C ILE N 97 -55.22 -21.38 50.31
N GLU N 98 -55.48 -20.81 51.48
CA GLU N 98 -56.35 -21.46 52.46
C GLU N 98 -57.13 -20.45 53.25
N VAL N 99 -58.20 -20.92 53.87
CA VAL N 99 -59.02 -20.12 54.77
C VAL N 99 -58.95 -20.73 56.17
N THR N 100 -58.61 -19.90 57.14
CA THR N 100 -58.57 -20.28 58.55
C THR N 100 -59.88 -19.86 59.19
N LEU N 101 -60.58 -20.83 59.77
CA LEU N 101 -61.83 -20.72 60.49
C LEU N 101 -61.60 -20.92 61.99
N PRO N 102 -61.86 -19.90 62.81
CA PRO N 102 -61.59 -20.03 64.24
C PRO N 102 -62.53 -20.99 64.92
N ALA N 103 -62.06 -21.53 66.05
CA ALA N 103 -62.85 -22.46 66.84
C ALA N 103 -63.80 -21.76 67.80
N ALA N 104 -63.79 -20.43 67.83
CA ALA N 104 -64.62 -19.67 68.75
C ALA N 104 -66.10 -19.94 68.53
N THR N 105 -66.61 -19.63 67.34
CA THR N 105 -68.03 -19.82 67.05
C THR N 105 -68.23 -21.07 66.21
N ALA N 106 -69.07 -21.97 66.71
CA ALA N 106 -69.39 -23.19 65.97
C ALA N 106 -70.46 -22.91 64.93
N GLY N 107 -70.26 -23.45 63.74
CA GLY N 107 -71.20 -23.24 62.66
C GLY N 107 -70.59 -23.57 61.32
N THR N 108 -71.35 -23.29 60.27
CA THR N 108 -70.97 -23.61 58.91
C THR N 108 -70.59 -22.35 58.15
N TYR N 109 -69.42 -22.38 57.52
CA TYR N 109 -68.93 -21.31 56.65
C TYR N 109 -68.99 -21.79 55.21
N GLN N 110 -69.53 -20.96 54.33
CA GLN N 110 -69.68 -21.31 52.93
C GLN N 110 -69.23 -20.15 52.05
N GLY N 111 -68.71 -20.47 50.89
CA GLY N 111 -68.25 -19.44 49.98
C GLY N 111 -67.81 -20.02 48.66
N GLU N 112 -67.16 -19.17 47.85
CA GLU N 112 -66.72 -19.55 46.52
C GLU N 112 -65.27 -19.12 46.32
N PHE N 113 -64.64 -19.69 45.29
CA PHE N 113 -63.23 -19.38 45.01
C PHE N 113 -62.99 -19.51 43.52
N CYS N 114 -62.39 -18.48 42.92
CA CYS N 114 -62.02 -18.50 41.51
C CYS N 114 -60.55 -18.16 41.39
N ILE N 115 -59.83 -18.90 40.54
CA ILE N 115 -58.45 -18.58 40.26
C ILE N 115 -58.15 -18.85 38.79
N THR N 116 -57.25 -18.06 38.23
CA THR N 116 -56.66 -18.31 36.92
C THR N 116 -55.15 -18.19 37.08
N THR N 117 -54.43 -19.20 36.61
CA THR N 117 -53.00 -19.35 36.88
C THR N 117 -52.21 -19.43 35.58
N ARG N 118 -51.09 -18.71 35.54
CA ARG N 118 -50.15 -18.74 34.44
C ARG N 118 -48.84 -19.38 34.91
N TYR N 119 -48.31 -20.26 34.06
CA TYR N 119 -47.10 -21.02 34.35
C TYR N 119 -46.46 -21.43 33.04
N PRO N 120 -45.16 -21.71 33.04
CA PRO N 120 -44.49 -22.14 31.80
C PRO N 120 -44.75 -23.61 31.50
N LEU N 121 -45.09 -23.89 30.24
CA LEU N 121 -45.36 -25.24 29.77
C LEU N 121 -44.11 -25.83 29.12
N SER N 122 -42.98 -25.60 29.78
CA SER N 122 -41.68 -25.91 29.21
C SER N 122 -41.15 -27.27 29.64
N ALA O 9 -26.86 -13.67 19.92
CA ALA O 9 -26.43 -14.59 20.96
C ALA O 9 -25.37 -13.94 21.83
N LEU O 10 -25.29 -12.62 21.81
CA LEU O 10 -24.27 -11.89 22.54
C LEU O 10 -24.69 -11.51 23.96
N THR O 11 -25.96 -11.69 24.31
CA THR O 11 -26.46 -11.17 25.58
C THR O 11 -27.19 -12.26 26.36
N CYS O 12 -27.02 -12.23 27.68
CA CYS O 12 -27.89 -12.96 28.61
C CYS O 12 -28.94 -12.03 29.19
N CYS O 13 -29.43 -11.08 28.38
CA CYS O 13 -30.48 -10.14 28.76
C CYS O 13 -31.81 -10.64 28.21
N PRO O 14 -32.60 -11.37 29.00
CA PRO O 14 -33.88 -11.88 28.49
C PRO O 14 -34.90 -10.77 28.34
N ASP O 15 -35.86 -11.00 27.45
CA ASP O 15 -36.93 -10.06 27.21
C ASP O 15 -37.94 -10.09 28.35
N LYS O 16 -38.66 -8.99 28.51
CA LYS O 16 -39.72 -8.87 29.51
C LYS O 16 -41.05 -9.12 28.82
N ASN O 17 -41.69 -10.23 29.15
CA ASN O 17 -42.97 -10.62 28.57
C ASN O 17 -44.07 -10.20 29.54
N TYR O 18 -44.72 -9.08 29.26
CA TYR O 18 -45.76 -8.54 30.12
C TYR O 18 -47.10 -9.19 29.78
N VAL O 19 -47.87 -9.50 30.82
CA VAL O 19 -49.19 -10.10 30.66
C VAL O 19 -50.20 -9.32 31.50
N GLN O 20 -51.47 -9.51 31.16
CA GLN O 20 -52.57 -8.77 31.74
C GLN O 20 -53.67 -9.73 32.19
N ASP O 21 -54.22 -9.47 33.37
CA ASP O 21 -55.36 -10.20 33.90
C ASP O 21 -56.46 -9.22 34.32
N LYS O 22 -57.65 -9.77 34.58
CA LYS O 22 -58.80 -8.95 34.95
C LYS O 22 -59.57 -9.67 36.03
N VAL O 23 -60.12 -8.91 36.98
CA VAL O 23 -60.96 -9.47 38.04
C VAL O 23 -61.95 -8.41 38.50
N CYS O 24 -63.21 -8.83 38.68
CA CYS O 24 -64.28 -7.98 39.19
C CYS O 24 -64.93 -8.68 40.37
N SER O 25 -65.34 -7.90 41.36
CA SER O 25 -65.96 -8.47 42.56
C SER O 25 -66.81 -7.42 43.25
N PRO O 26 -67.95 -7.82 43.82
CA PRO O 26 -68.71 -6.91 44.68
C PRO O 26 -68.16 -6.90 46.10
N TRP O 27 -68.40 -5.79 46.78
CA TRP O 27 -67.92 -5.61 48.14
C TRP O 27 -69.04 -5.09 49.02
N SER O 28 -69.00 -5.47 50.29
CA SER O 28 -69.98 -5.06 51.28
C SER O 28 -69.29 -4.90 52.62
N GLY O 29 -69.89 -4.07 53.48
CA GLY O 29 -69.36 -3.86 54.81
C GLY O 29 -70.37 -3.25 55.76
N THR O 30 -70.52 -3.83 56.95
CA THR O 30 -71.48 -3.37 57.93
C THR O 30 -70.74 -2.70 59.09
N VAL O 31 -70.98 -1.41 59.27
CA VAL O 31 -70.36 -0.66 60.36
C VAL O 31 -71.37 -0.51 61.49
N VAL O 32 -70.94 -0.86 62.71
CA VAL O 32 -71.78 -0.77 63.91
C VAL O 32 -71.24 0.26 64.89
N ALA O 33 -69.99 0.09 65.34
CA ALA O 33 -69.41 1.02 66.30
C ALA O 33 -67.96 1.38 65.94
N THR O 34 -67.36 0.62 65.04
CA THR O 34 -65.96 0.79 64.69
C THR O 34 -65.78 0.99 63.19
N ALA O 35 -64.78 1.79 62.85
CA ALA O 35 -64.46 2.03 61.44
C ALA O 35 -63.93 0.77 60.78
N ILE O 36 -64.12 0.68 59.47
CA ILE O 36 -63.74 -0.50 58.70
C ILE O 36 -62.74 -0.08 57.61
N THR O 37 -61.81 -0.98 57.32
CA THR O 37 -60.71 -0.73 56.39
C THR O 37 -60.77 -1.85 55.34
N ASN O 38 -61.93 -1.99 54.72
CA ASN O 38 -62.21 -3.12 53.83
C ASN O 38 -61.27 -3.15 52.62
N VAL O 39 -60.41 -4.15 52.56
CA VAL O 39 -59.46 -4.28 51.46
C VAL O 39 -60.14 -5.00 50.30
N LEU O 40 -60.05 -4.40 49.10
CA LEU O 40 -60.67 -4.98 47.91
C LEU O 40 -59.70 -5.76 47.04
N TYR O 41 -58.41 -5.42 47.07
CA TYR O 41 -57.43 -6.06 46.21
C TYR O 41 -56.07 -5.96 46.87
N ASN O 42 -55.25 -6.99 46.68
CA ASN O 42 -53.90 -7.00 47.23
C ASN O 42 -53.02 -7.90 46.37
N ASN O 43 -51.71 -7.66 46.43
CA ASN O 43 -50.75 -8.41 45.64
C ASN O 43 -49.38 -8.33 46.31
N ASN O 44 -48.48 -9.23 45.88
CA ASN O 44 -47.11 -9.26 46.38
C ASN O 44 -46.10 -9.04 45.25
N ILE O 45 -46.53 -8.42 44.16
CA ILE O 45 -45.70 -8.22 42.98
C ILE O 45 -45.60 -6.73 42.67
N ASN O 46 -45.57 -5.91 43.72
CA ASN O 46 -45.66 -4.45 43.58
C ASN O 46 -44.63 -3.90 42.60
N GLN O 47 -43.45 -4.50 42.54
CA GLN O 47 -42.44 -4.06 41.58
C GLN O 47 -42.92 -4.38 40.16
N ASN O 48 -42.95 -3.36 39.31
CA ASN O 48 -43.42 -3.48 37.93
C ASN O 48 -44.85 -4.03 37.87
N MET O 49 -45.78 -3.34 38.51
CA MET O 49 -47.20 -3.68 38.41
C MET O 49 -48.00 -2.42 38.12
N ILE O 50 -48.94 -2.51 37.17
CA ILE O 50 -49.85 -1.40 36.91
C ILE O 50 -51.27 -1.94 36.86
N GLY O 51 -52.20 -1.19 37.45
CA GLY O 51 -53.59 -1.58 37.49
C GLY O 51 -54.53 -0.47 37.10
N THR O 52 -55.45 -0.74 36.18
CA THR O 52 -56.47 0.21 35.76
C THR O 52 -57.84 -0.36 36.08
N GLY O 53 -58.72 0.48 36.61
CA GLY O 53 -60.05 -0.02 36.93
C GLY O 53 -60.94 1.03 37.55
N PHE O 54 -61.97 0.56 38.23
CA PHE O 54 -62.92 1.47 38.88
C PHE O 54 -63.46 0.84 40.16
N VAL O 55 -63.94 1.73 41.03
CA VAL O 55 -64.66 1.36 42.24
C VAL O 55 -66.01 2.07 42.21
N ARG O 56 -67.09 1.31 42.36
CA ARG O 56 -68.45 1.83 42.31
C ARG O 56 -69.07 1.77 43.70
N TYR O 57 -69.54 2.92 44.17
CA TYR O 57 -70.25 3.03 45.44
C TYR O 57 -71.74 3.15 45.12
N ASP O 58 -72.50 2.10 45.46
CA ASP O 58 -73.91 2.03 45.09
C ASP O 58 -74.84 2.53 46.19
N VAL O 59 -74.80 1.90 47.35
CA VAL O 59 -75.67 2.25 48.47
C VAL O 59 -74.85 2.33 49.74
N GLY O 60 -75.20 3.28 50.60
CA GLY O 60 -74.51 3.48 51.86
C GLY O 60 -74.99 4.70 52.61
N PRO O 61 -74.92 4.65 53.94
CA PRO O 61 -75.37 5.78 54.75
C PRO O 61 -74.60 7.07 54.52
N ALA O 62 -73.31 6.99 54.22
CA ALA O 62 -72.47 8.18 54.25
C ALA O 62 -71.33 8.09 53.24
N PRO O 63 -70.63 9.19 52.97
CA PRO O 63 -69.44 9.11 52.10
C PRO O 63 -68.38 8.18 52.66
N ILE O 64 -67.66 7.53 51.74
CA ILE O 64 -66.59 6.61 52.08
C ILE O 64 -65.30 7.13 51.47
N THR O 65 -64.17 6.53 51.87
CA THR O 65 -62.87 6.92 51.35
C THR O 65 -62.26 5.75 50.60
N LEU O 66 -61.63 6.03 49.46
CA LEU O 66 -60.90 5.03 48.70
C LEU O 66 -59.42 5.36 48.75
N THR O 67 -58.62 4.43 49.27
CA THR O 67 -57.19 4.66 49.47
C THR O 67 -56.39 3.56 48.79
N VAL O 68 -55.20 3.92 48.33
CA VAL O 68 -54.26 2.99 47.71
C VAL O 68 -52.95 3.03 48.46
N LEU O 69 -52.43 1.87 48.84
CA LEU O 69 -51.26 1.78 49.69
C LEU O 69 -50.19 0.92 49.04
N ASP O 70 -48.93 1.27 49.32
CA ASP O 70 -47.77 0.52 48.87
C ASP O 70 -47.28 -0.40 49.99
N ALA O 71 -46.21 -1.13 49.71
CA ALA O 71 -45.73 -2.16 50.62
C ALA O 71 -45.30 -1.60 51.97
N ALA O 72 -44.93 -0.32 52.02
CA ALA O 72 -44.51 0.30 53.26
C ALA O 72 -45.68 0.78 54.10
N GLY O 73 -46.91 0.61 53.60
CA GLY O 73 -48.09 1.04 54.32
C GLY O 73 -48.48 2.48 54.11
N ALA O 74 -47.70 3.24 53.35
CA ALA O 74 -48.00 4.64 53.08
C ALA O 74 -49.14 4.75 52.08
N THR O 75 -49.71 5.95 52.00
CA THR O 75 -50.82 6.22 51.11
C THR O 75 -50.32 6.84 49.81
N ILE O 76 -50.67 6.23 48.68
CA ILE O 76 -50.33 6.78 47.38
C ILE O 76 -51.40 7.75 46.91
N ASP O 77 -52.67 7.36 47.01
CA ASP O 77 -53.77 8.22 46.58
C ASP O 77 -54.97 7.96 47.48
N THR O 78 -55.70 9.03 47.77
CA THR O 78 -56.92 8.96 48.58
C THR O 78 -57.99 9.84 47.93
N GLN O 79 -59.19 9.29 47.83
CA GLN O 79 -60.33 9.99 47.23
C GLN O 79 -61.57 9.76 48.09
N THR O 80 -62.58 10.59 47.87
CA THR O 80 -63.82 10.52 48.62
C THR O 80 -64.98 10.21 47.67
N LEU O 81 -65.86 9.32 48.10
CA LEU O 81 -66.99 8.89 47.27
C LEU O 81 -68.30 9.06 48.03
N ASN O 82 -69.34 9.45 47.30
CA ASN O 82 -70.70 9.56 47.80
C ASN O 82 -71.56 8.44 47.18
N PRO O 83 -72.63 8.03 47.84
CA PRO O 83 -73.41 6.89 47.35
C PRO O 83 -73.94 7.13 45.93
N GLY O 84 -73.86 6.09 45.10
CA GLY O 84 -74.38 6.14 43.76
C GLY O 84 -73.42 6.62 42.68
N THR O 85 -72.11 6.63 42.96
CA THR O 85 -71.14 7.16 42.00
C THR O 85 -70.05 6.12 41.74
N SER O 86 -69.07 6.51 40.91
CA SER O 86 -67.97 5.65 40.54
C SER O 86 -66.69 6.47 40.46
N ILE O 87 -65.56 5.80 40.62
CA ILE O 87 -64.25 6.44 40.47
C ILE O 87 -63.34 5.53 39.66
N ALA O 88 -62.72 6.07 38.63
CA ALA O 88 -61.77 5.35 37.80
C ALA O 88 -60.34 5.71 38.18
N PHE O 89 -59.42 4.77 37.98
CA PHE O 89 -58.06 4.96 38.43
C PHE O 89 -57.10 4.15 37.56
N THR O 90 -55.84 4.59 37.56
CA THR O 90 -54.74 3.84 36.96
C THR O 90 -53.52 4.08 37.84
N TYR O 91 -53.03 3.02 38.48
CA TYR O 91 -51.99 3.14 39.51
C TYR O 91 -50.83 2.21 39.19
N ARG O 92 -49.65 2.57 39.68
CA ARG O 92 -48.47 1.72 39.55
C ARG O 92 -47.75 1.63 40.89
N ARG O 93 -47.08 0.50 41.10
CA ARG O 93 -46.28 0.24 42.30
C ARG O 93 -47.11 0.45 43.58
N PHE O 94 -48.16 -0.35 43.68
CA PHE O 94 -49.04 -0.33 44.85
C PHE O 94 -49.21 -1.75 45.37
N VAL O 95 -49.45 -1.85 46.67
CA VAL O 95 -49.64 -3.16 47.30
C VAL O 95 -51.11 -3.49 47.53
N THR O 96 -51.97 -2.49 47.74
CA THR O 96 -53.35 -2.80 48.03
C THR O 96 -54.24 -1.59 47.72
N ILE O 97 -55.52 -1.88 47.51
CA ILE O 97 -56.57 -0.88 47.36
C ILE O 97 -57.65 -1.20 48.38
N GLU O 98 -58.13 -0.19 49.09
CA GLU O 98 -59.08 -0.42 50.16
C GLU O 98 -60.06 0.73 50.27
N VAL O 99 -61.18 0.47 50.95
CA VAL O 99 -62.19 1.48 51.24
C VAL O 99 -62.29 1.62 52.75
N THR O 100 -62.17 2.86 53.22
CA THR O 100 -62.33 3.20 54.63
C THR O 100 -63.75 3.69 54.85
N LEU O 101 -64.46 3.02 55.76
CA LEU O 101 -65.81 3.28 56.20
C LEU O 101 -65.80 3.85 57.61
N PRO O 102 -66.26 5.09 57.79
CA PRO O 102 -66.22 5.72 59.12
C PRO O 102 -67.18 5.06 60.09
N ALA O 103 -66.85 5.20 61.38
CA ALA O 103 -67.68 4.66 62.45
C ALA O 103 -68.81 5.59 62.84
N ALA O 104 -68.92 6.75 62.20
CA ALA O 104 -69.94 7.74 62.54
C ALA O 104 -71.35 7.19 62.34
N THR O 105 -71.68 6.80 61.11
CA THR O 105 -73.01 6.31 60.82
C THR O 105 -72.98 4.78 60.67
N ALA O 106 -73.81 4.11 61.48
CA ALA O 106 -73.92 2.67 61.40
C ALA O 106 -74.83 2.25 60.26
N GLY O 107 -74.41 1.25 59.52
CA GLY O 107 -75.19 0.78 58.38
C GLY O 107 -74.34 -0.06 57.45
N THR O 108 -74.96 -0.43 56.33
CA THR O 108 -74.34 -1.31 55.35
C THR O 108 -73.93 -0.52 54.11
N TYR O 109 -72.68 -0.68 53.70
CA TYR O 109 -72.16 -0.10 52.48
C TYR O 109 -71.94 -1.21 51.46
N GLN O 110 -72.40 -0.98 50.23
CA GLN O 110 -72.29 -1.99 49.18
C GLN O 110 -71.82 -1.33 47.90
N GLY O 111 -71.09 -2.09 47.10
CA GLY O 111 -70.57 -1.57 45.85
C GLY O 111 -69.89 -2.64 45.03
N GLU O 112 -69.20 -2.20 43.99
CA GLU O 112 -68.52 -3.09 43.06
C GLU O 112 -67.10 -2.62 42.82
N PHE O 113 -66.26 -3.50 42.28
CA PHE O 113 -64.87 -3.18 42.02
C PHE O 113 -64.38 -3.96 40.82
N CYS O 114 -63.78 -3.27 39.85
CA CYS O 114 -63.19 -3.91 38.68
C CYS O 114 -61.75 -3.46 38.55
N ILE O 115 -60.85 -4.40 38.25
CA ILE O 115 -59.47 -4.05 37.99
C ILE O 115 -58.92 -4.96 36.89
N THR O 116 -58.01 -4.41 36.10
CA THR O 116 -57.20 -5.17 35.16
C THR O 116 -55.75 -4.77 35.39
N THR O 117 -54.88 -5.76 35.55
CA THR O 117 -53.51 -5.55 35.99
C THR O 117 -52.53 -6.13 34.98
N ARG O 118 -51.47 -5.37 34.71
CA ARG O 118 -50.37 -5.78 33.87
C ARG O 118 -49.11 -5.93 34.72
N TYR O 119 -48.39 -7.01 34.47
CA TYR O 119 -47.18 -7.35 35.22
C TYR O 119 -46.31 -8.25 34.36
N PRO O 120 -45.01 -8.31 34.62
CA PRO O 120 -44.12 -9.16 33.82
C PRO O 120 -44.22 -10.62 34.26
N LEU O 121 -44.34 -11.51 33.28
CA LEU O 121 -44.41 -12.96 33.52
C LEU O 121 -43.03 -13.59 33.37
N SER O 122 -42.03 -12.91 33.88
CA SER O 122 -40.65 -13.28 33.59
C SER O 122 -39.98 -13.95 34.79
N ALA P 9 -25.55 -4.92 21.06
CA ALA P 9 -25.20 -5.16 22.45
C ALA P 9 -24.34 -4.03 22.99
N LEU P 10 -24.38 -2.87 22.32
CA LEU P 10 -23.55 -1.75 22.70
C LEU P 10 -24.20 -0.80 23.69
N THR P 11 -25.50 -0.98 23.97
CA THR P 11 -26.23 0.01 24.76
C THR P 11 -26.98 -0.67 25.89
N CYS P 12 -27.03 0.01 27.04
CA CYS P 12 -27.98 -0.30 28.11
C CYS P 12 -29.18 0.64 28.05
N CYS P 13 -29.60 0.99 26.85
CA CYS P 13 -30.77 1.83 26.60
C CYS P 13 -31.95 0.94 26.24
N PRO P 14 -32.80 0.58 27.21
CA PRO P 14 -33.93 -0.29 26.89
C PRO P 14 -35.00 0.45 26.11
N ASP P 15 -35.79 -0.33 25.37
CA ASP P 15 -36.89 0.22 24.59
C ASP P 15 -38.05 0.60 25.50
N LYS P 16 -38.87 1.52 25.01
CA LYS P 16 -40.08 1.94 25.71
C LYS P 16 -41.28 1.21 25.11
N ASN P 17 -41.86 0.31 25.89
CA ASN P 17 -43.00 -0.49 25.45
C ASN P 17 -44.27 0.17 25.98
N TYR P 18 -44.95 0.91 25.12
CA TYR P 18 -46.15 1.64 25.50
C TYR P 18 -47.37 0.73 25.40
N VAL P 19 -48.27 0.84 26.37
CA VAL P 19 -49.49 0.05 26.40
C VAL P 19 -50.68 0.97 26.64
N GLN P 20 -51.86 0.46 26.31
CA GLN P 20 -53.10 1.22 26.35
C GLN P 20 -54.17 0.45 27.10
N ASP P 21 -54.92 1.16 27.94
CA ASP P 21 -56.06 0.61 28.65
C ASP P 21 -57.28 1.49 28.41
N LYS P 22 -58.46 0.98 28.79
CA LYS P 22 -59.71 1.69 28.60
C LYS P 22 -60.59 1.47 29.81
N VAL P 23 -61.33 2.50 30.20
CA VAL P 23 -62.28 2.40 31.31
C VAL P 23 -63.42 3.39 31.09
N CYS P 24 -64.64 2.94 31.33
CA CYS P 24 -65.85 3.75 31.25
C CYS P 24 -66.62 3.63 32.55
N SER P 25 -67.24 4.71 32.99
CA SER P 25 -67.99 4.69 34.23
C SER P 25 -69.02 5.81 34.23
N PRO P 26 -70.20 5.58 34.81
CA PRO P 26 -71.16 6.66 35.03
C PRO P 26 -70.84 7.43 36.31
N TRP P 27 -71.27 8.69 36.32
CA TRP P 27 -71.02 9.55 37.46
C TRP P 27 -72.30 10.27 37.85
N SER P 28 -72.44 10.55 39.15
CA SER P 28 -73.59 11.24 39.70
C SER P 28 -73.13 12.11 40.85
N GLY P 29 -73.92 13.15 41.13
CA GLY P 29 -73.63 14.05 42.22
C GLY P 29 -74.81 14.89 42.64
N THR P 30 -75.10 14.93 43.94
CA THR P 30 -76.25 15.66 44.48
C THR P 30 -75.75 16.90 45.21
N VAL P 31 -76.11 18.07 44.71
CA VAL P 31 -75.74 19.34 45.34
C VAL P 31 -76.92 19.85 46.15
N VAL P 32 -76.65 20.19 47.42
CA VAL P 32 -77.67 20.72 48.32
C VAL P 32 -77.37 22.16 48.72
N ALA P 33 -76.21 22.41 49.32
CA ALA P 33 -75.85 23.76 49.74
C ALA P 33 -74.41 24.11 49.40
N THR P 34 -73.61 23.11 49.05
CA THR P 34 -72.19 23.29 48.81
C THR P 34 -71.80 22.79 47.43
N ALA P 35 -70.82 23.45 46.82
CA ALA P 35 -70.30 23.05 45.52
C ALA P 35 -69.59 21.70 45.64
N ILE P 36 -69.56 20.97 44.52
CA ILE P 36 -68.96 19.64 44.47
C ILE P 36 -67.85 19.63 43.43
N THR P 37 -66.81 18.85 43.70
CA THR P 37 -65.60 18.78 42.88
C THR P 37 -65.40 17.30 42.53
N ASN P 38 -66.44 16.71 41.94
CA ASN P 38 -66.49 15.26 41.70
C ASN P 38 -65.38 14.81 40.77
N VAL P 39 -64.44 14.03 41.30
CA VAL P 39 -63.32 13.53 40.50
C VAL P 39 -63.74 12.26 39.78
N LEU P 40 -63.52 12.21 38.47
CA LEU P 40 -63.90 11.06 37.67
C LEU P 40 -62.75 10.10 37.39
N TYR P 41 -61.51 10.60 37.37
CA TYR P 41 -60.36 9.78 37.04
C TYR P 41 -59.13 10.38 37.68
N ASN P 42 -58.21 9.51 38.12
CA ASN P 42 -56.97 9.96 38.73
C ASN P 42 -55.89 8.90 38.52
N ASN P 43 -54.64 9.33 38.58
CA ASN P 43 -53.50 8.45 38.36
C ASN P 43 -52.27 9.03 39.03
N ASN P 44 -51.25 8.18 39.19
CA ASN P 44 -49.97 8.58 39.77
C ASN P 44 -48.81 8.39 38.79
N ILE P 45 -49.12 8.34 37.49
CA ILE P 45 -48.12 8.07 36.46
C ILE P 45 -48.10 9.23 35.46
N ASN P 46 -48.29 10.45 35.97
CA ASN P 46 -48.49 11.63 35.13
C ASN P 46 -47.37 11.79 34.11
N GLN P 47 -46.14 11.40 34.47
CA GLN P 47 -45.04 11.48 33.51
C GLN P 47 -45.25 10.46 32.40
N ASN P 48 -45.24 10.93 31.15
CA ASN P 48 -45.47 10.09 29.99
C ASN P 48 -46.82 9.39 30.06
N MET P 49 -47.90 10.15 30.18
CA MET P 49 -49.25 9.60 30.13
C MET P 49 -50.09 10.43 29.17
N ILE P 50 -50.87 9.77 28.31
CA ILE P 50 -51.81 10.47 27.44
C ILE P 50 -53.16 9.78 27.53
N GLY P 51 -54.22 10.57 27.57
CA GLY P 51 -55.57 10.05 27.67
C GLY P 51 -56.53 10.70 26.70
N THR P 52 -57.26 9.88 25.94
CA THR P 52 -58.27 10.35 25.01
C THR P 52 -59.63 9.82 25.43
N GLY P 53 -60.64 10.66 25.39
CA GLY P 53 -61.96 10.19 25.77
C GLY P 53 -63.01 11.27 25.71
N PHE P 54 -64.11 11.04 26.43
CA PHE P 54 -65.21 11.99 26.45
C PHE P 54 -65.90 11.99 27.82
N VAL P 55 -66.58 13.10 28.08
CA VAL P 55 -67.45 13.27 29.24
C VAL P 55 -68.82 13.65 28.73
N ARG P 56 -69.84 12.91 29.14
CA ARG P 56 -71.22 13.14 28.70
C ARG P 56 -72.04 13.65 29.86
N TYR P 57 -72.68 14.81 29.66
CA TYR P 57 -73.58 15.42 30.63
C TYR P 57 -75.00 15.15 30.16
N ASP P 58 -75.73 14.30 30.88
CA ASP P 58 -77.05 13.84 30.47
C ASP P 58 -78.17 14.67 31.09
N VAL P 59 -78.26 14.69 32.41
CA VAL P 59 -79.33 15.39 33.12
C VAL P 59 -78.73 16.19 34.26
N GLY P 60 -79.28 17.39 34.49
CA GLY P 60 -78.81 18.24 35.54
C GLY P 60 -79.50 19.58 35.54
N PRO P 61 -79.63 20.19 36.74
CA PRO P 61 -80.30 21.50 36.82
C PRO P 61 -79.61 22.61 36.07
N ALA P 62 -78.28 22.60 35.98
CA ALA P 62 -77.55 23.76 35.49
C ALA P 62 -76.27 23.36 34.78
N PRO P 63 -75.61 24.29 34.07
CA PRO P 63 -74.31 23.99 33.47
C PRO P 63 -73.28 23.59 34.53
N ILE P 64 -72.37 22.70 34.12
CA ILE P 64 -71.30 22.21 34.98
C ILE P 64 -69.97 22.57 34.32
N THR P 65 -68.88 22.40 35.06
CA THR P 65 -67.55 22.69 34.54
C THR P 65 -66.74 21.39 34.53
N LEU P 66 -65.96 21.19 33.47
CA LEU P 66 -65.05 20.07 33.38
C LEU P 66 -63.62 20.60 33.41
N THR P 67 -62.84 20.15 34.39
CA THR P 67 -61.49 20.64 34.59
C THR P 67 -60.50 19.49 34.63
N VAL P 68 -59.28 19.76 34.17
CA VAL P 68 -58.19 18.80 34.18
C VAL P 68 -57.02 19.39 34.94
N LEU P 69 -56.47 18.63 35.89
CA LEU P 69 -55.45 19.12 36.79
C LEU P 69 -54.22 18.23 36.75
N ASP P 70 -53.06 18.85 36.95
CA ASP P 70 -51.79 18.16 37.04
C ASP P 70 -51.41 17.97 38.51
N ALA P 71 -50.25 17.35 38.72
CA ALA P 71 -49.84 16.96 40.07
C ALA P 71 -49.67 18.16 41.00
N ALA P 72 -49.42 19.35 40.45
CA ALA P 72 -49.24 20.54 41.26
C ALA P 72 -50.57 21.18 41.64
N GLY P 73 -51.69 20.62 41.17
CA GLY P 73 -53.00 21.17 41.47
C GLY P 73 -53.47 22.26 40.53
N ALA P 74 -52.63 22.67 39.58
CA ALA P 74 -53.00 23.70 38.63
C ALA P 74 -53.97 23.16 37.60
N THR P 75 -54.62 24.07 36.88
CA THR P 75 -55.59 23.71 35.87
C THR P 75 -54.94 23.70 34.49
N ILE P 76 -55.07 22.59 33.79
CA ILE P 76 -54.57 22.49 32.41
C ILE P 76 -55.63 22.95 31.42
N ASP P 77 -56.86 22.48 31.57
CA ASP P 77 -57.94 22.86 30.68
C ASP P 77 -59.25 22.89 31.45
N THR P 78 -60.10 23.86 31.12
CA THR P 78 -61.42 24.00 31.72
C THR P 78 -62.44 24.29 30.63
N GLN P 79 -63.57 23.60 30.69
CA GLN P 79 -64.64 23.75 29.73
C GLN P 79 -65.98 23.78 30.46
N THR P 80 -67.01 24.24 29.77
CA THR P 80 -68.35 24.35 30.33
C THR P 80 -69.30 23.47 29.54
N LEU P 81 -70.18 22.77 30.26
CA LEU P 81 -71.12 21.85 29.65
C LEU P 81 -72.54 22.15 30.10
N ASN P 82 -73.48 22.00 29.18
CA ASN P 82 -74.91 22.12 29.41
C ASN P 82 -75.57 20.75 29.34
N PRO P 83 -76.70 20.55 30.02
CA PRO P 83 -77.30 19.20 30.07
C PRO P 83 -77.62 18.66 28.68
N GLY P 84 -77.32 17.39 28.48
CA GLY P 84 -77.62 16.70 27.24
C GLY P 84 -76.54 16.74 26.18
N THR P 85 -75.31 17.07 26.53
CA THR P 85 -74.24 17.22 25.53
C THR P 85 -73.05 16.35 25.93
N SER P 86 -71.99 16.43 25.12
CA SER P 86 -70.77 15.67 25.33
C SER P 86 -69.56 16.53 24.98
N ILE P 87 -68.42 16.20 25.56
CA ILE P 87 -67.17 16.86 25.24
C ILE P 87 -66.07 15.82 25.09
N ALA P 88 -65.34 15.90 23.99
CA ALA P 88 -64.21 15.00 23.72
C ALA P 88 -62.90 15.71 24.01
N PHE P 89 -61.90 14.93 24.40
CA PHE P 89 -60.63 15.51 24.82
C PHE P 89 -59.49 14.53 24.56
N THR P 90 -58.29 15.09 24.47
CA THR P 90 -57.05 14.33 24.42
C THR P 90 -56.00 15.13 25.19
N TYR P 91 -55.53 14.59 26.31
CA TYR P 91 -54.69 15.34 27.24
C TYR P 91 -53.41 14.54 27.54
N ARG P 92 -52.36 15.27 27.90
CA ARG P 92 -51.11 14.65 28.32
C ARG P 92 -50.60 15.31 29.59
N ARG P 93 -49.89 14.53 30.40
CA ARG P 93 -49.27 14.99 31.65
C ARG P 93 -50.30 15.66 32.57
N PHE P 94 -51.29 14.86 32.96
CA PHE P 94 -52.35 15.31 33.85
C PHE P 94 -52.48 14.31 34.99
N VAL P 95 -52.91 14.80 36.15
CA VAL P 95 -53.08 13.95 37.31
C VAL P 95 -54.54 13.57 37.53
N THR P 96 -55.51 14.40 37.13
CA THR P 96 -56.90 14.07 37.39
C THR P 96 -57.81 14.84 36.45
N ILE P 97 -59.02 14.30 36.29
CA ILE P 97 -60.11 14.94 35.56
C ILE P 97 -61.30 14.99 36.50
N GLU P 98 -61.97 16.14 36.56
CA GLU P 98 -63.05 16.30 37.52
C GLU P 98 -64.12 17.22 36.94
N VAL P 99 -65.31 17.15 37.55
CA VAL P 99 -66.44 18.00 37.20
C VAL P 99 -66.78 18.84 38.44
N THR P 100 -66.84 20.16 38.24
CA THR P 100 -67.23 21.11 39.27
C THR P 100 -68.71 21.42 39.08
N LEU P 101 -69.50 21.18 40.13
CA LEU P 101 -70.92 21.41 40.25
C LEU P 101 -71.17 22.59 41.18
N PRO P 102 -71.75 23.68 40.69
CA PRO P 102 -71.96 24.86 41.53
C PRO P 102 -73.00 24.62 42.60
N ALA P 103 -72.90 25.40 43.68
CA ALA P 103 -73.84 25.32 44.79
C ALA P 103 -75.09 26.15 44.55
N ALA P 104 -75.19 26.84 43.42
CA ALA P 104 -76.32 27.70 43.13
C ALA P 104 -77.63 26.93 43.09
N THR P 105 -77.74 25.96 42.18
CA THR P 105 -78.97 25.20 42.05
C THR P 105 -78.80 23.82 42.67
N ALA P 106 -79.69 23.50 43.62
CA ALA P 106 -79.66 22.19 44.26
C ALA P 106 -80.35 21.15 43.38
N GLY P 107 -79.74 19.98 43.28
CA GLY P 107 -80.29 18.93 42.45
C GLY P 107 -79.25 17.88 42.14
N THR P 108 -79.65 16.93 41.30
CA THR P 108 -78.80 15.79 40.95
C THR P 108 -78.28 15.94 39.53
N TYR P 109 -76.97 15.79 39.37
CA TYR P 109 -76.31 15.78 38.07
C TYR P 109 -75.85 14.37 37.77
N GLN P 110 -76.14 13.91 36.55
CA GLN P 110 -75.79 12.56 36.14
C GLN P 110 -75.16 12.59 34.75
N GLY P 111 -74.26 11.64 34.52
CA GLY P 111 -73.60 11.58 33.22
C GLY P 111 -72.71 10.36 33.12
N GLU P 112 -71.89 10.35 32.07
CA GLU P 112 -71.02 9.22 31.77
C GLU P 112 -69.61 9.73 31.47
N PHE P 113 -68.64 8.83 31.52
CA PHE P 113 -67.25 9.19 31.27
C PHE P 113 -66.52 8.01 30.67
N CYS P 114 -65.83 8.23 29.55
CA CYS P 114 -65.02 7.20 28.91
C CYS P 114 -63.62 7.74 28.72
N ILE P 115 -62.61 6.91 29.01
CA ILE P 115 -61.23 7.29 28.74
C ILE P 115 -60.45 6.06 28.30
N THR P 116 -59.47 6.29 27.43
CA THR P 116 -58.47 5.31 27.07
C THR P 116 -57.10 5.97 27.21
N THR P 117 -56.21 5.31 27.93
CA THR P 117 -54.94 5.90 28.34
C THR P 117 -53.77 5.07 27.85
N ARG P 118 -52.75 5.75 27.34
CA ARG P 118 -51.49 5.15 26.92
C ARG P 118 -50.37 5.61 27.85
N TYR P 119 -49.54 4.66 28.24
CA TYR P 119 -48.45 4.90 29.19
C TYR P 119 -47.38 3.83 28.96
N PRO P 120 -46.13 4.10 29.35
CA PRO P 120 -45.07 3.11 29.17
C PRO P 120 -45.12 2.04 30.25
N LEU P 121 -45.01 0.78 29.84
CA LEU P 121 -45.01 -0.36 30.75
C LEU P 121 -43.58 -0.79 31.07
N SER P 122 -42.78 0.23 31.38
CA SER P 122 -41.34 0.15 31.55
C SER P 122 -40.95 -0.23 32.98
N ALA Q 9 -25.08 3.36 17.87
CA ALA Q 9 -24.95 3.88 19.23
C ALA Q 9 -24.28 5.25 19.22
N LEU Q 10 -24.30 5.91 18.06
CA LEU Q 10 -23.63 7.20 17.91
C LEU Q 10 -24.51 8.39 18.24
N THR Q 11 -25.81 8.19 18.44
CA THR Q 11 -26.73 9.30 18.56
C THR Q 11 -27.60 9.16 19.80
N CYS Q 12 -27.88 10.29 20.45
CA CYS Q 12 -28.94 10.40 21.45
C CYS Q 12 -30.20 11.00 20.81
N CYS Q 13 -30.46 10.67 19.55
CA CYS Q 13 -31.63 11.11 18.81
C CYS Q 13 -32.67 10.00 18.82
N PRO Q 14 -33.63 10.02 19.75
CA PRO Q 14 -34.63 8.94 19.81
C PRO Q 14 -35.62 9.06 18.65
N ASP Q 15 -36.21 7.92 18.31
CA ASP Q 15 -37.21 7.86 17.26
C ASP Q 15 -38.53 8.45 17.76
N LYS Q 16 -39.34 8.90 16.79
CA LYS Q 16 -40.67 9.42 17.07
C LYS Q 16 -41.69 8.32 16.80
N ASN Q 17 -42.32 7.83 17.86
CA ASN Q 17 -43.31 6.76 17.76
C ASN Q 17 -44.69 7.41 17.77
N TYR Q 18 -45.28 7.54 16.59
CA TYR Q 18 -46.59 8.17 16.44
C TYR Q 18 -47.69 7.15 16.69
N VAL Q 19 -48.75 7.58 17.38
CA VAL Q 19 -49.90 6.74 17.69
C VAL Q 19 -51.17 7.48 17.31
N GLN Q 20 -52.24 6.71 17.16
CA GLN Q 20 -53.53 7.20 16.70
C GLN Q 20 -54.64 6.74 17.63
N ASP Q 21 -55.56 7.64 17.93
CA ASP Q 21 -56.76 7.35 18.71
C ASP Q 21 -57.99 7.81 17.94
N LYS Q 22 -59.16 7.37 18.41
CA LYS Q 22 -60.42 7.71 17.77
C LYS Q 22 -61.47 7.99 18.84
N VAL Q 23 -62.34 8.96 18.60
CA VAL Q 23 -63.44 9.25 19.51
C VAL Q 23 -64.60 9.85 18.72
N CYS Q 24 -65.81 9.39 19.03
CA CYS Q 24 -67.04 9.88 18.43
C CYS Q 24 -68.00 10.27 19.54
N SER Q 25 -68.77 11.33 19.33
CA SER Q 25 -69.70 11.81 20.34
C SER Q 25 -70.80 12.63 19.69
N PRO Q 26 -72.03 12.53 20.19
CA PRO Q 26 -73.10 13.43 19.75
C PRO Q 26 -73.04 14.76 20.50
N TRP Q 27 -73.56 15.79 19.85
CA TRP Q 27 -73.58 17.12 20.43
C TRP Q 27 -74.96 17.74 20.29
N SER Q 28 -75.30 18.58 21.26
CA SER Q 28 -76.59 19.27 21.28
C SER Q 28 -76.39 20.65 21.89
N GLY Q 29 -77.29 21.57 21.54
CA GLY Q 29 -77.24 22.91 22.07
C GLY Q 29 -78.54 23.67 21.89
N THR Q 30 -79.04 24.29 22.97
CA THR Q 30 -80.30 25.00 22.95
C THR Q 30 -80.03 26.50 23.03
N VAL Q 31 -80.40 27.23 21.98
CA VAL Q 31 -80.23 28.67 21.94
C VAL Q 31 -81.56 29.34 22.27
N VAL Q 32 -81.52 30.28 23.21
CA VAL Q 32 -82.71 31.02 23.64
C VAL Q 32 -82.59 32.50 23.30
N ALA Q 33 -81.56 33.18 23.80
CA ALA Q 33 -81.38 34.59 23.53
C ALA Q 33 -79.93 34.94 23.21
N THR Q 34 -79.01 34.02 23.48
CA THR Q 34 -77.59 34.28 23.32
C THR Q 34 -76.95 33.23 22.42
N ALA Q 35 -75.94 33.66 21.66
CA ALA Q 35 -75.20 32.76 20.79
C ALA Q 35 -74.41 31.76 21.63
N ILE Q 36 -74.14 30.60 21.03
CA ILE Q 36 -73.44 29.51 21.71
C ILE Q 36 -72.19 29.16 20.91
N THR Q 37 -71.15 28.77 21.64
CA THR Q 37 -69.83 28.50 21.08
C THR Q 37 -69.45 27.07 21.53
N ASN Q 38 -70.34 26.13 21.21
CA ASN Q 38 -70.23 24.76 21.71
C ASN Q 38 -68.95 24.07 21.24
N VAL Q 39 -68.04 23.79 22.17
CA VAL Q 39 -66.78 23.14 21.84
C VAL Q 39 -66.99 21.64 21.81
N LEU Q 40 -66.55 21.00 20.71
CA LEU Q 40 -66.71 19.56 20.55
C LEU Q 40 -65.46 18.77 20.91
N TYR Q 41 -64.28 19.37 20.77
CA TYR Q 41 -63.03 18.67 21.00
C TYR Q 41 -61.96 19.68 21.38
N ASN Q 42 -61.05 19.27 22.27
CA ASN Q 42 -59.96 20.13 22.69
C ASN Q 42 -58.79 19.27 23.14
N ASN Q 43 -57.60 19.85 23.11
CA ASN Q 43 -56.39 19.15 23.47
C ASN Q 43 -55.32 20.15 23.88
N ASN Q 44 -54.27 19.65 24.54
CA ASN Q 44 -53.14 20.46 24.96
C ASN Q 44 -51.84 19.99 24.33
N ILE Q 45 -51.92 19.28 23.20
CA ILE Q 45 -50.76 18.70 22.53
C ILE Q 45 -50.67 19.23 21.10
N ASN Q 46 -51.04 20.50 20.93
CA ASN Q 46 -51.18 21.08 19.59
C ASN Q 46 -49.94 20.90 18.74
N GLN Q 47 -48.76 20.92 19.36
CA GLN Q 47 -47.53 20.69 18.61
C GLN Q 47 -47.49 19.23 18.14
N ASN Q 48 -47.31 19.05 16.83
CA ASN Q 48 -47.30 17.73 16.21
C ASN Q 48 -48.58 16.96 16.48
N MET Q 49 -49.72 17.52 16.11
CA MET Q 49 -51.00 16.83 16.20
C MET Q 49 -51.74 16.97 14.88
N ILE Q 50 -52.32 15.86 14.39
CA ILE Q 50 -53.15 15.91 13.20
C ILE Q 50 -54.45 15.16 13.49
N GLY Q 51 -55.57 15.72 13.03
CA GLY Q 51 -56.86 15.10 13.24
C GLY Q 51 -57.70 15.06 11.98
N THR Q 52 -58.24 13.90 11.67
CA THR Q 52 -59.13 13.71 10.53
C THR Q 52 -60.49 13.24 11.02
N GLY Q 53 -61.55 13.82 10.47
CA GLY Q 53 -62.87 13.40 10.91
C GLY Q 53 -63.99 14.15 10.21
N PHE Q 54 -65.16 14.13 10.85
CA PHE Q 54 -66.32 14.80 10.29
C PHE Q 54 -67.21 15.36 11.39
N VAL Q 55 -68.01 16.34 11.01
CA VAL Q 55 -69.05 16.92 11.85
C VAL Q 55 -70.36 16.80 11.07
N ARG Q 56 -71.37 16.21 11.70
CA ARG Q 56 -72.68 16.00 11.07
C ARG Q 56 -73.72 16.88 11.74
N TYR Q 57 -74.39 17.70 10.94
CA TYR Q 57 -75.49 18.56 11.38
C TYR Q 57 -76.79 17.88 10.97
N ASP Q 58 -77.55 17.39 11.95
CA ASP Q 58 -78.75 16.61 11.68
C ASP Q 58 -80.02 17.44 11.69
N VAL Q 59 -80.32 18.09 12.82
CA VAL Q 59 -81.54 18.87 12.97
C VAL Q 59 -81.18 20.20 13.62
N GLY Q 60 -81.86 21.27 13.18
CA GLY Q 60 -81.63 22.59 13.71
C GLY Q 60 -82.41 23.65 12.99
N PRO Q 61 -82.77 24.72 13.70
CA PRO Q 61 -83.56 25.80 13.07
C PRO Q 61 -82.84 26.51 11.92
N ALA Q 62 -81.51 26.64 11.99
CA ALA Q 62 -80.82 27.52 11.06
C ALA Q 62 -79.41 27.03 10.77
N PRO Q 63 -78.74 27.58 9.76
CA PRO Q 63 -77.33 27.22 9.53
C PRO Q 63 -76.44 27.53 10.73
N ILE Q 64 -75.42 26.70 10.92
CA ILE Q 64 -74.45 26.85 11.99
C ILE Q 64 -73.08 27.03 11.38
N THR Q 65 -72.11 27.41 12.22
CA THR Q 65 -70.74 27.60 11.76
C THR Q 65 -69.83 26.59 12.46
N LEU Q 66 -68.89 26.03 11.72
CA LEU Q 66 -67.88 25.14 12.28
C LEU Q 66 -66.52 25.82 12.20
N THR Q 67 -65.87 26.01 13.34
CA THR Q 67 -64.62 26.74 13.40
C THR Q 67 -63.56 25.90 14.10
N VAL Q 68 -62.31 26.10 13.69
CA VAL Q 68 -61.17 25.41 14.29
C VAL Q 68 -60.17 26.47 14.76
N LEU Q 69 -59.72 26.35 16.01
CA LEU Q 69 -58.90 27.36 16.64
C LEU Q 69 -57.61 26.74 17.16
N ASP Q 70 -56.55 27.55 17.15
CA ASP Q 70 -55.26 27.18 17.69
C ASP Q 70 -55.10 27.77 19.10
N ALA Q 71 -53.94 27.51 19.69
CA ALA Q 71 -53.72 27.88 21.10
C ALA Q 71 -53.79 29.38 21.32
N ALA Q 72 -53.55 30.18 20.29
CA ALA Q 72 -53.59 31.63 20.41
C ALA Q 72 -55.01 32.17 20.28
N GLY Q 73 -55.99 31.30 20.05
CA GLY Q 73 -57.37 31.72 19.91
C GLY Q 73 -57.77 32.15 18.52
N ALA Q 74 -56.84 32.17 17.58
CA ALA Q 74 -57.13 32.56 16.21
C ALA Q 74 -57.88 31.44 15.48
N THR Q 75 -58.49 31.81 14.36
CA THR Q 75 -59.26 30.86 13.56
C THR Q 75 -58.40 30.29 12.43
N ILE Q 76 -58.32 28.97 12.37
CA ILE Q 76 -57.61 28.30 11.29
C ILE Q 76 -58.53 28.07 10.09
N ASP Q 77 -59.74 27.55 10.35
CA ASP Q 77 -60.69 27.29 9.28
C ASP Q 77 -62.10 27.51 9.81
N THR Q 78 -62.95 28.05 8.95
CA THR Q 78 -64.36 28.28 9.27
C THR Q 78 -65.22 27.86 8.09
N GLN Q 79 -66.28 27.12 8.37
CA GLN Q 79 -67.20 26.63 7.35
C GLN Q 79 -68.63 26.82 7.84
N THR Q 80 -69.58 26.73 6.91
CA THR Q 80 -70.99 26.91 7.21
C THR Q 80 -71.74 25.62 6.87
N LEU Q 81 -72.66 25.23 7.76
CA LEU Q 81 -73.42 24.00 7.59
C LEU Q 81 -74.91 24.28 7.69
N ASN Q 82 -75.69 23.56 6.88
CA ASN Q 82 -77.13 23.58 6.88
C ASN Q 82 -77.66 22.25 7.43
N PRO Q 83 -78.86 22.24 8.01
CA PRO Q 83 -79.36 21.02 8.66
C PRO Q 83 -79.41 19.83 7.70
N GLY Q 84 -78.98 18.68 8.19
CA GLY Q 84 -79.04 17.44 7.43
C GLY Q 84 -77.81 17.13 6.59
N THR Q 85 -76.67 17.77 6.85
CA THR Q 85 -75.48 17.57 6.03
C THR Q 85 -74.29 17.19 6.90
N SER Q 86 -73.14 17.03 6.28
CA SER Q 86 -71.91 16.63 6.96
C SER Q 86 -70.74 17.39 6.34
N ILE Q 87 -69.67 17.55 7.13
CA ILE Q 87 -68.44 18.16 6.63
C ILE Q 87 -67.26 17.34 7.13
N ALA Q 88 -66.36 16.99 6.21
CA ALA Q 88 -65.15 16.25 6.54
C ALA Q 88 -63.95 17.19 6.56
N PHE Q 89 -62.97 16.85 7.37
CA PHE Q 89 -61.83 17.74 7.57
C PHE Q 89 -60.60 16.94 7.95
N THR Q 90 -59.43 17.56 7.72
CA THR Q 90 -58.15 17.05 8.17
C THR Q 90 -57.30 18.26 8.54
N TYR Q 91 -56.98 18.40 9.82
CA TYR Q 91 -56.35 19.61 10.35
C TYR Q 91 -55.09 19.26 11.11
N ARG Q 92 -54.15 20.21 11.17
CA ARG Q 92 -52.94 20.06 11.97
C ARG Q 92 -52.70 21.31 12.78
N ARG Q 93 -52.06 21.13 13.94
CA ARG Q 93 -51.68 22.21 14.85
C ARG Q 93 -52.89 23.09 15.21
N PHE Q 94 -53.86 22.43 15.84
CA PHE Q 94 -55.08 23.09 16.30
C PHE Q 94 -55.30 22.76 17.76
N VAL Q 95 -55.95 23.68 18.47
CA VAL Q 95 -56.24 23.47 19.88
C VAL Q 95 -57.68 23.03 20.12
N THR Q 96 -58.62 23.42 19.26
CA THR Q 96 -60.02 23.06 19.53
C THR Q 96 -60.83 23.14 18.24
N ILE Q 97 -61.94 22.42 18.24
CA ILE Q 97 -62.96 22.47 17.20
C ILE Q 97 -64.28 22.78 17.86
N GLU Q 98 -65.04 23.71 17.28
CA GLU Q 98 -66.27 24.16 17.91
C GLU Q 98 -67.31 24.51 16.86
N VAL Q 99 -68.56 24.56 17.30
CA VAL Q 99 -69.69 24.99 16.48
C VAL Q 99 -70.28 26.25 17.09
N THR Q 100 -70.41 27.28 16.27
CA THR Q 100 -71.04 28.53 16.66
C THR Q 100 -72.50 28.51 16.19
N LEU Q 101 -73.40 28.69 17.14
CA LEU Q 101 -74.85 28.74 16.98
C LEU Q 101 -75.34 30.17 17.18
N PRO Q 102 -75.92 30.79 16.16
CA PRO Q 102 -76.34 32.18 16.29
C PRO Q 102 -77.53 32.34 17.22
N ALA Q 103 -77.65 33.54 17.78
CA ALA Q 103 -78.74 33.86 18.68
C ALA Q 103 -80.01 34.29 17.95
N ALA Q 104 -79.98 34.33 16.62
CA ALA Q 104 -81.12 34.77 15.82
C ALA Q 104 -82.34 33.88 16.05
N THR Q 105 -82.22 32.60 15.73
CA THR Q 105 -83.35 31.69 15.88
C THR Q 105 -83.18 30.83 17.12
N ALA Q 106 -84.17 30.87 18.00
CA ALA Q 106 -84.15 30.06 19.21
C ALA Q 106 -84.60 28.63 18.89
N GLY Q 107 -83.90 27.66 19.44
CA GLY Q 107 -84.22 26.27 19.20
C GLY Q 107 -83.06 25.37 19.55
N THR Q 108 -83.25 24.08 19.25
CA THR Q 108 -82.28 23.05 19.59
C THR Q 108 -81.55 22.58 18.34
N TYR Q 109 -80.22 22.56 18.42
CA TYR Q 109 -79.36 22.03 17.36
C TYR Q 109 -78.75 20.72 17.84
N GLN Q 110 -78.81 19.71 16.99
CA GLN Q 110 -78.29 18.40 17.34
C GLN Q 110 -77.46 17.84 16.20
N GLY Q 111 -76.46 17.04 16.54
CA GLY Q 111 -75.61 16.47 15.51
C GLY Q 111 -74.62 15.49 16.11
N GLU Q 112 -73.65 15.09 15.29
CA GLU Q 112 -72.65 14.11 15.68
C GLU Q 112 -71.26 14.61 15.30
N PHE Q 113 -70.24 14.00 15.88
CA PHE Q 113 -68.86 14.40 15.64
C PHE Q 113 -67.95 13.18 15.76
N CYS Q 114 -67.12 12.94 14.75
CA CYS Q 114 -66.14 11.86 14.79
C CYS Q 114 -64.77 12.44 14.50
N ILE Q 115 -63.76 12.01 15.26
CA ILE Q 115 -62.39 12.41 14.98
C ILE Q 115 -61.45 11.25 15.27
N THR Q 116 -60.37 11.18 14.51
CA THR Q 116 -59.25 10.30 14.78
C THR Q 116 -57.99 11.13 14.70
N THR Q 117 -57.15 11.05 15.74
CA THR Q 117 -56.02 11.93 15.93
C THR Q 117 -54.73 11.15 16.03
N ARG Q 118 -53.69 11.65 15.36
CA ARG Q 118 -52.35 11.12 15.42
C ARG Q 118 -51.43 12.12 16.10
N TYR Q 119 -50.59 11.61 16.99
CA TYR Q 119 -49.68 12.42 17.79
C TYR Q 119 -48.51 11.55 18.23
N PRO Q 120 -47.37 12.15 18.55
CA PRO Q 120 -46.21 11.35 18.99
C PRO Q 120 -46.35 10.95 20.45
N LEU Q 121 -46.08 9.67 20.73
CA LEU Q 121 -46.13 9.11 22.08
C LEU Q 121 -44.74 9.11 22.70
N SER Q 122 -44.03 10.22 22.52
CA SER Q 122 -42.63 10.29 22.88
C SER Q 122 -42.40 10.98 24.22
N ALA R 9 -24.79 9.07 11.04
CA ALA R 9 -24.91 10.18 11.96
C ALA R 9 -24.36 11.46 11.35
N LEU R 10 -24.25 11.47 10.03
CA LEU R 10 -23.66 12.61 9.33
C LEU R 10 -24.67 13.67 8.94
N THR R 11 -25.97 13.40 9.08
CA THR R 11 -26.99 14.29 8.54
C THR R 11 -28.02 14.63 9.61
N CYS R 12 -28.49 15.88 9.58
CA CYS R 12 -29.71 16.30 10.27
C CYS R 12 -30.89 16.33 9.31
N CYS R 13 -30.91 15.40 8.36
CA CYS R 13 -32.00 15.27 7.39
C CYS R 13 -32.93 14.16 7.85
N PRO R 14 -34.02 14.47 8.54
CA PRO R 14 -34.93 13.43 9.02
C PRO R 14 -35.73 12.83 7.88
N ASP R 15 -36.18 11.61 8.09
CA ASP R 15 -36.99 10.89 7.12
C ASP R 15 -38.41 11.45 7.12
N LYS R 16 -39.10 11.26 5.99
CA LYS R 16 -40.49 11.66 5.84
C LYS R 16 -41.37 10.43 6.04
N ASN R 17 -42.11 10.42 7.14
CA ASN R 17 -42.98 9.30 7.50
C ASN R 17 -44.40 9.66 7.04
N TYR R 18 -44.82 9.12 5.91
CA TYR R 18 -46.12 9.40 5.34
C TYR R 18 -47.17 8.48 5.94
N VAL R 19 -48.34 9.04 6.23
CA VAL R 19 -49.45 8.29 6.79
C VAL R 19 -50.71 8.57 5.98
N GLN R 20 -51.68 7.67 6.13
CA GLN R 20 -52.92 7.69 5.36
C GLN R 20 -54.11 7.57 6.28
N ASP R 21 -55.15 8.37 6.00
CA ASP R 21 -56.42 8.31 6.71
C ASP R 21 -57.55 8.16 5.70
N LYS R 22 -58.74 7.84 6.20
CA LYS R 22 -59.91 7.65 5.35
C LYS R 22 -61.12 8.24 6.05
N VAL R 23 -62.03 8.84 5.26
CA VAL R 23 -63.27 9.37 5.80
C VAL R 23 -64.34 9.34 4.72
N CYS R 24 -65.55 8.91 5.10
CA CYS R 24 -66.71 8.88 4.21
C CYS R 24 -67.85 9.61 4.89
N SER R 25 -68.66 10.32 4.10
CA SER R 25 -69.77 11.07 4.65
C SER R 25 -70.82 11.30 3.58
N PRO R 26 -72.10 11.28 3.93
CA PRO R 26 -73.15 11.70 3.00
C PRO R 26 -73.31 13.21 3.00
N TRP R 27 -73.82 13.72 1.88
CA TRP R 27 -74.02 15.16 1.72
C TRP R 27 -75.40 15.41 1.16
N SER R 28 -75.96 16.56 1.54
CA SER R 28 -77.28 16.98 1.10
C SER R 28 -77.30 18.50 0.96
N GLY R 29 -78.19 18.98 0.12
CA GLY R 29 -78.34 20.42 -0.09
C GLY R 29 -79.65 20.79 -0.73
N THR R 30 -80.35 21.77 -0.16
CA THR R 30 -81.66 22.21 -0.65
C THR R 30 -81.51 23.58 -1.30
N VAL R 31 -81.77 23.65 -2.60
CA VAL R 31 -81.72 24.90 -3.34
C VAL R 31 -83.13 25.45 -3.51
N VAL R 32 -83.31 26.72 -3.15
CA VAL R 32 -84.60 27.39 -3.27
C VAL R 32 -84.55 28.52 -4.29
N ALA R 33 -83.67 29.49 -4.08
CA ALA R 33 -83.56 30.63 -5.00
C ALA R 33 -82.11 30.98 -5.30
N THR R 34 -81.18 30.46 -4.54
CA THR R 34 -79.77 30.81 -4.66
C THR R 34 -78.92 29.56 -4.86
N ALA R 35 -77.85 29.72 -5.63
CA ALA R 35 -76.90 28.63 -5.85
C ALA R 35 -76.17 28.28 -4.56
N ILE R 36 -75.72 27.02 -4.48
CA ILE R 36 -75.06 26.50 -3.29
C ILE R 36 -73.67 26.01 -3.68
N THR R 37 -72.73 26.17 -2.76
CA THR R 37 -71.32 25.86 -2.97
C THR R 37 -70.91 24.89 -1.85
N ASN R 38 -71.66 23.79 -1.74
CA ASN R 38 -71.52 22.86 -0.62
C ASN R 38 -70.13 22.23 -0.56
N VAL R 39 -69.37 22.56 0.47
CA VAL R 39 -68.02 22.03 0.63
C VAL R 39 -68.10 20.67 1.32
N LEU R 40 -67.46 19.66 0.74
CA LEU R 40 -67.47 18.32 1.29
C LEU R 40 -66.23 17.98 2.11
N TYR R 41 -65.10 18.61 1.80
CA TYR R 41 -63.84 18.29 2.47
C TYR R 41 -62.93 19.51 2.41
N ASN R 42 -62.15 19.71 3.47
CA ASN R 42 -61.21 20.82 3.52
C ASN R 42 -60.05 20.46 4.45
N ASN R 43 -58.92 21.12 4.24
CA ASN R 43 -57.73 20.86 5.02
C ASN R 43 -56.82 22.08 4.98
N ASN R 44 -55.85 22.11 5.90
CA ASN R 44 -54.87 23.18 5.97
C ASN R 44 -53.44 22.66 5.78
N ILE R 45 -53.30 21.49 5.16
CA ILE R 45 -52.00 20.84 4.98
C ILE R 45 -51.74 20.62 3.50
N ASN R 46 -52.18 21.58 2.68
CA ASN R 46 -52.15 21.43 1.22
C ASN R 46 -50.78 21.05 0.69
N GLN R 47 -49.72 21.53 1.34
CA GLN R 47 -48.37 21.15 0.93
C GLN R 47 -48.13 19.68 1.24
N ASN R 48 -47.74 18.91 0.22
CA ASN R 48 -47.53 17.48 0.33
C ASN R 48 -48.78 16.76 0.83
N MET R 49 -49.89 16.89 0.11
CA MET R 49 -51.11 16.15 0.42
C MET R 49 -51.64 15.53 -0.86
N ILE R 50 -52.03 14.26 -0.80
CA ILE R 50 -52.69 13.61 -1.93
C ILE R 50 -53.95 12.91 -1.44
N GLY R 51 -55.01 13.01 -2.23
CA GLY R 51 -56.27 12.40 -1.87
C GLY R 51 -56.91 11.63 -3.01
N THR R 52 -57.29 10.38 -2.76
CA THR R 52 -57.98 9.55 -3.74
C THR R 52 -59.36 9.19 -3.21
N GLY R 53 -60.36 9.26 -4.07
CA GLY R 53 -61.69 8.92 -3.62
C GLY R 53 -62.74 9.07 -4.69
N PHE R 54 -64.00 9.20 -4.26
CA PHE R 54 -65.11 9.34 -5.18
C PHE R 54 -66.19 10.22 -4.59
N VAL R 55 -67.00 10.77 -5.49
CA VAL R 55 -68.21 11.52 -5.15
C VAL R 55 -69.37 10.86 -5.89
N ARG R 56 -70.42 10.50 -5.16
CA ARG R 56 -71.58 9.83 -5.72
C ARG R 56 -72.78 10.76 -5.68
N TYR R 57 -73.38 10.99 -6.84
CA TYR R 57 -74.60 11.78 -6.99
C TYR R 57 -75.76 10.80 -7.15
N ASP R 58 -76.62 10.75 -6.12
CA ASP R 58 -77.70 9.75 -6.08
C ASP R 58 -79.02 10.32 -6.62
N VAL R 59 -79.55 11.36 -5.99
CA VAL R 59 -80.82 11.94 -6.36
C VAL R 59 -80.68 13.46 -6.43
N GLY R 60 -81.36 14.06 -7.40
CA GLY R 60 -81.33 15.49 -7.57
C GLY R 60 -82.07 15.95 -8.80
N PRO R 61 -82.62 17.17 -8.75
CA PRO R 61 -83.38 17.69 -9.90
C PRO R 61 -82.55 17.86 -11.17
N ALA R 62 -81.27 18.19 -11.05
CA ALA R 62 -80.50 18.61 -12.22
C ALA R 62 -79.03 18.25 -12.09
N PRO R 63 -78.26 18.35 -13.16
CA PRO R 63 -76.81 18.13 -13.06
C PRO R 63 -76.15 19.10 -12.08
N ILE R 64 -75.10 18.61 -11.42
CA ILE R 64 -74.33 19.40 -10.47
C ILE R 64 -72.89 19.47 -10.95
N THR R 65 -72.10 20.33 -10.32
CA THR R 65 -70.69 20.47 -10.67
C THR R 65 -69.84 20.07 -9.48
N LEU R 66 -68.75 19.36 -9.74
CA LEU R 66 -67.77 19.02 -8.72
C LEU R 66 -66.47 19.76 -9.00
N THR R 67 -66.03 20.57 -8.05
CA THR R 67 -64.85 21.41 -8.24
C THR R 67 -63.85 21.18 -7.11
N VAL R 68 -62.57 21.33 -7.44
CA VAL R 68 -61.49 21.19 -6.48
C VAL R 68 -60.67 22.47 -6.49
N LEU R 69 -60.42 23.02 -5.31
CA LEU R 69 -59.78 24.33 -5.18
C LEU R 69 -58.54 24.23 -4.30
N ASP R 70 -57.56 25.08 -4.62
CA ASP R 70 -56.35 25.21 -3.82
C ASP R 70 -56.45 26.41 -2.90
N ALA R 71 -55.39 26.65 -2.13
CA ALA R 71 -55.41 27.66 -1.09
C ALA R 71 -55.64 29.06 -1.64
N ALA R 72 -55.30 29.30 -2.91
CA ALA R 72 -55.49 30.60 -3.52
C ALA R 72 -56.91 30.81 -4.04
N GLY R 73 -57.77 29.80 -3.90
CA GLY R 73 -59.14 29.89 -4.37
C GLY R 73 -59.35 29.54 -5.82
N ALA R 74 -58.27 29.24 -6.55
CA ALA R 74 -58.38 28.88 -7.95
C ALA R 74 -58.93 27.46 -8.10
N THR R 75 -59.36 27.14 -9.32
CA THR R 75 -59.92 25.83 -9.60
C THR R 75 -58.87 24.93 -10.22
N ILE R 76 -58.68 23.76 -9.61
CA ILE R 76 -57.76 22.77 -10.15
C ILE R 76 -58.46 21.86 -11.15
N ASP R 77 -59.63 21.36 -10.80
CA ASP R 77 -60.38 20.49 -11.68
C ASP R 77 -61.86 20.72 -11.47
N THR R 78 -62.63 20.65 -12.56
CA THR R 78 -64.08 20.80 -12.53
C THR R 78 -64.71 19.75 -13.43
N GLN R 79 -65.74 19.09 -12.93
CA GLN R 79 -66.45 18.04 -13.65
C GLN R 79 -67.94 18.23 -13.47
N THR R 80 -68.73 17.58 -14.32
CA THR R 80 -70.18 17.65 -14.28
C THR R 80 -70.76 16.28 -14.01
N LEU R 81 -71.77 16.24 -13.15
CA LEU R 81 -72.39 14.98 -12.75
C LEU R 81 -73.90 15.05 -12.96
N ASN R 82 -74.48 13.92 -13.38
CA ASN R 82 -75.91 13.73 -13.52
C ASN R 82 -76.41 12.78 -12.44
N PRO R 83 -77.69 12.86 -12.06
CA PRO R 83 -78.17 12.05 -10.94
C PRO R 83 -77.99 10.55 -11.19
N GLY R 84 -77.55 9.84 -10.15
CA GLY R 84 -77.38 8.41 -10.21
C GLY R 84 -76.02 7.92 -10.65
N THR R 85 -75.00 8.75 -10.63
CA THR R 85 -73.68 8.36 -11.13
C THR R 85 -72.62 8.63 -10.06
N SER R 86 -71.37 8.34 -10.42
CA SER R 86 -70.23 8.51 -9.52
C SER R 86 -69.04 9.06 -10.31
N ILE R 87 -68.13 9.71 -9.60
CA ILE R 87 -66.89 10.19 -10.21
C ILE R 87 -65.74 9.88 -9.26
N ALA R 88 -64.68 9.27 -9.78
CA ALA R 88 -63.48 8.95 -9.02
C ALA R 88 -62.38 9.96 -9.36
N PHE R 89 -61.51 10.19 -8.39
CA PHE R 89 -60.49 11.23 -8.54
C PHE R 89 -59.27 10.90 -7.70
N THR R 90 -58.14 11.49 -8.10
CA THR R 90 -56.91 11.46 -7.32
C THR R 90 -56.22 12.80 -7.53
N TYR R 91 -56.12 13.58 -6.45
CA TYR R 91 -55.68 14.97 -6.54
C TYR R 91 -54.53 15.23 -5.58
N ARG R 92 -53.69 16.21 -5.91
CA ARG R 92 -52.61 16.63 -5.03
C ARG R 92 -52.60 18.15 -4.92
N ARG R 93 -52.13 18.63 -3.76
CA ARG R 93 -51.99 20.06 -3.49
C ARG R 93 -53.30 20.82 -3.71
N PHE R 94 -54.31 20.41 -2.95
CA PHE R 94 -55.63 21.02 -3.00
C PHE R 94 -56.06 21.40 -1.59
N VAL R 95 -56.87 22.45 -1.50
CA VAL R 95 -57.36 22.91 -0.20
C VAL R 95 -58.78 22.43 0.09
N THR R 96 -59.62 22.22 -0.93
CA THR R 96 -60.99 21.83 -0.67
C THR R 96 -61.60 21.16 -1.90
N ILE R 97 -62.64 20.38 -1.64
CA ILE R 97 -63.48 19.77 -2.68
C ILE R 97 -64.91 20.17 -2.38
N GLU R 98 -65.64 20.59 -3.43
CA GLU R 98 -66.99 21.10 -3.21
C GLU R 98 -67.87 20.75 -4.40
N VAL R 99 -69.18 20.83 -4.17
CA VAL R 99 -70.19 20.63 -5.21
C VAL R 99 -70.96 21.93 -5.35
N THR R 100 -71.05 22.41 -6.59
CA THR R 100 -71.82 23.59 -6.94
C THR R 100 -73.18 23.13 -7.47
N LEU R 101 -74.25 23.60 -6.82
CA LEU R 101 -75.64 23.37 -7.13
C LEU R 101 -76.26 24.64 -7.71
N PRO R 102 -76.73 24.59 -8.95
CA PRO R 102 -77.28 25.79 -9.58
C PRO R 102 -78.60 26.22 -8.96
N ALA R 103 -78.91 27.50 -9.09
CA ALA R 103 -80.15 28.06 -8.58
C ALA R 103 -81.31 27.89 -9.54
N ALA R 104 -81.08 27.29 -10.70
CA ALA R 104 -82.11 27.13 -11.72
C ALA R 104 -83.28 26.29 -11.20
N THR R 105 -83.02 25.05 -10.84
CA THR R 105 -84.08 24.17 -10.37
C THR R 105 -84.04 24.04 -8.85
N ALA R 106 -85.14 24.35 -8.20
CA ALA R 106 -85.25 24.23 -6.76
C ALA R 106 -85.54 22.78 -6.38
N GLY R 107 -84.85 22.30 -5.36
CA GLY R 107 -85.02 20.93 -4.91
C GLY R 107 -83.87 20.49 -4.04
N THR R 108 -83.90 19.21 -3.69
CA THR R 108 -82.92 18.62 -2.79
C THR R 108 -81.98 17.72 -3.56
N TYR R 109 -80.67 17.93 -3.36
CA TYR R 109 -79.62 17.09 -3.93
C TYR R 109 -78.99 16.28 -2.80
N GLN R 110 -78.83 14.98 -3.04
CA GLN R 110 -78.27 14.08 -2.03
C GLN R 110 -77.24 13.18 -2.68
N GLY R 111 -76.24 12.80 -1.89
CA GLY R 111 -75.20 11.93 -2.39
C GLY R 111 -74.24 11.52 -1.30
N GLU R 112 -73.13 10.92 -1.72
CA GLU R 112 -72.13 10.40 -0.80
C GLU R 112 -70.74 10.86 -1.24
N PHE R 113 -69.77 10.75 -0.33
CA PHE R 113 -68.41 11.18 -0.61
C PHE R 113 -67.44 10.32 0.19
N CYS R 114 -66.44 9.75 -0.48
CA CYS R 114 -65.40 8.97 0.18
C CYS R 114 -64.05 9.54 -0.23
N ILE R 115 -63.15 9.68 0.73
CA ILE R 115 -61.78 10.09 0.43
C ILE R 115 -60.82 9.36 1.36
N THR R 116 -59.63 9.09 0.84
CA THR R 116 -58.50 8.62 1.62
C THR R 116 -57.30 9.50 1.26
N THR R 117 -56.64 10.03 2.28
CA THR R 117 -55.62 11.06 2.11
C THR R 117 -54.30 10.61 2.71
N ARG R 118 -53.22 10.87 1.98
CA ARG R 118 -51.86 10.64 2.44
C ARG R 118 -51.14 11.96 2.61
N TYR R 119 -50.41 12.07 3.72
CA TYR R 119 -49.71 13.28 4.10
C TYR R 119 -48.56 12.91 5.02
N PRO R 120 -47.53 13.75 5.11
CA PRO R 120 -46.39 13.45 6.00
C PRO R 120 -46.72 13.77 7.45
N LEU R 121 -46.40 12.84 8.34
CA LEU R 121 -46.62 13.00 9.78
C LEU R 121 -45.35 13.49 10.46
N SER R 122 -44.72 14.47 9.83
CA SER R 122 -43.40 14.92 10.27
C SER R 122 -43.46 16.28 10.97
N ALA S 9 -23.89 10.73 2.38
CA ALA S 9 -24.24 12.13 2.62
C ALA S 9 -23.70 13.02 1.51
N LEU S 10 -23.39 12.42 0.37
CA LEU S 10 -22.79 13.14 -0.74
C LEU S 10 -23.81 13.73 -1.70
N THR S 11 -25.08 13.38 -1.57
CA THR S 11 -26.08 13.75 -2.58
C THR S 11 -27.29 14.41 -1.94
N CYS S 12 -27.84 15.41 -2.61
CA CYS S 12 -29.18 15.92 -2.33
C CYS S 12 -30.19 15.32 -3.31
N CYS S 13 -30.00 14.05 -3.68
CA CYS S 13 -30.90 13.30 -4.55
C CYS S 13 -31.80 12.44 -3.69
N PRO S 14 -33.01 12.89 -3.36
CA PRO S 14 -33.89 12.07 -2.52
C PRO S 14 -34.46 10.90 -3.29
N ASP S 15 -34.84 9.88 -2.54
CA ASP S 15 -35.44 8.67 -3.11
C ASP S 15 -36.87 8.95 -3.52
N LYS S 16 -37.35 8.15 -4.48
CA LYS S 16 -38.73 8.21 -4.94
C LYS S 16 -39.53 7.12 -4.23
N ASN S 17 -40.43 7.53 -3.35
CA ASN S 17 -41.27 6.61 -2.59
C ASN S 17 -42.62 6.50 -3.29
N TYR S 18 -42.80 5.42 -4.05
CA TYR S 18 -44.02 5.21 -4.80
C TYR S 18 -45.08 4.54 -3.93
N VAL S 19 -46.32 5.00 -4.08
CA VAL S 19 -47.45 4.45 -3.32
C VAL S 19 -48.58 4.13 -4.29
N GLN S 20 -49.49 3.28 -3.81
CA GLN S 20 -50.58 2.75 -4.61
C GLN S 20 -51.90 2.91 -3.87
N ASP S 21 -52.93 3.32 -4.61
CA ASP S 21 -54.30 3.41 -4.09
C ASP S 21 -55.24 2.65 -5.01
N LYS S 22 -56.46 2.43 -4.53
CA LYS S 22 -57.46 1.69 -5.27
C LYS S 22 -58.82 2.37 -5.09
N VAL S 23 -59.63 2.37 -6.15
CA VAL S 23 -60.98 2.91 -6.07
C VAL S 23 -61.86 2.21 -7.11
N CYS S 24 -63.07 1.85 -6.68
CA CYS S 24 -64.08 1.22 -7.54
C CYS S 24 -65.37 2.01 -7.43
N SER S 25 -66.09 2.13 -8.54
CA SER S 25 -67.33 2.89 -8.56
C SER S 25 -68.21 2.43 -9.70
N PRO S 26 -69.52 2.39 -9.51
CA PRO S 26 -70.44 2.15 -10.61
C PRO S 26 -70.73 3.44 -11.38
N TRP S 27 -71.09 3.27 -12.64
CA TRP S 27 -71.37 4.40 -13.51
C TRP S 27 -72.67 4.17 -14.26
N SER S 28 -73.38 5.26 -14.56
CA SER S 28 -74.63 5.21 -15.27
C SER S 28 -74.74 6.46 -16.15
N GLY S 29 -75.53 6.35 -17.21
CA GLY S 29 -75.75 7.47 -18.10
C GLY S 29 -76.98 7.30 -18.98
N THR S 30 -77.83 8.32 -19.03
CA THR S 30 -79.07 8.26 -19.80
C THR S 30 -78.93 9.17 -21.02
N VAL S 31 -79.00 8.56 -22.21
CA VAL S 31 -78.92 9.31 -23.46
C VAL S 31 -80.33 9.49 -24.02
N VAL S 32 -80.67 10.74 -24.36
CA VAL S 32 -81.97 11.08 -24.91
C VAL S 32 -81.85 11.58 -26.35
N ALA S 33 -81.09 12.65 -26.56
CA ALA S 33 -80.93 13.21 -27.91
C ALA S 33 -79.48 13.57 -28.20
N THR S 34 -78.63 13.61 -27.18
CA THR S 34 -77.26 14.07 -27.32
C THR S 34 -76.29 13.01 -26.80
N ALA S 35 -75.13 12.94 -27.43
CA ALA S 35 -74.08 12.03 -27.00
C ALA S 35 -73.53 12.45 -25.64
N ILE S 36 -73.01 11.46 -24.90
CA ILE S 36 -72.50 11.69 -23.56
C ILE S 36 -71.03 11.27 -23.52
N THR S 37 -70.26 11.98 -22.70
CA THR S 37 -68.81 11.81 -22.59
C THR S 37 -68.51 11.58 -21.10
N ASN S 38 -69.18 10.57 -20.54
CA ASN S 38 -69.16 10.32 -19.11
C ASN S 38 -67.75 10.00 -18.60
N VAL S 39 -67.18 10.89 -17.80
CA VAL S 39 -65.84 10.70 -17.26
C VAL S 39 -65.92 9.85 -16.01
N LEU S 40 -65.11 8.78 -15.94
CA LEU S 40 -65.11 7.89 -14.80
C LEU S 40 -63.98 8.17 -13.81
N TYR S 41 -62.87 8.73 -14.27
CA TYR S 41 -61.72 8.96 -13.42
C TYR S 41 -60.91 10.12 -13.98
N ASN S 42 -60.32 10.91 -13.09
CA ASN S 42 -59.49 12.03 -13.50
C ASN S 42 -58.47 12.33 -12.42
N ASN S 43 -57.37 12.98 -12.81
CA ASN S 43 -56.29 13.28 -11.89
C ASN S 43 -55.50 14.46 -12.44
N ASN S 44 -54.69 15.06 -11.55
CA ASN S 44 -53.81 16.17 -11.92
C ASN S 44 -52.34 15.83 -11.69
N ILE S 45 -52.01 14.55 -11.64
CA ILE S 45 -50.66 14.09 -11.35
C ILE S 45 -50.14 13.23 -12.49
N ASN S 46 -50.52 13.60 -13.72
CA ASN S 46 -50.26 12.77 -14.90
C ASN S 46 -48.79 12.40 -15.02
N GLN S 47 -47.88 13.28 -14.60
CA GLN S 47 -46.47 12.93 -14.64
C GLN S 47 -46.17 11.84 -13.62
N ASN S 48 -45.56 10.75 -14.09
CA ASN S 48 -45.26 9.59 -13.26
C ASN S 48 -46.51 9.03 -12.60
N MET S 49 -47.49 8.64 -13.39
CA MET S 49 -48.68 7.96 -12.88
C MET S 49 -48.96 6.74 -13.73
N ILE S 50 -49.27 5.61 -13.08
CA ILE S 50 -49.68 4.41 -13.81
C ILE S 50 -50.94 3.85 -13.16
N GLY S 51 -51.88 3.42 -13.99
CA GLY S 51 -53.13 2.87 -13.51
C GLY S 51 -53.51 1.57 -14.18
N THR S 52 -53.84 0.56 -13.38
CA THR S 52 -54.28 -0.73 -13.88
C THR S 52 -55.70 -0.99 -13.39
N GLY S 53 -56.56 -1.49 -14.27
CA GLY S 53 -57.91 -1.77 -13.84
C GLY S 53 -58.79 -2.29 -14.94
N PHE S 54 -60.10 -2.16 -14.75
CA PHE S 54 -61.06 -2.64 -15.73
C PHE S 54 -62.29 -1.76 -15.76
N VAL S 55 -62.99 -1.82 -16.88
CA VAL S 55 -64.29 -1.19 -17.08
C VAL S 55 -65.27 -2.28 -17.51
N ARG S 56 -66.39 -2.40 -16.80
CA ARG S 56 -67.39 -3.42 -17.06
C ARG S 56 -68.65 -2.76 -17.61
N TYR S 57 -69.07 -3.21 -18.79
CA TYR S 57 -70.31 -2.77 -19.43
C TYR S 57 -71.36 -3.86 -19.20
N ASP S 58 -72.36 -3.55 -18.37
CA ASP S 58 -73.35 -4.54 -17.95
C ASP S 58 -74.61 -4.50 -18.82
N VAL S 59 -75.31 -3.37 -18.83
CA VAL S 59 -76.55 -3.23 -19.57
C VAL S 59 -76.52 -1.94 -20.36
N GLY S 60 -77.09 -1.97 -21.57
CA GLY S 60 -77.14 -0.82 -22.42
C GLY S 60 -77.72 -1.11 -23.79
N PRO S 61 -78.36 -0.11 -24.40
CA PRO S 61 -78.97 -0.33 -25.72
C PRO S 61 -77.97 -0.66 -26.82
N ALA S 62 -76.75 -0.13 -26.76
CA ALA S 62 -75.84 -0.21 -27.90
C ALA S 62 -74.39 -0.26 -27.46
N PRO S 63 -73.46 -0.58 -28.36
CA PRO S 63 -72.04 -0.50 -28.01
C PRO S 63 -71.62 0.90 -27.60
N ILE S 64 -70.65 0.96 -26.68
CA ILE S 64 -70.11 2.20 -26.17
C ILE S 64 -68.62 2.23 -26.48
N THR S 65 -68.00 3.41 -26.28
CA THR S 65 -66.57 3.57 -26.53
C THR S 65 -65.88 3.91 -25.21
N LEU S 66 -64.72 3.32 -24.98
CA LEU S 66 -63.88 3.66 -23.83
C LEU S 66 -62.62 4.35 -24.31
N THR S 67 -62.40 5.58 -23.84
CA THR S 67 -61.28 6.39 -24.30
C THR S 67 -60.45 6.87 -23.12
N VAL S 68 -59.15 7.03 -23.35
CA VAL S 68 -58.22 7.52 -22.35
C VAL S 68 -57.52 8.74 -22.91
N LEU S 69 -57.50 9.83 -22.14
CA LEU S 69 -56.99 11.11 -22.61
C LEU S 69 -55.90 11.63 -21.68
N ASP S 70 -54.96 12.35 -22.28
CA ASP S 70 -53.89 13.02 -21.54
C ASP S 70 -54.24 14.49 -21.34
N ALA S 71 -53.32 15.22 -20.69
CA ALA S 71 -53.60 16.59 -20.29
C ALA S 71 -53.84 17.50 -21.49
N ALA S 72 -53.32 17.14 -22.66
CA ALA S 72 -53.51 17.96 -23.86
C ALA S 72 -54.85 17.69 -24.54
N GLY S 73 -55.64 16.75 -24.02
CA GLY S 73 -56.92 16.41 -24.60
C GLY S 73 -56.87 15.38 -25.69
N ALA S 74 -55.67 14.92 -26.08
CA ALA S 74 -55.53 13.91 -27.12
C ALA S 74 -55.94 12.55 -26.60
N THR S 75 -56.15 11.62 -27.54
CA THR S 75 -56.56 10.27 -27.19
C THR S 75 -55.35 9.35 -27.17
N ILE S 76 -55.16 8.65 -26.05
CA ILE S 76 -54.10 7.67 -25.93
C ILE S 76 -54.56 6.30 -26.42
N ASP S 77 -55.74 5.87 -25.99
CA ASP S 77 -56.26 4.57 -26.39
C ASP S 77 -57.77 4.66 -26.47
N THR S 78 -58.35 3.98 -27.45
CA THR S 78 -59.80 3.91 -27.64
C THR S 78 -60.19 2.47 -27.96
N GLN S 79 -61.24 1.99 -27.29
CA GLN S 79 -61.74 0.64 -27.47
C GLN S 79 -63.25 0.68 -27.56
N THR S 80 -63.84 -0.41 -28.04
CA THR S 80 -65.27 -0.53 -28.20
C THR S 80 -65.79 -1.68 -27.34
N LEU S 81 -66.92 -1.45 -26.67
CA LEU S 81 -67.49 -2.44 -25.77
C LEU S 81 -68.95 -2.70 -26.12
N ASN S 82 -69.37 -3.95 -26.00
CA ASN S 82 -70.74 -4.40 -26.15
C ASN S 82 -71.32 -4.78 -24.80
N PRO S 83 -72.65 -4.71 -24.64
CA PRO S 83 -73.24 -4.95 -23.32
C PRO S 83 -72.89 -6.34 -22.79
N GLY S 84 -72.57 -6.39 -21.48
CA GLY S 84 -72.29 -7.63 -20.81
C GLY S 84 -70.84 -8.08 -20.82
N THR S 85 -69.90 -7.20 -21.11
CA THR S 85 -68.49 -7.58 -21.22
C THR S 85 -67.64 -6.69 -20.33
N SER S 86 -66.32 -6.91 -20.37
CA SER S 86 -65.37 -6.18 -19.57
C SER S 86 -64.11 -5.91 -20.40
N ILE S 87 -63.38 -4.88 -20.02
CA ILE S 87 -62.10 -4.57 -20.66
C ILE S 87 -61.08 -4.22 -19.57
N ALA S 88 -59.92 -4.85 -19.63
CA ALA S 88 -58.83 -4.58 -18.70
C ALA S 88 -57.77 -3.70 -19.37
N PHE S 89 -57.09 -2.91 -18.56
CA PHE S 89 -56.14 -1.94 -19.11
C PHE S 89 -55.04 -1.65 -18.09
N THR S 90 -53.91 -1.17 -18.62
CA THR S 90 -52.82 -0.65 -17.82
C THR S 90 -52.22 0.52 -18.60
N TYR S 91 -52.35 1.73 -18.04
CA TYR S 91 -52.00 2.95 -18.76
C TYR S 91 -51.04 3.80 -17.94
N ARG S 92 -50.25 4.62 -18.63
CA ARG S 92 -49.36 5.56 -17.97
C ARG S 92 -49.48 6.93 -18.63
N ARG S 93 -49.24 7.97 -17.83
CA ARG S 93 -49.25 9.36 -18.27
C ARG S 93 -50.57 9.71 -18.97
N PHE S 94 -51.65 9.59 -18.21
CA PHE S 94 -52.99 9.90 -18.69
C PHE S 94 -53.66 10.84 -17.70
N VAL S 95 -54.57 11.66 -18.21
CA VAL S 95 -55.29 12.61 -17.37
C VAL S 95 -56.69 12.12 -17.03
N THR S 96 -57.33 11.34 -17.88
CA THR S 96 -58.69 10.93 -17.60
C THR S 96 -59.04 9.68 -18.39
N ILE S 97 -60.05 8.96 -17.88
CA ILE S 97 -60.66 7.82 -18.56
C ILE S 97 -62.15 8.10 -18.65
N GLU S 98 -62.75 7.86 -19.82
CA GLU S 98 -64.15 8.21 -20.02
C GLU S 98 -64.80 7.21 -20.97
N VAL S 99 -66.13 7.19 -20.93
CA VAL S 99 -66.94 6.38 -21.83
C VAL S 99 -67.79 7.32 -22.67
N THR S 100 -67.72 7.13 -23.99
CA THR S 100 -68.52 7.88 -24.95
C THR S 100 -69.73 7.03 -25.31
N LEU S 101 -70.92 7.60 -25.10
CA LEU S 101 -72.23 7.05 -25.38
C LEU S 101 -72.85 7.77 -26.57
N PRO S 102 -73.11 7.07 -27.66
CA PRO S 102 -73.65 7.74 -28.85
C PRO S 102 -75.08 8.20 -28.65
N ALA S 103 -75.46 9.21 -29.43
CA ALA S 103 -76.81 9.76 -29.38
C ALA S 103 -77.79 8.99 -30.25
N ALA S 104 -77.32 7.94 -30.94
CA ALA S 104 -78.17 7.16 -31.84
C ALA S 104 -79.34 6.52 -31.10
N THR S 105 -79.03 5.65 -30.14
CA THR S 105 -80.09 4.96 -29.40
C THR S 105 -80.27 5.58 -28.02
N ALA S 106 -81.49 6.00 -27.73
CA ALA S 106 -81.81 6.57 -26.43
C ALA S 106 -82.05 5.46 -25.41
N GLY S 107 -81.48 5.64 -24.22
CA GLY S 107 -81.62 4.65 -23.18
C GLY S 107 -80.59 4.84 -22.10
N THR S 108 -80.58 3.89 -21.16
CA THR S 108 -79.70 3.95 -19.99
C THR S 108 -78.58 2.95 -20.12
N TYR S 109 -77.35 3.40 -19.93
CA TYR S 109 -76.16 2.57 -19.90
C TYR S 109 -75.66 2.48 -18.47
N GLN S 110 -75.35 1.28 -18.01
CA GLN S 110 -74.90 1.06 -16.65
C GLN S 110 -73.70 0.13 -16.66
N GLY S 111 -72.81 0.32 -15.68
CA GLY S 111 -71.64 -0.53 -15.59
C GLY S 111 -70.84 -0.22 -14.35
N GLU S 112 -69.62 -0.78 -14.30
CA GLU S 112 -68.74 -0.64 -13.16
C GLU S 112 -67.35 -0.26 -13.62
N PHE S 113 -66.53 0.23 -12.69
CA PHE S 113 -65.17 0.66 -13.02
C PHE S 113 -64.28 0.45 -11.80
N CYS S 114 -63.15 -0.23 -12.01
CA CYS S 114 -62.16 -0.43 -10.95
C CYS S 114 -60.81 0.05 -11.45
N ILE S 115 -60.08 0.77 -10.59
CA ILE S 115 -58.73 1.18 -10.92
C ILE S 115 -57.86 1.13 -9.67
N THR S 116 -56.59 0.82 -9.88
CA THR S 116 -55.56 0.95 -8.85
C THR S 116 -54.40 1.71 -9.47
N THR S 117 -53.95 2.76 -8.79
CA THR S 117 -53.01 3.72 -9.34
C THR S 117 -51.76 3.81 -8.47
N ARG S 118 -50.61 3.84 -9.12
CA ARG S 118 -49.32 4.05 -8.49
C ARG S 118 -48.74 5.38 -8.92
N TYR S 119 -48.20 6.12 -7.94
CA TYR S 119 -47.67 7.45 -8.15
C TYR S 119 -46.65 7.74 -7.06
N PRO S 120 -45.71 8.67 -7.29
CA PRO S 120 -44.71 8.99 -6.26
C PRO S 120 -45.29 9.91 -5.20
N LEU S 121 -45.04 9.58 -3.94
CA LEU S 121 -45.50 10.37 -2.80
C LEU S 121 -44.39 11.31 -2.33
N SER S 122 -43.72 11.92 -3.29
CA SER S 122 -42.50 12.66 -3.01
C SER S 122 -42.71 14.17 -3.05
N ALA T 9 -21.76 8.15 -5.84
CA ALA T 9 -22.24 9.43 -6.35
C ALA T 9 -21.61 9.75 -7.70
N LEU T 10 -21.08 8.72 -8.36
CA LEU T 10 -20.37 8.90 -9.62
C LEU T 10 -21.27 8.81 -10.85
N THR T 11 -22.52 8.39 -10.69
CA THR T 11 -23.37 8.08 -11.83
C THR T 11 -24.71 8.78 -11.72
N CYS T 12 -25.23 9.23 -12.84
CA CYS T 12 -26.63 9.62 -12.99
C CYS T 12 -27.43 8.49 -13.64
N CYS T 13 -27.08 7.25 -13.31
CA CYS T 13 -27.78 6.05 -13.78
C CYS T 13 -28.73 5.57 -12.70
N PRO T 14 -30.00 5.95 -12.75
CA PRO T 14 -30.95 5.53 -11.71
C PRO T 14 -31.29 4.05 -11.86
N ASP T 15 -31.70 3.47 -10.74
CA ASP T 15 -32.10 2.07 -10.69
C ASP T 15 -33.48 1.90 -11.33
N LYS T 16 -33.74 0.69 -11.80
CA LYS T 16 -35.03 0.33 -12.36
C LYS T 16 -35.84 -0.40 -11.30
N ASN T 17 -36.90 0.25 -10.83
CA ASN T 17 -37.77 -0.31 -9.79
C ASN T 17 -38.98 -0.94 -10.48
N TYR T 18 -38.96 -2.26 -10.62
CA TYR T 18 -40.03 -2.98 -11.29
C TYR T 18 -41.15 -3.29 -10.31
N VAL T 19 -42.38 -3.15 -10.78
CA VAL T 19 -43.57 -3.42 -9.96
C VAL T 19 -44.50 -4.33 -10.74
N GLN T 20 -45.41 -4.96 -10.01
CA GLN T 20 -46.33 -5.97 -10.53
C GLN T 20 -47.76 -5.66 -10.10
N ASP T 21 -48.69 -5.81 -11.05
CA ASP T 21 -50.11 -5.68 -10.78
C ASP T 21 -50.83 -6.92 -11.29
N LYS T 22 -52.11 -7.05 -10.89
CA LYS T 22 -52.92 -8.20 -11.27
C LYS T 22 -54.33 -7.73 -11.57
N VAL T 23 -54.96 -8.34 -12.57
CA VAL T 23 -56.35 -8.03 -12.90
C VAL T 23 -56.99 -9.26 -13.53
N CYS T 24 -58.23 -9.55 -13.10
CA CYS T 24 -59.03 -10.65 -13.63
C CYS T 24 -60.38 -10.10 -14.06
N SER T 25 -60.93 -10.63 -15.14
CA SER T 25 -62.21 -10.15 -15.65
C SER T 25 -62.86 -11.24 -16.49
N PRO T 26 -64.18 -11.36 -16.44
CA PRO T 26 -64.90 -12.23 -17.37
C PRO T 26 -65.16 -11.53 -18.70
N TRP T 27 -65.30 -12.33 -19.74
CA TRP T 27 -65.53 -11.81 -21.08
C TRP T 27 -66.67 -12.57 -21.74
N SER T 28 -67.40 -11.86 -22.60
CA SER T 28 -68.53 -12.43 -23.32
C SER T 28 -68.61 -11.78 -24.70
N GLY T 29 -69.20 -12.50 -25.63
CA GLY T 29 -69.37 -11.98 -26.98
C GLY T 29 -70.43 -12.74 -27.78
N THR T 30 -71.34 -11.99 -28.41
CA THR T 30 -72.44 -12.59 -29.17
C THR T 30 -72.18 -12.37 -30.66
N VAL T 31 -72.01 -13.47 -31.39
CA VAL T 31 -71.80 -13.42 -32.83
C VAL T 31 -73.11 -13.73 -33.53
N VAL T 32 -73.49 -12.87 -34.49
CA VAL T 32 -74.70 -13.03 -35.26
C VAL T 32 -74.41 -13.27 -36.73
N ALA T 33 -73.71 -12.33 -37.37
CA ALA T 33 -73.38 -12.47 -38.79
C ALA T 33 -71.94 -12.09 -39.09
N THR T 34 -71.27 -11.43 -38.14
CA THR T 34 -69.93 -10.91 -38.36
C THR T 34 -68.98 -11.44 -37.29
N ALA T 35 -67.73 -11.63 -37.69
CA ALA T 35 -66.69 -12.06 -36.77
C ALA T 35 -66.39 -10.98 -35.74
N ILE T 36 -65.92 -11.40 -34.56
CA ILE T 36 -65.65 -10.48 -33.46
C ILE T 36 -64.17 -10.61 -33.08
N THR T 37 -63.59 -9.49 -32.65
CA THR T 37 -62.18 -9.38 -32.34
C THR T 37 -62.10 -8.83 -30.91
N ASN T 38 -62.76 -9.52 -29.98
CA ASN T 38 -62.93 -9.04 -28.62
C ASN T 38 -61.61 -8.89 -27.89
N VAL T 39 -61.24 -7.64 -27.58
CA VAL T 39 -59.98 -7.35 -26.89
C VAL T 39 -60.20 -7.50 -25.39
N LEU T 40 -59.34 -8.27 -24.74
CA LEU T 40 -59.43 -8.51 -23.30
C LEU T 40 -58.51 -7.63 -22.48
N TYR T 41 -57.39 -7.20 -23.04
CA TYR T 41 -56.40 -6.42 -22.31
C TYR T 41 -55.60 -5.58 -23.28
N ASN T 42 -55.23 -4.38 -22.85
CA ASN T 42 -54.42 -3.49 -23.68
C ASN T 42 -53.61 -2.55 -22.78
N ASN T 43 -52.54 -2.03 -23.34
CA ASN T 43 -51.64 -1.16 -22.58
C ASN T 43 -50.85 -0.29 -23.57
N ASN T 44 -50.24 0.77 -23.03
CA ASN T 44 -49.41 1.68 -23.81
C ASN T 44 -47.98 1.72 -23.30
N ILE T 45 -47.55 0.67 -22.58
CA ILE T 45 -46.23 0.61 -21.97
C ILE T 45 -45.48 -0.62 -22.48
N ASN T 46 -45.69 -0.93 -23.76
CA ASN T 46 -45.18 -2.17 -24.35
C ASN T 46 -43.69 -2.35 -24.13
N GLN T 47 -42.93 -1.26 -24.11
CA GLN T 47 -41.50 -1.36 -23.84
C GLN T 47 -41.28 -1.77 -22.39
N ASN T 48 -40.53 -2.86 -22.19
CA ASN T 48 -40.27 -3.42 -20.87
C ASN T 48 -41.55 -3.77 -20.14
N MET T 49 -42.38 -4.63 -20.74
CA MET T 49 -43.58 -5.14 -20.08
C MET T 49 -43.62 -6.65 -20.23
N ILE T 50 -43.94 -7.36 -19.15
CA ILE T 50 -44.13 -8.80 -19.22
C ILE T 50 -45.43 -9.15 -18.51
N GLY T 51 -46.19 -10.07 -19.10
CA GLY T 51 -47.44 -10.49 -18.53
C GLY T 51 -47.62 -11.99 -18.51
N THR T 52 -47.99 -12.54 -17.35
CA THR T 52 -48.25 -13.96 -17.19
C THR T 52 -49.70 -14.16 -16.77
N GLY T 53 -50.37 -15.13 -17.37
CA GLY T 53 -51.75 -15.36 -17.00
C GLY T 53 -52.40 -16.47 -17.77
N PHE T 54 -53.73 -16.45 -17.80
CA PHE T 54 -54.48 -17.48 -18.50
C PHE T 54 -55.76 -16.90 -19.09
N VAL T 55 -56.27 -17.60 -20.10
CA VAL T 55 -57.57 -17.34 -20.70
C VAL T 55 -58.38 -18.63 -20.63
N ARG T 56 -59.58 -18.55 -20.07
CA ARG T 56 -60.45 -19.70 -19.89
C ARG T 56 -61.65 -19.59 -20.82
N TYR T 57 -61.85 -20.61 -21.65
CA TYR T 57 -63.00 -20.70 -22.54
C TYR T 57 -63.99 -21.68 -21.90
N ASP T 58 -65.13 -21.17 -21.44
CA ASP T 58 -66.09 -21.97 -20.68
C ASP T 58 -67.20 -22.53 -21.57
N VAL T 59 -67.96 -21.66 -22.22
CA VAL T 59 -69.09 -22.07 -23.05
C VAL T 59 -69.04 -21.32 -24.37
N GLY T 60 -69.40 -22.02 -25.44
CA GLY T 60 -69.41 -21.43 -26.75
C GLY T 60 -69.74 -22.43 -27.85
N PRO T 61 -70.36 -21.94 -28.92
CA PRO T 61 -70.74 -22.85 -30.03
C PRO T 61 -69.55 -23.53 -30.71
N ALA T 62 -68.40 -22.86 -30.80
CA ALA T 62 -67.34 -23.35 -31.65
C ALA T 62 -65.96 -22.96 -31.12
N PRO T 63 -64.88 -23.54 -31.65
CA PRO T 63 -63.54 -23.11 -31.25
C PRO T 63 -63.30 -21.63 -31.53
N ILE T 64 -62.49 -21.00 -30.67
CA ILE T 64 -62.14 -19.59 -30.80
C ILE T 64 -60.63 -19.50 -30.94
N THR T 65 -60.14 -18.31 -31.29
CA THR T 65 -58.71 -18.08 -31.43
C THR T 65 -58.27 -17.05 -30.40
N LEU T 66 -57.11 -17.27 -29.79
CA LEU T 66 -56.49 -16.31 -28.89
C LEU T 66 -55.23 -15.76 -29.53
N THR T 67 -55.18 -14.45 -29.70
CA THR T 67 -54.06 -13.81 -30.39
C THR T 67 -53.47 -12.71 -29.53
N VAL T 68 -52.17 -12.48 -29.68
CA VAL T 68 -51.45 -11.44 -28.97
C VAL T 68 -50.75 -10.55 -29.99
N LEU T 69 -50.95 -9.23 -29.85
CA LEU T 69 -50.47 -8.29 -30.84
C LEU T 69 -49.59 -7.23 -30.19
N ASP T 70 -48.63 -6.75 -30.97
CA ASP T 70 -47.75 -5.67 -30.56
C ASP T 70 -48.24 -4.35 -31.15
N ALA T 71 -47.49 -3.28 -30.86
CA ALA T 71 -47.92 -1.93 -31.22
C ALA T 71 -48.05 -1.75 -32.73
N ALA T 72 -47.33 -2.55 -33.51
CA ALA T 72 -47.40 -2.44 -34.97
C ALA T 72 -48.58 -3.21 -35.56
N GLY T 73 -49.37 -3.88 -34.71
CA GLY T 73 -50.51 -4.63 -35.18
C GLY T 73 -50.21 -6.05 -35.60
N ALA T 74 -48.94 -6.45 -35.60
CA ALA T 74 -48.56 -7.80 -35.99
C ALA T 74 -48.93 -8.80 -34.90
N THR T 75 -48.92 -10.08 -35.27
CA THR T 75 -49.27 -11.15 -34.35
C THR T 75 -48.01 -11.75 -33.76
N ILE T 76 -47.95 -11.79 -32.42
CA ILE T 76 -46.84 -12.43 -31.73
C ILE T 76 -47.12 -13.92 -31.53
N ASP T 77 -48.31 -14.25 -31.05
CA ASP T 77 -48.66 -15.65 -30.81
C ASP T 77 -50.14 -15.82 -31.07
N THR T 78 -50.50 -16.98 -31.63
CA THR T 78 -51.89 -17.33 -31.91
C THR T 78 -52.12 -18.78 -31.51
N GLN T 79 -53.21 -19.04 -30.80
CA GLN T 79 -53.57 -20.36 -30.33
C GLN T 79 -55.05 -20.58 -30.57
N THR T 80 -55.47 -21.85 -30.51
CA THR T 80 -56.86 -22.24 -30.73
C THR T 80 -57.40 -22.89 -29.47
N LEU T 81 -58.63 -22.54 -29.11
CA LEU T 81 -59.26 -23.04 -27.90
C LEU T 81 -60.63 -23.65 -28.22
N ASN T 82 -60.96 -24.74 -27.53
CA ASN T 82 -62.25 -25.40 -27.58
C ASN T 82 -63.01 -25.16 -26.29
N PRO T 83 -64.34 -25.22 -26.30
CA PRO T 83 -65.11 -24.88 -25.10
C PRO T 83 -64.74 -25.77 -23.92
N GLY T 84 -64.63 -25.14 -22.75
CA GLY T 84 -64.36 -25.86 -21.52
C GLY T 84 -62.89 -26.04 -21.17
N THR T 85 -61.99 -25.28 -21.76
CA THR T 85 -60.56 -25.46 -21.53
C THR T 85 -59.93 -24.14 -21.11
N SER T 86 -58.60 -24.16 -20.91
CA SER T 86 -57.85 -23.00 -20.50
C SER T 86 -56.50 -22.99 -21.22
N ILE T 87 -55.92 -21.81 -21.33
CA ILE T 87 -54.58 -21.67 -21.91
C ILE T 87 -53.78 -20.69 -21.05
N ALA T 88 -52.57 -21.09 -20.66
CA ALA T 88 -51.66 -20.26 -19.90
C ALA T 88 -50.60 -19.67 -20.80
N PHE T 89 -50.11 -18.49 -20.43
CA PHE T 89 -49.17 -17.78 -21.28
C PHE T 89 -48.27 -16.88 -20.45
N THR T 90 -47.11 -16.56 -21.03
CA THR T 90 -46.20 -15.56 -20.48
C THR T 90 -45.58 -14.83 -21.67
N TYR T 91 -45.88 -13.55 -21.81
CA TYR T 91 -45.53 -12.78 -23.00
C TYR T 91 -44.78 -11.52 -22.62
N ARG T 92 -43.95 -11.03 -23.54
CA ARG T 92 -43.24 -9.77 -23.35
C ARG T 92 -43.38 -8.90 -24.61
N ARG T 93 -43.34 -7.59 -24.40
CA ARG T 93 -43.39 -6.60 -25.48
C ARG T 93 -44.61 -6.82 -26.39
N PHE T 94 -45.79 -6.72 -25.77
CA PHE T 94 -47.05 -6.88 -26.47
C PHE T 94 -47.95 -5.68 -26.14
N VAL T 95 -48.82 -5.34 -27.09
CA VAL T 95 -49.73 -4.22 -26.89
C VAL T 95 -51.13 -4.68 -26.49
N THR T 96 -51.57 -5.87 -26.91
CA THR T 96 -52.92 -6.29 -26.60
C THR T 96 -53.05 -7.80 -26.70
N ILE T 97 -54.06 -8.32 -26.01
CA ILE T 97 -54.47 -9.72 -26.09
C ILE T 97 -55.95 -9.73 -26.45
N GLU T 98 -56.32 -10.58 -27.39
CA GLU T 98 -57.69 -10.59 -27.87
C GLU T 98 -58.12 -12.00 -28.26
N VAL T 99 -59.43 -12.19 -28.35
CA VAL T 99 -60.03 -13.43 -28.80
C VAL T 99 -60.80 -13.15 -30.09
N THR T 100 -60.52 -13.93 -31.12
CA THR T 100 -61.22 -13.86 -32.39
C THR T 100 -62.28 -14.95 -32.41
N LEU T 101 -63.53 -14.52 -32.61
CA LEU T 101 -64.73 -15.33 -32.72
C LEU T 101 -65.21 -15.36 -34.16
N PRO T 102 -65.24 -16.53 -34.79
CA PRO T 102 -65.64 -16.60 -36.20
C PRO T 102 -67.12 -16.32 -36.40
N ALA T 103 -67.45 -15.87 -37.60
CA ALA T 103 -68.83 -15.56 -37.96
C ALA T 103 -69.60 -16.79 -38.43
N ALA T 104 -68.95 -17.96 -38.46
CA ALA T 104 -69.58 -19.19 -38.93
C ALA T 104 -70.80 -19.56 -38.09
N THR T 105 -70.59 -19.81 -36.80
CA THR T 105 -71.68 -20.20 -35.92
C THR T 105 -72.13 -19.03 -35.06
N ALA T 106 -73.40 -18.71 -35.14
CA ALA T 106 -73.97 -17.63 -34.32
C ALA T 106 -74.27 -18.14 -32.92
N GLY T 107 -73.91 -17.33 -31.93
CA GLY T 107 -74.13 -17.71 -30.55
C GLY T 107 -73.29 -16.88 -29.61
N THR T 108 -73.36 -17.24 -28.34
CA THR T 108 -72.69 -16.50 -27.27
C THR T 108 -71.48 -17.29 -26.77
N TYR T 109 -70.33 -16.61 -26.70
CA TYR T 109 -69.11 -17.15 -26.15
C TYR T 109 -68.82 -16.46 -24.83
N GLN T 110 -68.51 -17.25 -23.81
CA GLN T 110 -68.26 -16.71 -22.48
C GLN T 110 -67.01 -17.36 -21.91
N GLY T 111 -66.29 -16.60 -21.08
CA GLY T 111 -65.09 -17.11 -20.47
C GLY T 111 -64.51 -16.13 -19.46
N GLU T 112 -63.29 -16.43 -19.03
CA GLU T 112 -62.61 -15.62 -18.02
C GLU T 112 -61.18 -15.31 -18.47
N PHE T 113 -60.57 -14.34 -17.82
CA PHE T 113 -59.22 -13.91 -18.19
C PHE T 113 -58.51 -13.39 -16.95
N CYS T 114 -57.31 -13.91 -16.69
CA CYS T 114 -56.49 -13.44 -15.58
C CYS T 114 -55.12 -13.06 -16.11
N ILE T 115 -54.60 -11.92 -15.66
CA ILE T 115 -53.23 -11.53 -16.01
C ILE T 115 -52.58 -10.85 -14.83
N THR T 116 -51.27 -11.03 -14.72
CA THR T 116 -50.43 -10.28 -13.80
C THR T 116 -49.25 -9.75 -14.60
N THR T 117 -48.99 -8.45 -14.49
CA THR T 117 -48.04 -7.76 -15.35
C THR T 117 -46.96 -7.07 -14.52
N ARG T 118 -45.72 -7.19 -14.98
CA ARG T 118 -44.57 -6.52 -14.41
C ARG T 118 -44.05 -5.48 -15.38
N TYR T 119 -43.73 -4.30 -14.85
CA TYR T 119 -43.27 -3.16 -15.64
C TYR T 119 -42.46 -2.25 -14.74
N PRO T 120 -41.57 -1.43 -15.30
CA PRO T 120 -40.78 -0.51 -14.47
C PRO T 120 -41.58 0.72 -14.07
N LEU T 121 -41.51 1.07 -12.79
CA LEU T 121 -42.19 2.23 -12.25
C LEU T 121 -41.24 3.43 -12.19
N SER T 122 -40.54 3.62 -13.31
CA SER T 122 -39.45 4.58 -13.41
C SER T 122 -39.90 5.90 -14.04
N ALA U 9 -18.21 2.33 -11.45
CA ALA U 9 -18.72 3.11 -12.57
C ALA U 9 -17.91 2.84 -13.83
N LEU U 10 -17.20 1.71 -13.84
CA LEU U 10 -16.32 1.37 -14.96
C LEU U 10 -17.01 0.57 -16.05
N THR U 11 -18.23 0.09 -15.82
CA THR U 11 -18.85 -0.84 -16.75
C THR U 11 -20.26 -0.38 -17.11
N CYS U 12 -20.63 -0.60 -18.38
CA CYS U 12 -22.01 -0.54 -18.83
C CYS U 12 -22.61 -1.94 -18.90
N CYS U 13 -22.22 -2.81 -17.97
CA CYS U 13 -22.73 -4.18 -17.87
C CYS U 13 -23.80 -4.21 -16.79
N PRO U 14 -25.07 -4.09 -17.14
CA PRO U 14 -26.13 -4.10 -16.13
C PRO U 14 -26.33 -5.49 -15.55
N ASP U 15 -26.86 -5.52 -14.33
CA ASP U 15 -27.16 -6.77 -13.64
C ASP U 15 -28.40 -7.42 -14.25
N LYS U 16 -28.49 -8.74 -14.08
CA LYS U 16 -29.64 -9.51 -14.51
C LYS U 16 -30.55 -9.75 -13.31
N ASN U 17 -31.72 -9.12 -13.33
CA ASN U 17 -32.69 -9.23 -12.24
C ASN U 17 -33.72 -10.28 -12.65
N TYR U 18 -33.57 -11.48 -12.11
CA TYR U 18 -34.47 -12.59 -12.44
C TYR U 18 -35.70 -12.55 -11.55
N VAL U 19 -36.86 -12.83 -12.15
CA VAL U 19 -38.13 -12.85 -11.43
C VAL U 19 -38.85 -14.15 -11.74
N GLN U 20 -39.81 -14.48 -10.88
CA GLN U 20 -40.54 -15.73 -10.93
C GLN U 20 -42.04 -15.47 -10.85
N ASP U 21 -42.80 -16.19 -11.67
CA ASP U 21 -44.26 -16.15 -11.66
C ASP U 21 -44.80 -17.57 -11.55
N LYS U 22 -46.09 -17.68 -11.26
CA LYS U 22 -46.74 -18.97 -11.11
C LYS U 22 -48.12 -18.91 -11.74
N VAL U 23 -48.55 -20.01 -12.35
CA VAL U 23 -49.88 -20.12 -12.93
C VAL U 23 -50.32 -21.57 -12.94
N CYS U 24 -51.58 -21.80 -12.54
CA CYS U 24 -52.19 -23.12 -12.54
C CYS U 24 -53.50 -23.03 -13.31
N SER U 25 -53.83 -24.10 -14.03
CA SER U 25 -55.05 -24.13 -14.83
C SER U 25 -55.48 -25.56 -15.10
N PRO U 26 -56.78 -25.83 -15.11
CA PRO U 26 -57.26 -27.14 -15.55
C PRO U 26 -57.37 -27.20 -17.07
N TRP U 27 -57.27 -28.42 -17.59
CA TRP U 27 -57.34 -28.64 -19.03
C TRP U 27 -58.30 -29.78 -19.33
N SER U 28 -58.94 -29.68 -20.50
CA SER U 28 -59.90 -30.68 -20.95
C SER U 28 -59.79 -30.79 -22.47
N GLY U 29 -60.19 -31.95 -22.98
CA GLY U 29 -60.17 -32.18 -24.42
C GLY U 29 -61.03 -33.36 -24.83
N THR U 30 -61.88 -33.16 -25.84
CA THR U 30 -62.80 -34.20 -26.31
C THR U 30 -62.34 -34.69 -27.67
N VAL U 31 -61.97 -35.96 -27.75
CA VAL U 31 -61.54 -36.58 -28.99
C VAL U 31 -62.69 -37.37 -29.58
N VAL U 32 -62.98 -37.13 -30.86
CA VAL U 32 -64.06 -37.82 -31.57
C VAL U 32 -63.51 -38.69 -32.70
N ALA U 33 -62.79 -38.08 -33.65
CA ALA U 33 -62.24 -38.84 -34.77
C ALA U 33 -60.80 -38.44 -35.08
N THR U 34 -60.34 -37.32 -34.52
CA THR U 34 -59.03 -36.78 -34.83
C THR U 34 -58.22 -36.58 -33.55
N ALA U 35 -56.91 -36.76 -33.68
CA ALA U 35 -56.00 -36.55 -32.56
C ALA U 35 -55.95 -35.06 -32.19
N ILE U 36 -55.64 -34.80 -30.92
CA ILE U 36 -55.61 -33.44 -30.39
C ILE U 36 -54.22 -33.15 -29.85
N THR U 37 -53.80 -31.90 -29.98
CA THR U 37 -52.47 -31.44 -29.62
C THR U 37 -52.65 -30.25 -28.65
N ASN U 38 -53.39 -30.52 -27.58
CA ASN U 38 -53.82 -29.47 -26.65
C ASN U 38 -52.64 -28.79 -25.98
N VAL U 39 -52.43 -27.52 -26.29
CA VAL U 39 -51.32 -26.76 -25.71
C VAL U 39 -51.75 -26.20 -24.36
N LEU U 40 -50.93 -26.43 -23.33
CA LEU U 40 -51.25 -25.95 -21.99
C LEU U 40 -50.54 -24.66 -21.62
N TYR U 41 -49.38 -24.40 -22.21
CA TYR U 41 -48.58 -23.22 -21.85
C TYR U 41 -47.72 -22.86 -23.04
N ASN U 42 -47.51 -21.55 -23.23
CA ASN U 42 -46.67 -21.05 -24.30
C ASN U 42 -46.08 -19.70 -23.91
N ASN U 43 -44.96 -19.35 -24.54
CA ASN U 43 -44.26 -18.11 -24.24
C ASN U 43 -43.42 -17.71 -25.44
N ASN U 44 -42.98 -16.45 -25.43
CA ASN U 44 -42.11 -15.91 -26.47
C ASN U 44 -40.77 -15.43 -25.91
N ILE U 45 -40.40 -15.93 -24.74
CA ILE U 45 -39.18 -15.50 -24.04
C ILE U 45 -38.27 -16.69 -23.82
N ASN U 46 -38.24 -17.61 -24.79
CA ASN U 46 -37.55 -18.89 -24.63
C ASN U 46 -36.10 -18.73 -24.20
N GLN U 47 -35.45 -17.66 -24.65
CA GLN U 47 -34.08 -17.41 -24.23
C GLN U 47 -34.06 -17.04 -22.75
N ASN U 48 -33.26 -17.77 -21.97
CA ASN U 48 -33.16 -17.59 -20.52
C ASN U 48 -34.52 -17.73 -19.84
N MET U 49 -35.17 -18.88 -20.02
CA MET U 49 -36.41 -19.18 -19.31
C MET U 49 -36.31 -20.57 -18.70
N ILE U 50 -36.73 -20.71 -17.45
CA ILE U 50 -36.80 -22.02 -16.82
C ILE U 50 -38.16 -22.18 -16.16
N GLY U 51 -38.74 -23.37 -16.29
CA GLY U 51 -40.04 -23.64 -15.71
C GLY U 51 -40.10 -24.96 -14.97
N THR U 52 -40.59 -24.93 -13.73
CA THR U 52 -40.76 -26.11 -12.92
C THR U 52 -42.24 -26.30 -12.60
N GLY U 53 -42.73 -27.52 -12.70
CA GLY U 53 -44.14 -27.74 -12.40
C GLY U 53 -44.56 -29.18 -12.58
N PHE U 54 -45.86 -29.37 -12.74
CA PHE U 54 -46.41 -30.71 -12.92
C PHE U 54 -47.63 -30.67 -13.83
N VAL U 55 -47.91 -31.83 -14.41
CA VAL U 55 -49.12 -32.08 -15.19
C VAL U 55 -49.82 -33.28 -14.57
N ARG U 56 -51.10 -33.12 -14.24
CA ARG U 56 -51.89 -34.16 -13.60
C ARG U 56 -52.95 -34.68 -14.58
N TYR U 57 -52.93 -35.98 -14.81
CA TYR U 57 -53.92 -36.66 -15.64
C TYR U 57 -54.91 -37.36 -14.70
N ASP U 58 -56.15 -36.85 -14.67
CA ASP U 58 -57.15 -37.32 -13.72
C ASP U 58 -58.05 -38.40 -14.31
N VAL U 59 -58.77 -38.07 -15.38
CA VAL U 59 -59.73 -38.99 -16.00
C VAL U 59 -59.53 -38.97 -17.50
N GLY U 60 -59.66 -40.13 -18.13
CA GLY U 60 -59.51 -40.25 -19.56
C GLY U 60 -59.59 -41.69 -20.04
N PRO U 61 -60.05 -41.87 -21.28
CA PRO U 61 -60.18 -43.25 -21.81
C PRO U 61 -58.85 -43.98 -21.95
N ALA U 62 -57.76 -43.28 -22.25
CA ALA U 62 -56.54 -43.96 -22.64
C ALA U 62 -55.30 -43.16 -22.23
N PRO U 63 -54.11 -43.76 -22.29
CA PRO U 63 -52.88 -43.00 -22.03
C PRO U 63 -52.72 -41.81 -22.98
N ILE U 64 -52.12 -40.74 -22.47
CA ILE U 64 -51.85 -39.54 -23.25
C ILE U 64 -50.35 -39.30 -23.26
N THR U 65 -49.92 -38.37 -24.11
CA THR U 65 -48.51 -38.02 -24.20
C THR U 65 -48.31 -36.58 -23.78
N LEU U 66 -47.25 -36.32 -23.03
CA LEU U 66 -46.86 -34.96 -22.66
C LEU U 66 -45.56 -34.60 -23.36
N THR U 67 -45.58 -33.54 -24.16
CA THR U 67 -44.43 -33.15 -24.97
C THR U 67 -44.07 -31.69 -24.70
N VAL U 68 -42.79 -31.40 -24.81
CA VAL U 68 -42.27 -30.04 -24.65
C VAL U 68 -41.50 -29.66 -25.90
N LEU U 69 -41.81 -28.48 -26.45
CA LEU U 69 -41.27 -28.07 -27.73
C LEU U 69 -40.59 -26.71 -27.60
N ASP U 70 -39.54 -26.53 -28.42
CA ASP U 70 -38.82 -25.27 -28.52
C ASP U 70 -39.32 -24.48 -29.72
N ALA U 71 -38.72 -23.30 -29.92
CA ALA U 71 -39.19 -22.38 -30.95
C ALA U 71 -39.10 -22.97 -32.36
N ALA U 72 -38.21 -23.92 -32.57
CA ALA U 72 -38.05 -24.54 -33.88
C ALA U 72 -39.06 -25.64 -34.13
N GLY U 73 -39.91 -25.93 -33.15
CA GLY U 73 -40.91 -26.99 -33.28
C GLY U 73 -40.43 -28.38 -32.93
N ALA U 74 -39.16 -28.53 -32.59
CA ALA U 74 -38.61 -29.83 -32.23
C ALA U 74 -39.06 -30.23 -30.83
N THR U 75 -38.90 -31.51 -30.52
CA THR U 75 -39.30 -32.04 -29.23
C THR U 75 -38.11 -32.10 -28.29
N ILE U 76 -38.25 -31.49 -27.12
CA ILE U 76 -37.22 -31.55 -26.09
C ILE U 76 -37.40 -32.77 -25.21
N ASP U 77 -38.62 -33.02 -24.75
CA ASP U 77 -38.90 -34.16 -23.89
C ASP U 77 -40.31 -34.65 -24.17
N THR U 78 -40.47 -35.98 -24.13
CA THR U 78 -41.77 -36.61 -24.32
C THR U 78 -41.94 -37.72 -23.28
N GLN U 79 -43.11 -37.75 -22.65
CA GLN U 79 -43.43 -38.73 -21.62
C GLN U 79 -44.85 -39.25 -21.87
N THR U 80 -45.16 -40.38 -21.23
CA THR U 80 -46.46 -41.02 -21.36
C THR U 80 -47.14 -41.06 -20.00
N LEU U 81 -48.44 -40.77 -19.99
CA LEU U 81 -49.21 -40.72 -18.75
C LEU U 81 -50.45 -41.59 -18.87
N ASN U 82 -50.80 -42.25 -17.76
CA ASN U 82 -52.01 -43.04 -17.62
C ASN U 82 -52.98 -42.33 -16.68
N PRO U 83 -54.28 -42.58 -16.81
CA PRO U 83 -55.26 -41.82 -16.00
C PRO U 83 -55.02 -41.97 -14.51
N GLY U 84 -55.13 -40.86 -13.79
CA GLY U 84 -55.01 -40.84 -12.35
C GLY U 84 -53.61 -40.62 -11.81
N THR U 85 -52.67 -40.12 -12.62
CA THR U 85 -51.29 -39.95 -12.19
C THR U 85 -50.83 -38.51 -12.42
N SER U 86 -49.57 -38.25 -12.10
CA SER U 86 -48.97 -36.93 -12.24
C SER U 86 -47.55 -37.07 -12.74
N ILE U 87 -47.04 -36.01 -13.37
CA ILE U 87 -45.65 -35.97 -13.81
C ILE U 87 -45.08 -34.59 -13.46
N ALA U 88 -43.91 -34.59 -12.81
CA ALA U 88 -43.22 -33.36 -12.48
C ALA U 88 -42.06 -33.13 -13.44
N PHE U 89 -41.73 -31.86 -13.65
CA PHE U 89 -40.72 -31.52 -14.66
C PHE U 89 -40.04 -30.21 -14.29
N THR U 90 -38.84 -30.04 -14.83
CA THR U 90 -38.10 -28.78 -14.77
C THR U 90 -37.36 -28.63 -16.10
N TYR U 91 -37.74 -27.62 -16.88
CA TYR U 91 -37.27 -27.47 -18.25
C TYR U 91 -36.69 -26.09 -18.48
N ARG U 92 -35.77 -25.98 -19.43
CA ARG U 92 -35.21 -24.71 -19.82
C ARG U 92 -35.21 -24.57 -21.34
N ARG U 93 -35.31 -23.34 -21.81
CA ARG U 93 -35.27 -23.00 -23.24
C ARG U 93 -36.30 -23.81 -24.03
N PHE U 94 -37.56 -23.60 -23.66
CA PHE U 94 -38.69 -24.25 -24.32
C PHE U 94 -39.72 -23.20 -24.71
N VAL U 95 -40.45 -23.48 -25.78
CA VAL U 95 -41.47 -22.55 -26.25
C VAL U 95 -42.87 -22.95 -25.82
N THR U 96 -43.14 -24.25 -25.64
CA THR U 96 -44.50 -24.66 -25.29
C THR U 96 -44.49 -26.03 -24.63
N ILE U 97 -45.55 -26.31 -23.89
CA ILE U 97 -45.84 -27.61 -23.30
C ILE U 97 -47.23 -28.01 -23.75
N GLU U 98 -47.38 -29.26 -24.18
CA GLU U 98 -48.65 -29.70 -24.73
C GLU U 98 -48.90 -31.16 -24.41
N VAL U 99 -50.16 -31.56 -24.53
CA VAL U 99 -50.58 -32.94 -24.37
C VAL U 99 -51.17 -33.42 -25.69
N THR U 100 -50.66 -34.55 -26.16
CA THR U 100 -51.15 -35.21 -27.36
C THR U 100 -52.11 -36.31 -26.94
N LEU U 101 -53.35 -36.22 -27.46
CA LEU U 101 -54.46 -37.15 -27.26
C LEU U 101 -54.69 -37.93 -28.55
N PRO U 102 -54.53 -39.25 -28.52
CA PRO U 102 -54.70 -40.05 -29.73
C PRO U 102 -56.14 -40.11 -30.19
N ALA U 103 -56.31 -40.35 -31.48
CA ALA U 103 -57.64 -40.46 -32.08
C ALA U 103 -58.23 -41.85 -31.95
N ALA U 104 -57.49 -42.79 -31.33
CA ALA U 104 -57.94 -44.16 -31.21
C ALA U 104 -59.24 -44.26 -30.41
N THR U 105 -59.21 -43.83 -29.15
CA THR U 105 -60.39 -43.91 -28.31
C THR U 105 -61.06 -42.55 -28.18
N ALA U 106 -62.34 -42.49 -28.54
CA ALA U 106 -63.10 -41.25 -28.41
C ALA U 106 -63.58 -41.07 -26.98
N GLY U 107 -63.45 -39.84 -26.49
CA GLY U 107 -63.85 -39.54 -25.13
C GLY U 107 -63.25 -38.25 -24.65
N THR U 108 -63.48 -37.96 -23.37
CA THR U 108 -63.04 -36.71 -22.76
C THR U 108 -61.87 -36.98 -21.82
N TYR U 109 -60.81 -36.19 -21.98
CA TYR U 109 -59.64 -36.22 -21.12
C TYR U 109 -59.63 -34.94 -20.29
N GLN U 110 -59.41 -35.08 -18.99
CA GLN U 110 -59.41 -33.96 -18.08
C GLN U 110 -58.22 -34.05 -17.14
N GLY U 111 -57.71 -32.90 -16.73
CA GLY U 111 -56.58 -32.87 -15.84
C GLY U 111 -56.25 -31.47 -15.39
N GLU U 112 -55.08 -31.32 -14.76
CA GLU U 112 -54.64 -30.05 -14.21
C GLU U 112 -53.19 -29.80 -14.62
N PHE U 113 -52.76 -28.55 -14.49
CA PHE U 113 -51.41 -28.16 -14.88
C PHE U 113 -50.95 -27.01 -13.99
N CYS U 114 -49.77 -27.16 -13.39
CA CYS U 114 -49.17 -26.09 -12.59
C CYS U 114 -47.77 -25.82 -13.10
N ILE U 115 -47.41 -24.55 -13.22
CA ILE U 115 -46.05 -24.18 -13.59
C ILE U 115 -45.64 -22.92 -12.83
N THR U 116 -44.36 -22.84 -12.52
CA THR U 116 -43.73 -21.63 -12.02
C THR U 116 -42.49 -21.37 -12.86
N THR U 117 -42.35 -20.16 -13.37
CA THR U 117 -41.34 -19.82 -14.37
C THR U 117 -40.47 -18.69 -13.88
N ARG U 118 -39.16 -18.83 -14.11
CA ARG U 118 -38.17 -17.80 -13.83
C ARG U 118 -37.58 -17.30 -15.14
N TYR U 119 -37.44 -15.98 -15.23
CA TYR U 119 -36.96 -15.30 -16.42
C TYR U 119 -36.38 -13.96 -16.01
N PRO U 120 -35.48 -13.39 -16.82
CA PRO U 120 -34.89 -12.08 -16.49
C PRO U 120 -35.85 -10.95 -16.83
N LEU U 121 -36.00 -10.02 -15.88
CA LEU U 121 -36.86 -8.84 -16.06
C LEU U 121 -36.04 -7.65 -16.52
N SER U 122 -35.11 -7.91 -17.43
CA SER U 122 -34.10 -6.91 -17.76
C SER U 122 -34.36 -6.25 -19.12
N ALA V 9 -13.29 -4.95 -13.10
CA ALA V 9 -13.67 -4.88 -14.51
C ALA V 9 -12.66 -5.61 -15.37
N LEU V 10 -11.86 -6.49 -14.75
CA LEU V 10 -10.80 -7.19 -15.46
C LEU V 10 -11.25 -8.51 -16.08
N THR V 11 -12.45 -8.99 -15.76
CA THR V 11 -12.85 -10.33 -16.16
C THR V 11 -14.20 -10.30 -16.85
N CYS V 12 -14.35 -11.16 -17.87
CA CYS V 12 -15.65 -11.53 -18.42
C CYS V 12 -16.12 -12.85 -17.85
N CYS V 13 -15.81 -13.10 -16.58
CA CYS V 13 -16.23 -14.31 -15.86
C CYS V 13 -17.45 -13.97 -15.01
N PRO V 14 -18.66 -14.22 -15.50
CA PRO V 14 -19.86 -13.90 -14.73
C PRO V 14 -20.04 -14.86 -13.56
N ASP V 15 -20.75 -14.37 -12.54
CA ASP V 15 -21.06 -15.16 -11.36
C ASP V 15 -22.13 -16.20 -11.68
N LYS V 16 -22.15 -17.27 -10.90
CA LYS V 16 -23.16 -18.32 -11.00
C LYS V 16 -24.21 -18.07 -9.93
N ASN V 17 -25.42 -17.70 -10.37
CA ASN V 17 -26.53 -17.42 -9.48
C ASN V 17 -27.40 -18.66 -9.41
N TYR V 18 -27.25 -19.43 -8.34
CA TYR V 18 -27.99 -20.67 -8.16
C TYR V 18 -29.35 -20.39 -7.53
N VAL V 19 -30.38 -21.09 -8.02
CA VAL V 19 -31.73 -20.94 -7.51
C VAL V 19 -32.29 -22.32 -7.21
N GLN V 20 -33.36 -22.32 -6.40
CA GLN V 20 -33.97 -23.54 -5.90
C GLN V 20 -35.48 -23.49 -6.11
N ASP V 21 -36.04 -24.62 -6.54
CA ASP V 21 -37.48 -24.79 -6.68
C ASP V 21 -37.91 -26.04 -5.94
N LYS V 22 -39.23 -26.19 -5.77
CA LYS V 22 -39.80 -27.32 -5.05
C LYS V 22 -41.06 -27.77 -5.76
N VAL V 23 -41.30 -29.09 -5.79
CA VAL V 23 -42.51 -29.64 -6.37
C VAL V 23 -42.84 -30.96 -5.69
N CYS V 24 -44.11 -31.16 -5.37
CA CYS V 24 -44.63 -32.38 -4.77
C CYS V 24 -45.80 -32.87 -5.60
N SER V 25 -45.92 -34.19 -5.73
CA SER V 25 -47.00 -34.76 -6.53
C SER V 25 -47.27 -36.20 -6.09
N PRO V 26 -48.52 -36.62 -6.10
CA PRO V 26 -48.83 -38.04 -5.89
C PRO V 26 -48.69 -38.83 -7.17
N TRP V 27 -48.43 -40.12 -7.01
CA TRP V 27 -48.25 -41.01 -8.15
C TRP V 27 -49.05 -42.29 -7.94
N SER V 28 -49.52 -42.85 -9.05
CA SER V 28 -50.30 -44.07 -9.05
C SER V 28 -49.97 -44.88 -10.30
N GLY V 29 -50.18 -46.19 -10.20
CA GLY V 29 -49.93 -47.08 -11.32
C GLY V 29 -50.61 -48.41 -11.19
N THR V 30 -51.32 -48.85 -12.23
CA THR V 30 -52.06 -50.11 -12.22
C THR V 30 -51.35 -51.11 -13.10
N VAL V 31 -50.88 -52.21 -12.50
CA VAL V 31 -50.22 -53.27 -13.24
C VAL V 31 -51.20 -54.41 -13.46
N VAL V 32 -51.30 -54.86 -14.71
CA VAL V 32 -52.20 -55.94 -15.09
C VAL V 32 -51.41 -57.16 -15.58
N ALA V 33 -50.60 -56.99 -16.63
CA ALA V 33 -49.84 -58.10 -17.17
C ALA V 33 -48.40 -57.70 -17.49
N THR V 34 -48.13 -56.40 -17.52
CA THR V 34 -46.82 -55.89 -17.92
C THR V 34 -46.24 -54.99 -16.84
N ALA V 35 -44.91 -55.01 -16.74
CA ALA V 35 -44.21 -54.16 -15.79
C ALA V 35 -44.33 -52.69 -16.20
N ILE V 36 -44.24 -51.81 -15.21
CA ILE V 36 -44.41 -50.38 -15.41
C ILE V 36 -43.14 -49.66 -14.95
N THR V 37 -42.80 -48.57 -15.64
CA THR V 37 -41.58 -47.82 -15.44
C THR V 37 -42.01 -46.36 -15.19
N ASN V 38 -42.89 -46.18 -14.21
CA ASN V 38 -43.53 -44.89 -13.96
C ASN V 38 -42.52 -43.81 -13.61
N VAL V 39 -42.36 -42.82 -14.49
CA VAL V 39 -41.43 -41.72 -14.25
C VAL V 39 -42.11 -40.65 -13.41
N LEU V 40 -41.45 -40.24 -12.33
CA LEU V 40 -42.00 -39.24 -11.43
C LEU V 40 -41.45 -37.84 -11.68
N TYR V 41 -40.24 -37.73 -12.21
CA TYR V 41 -39.60 -36.43 -12.40
C TYR V 41 -38.59 -36.55 -13.54
N ASN V 42 -38.46 -35.48 -14.31
CA ASN V 42 -37.49 -35.44 -15.41
C ASN V 42 -37.08 -34.01 -15.67
N ASN V 43 -35.92 -33.84 -16.29
CA ASN V 43 -35.38 -32.52 -16.57
C ASN V 43 -34.37 -32.63 -17.72
N ASN V 44 -34.05 -31.47 -18.30
CA ASN V 44 -33.07 -31.38 -19.38
C ASN V 44 -31.88 -30.51 -19.00
N ILE V 45 -31.65 -30.32 -17.71
CA ILE V 45 -30.60 -29.44 -17.20
C ILE V 45 -29.64 -30.23 -16.32
N ASN V 46 -29.40 -31.48 -16.70
CA ASN V 46 -28.64 -32.42 -15.86
C ASN V 46 -27.29 -31.87 -15.44
N GLN V 47 -26.66 -31.06 -16.29
CA GLN V 47 -25.39 -30.44 -15.91
C GLN V 47 -25.63 -29.41 -14.81
N ASN V 48 -24.91 -29.56 -13.70
CA ASN V 48 -25.07 -28.69 -12.54
C ASN V 48 -26.49 -28.68 -12.01
N MET V 49 -27.01 -29.85 -11.66
CA MET V 49 -28.31 -29.96 -11.02
C MET V 49 -28.21 -30.85 -9.80
N ILE V 50 -28.81 -30.43 -8.68
CA ILE V 50 -28.88 -31.27 -7.49
C ILE V 50 -30.31 -31.29 -6.98
N GLY V 51 -30.77 -32.46 -6.57
CA GLY V 51 -32.12 -32.60 -6.05
C GLY V 51 -32.18 -33.40 -4.77
N THR V 52 -32.87 -32.85 -3.78
CA THR V 52 -33.07 -33.51 -2.49
C THR V 52 -34.57 -33.73 -2.27
N GLY V 53 -34.93 -34.91 -1.80
CA GLY V 53 -36.35 -35.16 -1.57
C GLY V 53 -36.63 -36.55 -1.06
N PHE V 54 -37.87 -36.98 -1.24
CA PHE V 54 -38.28 -38.30 -0.78
C PHE V 54 -39.35 -38.87 -1.70
N VAL V 55 -39.45 -40.20 -1.66
CA VAL V 55 -40.49 -40.97 -2.32
C VAL V 55 -41.19 -41.81 -1.26
N ARG V 56 -42.50 -41.69 -1.18
CA ARG V 56 -43.31 -42.40 -0.20
C ARG V 56 -44.15 -43.47 -0.88
N TYR V 57 -44.00 -44.72 -0.44
CA TYR V 57 -44.80 -45.84 -0.91
C TYR V 57 -45.86 -46.13 0.14
N ASP V 58 -47.12 -45.86 -0.20
CA ASP V 58 -48.22 -45.96 0.75
C ASP V 58 -48.93 -47.30 0.68
N VAL V 59 -49.51 -47.63 -0.47
CA VAL V 59 -50.28 -48.86 -0.64
C VAL V 59 -49.84 -49.53 -1.94
N GLY V 60 -49.79 -50.87 -1.91
CA GLY V 60 -49.41 -51.63 -3.07
C GLY V 60 -49.29 -53.11 -2.79
N PRO V 61 -49.56 -53.93 -3.79
CA PRO V 61 -49.48 -55.40 -3.60
C PRO V 61 -48.11 -55.91 -3.23
N ALA V 62 -47.04 -55.29 -3.72
CA ALA V 62 -45.72 -55.88 -3.61
C ALA V 62 -44.63 -54.82 -3.52
N PRO V 63 -43.39 -55.20 -3.17
CA PRO V 63 -42.28 -54.24 -3.19
C PRO V 63 -42.07 -53.66 -4.58
N ILE V 64 -41.64 -52.39 -4.62
CA ILE V 64 -41.35 -51.68 -5.86
C ILE V 64 -39.89 -51.26 -5.84
N THR V 65 -39.40 -50.80 -6.99
CA THR V 65 -38.02 -50.36 -7.10
C THR V 65 -38.00 -48.87 -7.43
N LEU V 66 -37.09 -48.12 -6.81
CA LEU V 66 -36.88 -46.72 -7.13
C LEU V 66 -35.51 -46.56 -7.78
N THR V 67 -35.49 -46.03 -9.00
CA THR V 67 -34.27 -45.92 -9.77
C THR V 67 -34.07 -44.48 -10.23
N VAL V 68 -32.80 -44.08 -10.34
CA VAL V 68 -32.42 -42.75 -10.82
C VAL V 68 -31.50 -42.91 -12.02
N LEU V 69 -31.81 -42.21 -13.10
CA LEU V 69 -31.11 -42.38 -14.37
C LEU V 69 -30.55 -41.05 -14.86
N ASP V 70 -29.42 -41.13 -15.55
CA ASP V 70 -28.80 -39.98 -16.19
C ASP V 70 -29.15 -39.95 -17.67
N ALA V 71 -28.61 -38.95 -18.37
CA ALA V 71 -29.01 -38.71 -19.76
C ALA V 71 -28.65 -39.87 -20.67
N ALA V 72 -27.66 -40.69 -20.29
CA ALA V 72 -27.24 -41.82 -21.11
C ALA V 72 -28.13 -43.04 -20.86
N GLY V 73 -29.10 -42.95 -19.96
CA GLY V 73 -29.98 -44.06 -19.66
C GLY V 73 -29.45 -45.03 -18.62
N ALA V 74 -28.23 -44.82 -18.12
CA ALA V 74 -27.65 -45.69 -17.12
C ALA V 74 -28.28 -45.42 -15.76
N THR V 75 -28.08 -46.36 -14.83
CA THR V 75 -28.63 -46.26 -13.50
C THR V 75 -27.60 -45.69 -12.54
N ILE V 76 -27.97 -44.62 -11.84
CA ILE V 76 -27.10 -44.03 -10.83
C ILE V 76 -27.33 -44.70 -9.48
N ASP V 77 -28.59 -44.86 -9.08
CA ASP V 77 -28.91 -45.47 -7.80
C ASP V 77 -30.21 -46.24 -7.94
N THR V 78 -30.28 -47.38 -7.27
CA THR V 78 -31.48 -48.21 -7.24
C THR V 78 -31.72 -48.69 -5.81
N GLN V 79 -32.97 -48.59 -5.37
CA GLN V 79 -33.37 -49.00 -4.02
C GLN V 79 -34.68 -49.77 -4.11
N THR V 80 -35.00 -50.48 -3.04
CA THR V 80 -36.21 -51.28 -2.96
C THR V 80 -37.10 -50.77 -1.84
N LEU V 81 -38.41 -50.69 -2.09
CA LEU V 81 -39.36 -50.17 -1.13
C LEU V 81 -40.49 -51.16 -0.92
N ASN V 82 -40.95 -51.25 0.32
CA ASN V 82 -42.11 -52.03 0.73
C ASN V 82 -43.27 -51.10 1.08
N PRO V 83 -44.51 -51.57 0.98
CA PRO V 83 -45.65 -50.67 1.20
C PRO V 83 -45.64 -50.05 2.58
N GLY V 84 -45.96 -48.75 2.64
CA GLY V 84 -46.05 -48.03 3.89
C GLY V 84 -44.77 -47.38 4.38
N THR V 85 -43.77 -47.20 3.53
CA THR V 85 -42.49 -46.65 3.95
C THR V 85 -42.12 -45.45 3.09
N SER V 86 -40.94 -44.89 3.35
CA SER V 86 -40.43 -43.72 2.63
C SER V 86 -38.94 -43.88 2.42
N ILE V 87 -38.43 -43.20 1.40
CA ILE V 87 -36.98 -43.17 1.14
C ILE V 87 -36.57 -41.74 0.81
N ALA V 88 -35.54 -41.25 1.48
CA ALA V 88 -34.99 -39.92 1.23
C ALA V 88 -33.73 -40.02 0.40
N PHE V 89 -33.46 -38.98 -0.38
CA PHE V 89 -32.35 -39.02 -1.31
C PHE V 89 -31.83 -37.61 -1.57
N THR V 90 -30.58 -37.55 -2.02
CA THR V 90 -29.95 -36.33 -2.51
C THR V 90 -29.04 -36.73 -3.66
N TYR V 91 -29.36 -36.29 -4.87
CA TYR V 91 -28.70 -36.75 -6.08
C TYR V 91 -28.20 -35.57 -6.90
N ARG V 92 -27.15 -35.81 -7.69
CA ARG V 92 -26.63 -34.80 -8.61
C ARG V 92 -26.40 -35.43 -9.98
N ARG V 93 -26.53 -34.59 -11.02
CA ARG V 93 -26.29 -34.99 -12.41
C ARG V 93 -27.13 -36.21 -12.79
N PHE V 94 -28.44 -36.03 -12.70
CA PHE V 94 -29.40 -37.08 -13.05
C PHE V 94 -30.43 -36.50 -14.02
N VAL V 95 -30.97 -37.36 -14.88
CA VAL V 95 -31.97 -36.93 -15.84
C VAL V 95 -33.38 -37.28 -15.40
N THR V 96 -33.58 -38.35 -14.63
CA THR V 96 -34.93 -38.73 -14.26
C THR V 96 -34.91 -39.60 -13.02
N ILE V 97 -36.06 -39.63 -12.34
CA ILE V 97 -36.33 -40.51 -11.22
C ILE V 97 -37.60 -41.29 -11.54
N GLU V 98 -37.59 -42.60 -11.31
CA GLU V 98 -38.72 -43.42 -11.69
C GLU V 98 -38.90 -44.56 -10.72
N VAL V 99 -40.10 -45.15 -10.75
CA VAL V 99 -40.43 -46.33 -9.95
C VAL V 99 -40.76 -47.46 -10.91
N THR V 100 -40.11 -48.59 -10.72
CA THR V 100 -40.34 -49.81 -11.48
C THR V 100 -41.28 -50.70 -10.67
N LEU V 101 -42.42 -51.05 -11.27
CA LEU V 101 -43.46 -51.91 -10.76
C LEU V 101 -43.44 -53.24 -11.50
N PRO V 102 -43.18 -54.34 -10.80
CA PRO V 102 -43.10 -55.64 -11.48
C PRO V 102 -44.44 -56.12 -11.99
N ALA V 103 -44.39 -56.97 -13.01
CA ALA V 103 -45.59 -57.54 -13.59
C ALA V 103 -46.09 -58.77 -12.84
N ALA V 104 -45.39 -59.19 -11.78
CA ALA V 104 -45.75 -60.38 -11.03
C ALA V 104 -47.14 -60.26 -10.43
N THR V 105 -47.35 -59.28 -9.55
CA THR V 105 -48.63 -59.12 -8.89
C THR V 105 -49.42 -57.98 -9.52
N ALA V 106 -50.63 -58.29 -9.99
CA ALA V 106 -51.49 -57.27 -10.56
C ALA V 106 -52.20 -56.48 -9.47
N GLY V 107 -52.24 -55.16 -9.64
CA GLY V 107 -52.87 -54.31 -8.65
C GLY V 107 -52.44 -52.87 -8.82
N THR V 108 -52.90 -52.05 -7.88
CA THR V 108 -52.67 -50.61 -7.92
C THR V 108 -51.63 -50.22 -6.88
N TYR V 109 -50.62 -49.47 -7.30
CA TYR V 109 -49.60 -48.91 -6.43
C TYR V 109 -49.82 -47.40 -6.34
N GLN V 110 -49.79 -46.87 -5.12
CA GLN V 110 -50.03 -45.46 -4.90
C GLN V 110 -48.99 -44.92 -3.92
N GLY V 111 -48.64 -43.65 -4.10
CA GLY V 111 -47.67 -43.03 -3.22
C GLY V 111 -47.52 -41.56 -3.51
N GLU V 112 -46.49 -40.97 -2.90
CA GLU V 112 -46.23 -39.54 -3.02
C GLU V 112 -44.76 -39.31 -3.36
N PHE V 113 -44.45 -38.10 -3.82
CA PHE V 113 -43.10 -37.75 -4.21
C PHE V 113 -42.87 -36.27 -3.98
N CYS V 114 -41.79 -35.93 -3.27
CA CYS V 114 -41.41 -34.55 -3.04
C CYS V 114 -39.97 -34.36 -3.48
N ILE V 115 -39.69 -33.25 -4.18
CA ILE V 115 -38.33 -32.91 -4.55
C ILE V 115 -38.13 -31.41 -4.48
N THR V 116 -36.92 -31.00 -4.13
CA THR V 116 -36.48 -29.62 -4.23
C THR V 116 -35.14 -29.63 -4.95
N THR V 117 -35.03 -28.81 -5.99
CA THR V 117 -33.91 -28.85 -6.92
C THR V 117 -33.20 -27.51 -6.98
N ARG V 118 -31.87 -27.55 -6.97
CA ARG V 118 -31.01 -26.39 -7.14
C ARG V 118 -30.27 -26.50 -8.46
N TYR V 119 -30.22 -25.37 -9.17
CA TYR V 119 -29.61 -25.30 -10.50
C TYR V 119 -29.21 -23.85 -10.76
N PRO V 120 -28.24 -23.61 -11.65
CA PRO V 120 -27.82 -22.24 -11.95
C PRO V 120 -28.80 -21.56 -12.89
N LEU V 121 -29.16 -20.32 -12.56
CA LEU V 121 -30.07 -19.51 -13.37
C LEU V 121 -29.27 -18.58 -14.28
N SER V 122 -28.24 -19.13 -14.88
CA SER V 122 -27.27 -18.33 -15.62
C SER V 122 -27.47 -18.40 -17.13
N ALA W 9 -7.62 -11.28 -10.33
CA ALA W 9 -7.78 -11.94 -11.62
C ALA W 9 -6.59 -12.84 -11.92
N LEU W 10 -5.84 -13.19 -10.87
CA LEU W 10 -4.63 -13.98 -11.03
C LEU W 10 -4.87 -15.49 -10.95
N THR W 11 -6.07 -15.92 -10.57
CA THR W 11 -6.30 -17.34 -10.28
C THR W 11 -7.52 -17.84 -11.03
N CYS W 12 -7.44 -19.08 -11.50
CA CYS W 12 -8.61 -19.86 -11.93
C CYS W 12 -9.05 -20.80 -10.83
N CYS W 13 -8.93 -20.36 -9.57
CA CYS W 13 -9.37 -21.12 -8.40
C CYS W 13 -10.73 -20.60 -7.95
N PRO W 14 -11.82 -21.23 -8.38
CA PRO W 14 -13.15 -20.74 -7.98
C PRO W 14 -13.43 -21.04 -6.52
N ASP W 15 -14.33 -20.24 -5.95
CA ASP W 15 -14.75 -20.42 -4.57
C ASP W 15 -15.68 -21.62 -4.43
N LYS W 16 -15.73 -22.16 -3.24
CA LYS W 16 -16.63 -23.27 -2.90
C LYS W 16 -17.87 -22.70 -2.21
N ASN W 17 -19.00 -22.76 -2.90
CA ASN W 17 -20.26 -22.25 -2.37
C ASN W 17 -21.03 -23.42 -1.78
N TYR W 18 -20.99 -23.55 -0.45
CA TYR W 18 -21.66 -24.65 0.23
C TYR W 18 -23.11 -24.30 0.50
N VAL W 19 -23.99 -25.29 0.33
CA VAL W 19 -25.42 -25.11 0.56
C VAL W 19 -25.92 -26.24 1.43
N GLN W 20 -27.08 -26.01 2.04
CA GLN W 20 -27.68 -26.91 3.01
C GLN W 20 -29.13 -27.18 2.67
N ASP W 21 -29.53 -28.45 2.79
CA ASP W 21 -30.91 -28.87 2.61
C ASP W 21 -31.37 -29.67 3.82
N LYS W 22 -32.68 -29.90 3.91
CA LYS W 22 -33.26 -30.62 5.04
C LYS W 22 -34.35 -31.54 4.52
N VAL W 23 -34.48 -32.72 5.12
CA VAL W 23 -35.54 -33.65 4.77
C VAL W 23 -35.86 -34.52 5.98
N CYS W 24 -37.17 -34.71 6.23
CA CYS W 24 -37.66 -35.57 7.29
C CYS W 24 -38.65 -36.55 6.70
N SER W 25 -38.66 -37.78 7.22
CA SER W 25 -39.54 -38.81 6.71
C SER W 25 -39.77 -39.88 7.77
N PRO W 26 -40.97 -40.44 7.86
CA PRO W 26 -41.20 -41.60 8.71
C PRO W 26 -40.80 -42.88 8.00
N TRP W 27 -40.46 -43.89 8.81
CA TRP W 27 -40.05 -45.18 8.28
C TRP W 27 -40.78 -46.30 9.00
N SER W 28 -41.01 -47.38 8.27
CA SER W 28 -41.69 -48.56 8.80
C SER W 28 -41.10 -49.80 8.16
N GLY W 29 -41.22 -50.92 8.86
CA GLY W 29 -40.74 -52.19 8.35
C GLY W 29 -41.33 -53.39 9.05
N THR W 30 -41.82 -54.37 8.30
CA THR W 30 -42.47 -55.55 8.86
C THR W 30 -41.55 -56.74 8.66
N VAL W 31 -41.09 -57.34 9.76
CA VAL W 31 -40.24 -58.51 9.72
C VAL W 31 -41.09 -59.75 9.99
N VAL W 32 -40.97 -60.75 9.12
CA VAL W 32 -41.69 -62.01 9.24
C VAL W 32 -40.75 -63.18 9.49
N ALA W 33 -39.81 -63.41 8.58
CA ALA W 33 -38.88 -64.52 8.74
C ALA W 33 -37.45 -64.13 8.41
N THR W 34 -37.28 -62.97 7.77
CA THR W 34 -35.96 -62.53 7.29
C THR W 34 -35.63 -61.15 7.84
N ALA W 35 -34.34 -60.93 8.08
CA ALA W 35 -33.86 -59.64 8.55
C ALA W 35 -34.04 -58.59 7.46
N ILE W 36 -34.17 -57.33 7.89
CA ILE W 36 -34.40 -56.21 6.98
C ILE W 36 -33.29 -55.19 7.15
N THR W 37 -32.94 -54.54 6.06
CA THR W 37 -31.81 -53.60 5.98
C THR W 37 -32.39 -52.29 5.43
N ASN W 38 -33.42 -51.78 6.11
CA ASN W 38 -34.19 -50.64 5.62
C ASN W 38 -33.34 -49.39 5.49
N VAL W 39 -33.12 -48.93 4.26
CA VAL W 39 -32.31 -47.73 4.02
C VAL W 39 -33.20 -46.50 4.15
N LEU W 40 -32.75 -45.53 4.95
CA LEU W 40 -33.51 -44.32 5.17
C LEU W 40 -33.04 -43.14 4.32
N TYR W 41 -31.77 -43.11 3.93
CA TYR W 41 -31.22 -42.00 3.19
C TYR W 41 -30.04 -42.49 2.37
N ASN W 42 -29.86 -41.92 1.18
CA ASN W 42 -28.74 -42.28 0.32
C ASN W 42 -28.41 -41.10 -0.59
N ASN W 43 -27.17 -41.08 -1.08
CA ASN W 43 -26.70 -40.00 -1.93
C ASN W 43 -25.53 -40.49 -2.77
N ASN W 44 -25.21 -39.72 -3.80
CA ASN W 44 -24.08 -40.02 -4.68
C ASN W 44 -23.04 -38.91 -4.67
N ILE W 45 -23.03 -38.10 -3.62
CA ILE W 45 -22.14 -36.94 -3.52
C ILE W 45 -21.27 -37.06 -2.28
N ASN W 46 -20.87 -38.30 -1.96
CA ASN W 46 -20.20 -38.60 -0.70
C ASN W 46 -18.98 -37.72 -0.47
N GLN W 47 -18.28 -37.35 -1.54
CA GLN W 47 -17.14 -36.45 -1.40
C GLN W 47 -17.63 -35.07 -0.98
N ASN W 48 -17.07 -34.55 0.12
CA ASN W 48 -17.47 -33.27 0.69
C ASN W 48 -18.97 -33.22 1.00
N MET W 49 -19.44 -34.14 1.83
CA MET W 49 -20.82 -34.11 2.30
C MET W 49 -20.84 -34.29 3.81
N ILE W 50 -21.63 -33.48 4.51
CA ILE W 50 -21.82 -33.64 5.94
C ILE W 50 -23.31 -33.62 6.26
N GLY W 51 -23.73 -34.50 7.15
CA GLY W 51 -25.13 -34.58 7.53
C GLY W 51 -25.34 -34.66 9.02
N THR W 52 -26.21 -33.81 9.55
CA THR W 52 -26.57 -33.80 10.96
C THR W 52 -28.04 -34.10 11.11
N GLY W 53 -28.40 -34.95 12.07
CA GLY W 53 -29.80 -35.25 12.25
C GLY W 53 -30.05 -36.26 13.35
N PHE W 54 -31.22 -36.90 13.28
CA PHE W 54 -31.59 -37.87 14.28
C PHE W 54 -32.44 -38.97 13.67
N VAL W 55 -32.45 -40.12 14.35
CA VAL W 55 -33.32 -41.24 14.06
C VAL W 55 -34.10 -41.56 15.31
N ARG W 56 -35.42 -41.62 15.20
CA ARG W 56 -36.31 -41.87 16.33
C ARG W 56 -36.95 -43.26 16.17
N TYR W 57 -36.78 -44.09 17.18
CA TYR W 57 -37.40 -45.41 17.25
C TYR W 57 -38.60 -45.32 18.19
N ASP W 58 -39.80 -45.43 17.64
CA ASP W 58 -41.02 -45.21 18.40
C ASP W 58 -41.62 -46.51 18.93
N VAL W 59 -41.97 -47.43 18.05
CA VAL W 59 -42.61 -48.69 18.43
C VAL W 59 -41.93 -49.83 17.69
N GLY W 60 -41.78 -50.96 18.36
CA GLY W 60 -41.16 -52.12 17.78
C GLY W 60 -40.98 -53.25 18.77
N PRO W 61 -41.02 -54.49 18.28
CA PRO W 61 -40.87 -55.65 19.17
C PRO W 61 -39.52 -55.72 19.89
N ALA W 62 -38.44 -55.26 19.26
CA ALA W 62 -37.12 -55.54 19.78
C ALA W 62 -36.14 -54.42 19.43
N PRO W 63 -34.95 -54.40 20.05
CA PRO W 63 -33.93 -53.42 19.66
C PRO W 63 -33.55 -53.55 18.19
N ILE W 64 -33.21 -52.41 17.58
CA ILE W 64 -32.79 -52.33 16.19
C ILE W 64 -31.38 -51.76 16.15
N THR W 65 -30.76 -51.84 14.97
CA THR W 65 -29.42 -51.31 14.79
C THR W 65 -29.46 -50.18 13.77
N LEU W 66 -28.71 -49.11 14.03
CA LEU W 66 -28.56 -48.00 13.09
C LEU W 66 -27.13 -47.98 12.58
N THR W 67 -26.97 -48.10 11.26
CA THR W 67 -25.64 -48.19 10.66
C THR W 67 -25.48 -47.14 9.59
N VAL W 68 -24.25 -46.67 9.41
CA VAL W 68 -23.91 -45.70 8.37
C VAL W 68 -22.80 -46.28 7.51
N LEU W 69 -22.98 -46.23 6.20
CA LEU W 69 -22.09 -46.88 5.26
C LEU W 69 -21.57 -45.89 4.24
N ASP W 70 -20.34 -46.12 3.79
CA ASP W 70 -19.71 -45.34 2.73
C ASP W 70 -19.84 -46.07 1.40
N ALA W 71 -19.27 -45.46 0.36
CA ALA W 71 -19.45 -45.96 -1.00
C ALA W 71 -18.87 -47.36 -1.18
N ALA W 72 -17.90 -47.74 -0.35
CA ALA W 72 -17.28 -49.06 -0.46
C ALA W 72 -18.08 -50.13 0.27
N GLY W 73 -19.19 -49.76 0.90
CA GLY W 73 -20.02 -50.70 1.63
C GLY W 73 -19.59 -50.96 3.05
N ALA W 74 -18.48 -50.37 3.50
CA ALA W 74 -18.00 -50.56 4.86
C ALA W 74 -18.86 -49.77 5.84
N THR W 75 -18.73 -50.12 7.11
CA THR W 75 -19.49 -49.47 8.17
C THR W 75 -18.66 -48.36 8.82
N ILE W 76 -19.22 -47.16 8.85
CA ILE W 76 -18.58 -46.04 9.52
C ILE W 76 -18.96 -46.01 11.00
N ASP W 77 -20.24 -46.13 11.30
CA ASP W 77 -20.71 -46.10 12.67
C ASP W 77 -21.92 -47.02 12.81
N THR W 78 -22.00 -47.70 13.95
CA THR W 78 -23.12 -48.57 14.26
C THR W 78 -23.54 -48.35 15.70
N GLN W 79 -24.85 -48.23 15.92
CA GLN W 79 -25.43 -47.99 17.23
C GLN W 79 -26.64 -48.89 17.42
N THR W 80 -27.07 -49.04 18.66
CA THR W 80 -28.21 -49.87 19.01
C THR W 80 -29.30 -49.02 19.63
N LEU W 81 -30.55 -49.27 19.25
CA LEU W 81 -31.68 -48.49 19.72
C LEU W 81 -32.75 -49.40 20.28
N ASN W 82 -33.40 -48.96 21.36
CA ASN W 82 -34.54 -49.61 21.98
C ASN W 82 -35.81 -48.80 21.72
N PRO W 83 -36.98 -49.44 21.73
CA PRO W 83 -38.20 -48.72 21.36
C PRO W 83 -38.46 -47.51 22.26
N GLY W 84 -38.87 -46.40 21.64
CA GLY W 84 -39.22 -45.20 22.36
C GLY W 84 -38.09 -44.22 22.58
N THR W 85 -36.98 -44.32 21.86
CA THR W 85 -35.83 -43.46 22.08
C THR W 85 -35.42 -42.78 20.77
N SER W 86 -34.35 -42.00 20.84
CA SER W 86 -33.83 -41.25 19.70
C SER W 86 -32.30 -41.28 19.74
N ILE W 87 -31.69 -41.10 18.57
CA ILE W 87 -30.24 -40.99 18.47
C ILE W 87 -29.90 -39.85 17.53
N ALA W 88 -29.01 -38.96 17.97
CA ALA W 88 -28.54 -37.85 17.15
C ALA W 88 -27.15 -38.16 16.60
N PHE W 89 -26.85 -37.59 15.44
CA PHE W 89 -25.61 -37.91 14.76
C PHE W 89 -25.17 -36.74 13.90
N THR W 90 -23.87 -36.71 13.61
CA THR W 90 -23.27 -35.81 12.64
C THR W 90 -22.16 -36.57 11.93
N TYR W 91 -22.32 -36.81 10.64
CA TYR W 91 -21.43 -37.70 9.89
C TYR W 91 -20.91 -36.99 8.65
N ARG W 92 -19.74 -37.42 8.18
CA ARG W 92 -19.16 -36.92 6.94
C ARG W 92 -18.67 -38.08 6.09
N ARG W 93 -18.70 -37.87 4.77
CA ARG W 93 -18.23 -38.84 3.78
C ARG W 93 -18.88 -40.21 3.97
N PHE W 94 -20.21 -40.20 3.84
CA PHE W 94 -21.01 -41.41 3.95
C PHE W 94 -21.92 -41.51 2.73
N VAL W 95 -22.26 -42.74 2.36
CA VAL W 95 -23.12 -42.98 1.21
C VAL W 95 -24.56 -43.28 1.62
N THR W 96 -24.79 -43.85 2.80
CA THR W 96 -26.15 -44.21 3.18
C THR W 96 -26.26 -44.37 4.68
N ILE W 97 -27.49 -44.24 5.17
CA ILE W 97 -27.86 -44.50 6.55
C ILE W 97 -29.01 -45.51 6.52
N GLU W 98 -28.94 -46.53 7.37
CA GLU W 98 -29.93 -47.60 7.32
C GLU W 98 -30.16 -48.14 8.72
N VAL W 99 -31.29 -48.83 8.87
CA VAL W 99 -31.66 -49.53 10.10
C VAL W 99 -31.74 -51.01 9.79
N THR W 100 -31.03 -51.81 10.59
CA THR W 100 -31.07 -53.26 10.50
C THR W 100 -32.04 -53.78 11.55
N LEU W 101 -33.03 -54.53 11.09
CA LEU W 101 -34.09 -55.19 11.85
C LEU W 101 -33.85 -56.69 11.87
N PRO W 102 -33.62 -57.28 13.04
CA PRO W 102 -33.32 -58.72 13.11
C PRO W 102 -34.54 -59.57 12.78
N ALA W 103 -34.26 -60.78 12.32
CA ALA W 103 -35.31 -61.73 11.98
C ALA W 103 -35.82 -62.51 13.18
N ALA W 104 -35.26 -62.26 14.37
CA ALA W 104 -35.64 -62.99 15.58
C ALA W 104 -37.12 -62.79 15.90
N THR W 105 -37.52 -61.56 16.15
CA THR W 105 -38.91 -61.29 16.51
C THR W 105 -39.67 -60.71 15.33
N ALA W 106 -40.77 -61.36 14.96
CA ALA W 106 -41.61 -60.89 13.87
C ALA W 106 -42.53 -59.79 14.36
N GLY W 107 -42.65 -58.73 13.57
CA GLY W 107 -43.50 -57.61 13.94
C GLY W 107 -43.16 -56.38 13.12
N THR W 108 -43.82 -55.29 13.48
CA THR W 108 -43.69 -54.03 12.76
C THR W 108 -42.87 -53.03 13.58
N TYR W 109 -41.86 -52.45 12.93
CA TYR W 109 -41.04 -51.39 13.52
C TYR W 109 -41.38 -50.08 12.83
N GLN W 110 -41.59 -49.04 13.62
CA GLN W 110 -41.96 -47.73 13.09
C GLN W 110 -41.14 -46.65 13.77
N GLY W 111 -40.86 -45.58 13.03
CA GLY W 111 -40.09 -44.49 13.59
C GLY W 111 -40.01 -43.33 12.63
N GLU W 112 -39.13 -42.38 12.95
CA GLU W 112 -38.97 -41.16 12.18
C GLU W 112 -37.48 -40.91 11.92
N PHE W 113 -37.21 -40.04 10.95
CA PHE W 113 -35.83 -39.73 10.57
C PHE W 113 -35.76 -38.30 10.07
N CYS W 114 -34.83 -37.52 10.62
CA CYS W 114 -34.61 -36.15 10.17
C CYS W 114 -33.13 -36.00 9.84
N ILE W 115 -32.83 -35.33 8.72
CA ILE W 115 -31.46 -35.02 8.37
C ILE W 115 -31.40 -33.65 7.70
N THR W 116 -30.29 -32.95 7.94
CA THR W 116 -29.95 -31.75 7.20
C THR W 116 -28.51 -31.90 6.72
N THR W 117 -28.30 -31.67 5.42
CA THR W 117 -27.05 -31.99 4.75
C THR W 117 -26.45 -30.75 4.11
N ARG W 118 -25.14 -30.61 4.27
CA ARG W 118 -24.36 -29.55 3.64
C ARG W 118 -23.41 -30.16 2.61
N TYR W 119 -23.34 -29.52 1.44
CA TYR W 119 -22.53 -30.01 0.33
C TYR W 119 -22.20 -28.81 -0.57
N PRO W 120 -21.13 -28.90 -1.36
CA PRO W 120 -20.78 -27.79 -2.25
C PRO W 120 -21.64 -27.79 -3.50
N LEU W 121 -22.16 -26.61 -3.86
CA LEU W 121 -22.98 -26.43 -5.04
C LEU W 121 -22.13 -25.94 -6.21
N ALA X 9 -2.07 -14.65 -4.41
CA ALA X 9 -1.97 -15.87 -5.21
C ALA X 9 -0.68 -16.61 -4.90
N LEU X 10 -0.08 -16.31 -3.75
CA LEU X 10 1.19 -16.89 -3.37
C LEU X 10 1.08 -18.19 -2.59
N THR X 11 -0.13 -18.56 -2.15
CA THR X 11 -0.29 -19.67 -1.23
C THR X 11 -1.35 -20.65 -1.75
N CYS X 12 -1.10 -21.94 -1.52
CA CYS X 12 -2.11 -22.98 -1.63
C CYS X 12 -2.65 -23.34 -0.25
N CYS X 13 -2.77 -22.33 0.63
CA CYS X 13 -3.31 -22.49 1.97
C CYS X 13 -4.76 -22.03 1.97
N PRO X 14 -5.73 -22.93 1.81
CA PRO X 14 -7.12 -22.51 1.78
C PRO X 14 -7.62 -22.12 3.16
N ASP X 15 -8.65 -21.28 3.17
CA ASP X 15 -9.26 -20.83 4.41
C ASP X 15 -10.11 -21.94 5.02
N LYS X 16 -10.30 -21.84 6.34
CA LYS X 16 -11.15 -22.77 7.08
C LYS X 16 -12.52 -22.13 7.27
N ASN X 17 -13.52 -22.67 6.61
CA ASN X 17 -14.89 -22.16 6.67
C ASN X 17 -15.66 -23.00 7.70
N TYR X 18 -15.80 -22.48 8.90
CA TYR X 18 -16.48 -23.19 9.99
C TYR X 18 -17.98 -22.97 9.90
N VAL X 19 -18.74 -24.03 10.14
CA VAL X 19 -20.20 -23.98 10.12
C VAL X 19 -20.74 -24.62 11.40
N GLN X 20 -21.99 -24.30 11.69
CA GLN X 20 -22.66 -24.70 12.92
C GLN X 20 -24.01 -25.31 12.61
N ASP X 21 -24.33 -26.39 13.31
CA ASP X 21 -25.63 -27.05 13.23
C ASP X 21 -26.20 -27.22 14.63
N LYS X 22 -27.49 -27.56 14.69
CA LYS X 22 -28.18 -27.74 15.96
C LYS X 22 -29.11 -28.94 15.86
N VAL X 23 -29.22 -29.69 16.95
CA VAL X 23 -30.14 -30.83 17.00
C VAL X 23 -30.58 -31.04 18.45
N CYS X 24 -31.88 -31.28 18.63
CA CYS X 24 -32.47 -31.57 19.93
C CYS X 24 -33.27 -32.86 19.81
N SER X 25 -33.27 -33.66 20.87
CA SER X 25 -33.97 -34.93 20.86
C SER X 25 -34.28 -35.38 22.28
N PRO X 26 -35.44 -35.99 22.52
CA PRO X 26 -35.70 -36.63 23.80
C PRO X 26 -35.09 -38.03 23.87
N TRP X 27 -34.81 -38.46 25.09
CA TRP X 27 -34.21 -39.76 25.32
C TRP X 27 -34.95 -40.49 26.42
N SER X 28 -34.98 -41.82 26.31
CA SER X 28 -35.65 -42.67 27.28
C SER X 28 -34.86 -43.97 27.40
N GLY X 29 -35.01 -44.62 28.55
CA GLY X 29 -34.34 -45.89 28.80
C GLY X 29 -34.95 -46.68 29.94
N THR X 30 -35.23 -47.95 29.72
CA THR X 30 -35.86 -48.80 30.73
C THR X 30 -34.83 -49.81 31.24
N VAL X 31 -34.51 -49.71 32.53
CA VAL X 31 -33.57 -50.63 33.16
C VAL X 31 -34.34 -51.69 33.93
N VAL X 32 -34.01 -52.95 33.68
CA VAL X 32 -34.65 -54.09 34.33
C VAL X 32 -33.68 -54.84 35.23
N ALA X 33 -32.57 -55.35 34.65
CA ALA X 33 -31.60 -56.10 35.42
C ALA X 33 -30.17 -55.70 35.07
N THR X 34 -29.99 -54.98 33.97
CA THR X 34 -28.67 -54.64 33.48
C THR X 34 -28.53 -53.14 33.30
N ALA X 35 -27.31 -52.64 33.51
CA ALA X 35 -27.01 -51.23 33.32
C ALA X 35 -27.10 -50.87 31.85
N ILE X 36 -27.39 -49.59 31.58
CA ILE X 36 -27.58 -49.10 30.22
C ILE X 36 -26.58 -47.97 29.98
N THR X 37 -26.12 -47.89 28.74
CA THR X 37 -25.08 -46.95 28.31
C THR X 37 -25.66 -46.16 27.13
N ASN X 38 -26.82 -45.55 27.36
CA ASN X 38 -27.60 -44.92 26.30
C ASN X 38 -26.84 -43.75 25.65
N VAL X 39 -26.47 -43.92 24.39
CA VAL X 39 -25.73 -42.89 23.66
C VAL X 39 -26.72 -41.89 23.08
N LEU X 40 -26.48 -40.60 23.33
CA LEU X 40 -27.36 -39.55 22.84
C LEU X 40 -26.86 -38.88 21.57
N TYR X 41 -25.55 -38.86 21.34
CA TYR X 41 -24.97 -38.17 20.20
C TYR X 41 -23.64 -38.82 19.86
N ASN X 42 -23.33 -38.86 18.57
CA ASN X 42 -22.07 -39.43 18.10
C ASN X 42 -21.70 -38.80 16.77
N ASN X 43 -20.40 -38.84 16.46
CA ASN X 43 -19.89 -38.23 15.24
C ASN X 43 -18.57 -38.90 14.87
N ASN X 44 -18.14 -38.68 13.62
CA ASN X 44 -16.88 -39.20 13.12
C ASN X 44 -15.94 -38.08 12.68
N ILE X 45 -16.15 -36.87 13.19
CA ILE X 45 -15.40 -35.69 12.79
C ILE X 45 -14.72 -35.07 14.01
N ASN X 46 -14.28 -35.94 14.94
CA ASN X 46 -13.79 -35.49 16.24
C ASN X 46 -12.69 -34.44 16.11
N GLN X 47 -11.86 -34.53 15.08
CA GLN X 47 -10.84 -33.52 14.87
C GLN X 47 -11.49 -32.19 14.50
N ASN X 48 -11.16 -31.14 15.24
CA ASN X 48 -11.75 -29.81 15.05
C ASN X 48 -13.26 -29.83 15.15
N MET X 49 -13.79 -30.31 16.28
CA MET X 49 -15.23 -30.25 16.54
C MET X 49 -15.46 -29.68 17.93
N ILE X 50 -16.42 -28.77 18.05
CA ILE X 50 -16.82 -28.25 19.36
C ILE X 50 -18.33 -28.29 19.47
N GLY X 51 -18.83 -28.69 20.63
CA GLY X 51 -20.25 -28.78 20.87
C GLY X 51 -20.69 -28.16 22.17
N THR X 52 -21.70 -27.30 22.12
CA THR X 52 -22.26 -26.66 23.30
C THR X 52 -23.72 -27.06 23.43
N GLY X 53 -24.14 -27.39 24.65
CA GLY X 53 -25.54 -27.77 24.81
C GLY X 53 -25.88 -28.15 26.23
N PHE X 54 -26.96 -28.90 26.38
CA PHE X 54 -27.40 -29.32 27.71
C PHE X 54 -28.06 -30.69 27.63
N VAL X 55 -28.09 -31.35 28.79
CA VAL X 55 -28.80 -32.60 29.01
C VAL X 55 -29.74 -32.39 30.17
N ARG X 56 -31.02 -32.69 29.97
CA ARG X 56 -32.06 -32.50 30.99
C ARG X 56 -32.55 -33.85 31.47
N TYR X 57 -32.47 -34.07 32.78
CA TYR X 57 -32.99 -35.27 33.43
C TYR X 57 -34.32 -34.90 34.09
N ASP X 58 -35.42 -35.44 33.54
CA ASP X 58 -36.76 -35.06 33.98
C ASP X 58 -37.32 -36.01 35.02
N VAL X 59 -37.45 -37.30 34.68
CA VAL X 59 -38.04 -38.29 35.57
C VAL X 59 -37.16 -39.53 35.56
N GLY X 60 -37.03 -40.16 36.72
CA GLY X 60 -36.24 -41.36 36.85
C GLY X 60 -36.13 -41.83 38.29
N PRO X 61 -35.99 -43.15 38.47
CA PRO X 61 -35.89 -43.70 39.84
C PRO X 61 -34.67 -43.22 40.61
N ALA X 62 -33.56 -42.97 39.95
CA ALA X 62 -32.30 -42.76 40.67
C ALA X 62 -31.37 -41.81 39.91
N PRO X 63 -30.30 -41.34 40.55
CA PRO X 63 -29.31 -40.53 39.83
C PRO X 63 -28.70 -41.29 38.65
N ILE X 64 -28.36 -40.54 37.60
CA ILE X 64 -27.73 -41.09 36.41
C ILE X 64 -26.39 -40.40 36.22
N THR X 65 -25.59 -40.95 35.30
CA THR X 65 -24.28 -40.38 35.01
C THR X 65 -24.25 -39.89 33.57
N LEU X 66 -23.64 -38.74 33.33
CA LEU X 66 -23.43 -38.22 31.98
C LEU X 66 -21.94 -38.23 31.68
N THR X 67 -21.56 -38.94 30.62
CA THR X 67 -20.16 -39.12 30.28
C THR X 67 -19.92 -38.71 28.83
N VAL X 68 -18.72 -38.21 28.57
CA VAL X 68 -18.30 -37.81 27.23
C VAL X 68 -17.03 -38.56 26.88
N LEU X 69 -17.01 -39.18 25.70
CA LEU X 69 -15.92 -40.06 25.30
C LEU X 69 -15.33 -39.62 23.97
N ASP X 70 -14.03 -39.86 23.83
CA ASP X 70 -13.32 -39.59 22.59
C ASP X 70 -13.17 -40.89 21.80
N ALA X 71 -12.50 -40.77 20.64
CA ALA X 71 -12.42 -41.90 19.70
C ALA X 71 -11.71 -43.10 20.30
N ALA X 72 -10.85 -42.89 21.29
CA ALA X 72 -10.12 -43.98 21.91
C ALA X 72 -10.94 -44.69 22.99
N GLY X 73 -12.16 -44.21 23.25
CA GLY X 73 -13.01 -44.80 24.26
C GLY X 73 -12.80 -44.28 25.66
N ALA X 74 -11.82 -43.40 25.87
CA ALA X 74 -11.55 -42.84 27.17
C ALA X 74 -12.61 -41.81 27.55
N THR X 75 -12.65 -41.48 28.84
CA THR X 75 -13.61 -40.52 29.34
C THR X 75 -12.99 -39.14 29.44
N ILE X 76 -13.64 -38.15 28.82
CA ILE X 76 -13.20 -36.77 28.91
C ILE X 76 -13.80 -36.09 30.13
N ASP X 77 -15.11 -36.24 30.32
CA ASP X 77 -15.78 -35.62 31.45
C ASP X 77 -16.92 -36.53 31.90
N THR X 78 -17.13 -36.58 33.22
CA THR X 78 -18.21 -37.36 33.81
C THR X 78 -18.87 -36.52 34.90
N GLN X 79 -20.20 -36.51 34.90
CA GLN X 79 -20.99 -35.76 35.86
C GLN X 79 -22.15 -36.63 36.35
N THR X 80 -22.75 -36.22 37.45
CA THR X 80 -23.87 -36.94 38.05
C THR X 80 -25.10 -36.05 38.07
N LEU X 81 -26.25 -36.64 37.74
CA LEU X 81 -27.50 -35.90 37.65
C LEU X 81 -28.57 -36.58 38.49
N ASN X 82 -29.41 -35.77 39.12
CA ASN X 82 -30.58 -36.20 39.87
C ASN X 82 -31.84 -35.81 39.13
N PRO X 83 -32.95 -36.53 39.33
CA PRO X 83 -34.16 -36.26 38.54
C PRO X 83 -34.65 -34.82 38.70
N GLY X 84 -35.04 -34.22 37.57
CA GLY X 84 -35.59 -32.89 37.56
C GLY X 84 -34.59 -31.76 37.38
N THR X 85 -33.38 -32.05 36.90
CA THR X 85 -32.35 -31.02 36.78
C THR X 85 -31.81 -31.00 35.36
N SER X 86 -30.81 -30.14 35.14
CA SER X 86 -30.18 -29.97 33.84
C SER X 86 -28.69 -29.75 34.03
N ILE X 87 -27.91 -30.07 32.99
CA ILE X 87 -26.48 -29.81 33.00
C ILE X 87 -26.08 -29.23 31.64
N ALA X 88 -25.36 -28.12 31.66
CA ALA X 88 -24.85 -27.48 30.46
C ALA X 88 -23.38 -27.80 30.28
N PHE X 89 -22.94 -27.83 29.02
CA PHE X 89 -21.59 -28.25 28.71
C PHE X 89 -21.11 -27.58 27.43
N THR X 90 -19.78 -27.52 27.29
CA THR X 90 -19.12 -27.11 26.06
C THR X 90 -17.86 -27.95 25.94
N TYR X 91 -17.79 -28.80 24.92
CA TYR X 91 -16.73 -29.80 24.80
C TYR X 91 -16.07 -29.72 23.43
N ARG X 92 -14.82 -30.13 23.36
CA ARG X 92 -14.10 -30.21 22.10
C ARG X 92 -13.39 -31.56 21.99
N ARG X 93 -13.23 -32.01 20.75
CA ARG X 93 -12.53 -33.25 20.42
C ARG X 93 -13.10 -34.44 21.20
N PHE X 94 -14.38 -34.69 20.95
CA PHE X 94 -15.10 -35.79 21.55
C PHE X 94 -15.79 -36.60 20.47
N VAL X 95 -15.96 -37.90 20.73
CA VAL X 95 -16.62 -38.79 19.78
C VAL X 95 -18.07 -39.06 20.14
N THR X 96 -18.43 -39.02 21.42
CA THR X 96 -19.81 -39.35 21.78
C THR X 96 -20.14 -38.78 23.15
N ILE X 97 -21.44 -38.61 23.39
CA ILE X 97 -22.00 -38.23 24.68
C ILE X 97 -23.04 -39.28 25.04
N GLU X 98 -23.01 -39.75 26.29
CA GLU X 98 -23.90 -40.82 26.68
C GLU X 98 -24.32 -40.67 28.14
N VAL X 99 -25.39 -41.36 28.49
CA VAL X 99 -25.89 -41.42 29.86
C VAL X 99 -25.80 -42.87 30.32
N THR X 100 -25.17 -43.06 31.47
CA THR X 100 -25.08 -44.37 32.12
C THR X 100 -26.15 -44.45 33.18
N LEU X 101 -27.01 -45.48 33.06
CA LEU X 101 -28.11 -45.83 33.95
C LEU X 101 -27.76 -47.09 34.73
N PRO X 102 -27.67 -47.00 36.06
CA PRO X 102 -27.28 -48.16 36.86
C PRO X 102 -28.35 -49.23 36.87
N ALA X 103 -27.91 -50.46 37.11
CA ALA X 103 -28.81 -51.61 37.18
C ALA X 103 -29.44 -51.78 38.55
N ALA X 104 -29.10 -50.91 39.50
CA ALA X 104 -29.60 -51.01 40.87
C ALA X 104 -31.12 -50.90 40.92
N THR X 105 -31.66 -49.77 40.48
CA THR X 105 -33.10 -49.57 40.53
C THR X 105 -33.70 -49.75 39.14
N ALA X 106 -34.68 -50.65 39.04
CA ALA X 106 -35.37 -50.89 37.79
C ALA X 106 -36.45 -49.83 37.57
N GLY X 107 -36.53 -49.32 36.35
CA GLY X 107 -37.51 -48.30 36.03
C GLY X 107 -37.14 -47.57 34.75
N THR X 108 -37.93 -46.56 34.46
CA THR X 108 -37.79 -45.79 33.22
C THR X 108 -37.19 -44.42 33.51
N TYR X 109 -36.15 -44.07 32.76
CA TYR X 109 -35.52 -42.77 32.82
C TYR X 109 -35.84 -42.01 31.55
N GLN X 110 -36.26 -40.75 31.69
CA GLN X 110 -36.64 -39.93 30.55
C GLN X 110 -36.02 -38.55 30.69
N GLY X 111 -35.73 -37.94 29.54
CA GLY X 111 -35.14 -36.62 29.56
C GLY X 111 -35.00 -36.07 28.15
N GLU X 112 -34.26 -34.96 28.06
CA GLU X 112 -34.07 -34.26 26.80
C GLU X 112 -32.60 -33.96 26.58
N PHE X 113 -32.24 -33.63 25.35
CA PHE X 113 -30.86 -33.34 25.00
C PHE X 113 -30.81 -32.33 23.87
N CYS X 114 -30.06 -31.25 24.04
CA CYS X 114 -29.86 -30.25 23.00
C CYS X 114 -28.37 -30.06 22.78
N ILE X 115 -27.96 -29.98 21.52
CA ILE X 115 -26.57 -29.68 21.19
C ILE X 115 -26.52 -28.81 19.94
N THR X 116 -25.52 -27.94 19.91
CA THR X 116 -25.16 -27.19 18.71
C THR X 116 -23.66 -27.35 18.51
N THR X 117 -23.27 -27.74 17.30
CA THR X 117 -21.90 -28.15 17.01
C THR X 117 -21.31 -27.30 15.89
N ARG X 118 -20.06 -26.91 16.08
CA ARG X 118 -19.28 -26.19 15.08
C ARG X 118 -18.14 -27.07 14.60
N TYR X 119 -17.94 -27.07 13.29
CA TYR X 119 -16.94 -27.90 12.63
C TYR X 119 -16.56 -27.26 11.30
N PRO X 120 -15.38 -27.56 10.77
CA PRO X 120 -14.98 -26.97 9.48
C PRO X 120 -15.63 -27.70 8.32
N LEU X 121 -16.17 -26.93 7.38
CA LEU X 121 -16.82 -27.46 6.18
C LEU X 121 -15.83 -27.47 5.01
N SER X 122 -14.60 -27.89 5.29
CA SER X 122 -13.53 -27.78 4.32
C SER X 122 -13.14 -29.13 3.75
N ALA Y 9 2.79 -13.91 2.99
CA ALA Y 9 3.11 -15.34 2.92
C ALA Y 9 4.39 -15.65 3.68
N LEU Y 10 4.78 -14.75 4.58
CA LEU Y 10 6.02 -14.89 5.31
C LEU Y 10 5.87 -15.65 6.62
N THR Y 11 4.65 -15.93 7.06
CA THR Y 11 4.43 -16.48 8.40
C THR Y 11 3.56 -17.73 8.33
N CYS Y 12 3.87 -18.70 9.18
CA CYS Y 12 2.96 -19.80 9.51
C CYS Y 12 2.25 -19.52 10.82
N CYS Y 13 1.92 -18.25 11.08
CA CYS Y 13 1.18 -17.82 12.26
C CYS Y 13 -0.29 -17.64 11.89
N PRO Y 14 -1.13 -18.63 12.10
CA PRO Y 14 -2.55 -18.49 11.73
C PRO Y 14 -3.27 -17.55 12.68
N ASP Y 15 -4.36 -16.98 12.17
CA ASP Y 15 -5.20 -16.07 12.96
C ASP Y 15 -6.03 -16.86 13.95
N LYS Y 16 -6.44 -16.18 15.02
CA LYS Y 16 -7.32 -16.74 16.03
C LYS Y 16 -8.74 -16.29 15.75
N ASN Y 17 -9.59 -17.24 15.34
CA ASN Y 17 -10.98 -16.95 15.02
C ASN Y 17 -11.83 -17.31 16.24
N TYR Y 18 -12.21 -16.29 17.01
CA TYR Y 18 -12.98 -16.49 18.22
C TYR Y 18 -14.47 -16.55 17.89
N VAL Y 19 -15.18 -17.47 18.56
CA VAL Y 19 -16.61 -17.64 18.37
C VAL Y 19 -17.29 -17.66 19.73
N GLN Y 20 -18.60 -17.43 19.71
CA GLN Y 20 -19.42 -17.28 20.89
C GLN Y 20 -20.66 -18.16 20.80
N ASP Y 21 -20.99 -18.81 21.91
CA ASP Y 21 -22.20 -19.61 22.03
C ASP Y 21 -22.97 -19.16 23.28
N LYS Y 22 -24.22 -19.62 23.37
CA LYS Y 22 -25.09 -19.26 24.49
C LYS Y 22 -25.89 -20.47 24.91
N VAL Y 23 -26.12 -20.62 26.21
CA VAL Y 23 -26.95 -21.71 26.72
C VAL Y 23 -27.59 -21.27 28.04
N CYS Y 24 -28.88 -21.58 28.19
CA CYS Y 24 -29.64 -21.29 29.39
C CYS Y 24 -30.31 -22.58 29.86
N SER Y 25 -30.41 -22.76 31.17
CA SER Y 25 -31.01 -23.97 31.71
C SER Y 25 -31.49 -23.71 33.13
N PRO Y 26 -32.61 -24.30 33.52
CA PRO Y 26 -33.03 -24.28 34.92
C PRO Y 26 -32.33 -25.37 35.73
N TRP Y 27 -32.21 -25.11 37.03
CA TRP Y 27 -31.56 -26.05 37.93
C TRP Y 27 -32.40 -26.25 39.17
N SER Y 28 -32.31 -27.45 39.73
CA SER Y 28 -33.05 -27.83 40.93
C SER Y 28 -32.20 -28.79 41.75
N GLY Y 29 -32.47 -28.82 43.05
CA GLY Y 29 -31.75 -29.70 43.95
C GLY Y 29 -32.46 -29.92 45.27
N THR Y 30 -32.61 -31.17 45.68
CA THR Y 30 -33.32 -31.52 46.91
C THR Y 30 -32.31 -31.99 47.95
N VAL Y 31 -32.20 -31.24 49.04
CA VAL Y 31 -31.31 -31.60 50.14
C VAL Y 31 -32.11 -32.26 51.24
N VAL Y 32 -31.64 -33.43 51.70
CA VAL Y 32 -32.29 -34.18 52.75
C VAL Y 32 -31.40 -34.27 54.00
N ALA Y 33 -30.20 -34.82 53.86
CA ALA Y 33 -29.30 -34.96 55.00
C ALA Y 33 -27.87 -34.58 54.63
N THR Y 34 -27.57 -34.46 53.35
CA THR Y 34 -26.22 -34.21 52.88
C THR Y 34 -26.17 -32.98 51.99
N ALA Y 35 -25.04 -32.27 52.06
CA ALA Y 35 -24.83 -31.10 51.22
C ALA Y 35 -24.71 -31.51 49.75
N ILE Y 36 -25.06 -30.57 48.87
CA ILE Y 36 -25.07 -30.82 47.44
C ILE Y 36 -24.13 -29.82 46.76
N THR Y 37 -23.49 -30.26 45.69
CA THR Y 37 -22.48 -29.50 44.97
C THR Y 37 -22.93 -29.47 43.50
N ASN Y 38 -24.16 -29.00 43.29
CA ASN Y 38 -24.80 -29.07 41.97
C ASN Y 38 -24.04 -28.28 40.92
N VAL Y 39 -23.46 -28.97 39.95
CA VAL Y 39 -22.71 -28.33 38.88
C VAL Y 39 -23.66 -27.88 37.78
N LEU Y 40 -23.57 -26.60 37.39
CA LEU Y 40 -24.44 -26.06 36.36
C LEU Y 40 -23.81 -26.01 34.97
N TYR Y 41 -22.48 -25.93 34.90
CA TYR Y 41 -21.78 -25.78 33.63
C TYR Y 41 -20.37 -26.32 33.79
N ASN Y 42 -19.86 -26.94 32.72
CA ASN Y 42 -18.50 -27.46 32.72
C ASN Y 42 -17.97 -27.50 31.30
N ASN Y 43 -16.65 -27.49 31.17
CA ASN Y 43 -16.00 -27.48 29.87
C ASN Y 43 -14.59 -28.05 30.02
N ASN Y 44 -13.99 -28.40 28.88
CA ASN Y 44 -12.63 -28.90 28.82
C ASN Y 44 -11.72 -28.01 27.98
N ILE Y 45 -12.11 -26.75 27.80
CA ILE Y 45 -11.39 -25.80 26.95
C ILE Y 45 -10.96 -24.59 27.76
N ASN Y 46 -10.60 -24.83 29.03
CA ASN Y 46 -10.36 -23.75 29.98
C ASN Y 46 -9.34 -22.74 29.46
N GLN Y 47 -8.36 -23.19 28.69
CA GLN Y 47 -7.40 -22.27 28.11
C GLN Y 47 -8.09 -21.40 27.07
N ASN Y 48 -7.96 -20.08 27.22
CA ASN Y 48 -8.61 -19.10 26.35
C ASN Y 48 -10.11 -19.30 26.30
N MET Y 49 -10.77 -19.24 27.45
CA MET Y 49 -12.23 -19.28 27.51
C MET Y 49 -12.72 -18.15 28.40
N ILE Y 50 -13.76 -17.44 27.96
CA ILE Y 50 -14.40 -16.42 28.79
C ILE Y 50 -15.90 -16.62 28.76
N GLY Y 51 -16.54 -16.48 29.91
CA GLY Y 51 -17.97 -16.66 30.02
C GLY Y 51 -18.65 -15.56 30.80
N THR Y 52 -19.71 -14.99 30.23
CA THR Y 52 -20.50 -13.95 30.88
C THR Y 52 -21.93 -14.45 31.04
N GLY Y 53 -22.50 -14.21 32.22
CA GLY Y 53 -23.87 -14.66 32.41
C GLY Y 53 -24.39 -14.35 33.80
N PHE Y 54 -25.43 -15.09 34.18
CA PHE Y 54 -26.04 -14.89 35.49
C PHE Y 54 -26.57 -16.20 36.04
N VAL Y 55 -26.73 -16.22 37.36
CA VAL Y 55 -27.37 -17.30 38.10
C VAL Y 55 -28.49 -16.68 38.91
N ARG Y 56 -29.70 -17.22 38.75
CA ARG Y 56 -30.89 -16.73 39.43
C ARG Y 56 -31.35 -17.74 40.48
N TYR Y 57 -31.46 -17.29 41.72
CA TYR Y 57 -31.97 -18.09 42.83
C TYR Y 57 -33.42 -17.65 43.08
N ASP Y 58 -34.37 -18.54 42.77
CA ASP Y 58 -35.79 -18.19 42.83
C ASP Y 58 -36.43 -18.60 44.15
N VAL Y 59 -36.41 -19.89 44.47
CA VAL Y 59 -37.04 -20.42 45.67
C VAL Y 59 -36.09 -21.37 46.36
N GLY Y 60 -36.09 -21.33 47.70
CA GLY Y 60 -35.24 -22.20 48.48
C GLY Y 60 -35.31 -21.89 49.96
N PRO Y 61 -35.11 -22.93 50.79
CA PRO Y 61 -35.17 -22.73 52.24
C PRO Y 61 -34.15 -21.77 52.80
N ALA Y 62 -32.95 -21.71 52.21
CA ALA Y 62 -31.85 -21.00 52.85
C ALA Y 62 -30.89 -20.42 51.82
N PRO Y 63 -29.96 -19.54 52.24
CA PRO Y 63 -28.95 -19.04 51.31
C PRO Y 63 -28.10 -20.17 50.74
N ILE Y 64 -27.66 -19.98 49.49
CA ILE Y 64 -26.82 -20.94 48.79
C ILE Y 64 -25.51 -20.24 48.42
N THR Y 65 -24.54 -21.04 47.98
CA THR Y 65 -23.25 -20.49 47.57
C THR Y 65 -23.03 -20.76 46.09
N LEU Y 66 -22.49 -19.79 45.38
CA LEU Y 66 -22.12 -19.95 43.98
C LEU Y 66 -20.60 -19.90 43.86
N THR Y 67 -20.00 -20.97 43.34
CA THR Y 67 -18.56 -21.08 43.27
C THR Y 67 -18.12 -21.38 41.84
N VAL Y 68 -16.94 -20.90 41.48
CA VAL Y 68 -16.34 -21.13 40.17
C VAL Y 68 -14.97 -21.77 40.37
N LEU Y 69 -14.72 -22.87 39.66
CA LEU Y 69 -13.52 -23.66 39.86
C LEU Y 69 -12.77 -23.83 38.54
N ASP Y 70 -11.45 -23.92 38.66
CA ASP Y 70 -10.57 -24.18 37.53
C ASP Y 70 -10.20 -25.66 37.50
N ALA Y 71 -9.37 -26.02 36.52
CA ALA Y 71 -9.06 -27.43 36.27
C ALA Y 71 -8.36 -28.09 37.45
N ALA Y 72 -7.68 -27.30 38.29
CA ALA Y 72 -6.98 -27.85 39.44
C ALA Y 72 -7.90 -28.06 40.64
N GLY Y 73 -9.17 -27.71 40.50
CA GLY Y 73 -10.13 -27.85 41.59
C GLY Y 73 -10.18 -26.70 42.56
N ALA Y 74 -9.31 -25.70 42.40
CA ALA Y 74 -9.29 -24.54 43.27
C ALA Y 74 -10.48 -23.62 43.00
N THR Y 75 -10.75 -22.72 43.93
CA THR Y 75 -11.85 -21.79 43.80
C THR Y 75 -11.35 -20.46 43.26
N ILE Y 76 -11.97 -20.00 42.18
CA ILE Y 76 -11.66 -18.70 41.61
C ILE Y 76 -12.51 -17.61 42.26
N ASP Y 77 -13.81 -17.84 42.38
CA ASP Y 77 -14.71 -16.86 42.98
C ASP Y 77 -15.82 -17.59 43.71
N THR Y 78 -16.22 -17.04 44.85
CA THR Y 78 -17.32 -17.57 45.64
C THR Y 78 -18.21 -16.43 46.10
N GLN Y 79 -19.52 -16.61 45.96
CA GLN Y 79 -20.51 -15.61 46.35
C GLN Y 79 -21.65 -16.30 47.07
N THR Y 80 -22.45 -15.50 47.78
CA THR Y 80 -23.59 -16.00 48.54
C THR Y 80 -24.87 -15.40 48.00
N LEU Y 81 -25.91 -16.24 47.88
CA LEU Y 81 -27.18 -15.81 47.32
C LEU Y 81 -28.32 -16.16 48.28
N ASN Y 82 -29.30 -15.28 48.34
CA ASN Y 82 -30.54 -15.46 49.09
C ASN Y 82 -31.70 -15.67 48.12
N PRO Y 83 -32.77 -16.34 48.55
CA PRO Y 83 -33.85 -16.67 47.62
C PRO Y 83 -34.47 -15.43 46.99
N GLY Y 84 -34.73 -15.50 45.68
CA GLY Y 84 -35.37 -14.43 44.95
C GLY Y 84 -34.45 -13.40 44.34
N THR Y 85 -33.16 -13.69 44.20
CA THR Y 85 -32.21 -12.71 43.69
C THR Y 85 -31.43 -13.31 42.50
N SER Y 86 -30.50 -12.51 41.97
CA SER Y 86 -29.69 -12.90 40.83
C SER Y 86 -28.27 -12.40 41.04
N ILE Y 87 -27.31 -13.07 40.37
CA ILE Y 87 -25.92 -12.63 40.39
C ILE Y 87 -25.36 -12.72 38.98
N ALA Y 88 -24.74 -11.65 38.51
CA ALA Y 88 -24.11 -11.59 37.21
C ALA Y 88 -22.60 -11.75 37.36
N PHE Y 89 -21.97 -12.31 36.32
CA PHE Y 89 -20.56 -12.63 36.40
C PHE Y 89 -19.93 -12.60 35.01
N THR Y 90 -18.62 -12.42 34.99
CA THR Y 90 -17.80 -12.55 33.79
C THR Y 90 -16.47 -13.15 34.22
N TYR Y 91 -16.18 -14.37 33.78
CA TYR Y 91 -15.05 -15.14 34.27
C TYR Y 91 -14.19 -15.62 33.10
N ARG Y 92 -12.91 -15.84 33.38
CA ARG Y 92 -12.00 -16.41 32.40
C ARG Y 92 -11.18 -17.53 33.03
N ARG Y 93 -10.79 -18.49 32.20
CA ARG Y 93 -9.95 -19.63 32.60
C ARG Y 93 -10.55 -20.37 33.80
N PHE Y 94 -11.74 -20.88 33.59
CA PHE Y 94 -12.46 -21.66 34.60
C PHE Y 94 -12.91 -22.97 33.99
N VAL Y 95 -13.01 -24.00 34.84
CA VAL Y 95 -13.44 -25.31 34.39
C VAL Y 95 -14.91 -25.58 34.69
N THR Y 96 -15.47 -24.99 35.74
CA THR Y 96 -16.86 -25.29 36.08
C THR Y 96 -17.44 -24.20 36.96
N ILE Y 97 -18.77 -24.12 36.94
CA ILE Y 97 -19.55 -23.26 37.81
C ILE Y 97 -20.55 -24.15 38.54
N GLU Y 98 -20.70 -23.95 39.85
CA GLU Y 98 -21.55 -24.82 40.64
C GLU Y 98 -22.19 -24.05 41.78
N VAL Y 99 -23.26 -24.63 42.32
CA VAL Y 99 -23.94 -24.10 43.48
C VAL Y 99 -23.83 -25.12 44.62
N THR Y 100 -23.37 -24.65 45.77
CA THR Y 100 -23.27 -25.45 46.97
C THR Y 100 -24.50 -25.18 47.83
N LEU Y 101 -25.24 -26.24 48.15
CA LEU Y 101 -26.42 -26.27 48.98
C LEU Y 101 -26.10 -26.93 50.32
N PRO Y 102 -26.23 -26.21 51.41
CA PRO Y 102 -25.88 -26.78 52.72
C PRO Y 102 -26.86 -27.86 53.16
N ALA Y 103 -26.37 -28.75 54.02
CA ALA Y 103 -27.18 -29.83 54.56
C ALA Y 103 -28.00 -29.41 55.77
N ALA Y 104 -27.88 -28.15 56.19
CA ALA Y 104 -28.58 -27.65 57.37
C ALA Y 104 -30.10 -27.76 57.21
N THR Y 105 -30.64 -27.07 56.22
CA THR Y 105 -32.08 -27.08 56.01
C THR Y 105 -32.45 -27.98 54.85
N ALA Y 106 -33.32 -28.96 55.11
CA ALA Y 106 -33.79 -29.87 54.08
C ALA Y 106 -34.90 -29.21 53.27
N GLY Y 107 -34.82 -29.36 51.95
CA GLY Y 107 -35.81 -28.78 51.08
C GLY Y 107 -35.31 -28.71 49.66
N THR Y 108 -36.12 -28.08 48.81
CA THR Y 108 -35.86 -27.99 47.38
C THR Y 108 -35.41 -26.58 47.01
N TYR Y 109 -34.30 -26.48 46.30
CA TYR Y 109 -33.78 -25.24 45.76
C TYR Y 109 -33.96 -25.24 44.26
N GLN Y 110 -34.50 -24.14 43.72
CA GLN Y 110 -34.76 -24.03 42.29
C GLN Y 110 -34.28 -22.69 41.79
N GLY Y 111 -33.86 -22.67 40.53
CA GLY Y 111 -33.38 -21.44 39.94
C GLY Y 111 -33.07 -21.60 38.47
N GLU Y 112 -32.40 -20.59 37.91
CA GLU Y 112 -32.08 -20.56 36.49
C GLU Y 112 -30.63 -20.18 36.30
N PHE Y 113 -30.10 -20.43 35.10
CA PHE Y 113 -28.71 -20.15 34.81
C PHE Y 113 -28.57 -19.81 33.32
N CYS Y 114 -27.92 -18.68 33.03
CA CYS Y 114 -27.65 -18.29 31.65
C CYS Y 114 -26.17 -18.02 31.51
N ILE Y 115 -25.57 -18.50 30.42
CA ILE Y 115 -24.18 -18.19 30.13
C ILE Y 115 -24.00 -18.03 28.62
N THR Y 116 -23.08 -17.15 28.26
CA THR Y 116 -22.59 -17.02 26.88
C THR Y 116 -21.08 -17.04 26.94
N THR Y 117 -20.47 -17.90 26.13
CA THR Y 117 -19.05 -18.21 26.21
C THR Y 117 -18.36 -17.92 24.89
N ARG Y 118 -17.18 -17.30 24.98
CA ARG Y 118 -16.31 -17.05 23.84
C ARG Y 118 -15.04 -17.88 23.97
N TYR Y 119 -14.63 -18.47 22.86
CA TYR Y 119 -13.48 -19.36 22.80
C TYR Y 119 -12.96 -19.39 21.37
N PRO Y 120 -11.68 -19.73 21.18
CA PRO Y 120 -11.13 -19.78 19.82
C PRO Y 120 -11.54 -21.07 19.10
N LEU Y 121 -11.99 -20.94 17.86
CA LEU Y 121 -12.39 -22.06 17.02
C LEU Y 121 -11.24 -22.49 16.12
N SER Y 122 -10.03 -22.48 16.65
CA SER Y 122 -8.83 -22.66 15.85
C SER Y 122 -8.32 -24.10 15.96
N ALA Z 9 6.35 -9.01 9.48
CA ALA Z 9 6.78 -10.22 10.15
C ALA Z 9 7.95 -9.94 11.09
N LEU Z 10 8.12 -8.67 11.46
CA LEU Z 10 9.24 -8.26 12.29
C LEU Z 10 8.95 -8.32 13.78
N THR Z 11 7.70 -8.54 14.18
CA THR Z 11 7.32 -8.40 15.58
C THR Z 11 6.57 -9.63 16.05
N CYS Z 12 6.81 -10.03 17.30
CA CYS Z 12 5.96 -10.95 18.04
C CYS Z 12 5.02 -10.18 18.97
N CYS Z 13 4.56 -9.01 18.53
CA CYS Z 13 3.62 -8.17 19.26
C CYS Z 13 2.22 -8.41 18.70
N PRO Z 14 1.42 -9.29 19.29
CA PRO Z 14 0.09 -9.55 18.77
C PRO Z 14 -0.85 -8.39 19.05
N ASP Z 15 -1.88 -8.28 18.22
CA ASP Z 15 -2.90 -7.26 18.37
C ASP Z 15 -3.83 -7.58 19.54
N LYS Z 16 -4.44 -6.54 20.08
CA LYS Z 16 -5.42 -6.67 21.16
C LYS Z 16 -6.82 -6.62 20.55
N ASN Z 17 -7.52 -7.75 20.58
CA ASN Z 17 -8.86 -7.87 20.02
C ASN Z 17 -9.85 -7.71 21.17
N TYR Z 18 -10.43 -6.52 21.30
CA TYR Z 18 -11.37 -6.23 22.37
C TYR Z 18 -12.77 -6.65 21.97
N VAL Z 19 -13.50 -7.22 22.93
CA VAL Z 19 -14.87 -7.68 22.71
C VAL Z 19 -15.75 -7.13 23.82
N GLN Z 20 -17.05 -7.13 23.55
CA GLN Z 20 -18.05 -6.55 24.44
C GLN Z 20 -19.19 -7.54 24.66
N ASP Z 21 -19.64 -7.63 25.91
CA ASP Z 21 -20.80 -8.43 26.30
C ASP Z 21 -21.78 -7.56 27.07
N LYS Z 22 -22.98 -8.09 27.26
CA LYS Z 22 -24.04 -7.36 27.96
C LYS Z 22 -24.81 -8.33 28.85
N VAL Z 23 -25.22 -7.88 30.01
CA VAL Z 23 -26.04 -8.69 30.92
C VAL Z 23 -26.91 -7.77 31.77
N CYS Z 24 -28.17 -8.15 31.93
CA CYS Z 24 -29.13 -7.44 32.76
C CYS Z 24 -29.78 -8.43 33.72
N SER Z 25 -30.05 -7.98 34.94
CA SER Z 25 -30.64 -8.85 35.95
C SER Z 25 -31.35 -8.02 37.00
N PRO Z 26 -32.47 -8.51 37.52
CA PRO Z 26 -33.10 -7.86 38.67
C PRO Z 26 -32.46 -8.32 39.98
N TRP Z 27 -32.57 -7.46 40.99
CA TRP Z 27 -31.98 -7.75 42.29
C TRP Z 27 -33.01 -7.45 43.38
N SER Z 28 -32.91 -8.21 44.46
CA SER Z 28 -33.79 -8.07 45.61
C SER Z 28 -33.00 -8.37 46.87
N GLY Z 29 -33.47 -7.82 47.99
CA GLY Z 29 -32.84 -8.05 49.27
C GLY Z 29 -33.73 -7.71 50.45
N THR Z 30 -33.84 -8.62 51.41
CA THR Z 30 -34.71 -8.43 52.57
C THR Z 30 -33.84 -8.20 53.81
N VAL Z 31 -33.96 -7.01 54.40
CA VAL Z 31 -33.22 -6.66 55.61
C VAL Z 31 -34.13 -6.82 56.80
N VAL Z 32 -33.65 -7.55 57.82
CA VAL Z 32 -34.40 -7.78 59.05
C VAL Z 32 -33.71 -7.14 60.25
N ALA Z 33 -32.46 -7.51 60.52
CA ALA Z 33 -31.74 -6.95 61.66
C ALA Z 33 -30.30 -6.58 61.30
N THR Z 34 -29.82 -7.05 60.16
CA THR Z 34 -28.43 -6.87 59.76
C THR Z 34 -28.34 -6.22 58.39
N ALA Z 35 -27.30 -5.42 58.21
CA ALA Z 35 -27.05 -4.76 56.93
C ALA Z 35 -26.68 -5.80 55.87
N ILE Z 36 -26.96 -5.47 54.61
CA ILE Z 36 -26.71 -6.37 53.49
C ILE Z 36 -25.77 -5.69 52.51
N THR Z 37 -24.93 -6.51 51.86
CA THR Z 37 -23.88 -6.04 50.97
C THR Z 37 -24.09 -6.79 49.63
N ASN Z 38 -25.30 -6.66 49.10
CA ASN Z 38 -25.74 -7.44 47.94
C ASN Z 38 -24.89 -7.15 46.71
N VAL Z 39 -24.11 -8.13 46.27
CA VAL Z 39 -23.24 -7.98 45.10
C VAL Z 39 -24.05 -8.25 43.84
N LEU Z 40 -24.00 -7.32 42.88
CA LEU Z 40 -24.74 -7.47 41.64
C LEU Z 40 -23.90 -8.00 40.48
N TYR Z 41 -22.58 -7.77 40.51
CA TYR Z 41 -21.72 -8.16 39.41
C TYR Z 41 -20.31 -8.34 39.94
N ASN Z 42 -19.59 -9.31 39.38
CA ASN Z 42 -18.21 -9.57 39.78
C ASN Z 42 -17.47 -10.20 38.61
N ASN Z 43 -16.14 -10.07 38.64
CA ASN Z 43 -15.30 -10.59 37.58
C ASN Z 43 -13.89 -10.80 38.11
N ASN Z 44 -13.09 -11.57 37.35
CA ASN Z 44 -11.69 -11.83 37.70
C ASN Z 44 -10.75 -11.33 36.61
N ILE Z 45 -11.20 -10.38 35.79
CA ILE Z 45 -10.42 -9.88 34.67
C ILE Z 45 -10.23 -8.36 34.81
N ASN Z 46 -10.07 -7.91 36.06
CA ASN Z 46 -10.05 -6.49 36.37
C ASN Z 46 -9.05 -5.71 35.52
N GLN Z 47 -7.93 -6.34 35.18
CA GLN Z 47 -6.97 -5.67 34.31
C GLN Z 47 -7.54 -5.52 32.91
N ASN Z 48 -7.55 -4.28 32.41
CA ASN Z 48 -8.12 -3.95 31.11
C ASN Z 48 -9.59 -4.37 31.01
N MET Z 49 -10.41 -3.86 31.91
CA MET Z 49 -11.86 -4.07 31.83
C MET Z 49 -12.58 -2.74 32.00
N ILE Z 50 -13.58 -2.49 31.16
CA ILE Z 50 -14.41 -1.30 31.32
C ILE Z 50 -15.88 -1.71 31.25
N GLY Z 51 -16.69 -1.13 32.11
CA GLY Z 51 -18.11 -1.43 32.15
C GLY Z 51 -18.99 -0.20 32.20
N THR Z 52 -19.98 -0.13 31.33
CA THR Z 52 -20.94 0.95 31.30
C THR Z 52 -22.33 0.40 31.55
N GLY Z 53 -23.10 1.08 32.38
CA GLY Z 53 -24.45 0.59 32.65
C GLY Z 53 -25.21 1.44 33.64
N PHE Z 54 -26.23 0.84 34.23
CA PHE Z 54 -27.06 1.55 35.21
C PHE Z 54 -27.56 0.59 36.28
N VAL Z 55 -27.91 1.20 37.41
CA VAL Z 55 -28.57 0.51 38.52
C VAL Z 55 -29.86 1.27 38.81
N ARG Z 56 -30.99 0.56 38.82
CA ARG Z 56 -32.29 1.14 39.05
C ARG Z 56 -32.83 0.70 40.40
N TYR Z 57 -33.18 1.67 41.24
CA TYR Z 57 -33.79 1.43 42.54
C TYR Z 57 -35.29 1.73 42.41
N ASP Z 58 -36.10 0.67 42.48
CA ASP Z 58 -37.53 0.79 42.22
C ASP Z 58 -38.34 0.97 43.50
N VAL Z 59 -38.28 0.02 44.41
CA VAL Z 59 -39.05 0.04 45.65
C VAL Z 59 -38.14 -0.30 46.81
N GLY Z 60 -38.35 0.36 47.94
CA GLY Z 60 -37.57 0.11 49.14
C GLY Z 60 -37.90 1.07 50.26
N PRO Z 61 -37.74 0.60 51.50
CA PRO Z 61 -38.05 1.46 52.66
C PRO Z 61 -37.20 2.71 52.76
N ALA Z 62 -35.94 2.65 52.35
CA ALA Z 62 -35.01 3.74 52.66
C ALA Z 62 -33.94 3.89 51.57
N PRO Z 63 -33.18 4.98 51.58
CA PRO Z 63 -32.06 5.11 50.63
C PRO Z 63 -31.05 3.99 50.79
N ILE Z 64 -30.44 3.61 49.66
CA ILE Z 64 -29.42 2.57 49.61
C ILE Z 64 -28.14 3.19 49.08
N THR Z 65 -27.05 2.43 49.18
CA THR Z 65 -25.75 2.89 48.69
C THR Z 65 -25.29 1.98 47.56
N LEU Z 66 -24.72 2.56 46.51
CA LEU Z 66 -24.11 1.81 45.42
C LEU Z 66 -22.61 2.02 45.44
N THR Z 67 -21.86 0.92 45.58
CA THR Z 67 -20.41 1.00 45.72
C THR Z 67 -19.74 0.12 44.68
N VAL Z 68 -18.55 0.55 44.25
CA VAL Z 68 -17.75 -0.21 43.29
C VAL Z 68 -16.38 -0.47 43.90
N LEU Z 69 -15.94 -1.72 43.86
CA LEU Z 69 -14.72 -2.13 44.54
C LEU Z 69 -13.77 -2.80 43.56
N ASP Z 70 -12.47 -2.64 43.84
CA ASP Z 70 -11.41 -3.27 43.09
C ASP Z 70 -10.93 -4.52 43.83
N ALA Z 71 -9.93 -5.19 43.24
CA ALA Z 71 -9.47 -6.47 43.75
C ALA Z 71 -8.91 -6.37 45.16
N ALA Z 72 -8.45 -5.20 45.56
CA ALA Z 72 -7.88 -5.01 46.90
C ALA Z 72 -8.96 -4.75 47.95
N GLY Z 73 -10.23 -4.69 47.53
CA GLY Z 73 -11.32 -4.44 48.44
C GLY Z 73 -11.61 -2.98 48.71
N ALA Z 74 -10.82 -2.07 48.16
CA ALA Z 74 -11.02 -0.65 48.34
C ALA Z 74 -12.21 -0.16 47.53
N THR Z 75 -12.70 1.03 47.87
CA THR Z 75 -13.84 1.62 47.19
C THR Z 75 -13.37 2.58 46.11
N ILE Z 76 -13.85 2.37 44.88
CA ILE Z 76 -13.55 3.27 43.78
C ILE Z 76 -14.57 4.41 43.72
N ASP Z 77 -15.85 4.07 43.81
CA ASP Z 77 -16.90 5.08 43.76
C ASP Z 77 -18.05 4.63 44.64
N THR Z 78 -18.68 5.60 45.31
CA THR Z 78 -19.84 5.35 46.15
C THR Z 78 -20.88 6.43 45.90
N GLN Z 79 -22.14 6.02 45.74
CA GLN Z 79 -23.25 6.94 45.48
C GLN Z 79 -24.44 6.52 46.34
N THR Z 80 -25.40 7.43 46.47
CA THR Z 80 -26.59 7.20 47.27
C THR Z 80 -27.82 7.26 46.37
N LEU Z 81 -28.76 6.34 46.59
CA LEU Z 81 -29.96 6.25 45.77
C LEU Z 81 -31.19 6.24 46.65
N ASN Z 82 -32.25 6.90 46.18
CA ASN Z 82 -33.56 6.92 46.79
C ASN Z 82 -34.54 6.11 45.95
N PRO Z 83 -35.60 5.56 46.54
CA PRO Z 83 -36.50 4.69 45.79
C PRO Z 83 -37.10 5.38 44.57
N GLY Z 84 -37.15 4.64 43.47
CA GLY Z 84 -37.76 5.13 42.24
C GLY Z 84 -36.83 5.86 41.29
N THR Z 85 -35.52 5.72 41.44
CA THR Z 85 -34.58 6.46 40.60
C THR Z 85 -33.59 5.50 39.95
N SER Z 86 -32.65 6.06 39.19
CA SER Z 86 -31.63 5.29 38.48
C SER Z 86 -30.30 6.03 38.55
N ILE Z 87 -29.22 5.28 38.40
CA ILE Z 87 -27.88 5.86 38.33
C ILE Z 87 -27.10 5.19 37.21
N ALA Z 88 -26.50 6.00 36.34
CA ALA Z 88 -25.68 5.50 35.25
C ALA Z 88 -24.19 5.66 35.60
N PHE Z 89 -23.38 4.77 35.05
CA PHE Z 89 -21.97 4.73 35.40
C PHE Z 89 -21.15 4.19 34.25
N THR Z 90 -19.85 4.52 34.28
CA THR Z 90 -18.86 3.94 33.39
C THR Z 90 -17.56 3.83 34.19
N TYR Z 91 -17.12 2.60 34.44
CA TYR Z 91 -16.02 2.34 35.35
C TYR Z 91 -14.96 1.48 34.67
N ARG Z 92 -13.72 1.61 35.14
CA ARG Z 92 -12.62 0.79 34.66
C ARG Z 92 -11.82 0.24 35.84
N ARG Z 93 -11.23 -0.93 35.64
CA ARG Z 93 -10.38 -1.61 36.63
C ARG Z 93 -11.10 -1.75 37.98
N PHE Z 94 -12.21 -2.48 37.93
CA PHE Z 94 -13.01 -2.76 39.11
C PHE Z 94 -13.25 -4.27 39.20
N VAL Z 95 -13.41 -4.76 40.42
CA VAL Z 95 -13.66 -6.18 40.64
C VAL Z 95 -15.13 -6.48 40.89
N THR Z 96 -15.89 -5.54 41.46
CA THR Z 96 -17.29 -5.85 41.77
C THR Z 96 -18.09 -4.56 41.91
N ILE Z 97 -19.39 -4.70 41.74
CA ILE Z 97 -20.37 -3.65 42.00
C ILE Z 97 -21.40 -4.21 42.96
N GLU Z 98 -21.75 -3.43 43.98
CA GLU Z 98 -22.65 -3.93 45.01
C GLU Z 98 -23.52 -2.82 45.54
N VAL Z 99 -24.61 -3.20 46.19
CA VAL Z 99 -25.52 -2.29 46.87
C VAL Z 99 -25.50 -2.61 48.36
N THR Z 100 -25.26 -1.58 49.17
CA THR Z 100 -25.29 -1.68 50.62
C THR Z 100 -26.66 -1.21 51.10
N LEU Z 101 -27.34 -2.09 51.83
CA LEU Z 101 -28.65 -1.90 52.44
C LEU Z 101 -28.49 -1.78 53.95
N PRO Z 102 -28.85 -0.64 54.54
CA PRO Z 102 -28.66 -0.46 55.98
C PRO Z 102 -29.60 -1.32 56.80
N ALA Z 103 -29.19 -1.61 58.03
CA ALA Z 103 -29.98 -2.41 58.95
C ALA Z 103 -31.02 -1.58 59.71
N ALA Z 104 -31.07 -0.27 59.46
CA ALA Z 104 -31.97 0.62 60.17
C ALA Z 104 -33.43 0.23 59.93
N THR Z 105 -33.87 0.27 58.68
CA THR Z 105 -35.26 -0.05 58.37
C THR Z 105 -35.37 -1.44 57.78
N ALA Z 106 -36.19 -2.28 58.40
CA ALA Z 106 -36.41 -3.63 57.90
C ALA Z 106 -37.44 -3.61 56.78
N GLY Z 107 -37.14 -4.36 55.72
CA GLY Z 107 -38.03 -4.42 54.57
C GLY Z 107 -37.31 -4.97 53.36
N THR Z 108 -38.03 -4.95 52.24
CA THR Z 108 -37.54 -5.52 51.00
C THR Z 108 -37.17 -4.41 50.02
N TYR Z 109 -35.97 -4.51 49.47
CA TYR Z 109 -35.48 -3.60 48.44
C TYR Z 109 -35.41 -4.36 47.11
N GLN Z 110 -35.94 -3.75 46.06
CA GLN Z 110 -35.98 -4.38 44.75
C GLN Z 110 -35.53 -3.38 43.69
N GLY Z 111 -34.93 -3.90 42.64
CA GLY Z 111 -34.46 -3.05 41.56
C GLY Z 111 -33.91 -3.85 40.40
N GLU Z 112 -33.25 -3.16 39.49
CA GLU Z 112 -32.71 -3.76 38.28
C GLU Z 112 -31.27 -3.30 38.07
N PHE Z 113 -30.55 -4.03 37.22
CA PHE Z 113 -29.15 -3.71 36.96
C PHE Z 113 -28.82 -4.12 35.53
N CYS Z 114 -28.23 -3.19 34.77
CA CYS Z 114 -27.78 -3.48 33.41
C CYS Z 114 -26.31 -3.09 33.31
N ILE Z 115 -25.51 -3.94 32.65
CA ILE Z 115 -24.12 -3.61 32.39
C ILE Z 115 -23.72 -4.16 31.02
N THR Z 116 -22.82 -3.44 30.37
CA THR Z 116 -22.14 -3.92 29.17
C THR Z 116 -20.65 -3.70 29.38
N THR Z 117 -19.86 -4.73 29.16
CA THR Z 117 -18.44 -4.76 29.52
C THR Z 117 -17.58 -5.05 28.30
N ARG Z 118 -16.49 -4.29 28.18
CA ARG Z 118 -15.48 -4.49 27.16
C ARG Z 118 -14.19 -4.96 27.81
N TYR Z 119 -13.56 -5.96 27.18
CA TYR Z 119 -12.35 -6.58 27.69
C TYR Z 119 -11.61 -7.22 26.52
N PRO Z 120 -10.30 -7.42 26.65
CA PRO Z 120 -9.54 -8.05 25.55
C PRO Z 120 -9.73 -9.56 25.53
N LEU Z 121 -9.98 -10.09 24.35
CA LEU Z 121 -10.16 -11.53 24.14
C LEU Z 121 -8.85 -12.16 23.69
N SER Z 122 -7.77 -11.77 24.34
CA SER Z 122 -6.44 -12.15 23.89
C SER Z 122 -5.79 -13.19 24.79
N ALA AA 9 8.42 -1.14 12.99
CA ALA AA 9 8.85 -1.81 14.22
C ALA AA 9 9.83 -0.94 15.00
N LEU AA 10 9.83 0.36 14.71
CA LEU AA 10 10.77 1.27 15.33
C LEU AA 10 10.26 1.89 16.62
N THR AA 11 8.98 1.72 16.95
CA THR AA 11 8.38 2.45 18.06
C THR AA 11 7.66 1.50 19.00
N CYS AA 12 7.74 1.80 20.29
CA CYS AA 12 6.85 1.22 21.30
C CYS AA 12 5.73 2.20 21.63
N CYS AA 13 5.26 2.93 20.63
CA CYS AA 13 4.14 3.88 20.76
C CYS AA 13 2.87 3.21 20.25
N PRO AA 14 2.07 2.61 21.13
CA PRO AA 14 0.84 1.94 20.67
C PRO AA 14 -0.21 2.94 20.25
N ASP AA 15 -1.10 2.48 19.38
CA ASP AA 15 -2.21 3.29 18.90
C ASP AA 15 -3.27 3.44 19.98
N LYS AA 16 -4.05 4.52 19.87
CA LYS AA 16 -5.18 4.77 20.77
C LYS AA 16 -6.45 4.32 20.09
N ASN AA 17 -7.06 3.25 20.61
CA ASN AA 17 -8.28 2.70 20.06
C ASN AA 17 -9.45 3.24 20.86
N TYR AA 18 -10.13 4.24 20.33
CA TYR AA 18 -11.25 4.88 21.01
C TYR AA 18 -12.53 4.11 20.75
N VAL AA 19 -13.36 3.97 21.80
CA VAL AA 19 -14.63 3.28 21.69
C VAL AA 19 -15.72 4.15 22.30
N GLN AA 20 -16.96 3.83 21.94
CA GLN AA 20 -18.13 4.62 22.32
C GLN AA 20 -19.21 3.70 22.90
N ASP AA 21 -19.84 4.17 23.97
CA ASP AA 21 -20.97 3.48 24.58
C ASP AA 21 -22.13 4.46 24.73
N LYS AA 22 -23.31 3.92 25.03
CA LYS AA 22 -24.51 4.73 25.18
C LYS AA 22 -25.32 4.20 26.35
N VAL AA 23 -25.96 5.11 27.10
CA VAL AA 23 -26.83 4.72 28.20
C VAL AA 23 -27.89 5.79 28.40
N CYS AA 24 -29.13 5.36 28.59
CA CYS AA 24 -30.27 6.23 28.87
C CYS AA 24 -30.97 5.74 30.13
N SER AA 25 -31.46 6.68 30.92
CA SER AA 25 -32.13 6.33 32.18
C SER AA 25 -33.07 7.44 32.60
N PRO AA 26 -34.21 7.11 33.18
CA PRO AA 26 -35.06 8.12 33.80
C PRO AA 26 -34.59 8.45 35.22
N TRP AA 27 -34.93 9.66 35.65
CA TRP AA 27 -34.53 10.13 36.98
C TRP AA 27 -35.72 10.76 37.67
N SER AA 28 -35.74 10.64 38.99
CA SER AA 28 -36.80 11.18 39.83
C SER AA 28 -36.20 11.63 41.15
N GLY AA 29 -36.88 12.58 41.78
CA GLY AA 29 -36.44 13.09 43.08
C GLY AA 29 -37.53 13.82 43.83
N THR AA 30 -37.72 13.48 45.10
CA THR AA 30 -38.76 14.08 45.93
C THR AA 30 -38.11 15.00 46.96
N VAL AA 31 -38.43 16.28 46.87
CA VAL AA 31 -37.91 17.27 47.81
C VAL AA 31 -38.98 17.58 48.84
N VAL AA 32 -38.60 17.51 50.12
CA VAL AA 32 -39.51 17.78 51.23
C VAL AA 32 -39.07 19.02 52.02
N ALA AA 33 -37.86 19.00 52.55
CA ALA AA 33 -37.37 20.14 53.33
C ALA AA 33 -35.93 20.49 52.98
N THR AA 34 -35.24 19.61 52.28
CA THR AA 34 -33.83 19.78 51.98
C THR AA 34 -33.58 19.70 50.48
N ALA AA 35 -32.58 20.46 50.02
CA ALA AA 35 -32.19 20.44 48.61
C ALA AA 35 -31.58 19.09 48.26
N ILE AA 36 -31.68 18.73 46.98
CA ILE AA 36 -31.20 17.45 46.48
C ILE AA 36 -30.17 17.70 45.38
N THR AA 37 -29.18 16.82 45.32
CA THR AA 37 -28.03 16.94 44.41
C THR AA 37 -27.98 15.62 43.61
N ASN AA 38 -29.10 15.30 42.97
CA ASN AA 38 -29.28 14.01 42.32
C ASN AA 38 -28.28 13.79 41.19
N VAL AA 39 -27.36 12.84 41.37
CA VAL AA 39 -26.34 12.55 40.36
C VAL AA 39 -26.92 11.59 39.34
N LEU AA 40 -26.80 11.93 38.05
CA LEU AA 40 -27.31 11.10 36.97
C LEU AA 40 -26.27 10.21 36.33
N TYR AA 41 -25.00 10.62 36.35
CA TYR AA 41 -23.93 9.87 35.68
C TYR AA 41 -22.61 10.18 36.38
N ASN AA 42 -21.75 9.18 36.44
CA ASN AA 42 -20.43 9.34 37.04
C ASN AA 42 -19.47 8.34 36.43
N ASN AA 43 -18.18 8.66 36.51
CA ASN AA 43 -17.14 7.83 35.93
C ASN AA 43 -15.82 8.10 36.63
N ASN AA 44 -14.86 7.19 36.44
CA ASN AA 44 -13.52 7.33 37.00
C ASN AA 44 -12.46 7.39 35.90
N ILE AA 45 -12.85 7.74 34.68
CA ILE AA 45 -11.95 7.75 33.54
C ILE AA 45 -11.89 9.16 32.94
N ASN AA 46 -11.96 10.17 33.80
CA ASN AA 46 -12.12 11.56 33.37
C ASN AA 46 -11.05 11.97 32.35
N GLN AA 47 -9.84 11.42 32.46
CA GLN AA 47 -8.81 11.72 31.49
C GLN AA 47 -9.18 11.10 30.14
N ASN AA 48 -9.20 11.93 29.10
CA ASN AA 48 -9.59 11.50 27.75
C ASN AA 48 -10.99 10.89 27.74
N MET AA 49 -11.98 11.64 28.18
CA MET AA 49 -13.38 11.21 28.08
C MET AA 49 -14.22 12.33 27.49
N ILE AA 50 -15.09 12.01 26.55
CA ILE AA 50 -16.03 12.99 26.02
C ILE AA 50 -17.42 12.38 26.02
N GLY AA 51 -18.41 13.19 26.39
CA GLY AA 51 -19.78 12.74 26.44
C GLY AA 51 -20.75 13.70 25.80
N THR AA 52 -21.60 13.20 24.91
CA THR AA 52 -22.63 13.98 24.25
C THR AA 52 -24.00 13.43 24.61
N GLY AA 53 -24.94 14.30 24.92
CA GLY AA 53 -26.26 13.81 25.25
C GLY AA 53 -27.23 14.91 25.61
N PHE AA 54 -28.29 14.52 26.33
CA PHE AA 54 -29.31 15.48 26.73
C PHE AA 54 -29.89 15.10 28.08
N VAL AA 55 -30.46 16.12 28.73
CA VAL AA 55 -31.23 15.97 29.96
C VAL AA 55 -32.61 16.57 29.71
N ARG AA 56 -33.66 15.80 29.97
CA ARG AA 56 -35.04 16.22 29.74
C ARG AA 56 -35.74 16.41 31.08
N TYR AA 57 -36.29 17.60 31.29
CA TYR AA 57 -37.07 17.93 32.47
C TYR AA 57 -38.55 17.90 32.06
N ASP AA 58 -39.27 16.91 32.57
CA ASP AA 58 -40.66 16.68 32.16
C ASP AA 58 -41.67 17.33 33.09
N VAL AA 59 -41.67 16.95 34.36
CA VAL AA 59 -42.63 17.46 35.33
C VAL AA 59 -41.89 17.85 36.60
N GLY AA 60 -42.32 18.93 37.23
CA GLY AA 60 -41.72 19.40 38.45
C GLY AA 60 -42.29 20.72 38.93
N PRO AA 61 -42.29 20.94 40.24
CA PRO AA 61 -42.86 22.18 40.78
C PRO AA 61 -42.12 23.44 40.33
N ALA AA 62 -40.81 23.37 40.12
CA ALA AA 62 -40.02 24.59 39.95
C ALA AA 62 -38.83 24.36 39.04
N PRO AA 63 -38.16 25.42 38.58
CA PRO AA 63 -36.92 25.24 37.81
C PRO AA 63 -35.86 24.49 38.59
N ILE AA 64 -35.05 23.72 37.87
CA ILE AA 64 -33.97 22.94 38.43
C ILE AA 64 -32.66 23.41 37.80
N THR AA 65 -31.54 22.95 38.36
CA THR AA 65 -30.23 23.30 37.84
C THR AA 65 -29.52 22.04 37.36
N LEU AA 66 -28.84 22.13 36.22
CA LEU AA 66 -28.03 21.04 35.72
C LEU AA 66 -26.57 21.45 35.78
N THR AA 67 -25.75 20.67 36.50
CA THR AA 67 -24.36 21.02 36.72
C THR AA 67 -23.47 19.85 36.33
N VAL AA 68 -22.27 20.19 35.87
CA VAL AA 68 -21.26 19.19 35.48
C VAL AA 68 -19.99 19.47 36.28
N LEU AA 69 -19.45 18.42 36.90
CA LEU AA 69 -18.32 18.56 37.82
C LEU AA 69 -17.18 17.66 37.40
N ASP AA 70 -15.97 18.13 37.68
CA ASP AA 70 -14.75 17.36 37.45
C ASP AA 70 -14.29 16.71 38.75
N ALA AA 71 -13.16 16.00 38.66
CA ALA AA 71 -12.69 15.19 39.79
C ALA AA 71 -12.37 16.04 41.01
N ALA AA 72 -12.06 17.33 40.82
CA ALA AA 72 -11.74 18.20 41.94
C ALA AA 72 -12.98 18.77 42.61
N GLY AA 73 -14.17 18.44 42.09
CA GLY AA 73 -15.41 18.93 42.65
C GLY AA 73 -15.85 20.29 42.14
N ALA AA 74 -15.06 20.92 41.28
CA ALA AA 74 -15.39 22.22 40.72
C ALA AA 74 -16.48 22.08 39.66
N THR AA 75 -17.10 23.19 39.32
CA THR AA 75 -18.17 23.21 38.33
C THR AA 75 -17.61 23.60 36.96
N ILE AA 76 -17.87 22.75 35.97
CA ILE AA 76 -17.48 23.05 34.60
C ILE AA 76 -18.56 23.86 33.89
N ASP AA 77 -19.82 23.43 34.01
CA ASP AA 77 -20.92 24.11 33.36
C ASP AA 77 -22.16 23.98 34.23
N THR AA 78 -22.95 25.05 34.26
CA THR AA 78 -24.21 25.08 35.00
C THR AA 78 -25.28 25.75 34.14
N GLN AA 79 -26.46 25.13 34.09
CA GLN AA 79 -27.59 25.62 33.31
C GLN AA 79 -28.86 25.51 34.14
N THR AA 80 -29.89 26.22 33.71
CA THR AA 80 -31.18 26.23 34.40
C THR AA 80 -32.25 25.68 33.47
N LEU AA 81 -33.13 24.85 34.02
CA LEU AA 81 -34.17 24.20 33.25
C LEU AA 81 -35.54 24.44 33.90
N ASN AA 82 -36.55 24.63 33.06
CA ASN AA 82 -37.95 24.75 33.44
C ASN AA 82 -38.71 23.50 33.03
N PRO AA 83 -39.81 23.16 33.70
CA PRO AA 83 -40.50 21.91 33.41
C PRO AA 83 -40.96 21.84 31.96
N GLY AA 84 -40.78 20.66 31.35
CA GLY AA 84 -41.22 20.40 30.00
C GLY AA 84 -40.22 20.72 28.91
N THR AA 85 -38.93 20.86 29.22
CA THR AA 85 -37.94 21.23 28.23
C THR AA 85 -36.79 20.22 28.24
N SER AA 86 -35.78 20.49 27.40
CA SER AA 86 -34.62 19.63 27.26
C SER AA 86 -33.38 20.49 27.09
N ILE AA 87 -32.22 19.93 27.43
CA ILE AA 87 -30.94 20.61 27.22
C ILE AA 87 -29.95 19.59 26.66
N ALA AA 88 -29.29 19.95 25.57
CA ALA AA 88 -28.26 19.12 24.95
C ALA AA 88 -26.88 19.64 25.32
N PHE AA 89 -25.91 18.72 25.36
CA PHE AA 89 -24.59 19.08 25.82
C PHE AA 89 -23.54 18.16 25.18
N THR AA 90 -22.31 18.65 25.16
CA THR AA 90 -21.14 17.88 24.77
C THR AA 90 -19.98 18.35 25.65
N TYR AA 91 -19.49 17.47 26.51
CA TYR AA 91 -18.52 17.84 27.55
C TYR AA 91 -17.30 16.93 27.48
N ARG AA 92 -16.17 17.45 27.94
CA ARG AA 92 -14.94 16.66 28.04
C ARG AA 92 -14.31 16.87 29.41
N ARG AA 93 -13.60 15.84 29.88
CA ARG AA 93 -12.86 15.86 31.15
C ARG AA 93 -13.77 16.27 32.31
N PHE AA 94 -14.80 15.46 32.53
CA PHE AA 94 -15.75 15.67 33.61
C PHE AA 94 -15.89 14.37 34.40
N VAL AA 95 -16.20 14.51 35.69
CA VAL AA 95 -16.35 13.35 36.55
C VAL AA 95 -17.82 13.00 36.78
N THR AA 96 -18.73 13.97 36.73
CA THR AA 96 -20.13 13.65 37.01
C THR AA 96 -21.04 14.72 36.42
N ILE AA 97 -22.29 14.33 36.21
CA ILE AA 97 -23.37 15.22 35.81
C ILE AA 97 -24.49 15.04 36.82
N GLU AA 98 -25.07 16.16 37.29
CA GLU AA 98 -26.06 16.09 38.33
C GLU AA 98 -27.10 17.19 38.16
N VAL AA 99 -28.24 17.00 38.82
CA VAL AA 99 -29.31 17.98 38.86
C VAL AA 99 -29.50 18.42 40.31
N THR AA 100 -29.46 19.73 40.52
CA THR AA 100 -29.72 20.33 41.82
C THR AA 100 -31.18 20.78 41.87
N LEU AA 101 -31.90 20.27 42.85
CA LEU AA 101 -33.29 20.54 43.17
C LEU AA 101 -33.38 21.39 44.44
N PRO AA 102 -33.91 22.60 44.34
CA PRO AA 102 -33.97 23.48 45.52
C PRO AA 102 -34.96 22.99 46.56
N ALA AA 103 -34.71 23.40 47.80
CA ALA AA 103 -35.58 23.03 48.92
C ALA AA 103 -36.77 23.96 49.06
N ALA AA 104 -36.89 24.97 48.19
CA ALA AA 104 -37.97 25.94 48.27
C ALA AA 104 -39.33 25.28 48.12
N THR AA 105 -39.58 24.65 46.97
CA THR AA 105 -40.87 24.03 46.73
C THR AA 105 -40.78 22.52 46.90
N ALA AA 106 -41.61 21.97 47.77
CA ALA AA 106 -41.65 20.53 47.99
C ALA AA 106 -42.47 19.86 46.91
N GLY AA 107 -41.97 18.75 46.40
CA GLY AA 107 -42.66 18.02 45.35
C GLY AA 107 -41.72 17.07 44.65
N THR AA 108 -42.26 16.44 43.60
CA THR AA 108 -41.54 15.42 42.85
C THR AA 108 -41.10 15.97 41.50
N TYR AA 109 -39.82 15.79 41.18
CA TYR AA 109 -39.25 16.15 39.90
C TYR AA 109 -38.93 14.87 39.13
N GLN AA 110 -39.33 14.83 37.86
CA GLN AA 110 -39.12 13.64 37.05
C GLN AA 110 -38.59 14.06 35.68
N GLY AA 111 -37.79 13.19 35.09
CA GLY AA 111 -37.22 13.48 33.79
C GLY AA 111 -36.44 12.31 33.24
N GLU AA 112 -35.70 12.57 32.16
CA GLU AA 112 -34.94 11.54 31.47
C GLU AA 112 -33.52 12.05 31.20
N PHE AA 113 -32.62 11.13 30.89
CA PHE AA 113 -31.23 11.46 30.65
C PHE AA 113 -30.64 10.48 29.65
N CYS AA 114 -30.02 11.00 28.59
CA CYS AA 114 -29.34 10.18 27.60
C CYS AA 114 -27.91 10.66 27.46
N ILE AA 115 -26.95 9.74 27.40
CA ILE AA 115 -25.57 10.10 27.14
C ILE AA 115 -24.93 9.02 26.28
N THR AA 116 -23.98 9.46 25.44
CA THR AA 116 -23.09 8.57 24.71
C THR AA 116 -21.67 9.08 24.92
N THR AA 117 -20.78 8.18 25.33
CA THR AA 117 -19.45 8.56 25.78
C THR AA 117 -18.39 7.84 24.96
N ARG AA 118 -17.35 8.59 24.60
CA ARG AA 118 -16.18 8.09 23.91
C ARG AA 118 -14.97 8.17 24.83
N TYR AA 119 -14.18 7.10 24.83
CA TYR AA 119 -13.02 6.98 25.70
C TYR AA 119 -12.05 5.98 25.08
N PRO AA 120 -10.76 6.05 25.41
CA PRO AA 120 -9.80 5.09 24.85
C PRO AA 120 -9.87 3.75 25.56
N LEU AA 121 -9.88 2.67 24.78
CA LEU AA 121 -9.91 1.32 25.30
C LEU AA 121 -8.50 0.74 25.35
N SER AA 122 -7.62 1.53 25.94
CA SER AA 122 -6.18 1.36 25.99
C SER AA 122 -5.73 0.46 27.15
N ALA BA 9 9.31 7.62 12.37
CA ALA BA 9 9.58 7.69 13.79
C ALA BA 9 10.36 8.95 14.14
N LEU BA 10 10.31 9.94 13.25
CA LEU BA 10 11.07 11.16 13.42
C LEU BA 10 10.32 12.25 14.17
N THR BA 11 9.03 12.07 14.42
CA THR BA 11 8.20 13.15 14.95
C THR BA 11 7.41 12.68 16.17
N CYS BA 12 7.27 13.56 17.15
CA CYS BA 12 6.28 13.43 18.22
C CYS BA 12 5.05 14.27 17.91
N CYS BA 13 4.68 14.35 16.63
CA CYS BA 13 3.49 15.07 16.17
C CYS BA 13 2.37 14.06 15.95
N PRO BA 14 1.49 13.85 16.91
CA PRO BA 14 0.41 12.88 16.73
C PRO BA 14 -0.65 13.39 15.76
N ASP BA 15 -1.35 12.44 15.16
CA ASP BA 15 -2.43 12.76 14.23
C ASP BA 15 -3.65 13.25 14.99
N LYS BA 16 -4.49 14.02 14.29
CA LYS BA 16 -5.74 14.51 14.83
C LYS BA 16 -6.87 13.60 14.33
N ASN BA 17 -7.47 12.84 15.25
CA ASN BA 17 -8.54 11.91 14.92
C ASN BA 17 -9.86 12.61 15.24
N TYR BA 18 -10.53 13.12 14.22
CA TYR BA 18 -11.78 13.85 14.39
C TYR BA 18 -12.95 12.87 14.42
N VAL BA 19 -13.90 13.13 15.30
CA VAL BA 19 -15.10 12.30 15.44
C VAL BA 19 -16.33 13.19 15.42
N GLN BA 20 -17.47 12.56 15.14
CA GLN BA 20 -18.74 13.24 14.97
C GLN BA 20 -19.82 12.58 15.81
N ASP BA 21 -20.65 13.41 16.45
CA ASP BA 21 -21.81 12.95 17.20
C ASP BA 21 -23.04 13.70 16.73
N LYS BA 22 -24.22 13.21 17.15
CA LYS BA 22 -25.49 13.79 16.76
C LYS BA 22 -26.43 13.78 17.95
N VAL BA 23 -27.23 14.83 18.09
CA VAL BA 23 -28.24 14.90 19.14
C VAL BA 23 -29.40 15.78 18.68
N CYS BA 24 -30.62 15.31 18.94
CA CYS BA 24 -31.84 16.03 18.63
C CYS BA 24 -32.69 16.12 19.89
N SER BA 25 -33.38 17.24 20.07
CA SER BA 25 -34.20 17.43 21.26
C SER BA 25 -35.28 18.47 20.98
N PRO BA 26 -36.47 18.29 21.54
CA PRO BA 26 -37.48 19.35 21.48
C PRO BA 26 -37.27 20.38 22.60
N TRP BA 27 -37.75 21.59 22.34
CA TRP BA 27 -37.61 22.68 23.29
C TRP BA 27 -38.95 23.38 23.46
N SER BA 28 -39.16 23.91 24.67
CA SER BA 28 -40.37 24.63 25.01
C SER BA 28 -40.02 25.74 25.99
N GLY BA 29 -40.86 26.78 26.00
CA GLY BA 29 -40.67 27.89 26.91
C GLY BA 29 -41.91 28.73 27.09
N THR BA 30 -42.27 29.02 28.34
CA THR BA 30 -43.48 29.78 28.65
C THR BA 30 -43.07 31.17 29.15
N VAL BA 31 -43.46 32.19 28.40
CA VAL BA 31 -43.18 33.57 28.79
C VAL BA 31 -44.42 34.19 29.42
N VAL BA 32 -44.25 34.79 30.60
CA VAL BA 32 -45.33 35.42 31.33
C VAL BA 32 -45.12 36.93 31.44
N ALA BA 33 -44.00 37.35 32.02
CA ALA BA 33 -43.73 38.78 32.18
C ALA BA 33 -42.29 39.13 31.84
N THR BA 34 -41.43 38.12 31.74
CA THR BA 34 -40.00 38.33 31.54
C THR BA 34 -39.52 37.58 30.31
N ALA BA 35 -38.53 38.16 29.63
CA ALA BA 35 -37.92 37.52 28.47
C ALA BA 35 -37.15 36.27 28.88
N ILE BA 36 -37.03 35.33 27.95
CA ILE BA 36 -36.38 34.06 28.21
C ILE BA 36 -35.21 33.90 27.24
N THR BA 37 -34.15 33.25 27.71
CA THR BA 37 -32.90 33.07 26.98
C THR BA 37 -32.62 31.56 26.94
N ASN BA 38 -33.60 30.82 26.43
CA ASN BA 38 -33.57 29.35 26.50
C ASN BA 38 -32.39 28.77 25.73
N VAL BA 39 -31.45 28.17 26.44
CA VAL BA 39 -30.27 27.58 25.82
C VAL BA 39 -30.60 26.17 25.35
N LEU BA 40 -30.29 25.87 24.09
CA LEU BA 40 -30.58 24.57 23.52
C LEU BA 40 -29.38 23.63 23.50
N TYR BA 41 -28.16 24.18 23.45
CA TYR BA 41 -26.96 23.37 23.34
C TYR BA 41 -25.79 24.15 23.92
N ASN BA 42 -24.86 23.45 24.55
CA ASN BA 42 -23.68 24.06 25.12
C ASN BA 42 -22.55 23.05 25.17
N ASN BA 43 -21.32 23.55 25.21
CA ASN BA 43 -20.14 22.69 25.24
C ASN BA 43 -18.97 23.46 25.83
N ASN BA 44 -17.92 22.72 26.20
CA ASN BA 44 -16.71 23.30 26.75
C ASN BA 44 -15.49 22.98 25.88
N ILE BA 45 -15.71 22.64 24.62
CA ILE BA 45 -14.65 22.23 23.71
C ILE BA 45 -14.61 23.16 22.50
N ASN BA 46 -14.89 24.45 22.74
CA ASN BA 46 -15.08 25.42 21.66
C ASN BA 46 -13.91 25.44 20.69
N GLN BA 47 -12.69 25.19 21.18
CA GLN BA 47 -11.55 25.13 20.29
C GLN BA 47 -11.65 23.90 19.39
N ASN BA 48 -11.57 24.11 18.09
CA ASN BA 48 -11.72 23.05 17.09
C ASN BA 48 -13.04 22.30 17.25
N MET BA 49 -14.15 23.02 17.16
CA MET BA 49 -15.47 22.41 17.15
C MET BA 49 -16.29 22.98 16.01
N ILE BA 50 -16.98 22.11 15.27
CA ILE BA 50 -17.90 22.57 14.22
C ILE BA 50 -19.23 21.85 14.38
N GLY BA 51 -20.32 22.58 14.22
CA GLY BA 51 -21.64 22.01 14.34
C GLY BA 51 -22.57 22.40 13.22
N THR BA 52 -23.23 21.41 12.62
CA THR BA 52 -24.20 21.63 11.56
C THR BA 52 -25.55 21.12 12.02
N GLY BA 53 -26.61 21.90 11.76
CA GLY BA 53 -27.92 21.43 12.16
C GLY BA 53 -29.02 22.42 11.83
N PHE BA 54 -30.13 22.29 12.54
CA PHE BA 54 -31.27 23.16 12.31
C PHE BA 54 -32.03 23.39 13.60
N VAL BA 55 -32.78 24.50 13.61
CA VAL BA 55 -33.72 24.84 14.67
C VAL BA 55 -35.08 25.06 14.01
N ARG BA 56 -36.09 24.35 14.52
CA ARG BA 56 -37.45 24.41 13.99
C ARG BA 56 -38.36 25.12 14.97
N TYR BA 57 -39.03 26.17 14.52
CA TYR BA 57 -40.01 26.91 15.30
C TYR BA 57 -41.40 26.48 14.82
N ASP BA 58 -42.13 25.75 15.67
CA ASP BA 58 -43.40 25.15 15.29
C ASP BA 58 -44.59 26.02 15.67
N VAL BA 59 -44.76 26.30 16.96
CA VAL BA 59 -45.89 27.08 17.46
C VAL BA 59 -45.38 28.12 18.43
N GLY BA 60 -45.99 29.30 18.39
CA GLY BA 60 -45.63 30.38 19.28
C GLY BA 60 -46.38 31.67 18.97
N PRO BA 61 -46.59 32.48 20.01
CA PRO BA 61 -47.33 33.74 19.80
C PRO BA 61 -46.64 34.72 18.86
N ALA BA 62 -45.30 34.75 18.84
CA ALA BA 62 -44.61 35.83 18.17
C ALA BA 62 -43.26 35.37 17.61
N PRO BA 63 -42.61 36.17 16.76
CA PRO BA 63 -41.27 35.83 16.30
C PRO BA 63 -40.28 35.70 17.46
N ILE BA 64 -39.32 34.79 17.29
CA ILE BA 64 -38.27 34.55 18.27
C ILE BA 64 -36.92 34.83 17.62
N THR BA 65 -35.87 34.89 18.44
CA THR BA 65 -34.52 35.12 17.93
C THR BA 65 -33.66 33.90 18.22
N LEU BA 66 -32.82 33.53 17.26
CA LEU BA 66 -31.85 32.45 17.45
C LEU BA 66 -30.46 33.06 17.44
N THR BA 67 -29.71 32.85 18.52
CA THR BA 67 -28.39 33.45 18.69
C THR BA 67 -27.36 32.39 19.01
N VAL BA 68 -26.14 32.62 18.56
CA VAL BA 68 -25.01 31.73 18.82
C VAL BA 68 -23.91 32.52 19.50
N LEU BA 69 -23.39 32.01 20.61
CA LEU BA 69 -22.44 32.72 21.43
C LEU BA 69 -21.17 31.91 21.63
N ASP BA 70 -20.06 32.62 21.76
CA ASP BA 70 -18.76 32.03 22.05
C ASP BA 70 -18.46 32.15 23.55
N ALA BA 71 -17.28 31.65 23.94
CA ALA BA 71 -16.93 31.56 25.35
C ALA BA 71 -16.87 32.93 26.03
N ALA BA 72 -16.64 33.99 25.26
CA ALA BA 72 -16.56 35.33 25.82
C ALA BA 72 -17.94 35.97 26.00
N GLY BA 73 -19.00 35.27 25.60
CA GLY BA 73 -20.35 35.79 25.72
C GLY BA 73 -20.80 36.64 24.56
N ALA BA 74 -19.93 36.90 23.58
CA ALA BA 74 -20.29 37.70 22.43
C ALA BA 74 -21.18 36.91 21.47
N THR BA 75 -21.82 37.63 20.56
CA THR BA 75 -22.72 37.01 19.60
C THR BA 75 -21.99 36.78 18.28
N ILE BA 76 -22.03 35.52 17.81
CA ILE BA 76 -21.45 35.18 16.52
C ILE BA 76 -22.47 35.39 15.40
N ASP BA 77 -23.68 34.89 15.59
CA ASP BA 77 -24.73 35.02 14.58
C ASP BA 77 -26.08 35.14 15.28
N THR BA 78 -26.94 35.97 14.71
CA THR BA 78 -28.30 36.16 15.21
C THR BA 78 -29.27 36.18 14.04
N GLN BA 79 -30.37 35.45 14.17
CA GLN BA 79 -31.39 35.34 13.15
C GLN BA 79 -32.77 35.46 13.80
N THR BA 80 -33.77 35.71 12.97
CA THR BA 80 -35.15 35.87 13.43
C THR BA 80 -36.02 34.79 12.80
N LEU BA 81 -36.91 34.21 13.60
CA LEU BA 81 -37.77 33.13 13.15
C LEU BA 81 -39.22 33.45 13.46
N ASN BA 82 -40.11 33.07 12.54
CA ASN BA 82 -41.54 33.15 12.68
C ASN BA 82 -42.15 31.76 12.86
N PRO BA 83 -43.30 31.64 13.50
CA PRO BA 83 -43.85 30.30 13.79
C PRO BA 83 -44.06 29.48 12.53
N GLY BA 84 -43.70 28.21 12.61
CA GLY BA 84 -43.91 27.27 11.53
C GLY BA 84 -42.77 27.15 10.53
N THR BA 85 -41.57 27.62 10.86
CA THR BA 85 -40.46 27.61 9.91
C THR BA 85 -39.24 26.91 10.53
N SER BA 86 -38.15 26.88 9.77
CA SER BA 86 -36.91 26.24 10.19
C SER BA 86 -35.73 27.08 9.73
N ILE BA 87 -34.60 26.92 10.43
CA ILE BA 87 -33.36 27.59 10.03
C ILE BA 87 -32.22 26.59 10.15
N ALA BA 88 -31.43 26.48 9.09
CA ALA BA 88 -30.25 25.61 9.07
C ALA BA 88 -28.99 26.43 9.27
N PHE BA 89 -27.97 25.80 9.86
CA PHE BA 89 -26.76 26.52 10.21
C PHE BA 89 -25.57 25.56 10.21
N THR BA 90 -24.39 26.17 10.07
CA THR BA 90 -23.11 25.48 10.23
C THR BA 90 -22.15 26.47 10.87
N TYR BA 91 -21.72 26.19 12.10
CA TYR BA 91 -20.96 27.14 12.90
C TYR BA 91 -19.68 26.51 13.42
N ARG BA 92 -18.68 27.34 13.67
CA ARG BA 92 -17.44 26.88 14.27
C ARG BA 92 -17.04 27.81 15.41
N ARG BA 93 -16.34 27.24 16.39
CA ARG BA 93 -15.81 27.97 17.54
C ARG BA 93 -16.91 28.75 18.26
N PHE BA 94 -17.89 28.01 18.75
CA PHE BA 94 -19.01 28.57 19.49
C PHE BA 94 -19.17 27.81 20.79
N VAL BA 95 -19.69 28.50 21.81
CA VAL BA 95 -19.90 27.89 23.11
C VAL BA 95 -21.35 27.48 23.34
N THR BA 96 -22.31 28.17 22.72
CA THR BA 96 -23.70 27.82 22.99
C THR BA 96 -24.59 28.34 21.87
N ILE BA 97 -25.76 27.72 21.76
CA ILE BA 97 -26.83 28.14 20.86
C ILE BA 97 -28.08 28.32 21.71
N GLU BA 98 -28.80 29.41 21.51
CA GLU BA 98 -29.95 29.71 22.36
C GLU BA 98 -31.02 30.43 21.55
N VAL BA 99 -32.24 30.42 22.10
CA VAL BA 99 -33.37 31.13 21.54
C VAL BA 99 -33.82 32.18 22.56
N THR BA 100 -33.92 33.42 22.10
CA THR BA 100 -34.42 34.53 22.89
C THR BA 100 -35.89 34.73 22.57
N LEU BA 101 -36.72 34.66 23.62
CA LEU BA 101 -38.17 34.85 23.61
C LEU BA 101 -38.51 36.17 24.28
N PRO BA 102 -39.11 37.10 23.54
CA PRO BA 102 -39.42 38.41 24.12
C PRO BA 102 -40.52 38.35 25.16
N ALA BA 103 -40.50 39.33 26.06
CA ALA BA 103 -41.50 39.42 27.12
C ALA BA 103 -42.77 40.12 26.66
N ALA BA 104 -42.83 40.57 25.40
CA ALA BA 104 -43.98 41.29 24.89
C ALA BA 104 -45.26 40.46 24.95
N THR BA 105 -45.26 39.32 24.24
CA THR BA 105 -46.45 38.48 24.21
C THR BA 105 -46.27 37.26 25.12
N ALA BA 106 -47.18 37.09 26.06
CA ALA BA 106 -47.14 35.95 26.96
C ALA BA 106 -47.74 34.72 26.27
N GLY BA 107 -47.07 33.59 26.44
CA GLY BA 107 -47.53 32.36 25.83
C GLY BA 107 -46.43 31.33 25.78
N THR BA 108 -46.74 30.21 25.13
CA THR BA 108 -45.84 29.07 25.05
C THR BA 108 -45.24 28.96 23.66
N TYR BA 109 -43.92 28.84 23.60
CA TYR BA 109 -43.18 28.61 22.37
C TYR BA 109 -42.65 27.19 22.38
N GLN BA 110 -42.83 26.48 21.26
CA GLN BA 110 -42.41 25.09 21.16
C GLN BA 110 -41.70 24.88 19.83
N GLY BA 111 -40.76 23.96 19.83
CA GLY BA 111 -40.02 23.67 18.62
C GLY BA 111 -39.08 22.51 18.79
N GLU BA 112 -38.20 22.33 17.81
CA GLU BA 112 -37.26 21.21 17.80
C GLU BA 112 -35.87 21.72 17.46
N PHE BA 113 -34.86 20.90 17.73
CA PHE BA 113 -33.48 21.27 17.49
C PHE BA 113 -32.66 20.03 17.17
N CYS BA 114 -31.92 20.07 16.06
CA CYS BA 114 -31.03 18.98 15.69
C CYS BA 114 -29.65 19.54 15.46
N ILE BA 115 -28.63 18.84 15.96
CA ILE BA 115 -27.25 19.23 15.69
C ILE BA 115 -26.39 17.98 15.55
N THR BA 116 -25.38 18.09 14.70
CA THR BA 116 -24.31 17.09 14.59
C THR BA 116 -22.98 17.85 14.66
N THR BA 117 -22.10 17.39 15.53
CA THR BA 117 -20.89 18.12 15.88
C THR BA 117 -19.66 17.27 15.63
N ARG BA 118 -18.64 17.90 15.04
CA ARG BA 118 -17.34 17.28 14.82
C ARG BA 118 -16.29 17.99 15.69
N TYR BA 119 -15.44 17.17 16.30
CA TYR BA 119 -14.41 17.65 17.22
C TYR BA 119 -13.30 16.62 17.27
N PRO BA 120 -12.09 17.03 17.66
CA PRO BA 120 -10.96 16.08 17.73
C PRO BA 120 -11.04 15.25 19.00
N LEU BA 121 -10.85 13.94 18.87
CA LEU BA 121 -10.86 13.00 19.98
C LEU BA 121 -9.43 12.73 20.45
N SER BA 122 -8.65 13.79 20.54
CA SER BA 122 -7.22 13.68 20.79
C SER BA 122 -6.84 14.00 22.22
N ALA CA 9 9.60 15.07 7.58
CA ALA CA 9 9.63 15.86 8.81
C ALA CA 9 10.24 17.22 8.56
N LEU CA 10 10.27 17.64 7.29
CA LEU CA 10 10.89 18.90 6.92
C LEU CA 10 9.94 20.09 6.96
N THR CA 11 8.64 19.87 7.13
CA THR CA 11 7.67 20.94 6.98
C THR CA 11 6.74 20.99 8.18
N CYS CA 12 6.37 22.22 8.58
CA CYS CA 12 5.24 22.46 9.47
C CYS CA 12 4.01 22.87 8.67
N CYS CA 13 3.84 22.28 7.49
CA CYS CA 13 2.69 22.50 6.62
C CYS CA 13 1.70 21.35 6.80
N PRO CA 14 0.69 21.51 7.67
CA PRO CA 14 -0.26 20.42 7.88
C PRO CA 14 -1.18 20.25 6.69
N ASP CA 15 -1.71 19.05 6.56
CA ASP CA 15 -2.65 18.71 5.50
C ASP CA 15 -4.02 19.33 5.79
N LYS CA 16 -4.79 19.53 4.72
CA LYS CA 16 -6.16 20.03 4.82
C LYS CA 16 -7.11 18.85 4.73
N ASN CA 17 -7.78 18.55 5.84
CA ASN CA 17 -8.71 17.43 5.91
C ASN CA 17 -10.12 17.99 5.72
N TYR CA 18 -10.66 17.85 4.50
CA TYR CA 18 -11.97 18.37 4.17
C TYR CA 18 -13.05 17.37 4.56
N VAL CA 19 -14.15 17.88 5.11
CA VAL CA 19 -15.28 17.06 5.51
C VAL CA 19 -16.56 17.64 4.94
N GLN CA 20 -17.59 16.80 4.90
CA GLN CA 20 -18.86 17.12 4.28
C GLN CA 20 -20.01 16.79 5.23
N ASP CA 21 -20.99 17.69 5.29
CA ASP CA 21 -22.22 17.49 6.05
C ASP CA 21 -23.42 17.74 5.16
N LYS CA 22 -24.59 17.34 5.64
CA LYS CA 22 -25.83 17.48 4.88
C LYS CA 22 -26.94 17.91 5.83
N VAL CA 23 -27.84 18.76 5.34
CA VAL CA 23 -29.00 19.18 6.12
C VAL CA 23 -30.14 19.54 5.19
N CYS CA 24 -31.34 19.09 5.52
CA CYS CA 24 -32.56 19.39 4.78
C CYS CA 24 -33.59 19.95 5.74
N SER CA 25 -34.39 20.90 5.27
CA SER CA 25 -35.40 21.52 6.12
C SER CA 25 -36.49 22.13 5.26
N PRO CA 26 -37.74 22.08 5.71
CA PRO CA 26 -38.82 22.81 5.05
C PRO CA 26 -38.86 24.26 5.52
N TRP CA 27 -39.39 25.12 4.65
CA TRP CA 27 -39.48 26.54 4.95
C TRP CA 27 -40.88 27.05 4.62
N SER CA 28 -41.32 28.05 5.37
CA SER CA 28 -42.63 28.66 5.20
C SER CA 28 -42.52 30.13 5.53
N GLY CA 29 -43.43 30.91 4.95
CA GLY CA 29 -43.47 32.34 5.20
C GLY CA 29 -44.80 32.98 4.82
N THR CA 30 -45.37 33.77 5.72
CA THR CA 30 -46.66 34.40 5.50
C THR CA 30 -46.45 35.90 5.28
N VAL CA 31 -46.79 36.39 4.09
CA VAL CA 31 -46.68 37.80 3.77
C VAL CA 31 -48.05 38.44 3.89
N VAL CA 32 -48.10 39.55 4.62
CA VAL CA 32 -49.34 40.31 4.83
C VAL CA 32 -49.28 41.69 4.20
N ALA CA 33 -48.29 42.51 4.62
CA ALA CA 33 -48.17 43.86 4.08
C ALA CA 33 -46.72 44.20 3.76
N THR CA 34 -45.78 43.41 4.25
CA THR CA 34 -44.36 43.69 4.12
C THR CA 34 -43.63 42.53 3.47
N ALA CA 35 -42.59 42.85 2.70
CA ALA CA 35 -41.76 41.83 2.06
C ALA CA 35 -40.98 41.06 3.12
N ILE CA 36 -40.63 39.82 2.78
CA ILE CA 36 -39.93 38.93 3.70
C ILE CA 36 -38.62 38.50 3.05
N THR CA 37 -37.60 38.30 3.89
CA THR CA 37 -36.24 37.99 3.47
C THR CA 37 -35.84 36.70 4.21
N ASN CA 38 -36.67 35.67 4.05
CA ASN CA 38 -36.54 34.44 4.82
C ASN CA 38 -35.21 33.74 4.57
N VAL CA 39 -34.34 33.70 5.57
CA VAL CA 39 -33.04 33.06 5.44
C VAL CA 39 -33.18 31.57 5.70
N LEU CA 40 -32.66 30.75 4.78
CA LEU CA 40 -32.75 29.30 4.91
C LEU CA 40 -31.48 28.67 5.48
N TYR CA 41 -30.32 29.29 5.28
CA TYR CA 41 -29.06 28.71 5.70
C TYR CA 41 -28.06 29.83 5.92
N ASN CA 42 -27.19 29.65 6.93
CA ASN CA 42 -26.16 30.63 7.22
C ASN CA 42 -24.98 29.94 7.88
N ASN CA 43 -23.81 30.57 7.80
CA ASN CA 43 -22.59 30.02 8.34
C ASN CA 43 -21.59 31.13 8.60
N ASN CA 44 -20.57 30.83 9.39
CA ASN CA 44 -19.50 31.76 9.70
C ASN CA 44 -18.14 31.24 9.24
N ILE CA 45 -18.13 30.32 8.28
CA ILE CA 45 -16.91 29.68 7.79
C ILE CA 45 -16.77 29.91 6.30
N ASN CA 46 -17.17 31.11 5.84
CA ASN CA 46 -17.27 31.40 4.42
C ASN CA 46 -15.95 31.12 3.68
N GLN CA 47 -14.83 31.32 4.35
CA GLN CA 47 -13.55 31.01 3.72
C GLN CA 47 -13.41 29.50 3.55
N ASN CA 48 -13.15 29.06 2.31
CA ASN CA 48 -13.05 27.65 1.97
C ASN CA 48 -14.31 26.89 2.34
N MET CA 49 -15.45 27.30 1.79
CA MET CA 49 -16.70 26.57 1.97
C MET CA 49 -17.37 26.40 0.61
N ILE CA 50 -17.88 25.20 0.34
CA ILE CA 50 -18.65 24.97 -0.88
C ILE CA 50 -19.92 24.22 -0.51
N GLY CA 51 -21.03 24.62 -1.14
CA GLY CA 51 -22.30 23.99 -0.87
C GLY CA 51 -23.08 23.66 -2.13
N THR CA 52 -23.55 22.42 -2.23
CA THR CA 52 -24.35 21.96 -3.34
C THR CA 52 -25.72 21.54 -2.84
N GLY CA 53 -26.77 21.94 -3.54
CA GLY CA 53 -28.10 21.54 -3.10
C GLY CA 53 -29.21 22.09 -3.98
N PHE CA 54 -30.41 22.14 -3.41
CA PHE CA 54 -31.56 22.62 -4.16
C PHE CA 54 -32.53 23.34 -3.22
N VAL CA 55 -33.35 24.18 -3.83
CA VAL CA 55 -34.47 24.86 -3.18
C VAL CA 55 -35.72 24.52 -3.99
N ARG CA 56 -36.75 24.02 -3.30
CA ARG CA 56 -37.99 23.62 -3.93
C ARG CA 56 -39.11 24.56 -3.52
N TYR CA 57 -39.78 25.17 -4.50
CA TYR CA 57 -40.93 26.03 -4.28
C TYR CA 57 -42.17 25.23 -4.62
N ASP CA 58 -42.97 24.90 -3.60
CA ASP CA 58 -44.12 24.02 -3.76
C ASP CA 58 -45.41 24.79 -3.98
N VAL CA 59 -45.81 25.61 -3.02
CA VAL CA 59 -47.06 26.35 -3.08
C VAL CA 59 -46.80 27.80 -2.71
N GLY CA 60 -47.49 28.72 -3.38
CA GLY CA 60 -47.35 30.13 -3.12
C GLY CA 60 -48.14 30.99 -4.09
N PRO CA 61 -48.58 32.16 -3.62
CA PRO CA 61 -49.37 33.04 -4.49
C PRO CA 61 -48.62 33.54 -5.71
N ALA CA 62 -47.31 33.76 -5.61
CA ALA CA 62 -46.59 34.47 -6.67
C ALA CA 62 -45.15 34.00 -6.78
N PRO CA 63 -44.43 34.38 -7.85
CA PRO CA 63 -43.01 34.05 -7.94
C PRO CA 63 -42.21 34.63 -6.78
N ILE CA 64 -41.16 33.92 -6.39
CA ILE CA 64 -40.27 34.33 -5.31
C ILE CA 64 -38.87 34.46 -5.88
N THR CA 65 -37.96 35.04 -5.10
CA THR CA 65 -36.58 35.21 -5.52
C THR CA 65 -35.68 34.41 -4.59
N LEU CA 66 -34.67 33.75 -5.14
CA LEU CA 66 -33.66 33.05 -4.36
C LEU CA 66 -32.33 33.76 -4.52
N THR CA 67 -31.75 34.23 -3.41
CA THR CA 67 -30.53 35.01 -3.43
C THR CA 67 -29.49 34.38 -2.53
N VAL CA 68 -28.22 34.55 -2.91
CA VAL CA 68 -27.08 34.07 -2.14
C VAL CA 68 -26.16 35.24 -1.83
N LEU CA 69 -25.80 35.39 -0.57
CA LEU CA 69 -25.04 36.56 -0.11
C LEU CA 69 -23.76 36.12 0.59
N ASP CA 70 -22.74 36.97 0.46
CA ASP CA 70 -21.47 36.78 1.13
C ASP CA 70 -21.42 37.64 2.39
N ALA CA 71 -20.28 37.57 3.08
CA ALA CA 71 -20.16 38.22 4.39
C ALA CA 71 -20.30 39.73 4.31
N ALA CA 72 -20.04 40.32 3.14
CA ALA CA 72 -20.15 41.76 2.97
C ALA CA 72 -21.58 42.19 2.67
N GLY CA 73 -22.51 41.25 2.57
CA GLY CA 73 -23.89 41.56 2.28
C GLY CA 73 -24.23 41.67 0.82
N ALA CA 74 -23.24 41.56 -0.07
CA ALA CA 74 -23.46 41.65 -1.51
C ALA CA 74 -24.13 40.37 -2.02
N THR CA 75 -24.68 40.47 -3.23
CA THR CA 75 -25.37 39.35 -3.85
C THR CA 75 -24.42 38.62 -4.79
N ILE CA 76 -24.28 37.31 -4.59
CA ILE CA 76 -23.49 36.47 -5.48
C ILE CA 76 -24.33 35.96 -6.64
N ASP CA 77 -25.52 35.45 -6.35
CA ASP CA 77 -26.39 34.93 -7.40
C ASP CA 77 -27.84 35.17 -6.98
N THR CA 78 -28.67 35.49 -7.98
CA THR CA 78 -30.10 35.70 -7.78
C THR CA 78 -30.88 35.01 -8.89
N GLN CA 79 -31.92 34.29 -8.51
CA GLN CA 79 -32.75 33.56 -9.45
C GLN CA 79 -34.21 33.77 -9.08
N THR CA 80 -35.10 33.45 -10.03
CA THR CA 80 -36.54 33.61 -9.83
C THR CA 80 -37.21 32.24 -9.94
N LEU CA 81 -38.17 31.99 -9.05
CA LEU CA 81 -38.86 30.71 -8.99
C LEU CA 81 -40.36 30.93 -9.03
N ASN CA 82 -41.06 30.03 -9.72
CA ASN CA 82 -42.51 29.97 -9.78
C ASN CA 82 -43.02 28.76 -9.00
N PRO CA 83 -44.25 28.79 -8.49
CA PRO CA 83 -44.73 27.70 -7.63
C PRO CA 83 -44.67 26.35 -8.34
N GLY CA 84 -44.23 25.34 -7.61
CA GLY CA 84 -44.19 23.98 -8.10
C GLY CA 84 -42.91 23.56 -8.80
N THR CA 85 -41.81 24.30 -8.62
CA THR CA 85 -40.57 24.00 -9.32
C THR CA 85 -39.43 23.87 -8.33
N SER CA 86 -38.22 23.64 -8.86
CA SER CA 86 -37.03 23.46 -8.05
C SER CA 86 -35.85 24.14 -8.76
N ILE CA 87 -34.84 24.50 -7.96
CA ILE CA 87 -33.60 25.07 -8.50
C ILE CA 87 -32.42 24.42 -7.80
N ALA CA 88 -31.46 23.94 -8.59
CA ALA CA 88 -30.24 23.34 -8.06
C ALA CA 88 -29.08 24.33 -8.16
N PHE CA 89 -28.13 24.21 -7.24
CA PHE CA 89 -27.05 25.18 -7.18
C PHE CA 89 -25.80 24.53 -6.58
N THR CA 90 -24.66 25.15 -6.89
CA THR CA 90 -23.38 24.82 -6.28
C THR CA 90 -22.60 26.12 -6.12
N TYR CA 91 -22.36 26.53 -4.88
CA TYR CA 91 -21.81 27.85 -4.58
C TYR CA 91 -20.58 27.73 -3.70
N ARG CA 92 -19.70 28.72 -3.79
CA ARG CA 92 -18.53 28.78 -2.92
C ARG CA 92 -18.39 30.19 -2.36
N ARG CA 93 -17.81 30.27 -1.17
CA ARG CA 93 -17.52 31.54 -0.48
C ARG CA 93 -18.79 32.40 -0.35
N PHE CA 94 -19.78 31.84 0.34
CA PHE CA 94 -21.04 32.51 0.60
C PHE CA 94 -21.34 32.46 2.08
N VAL CA 95 -22.07 33.48 2.57
CA VAL CA 95 -22.43 33.54 3.97
C VAL CA 95 -23.86 33.08 4.23
N THR CA 96 -24.76 33.24 3.27
CA THR CA 96 -26.14 32.87 3.52
C THR CA 96 -26.89 32.65 2.21
N ILE CA 97 -27.97 31.88 2.30
CA ILE CA 97 -28.92 31.67 1.22
C ILE CA 97 -30.30 32.05 1.75
N GLU CA 98 -31.06 32.80 0.95
CA GLU CA 98 -32.34 33.30 1.42
C GLU CA 98 -33.32 33.38 0.27
N VAL CA 99 -34.61 33.45 0.63
CA VAL CA 99 -35.70 33.64 -0.32
C VAL CA 99 -36.38 34.97 0.00
N THR CA 100 -36.50 35.81 -1.02
CA THR CA 100 -37.20 37.08 -0.93
C THR CA 100 -38.63 36.89 -1.45
N LEU CA 101 -39.59 37.20 -0.60
CA LEU CA 101 -41.03 37.15 -0.84
C LEU CA 101 -41.58 38.57 -0.94
N PRO CA 102 -42.13 38.94 -2.10
CA PRO CA 102 -42.62 40.31 -2.29
C PRO CA 102 -43.86 40.58 -1.46
N ALA CA 103 -44.07 41.87 -1.17
CA ALA CA 103 -45.22 42.30 -0.40
C ALA CA 103 -46.47 42.51 -1.26
N ALA CA 104 -46.36 42.29 -2.57
CA ALA CA 104 -47.46 42.50 -3.49
C ALA CA 104 -48.66 41.62 -3.15
N THR CA 105 -48.47 40.30 -3.20
CA THR CA 105 -49.57 39.38 -2.93
C THR CA 105 -49.43 38.79 -1.53
N ALA CA 106 -50.48 38.96 -0.72
CA ALA CA 106 -50.49 38.40 0.63
C ALA CA 106 -50.87 36.93 0.58
N GLY CA 107 -50.14 36.13 1.35
CA GLY CA 107 -50.41 34.70 1.38
C GLY CA 107 -49.23 33.95 1.95
N THR CA 108 -49.35 32.62 1.92
CA THR CA 108 -48.36 31.73 2.51
C THR CA 108 -47.54 31.06 1.41
N TYR CA 109 -46.22 31.11 1.56
CA TYR CA 109 -45.28 30.43 0.67
C TYR CA 109 -44.65 29.28 1.44
N GLN CA 110 -44.61 28.11 0.81
CA GLN CA 110 -44.06 26.92 1.44
C GLN CA 110 -43.14 26.19 0.47
N GLY CA 111 -42.14 25.53 1.01
CA GLY CA 111 -41.21 24.81 0.18
C GLY CA 111 -40.21 24.03 1.01
N GLU CA 112 -39.17 23.53 0.33
CA GLU CA 112 -38.17 22.69 0.96
C GLU CA 112 -36.78 23.17 0.55
N PHE CA 113 -35.76 22.74 1.30
CA PHE CA 113 -34.40 23.16 1.04
C PHE CA 113 -33.45 22.04 1.45
N CYS CA 114 -32.54 21.65 0.55
CA CYS CA 114 -31.53 20.65 0.85
C CYS CA 114 -30.17 21.23 0.52
N ILE CA 115 -29.19 21.01 1.40
CA ILE CA 115 -27.82 21.42 1.11
C ILE CA 115 -26.85 20.40 1.69
N THR CA 116 -25.73 20.22 0.99
CA THR CA 116 -24.59 19.48 1.50
C THR CA 116 -23.36 20.35 1.32
N THR CA 117 -22.59 20.50 2.39
CA THR CA 117 -21.50 21.48 2.44
C THR CA 117 -20.19 20.79 2.76
N ARG CA 118 -19.13 21.20 2.06
CA ARG CA 118 -17.78 20.75 2.29
C ARG CA 118 -16.94 21.92 2.80
N TYR CA 119 -16.14 21.64 3.81
CA TYR CA 119 -15.30 22.64 4.48
C TYR CA 119 -14.13 21.94 5.15
N PRO CA 120 -13.03 22.66 5.40
CA PRO CA 120 -11.87 22.02 6.04
C PRO CA 120 -12.08 21.90 7.54
N LEU CA 121 -11.77 20.73 8.08
CA LEU CA 121 -11.87 20.45 9.51
C LEU CA 121 -10.53 20.64 10.19
N SER CA 122 -9.83 21.69 9.79
CA SER CA 122 -8.43 21.85 10.19
C SER CA 122 -8.25 22.81 11.35
N ALA DA 9 10.07 19.25 -0.25
CA ALA DA 9 9.85 20.52 0.43
C ALA DA 9 10.39 21.68 -0.41
N LEU DA 10 10.57 21.43 -1.70
CA LEU DA 10 11.14 22.43 -2.58
C LEU DA 10 10.12 23.34 -3.24
N THR DA 11 8.82 23.05 -3.10
CA THR DA 11 7.81 23.76 -3.86
C THR DA 11 6.70 24.25 -2.94
N CYS DA 12 6.18 25.44 -3.24
CA CYS DA 12 4.91 25.92 -2.70
C CYS DA 12 3.79 25.71 -3.71
N CYS DA 13 3.86 24.60 -4.45
CA CYS DA 13 2.84 24.22 -5.43
C CYS DA 13 1.92 23.18 -4.79
N PRO DA 14 0.79 23.58 -4.22
CA PRO DA 14 -0.10 22.61 -3.60
C PRO DA 14 -0.81 21.75 -4.63
N ASP DA 15 -1.22 20.57 -4.19
CA ASP DA 15 -1.95 19.63 -5.04
C ASP DA 15 -3.39 20.11 -5.22
N LYS DA 16 -4.00 19.66 -6.32
CA LYS DA 16 -5.40 19.94 -6.61
C LYS DA 16 -6.23 18.74 -6.21
N ASN DA 17 -7.04 18.91 -5.17
CA ASN DA 17 -7.89 17.85 -4.64
C ASN DA 17 -9.28 18.03 -5.22
N TYR DA 18 -9.61 17.25 -6.25
CA TYR DA 18 -10.90 17.36 -6.92
C TYR DA 18 -11.94 16.52 -6.19
N VAL DA 19 -13.15 17.06 -6.08
CA VAL DA 19 -14.26 16.38 -5.43
C VAL DA 19 -15.48 16.42 -6.34
N GLN DA 20 -16.42 15.53 -6.05
CA GLN DA 20 -17.61 15.33 -6.87
C GLN DA 20 -18.86 15.34 -6.01
N ASP DA 21 -19.90 16.01 -6.49
CA ASP DA 21 -21.21 16.03 -5.85
C ASP DA 21 -22.27 15.63 -6.87
N LYS DA 22 -23.48 15.35 -6.37
CA LYS DA 22 -24.59 14.93 -7.21
C LYS DA 22 -25.86 15.59 -6.71
N VAL DA 23 -26.74 15.97 -7.64
CA VAL DA 23 -28.03 16.54 -7.28
C VAL DA 23 -29.03 16.24 -8.39
N CYS DA 24 -30.24 15.83 -7.99
CA CYS DA 24 -31.34 15.55 -8.91
C CYS DA 24 -32.56 16.36 -8.45
N SER DA 25 -33.35 16.84 -9.40
CA SER DA 25 -34.52 17.63 -9.07
C SER DA 25 -35.51 17.59 -10.22
N PRO DA 26 -36.81 17.59 -9.92
CA PRO DA 26 -37.81 17.75 -10.97
C PRO DA 26 -38.05 19.22 -11.29
N TRP DA 27 -38.50 19.47 -12.51
CA TRP DA 27 -38.75 20.83 -12.97
C TRP DA 27 -40.11 20.90 -13.64
N SER DA 28 -40.74 22.06 -13.51
CA SER DA 28 -42.04 22.33 -14.10
C SER DA 28 -42.11 23.78 -14.55
N GLY DA 29 -42.97 24.04 -15.52
CA GLY DA 29 -43.17 25.39 -16.01
C GLY DA 29 -44.46 25.57 -16.78
N THR DA 30 -45.22 26.60 -16.45
CA THR DA 30 -46.51 26.86 -17.08
C THR DA 30 -46.38 28.08 -17.99
N VAL DA 31 -46.59 27.88 -19.29
CA VAL DA 31 -46.53 28.96 -20.26
C VAL DA 31 -47.95 29.38 -20.61
N VAL DA 32 -48.21 30.69 -20.52
CA VAL DA 32 -49.51 31.26 -20.84
C VAL DA 32 -49.46 32.17 -22.06
N ALA DA 33 -48.62 33.21 -22.02
CA ALA DA 33 -48.51 34.14 -23.13
C ALA DA 33 -47.07 34.49 -23.44
N THR DA 34 -46.15 34.18 -22.53
CA THR DA 34 -44.76 34.57 -22.65
C THR DA 34 -43.84 33.35 -22.56
N ALA DA 35 -42.73 33.41 -23.29
CA ALA DA 35 -41.74 32.34 -23.25
C ALA DA 35 -41.06 32.30 -21.88
N ILE DA 36 -40.58 31.11 -21.52
CA ILE DA 36 -39.96 30.88 -20.22
C ILE DA 36 -38.53 30.38 -20.44
N THR DA 37 -37.65 30.77 -19.52
CA THR DA 37 -36.21 30.49 -19.60
C THR DA 37 -35.84 29.79 -18.28
N ASN DA 38 -36.54 28.70 -17.99
CA ASN DA 38 -36.44 28.03 -16.70
C ASN DA 38 -35.03 27.49 -16.44
N VAL DA 39 -34.34 28.06 -15.47
CA VAL DA 39 -32.99 27.64 -15.14
C VAL DA 39 -33.05 26.45 -14.19
N LEU DA 40 -32.33 25.38 -14.53
CA LEU DA 40 -32.32 24.17 -13.71
C LEU DA 40 -31.12 24.07 -12.79
N TYR DA 41 -29.99 24.68 -13.15
CA TYR DA 41 -28.77 24.57 -12.38
C TYR DA 41 -27.91 25.80 -12.64
N ASN DA 42 -27.20 26.24 -11.60
CA ASN DA 42 -26.30 27.38 -11.73
C ASN DA 42 -25.19 27.28 -10.70
N ASN DA 43 -24.08 27.94 -10.99
CA ASN DA 43 -22.91 27.90 -10.11
C ASN DA 43 -22.06 29.14 -10.35
N ASN DA 44 -21.14 29.39 -9.42
CA ASN DA 44 -20.22 30.51 -9.50
C ASN DA 44 -18.76 30.03 -9.52
N ILE DA 45 -18.54 28.78 -9.89
CA ILE DA 45 -17.21 28.17 -9.87
C ILE DA 45 -16.85 27.67 -11.26
N ASN DA 46 -17.27 28.43 -12.29
CA ASN DA 46 -17.17 27.98 -13.67
C ASN DA 46 -15.75 27.58 -14.04
N GLN DA 47 -14.74 28.24 -13.47
CA GLN DA 47 -13.36 27.85 -13.72
C GLN DA 47 -13.09 26.48 -13.11
N ASN DA 48 -12.61 25.55 -13.93
CA ASN DA 48 -12.34 24.17 -13.51
C ASN DA 48 -13.59 23.51 -12.95
N MET DA 49 -14.66 23.45 -13.73
CA MET DA 49 -15.86 22.71 -13.34
C MET DA 49 -16.30 21.82 -14.49
N ILE DA 50 -16.65 20.57 -14.19
CA ILE DA 50 -17.20 19.67 -15.20
C ILE DA 50 -18.46 19.02 -14.64
N GLY DA 51 -19.49 18.91 -15.47
CA GLY DA 51 -20.73 18.31 -15.06
C GLY DA 51 -21.27 17.31 -16.05
N THR DA 52 -21.63 16.12 -15.57
CA THR DA 52 -22.21 15.07 -16.39
C THR DA 52 -23.61 14.75 -15.87
N GLY DA 53 -24.56 14.61 -16.78
CA GLY DA 53 -25.90 14.28 -16.33
C GLY DA 53 -26.89 14.17 -17.47
N PHE DA 54 -28.17 14.31 -17.12
CA PHE DA 54 -29.23 14.21 -18.11
C PHE DA 54 -30.38 15.14 -17.76
N VAL DA 55 -31.16 15.45 -18.78
CA VAL DA 55 -32.41 16.19 -18.67
C VAL DA 55 -33.50 15.34 -19.31
N ARG DA 56 -34.58 15.07 -18.58
CA ARG DA 56 -35.68 14.24 -19.04
C ARG DA 56 -36.91 15.11 -19.26
N TYR DA 57 -37.46 15.06 -20.47
CA TYR DA 57 -38.69 15.74 -20.82
C TYR DA 57 -39.81 14.71 -20.84
N ASP DA 58 -40.72 14.80 -19.87
CA ASP DA 58 -41.76 13.79 -19.68
C ASP DA 58 -43.06 14.16 -20.38
N VAL DA 59 -43.66 15.29 -19.99
CA VAL DA 59 -44.95 15.72 -20.54
C VAL DA 59 -44.87 17.19 -20.91
N GLY DA 60 -45.51 17.56 -22.01
CA GLY DA 60 -45.52 18.93 -22.47
C GLY DA 60 -46.21 19.08 -23.81
N PRO DA 61 -46.81 20.26 -24.03
CA PRO DA 61 -47.52 20.49 -25.30
C PRO DA 61 -46.64 20.45 -26.53
N ALA DA 62 -45.38 20.87 -26.42
CA ALA DA 62 -44.56 21.09 -27.61
C ALA DA 62 -43.08 20.83 -27.34
N PRO DA 63 -42.25 20.75 -28.38
CA PRO DA 63 -40.80 20.63 -28.16
C PRO DA 63 -40.24 21.81 -27.37
N ILE DA 64 -39.22 21.52 -26.56
CA ILE DA 64 -38.53 22.52 -25.76
C ILE DA 64 -37.07 22.56 -26.18
N THR DA 65 -36.36 23.57 -25.70
CA THR DA 65 -34.94 23.72 -26.00
C THR DA 65 -34.13 23.61 -24.72
N LEU DA 66 -33.00 22.92 -24.78
CA LEU DA 66 -32.07 22.83 -23.66
C LEU DA 66 -30.80 23.57 -24.03
N THR DA 67 -30.43 24.57 -23.23
CA THR DA 67 -29.29 25.42 -23.52
C THR DA 67 -28.35 25.47 -22.33
N VAL DA 68 -27.06 25.62 -22.62
CA VAL DA 68 -26.02 25.73 -21.61
C VAL DA 68 -25.26 27.02 -21.84
N LEU DA 69 -25.10 27.82 -20.79
CA LEU DA 69 -24.52 29.14 -20.89
C LEU DA 69 -23.33 29.29 -19.95
N ASP DA 70 -22.37 30.10 -20.38
CA ASP DA 70 -21.21 30.45 -19.58
C ASP DA 70 -21.42 31.81 -18.92
N ALA DA 71 -20.40 32.26 -18.17
CA ALA DA 71 -20.53 33.45 -17.35
C ALA DA 71 -20.78 34.70 -18.19
N ALA DA 72 -20.38 34.69 -19.46
CA ALA DA 72 -20.59 35.84 -20.33
C ALA DA 72 -21.98 35.87 -20.95
N GLY DA 73 -22.81 34.86 -20.65
CA GLY DA 73 -24.15 34.79 -21.19
C GLY DA 73 -24.26 34.14 -22.55
N ALA DA 74 -23.13 33.76 -23.15
CA ALA DA 74 -23.15 33.11 -24.46
C ALA DA 74 -23.62 31.66 -24.34
N THR DA 75 -23.98 31.09 -25.48
CA THR DA 75 -24.48 29.73 -25.53
C THR DA 75 -23.34 28.77 -25.89
N ILE DA 76 -23.14 27.76 -25.05
CA ILE DA 76 -22.15 26.73 -25.34
C ILE DA 76 -22.76 25.61 -26.17
N ASP DA 77 -23.94 25.13 -25.78
CA ASP DA 77 -24.60 24.05 -26.50
C ASP DA 77 -26.10 24.25 -26.41
N THR DA 78 -26.79 23.93 -27.51
CA THR DA 78 -28.24 24.01 -27.57
C THR DA 78 -28.77 22.76 -28.27
N GLN DA 79 -29.80 22.16 -27.69
CA GLN DA 79 -30.43 20.96 -28.22
C GLN DA 79 -31.94 21.11 -28.14
N THR DA 80 -32.64 20.25 -28.89
CA THR DA 80 -34.10 20.27 -28.94
C THR DA 80 -34.64 18.95 -28.42
N LEU DA 81 -35.70 19.02 -27.62
CA LEU DA 81 -36.29 17.84 -27.01
C LEU DA 81 -37.78 17.78 -27.29
N ASN DA 82 -38.30 16.58 -27.51
CA ASN DA 82 -39.71 16.28 -27.67
C ASN DA 82 -40.23 15.54 -26.45
N PRO DA 83 -41.52 15.64 -26.15
CA PRO DA 83 -42.05 15.04 -24.92
C PRO DA 83 -41.78 13.53 -24.85
N GLY DA 84 -41.37 13.07 -23.67
CA GLY DA 84 -41.15 11.67 -23.43
C GLY DA 84 -39.75 11.16 -23.69
N THR DA 85 -38.76 12.04 -23.80
CA THR DA 85 -37.40 11.63 -24.14
C THR DA 85 -36.42 12.15 -23.10
N SER DA 86 -35.13 11.88 -23.33
CA SER DA 86 -34.06 12.28 -22.43
C SER DA 86 -32.85 12.70 -23.26
N ILE DA 87 -32.01 13.54 -22.65
CA ILE DA 87 -30.75 13.94 -23.28
C ILE DA 87 -29.65 13.89 -22.23
N ALA DA 88 -28.54 13.23 -22.58
CA ALA DA 88 -27.37 13.15 -21.71
C ALA DA 88 -26.30 14.12 -22.18
N PHE DA 89 -25.49 14.59 -21.24
CA PHE DA 89 -24.51 15.63 -21.55
C PHE DA 89 -23.32 15.52 -20.60
N THR DA 90 -22.20 16.08 -21.06
CA THR DA 90 -21.01 16.27 -20.24
C THR DA 90 -20.37 17.58 -20.68
N TYR DA 91 -20.36 18.58 -19.78
CA TYR DA 91 -19.96 19.93 -20.13
C TYR DA 91 -18.88 20.43 -19.18
N ARG DA 92 -18.07 21.37 -19.67
CA ARG DA 92 -17.07 22.02 -18.83
C ARG DA 92 -17.12 23.52 -19.03
N ARG DA 93 -16.75 24.26 -17.98
CA ARG DA 93 -16.67 25.72 -17.99
C ARG DA 93 -18.00 26.34 -18.43
N PHE DA 94 -19.03 26.05 -17.65
CA PHE DA 94 -20.37 26.57 -17.89
C PHE DA 94 -20.89 27.19 -16.61
N VAL DA 95 -21.76 28.20 -16.76
CA VAL DA 95 -22.34 28.87 -15.62
C VAL DA 95 -23.76 28.39 -15.31
N THR DA 96 -24.51 27.94 -16.31
CA THR DA 96 -25.88 27.55 -16.03
C THR DA 96 -26.39 26.61 -17.13
N ILE DA 97 -27.42 25.84 -16.77
CA ILE DA 97 -28.17 25.00 -17.69
C ILE DA 97 -29.64 25.38 -17.57
N GLU DA 98 -30.32 25.53 -18.69
CA GLU DA 98 -31.70 26.01 -18.66
C GLU DA 98 -32.49 25.39 -19.79
N VAL DA 99 -33.82 25.44 -19.65
CA VAL DA 99 -34.75 24.99 -20.67
C VAL DA 99 -35.58 26.19 -21.11
N THR DA 100 -35.61 26.41 -22.42
CA THR DA 100 -36.41 27.46 -23.04
C THR DA 100 -37.71 26.83 -23.53
N LEU DA 101 -38.83 27.38 -23.05
CA LEU DA 101 -40.20 27.01 -23.36
C LEU DA 101 -40.84 28.09 -24.21
N PRO DA 102 -41.22 27.79 -25.45
CA PRO DA 102 -41.79 28.81 -26.33
C PRO DA 102 -43.16 29.27 -25.87
N ALA DA 103 -43.50 30.49 -26.27
CA ALA DA 103 -44.80 31.07 -25.94
C ALA DA 103 -45.90 30.66 -26.91
N ALA DA 104 -45.58 29.85 -27.92
CA ALA DA 104 -46.54 29.44 -28.93
C ALA DA 104 -47.70 28.66 -28.31
N THR DA 105 -47.40 27.53 -27.68
CA THR DA 105 -48.45 26.71 -27.10
C THR DA 105 -48.49 26.88 -25.59
N ALA DA 106 -49.65 27.27 -25.07
CA ALA DA 106 -49.84 27.43 -23.64
C ALA DA 106 -50.09 26.08 -22.99
N GLY DA 107 -49.43 25.85 -21.86
CA GLY DA 107 -49.59 24.60 -21.15
C GLY DA 107 -48.46 24.39 -20.16
N THR DA 108 -48.47 23.20 -19.55
CA THR DA 108 -47.51 22.87 -18.50
C THR DA 108 -46.48 21.87 -19.04
N TYR DA 109 -45.21 22.18 -18.82
CA TYR DA 109 -44.10 21.31 -19.15
C TYR DA 109 -43.50 20.76 -17.86
N GLN DA 110 -43.27 19.46 -17.82
CA GLN DA 110 -42.74 18.81 -16.62
C GLN DA 110 -41.63 17.85 -17.02
N GLY DA 111 -40.67 17.69 -16.12
CA GLY DA 111 -39.57 16.79 -16.39
C GLY DA 111 -38.65 16.66 -15.19
N GLU DA 112 -37.50 16.04 -15.43
CA GLU DA 112 -36.53 15.77 -14.38
C GLU DA 112 -35.13 16.19 -14.83
N PHE DA 113 -34.22 16.32 -13.87
CA PHE DA 113 -32.86 16.76 -14.17
C PHE DA 113 -31.91 16.13 -13.16
N CYS DA 114 -30.85 15.48 -13.67
CA CYS DA 114 -29.82 14.92 -12.81
C CYS DA 114 -28.47 15.45 -13.25
N ILE DA 115 -27.63 15.83 -12.29
CA ILE DA 115 -26.26 16.23 -12.61
C ILE DA 115 -25.33 15.77 -11.51
N THR DA 116 -24.10 15.45 -11.91
CA THR DA 116 -23.00 15.21 -10.99
C THR DA 116 -21.82 16.05 -11.46
N THR DA 117 -21.24 16.81 -10.54
CA THR DA 117 -20.26 17.84 -10.87
C THR DA 117 -18.95 17.59 -10.12
N ARG DA 118 -17.85 17.76 -10.84
CA ARG DA 118 -16.51 17.68 -10.29
C ARG DA 118 -15.85 19.06 -10.35
N TYR DA 119 -15.20 19.42 -9.25
CA TYR DA 119 -14.57 20.72 -9.09
C TYR DA 119 -13.45 20.60 -8.06
N PRO DA 120 -12.47 21.50 -8.08
CA PRO DA 120 -11.38 21.43 -7.11
C PRO DA 120 -11.80 22.02 -5.77
N LEU DA 121 -11.49 21.30 -4.69
CA LEU DA 121 -11.79 21.73 -3.32
C LEU DA 121 -10.58 22.42 -2.70
N SER DA 122 -9.87 23.18 -3.51
CA SER DA 122 -8.57 23.70 -3.11
C SER DA 122 -8.73 25.08 -2.52
N ALA EA 9 11.42 19.21 -8.99
CA ALA EA 9 10.99 20.61 -9.06
C ALA EA 9 11.56 21.28 -10.30
N LEU EA 10 11.97 20.49 -11.28
CA LEU EA 10 12.59 21.00 -12.48
C LEU EA 10 11.61 21.33 -13.60
N THR EA 11 10.34 20.95 -13.46
CA THR EA 11 9.40 21.05 -14.57
C THR EA 11 8.12 21.77 -14.12
N CYS EA 12 7.57 22.58 -15.02
CA CYS EA 12 6.20 23.07 -14.92
C CYS EA 12 5.27 22.23 -15.79
N CYS EA 13 5.54 20.93 -15.88
CA CYS EA 13 4.72 19.98 -16.63
C CYS EA 13 3.80 19.25 -15.67
N PRO EA 14 2.57 19.71 -15.48
CA PRO EA 14 1.67 19.03 -14.54
C PRO EA 14 1.19 17.70 -15.08
N ASP EA 15 0.82 16.82 -14.16
CA ASP EA 15 0.30 15.50 -14.50
C ASP EA 15 -1.13 15.61 -15.04
N LYS EA 16 -1.52 14.62 -15.83
CA LYS EA 16 -2.87 14.51 -16.36
C LYS EA 16 -3.66 13.55 -15.49
N ASN EA 17 -4.64 14.08 -14.76
CA ASN EA 17 -5.47 13.29 -13.86
C ASN EA 17 -6.76 12.97 -14.58
N TYR EA 18 -6.86 11.75 -15.12
CA TYR EA 18 -8.03 11.33 -15.87
C TYR EA 18 -9.10 10.80 -14.94
N VAL EA 19 -10.36 11.15 -15.23
CA VAL EA 19 -11.50 10.71 -14.44
C VAL EA 19 -12.56 10.15 -15.37
N GLN EA 20 -13.46 9.36 -14.77
CA GLN EA 20 -14.49 8.63 -15.50
C GLN EA 20 -15.86 8.87 -14.87
N ASP EA 21 -16.85 9.06 -15.72
CA ASP EA 21 -18.24 9.19 -15.30
C ASP EA 21 -19.11 8.21 -16.09
N LYS EA 22 -20.35 8.03 -15.64
CA LYS EA 22 -21.27 7.10 -16.27
C LYS EA 22 -22.66 7.72 -16.29
N VAL EA 23 -23.40 7.48 -17.36
CA VAL EA 23 -24.78 7.96 -17.47
C VAL EA 23 -25.57 7.02 -18.38
N CYS EA 24 -26.79 6.68 -17.95
CA CYS EA 24 -27.71 5.85 -18.71
C CYS EA 24 -29.04 6.59 -18.82
N SER EA 25 -29.70 6.43 -19.97
CA SER EA 25 -30.97 7.11 -20.19
C SER EA 25 -31.77 6.37 -21.26
N PRO EA 26 -33.09 6.32 -21.13
CA PRO EA 26 -33.92 5.81 -22.21
C PRO EA 26 -34.22 6.90 -23.23
N TRP EA 27 -34.50 6.47 -24.46
CA TRP EA 27 -34.77 7.39 -25.55
C TRP EA 27 -36.02 6.94 -26.30
N SER EA 28 -36.75 7.91 -26.83
CA SER EA 28 -37.96 7.67 -27.60
C SER EA 28 -38.07 8.70 -28.70
N GLY EA 29 -38.79 8.34 -29.75
CA GLY EA 29 -39.01 9.24 -30.87
C GLY EA 29 -40.17 8.84 -31.75
N THR EA 30 -41.06 9.78 -32.05
CA THR EA 30 -42.25 9.51 -32.85
C THR EA 30 -42.08 10.15 -34.22
N VAL EA 31 -42.05 9.33 -35.26
CA VAL EA 31 -41.94 9.81 -36.63
C VAL EA 31 -43.31 9.80 -37.28
N VAL EA 32 -43.68 10.92 -37.88
CA VAL EA 32 -44.96 11.08 -38.56
C VAL EA 32 -44.78 11.29 -40.06
N ALA EA 33 -44.05 12.33 -40.45
CA ALA EA 33 -43.84 12.61 -41.86
C ALA EA 33 -42.40 12.99 -42.17
N THR EA 34 -41.61 13.28 -41.13
CA THR EA 34 -40.25 13.76 -41.30
C THR EA 34 -39.27 12.89 -40.53
N ALA EA 35 -38.06 12.76 -41.08
CA ALA EA 35 -37.01 12.00 -40.42
C ALA EA 35 -36.56 12.71 -39.15
N ILE EA 36 -36.04 11.93 -38.20
CA ILE EA 36 -35.61 12.44 -36.90
C ILE EA 36 -34.14 12.11 -36.71
N THR EA 37 -33.45 13.01 -36.02
CA THR EA 37 -32.00 12.94 -35.81
C THR EA 37 -31.78 13.03 -34.29
N ASN EA 38 -32.44 12.12 -33.57
CA ASN EA 38 -32.48 12.16 -32.10
C ASN EA 38 -31.10 12.03 -31.48
N VAL EA 39 -30.61 13.09 -30.86
CA VAL EA 39 -29.30 13.08 -30.23
C VAL EA 39 -29.42 12.50 -28.83
N LEU EA 40 -28.57 11.51 -28.52
CA LEU EA 40 -28.60 10.86 -27.22
C LEU EA 40 -27.55 11.39 -26.25
N TYR EA 41 -26.43 11.90 -26.76
CA TYR EA 41 -25.34 12.36 -25.92
C TYR EA 41 -24.54 13.42 -26.66
N ASN EA 42 -24.04 14.41 -25.92
CA ASN EA 42 -23.23 15.46 -26.51
C ASN EA 42 -22.29 16.02 -25.45
N ASN EA 43 -21.20 16.63 -25.92
CA ASN EA 43 -20.19 17.18 -25.03
C ASN EA 43 -19.41 18.26 -25.76
N ASN EA 44 -18.68 19.07 -24.99
CA ASN EA 44 -17.83 20.12 -25.54
C ASN EA 44 -16.36 19.91 -25.17
N ILE EA 45 -15.98 18.68 -24.84
CA ILE EA 45 -14.63 18.36 -24.39
C ILE EA 45 -14.02 17.32 -25.32
N ASN EA 46 -14.33 17.42 -26.61
CA ASN EA 46 -13.98 16.38 -27.58
C ASN EA 46 -12.49 16.07 -27.56
N GLN EA 47 -11.65 17.05 -27.28
CA GLN EA 47 -10.21 16.79 -27.18
C GLN EA 47 -9.93 15.94 -25.95
N ASN EA 48 -9.25 14.81 -26.16
CA ASN EA 48 -8.96 13.86 -25.09
C ASN EA 48 -10.22 13.38 -24.38
N MET EA 49 -11.14 12.80 -25.14
CA MET EA 49 -12.33 12.16 -24.56
C MET EA 49 -12.51 10.78 -25.14
N ILE EA 50 -12.80 9.80 -24.31
CA ILE EA 50 -13.12 8.45 -24.79
C ILE EA 50 -14.40 7.98 -24.11
N GLY EA 51 -15.26 7.33 -24.87
CA GLY EA 51 -16.51 6.83 -24.35
C GLY EA 51 -16.81 5.41 -24.76
N THR EA 52 -17.13 4.55 -23.79
CA THR EA 52 -17.51 3.17 -24.04
C THR EA 52 -18.93 2.94 -23.57
N GLY EA 53 -19.72 2.24 -24.38
CA GLY EA 53 -21.09 1.98 -23.96
C GLY EA 53 -21.88 1.19 -24.97
N PHE EA 54 -23.19 1.30 -24.88
CA PHE EA 54 -24.07 0.59 -25.79
C PHE EA 54 -25.34 1.38 -26.05
N VAL EA 55 -25.97 1.05 -27.17
CA VAL EA 55 -27.28 1.56 -27.56
C VAL EA 55 -28.18 0.36 -27.80
N ARG EA 56 -29.33 0.33 -27.14
CA ARG EA 56 -30.29 -0.77 -27.24
C ARG EA 56 -31.53 -0.31 -27.97
N TYR EA 57 -31.88 -1.01 -29.04
CA TYR EA 57 -33.09 -0.76 -29.82
C TYR EA 57 -34.11 -1.83 -29.42
N ASP EA 58 -35.16 -1.42 -28.73
CA ASP EA 58 -36.13 -2.35 -28.17
C ASP EA 58 -37.34 -2.56 -29.07
N VAL EA 59 -38.08 -1.49 -29.36
CA VAL EA 59 -39.28 -1.57 -30.17
C VAL EA 59 -39.26 -0.45 -31.21
N GLY EA 60 -39.75 -0.76 -32.40
CA GLY EA 60 -39.81 0.20 -33.48
C GLY EA 60 -40.29 -0.40 -34.78
N PRO EA 61 -40.94 0.43 -35.61
CA PRO EA 61 -41.45 -0.08 -36.89
C PRO EA 61 -40.38 -0.58 -37.85
N ALA EA 62 -39.19 0.02 -37.84
CA ALA EA 62 -38.22 -0.25 -38.89
C ALA EA 62 -36.79 -0.12 -38.38
N PRO EA 63 -35.79 -0.57 -39.16
CA PRO EA 63 -34.40 -0.36 -38.76
C PRO EA 63 -34.07 1.12 -38.62
N ILE EA 64 -33.16 1.41 -37.68
CA ILE EA 64 -32.69 2.76 -37.41
C ILE EA 64 -31.20 2.81 -37.65
N THR EA 65 -30.64 4.02 -37.67
CA THR EA 65 -29.20 4.20 -37.86
C THR EA 65 -28.61 4.84 -36.62
N LEU EA 66 -27.43 4.37 -36.22
CA LEU EA 66 -26.68 4.97 -35.12
C LEU EA 66 -25.42 5.62 -35.67
N THR EA 67 -25.28 6.92 -35.45
CA THR EA 67 -24.16 7.69 -36.01
C THR EA 67 -23.43 8.43 -34.91
N VAL EA 68 -22.12 8.60 -35.11
CA VAL EA 68 -21.28 9.35 -34.18
C VAL EA 68 -20.59 10.46 -34.95
N LEU EA 69 -20.66 11.68 -34.41
CA LEU EA 69 -20.18 12.86 -35.11
C LEU EA 69 -19.17 13.62 -34.25
N ASP EA 70 -18.22 14.25 -34.93
CA ASP EA 70 -17.23 15.10 -34.30
C ASP EA 70 -17.65 16.56 -34.42
N ALA EA 71 -16.80 17.45 -33.89
CA ALA EA 71 -17.14 18.87 -33.80
C ALA EA 71 -17.36 19.51 -35.16
N ALA EA 72 -16.77 18.95 -36.22
CA ALA EA 72 -16.92 19.49 -37.56
C ALA EA 72 -18.20 19.02 -38.23
N GLY EA 73 -18.98 18.17 -37.56
CA GLY EA 73 -20.21 17.65 -38.12
C GLY EA 73 -20.06 16.42 -38.98
N ALA EA 74 -18.82 15.96 -39.21
CA ALA EA 74 -18.58 14.78 -40.02
C ALA EA 74 -18.96 13.52 -39.26
N THR EA 75 -19.08 12.42 -39.99
CA THR EA 75 -19.45 11.14 -39.40
C THR EA 75 -18.21 10.31 -39.13
N ILE EA 76 -18.06 9.86 -37.89
CA ILE EA 76 -16.96 8.98 -37.52
C ILE EA 76 -17.34 7.53 -37.74
N ASP EA 77 -18.52 7.12 -37.29
CA ASP EA 77 -18.97 5.75 -37.45
C ASP EA 77 -20.48 5.75 -37.61
N THR EA 78 -20.97 4.85 -38.47
CA THR EA 78 -22.39 4.66 -38.70
C THR EA 78 -22.71 3.18 -38.74
N GLN EA 79 -23.78 2.79 -38.04
CA GLN EA 79 -24.21 1.40 -37.97
C GLN EA 79 -25.71 1.34 -38.13
N THR EA 80 -26.23 0.15 -38.41
CA THR EA 80 -27.65 -0.08 -38.61
C THR EA 80 -28.17 -1.05 -37.56
N LEU EA 81 -29.33 -0.75 -37.00
CA LEU EA 81 -29.92 -1.57 -35.95
C LEU EA 81 -31.35 -1.97 -36.32
N ASN EA 82 -31.72 -3.19 -35.95
CA ASN EA 82 -33.06 -3.73 -36.09
C ASN EA 82 -33.70 -3.86 -34.72
N PRO EA 83 -35.04 -3.83 -34.64
CA PRO EA 83 -35.69 -3.82 -33.32
C PRO EA 83 -35.33 -5.06 -32.49
N GLY EA 84 -35.08 -4.83 -31.21
CA GLY EA 84 -34.79 -5.91 -30.28
C GLY EA 84 -33.33 -6.26 -30.12
N THR EA 85 -32.40 -5.41 -30.56
CA THR EA 85 -30.98 -5.73 -30.51
C THR EA 85 -30.21 -4.64 -29.78
N SER EA 86 -28.89 -4.80 -29.71
CA SER EA 86 -28.00 -3.87 -29.03
C SER EA 86 -26.73 -3.72 -29.83
N ILE EA 87 -26.05 -2.59 -29.64
CA ILE EA 87 -24.75 -2.35 -30.27
C ILE EA 87 -23.81 -1.73 -29.24
N ALA EA 88 -22.63 -2.30 -29.09
CA ALA EA 88 -21.60 -1.79 -28.19
C ALA EA 88 -20.55 -1.02 -28.97
N PHE EA 89 -19.94 -0.04 -28.31
CA PHE EA 89 -19.01 0.85 -28.99
C PHE EA 89 -17.98 1.38 -28.00
N THR EA 90 -16.85 1.81 -28.56
CA THR EA 90 -15.81 2.54 -27.83
C THR EA 90 -15.23 3.56 -28.80
N TYR EA 91 -15.42 4.84 -28.51
CA TYR EA 91 -15.09 5.91 -29.45
C TYR EA 91 -14.22 6.95 -28.77
N ARG EA 92 -13.42 7.65 -29.57
CA ARG EA 92 -12.61 8.76 -29.08
C ARG EA 92 -12.74 9.96 -30.00
N ARG EA 93 -12.60 11.15 -29.42
CA ARG EA 93 -12.64 12.42 -30.14
C ARG EA 93 -13.92 12.55 -30.96
N PHE EA 94 -15.04 12.53 -30.25
CA PHE EA 94 -16.36 12.68 -30.84
C PHE EA 94 -17.13 13.75 -30.10
N VAL EA 95 -18.04 14.41 -30.81
CA VAL EA 95 -18.84 15.47 -30.21
C VAL EA 95 -20.24 14.99 -29.84
N THR EA 96 -20.80 14.02 -30.55
CA THR EA 96 -22.16 13.60 -30.26
C THR EA 96 -22.41 12.20 -30.80
N ILE EA 97 -23.42 11.56 -30.20
CA ILE EA 97 -23.94 10.28 -30.66
C ILE EA 97 -25.44 10.46 -30.88
N GLU EA 98 -25.95 9.95 -31.99
CA GLU EA 98 -27.35 10.17 -32.34
C GLU EA 98 -27.91 8.97 -33.09
N VAL EA 99 -29.24 8.90 -33.11
CA VAL EA 99 -29.96 7.89 -33.86
C VAL EA 99 -30.79 8.59 -34.93
N THR EA 100 -30.64 8.14 -36.17
CA THR EA 100 -31.41 8.64 -37.30
C THR EA 100 -32.57 7.68 -37.54
N LEU EA 101 -33.79 8.21 -37.50
CA LEU EA 101 -35.06 7.54 -37.73
C LEU EA 101 -35.64 7.99 -39.06
N PRO EA 102 -35.80 7.07 -40.02
CA PRO EA 102 -36.30 7.45 -41.33
C PRO EA 102 -37.76 7.87 -41.31
N ALA EA 103 -38.14 8.69 -42.28
CA ALA EA 103 -39.51 9.16 -42.41
C ALA EA 103 -40.40 8.18 -43.15
N ALA EA 104 -39.86 7.04 -43.59
CA ALA EA 104 -40.62 6.06 -44.35
C ALA EA 104 -41.79 5.52 -43.56
N THR EA 105 -41.51 4.88 -42.42
CA THR EA 105 -42.57 4.29 -41.61
C THR EA 105 -42.86 5.17 -40.40
N ALA EA 106 -44.12 5.58 -40.27
CA ALA EA 106 -44.54 6.38 -39.12
C ALA EA 106 -44.78 5.49 -37.91
N GLY EA 107 -44.30 5.93 -36.76
CA GLY EA 107 -44.45 5.15 -35.54
C GLY EA 107 -43.49 5.62 -34.47
N THR EA 108 -43.49 4.89 -33.36
CA THR EA 108 -42.70 5.22 -32.19
C THR EA 108 -41.53 4.26 -32.06
N TYR EA 109 -40.32 4.82 -31.90
CA TYR EA 109 -39.11 4.06 -31.65
C TYR EA 109 -38.69 4.30 -30.21
N GLN EA 110 -38.36 3.22 -29.50
CA GLN EA 110 -37.98 3.31 -28.10
C GLN EA 110 -36.74 2.45 -27.86
N GLY EA 111 -35.93 2.88 -26.91
CA GLY EA 111 -34.72 2.13 -26.60
C GLY EA 111 -34.01 2.72 -25.40
N GLU EA 112 -32.78 2.25 -25.19
CA GLU EA 112 -31.97 2.66 -24.05
C GLU EA 112 -30.56 3.01 -24.51
N PHE EA 113 -29.82 3.71 -23.66
CA PHE EA 113 -28.48 4.15 -24.00
C PHE EA 113 -27.65 4.22 -22.73
N CYS EA 114 -26.47 3.58 -22.73
CA CYS EA 114 -25.54 3.64 -21.61
C CYS EA 114 -24.19 4.09 -22.12
N ILE EA 115 -23.53 5.00 -21.40
CA ILE EA 115 -22.18 5.40 -21.74
C ILE EA 115 -21.39 5.65 -20.47
N THR EA 116 -20.10 5.37 -20.54
CA THR EA 116 -19.14 5.76 -19.52
C THR EA 116 -17.97 6.44 -20.22
N THR EA 117 -17.61 7.63 -19.75
CA THR EA 117 -16.67 8.49 -20.45
C THR EA 117 -15.48 8.82 -19.55
N ARG EA 118 -14.29 8.78 -20.14
CA ARG EA 118 -13.05 9.19 -19.50
C ARG EA 118 -12.50 10.43 -20.17
N TYR EA 119 -12.06 11.37 -19.33
CA TYR EA 119 -11.57 12.67 -19.78
C TYR EA 119 -10.62 13.22 -18.72
N PRO EA 120 -9.72 14.12 -19.09
CA PRO EA 120 -8.79 14.69 -18.10
C PRO EA 120 -9.47 15.79 -17.28
N LEU EA 121 -9.27 15.72 -15.96
CA LEU EA 121 -9.82 16.71 -15.03
C LEU EA 121 -8.79 17.78 -14.71
N SER EA 122 -8.11 18.23 -15.77
CA SER EA 122 -6.96 19.11 -15.65
C SER EA 122 -7.32 20.59 -15.72
N ALA FA 9 14.11 15.18 -16.41
CA ALA FA 9 13.61 16.30 -17.20
C ALA FA 9 14.31 16.37 -18.55
N LEU FA 10 14.91 15.26 -18.97
CA LEU FA 10 15.68 15.22 -20.19
C LEU FA 10 14.87 14.84 -21.42
N THR FA 11 13.62 14.39 -21.23
CA THR FA 11 12.86 13.82 -22.33
C THR FA 11 11.48 14.45 -22.43
N CYS FA 12 11.01 14.65 -23.66
CA CYS FA 12 9.61 14.92 -23.94
C CYS FA 12 8.90 13.65 -24.38
N CYS FA 13 9.27 12.52 -23.79
CA CYS FA 13 8.66 11.21 -24.04
C CYS FA 13 7.65 10.91 -22.94
N PRO FA 14 6.38 11.21 -23.12
CA PRO FA 14 5.40 10.95 -22.06
C PRO FA 14 5.12 9.46 -21.92
N ASP FA 15 4.68 9.09 -20.73
CA ASP FA 15 4.32 7.72 -20.43
C ASP FA 15 3.00 7.35 -21.08
N LYS FA 16 2.81 6.06 -21.30
CA LYS FA 16 1.57 5.52 -21.84
C LYS FA 16 0.73 4.98 -20.70
N ASN FA 17 -0.39 5.65 -20.41
CA ASN FA 17 -1.28 5.28 -19.33
C ASN FA 17 -2.42 4.46 -19.93
N TYR FA 18 -2.34 3.14 -19.79
CA TYR FA 18 -3.34 2.24 -20.35
C TYR FA 18 -4.50 2.09 -19.39
N VAL FA 19 -5.72 2.06 -19.93
CA VAL FA 19 -6.93 1.89 -19.15
C VAL FA 19 -7.78 0.80 -19.77
N GLN FA 20 -8.70 0.29 -18.96
CA GLN FA 20 -9.54 -0.85 -19.32
C GLN FA 20 -11.00 -0.54 -19.04
N ASP FA 21 -11.87 -0.93 -19.97
CA ASP FA 21 -13.31 -0.82 -19.80
C ASP FA 21 -13.96 -2.17 -20.08
N LYS FA 22 -15.23 -2.28 -19.73
CA LYS FA 22 -15.99 -3.52 -19.90
C LYS FA 22 -17.39 -3.20 -20.36
N VAL FA 23 -17.94 -4.03 -21.25
CA VAL FA 23 -19.31 -3.87 -21.69
C VAL FA 23 -19.88 -5.23 -22.10
N CYS FA 24 -21.12 -5.49 -21.69
CA CYS FA 24 -21.84 -6.71 -22.01
C CYS FA 24 -23.19 -6.32 -22.61
N SER FA 25 -23.65 -7.09 -23.58
CA SER FA 25 -24.92 -6.81 -24.24
C SER FA 25 -25.48 -8.07 -24.87
N PRO FA 26 -26.79 -8.25 -24.85
CA PRO FA 26 -27.41 -9.32 -25.63
C PRO FA 26 -27.63 -8.90 -27.07
N TRP FA 27 -27.67 -9.92 -27.95
CA TRP FA 27 -27.86 -9.68 -29.37
C TRP FA 27 -28.92 -10.62 -29.91
N SER FA 28 -29.63 -10.13 -30.93
CA SER FA 28 -30.68 -10.89 -31.58
C SER FA 28 -30.70 -10.53 -33.06
N GLY FA 29 -31.23 -11.46 -33.86
CA GLY FA 29 -31.33 -11.24 -35.29
C GLY FA 29 -32.30 -12.19 -35.97
N THR FA 30 -33.21 -11.64 -36.79
CA THR FA 30 -34.23 -12.43 -37.46
C THR FA 30 -33.90 -12.51 -38.95
N VAL FA 31 -33.65 -13.72 -39.43
CA VAL FA 31 -33.35 -13.95 -40.84
C VAL FA 31 -34.61 -14.45 -41.53
N VAL FA 32 -34.96 -13.82 -42.64
CA VAL FA 32 -36.13 -14.20 -43.43
C VAL FA 32 -35.73 -14.72 -44.81
N ALA FA 33 -35.04 -13.89 -45.59
CA ALA FA 33 -34.64 -14.30 -46.94
C ALA FA 33 -33.19 -13.91 -47.24
N THR FA 34 -32.60 -13.04 -46.42
CA THR FA 34 -31.27 -12.51 -46.66
C THR FA 34 -30.36 -12.75 -45.47
N ALA FA 35 -29.08 -12.96 -45.75
CA ALA FA 35 -28.09 -13.14 -44.71
C ALA FA 35 -27.89 -11.86 -43.92
N ILE FA 36 -27.47 -12.01 -42.66
CA ILE FA 36 -27.30 -10.88 -41.76
C ILE FA 36 -25.86 -10.85 -41.28
N THR FA 37 -25.35 -9.64 -41.07
CA THR FA 37 -23.96 -9.40 -40.71
C THR FA 37 -23.97 -8.55 -39.41
N ASN FA 38 -24.66 -9.10 -38.41
CA ASN FA 38 -24.94 -8.36 -37.18
C ASN FA 38 -23.66 -7.99 -36.44
N VAL FA 39 -23.36 -6.69 -36.37
CA VAL FA 39 -22.17 -6.20 -35.69
C VAL FA 39 -22.46 -6.06 -34.21
N LEU FA 40 -21.60 -6.63 -33.37
CA LEU FA 40 -21.78 -6.57 -31.92
C LEU FA 40 -20.94 -5.51 -31.25
N TYR FA 41 -19.80 -5.14 -31.83
CA TYR FA 41 -18.89 -4.19 -31.23
C TYR FA 41 -18.07 -3.51 -32.32
N ASN FA 42 -17.77 -2.23 -32.12
CA ASN FA 42 -16.97 -1.49 -33.07
C ASN FA 42 -16.25 -0.35 -32.34
N ASN FA 43 -15.15 0.10 -32.93
CA ASN FA 43 -14.33 1.15 -32.34
C ASN FA 43 -13.54 1.86 -33.43
N ASN FA 44 -13.01 3.03 -33.10
CA ASN FA 44 -12.17 3.81 -34.00
C ASN FA 44 -10.76 4.01 -33.44
N ILE FA 45 -10.34 3.16 -32.51
CA ILE FA 45 -9.06 3.28 -31.83
C ILE FA 45 -8.23 2.03 -32.06
N ASN FA 46 -8.35 1.44 -33.25
CA ASN FA 46 -7.76 0.14 -33.55
C ASN FA 46 -6.27 0.09 -33.22
N GLN FA 47 -5.57 1.20 -33.39
CA GLN FA 47 -4.15 1.23 -33.04
C GLN FA 47 -4.00 1.13 -31.52
N ASN FA 48 -3.21 0.15 -31.08
CA ASN FA 48 -3.01 -0.13 -29.65
C ASN FA 48 -4.32 -0.38 -28.93
N MET FA 49 -5.06 -1.38 -29.38
CA MET FA 49 -6.28 -1.82 -28.69
C MET FA 49 -6.25 -3.33 -28.53
N ILE FA 50 -6.59 -3.82 -27.34
CA ILE FA 50 -6.73 -5.26 -27.12
C ILE FA 50 -8.06 -5.53 -26.43
N GLY FA 51 -8.74 -6.58 -26.85
CA GLY FA 51 -10.01 -6.94 -26.27
C GLY FA 51 -10.12 -8.42 -25.95
N THR FA 52 -10.53 -8.74 -24.73
CA THR FA 52 -10.75 -10.11 -24.28
C THR FA 52 -12.21 -10.29 -23.91
N GLY FA 53 -12.81 -11.40 -24.34
CA GLY FA 53 -14.19 -11.62 -23.98
C GLY FA 53 -14.75 -12.91 -24.55
N PHE FA 54 -16.07 -12.95 -24.65
CA PHE FA 54 -16.74 -14.14 -25.16
C PHE FA 54 -18.02 -13.75 -25.91
N VAL FA 55 -18.43 -14.67 -26.78
CA VAL FA 55 -19.70 -14.60 -27.49
C VAL FA 55 -20.45 -15.89 -27.20
N ARG FA 56 -21.69 -15.76 -26.72
CA ARG FA 56 -22.53 -16.91 -26.36
C ARG FA 56 -23.67 -17.03 -27.35
N TYR FA 57 -23.79 -18.21 -27.96
CA TYR FA 57 -24.88 -18.54 -28.86
C TYR FA 57 -25.86 -19.43 -28.09
N ASP FA 58 -27.05 -18.89 -27.80
CA ASP FA 58 -28.01 -19.56 -26.95
C ASP FA 58 -29.05 -20.35 -27.74
N VAL FA 59 -29.81 -19.67 -28.60
CA VAL FA 59 -30.87 -20.31 -29.37
C VAL FA 59 -30.77 -19.83 -30.82
N GLY FA 60 -31.05 -20.75 -31.75
CA GLY FA 60 -31.00 -20.43 -33.15
C GLY FA 60 -31.22 -21.65 -34.04
N PRO FA 61 -31.79 -21.43 -35.22
CA PRO FA 61 -32.07 -22.56 -36.13
C PRO FA 61 -30.82 -23.29 -36.59
N ALA FA 62 -29.70 -22.60 -36.77
CA ALA FA 62 -28.56 -23.19 -37.45
C ALA FA 62 -27.24 -22.63 -36.94
N PRO FA 63 -26.11 -23.25 -37.29
CA PRO FA 63 -24.80 -22.67 -36.91
C PRO FA 63 -24.61 -21.27 -37.48
N ILE FA 64 -23.90 -20.45 -36.74
CA ILE FA 64 -23.58 -19.07 -37.12
C ILE FA 64 -22.07 -18.93 -37.20
N THR FA 65 -21.62 -17.82 -37.77
CA THR FA 65 -20.20 -17.54 -37.89
C THR FA 65 -19.85 -16.31 -37.07
N LEU FA 66 -18.71 -16.34 -36.38
CA LEU FA 66 -18.20 -15.19 -35.65
C LEU FA 66 -16.92 -14.72 -36.32
N THR FA 67 -16.91 -13.46 -36.76
CA THR FA 67 -15.79 -12.91 -37.52
C THR FA 67 -15.30 -11.63 -36.86
N VAL FA 68 -14.00 -11.39 -37.00
CA VAL FA 68 -13.36 -10.18 -36.48
C VAL FA 68 -12.65 -9.47 -37.63
N LEU FA 69 -12.90 -8.17 -37.77
CA LEU FA 69 -12.41 -7.42 -38.90
C LEU FA 69 -11.61 -6.21 -38.45
N ASP FA 70 -10.62 -5.84 -39.26
CA ASP FA 70 -9.81 -4.66 -39.03
C ASP FA 70 -10.32 -3.52 -39.90
N ALA FA 71 -9.63 -2.36 -39.79
CA ALA FA 71 -10.10 -1.15 -40.45
C ALA FA 71 -10.15 -1.28 -41.96
N ALA FA 72 -9.36 -2.19 -42.54
CA ALA FA 72 -9.34 -2.38 -43.98
C ALA FA 72 -10.45 -3.29 -44.46
N GLY FA 73 -11.26 -3.83 -43.54
CA GLY FA 73 -12.35 -4.71 -43.89
C GLY FA 73 -11.96 -6.17 -44.01
N ALA FA 74 -10.69 -6.50 -43.85
CA ALA FA 74 -10.22 -7.88 -43.94
C ALA FA 74 -10.61 -8.65 -42.69
N THR FA 75 -10.54 -9.98 -42.79
CA THR FA 75 -10.89 -10.85 -41.69
C THR FA 75 -9.64 -11.27 -40.93
N ILE FA 76 -9.65 -11.03 -39.62
CA ILE FA 76 -8.56 -11.46 -38.76
C ILE FA 76 -8.78 -12.89 -38.27
N ASP FA 77 -9.98 -13.19 -37.79
CA ASP FA 77 -10.31 -14.51 -37.29
C ASP FA 77 -11.76 -14.82 -37.58
N THR FA 78 -12.03 -16.08 -37.92
CA THR FA 78 -13.38 -16.56 -38.18
C THR FA 78 -13.58 -17.90 -37.50
N GLN FA 79 -14.70 -18.06 -36.81
CA GLN FA 79 -15.03 -19.29 -36.10
C GLN FA 79 -16.49 -19.64 -36.36
N THR FA 80 -16.85 -20.88 -36.07
CA THR FA 80 -18.21 -21.38 -36.26
C THR FA 80 -18.80 -21.79 -34.92
N LEU FA 81 -20.07 -21.44 -34.70
CA LEU FA 81 -20.74 -21.72 -33.45
C LEU FA 81 -22.05 -22.45 -33.71
N ASN FA 82 -22.38 -23.38 -32.83
CA ASN FA 82 -23.64 -24.11 -32.81
C ASN FA 82 -24.49 -23.66 -31.62
N PRO FA 83 -25.81 -23.78 -31.70
CA PRO FA 83 -26.66 -23.25 -30.62
C PRO FA 83 -26.33 -23.86 -29.27
N GLY FA 84 -26.30 -23.02 -28.24
CA GLY FA 84 -26.08 -23.46 -26.88
C GLY FA 84 -24.63 -23.48 -26.43
N THR FA 85 -23.72 -22.82 -27.13
CA THR FA 85 -22.31 -22.87 -26.80
C THR FA 85 -21.75 -21.45 -26.63
N SER FA 86 -20.45 -21.38 -26.36
CA SER FA 86 -19.76 -20.11 -26.16
C SER FA 86 -18.38 -20.18 -26.79
N ILE FA 87 -17.83 -19.01 -27.12
CA ILE FA 87 -16.47 -18.92 -27.65
C ILE FA 87 -15.77 -17.75 -26.97
N ALA FA 88 -14.57 -18.02 -26.45
CA ALA FA 88 -13.74 -16.99 -25.83
C ALA FA 88 -12.65 -16.54 -26.78
N PHE FA 89 -12.22 -15.29 -26.63
CA PHE FA 89 -11.27 -14.72 -27.56
C PHE FA 89 -10.46 -13.63 -26.88
N THR FA 90 -9.28 -13.37 -27.47
CA THR FA 90 -8.44 -12.23 -27.10
C THR FA 90 -7.79 -11.72 -28.37
N TYR FA 91 -8.13 -10.50 -28.78
CA TYR FA 91 -7.74 -9.98 -30.09
C TYR FA 91 -7.07 -8.63 -29.94
N ARG FA 92 -6.21 -8.29 -30.89
CA ARG FA 92 -5.57 -6.98 -30.93
C ARG FA 92 -5.67 -6.40 -32.33
N ARG FA 93 -5.70 -5.07 -32.40
CA ARG FA 93 -5.73 -4.32 -33.66
C ARG FA 93 -6.87 -4.79 -34.56
N PHE FA 94 -8.09 -4.63 -34.04
CA PHE FA 94 -9.30 -4.98 -34.76
C PHE FA 94 -10.26 -3.80 -34.71
N VAL FA 95 -11.10 -3.70 -35.75
CA VAL FA 95 -12.06 -2.61 -35.83
C VAL FA 95 -13.46 -3.05 -35.42
N THR FA 96 -13.82 -4.33 -35.60
CA THR FA 96 -15.18 -4.74 -35.28
C THR FA 96 -15.24 -6.25 -35.07
N ILE FA 97 -16.27 -6.66 -34.34
CA ILE FA 97 -16.62 -8.07 -34.15
C ILE FA 97 -18.07 -8.23 -34.58
N GLU FA 98 -18.35 -9.28 -35.34
CA GLU FA 98 -19.69 -9.45 -35.89
C GLU FA 98 -20.03 -10.93 -36.00
N VAL FA 99 -21.33 -11.20 -36.11
CA VAL FA 99 -21.85 -12.55 -36.33
C VAL FA 99 -22.56 -12.56 -37.68
N THR FA 100 -22.17 -13.52 -38.52
CA THR FA 100 -22.80 -13.74 -39.81
C THR FA 100 -23.82 -14.86 -39.65
N LEU FA 101 -25.07 -14.56 -40.00
CA LEU FA 101 -26.24 -15.43 -39.99
C LEU FA 101 -26.64 -15.77 -41.42
N PRO FA 102 -26.57 -17.05 -41.81
CA PRO FA 102 -26.88 -17.42 -43.18
C PRO FA 102 -28.36 -17.25 -43.50
N ALA FA 103 -28.64 -17.08 -44.80
CA ALA FA 103 -30.00 -16.92 -45.28
C ALA FA 103 -30.69 -18.26 -45.51
N ALA FA 104 -30.01 -19.37 -45.27
CA ALA FA 104 -30.56 -20.70 -45.52
C ALA FA 104 -31.80 -20.96 -44.68
N THR FA 105 -31.65 -20.93 -43.36
CA THR FA 105 -32.78 -21.19 -42.47
C THR FA 105 -33.32 -19.90 -41.88
N ALA FA 106 -34.61 -19.66 -42.09
CA ALA FA 106 -35.26 -18.49 -41.54
C ALA FA 106 -35.62 -18.70 -40.08
N GLY FA 107 -35.35 -17.70 -39.26
CA GLY FA 107 -35.65 -17.81 -37.85
C GLY FA 107 -34.89 -16.75 -37.05
N THR FA 108 -35.02 -16.86 -35.74
CA THR FA 108 -34.44 -15.90 -34.81
C THR FA 108 -33.23 -16.49 -34.11
N TYR FA 109 -32.12 -15.76 -34.13
CA TYR FA 109 -30.90 -16.11 -33.42
C TYR FA 109 -30.73 -15.15 -32.25
N GLN FA 110 -30.43 -15.70 -31.08
CA GLN FA 110 -30.28 -14.90 -29.88
C GLN FA 110 -29.04 -15.35 -29.12
N GLY FA 111 -28.42 -14.41 -28.42
CA GLY FA 111 -27.23 -14.72 -27.67
C GLY FA 111 -26.75 -13.54 -26.86
N GLU FA 112 -25.54 -13.67 -26.32
CA GLU FA 112 -24.96 -12.65 -25.46
C GLU FA 112 -23.52 -12.37 -25.90
N PHE FA 113 -22.98 -11.23 -25.44
CA PHE FA 113 -21.63 -10.84 -25.81
C PHE FA 113 -21.02 -10.04 -24.67
N CYS FA 114 -19.82 -10.43 -24.25
CA CYS FA 114 -19.08 -9.70 -23.22
C CYS FA 114 -17.70 -9.36 -23.75
N ILE FA 115 -17.24 -8.14 -23.51
CA ILE FA 115 -15.89 -7.76 -23.87
C ILE FA 115 -15.33 -6.81 -22.82
N THR FA 116 -14.02 -6.90 -22.61
CA THR FA 116 -13.27 -5.93 -21.83
C THR FA 116 -12.07 -5.52 -22.66
N THR FA 117 -11.87 -4.21 -22.80
CA THR FA 117 -10.90 -3.65 -23.74
C THR FA 117 -9.90 -2.77 -23.02
N ARG FA 118 -8.64 -2.91 -23.40
CA ARG FA 118 -7.55 -2.08 -22.91
C ARG FA 118 -7.00 -1.23 -24.05
N TYR FA 119 -6.77 0.04 -23.75
CA TYR FA 119 -6.32 1.01 -24.73
C TYR FA 119 -5.59 2.14 -23.99
N PRO FA 120 -4.71 2.87 -24.67
CA PRO FA 120 -4.00 3.98 -24.02
C PRO FA 120 -4.88 5.22 -23.91
N LEU FA 121 -4.89 5.83 -22.72
CA LEU FA 121 -5.66 7.04 -22.46
C LEU FA 121 -4.76 8.27 -22.61
N SER FA 122 -3.95 8.26 -23.65
CA SER FA 122 -2.91 9.27 -23.79
C SER FA 122 -3.29 10.36 -24.78
N ALA GA 9 18.29 8.51 -20.59
CA ALA GA 9 17.82 9.01 -21.87
C ALA GA 9 18.71 8.53 -23.01
N LEU GA 10 19.46 7.46 -22.75
CA LEU GA 10 20.42 6.95 -23.73
C LEU GA 10 19.83 5.90 -24.67
N THR GA 11 18.61 5.42 -24.40
CA THR GA 11 18.08 4.29 -25.14
C THR GA 11 16.69 4.61 -25.67
N CYS GA 12 16.40 4.11 -26.88
CA CYS GA 12 15.04 4.01 -27.41
C CYS GA 12 14.50 2.59 -27.21
N CYS GA 13 14.88 1.95 -26.11
CA CYS GA 13 14.41 0.61 -25.74
C CYS GA 13 13.28 0.75 -24.73
N PRO GA 14 12.02 0.73 -25.18
CA PRO GA 14 10.91 0.87 -24.23
C PRO GA 14 10.73 -0.39 -23.39
N ASP GA 15 10.13 -0.20 -22.21
CA ASP GA 15 9.85 -1.30 -21.31
C ASP GA 15 8.67 -2.12 -21.82
N LYS GA 16 8.63 -3.38 -21.39
CA LYS GA 16 7.53 -4.28 -21.71
C LYS GA 16 6.56 -4.32 -20.54
N ASN GA 17 5.38 -3.76 -20.74
CA ASN GA 17 4.35 -3.69 -19.70
C ASN GA 17 3.38 -4.85 -19.93
N TYR GA 18 3.55 -5.92 -19.15
CA TYR GA 18 2.72 -7.12 -19.29
C TYR GA 18 1.43 -6.95 -18.49
N VAL GA 19 0.33 -7.41 -19.07
CA VAL GA 19 -0.98 -7.35 -18.42
C VAL GA 19 -1.64 -8.71 -18.50
N GLN GA 20 -2.63 -8.91 -17.64
CA GLN GA 20 -3.31 -10.18 -17.47
C GLN GA 20 -4.81 -9.99 -17.52
N ASP GA 21 -5.50 -10.90 -18.21
CA ASP GA 21 -6.96 -10.93 -18.27
C ASP GA 21 -7.44 -12.32 -17.90
N LYS GA 22 -8.74 -12.43 -17.66
CA LYS GA 22 -9.36 -13.70 -17.28
C LYS GA 22 -10.70 -13.85 -17.98
N VAL GA 23 -11.03 -15.07 -18.37
CA VAL GA 23 -12.34 -15.35 -18.98
C VAL GA 23 -12.71 -16.80 -18.71
N CYS GA 24 -13.98 -17.01 -18.34
CA CYS GA 24 -14.55 -18.32 -18.10
C CYS GA 24 -15.81 -18.47 -18.93
N SER GA 25 -16.05 -19.67 -19.43
CA SER GA 25 -17.22 -19.91 -20.27
C SER GA 25 -17.57 -21.40 -20.25
N PRO GA 26 -18.86 -21.73 -20.27
CA PRO GA 26 -19.26 -23.12 -20.46
C PRO GA 26 -19.29 -23.49 -21.95
N TRP GA 27 -19.11 -24.78 -22.20
CA TRP GA 27 -19.09 -25.30 -23.56
C TRP GA 27 -19.98 -26.52 -23.67
N SER GA 28 -20.56 -26.70 -24.86
CA SER GA 28 -21.44 -27.80 -25.15
C SER GA 28 -21.25 -28.21 -26.60
N GLY GA 29 -21.57 -29.47 -26.89
CA GLY GA 29 -21.47 -29.99 -28.24
C GLY GA 29 -22.25 -31.27 -28.45
N THR GA 30 -23.05 -31.33 -29.51
CA THR GA 30 -23.90 -32.48 -29.81
C THR GA 30 -23.33 -33.21 -31.02
N VAL GA 31 -22.91 -34.45 -30.81
CA VAL GA 31 -22.38 -35.28 -31.89
C VAL GA 31 -23.46 -36.24 -32.35
N VAL GA 32 -23.69 -36.28 -33.66
CA VAL GA 32 -24.69 -37.15 -34.27
C VAL GA 32 -24.04 -38.20 -35.17
N ALA GA 33 -23.30 -37.76 -36.18
CA ALA GA 33 -22.66 -38.70 -37.09
C ALA GA 33 -21.22 -38.30 -37.41
N THR GA 34 -20.85 -37.07 -37.08
CA THR GA 34 -19.53 -36.54 -37.42
C THR GA 34 -18.82 -36.04 -36.18
N ALA GA 35 -17.48 -36.18 -36.20
CA ALA GA 35 -16.65 -35.69 -35.11
C ALA GA 35 -16.68 -34.17 -35.05
N ILE GA 36 -16.45 -33.63 -33.85
CA ILE GA 36 -16.52 -32.19 -33.60
C ILE GA 36 -15.16 -31.73 -33.07
N THR GA 37 -14.79 -30.51 -33.43
CA THR GA 37 -13.50 -29.92 -33.11
C THR GA 37 -13.79 -28.59 -32.41
N ASN GA 38 -14.58 -28.66 -31.34
CA ASN GA 38 -15.10 -27.47 -30.67
C ASN GA 38 -13.99 -26.61 -30.09
N VAL GA 39 -13.81 -25.42 -30.64
CA VAL GA 39 -12.77 -24.50 -30.18
C VAL GA 39 -13.30 -23.70 -29.00
N LEU GA 40 -12.54 -23.68 -27.91
CA LEU GA 40 -12.95 -22.96 -26.70
C LEU GA 40 -12.31 -21.59 -26.57
N TYR GA 41 -11.12 -21.38 -27.15
CA TYR GA 41 -10.40 -20.13 -27.01
C TYR GA 41 -9.48 -19.96 -28.20
N ASN GA 42 -9.31 -18.71 -28.63
CA ASN GA 42 -8.43 -18.40 -29.75
C ASN GA 42 -7.92 -16.97 -29.61
N ASN GA 43 -6.79 -16.70 -30.25
CA ASN GA 43 -6.16 -15.39 -30.17
C ASN GA 43 -5.26 -15.20 -31.38
N ASN GA 44 -4.87 -13.94 -31.62
CA ASN GA 44 -3.96 -13.58 -32.71
C ASN GA 44 -2.69 -12.93 -32.18
N ILE GA 45 -2.35 -13.16 -30.91
CA ILE GA 45 -1.20 -12.54 -30.28
C ILE GA 45 -0.25 -13.61 -29.76
N ASN GA 46 -0.14 -14.71 -30.52
CA ASN GA 46 0.59 -15.90 -30.06
C ASN GA 46 2.01 -15.57 -29.61
N GLN GA 47 2.65 -14.59 -30.24
CA GLN GA 47 3.98 -14.19 -29.81
C GLN GA 47 3.90 -13.53 -28.44
N ASN GA 48 4.68 -14.05 -27.49
CA ASN GA 48 4.69 -13.58 -26.11
C ASN GA 48 3.30 -13.63 -25.48
N MET GA 49 2.71 -14.83 -25.45
CA MET GA 49 1.44 -15.05 -24.76
C MET GA 49 1.56 -16.28 -23.87
N ILE GA 50 1.07 -16.18 -22.64
CA ILE GA 50 1.02 -17.34 -21.75
C ILE GA 50 -0.38 -17.43 -21.14
N GLY GA 51 -0.90 -18.64 -21.05
CA GLY GA 51 -2.22 -18.86 -20.50
C GLY GA 51 -2.26 -20.00 -19.50
N THR GA 52 -2.83 -19.75 -18.33
CA THR GA 52 -3.00 -20.75 -17.29
C THR GA 52 -4.49 -20.94 -17.02
N GLY GA 53 -4.92 -22.19 -16.89
CA GLY GA 53 -6.33 -22.41 -16.62
C GLY GA 53 -6.69 -23.87 -16.52
N PHE GA 54 -7.97 -24.16 -16.71
CA PHE GA 54 -8.45 -25.53 -16.63
C PHE GA 54 -9.62 -25.74 -17.60
N VAL GA 55 -9.82 -27.01 -17.93
CA VAL GA 55 -10.97 -27.47 -18.70
C VAL GA 55 -11.65 -28.55 -17.88
N ARG GA 56 -12.96 -28.39 -17.65
CA ARG GA 56 -13.75 -29.32 -16.86
C ARG GA 56 -14.72 -30.08 -17.76
N TYR GA 57 -14.64 -31.40 -17.72
CA TYR GA 57 -15.56 -32.29 -18.44
C TYR GA 57 -16.57 -32.82 -17.44
N ASP GA 58 -17.82 -32.39 -17.56
CA ASP GA 58 -18.86 -32.70 -16.59
C ASP GA 58 -19.68 -33.92 -16.99
N VAL GA 59 -20.36 -33.85 -18.14
CA VAL GA 59 -21.23 -34.92 -18.60
C VAL GA 59 -20.94 -35.20 -20.06
N GLY GA 60 -20.99 -36.47 -20.45
CA GLY GA 60 -20.76 -36.87 -21.81
C GLY GA 60 -20.75 -38.37 -21.99
N PRO GA 61 -21.14 -38.83 -23.17
CA PRO GA 61 -21.18 -40.28 -23.44
C PRO GA 61 -19.83 -40.97 -23.34
N ALA GA 62 -18.75 -40.29 -23.73
CA ALA GA 62 -17.47 -40.97 -23.92
C ALA GA 62 -16.30 -40.04 -23.62
N PRO GA 63 -15.07 -40.58 -23.51
CA PRO GA 63 -13.90 -39.72 -23.34
C PRO GA 63 -13.74 -38.75 -24.51
N ILE GA 64 -13.20 -37.57 -24.20
CA ILE GA 64 -12.94 -36.52 -25.19
C ILE GA 64 -11.45 -36.22 -25.18
N THR GA 65 -11.01 -35.46 -26.17
CA THR GA 65 -9.60 -35.08 -26.26
C THR GA 65 -9.49 -33.56 -26.14
N LEU GA 66 -8.48 -33.10 -25.42
CA LEU GA 66 -8.17 -31.68 -25.31
C LEU GA 66 -6.84 -31.41 -26.01
N THR GA 67 -6.86 -30.53 -27.00
CA THR GA 67 -5.68 -30.26 -27.82
C THR GA 67 -5.40 -28.77 -27.84
N VAL GA 68 -4.12 -28.43 -27.94
CA VAL GA 68 -3.67 -27.04 -28.04
C VAL GA 68 -2.85 -26.88 -29.30
N LEU GA 69 -3.17 -25.87 -30.09
CA LEU GA 69 -2.57 -25.68 -31.41
C LEU GA 69 -1.95 -24.30 -31.52
N ASP GA 70 -0.88 -24.23 -32.31
CA ASP GA 70 -0.20 -22.98 -32.62
C ASP GA 70 -0.65 -22.47 -33.99
N ALA GA 71 -0.09 -21.35 -34.40
CA ALA GA 71 -0.54 -20.66 -35.61
C ALA GA 71 -0.34 -21.52 -36.86
N ALA GA 72 0.60 -22.45 -36.83
CA ALA GA 72 0.86 -23.32 -37.98
C ALA GA 72 -0.10 -24.50 -38.04
N GLY GA 73 -1.00 -24.63 -37.07
CA GLY GA 73 -1.94 -25.73 -37.03
C GLY GA 73 -1.43 -27.00 -36.37
N ALA GA 74 -0.16 -27.02 -35.96
CA ALA GA 74 0.41 -28.19 -35.31
C ALA GA 74 -0.11 -28.31 -33.88
N THR GA 75 0.09 -29.50 -33.32
CA THR GA 75 -0.37 -29.78 -31.95
C THR GA 75 0.78 -29.59 -30.97
N ILE GA 76 0.54 -28.76 -29.96
CA ILE GA 76 1.51 -28.55 -28.89
C ILE GA 76 1.33 -29.59 -27.78
N ASP GA 77 0.09 -29.79 -27.35
CA ASP GA 77 -0.19 -30.74 -26.29
C ASP GA 77 -1.56 -31.36 -26.53
N THR GA 78 -1.68 -32.64 -26.22
CA THR GA 78 -2.93 -33.38 -26.34
C THR GA 78 -3.12 -34.25 -25.11
N GLN GA 79 -4.32 -34.22 -24.55
CA GLN GA 79 -4.66 -34.99 -23.35
C GLN GA 79 -6.04 -35.62 -23.55
N THR GA 80 -6.34 -36.61 -22.72
CA THR GA 80 -7.61 -37.32 -22.78
C THR GA 80 -8.36 -37.13 -21.48
N LEU GA 81 -9.67 -36.90 -21.58
CA LEU GA 81 -10.51 -36.65 -20.42
C LEU GA 81 -11.71 -37.59 -20.42
N ASN GA 82 -12.09 -38.02 -19.22
CA ASN GA 82 -13.27 -38.82 -18.96
C ASN GA 82 -14.33 -37.99 -18.25
N PRO GA 83 -15.61 -38.32 -18.38
CA PRO GA 83 -16.66 -37.47 -17.81
C PRO GA 83 -16.50 -37.30 -16.30
N GLY GA 84 -16.70 -36.07 -15.83
CA GLY GA 84 -16.65 -35.76 -14.42
C GLY GA 84 -15.31 -35.36 -13.87
N THR GA 85 -14.35 -34.99 -14.71
CA THR GA 85 -13.01 -34.66 -14.26
C THR GA 85 -12.59 -33.28 -14.76
N SER GA 86 -11.36 -32.90 -14.44
CA SER GA 86 -10.81 -31.60 -14.83
C SER GA 86 -9.34 -31.77 -15.21
N ILE GA 87 -8.85 -30.85 -16.02
CA ILE GA 87 -7.44 -30.82 -16.39
C ILE GA 87 -6.94 -29.38 -16.31
N ALA GA 88 -5.82 -29.18 -15.62
CA ALA GA 88 -5.18 -27.88 -15.50
C ALA GA 88 -3.98 -27.79 -16.44
N PHE GA 89 -3.70 -26.57 -16.89
CA PHE GA 89 -2.65 -26.39 -17.89
C PHE GA 89 -2.04 -25.00 -17.76
N THR GA 90 -0.81 -24.88 -18.28
CA THR GA 90 -0.13 -23.60 -18.43
C THR GA 90 0.67 -23.69 -19.73
N TYR GA 91 0.31 -22.88 -20.72
CA TYR GA 91 0.85 -22.99 -22.07
C TYR GA 91 1.39 -21.65 -22.53
N ARG GA 92 2.35 -21.69 -23.45
CA ARG GA 92 2.88 -20.49 -24.07
C ARG GA 92 2.98 -20.67 -25.58
N ARG GA 93 2.84 -19.56 -26.30
CA ARG GA 93 2.95 -19.52 -27.76
C ARG GA 93 2.00 -20.52 -28.42
N PHE GA 94 0.71 -20.31 -28.16
CA PHE GA 94 -0.34 -21.13 -28.72
C PHE GA 94 -1.39 -20.23 -29.37
N VAL GA 95 -2.05 -20.76 -30.39
CA VAL GA 95 -3.08 -20.00 -31.10
C VAL GA 95 -4.49 -20.39 -30.66
N THR GA 96 -4.71 -21.62 -30.23
CA THR GA 96 -6.07 -22.02 -29.87
C THR GA 96 -6.04 -23.24 -28.95
N ILE GA 97 -7.13 -23.40 -28.22
CA ILE GA 97 -7.40 -24.57 -27.39
C ILE GA 97 -8.75 -25.13 -27.81
N GLU GA 98 -8.82 -26.45 -27.98
CA GLU GA 98 -10.05 -27.05 -28.50
C GLU GA 98 -10.26 -28.42 -27.90
N VAL GA 99 -11.49 -28.90 -27.99
CA VAL GA 99 -11.87 -30.24 -27.56
C VAL GA 99 -12.35 -31.01 -28.79
N THR GA 100 -11.77 -32.19 -29.00
CA THR GA 100 -12.17 -33.09 -30.07
C THR GA 100 -13.11 -34.13 -29.47
N LEU GA 101 -14.31 -34.21 -30.05
CA LEU GA 101 -15.39 -35.13 -29.72
C LEU GA 101 -15.53 -36.17 -30.83
N PRO GA 102 -15.32 -37.45 -30.53
CA PRO GA 102 -15.37 -38.48 -31.55
C PRO GA 102 -16.79 -38.71 -32.06
N ALA GA 103 -16.88 -39.22 -33.29
CA ALA GA 103 -18.16 -39.51 -33.91
C ALA GA 103 -18.70 -40.87 -33.52
N ALA GA 104 -17.97 -41.63 -32.70
CA ALA GA 104 -18.37 -42.97 -32.31
C ALA GA 104 -19.71 -42.96 -31.57
N THR GA 105 -19.76 -42.29 -30.44
CA THR GA 105 -20.99 -42.25 -29.65
C THR GA 105 -21.71 -40.94 -29.84
N ALA GA 106 -22.98 -41.02 -30.26
CA ALA GA 106 -23.79 -39.82 -30.43
C ALA GA 106 -24.36 -39.37 -29.09
N GLY GA 107 -24.31 -38.07 -28.85
CA GLY GA 107 -24.81 -37.52 -27.61
C GLY GA 107 -24.27 -36.13 -27.38
N THR GA 108 -24.59 -35.60 -26.19
CA THR GA 108 -24.24 -34.24 -25.83
C THR GA 108 -23.11 -34.24 -24.80
N TYR GA 109 -22.07 -33.45 -25.08
CA TYR GA 109 -20.96 -33.25 -24.17
C TYR GA 109 -21.04 -31.83 -23.62
N GLN GA 110 -20.90 -31.69 -22.30
CA GLN GA 110 -20.99 -30.40 -21.64
C GLN GA 110 -19.86 -30.25 -20.65
N GLY GA 111 -19.42 -29.01 -20.46
CA GLY GA 111 -18.34 -28.75 -19.53
C GLY GA 111 -18.09 -27.26 -19.38
N GLU GA 112 -16.98 -26.95 -18.73
CA GLU GA 112 -16.61 -25.56 -18.43
C GLU GA 112 -15.15 -25.33 -18.81
N PHE GA 113 -14.78 -24.05 -18.92
CA PHE GA 113 -13.43 -23.68 -19.31
C PHE GA 113 -13.06 -22.36 -18.66
N CYS GA 114 -11.92 -22.32 -17.99
CA CYS GA 114 -11.40 -21.08 -17.38
C CYS GA 114 -9.99 -20.85 -17.88
N ILE GA 115 -9.67 -19.62 -18.24
CA ILE GA 115 -8.32 -19.26 -18.60
C ILE GA 115 -8.00 -17.86 -18.11
N THR GA 116 -6.73 -17.65 -17.75
CA THR GA 116 -6.19 -16.33 -17.48
C THR GA 116 -4.91 -16.19 -18.28
N THR GA 117 -4.79 -15.10 -19.04
CA THR GA 117 -3.74 -14.93 -20.03
C THR GA 117 -2.94 -13.66 -19.75
N ARG GA 118 -1.62 -13.79 -19.88
CA ARG GA 118 -0.69 -12.68 -19.77
C ARG GA 118 -0.05 -12.42 -21.11
N TYR GA 119 0.04 -11.14 -21.46
CA TYR GA 119 0.57 -10.70 -22.75
C TYR GA 119 1.07 -9.27 -22.60
N PRO GA 120 1.99 -8.83 -23.47
CA PRO GA 120 2.51 -7.45 -23.38
C PRO GA 120 1.53 -6.46 -23.98
N LEU GA 121 1.28 -5.37 -23.27
CA LEU GA 121 0.39 -4.30 -23.71
C LEU GA 121 1.20 -3.19 -24.36
N SER GA 122 2.16 -3.58 -25.19
CA SER GA 122 3.12 -2.64 -25.72
C SER GA 122 2.88 -2.34 -27.19
N ALA HA 9 23.50 1.35 -20.46
CA ALA HA 9 23.21 1.11 -21.86
C ALA HA 9 24.30 0.28 -22.52
N LEU HA 10 25.09 -0.42 -21.69
CA LEU HA 10 26.21 -1.19 -22.19
C LEU HA 10 25.87 -2.63 -22.54
N THR HA 11 24.66 -3.09 -22.20
CA THR HA 11 24.35 -4.51 -22.33
C THR HA 11 23.04 -4.69 -23.08
N CYS HA 12 22.98 -5.73 -23.90
CA CYS HA 12 21.73 -6.27 -24.44
C CYS HA 12 21.28 -7.49 -23.63
N CYS HA 13 21.53 -7.46 -22.32
CA CYS HA 13 21.12 -8.51 -21.39
C CYS HA 13 19.83 -8.08 -20.69
N PRO HA 14 18.67 -8.49 -21.18
CA PRO HA 14 17.42 -8.07 -20.55
C PRO HA 14 17.21 -8.78 -19.22
N ASP HA 15 16.43 -8.15 -18.35
CA ASP HA 15 16.09 -8.70 -17.06
C ASP HA 15 15.08 -9.83 -17.21
N LYS HA 16 15.06 -10.72 -16.21
CA LYS HA 16 14.10 -11.82 -16.15
C LYS HA 16 12.97 -11.42 -15.22
N ASN HA 17 11.78 -11.21 -15.78
CA ASN HA 17 10.61 -10.81 -15.02
C ASN HA 17 9.79 -12.06 -14.74
N TYR HA 18 9.91 -12.59 -13.52
CA TYR HA 18 9.21 -13.80 -13.13
C TYR HA 18 7.81 -13.47 -12.64
N VAL HA 19 6.84 -14.31 -13.03
CA VAL HA 19 5.46 -14.14 -12.63
C VAL HA 19 4.93 -15.46 -12.08
N GLN HA 20 3.84 -15.35 -11.33
CA GLN HA 20 3.23 -16.47 -10.63
C GLN HA 20 1.74 -16.54 -10.91
N ASP HA 21 1.25 -17.76 -11.13
CA ASP HA 21 -0.17 -18.03 -11.30
C ASP HA 21 -0.59 -19.13 -10.34
N LYS HA 22 -1.91 -19.30 -10.20
CA LYS HA 22 -2.47 -20.31 -9.30
C LYS HA 22 -3.67 -20.96 -9.97
N VAL HA 23 -3.84 -22.25 -9.75
CA VAL HA 23 -5.00 -22.97 -10.26
C VAL HA 23 -5.31 -24.15 -9.33
N CYS HA 24 -6.60 -24.35 -9.05
CA CYS HA 24 -7.09 -25.44 -8.24
C CYS HA 24 -8.19 -26.16 -9.01
N SER HA 25 -8.26 -27.48 -8.87
CA SER HA 25 -9.26 -28.25 -9.58
C SER HA 25 -9.49 -29.58 -8.88
N PRO HA 26 -10.72 -30.07 -8.85
CA PRO HA 26 -10.99 -31.43 -8.37
C PRO HA 26 -10.75 -32.46 -9.46
N TRP HA 27 -10.43 -33.68 -9.03
CA TRP HA 27 -10.15 -34.76 -9.95
C TRP HA 27 -10.92 -36.01 -9.53
N SER HA 28 -11.29 -36.81 -10.52
CA SER HA 28 -12.02 -38.04 -10.32
C SER HA 28 -11.58 -39.06 -11.34
N GLY HA 29 -11.75 -40.34 -10.99
CA GLY HA 29 -11.39 -41.41 -11.90
C GLY HA 29 -12.03 -42.74 -11.54
N THR HA 30 -12.65 -43.41 -12.50
CA THR HA 30 -13.34 -44.67 -12.27
C THR HA 30 -12.54 -45.80 -12.89
N VAL HA 31 -12.06 -46.72 -12.06
CA VAL HA 31 -11.31 -47.87 -12.53
C VAL HA 31 -12.23 -49.08 -12.56
N VAL HA 32 -12.24 -49.78 -13.70
CA VAL HA 32 -13.07 -50.97 -13.89
C VAL HA 32 -12.21 -52.22 -14.08
N ALA HA 33 -11.35 -52.21 -15.10
CA ALA HA 33 -10.50 -53.37 -15.37
C ALA HA 33 -9.07 -52.97 -15.70
N THR HA 34 -8.85 -51.69 -15.98
CA THR HA 34 -7.55 -51.20 -16.41
C THR HA 34 -7.07 -50.07 -15.51
N ALA HA 35 -5.74 -50.01 -15.34
CA ALA HA 35 -5.13 -48.94 -14.55
C ALA HA 35 -5.30 -47.60 -15.26
N ILE HA 36 -5.30 -46.53 -14.46
CA ILE HA 36 -5.51 -45.18 -14.97
C ILE HA 36 -4.31 -44.32 -14.61
N THR HA 37 -3.98 -43.38 -15.49
CA THR HA 37 -2.80 -42.53 -15.37
C THR HA 37 -3.30 -41.08 -15.46
N ASN HA 38 -4.25 -40.76 -14.58
CA ASN HA 38 -4.95 -39.48 -14.62
C ASN HA 38 -4.01 -38.29 -14.45
N VAL HA 39 -3.84 -37.49 -15.50
CA VAL HA 39 -2.97 -36.33 -15.46
C VAL HA 39 -3.74 -35.14 -14.87
N LEU HA 40 -3.16 -34.49 -13.87
CA LEU HA 40 -3.80 -33.36 -13.22
C LEU HA 40 -3.30 -32.01 -13.73
N TYR HA 41 -2.06 -31.94 -14.21
CA TYR HA 41 -1.47 -30.68 -14.63
C TYR HA 41 -0.39 -30.97 -15.67
N ASN HA 42 -0.26 -30.08 -16.64
CA ASN HA 42 0.76 -30.21 -17.67
C ASN HA 42 1.13 -28.84 -18.21
N ASN HA 43 2.32 -28.74 -18.78
CA ASN HA 43 2.83 -27.47 -19.30
C ASN HA 43 3.89 -27.75 -20.35
N ASN HA 44 4.21 -26.73 -21.14
CA ASN HA 44 5.24 -26.81 -22.16
C ASN HA 44 6.37 -25.81 -21.91
N ILE HA 45 6.51 -25.35 -20.67
CA ILE HA 45 7.49 -24.33 -20.31
C ILE HA 45 8.44 -24.88 -19.24
N ASN HA 46 8.75 -26.18 -19.35
CA ASN HA 46 9.49 -26.88 -18.30
C ASN HA 46 10.79 -26.18 -17.94
N GLN HA 47 11.44 -25.54 -18.90
CA GLN HA 47 12.65 -24.79 -18.60
C GLN HA 47 12.31 -23.57 -17.74
N ASN HA 48 12.97 -23.45 -16.59
CA ASN HA 48 12.72 -22.38 -15.64
C ASN HA 48 11.26 -22.34 -15.20
N MET HA 49 10.77 -23.44 -14.64
CA MET HA 49 9.43 -23.48 -14.05
C MET HA 49 9.51 -24.10 -12.67
N ILE HA 50 8.83 -23.50 -11.70
CA ILE HA 50 8.73 -24.09 -10.37
C ILE HA 50 7.27 -24.08 -9.93
N GLY HA 51 6.83 -25.16 -9.30
CA GLY HA 51 5.47 -25.27 -8.84
C GLY HA 51 5.36 -25.79 -7.43
N THR HA 52 4.60 -25.09 -6.59
CA THR HA 52 4.34 -25.49 -5.22
C THR HA 52 2.86 -25.74 -5.04
N GLY HA 53 2.50 -26.82 -4.35
CA GLY HA 53 1.10 -27.09 -4.14
C GLY HA 53 0.85 -28.36 -3.37
N PHE HA 54 -0.38 -28.88 -3.52
CA PHE HA 54 -0.75 -30.11 -2.82
C PHE HA 54 -1.73 -30.91 -3.66
N VAL HA 55 -1.78 -32.20 -3.35
CA VAL HA 55 -2.75 -33.15 -3.90
C VAL HA 55 -3.46 -33.79 -2.71
N ARG HA 56 -4.79 -33.73 -2.73
CA ARG HA 56 -5.62 -34.26 -1.65
C ARG HA 56 -6.38 -35.49 -2.15
N TYR HA 57 -6.20 -36.61 -1.45
CA TYR HA 57 -6.92 -37.85 -1.73
C TYR HA 57 -8.03 -37.99 -0.70
N ASP HA 58 -9.28 -37.85 -1.14
CA ASP HA 58 -10.43 -37.81 -0.24
C ASP HA 58 -11.08 -39.17 -0.07
N VAL HA 59 -11.57 -39.76 -1.16
CA VAL HA 59 -12.28 -41.03 -1.12
C VAL HA 59 -11.74 -41.93 -2.22
N GLY HA 60 -11.64 -43.22 -1.93
CA GLY HA 60 -11.16 -44.18 -2.88
C GLY HA 60 -11.00 -45.57 -2.29
N PRO HA 61 -11.17 -46.60 -3.13
CA PRO HA 61 -11.05 -47.98 -2.64
C PRO HA 61 -9.67 -48.34 -2.10
N ALA HA 62 -8.61 -47.77 -2.66
CA ALA HA 62 -7.27 -48.27 -2.36
C ALA HA 62 -6.23 -47.16 -2.44
N PRO HA 63 -5.01 -47.39 -1.96
CA PRO HA 63 -3.94 -46.39 -2.13
C PRO HA 63 -3.67 -46.09 -3.60
N ILE HA 64 -3.29 -44.84 -3.87
CA ILE HA 64 -2.96 -44.37 -5.21
C ILE HA 64 -1.52 -43.89 -5.21
N THR HA 65 -0.98 -43.64 -6.40
CA THR HA 65 0.38 -43.15 -6.53
C THR HA 65 0.35 -41.76 -7.16
N LEU HA 66 1.20 -40.87 -6.67
CA LEU HA 66 1.38 -39.55 -7.24
C LEU HA 66 2.77 -39.45 -7.85
N THR HA 67 2.83 -39.17 -9.15
CA THR HA 67 4.10 -39.15 -9.88
C THR HA 67 4.26 -37.83 -10.60
N VAL HA 68 5.51 -37.40 -10.73
CA VAL HA 68 5.86 -36.18 -11.46
C VAL HA 68 6.86 -36.53 -12.54
N LEU HA 69 6.58 -36.07 -13.77
CA LEU HA 69 7.36 -36.46 -14.93
C LEU HA 69 7.89 -35.23 -15.66
N ASP HA 70 9.06 -35.38 -16.26
CA ASP HA 70 9.67 -34.35 -17.09
C ASP HA 70 9.40 -34.64 -18.56
N ALA HA 71 9.93 -33.77 -19.42
CA ALA HA 71 9.62 -33.84 -20.85
C ALA HA 71 10.07 -35.13 -21.49
N ALA HA 72 11.07 -35.81 -20.91
CA ALA HA 72 11.58 -37.06 -21.45
C ALA HA 72 10.74 -38.26 -21.01
N GLY HA 73 9.72 -38.02 -20.19
CA GLY HA 73 8.87 -39.10 -19.71
C GLY HA 73 9.37 -39.80 -18.47
N ALA HA 74 10.55 -39.44 -17.97
CA ALA HA 74 11.10 -40.05 -16.78
C ALA HA 74 10.38 -39.56 -15.53
N THR HA 75 10.57 -40.28 -14.43
CA THR HA 75 9.94 -39.95 -13.17
C THR HA 75 10.90 -39.14 -12.31
N ILE HA 76 10.44 -37.97 -11.87
CA ILE HA 76 11.22 -37.15 -10.95
C ILE HA 76 10.94 -37.54 -9.50
N ASP HA 77 9.67 -37.67 -9.14
CA ASP HA 77 9.31 -38.04 -7.78
C ASP HA 77 8.05 -38.88 -7.82
N THR HA 78 7.98 -39.87 -6.93
CA THR HA 78 6.82 -40.75 -6.79
C THR HA 78 6.51 -40.94 -5.31
N GLN HA 79 5.24 -40.82 -4.96
CA GLN HA 79 4.79 -40.96 -3.59
C GLN HA 79 3.51 -41.80 -3.58
N THR HA 80 3.16 -42.31 -2.39
CA THR HA 80 1.98 -43.14 -2.21
C THR HA 80 1.02 -42.45 -1.26
N LEU HA 81 -0.27 -42.50 -1.59
CA LEU HA 81 -1.30 -41.84 -0.80
C LEU HA 81 -2.40 -42.83 -0.45
N ASN HA 82 -2.95 -42.69 0.76
CA ASN HA 82 -4.08 -43.43 1.27
C ASN HA 82 -5.30 -42.52 1.37
N PRO HA 83 -6.51 -43.06 1.30
CA PRO HA 83 -7.70 -42.20 1.27
C PRO HA 83 -7.79 -41.31 2.51
N GLY HA 84 -8.16 -40.05 2.28
CA GLY HA 84 -8.36 -39.09 3.36
C GLY HA 84 -7.14 -38.29 3.76
N THR HA 85 -6.10 -38.23 2.94
CA THR HA 85 -4.87 -37.54 3.31
C THR HA 85 -4.50 -36.52 2.23
N SER HA 86 -3.36 -35.86 2.44
CA SER HA 86 -2.86 -34.84 1.51
C SER HA 86 -1.35 -34.96 1.42
N ILE HA 87 -0.81 -34.46 0.30
CA ILE HA 87 0.64 -34.42 0.11
C ILE HA 87 1.01 -33.06 -0.49
N ALA HA 88 1.98 -32.39 0.12
CA ALA HA 88 2.49 -31.11 -0.37
C ALA HA 88 3.80 -31.32 -1.09
N PHE HA 89 4.06 -30.44 -2.06
CA PHE HA 89 5.23 -30.61 -2.91
C PHE HA 89 5.70 -29.25 -3.43
N THR HA 90 6.98 -29.22 -3.82
CA THR HA 90 7.57 -28.09 -4.52
C THR HA 90 8.57 -28.66 -5.52
N TYR HA 91 8.30 -28.49 -6.81
CA TYR HA 91 9.06 -29.16 -7.86
C TYR HA 91 9.55 -28.15 -8.88
N ARG HA 92 10.65 -28.47 -9.56
CA ARG HA 92 11.18 -27.65 -10.63
C ARG HA 92 11.51 -28.52 -11.83
N ARG HA 93 11.41 -27.92 -13.02
CA ARG HA 93 11.73 -28.57 -14.29
C ARG HA 93 10.98 -29.89 -14.46
N PHE HA 94 9.66 -29.78 -14.47
CA PHE HA 94 8.77 -30.91 -14.65
C PHE HA 94 7.78 -30.59 -15.75
N VAL HA 95 7.32 -31.64 -16.44
CA VAL HA 95 6.36 -31.47 -17.53
C VAL HA 95 4.94 -31.79 -17.09
N THR HA 96 4.74 -32.68 -16.13
CA THR HA 96 3.39 -33.06 -15.75
C THR HA 96 3.37 -33.67 -14.36
N ILE HA 97 2.19 -33.62 -13.74
CA ILE HA 97 1.90 -34.27 -12.49
C ILE HA 97 0.68 -35.16 -12.71
N GLU HA 98 0.72 -36.39 -12.22
CA GLU HA 98 -0.35 -37.33 -12.48
C GLU HA 98 -0.53 -38.26 -11.29
N VAL HA 99 -1.70 -38.91 -11.26
CA VAL HA 99 -2.03 -39.91 -10.27
C VAL HA 99 -2.26 -41.24 -10.99
N THR HA 100 -1.56 -42.27 -10.53
CA THR HA 100 -1.71 -43.62 -11.05
C THR HA 100 -2.65 -44.38 -10.11
N LEU HA 101 -3.73 -44.90 -10.69
CA LEU HA 101 -4.78 -45.70 -10.06
C LEU HA 101 -4.66 -47.15 -10.51
N PRO HA 102 -4.39 -48.07 -9.60
CA PRO HA 102 -4.21 -49.47 -9.99
C PRO HA 102 -5.51 -50.11 -10.45
N ALA HA 103 -5.36 -51.15 -11.26
CA ALA HA 103 -6.50 -51.89 -11.79
C ALA HA 103 -6.99 -52.97 -10.82
N ALA HA 104 -6.34 -53.12 -9.67
CA ALA HA 104 -6.70 -54.15 -8.71
C ALA HA 104 -8.11 -54.00 -8.21
N THR HA 105 -8.41 -52.86 -7.56
CA THR HA 105 -9.74 -52.64 -7.01
C THR HA 105 -10.53 -51.70 -7.90
N ALA HA 106 -11.70 -52.15 -8.35
CA ALA HA 106 -12.57 -51.31 -9.16
C ALA HA 106 -13.37 -50.36 -8.29
N GLY HA 107 -13.47 -49.11 -8.72
CA GLY HA 107 -14.19 -48.12 -7.96
C GLY HA 107 -13.81 -46.72 -8.40
N THR HA 108 -14.35 -45.74 -7.67
CA THR HA 108 -14.16 -44.34 -7.99
C THR HA 108 -13.22 -43.68 -6.99
N TYR HA 109 -12.22 -42.99 -7.52
CA TYR HA 109 -11.28 -42.21 -6.73
C TYR HA 109 -11.56 -40.74 -6.96
N GLN HA 110 -11.63 -39.96 -5.88
CA GLN HA 110 -11.93 -38.55 -5.96
C GLN HA 110 -10.98 -37.77 -5.07
N GLY HA 111 -10.67 -36.54 -5.47
CA GLY HA 111 -9.78 -35.72 -4.70
C GLY HA 111 -9.67 -34.32 -5.26
N GLU HA 112 -8.70 -33.57 -4.75
CA GLU HA 112 -8.49 -32.18 -5.15
C GLU HA 112 -7.02 -31.94 -5.45
N PHE HA 113 -6.74 -30.84 -6.14
CA PHE HA 113 -5.37 -30.51 -6.53
C PHE HA 113 -5.22 -29.00 -6.58
N CYS HA 114 -4.20 -28.47 -5.91
CA CYS HA 114 -3.89 -27.05 -5.95
C CYS HA 114 -2.44 -26.87 -6.35
N ILE HA 115 -2.17 -25.93 -7.24
CA ILE HA 115 -0.80 -25.60 -7.61
C ILE HA 115 -0.68 -24.10 -7.83
N THR HA 116 0.50 -23.57 -7.52
CA THR HA 116 0.88 -22.21 -7.88
C THR HA 116 2.26 -22.30 -8.52
N THR HA 117 2.41 -21.70 -9.70
CA THR HA 117 3.58 -21.87 -10.54
C THR HA 117 4.23 -20.52 -10.83
N ARG HA 118 5.56 -20.50 -10.76
CA ARG HA 118 6.37 -19.35 -11.11
C ARG HA 118 7.19 -19.68 -12.35
N TYR HA 119 7.24 -18.72 -13.28
CA TYR HA 119 7.92 -18.88 -14.55
C TYR HA 119 8.28 -17.50 -15.08
N PRO HA 120 9.28 -17.40 -15.96
CA PRO HA 120 9.66 -16.09 -16.51
C PRO HA 120 8.71 -15.67 -17.62
N LEU HA 121 8.28 -14.41 -17.56
CA LEU HA 121 7.39 -13.83 -18.57
C LEU HA 121 8.19 -13.05 -19.60
N SER HA 122 9.33 -13.60 -20.00
CA SER HA 122 10.29 -12.84 -20.79
C SER HA 122 10.30 -13.30 -22.24
N ALA IA 9 29.25 -4.01 -16.23
CA ALA IA 9 29.19 -4.93 -17.37
C ALA IA 9 30.43 -5.80 -17.40
N LEU IA 10 31.13 -5.89 -16.28
CA LEU IA 10 32.38 -6.64 -16.22
C LEU IA 10 32.20 -8.10 -15.85
N THR IA 11 31.01 -8.52 -15.45
CA THR IA 11 30.81 -9.85 -14.89
C THR IA 11 29.66 -10.56 -15.58
N CYS IA 12 29.81 -11.86 -15.78
CA CYS IA 12 28.71 -12.77 -16.09
C CYS IA 12 28.23 -13.49 -14.84
N CYS IA 13 28.27 -12.81 -13.70
CA CYS IA 13 27.80 -13.34 -12.42
C CYS IA 13 26.40 -12.82 -12.15
N PRO IA 14 25.36 -13.56 -12.49
CA PRO IA 14 23.99 -13.08 -12.26
C PRO IA 14 23.64 -13.09 -10.78
N ASP IA 15 22.68 -12.24 -10.43
CA ASP IA 15 22.18 -12.15 -9.07
C ASP IA 15 21.30 -13.35 -8.74
N LYS IA 16 21.20 -13.66 -7.45
CA LYS IA 16 20.33 -14.71 -6.94
C LYS IA 16 19.05 -14.08 -6.44
N ASN IA 17 17.95 -14.34 -7.15
CA ASN IA 17 16.64 -13.79 -6.80
C ASN IA 17 15.88 -14.86 -6.03
N TYR IA 18 15.85 -14.72 -4.70
CA TYR IA 18 15.21 -15.69 -3.83
C TYR IA 18 13.72 -15.37 -3.71
N VAL IA 19 12.89 -16.42 -3.72
CA VAL IA 19 11.45 -16.28 -3.60
C VAL IA 19 10.95 -17.23 -2.53
N GLN IA 20 9.75 -16.94 -2.04
CA GLN IA 20 9.13 -17.66 -0.94
C GLN IA 20 7.71 -18.07 -1.30
N ASP IA 21 7.36 -19.30 -0.93
CA ASP IA 21 6.01 -19.82 -1.09
C ASP IA 21 5.52 -20.38 0.24
N LYS IA 22 4.22 -20.65 0.31
CA LYS IA 22 3.61 -21.17 1.53
C LYS IA 22 2.58 -22.22 1.17
N VAL IA 23 2.47 -23.26 1.98
CA VAL IA 23 1.47 -24.31 1.78
C VAL IA 23 1.11 -24.93 3.12
N CYS IA 24 -0.19 -25.14 3.34
CA CYS IA 24 -0.72 -25.78 4.54
C CYS IA 24 -1.63 -26.92 4.12
N SER IA 25 -1.61 -28.01 4.88
CA SER IA 25 -2.42 -29.17 4.54
C SER IA 25 -2.66 -30.01 5.80
N PRO IA 26 -3.84 -30.59 5.93
CA PRO IA 26 -4.07 -31.58 6.99
C PRO IA 26 -3.58 -32.97 6.58
N TRP IA 27 -3.25 -33.77 7.57
CA TRP IA 27 -2.75 -35.11 7.34
C TRP IA 27 -3.47 -36.09 8.24
N SER IA 28 -3.62 -37.32 7.74
CA SER IA 28 -4.28 -38.40 8.46
C SER IA 28 -3.60 -39.71 8.12
N GLY IA 29 -3.72 -40.68 9.03
CA GLY IA 29 -3.15 -41.99 8.82
C GLY IA 29 -3.74 -43.05 9.72
N THR IA 30 -4.14 -44.18 9.15
CA THR IA 30 -4.77 -45.26 9.92
C THR IA 30 -3.79 -46.43 10.00
N VAL IA 31 -3.38 -46.76 11.23
CA VAL IA 31 -2.47 -47.88 11.46
C VAL IA 31 -3.28 -49.07 11.94
N VAL IA 32 -3.07 -50.21 11.30
CA VAL IA 32 -3.75 -51.46 11.63
C VAL IA 32 -2.78 -52.51 12.16
N ALA IA 33 -1.78 -52.87 11.37
CA ALA IA 33 -0.82 -53.88 11.79
C ALA IA 33 0.62 -53.48 11.44
N THR IA 34 0.79 -52.48 10.60
CA THR IA 34 2.09 -52.08 10.10
C THR IA 34 2.34 -50.59 10.37
N ALA IA 35 3.60 -50.26 10.62
CA ALA IA 35 4.00 -48.88 10.85
C ALA IA 35 3.84 -48.07 9.55
N ILE IA 36 3.64 -46.77 9.72
CA ILE IA 36 3.41 -45.87 8.59
C ILE IA 36 4.47 -44.79 8.61
N THR IA 37 4.85 -44.34 7.41
CA THR IA 37 5.94 -43.38 7.20
C THR IA 37 5.35 -42.23 6.37
N ASN IA 38 4.25 -41.66 6.87
CA ASN IA 38 3.47 -40.69 6.13
C ASN IA 38 4.27 -39.44 5.79
N VAL IA 39 4.54 -39.22 4.51
CA VAL IA 39 5.31 -38.06 4.06
C VAL IA 39 4.37 -36.88 3.91
N LEU IA 40 4.73 -35.75 4.50
CA LEU IA 40 3.90 -34.55 4.44
C LEU IA 40 4.38 -33.55 3.39
N TYR IA 41 5.66 -33.54 3.07
CA TYR IA 41 6.21 -32.57 2.13
C TYR IA 41 7.47 -33.16 1.49
N ASN IA 42 7.67 -32.82 0.22
CA ASN IA 42 8.85 -33.28 -0.50
C ASN IA 42 9.18 -32.30 -1.61
N ASN IA 43 10.44 -32.32 -2.03
CA ASN IA 43 10.92 -31.40 -3.06
C ASN IA 43 12.15 -32.00 -3.73
N ASN IA 44 12.51 -31.44 -4.88
CA ASN IA 44 13.70 -31.84 -5.63
C ASN IA 44 14.68 -30.70 -5.80
N ILE IA 45 14.61 -29.69 -4.94
CA ILE IA 45 15.44 -28.50 -5.02
C ILE IA 45 16.24 -28.33 -3.74
N ASN IA 46 16.67 -29.45 -3.16
CA ASN IA 46 17.29 -29.45 -1.83
C ASN IA 46 18.46 -28.48 -1.74
N GLN IA 47 19.19 -28.29 -2.83
CA GLN IA 47 20.29 -27.33 -2.81
C GLN IA 47 19.72 -25.91 -2.71
N ASN IA 48 20.19 -25.16 -1.71
CA ASN IA 48 19.71 -23.81 -1.44
C ASN IA 48 18.20 -23.78 -1.21
N MET IA 49 17.72 -24.54 -0.23
CA MET IA 49 16.31 -24.49 0.16
C MET IA 49 16.22 -24.35 1.67
N ILE IA 50 15.35 -23.47 2.15
CA ILE IA 50 15.09 -23.35 3.57
C ILE IA 50 13.59 -23.34 3.81
N GLY IA 51 13.14 -24.05 4.84
CA GLY IA 51 11.74 -24.12 5.16
C GLY IA 51 11.45 -23.90 6.62
N THR IA 52 10.51 -23.01 6.92
CA THR IA 52 10.07 -22.73 8.29
C THR IA 52 8.61 -23.08 8.43
N GLY IA 53 8.24 -23.74 9.52
CA GLY IA 53 6.84 -24.07 9.69
C GLY IA 53 6.57 -24.84 10.96
N PHE IA 54 5.43 -25.54 10.97
CA PHE IA 54 5.04 -26.32 12.13
C PHE IA 54 4.28 -27.56 11.72
N VAL IA 55 4.28 -28.53 12.62
CA VAL IA 55 3.47 -29.75 12.51
C VAL IA 55 2.64 -29.85 13.78
N ARG IA 56 1.32 -30.00 13.61
CA ARG IA 56 0.39 -30.07 14.72
C ARG IA 56 -0.18 -31.48 14.82
N TYR IA 57 -0.04 -32.09 15.99
CA TYR IA 57 -0.60 -33.40 16.30
C TYR IA 57 -1.85 -33.18 17.15
N ASP IA 58 -3.03 -33.45 16.57
CA ASP IA 58 -4.29 -33.15 17.21
C ASP IA 58 -4.86 -34.35 17.97
N VAL IA 59 -5.13 -35.45 17.27
CA VAL IA 59 -5.73 -36.64 17.87
C VAL IA 59 -4.96 -37.86 17.41
N GLY IA 60 -4.80 -38.83 18.31
CA GLY IA 60 -4.10 -40.05 18.00
C GLY IA 60 -3.93 -40.95 19.21
N PRO IA 61 -3.90 -42.26 18.98
CA PRO IA 61 -3.74 -43.21 20.09
C PRO IA 61 -2.45 -43.06 20.87
N ALA IA 62 -1.36 -42.68 20.21
CA ALA IA 62 -0.04 -42.78 20.85
C ALA IA 62 0.90 -41.70 20.33
N PRO IA 63 2.06 -41.50 20.97
CA PRO IA 63 3.06 -40.56 20.44
C PRO IA 63 3.52 -40.97 19.06
N ILE IA 64 3.84 -39.95 18.24
CA ILE IA 64 4.33 -40.14 16.89
C ILE IA 64 5.72 -39.51 16.79
N THR IA 65 6.41 -39.80 15.69
CA THR IA 65 7.74 -39.25 15.46
C THR IA 65 7.71 -38.34 14.23
N LEU IA 66 8.40 -37.21 14.30
CA LEU IA 66 8.55 -36.32 13.16
C LEU IA 66 10.00 -36.32 12.73
N THR IA 67 10.26 -36.69 11.48
CA THR IA 67 11.61 -36.84 10.97
C THR IA 67 11.78 -36.02 9.71
N VAL IA 68 13.00 -35.52 9.50
CA VAL IA 68 13.37 -34.76 8.30
C VAL IA 68 14.55 -35.44 7.64
N LEU IA 69 14.43 -35.67 6.33
CA LEU IA 69 15.41 -36.45 5.59
C LEU IA 69 15.94 -35.65 4.41
N ASP IA 70 17.21 -35.91 4.08
CA ASP IA 70 17.86 -35.33 2.91
C ASP IA 70 17.84 -36.32 1.75
N ALA IA 71 18.43 -35.90 0.63
CA ALA IA 71 18.35 -36.68 -0.60
C ALA IA 71 19.00 -38.05 -0.47
N ALA IA 72 19.94 -38.20 0.47
CA ALA IA 72 20.62 -39.48 0.66
C ALA IA 72 19.82 -40.43 1.54
N GLY IA 73 18.66 -39.98 2.04
CA GLY IA 73 17.84 -40.81 2.90
C GLY IA 73 18.19 -40.75 4.37
N ALA IA 74 19.24 -40.04 4.73
CA ALA IA 74 19.66 -39.92 6.12
C ALA IA 74 18.71 -38.99 6.89
N THR IA 75 18.79 -39.07 8.22
CA THR IA 75 17.94 -38.26 9.07
C THR IA 75 18.68 -37.01 9.52
N ILE IA 76 18.08 -35.85 9.29
CA ILE IA 76 18.64 -34.59 9.75
C ILE IA 76 18.17 -34.28 11.17
N ASP IA 77 16.87 -34.41 11.42
CA ASP IA 77 16.33 -34.13 12.75
C ASP IA 77 15.16 -35.06 13.00
N THR IA 78 15.04 -35.50 14.26
CA THR IA 78 13.95 -36.36 14.69
C THR IA 78 13.42 -35.86 16.03
N GLN IA 79 12.11 -35.77 16.15
CA GLN IA 79 11.45 -35.30 17.36
C GLN IA 79 10.26 -36.21 17.66
N THR IA 80 9.77 -36.13 18.90
CA THR IA 80 8.64 -36.94 19.34
C THR IA 80 7.49 -36.02 19.74
N LEU IA 81 6.27 -36.42 19.35
CA LEU IA 81 5.09 -35.61 19.61
C LEU IA 81 4.02 -36.46 20.29
N ASN IA 82 3.30 -35.83 21.22
CA ASN IA 82 2.16 -36.40 21.91
C ASN IA 82 0.88 -35.73 21.43
N PRO IA 83 -0.27 -36.41 21.50
CA PRO IA 83 -1.50 -35.84 20.95
C PRO IA 83 -1.85 -34.50 21.56
N GLY IA 84 -2.28 -33.56 20.72
CA GLY IA 84 -2.72 -32.25 21.16
C GLY IA 84 -1.65 -31.19 21.23
N THR IA 85 -0.49 -31.38 20.59
CA THR IA 85 0.60 -30.43 20.69
C THR IA 85 1.06 -30.01 19.30
N SER IA 86 2.10 -29.18 19.26
CA SER IA 86 2.65 -28.65 18.02
C SER IA 86 4.17 -28.59 18.13
N ILE IA 87 4.84 -28.62 16.98
CA ILE IA 87 6.29 -28.46 16.93
C ILE IA 87 6.64 -27.52 15.79
N ALA IA 88 7.46 -26.51 16.07
CA ALA IA 88 7.92 -25.56 15.08
C ALA IA 88 9.35 -25.89 14.67
N PHE IA 89 9.69 -25.56 13.43
CA PHE IA 89 10.99 -25.95 12.89
C PHE IA 89 11.43 -24.95 11.82
N THR IA 90 12.75 -24.93 11.59
CA THR IA 90 13.35 -24.19 10.49
C THR IA 90 14.54 -25.02 10.01
N TYR IA 91 14.45 -25.53 8.78
CA TYR IA 91 15.41 -26.50 8.27
C TYR IA 91 15.98 -26.03 6.94
N ARG IA 92 17.19 -26.49 6.63
CA ARG IA 92 17.81 -26.22 5.34
C ARG IA 92 18.40 -27.50 4.77
N ARG IA 93 18.44 -27.56 3.44
CA ARG IA 93 19.01 -28.68 2.68
C ARG IA 93 18.39 -30.01 3.12
N PHE IA 94 17.09 -30.10 2.92
CA PHE IA 94 16.32 -31.30 3.24
C PHE IA 94 15.49 -31.70 2.03
N VAL IA 95 15.23 -33.00 1.90
CA VAL IA 95 14.44 -33.51 0.79
C VAL IA 95 12.99 -33.79 1.18
N THR IA 96 12.72 -34.12 2.44
CA THR IA 96 11.36 -34.46 2.81
C THR IA 96 11.18 -34.33 4.31
N ILE IA 97 9.91 -34.16 4.70
CA ILE IA 97 9.48 -34.17 6.09
C ILE IA 97 8.38 -35.21 6.21
N GLU IA 98 8.44 -36.04 7.26
CA GLU IA 98 7.50 -37.14 7.38
C GLU IA 98 7.21 -37.41 8.85
N VAL IA 99 6.10 -38.11 9.08
CA VAL IA 99 5.69 -38.56 10.40
C VAL IA 99 5.69 -40.09 10.41
N THR IA 100 6.38 -40.67 11.38
CA THR IA 100 6.42 -42.10 11.60
C THR IA 100 5.41 -42.44 12.68
N LEU IA 101 4.47 -43.33 12.33
CA LEU IA 101 3.40 -43.87 13.16
C LEU IA 101 3.70 -45.33 13.50
N PRO IA 102 3.89 -45.66 14.78
CA PRO IA 102 4.24 -47.03 15.14
C PRO IA 102 3.09 -47.99 14.93
N ALA IA 103 3.44 -49.26 14.75
CA ALA IA 103 2.45 -50.31 14.55
C ALA IA 103 1.91 -50.86 15.87
N ALA IA 104 2.39 -50.35 17.00
CA ALA IA 104 1.97 -50.84 18.31
C ALA IA 104 0.47 -50.65 18.53
N THR IA 105 0.00 -49.41 18.49
CA THR IA 105 -1.41 -49.15 18.73
C THR IA 105 -2.13 -48.86 17.42
N ALA IA 106 -3.18 -49.63 17.14
CA ALA IA 106 -3.97 -49.44 15.94
C ALA IA 106 -4.97 -48.30 16.15
N GLY IA 107 -5.09 -47.44 15.16
CA GLY IA 107 -6.00 -46.32 15.25
C GLY IA 107 -5.67 -45.26 14.22
N THR IA 108 -6.38 -44.14 14.31
CA THR IA 108 -6.27 -43.05 13.36
C THR IA 108 -5.53 -41.87 14.00
N TYR IA 109 -4.52 -41.38 13.30
CA TYR IA 109 -3.78 -40.19 13.68
C TYR IA 109 -4.13 -39.06 12.73
N GLN IA 110 -4.43 -37.89 13.29
CA GLN IA 110 -4.83 -36.74 12.49
C GLN IA 110 -4.09 -35.50 12.97
N GLY IA 111 -3.82 -34.59 12.04
CA GLY IA 111 -3.12 -33.37 12.39
C GLY IA 111 -3.04 -32.42 11.23
N GLU IA 112 -2.21 -31.39 11.39
CA GLU IA 112 -2.06 -30.34 10.39
C GLU IA 112 -0.58 -30.07 10.16
N PHE IA 113 -0.28 -29.40 9.04
CA PHE IA 113 1.09 -29.10 8.68
C PHE IA 113 1.14 -27.80 7.89
N CYS IA 114 2.01 -26.88 8.32
CA CYS IA 114 2.20 -25.61 7.61
C CYS IA 114 3.68 -25.45 7.33
N ILE IA 115 4.01 -25.02 6.12
CA ILE IA 115 5.40 -24.71 5.77
C ILE IA 115 5.43 -23.50 4.85
N THR IA 116 6.50 -22.72 4.98
CA THR IA 116 6.84 -21.66 4.03
C THR IA 116 8.30 -21.85 3.67
N THR IA 117 8.57 -21.86 2.36
CA THR IA 117 9.87 -22.24 1.84
C THR IA 117 10.46 -21.13 0.98
N ARG IA 118 11.75 -20.88 1.16
CA ARG IA 118 12.51 -19.94 0.36
C ARG IA 118 13.55 -20.70 -0.46
N TYR IA 119 13.66 -20.30 -1.73
CA TYR IA 119 14.53 -20.96 -2.69
C TYR IA 119 14.87 -19.95 -3.79
N PRO IA 120 15.99 -20.14 -4.50
CA PRO IA 120 16.35 -19.22 -5.58
C PRO IA 120 15.56 -19.52 -6.84
N LEU IA 121 15.01 -18.46 -7.46
CA LEU IA 121 14.25 -18.57 -8.70
C LEU IA 121 15.15 -18.28 -9.90
N SER IA 122 16.30 -18.95 -9.88
CA SER IA 122 17.40 -18.75 -10.81
C SER IA 122 17.33 -19.69 -12.02
N ALA JA 9 34.61 -5.83 -9.44
CA ALA JA 9 34.81 -7.17 -9.96
C ALA JA 9 36.11 -7.77 -9.44
N LEU JA 10 36.63 -7.21 -8.36
CA LEU JA 10 37.90 -7.64 -7.81
C LEU JA 10 37.79 -8.75 -6.78
N THR JA 11 36.58 -9.09 -6.34
CA THR JA 11 36.42 -10.01 -5.22
C THR JA 11 35.43 -11.12 -5.57
N CYS JA 12 35.72 -12.32 -5.09
CA CYS JA 12 34.75 -13.41 -5.03
C CYS JA 12 34.15 -13.51 -3.63
N CYS JA 13 33.95 -12.36 -2.98
CA CYS JA 13 33.33 -12.28 -1.65
C CYS JA 13 31.87 -11.89 -1.82
N PRO JA 14 30.95 -12.87 -1.85
CA PRO JA 14 29.53 -12.54 -2.03
C PRO JA 14 28.95 -11.89 -0.78
N ASP JA 15 27.89 -11.13 -0.99
CA ASP JA 15 27.18 -10.47 0.10
C ASP JA 15 26.35 -11.47 0.89
N LYS JA 16 26.08 -11.13 2.14
CA LYS JA 16 25.23 -11.93 3.01
C LYS JA 16 23.83 -11.33 3.00
N ASN JA 17 22.87 -12.05 2.41
CA ASN JA 17 21.50 -11.61 2.31
C ASN JA 17 20.71 -12.26 3.45
N TYR JA 18 20.46 -11.52 4.51
CA TYR JA 18 19.76 -12.03 5.68
C TYR JA 18 18.26 -11.91 5.47
N VAL JA 19 17.52 -12.95 5.90
CA VAL JA 19 16.08 -12.98 5.80
C VAL JA 19 15.50 -13.37 7.15
N GLN JA 20 14.20 -13.06 7.30
CA GLN JA 20 13.49 -13.24 8.55
C GLN JA 20 12.17 -13.98 8.31
N ASP JA 21 11.87 -14.91 9.20
CA ASP JA 21 10.61 -15.64 9.19
C ASP JA 21 9.96 -15.55 10.57
N LYS JA 22 8.69 -15.95 10.64
CA LYS JA 22 7.94 -15.89 11.88
C LYS JA 22 7.07 -17.14 11.98
N VAL JA 23 6.91 -17.66 13.20
CA VAL JA 23 6.03 -18.80 13.44
C VAL JA 23 5.53 -18.75 14.88
N CYS JA 24 4.23 -19.01 15.04
CA CYS JA 24 3.57 -19.07 16.34
C CYS JA 24 2.83 -20.40 16.45
N SER JA 25 2.81 -20.97 17.65
CA SER JA 25 2.16 -22.25 17.86
C SER JA 25 1.80 -22.41 19.33
N PRO JA 26 0.66 -23.03 19.62
CA PRO JA 26 0.34 -23.41 21.00
C PRO JA 26 1.01 -24.73 21.37
N TRP JA 27 1.23 -24.89 22.67
CA TRP JA 27 1.87 -26.09 23.18
C TRP JA 27 1.09 -26.62 24.39
N SER JA 28 1.13 -27.94 24.54
CA SER JA 28 0.45 -28.62 25.63
C SER JA 28 1.27 -29.83 26.06
N GLY JA 29 1.08 -30.24 27.30
CA GLY JA 29 1.79 -31.39 27.83
C GLY JA 29 1.16 -31.96 29.08
N THR JA 30 0.93 -33.27 29.12
CA THR JA 30 0.29 -33.93 30.24
C THR JA 30 1.32 -34.75 30.99
N VAL JA 31 1.57 -34.39 32.25
CA VAL JA 31 2.50 -35.11 33.10
C VAL JA 31 1.73 -36.04 34.03
N VAL JA 32 2.13 -37.31 34.06
CA VAL JA 32 1.50 -38.31 34.90
C VAL JA 32 2.46 -38.82 35.98
N ALA JA 33 3.60 -39.37 35.57
CA ALA JA 33 4.56 -39.90 36.52
C ALA JA 33 5.99 -39.51 36.17
N THR JA 34 6.21 -39.02 34.96
CA THR JA 34 7.55 -38.72 34.46
C THR JA 34 7.63 -37.27 33.98
N ALA JA 35 8.81 -36.68 34.16
CA ALA JA 35 9.06 -35.33 33.69
C ALA JA 35 9.04 -35.28 32.17
N ILE JA 36 8.71 -34.09 31.64
CA ILE JA 36 8.59 -33.89 30.21
C ILE JA 36 9.55 -32.79 29.78
N THR JA 37 10.08 -32.93 28.57
CA THR JA 37 11.10 -32.03 28.03
C THR JA 37 10.55 -31.54 26.67
N ASN JA 38 9.35 -30.95 26.73
CA ASN JA 38 8.62 -30.58 25.52
C ASN JA 38 9.37 -29.55 24.69
N VAL JA 39 9.82 -29.94 23.50
CA VAL JA 39 10.55 -29.04 22.61
C VAL JA 39 9.56 -28.23 21.79
N LEU JA 40 9.73 -26.91 21.79
CA LEU JA 40 8.83 -26.02 21.05
C LEU JA 40 9.38 -25.60 19.70
N TYR JA 41 10.70 -25.56 19.54
CA TYR JA 41 11.31 -25.08 18.31
C TYR JA 41 12.69 -25.71 18.17
N ASN JA 42 13.08 -26.01 16.93
CA ASN JA 42 14.38 -26.58 16.65
C ASN JA 42 14.81 -26.21 15.24
N ASN JA 43 16.12 -26.24 15.00
CA ASN JA 43 16.68 -25.88 13.71
C ASN JA 43 18.04 -26.53 13.56
N ASN JA 44 18.52 -26.54 12.31
CA ASN JA 44 19.84 -27.09 11.99
C ASN JA 44 20.76 -26.03 11.37
N ILE JA 45 20.46 -24.76 11.61
CA ILE JA 45 21.20 -23.65 11.02
C ILE JA 45 21.78 -22.76 12.13
N ASN JA 46 22.20 -23.39 13.22
CA ASN JA 46 22.59 -22.68 14.43
C ASN JA 46 23.65 -21.61 14.15
N GLN JA 47 24.53 -21.87 13.19
CA GLN JA 47 25.53 -20.86 12.82
C GLN JA 47 24.85 -19.68 12.16
N ASN JA 48 25.09 -18.48 12.70
CA ASN JA 48 24.46 -17.25 12.22
C ASN JA 48 22.94 -17.33 12.24
N MET JA 49 22.37 -17.58 13.41
CA MET JA 49 20.93 -17.56 13.59
C MET JA 49 20.58 -16.73 14.82
N ILE JA 50 19.57 -15.86 14.70
CA ILE JA 50 19.09 -15.11 15.86
C ILE JA 50 17.57 -15.21 15.90
N GLY JA 51 17.03 -15.40 17.10
CA GLY JA 51 15.60 -15.51 17.27
C GLY JA 51 15.07 -14.66 18.40
N THR JA 52 14.02 -13.89 18.13
CA THR JA 52 13.36 -13.05 19.12
C THR JA 52 11.91 -13.50 19.26
N GLY JA 53 11.44 -13.60 20.50
CA GLY JA 53 10.06 -14.01 20.67
C GLY JA 53 9.66 -14.11 22.13
N PHE JA 54 8.59 -14.87 22.38
CA PHE JA 54 8.09 -15.05 23.73
C PHE JA 54 7.50 -16.43 23.90
N VAL JA 55 7.43 -16.84 25.16
CA VAL JA 55 6.76 -18.06 25.60
C VAL JA 55 5.74 -17.66 26.66
N ARG JA 56 4.49 -18.07 26.46
CA ARG JA 56 3.39 -17.73 27.36
C ARG JA 56 2.93 -18.98 28.08
N TYR JA 57 2.93 -18.93 29.42
CA TYR JA 57 2.43 -19.99 30.27
C TYR JA 57 1.06 -19.58 30.77
N ASP JA 58 0.01 -20.27 30.29
CA ASP JA 58 -1.37 -19.89 30.58
C ASP JA 58 -1.95 -20.63 31.77
N VAL JA 59 -2.01 -21.97 31.68
CA VAL JA 59 -2.60 -22.79 32.73
C VAL JA 59 -1.68 -23.97 33.01
N GLY JA 60 -1.59 -24.33 34.29
CA GLY JA 60 -0.76 -25.44 34.70
C GLY JA 60 -0.71 -25.61 36.21
N PRO JA 61 -0.52 -26.85 36.65
CA PRO JA 61 -0.48 -27.11 38.10
C PRO JA 61 0.67 -26.42 38.83
N ALA JA 62 1.81 -26.25 38.18
CA ALA JA 62 3.01 -25.84 38.90
C ALA JA 62 3.95 -25.02 38.01
N PRO JA 63 4.95 -24.37 38.59
CA PRO JA 63 5.95 -23.66 37.76
C PRO JA 63 6.66 -24.61 36.80
N ILE JA 64 7.02 -24.08 35.64
CA ILE JA 64 7.74 -24.83 34.61
C ILE JA 64 9.07 -24.12 34.35
N THR JA 65 9.95 -24.79 33.61
CA THR JA 65 11.25 -24.23 33.27
C THR JA 65 11.33 -24.04 31.77
N LEU JA 66 11.90 -22.92 31.33
CA LEU JA 66 12.17 -22.68 29.92
C LEU JA 66 13.67 -22.68 29.69
N THR JA 67 14.14 -23.56 28.82
CA THR JA 67 15.57 -23.73 28.58
C THR JA 67 15.87 -23.61 27.10
N VAL JA 68 17.07 -23.10 26.80
CA VAL JA 68 17.56 -22.96 25.43
C VAL JA 68 18.88 -23.71 25.30
N LEU JA 69 18.99 -24.55 24.28
CA LEU JA 69 20.12 -25.43 24.12
C LEU JA 69 20.78 -25.23 22.76
N ASP JA 70 22.09 -25.42 22.72
CA ASP JA 70 22.87 -25.38 21.49
C ASP JA 70 23.11 -26.80 20.99
N ALA JA 71 23.84 -26.89 19.87
CA ALA JA 71 24.02 -28.17 19.19
C ALA JA 71 24.75 -29.20 20.04
N ALA JA 72 25.53 -28.74 21.02
CA ALA JA 72 26.27 -29.65 21.88
C ALA JA 72 25.42 -30.16 23.03
N GLY JA 73 24.17 -29.71 23.14
CA GLY JA 73 23.29 -30.13 24.20
C GLY JA 73 23.40 -29.33 25.48
N ALA JA 74 24.32 -28.37 25.54
CA ALA JA 74 24.50 -27.55 26.72
C ALA JA 74 23.37 -26.52 26.83
N THR JA 75 23.25 -25.93 28.02
CA THR JA 75 22.21 -24.95 28.27
C THR JA 75 22.77 -23.54 28.13
N ILE JA 76 22.12 -22.75 27.28
CA ILE JA 76 22.50 -21.35 27.11
C ILE JA 76 21.79 -20.46 28.13
N ASP JA 77 20.49 -20.65 28.29
CA ASP JA 77 19.72 -19.84 29.23
C ASP JA 77 18.60 -20.70 29.80
N THR JA 78 18.32 -20.50 31.09
CA THR JA 78 17.24 -21.20 31.78
C THR JA 78 16.48 -20.19 32.64
N GLN JA 79 15.15 -20.25 32.57
CA GLN JA 79 14.28 -19.36 33.33
C GLN JA 79 13.13 -20.17 33.91
N THR JA 80 12.45 -19.58 34.89
CA THR JA 80 11.33 -20.23 35.57
C THR JA 80 10.06 -19.42 35.34
N LEU JA 81 8.96 -20.12 35.08
CA LEU JA 81 7.69 -19.48 34.79
C LEU JA 81 6.60 -20.04 35.69
N ASN JA 82 5.70 -19.16 36.11
CA ASN JA 82 4.50 -19.49 36.87
C ASN JA 82 3.27 -19.33 36.00
N PRO JA 83 2.18 -20.05 36.29
CA PRO JA 83 1.01 -20.00 35.41
C PRO JA 83 0.46 -18.59 35.24
N GLY JA 84 0.11 -18.26 34.00
CA GLY JA 84 -0.50 -16.97 33.70
C GLY JA 84 0.46 -15.87 33.33
N THR JA 85 1.70 -16.17 32.99
CA THR JA 85 2.70 -15.14 32.71
C THR JA 85 3.33 -15.38 31.34
N SER JA 86 4.30 -14.53 30.99
CA SER JA 86 4.99 -14.59 29.72
C SER JA 86 6.46 -14.25 29.94
N ILE JA 87 7.31 -14.74 29.02
CA ILE JA 87 8.73 -14.41 29.04
C ILE JA 87 9.18 -14.09 27.63
N ALA JA 88 9.85 -12.96 27.45
CA ALA JA 88 10.40 -12.55 26.17
C ALA JA 88 11.89 -12.83 26.12
N PHE JA 89 12.40 -13.08 24.92
CA PHE JA 89 13.79 -13.49 24.77
C PHE JA 89 14.31 -13.07 23.41
N THR JA 90 15.64 -12.97 23.33
CA THR JA 90 16.36 -12.78 22.07
C THR JA 90 17.66 -13.55 22.18
N TYR JA 91 17.81 -14.59 21.36
CA TYR JA 91 18.92 -15.53 21.50
C TYR JA 91 19.65 -15.69 20.17
N ARG JA 92 20.93 -16.05 20.26
CA ARG JA 92 21.73 -16.34 19.06
C ARG JA 92 22.49 -17.64 19.26
N ARG JA 93 22.75 -18.33 18.15
CA ARG JA 93 23.52 -19.58 18.12
C ARG JA 93 22.94 -20.61 19.09
N PHE JA 94 21.69 -20.97 18.84
CA PHE JA 94 20.99 -21.97 19.63
C PHE JA 94 20.39 -23.02 18.70
N VAL JA 95 20.26 -24.25 19.21
CA VAL JA 95 19.70 -25.32 18.42
C VAL JA 95 18.24 -25.59 18.76
N THR JA 96 17.80 -25.33 19.99
CA THR JA 96 16.42 -25.64 20.34
C THR JA 96 15.99 -24.83 21.56
N ILE JA 97 14.67 -24.69 21.69
CA ILE JA 97 14.03 -24.08 22.84
C ILE JA 97 13.00 -25.09 23.36
N GLU JA 98 12.98 -25.30 24.67
CA GLU JA 98 12.11 -26.32 25.24
C GLU JA 98 11.62 -25.90 26.61
N VAL JA 99 10.54 -26.55 27.04
CA VAL JA 99 9.97 -26.37 28.37
C VAL JA 99 10.09 -27.68 29.12
N THR JA 100 10.66 -27.61 30.32
CA THR JA 100 10.78 -28.76 31.22
C THR JA 100 9.64 -28.68 32.22
N LEU JA 101 8.84 -29.75 32.28
CA LEU JA 101 7.70 -29.97 33.16
C LEU JA 101 8.06 -31.02 34.20
N PRO JA 102 8.08 -30.66 35.48
CA PRO JA 102 8.47 -31.63 36.51
C PRO JA 102 7.44 -32.73 36.69
N ALA JA 103 7.92 -33.86 37.20
CA ALA JA 103 7.06 -35.01 37.46
C ALA JA 103 6.36 -34.93 38.81
N ALA JA 104 6.60 -33.87 39.58
CA ALA JA 104 6.04 -33.72 40.91
C ALA JA 104 4.51 -33.69 40.86
N THR JA 105 3.95 -32.70 40.18
CA THR JA 105 2.50 -32.56 40.11
C THR JA 105 1.98 -33.05 38.76
N ALA JA 106 1.05 -34.01 38.80
CA ALA JA 106 0.45 -34.53 37.59
C ALA JA 106 -0.66 -33.60 37.11
N GLY JA 107 -0.68 -33.34 35.81
CA GLY JA 107 -1.68 -32.46 35.24
C GLY JA 107 -1.27 -31.99 33.86
N THR JA 108 -2.09 -31.08 33.32
CA THR JA 108 -1.91 -30.59 31.98
C THR JA 108 -1.38 -29.15 32.00
N TYR JA 109 -0.32 -28.91 31.26
CA TYR JA 109 0.26 -27.59 31.07
C TYR JA 109 -0.03 -27.12 29.66
N GLN JA 110 -0.50 -25.88 29.53
CA GLN JA 110 -0.85 -25.33 28.23
C GLN JA 110 -0.30 -23.92 28.10
N GLY JA 111 0.03 -23.54 26.88
CA GLY JA 111 0.58 -22.22 26.65
C GLY JA 111 0.76 -21.94 25.18
N GLU JA 112 1.47 -20.85 24.89
CA GLU JA 112 1.69 -20.40 23.52
C GLU JA 112 3.17 -20.07 23.33
N PHE JA 113 3.58 -19.97 22.06
CA PHE JA 113 4.97 -19.69 21.74
C PHE JA 113 5.03 -18.93 20.42
N CYS JA 114 5.74 -17.80 20.41
CA CYS JA 114 5.95 -17.02 19.20
C CYS JA 114 7.44 -16.80 19.02
N ILE JA 115 7.92 -16.96 17.79
CA ILE JA 115 9.31 -16.66 17.48
C ILE JA 115 9.39 -16.05 16.08
N THR JA 116 10.36 -15.16 15.91
CA THR JA 116 10.76 -14.65 14.61
C THR JA 116 12.28 -14.76 14.52
N THR JA 117 12.75 -15.37 13.44
CA THR JA 117 14.14 -15.77 13.29
C THR JA 117 14.76 -15.13 12.06
N ARG JA 118 15.98 -14.63 12.22
CA ARG JA 118 16.79 -14.09 11.15
C ARG JA 118 18.00 -14.99 10.91
N TYR JA 119 18.28 -15.24 9.63
CA TYR JA 119 19.35 -16.14 9.21
C TYR JA 119 19.77 -15.75 7.80
N PRO JA 120 20.99 -16.09 7.39
CA PRO JA 120 21.44 -15.76 6.03
C PRO JA 120 20.88 -16.74 5.01
N LEU JA 121 20.37 -16.20 3.91
CA LEU JA 121 19.82 -17.00 2.81
C LEU JA 121 20.87 -17.20 1.72
N SER JA 122 22.09 -17.49 2.15
CA SER JA 122 23.21 -17.51 1.22
C SER JA 122 23.68 -18.91 0.87
N ALA KA 9 39.02 -3.37 -2.12
CA ALA KA 9 39.39 -4.75 -1.88
C ALA KA 9 40.64 -4.84 -1.01
N LEU KA 10 40.93 -3.75 -0.30
CA LEU KA 10 42.14 -3.68 0.51
C LEU KA 10 41.94 -4.17 1.94
N THR KA 11 40.71 -4.42 2.37
CA THR KA 11 40.45 -4.70 3.77
C THR KA 11 39.62 -5.98 3.92
N CYS KA 12 39.92 -6.74 4.96
CA CYS KA 12 39.04 -7.80 5.47
C CYS KA 12 38.24 -7.30 6.66
N CYS KA 13 37.85 -6.02 6.63
CA CYS KA 13 37.03 -5.40 7.66
C CYS KA 13 35.59 -5.37 7.19
N PRO KA 14 34.76 -6.35 7.56
CA PRO KA 14 33.37 -6.35 7.11
C PRO KA 14 32.55 -5.29 7.80
N ASP KA 15 31.48 -4.88 7.14
CA ASP KA 15 30.56 -3.89 7.68
C ASP KA 15 29.70 -4.49 8.78
N LYS KA 16 29.20 -3.64 9.66
CA LYS KA 16 28.29 -4.04 10.72
C LYS KA 16 26.87 -3.72 10.29
N ASN KA 17 26.08 -4.78 10.05
CA ASN KA 17 24.70 -4.64 9.60
C ASN KA 17 23.80 -4.77 10.83
N TYR KA 18 23.33 -3.65 11.35
CA TYR KA 18 22.50 -3.64 12.54
C TYR KA 18 21.04 -3.85 12.16
N VAL KA 19 20.33 -4.65 12.97
CA VAL KA 19 18.93 -4.93 12.75
C VAL KA 19 18.17 -4.70 14.04
N GLN KA 20 16.85 -4.55 13.91
CA GLN KA 20 15.96 -4.21 15.00
C GLN KA 20 14.77 -5.16 15.03
N ASP KA 21 14.40 -5.59 16.23
CA ASP KA 21 13.20 -6.40 16.46
C ASP KA 21 12.36 -5.76 17.54
N LYS KA 22 11.13 -6.25 17.67
CA LYS KA 22 10.18 -5.71 18.65
C LYS KA 22 9.41 -6.87 19.26
N VAL KA 23 9.11 -6.76 20.56
CA VAL KA 23 8.30 -7.76 21.24
C VAL KA 23 7.56 -7.10 22.41
N CYS KA 24 6.28 -7.43 22.55
CA CYS KA 24 5.44 -6.96 23.63
C CYS KA 24 4.80 -8.16 24.32
N SER KA 25 4.63 -8.08 25.63
CA SER KA 25 4.05 -9.18 26.38
C SER KA 25 3.47 -8.68 27.69
N PRO KA 26 2.36 -9.23 28.15
CA PRO KA 26 1.87 -8.94 29.49
C PRO KA 26 2.56 -9.81 30.53
N TRP KA 27 2.59 -9.30 31.76
CA TRP KA 27 3.23 -10.00 32.86
C TRP KA 27 2.32 -9.99 34.07
N SER KA 28 2.42 -11.05 34.86
CA SER KA 28 1.64 -11.22 36.08
C SER KA 28 2.48 -11.93 37.11
N GLY KA 29 2.13 -11.72 38.38
CA GLY KA 29 2.83 -12.37 39.48
C GLY KA 29 2.05 -12.35 40.78
N THR KA 30 1.93 -13.50 41.43
CA THR KA 30 1.17 -13.63 42.67
C THR KA 30 2.14 -13.83 43.83
N VAL KA 31 2.15 -12.88 44.75
CA VAL KA 31 3.00 -12.96 45.94
C VAL KA 31 2.16 -13.42 47.12
N VAL KA 32 2.65 -14.45 47.82
CA VAL KA 32 1.97 -15.01 48.98
C VAL KA 32 2.79 -14.80 50.26
N ALA KA 33 4.02 -15.30 50.28
CA ALA KA 33 4.86 -15.16 51.47
C ALA KA 33 6.30 -14.79 51.11
N THR KA 34 6.66 -14.91 49.85
CA THR KA 34 8.03 -14.70 49.40
C THR KA 34 8.08 -13.67 48.28
N ALA KA 35 9.16 -12.90 48.25
CA ALA KA 35 9.38 -11.92 47.21
C ALA KA 35 9.59 -12.60 45.86
N ILE KA 36 9.26 -11.88 44.80
CA ILE KA 36 9.35 -12.42 43.43
C ILE KA 36 10.27 -11.51 42.62
N THR KA 37 11.00 -12.14 41.70
CA THR KA 37 12.01 -11.49 40.88
C THR KA 37 11.66 -11.78 39.41
N ASN KA 38 10.43 -11.43 39.05
CA ASN KA 38 9.86 -11.79 37.76
C ASN KA 38 10.65 -11.18 36.60
N VAL KA 39 11.31 -12.03 35.81
CA VAL KA 39 12.10 -11.57 34.68
C VAL KA 39 11.18 -11.40 33.47
N LEU KA 40 11.25 -10.23 32.83
CA LEU KA 40 10.41 -9.95 31.67
C LEU KA 40 11.13 -10.15 30.34
N TYR KA 41 12.46 -10.00 30.32
CA TYR KA 41 13.21 -10.09 29.08
C TYR KA 41 14.63 -10.51 29.41
N ASN KA 42 15.24 -11.30 28.51
CA ASN KA 42 16.61 -11.74 28.69
C ASN KA 42 17.22 -12.04 27.33
N ASN KA 43 18.55 -11.99 27.27
CA ASN KA 43 19.28 -12.21 26.03
C ASN KA 43 20.70 -12.66 26.35
N ASN KA 44 21.37 -13.20 25.34
CA ASN KA 44 22.76 -13.63 25.45
C ASN KA 44 23.67 -12.87 24.49
N ILE KA 45 23.24 -11.71 24.04
CA ILE KA 45 23.97 -10.91 23.04
C ILE KA 45 24.31 -9.54 23.61
N ASN KA 46 24.59 -9.50 24.92
CA ASN KA 46 24.74 -8.24 25.65
C ASN KA 46 25.74 -7.31 24.98
N GLN KA 47 26.78 -7.86 24.37
CA GLN KA 47 27.74 -7.02 23.65
C GLN KA 47 27.08 -6.41 22.42
N ASN KA 48 27.14 -5.08 22.31
CA ASN KA 48 26.51 -4.34 21.24
C ASN KA 48 25.02 -4.62 21.15
N MET KA 49 24.29 -4.36 22.22
CA MET KA 49 22.83 -4.46 22.22
C MET KA 49 22.23 -3.21 22.84
N ILE KA 50 21.20 -2.64 22.22
CA ILE KA 50 20.48 -1.52 22.79
C ILE KA 50 18.98 -1.81 22.72
N GLY KA 51 18.28 -1.47 23.80
CA GLY KA 51 16.85 -1.69 23.86
C GLY KA 51 16.08 -0.49 24.37
N THR KA 52 15.04 -0.10 23.65
CA THR KA 52 14.17 1.00 24.03
C THR KA 52 12.76 0.47 24.23
N GLY KA 53 12.11 0.91 25.30
CA GLY KA 53 10.74 0.44 25.52
C GLY KA 53 10.13 0.99 26.78
N PHE KA 54 9.11 0.29 27.26
CA PHE KA 54 8.41 0.72 28.47
C PHE KA 54 7.90 -0.48 29.24
N VAL KA 55 7.68 -0.24 30.54
CA VAL KA 55 7.04 -1.18 31.45
C VAL KA 55 5.84 -0.48 32.06
N ARG KA 56 4.66 -1.10 31.96
CA ARG KA 56 3.43 -0.54 32.46
C ARG KA 56 2.95 -1.35 33.67
N TYR KA 57 2.74 -0.66 34.79
CA TYR KA 57 2.20 -1.24 36.01
C TYR KA 57 0.73 -0.85 36.10
N ASP KA 58 -0.17 -1.82 35.92
CA ASP KA 58 -1.59 -1.55 35.84
C ASP KA 58 -2.30 -1.71 37.19
N VAL KA 59 -2.25 -2.91 37.76
CA VAL KA 59 -2.93 -3.21 39.02
C VAL KA 59 -1.97 -3.95 39.94
N GLY KA 60 -2.05 -3.65 41.23
CA GLY KA 60 -1.21 -4.30 42.21
C GLY KA 60 -1.39 -3.72 43.60
N PRO KA 61 -1.18 -4.54 44.62
CA PRO KA 61 -1.35 -4.07 46.00
C PRO KA 61 -0.39 -2.96 46.41
N ALA KA 62 0.83 -2.96 45.88
CA ALA KA 62 1.87 -2.07 46.41
C ALA KA 62 2.86 -1.66 45.33
N PRO KA 63 3.72 -0.67 45.60
CA PRO KA 63 4.77 -0.31 44.64
C PRO KA 63 5.69 -1.49 44.36
N ILE KA 64 6.19 -1.53 43.12
CA ILE KA 64 7.12 -2.57 42.66
C ILE KA 64 8.41 -1.90 42.23
N THR KA 65 9.44 -2.70 42.01
CA THR KA 65 10.73 -2.19 41.56
C THR KA 65 11.04 -2.75 40.18
N LEU KA 66 11.58 -1.90 39.30
CA LEU KA 66 12.05 -2.32 37.99
C LEU KA 66 13.57 -2.22 37.94
N THR KA 67 14.23 -3.33 37.67
CA THR KA 67 15.69 -3.39 37.70
C THR KA 67 16.21 -3.94 36.38
N VAL KA 68 17.40 -3.48 35.99
CA VAL KA 68 18.07 -3.95 34.79
C VAL KA 68 19.46 -4.45 35.18
N LEU KA 69 19.78 -5.66 34.72
CA LEU KA 69 21.01 -6.34 35.13
C LEU KA 69 21.84 -6.72 33.92
N ASP KA 70 23.16 -6.72 34.12
CA ASP KA 70 24.12 -7.16 33.11
C ASP KA 70 24.54 -8.59 33.40
N ALA KA 71 25.44 -9.11 32.55
CA ALA KA 71 25.82 -10.51 32.61
C ALA KA 71 26.48 -10.88 33.93
N ALA KA 72 27.07 -9.91 34.62
CA ALA KA 72 27.73 -10.17 35.89
C ALA KA 72 26.75 -10.18 37.06
N GLY KA 73 25.47 -9.93 36.80
CA GLY KA 73 24.47 -9.91 37.84
C GLY KA 73 24.32 -8.58 38.55
N ALA KA 74 25.14 -7.60 38.23
CA ALA KA 74 25.07 -6.29 38.85
C ALA KA 74 23.86 -5.51 38.33
N THR KA 75 23.50 -4.46 39.06
CA THR KA 75 22.36 -3.62 38.69
C THR KA 75 22.84 -2.40 37.91
N ILE KA 76 22.26 -2.21 36.73
CA ILE KA 76 22.56 -1.03 35.92
C ILE KA 76 21.63 0.12 36.30
N ASP KA 77 20.34 -0.14 36.40
CA ASP KA 77 19.37 0.89 36.74
C ASP KA 77 18.24 0.26 37.55
N THR KA 78 17.75 1.01 38.53
CA THR KA 78 16.63 0.59 39.37
C THR KA 78 15.67 1.76 39.53
N GLN KA 79 14.38 1.48 39.37
CA GLN KA 79 13.33 2.48 39.50
C GLN KA 79 12.18 1.90 40.30
N THR KA 80 11.30 2.78 40.78
CA THR KA 80 10.15 2.38 41.57
C THR KA 80 8.87 2.78 40.85
N LEU KA 81 7.88 1.90 40.87
CA LEU KA 81 6.62 2.13 40.17
C LEU KA 81 5.45 1.93 41.12
N ASN KA 82 4.43 2.76 40.96
CA ASN KA 82 3.16 2.67 41.67
C ASN KA 82 2.07 2.20 40.71
N PRO KA 83 1.01 1.57 41.22
CA PRO KA 83 -0.01 1.01 40.31
C PRO KA 83 -0.63 2.07 39.41
N GLY KA 84 -0.81 1.71 38.15
CA GLY KA 84 -1.46 2.58 37.18
C GLY KA 84 -0.55 3.51 36.41
N THR KA 85 0.76 3.26 36.40
CA THR KA 85 1.70 4.16 35.74
C THR KA 85 2.56 3.39 34.74
N SER KA 86 3.49 4.11 34.11
CA SER KA 86 4.38 3.55 33.11
C SER KA 86 5.77 4.15 33.28
N ILE KA 87 6.78 3.42 32.81
CA ILE KA 87 8.15 3.91 32.80
C ILE KA 87 8.79 3.57 31.47
N ALA KA 88 9.40 4.56 30.83
CA ALA KA 88 10.10 4.39 29.58
C ALA KA 88 11.61 4.35 29.81
N PHE KA 89 12.31 3.62 28.95
CA PHE KA 89 13.74 3.40 29.15
C PHE KA 89 14.43 3.17 27.82
N THR KA 90 15.75 3.42 27.84
CA THR KA 90 16.64 3.09 26.73
C THR KA 90 17.96 2.66 27.33
N TYR KA 91 18.32 1.39 27.17
CA TYR KA 91 19.46 0.80 27.85
C TYR KA 91 20.40 0.13 26.86
N ARG KA 92 21.67 0.03 27.23
CA ARG KA 92 22.66 -0.67 26.43
C ARG KA 92 23.49 -1.59 27.32
N ARG KA 93 23.97 -2.68 26.72
CA ARG KA 93 24.83 -3.66 27.39
C ARG KA 93 24.19 -4.17 28.69
N PHE KA 94 23.02 -4.79 28.52
CA PHE KA 94 22.29 -5.37 29.63
C PHE KA 94 21.93 -6.81 29.28
N VAL KA 95 21.81 -7.64 30.32
CA VAL KA 95 21.47 -9.04 30.13
C VAL KA 95 19.99 -9.32 30.39
N THR KA 96 19.35 -8.57 31.28
CA THR KA 96 17.97 -8.87 31.61
C THR KA 96 17.29 -7.64 32.21
N ILE KA 97 15.96 -7.65 32.11
CA ILE KA 97 15.10 -6.66 32.76
C ILE KA 97 14.09 -7.44 33.60
N GLU KA 98 13.87 -6.99 34.84
CA GLU KA 98 13.01 -7.73 35.75
C GLU KA 98 12.27 -6.78 36.67
N VAL KA 99 11.20 -7.30 37.27
CA VAL KA 99 10.42 -6.57 38.27
C VAL KA 99 10.52 -7.33 39.58
N THR KA 100 10.89 -6.62 40.64
CA THR KA 100 10.95 -7.16 41.99
C THR KA 100 9.66 -6.78 42.71
N LEU KA 101 8.95 -7.79 43.20
CA LEU KA 101 7.71 -7.72 43.96
C LEU KA 101 7.99 -8.09 45.41
N PRO KA 102 7.77 -7.16 46.34
CA PRO KA 102 8.06 -7.44 47.75
C PRO KA 102 7.11 -8.46 48.35
N ALA KA 103 7.59 -9.12 49.39
CA ALA KA 103 6.80 -10.12 50.10
C ALA KA 103 5.88 -9.50 51.16
N ALA KA 104 5.92 -8.19 51.32
CA ALA KA 104 5.13 -7.51 52.34
C ALA KA 104 3.65 -7.71 52.14
N THR KA 105 3.12 -7.27 50.99
CA THR KA 105 1.70 -7.39 50.73
C THR KA 105 1.43 -8.54 49.76
N ALA KA 106 0.59 -9.48 50.18
CA ALA KA 106 0.23 -10.60 49.32
C ALA KA 106 -0.87 -10.18 48.34
N GLY KA 107 -0.71 -10.59 47.09
CA GLY KA 107 -1.67 -10.24 46.07
C GLY KA 107 -1.08 -10.44 44.69
N THR KA 108 -1.87 -10.04 43.69
CA THR KA 108 -1.52 -10.22 42.29
C THR KA 108 -1.13 -8.89 41.66
N TYR KA 109 0.03 -8.89 41.00
CA TYR KA 109 0.52 -7.74 40.25
C TYR KA 109 0.43 -8.05 38.76
N GLN KA 110 -0.12 -7.12 37.99
CA GLN KA 110 -0.30 -7.32 36.56
C GLN KA 110 0.15 -6.07 35.81
N GLY KA 111 0.64 -6.29 34.60
CA GLY KA 111 1.11 -5.17 33.80
C GLY KA 111 1.51 -5.61 32.41
N GLU KA 112 2.15 -4.71 31.69
CA GLU KA 112 2.55 -4.94 30.31
C GLU KA 112 4.01 -4.52 30.12
N PHE KA 113 4.61 -4.99 29.03
CA PHE KA 113 6.01 -4.70 28.74
C PHE KA 113 6.22 -4.67 27.24
N CYS KA 114 6.83 -3.59 26.74
CA CYS KA 114 7.16 -3.47 25.32
C CYS KA 114 8.65 -3.15 25.21
N ILE KA 115 9.32 -3.81 24.26
CA ILE KA 115 10.71 -3.49 23.99
C ILE KA 115 10.98 -3.63 22.49
N THR KA 116 11.88 -2.79 22.00
CA THR KA 116 12.43 -2.92 20.65
C THR KA 116 13.95 -2.85 20.79
N THR KA 117 14.64 -3.82 20.20
CA THR KA 117 16.06 -4.02 20.41
C THR KA 117 16.82 -3.98 19.09
N ARG KA 118 17.96 -3.29 19.10
CA ARG KA 118 18.88 -3.22 17.99
C ARG KA 118 20.18 -3.94 18.35
N TYR KA 119 20.66 -4.74 17.39
CA TYR KA 119 21.86 -5.55 17.59
C TYR KA 119 22.46 -5.84 16.22
N PRO KA 120 23.76 -6.15 16.15
CA PRO KA 120 24.39 -6.45 14.85
C PRO KA 120 24.08 -7.87 14.40
N LEU KA 121 23.69 -8.01 13.13
CA LEU KA 121 23.40 -9.30 12.53
C LEU KA 121 24.62 -9.84 11.79
N SER KA 122 25.76 -9.74 12.45
CA SER KA 122 27.02 -10.04 11.81
C SER KA 122 27.66 -11.32 12.37
N ALA LA 9 41.92 2.87 3.36
CA ALA LA 9 42.37 1.84 4.28
C ALA LA 9 43.47 2.37 5.20
N LEU LA 10 43.56 3.69 5.30
CA LEU LA 10 44.63 4.32 6.08
C LEU LA 10 44.25 4.55 7.54
N THR LA 11 42.99 4.36 7.92
CA THR LA 11 42.54 4.75 9.24
C THR LA 11 41.80 3.60 9.92
N CYS LA 12 41.99 3.48 11.23
CA CYS LA 12 41.13 2.69 12.10
C CYS LA 12 40.11 3.58 12.80
N CYS LA 13 39.63 4.61 12.11
CA CYS LA 13 38.62 5.53 12.62
C CYS LA 13 37.26 5.12 12.05
N PRO LA 14 36.47 4.33 12.79
CA PRO LA 14 35.17 3.90 12.26
C PRO LA 14 34.18 5.05 12.25
N ASP LA 15 33.19 4.92 11.38
CA ASP LA 15 32.13 5.90 11.26
C ASP LA 15 31.15 5.78 12.43
N LYS LA 16 30.47 6.88 12.72
CA LYS LA 16 29.43 6.91 13.75
C LYS LA 16 28.08 6.77 13.07
N ASN LA 17 27.42 5.63 13.30
CA ASN LA 17 26.12 5.34 12.73
C ASN LA 17 25.06 5.68 13.76
N TYR LA 18 24.43 6.83 13.61
CA TYR LA 18 23.42 7.30 14.56
C TYR LA 18 22.06 6.73 14.19
N VAL LA 19 21.30 6.32 15.21
CA VAL LA 19 19.97 5.77 15.03
C VAL LA 19 19.00 6.47 15.97
N GLN LA 20 17.71 6.35 15.64
CA GLN LA 20 16.64 7.04 16.33
C GLN LA 20 15.53 6.07 16.70
N ASP LA 21 15.02 6.22 17.93
CA ASP LA 21 13.88 5.45 18.41
C ASP LA 21 12.82 6.40 18.95
N LYS LA 22 11.62 5.86 19.18
CA LYS LA 22 10.50 6.65 19.67
C LYS LA 22 9.73 5.85 20.70
N VAL LA 23 9.23 6.51 21.73
CA VAL LA 23 8.41 5.85 22.74
C VAL LA 23 7.45 6.88 23.35
N CYS LA 24 6.19 6.48 23.52
CA CYS LA 24 5.15 7.29 24.14
C CYS LA 24 4.51 6.48 25.25
N SER LA 25 4.14 7.15 26.34
CA SER LA 25 3.54 6.47 27.47
C SER LA 25 2.73 7.46 28.30
N PRO LA 26 1.60 7.04 28.85
CA PRO LA 26 0.89 7.86 29.82
C PRO LA 26 1.47 7.71 31.22
N TRP LA 27 1.28 8.75 32.02
CA TRP LA 27 1.79 8.76 33.39
C TRP LA 27 0.70 9.22 34.35
N SER LA 28 0.77 8.70 35.57
CA SER LA 28 -0.18 9.03 36.62
C SER LA 28 0.55 9.02 37.96
N GLY LA 29 -0.01 9.76 38.91
CA GLY LA 29 0.56 9.83 40.24
C GLY LA 29 -0.41 10.36 41.28
N THR LA 30 -0.54 9.66 42.40
CA THR LA 30 -1.47 10.03 43.46
C THR LA 30 -0.68 10.55 44.65
N VAL LA 31 -0.88 11.83 44.98
CA VAL LA 31 -0.23 12.45 46.13
C VAL LA 31 -1.20 12.49 47.30
N VAL LA 32 -0.75 12.01 48.46
CA VAL LA 32 -1.54 11.98 49.68
C VAL LA 32 -0.96 12.89 50.75
N ALA LA 33 0.29 12.65 51.15
CA ALA LA 33 0.92 13.46 52.17
C ALA LA 33 2.35 13.82 51.82
N THR LA 34 2.93 13.15 50.82
CA THR LA 34 4.32 13.32 50.46
C THR LA 34 4.46 13.69 49.00
N ALA LA 35 5.48 14.49 48.69
CA ALA LA 35 5.77 14.88 47.33
C ALA LA 35 6.25 13.68 46.52
N ILE LA 36 6.03 13.73 45.21
CA ILE LA 36 6.36 12.63 44.31
C ILE LA 36 7.34 13.15 43.25
N THR LA 37 8.25 12.27 42.83
CA THR LA 37 9.32 12.59 41.90
C THR LA 37 9.22 11.59 40.75
N ASN LA 38 8.03 11.54 40.14
CA ASN LA 38 7.70 10.52 39.14
C ASN LA 38 8.61 10.60 37.92
N VAL LA 39 9.45 9.59 37.72
CA VAL LA 39 10.37 9.55 36.60
C VAL LA 39 9.64 8.99 35.38
N LEU LA 40 9.71 9.70 34.25
CA LEU LA 40 9.05 9.27 33.03
C LEU LA 40 9.97 8.56 32.06
N TYR LA 41 11.28 8.87 32.08
CA TYR LA 41 12.22 8.31 31.13
C TYR LA 41 13.61 8.30 31.76
N ASN LA 42 14.39 7.28 31.44
CA ASN LA 42 15.75 7.18 31.94
C ASN LA 42 16.59 6.36 30.98
N ASN LA 43 17.90 6.57 31.03
CA ASN LA 43 18.83 5.89 30.13
C ASN LA 43 20.21 5.86 30.77
N ASN LA 44 21.07 5.00 30.23
CA ASN LA 44 22.46 4.88 30.67
C ASN LA 44 23.44 5.20 29.56
N ILE LA 45 23.00 5.93 28.54
CA ILE LA 45 23.82 6.25 27.38
C ILE LA 45 23.94 7.76 27.22
N ASN LA 46 24.02 8.47 28.35
CA ASN LA 46 23.95 9.93 28.36
C ASN LA 46 24.97 10.56 27.42
N GLN LA 47 26.13 9.94 27.27
CA GLN LA 47 27.12 10.46 26.33
C GLN LA 47 26.62 10.30 24.90
N ASN LA 48 26.58 11.41 24.16
CA ASN LA 48 26.07 11.44 22.79
C ASN LA 48 24.63 10.94 22.71
N MET LA 49 23.73 11.57 23.45
CA MET LA 49 22.30 11.28 23.36
C MET LA 49 21.53 12.58 23.21
N ILE LA 50 20.56 12.60 22.30
CA ILE LA 50 19.68 13.76 22.17
C ILE LA 50 18.24 13.27 22.11
N GLY LA 51 17.35 13.97 22.79
CA GLY LA 51 15.95 13.61 22.83
C GLY LA 51 15.02 14.77 22.59
N THR LA 52 14.08 14.62 21.68
CA THR LA 52 13.07 15.62 21.38
C THR LA 52 11.69 15.06 21.67
N GLY LA 53 10.85 15.85 22.32
CA GLY LA 53 9.52 15.36 22.61
C GLY LA 53 8.67 16.35 23.37
N PHE LA 54 7.63 15.83 24.03
CA PHE LA 54 6.74 16.68 24.79
C PHE LA 54 6.21 15.94 26.01
N VAL LA 55 5.76 16.74 26.99
CA VAL LA 55 5.07 16.26 28.17
C VAL LA 55 3.74 17.00 28.24
N ARG LA 56 2.65 16.24 28.35
CA ARG LA 56 1.30 16.79 28.39
C ARG LA 56 0.71 16.60 29.78
N TYR LA 57 0.28 17.70 30.39
CA TYR LA 57 -0.40 17.70 31.68
C TYR LA 57 -1.89 17.88 31.43
N ASP LA 58 -2.66 16.83 31.67
CA ASP LA 58 -4.08 16.81 31.32
C ASP LA 58 -4.98 17.22 32.50
N VAL LA 59 -4.92 16.46 33.60
CA VAL LA 59 -5.76 16.70 34.76
C VAL LA 59 -4.90 16.64 36.01
N GLY LA 60 -5.20 17.51 36.97
CA GLY LA 60 -4.48 17.54 38.22
C GLY LA 60 -4.91 18.69 39.11
N PRO LA 61 -4.80 18.49 40.42
CA PRO LA 61 -5.22 19.55 41.37
C PRO LA 61 -4.42 20.83 41.25
N ALA LA 62 -3.13 20.76 40.92
CA ALA LA 62 -2.27 21.92 41.04
C ALA LA 62 -1.16 21.91 40.00
N PRO LA 63 -0.43 23.03 39.83
CA PRO LA 63 0.72 23.02 38.93
C PRO LA 63 1.77 21.99 39.35
N ILE LA 64 2.46 21.44 38.35
CA ILE LA 64 3.52 20.46 38.56
C ILE LA 64 4.81 21.02 37.98
N THR LA 65 5.93 20.36 38.28
CA THR LA 65 7.22 20.78 37.77
C THR LA 65 7.78 19.68 36.87
N LEU LA 66 8.39 20.07 35.76
CA LEU LA 66 9.08 19.15 34.87
C LEU LA 66 10.58 19.43 34.92
N THR LA 67 11.36 18.42 35.31
CA THR LA 67 12.80 18.60 35.50
C THR LA 67 13.56 17.57 34.69
N VAL LA 68 14.74 17.95 34.24
CA VAL LA 68 15.64 17.06 33.50
C VAL LA 68 16.98 17.01 34.21
N LEU LA 69 17.47 15.79 34.45
CA LEU LA 69 18.67 15.58 35.26
C LEU LA 69 19.70 14.79 34.48
N ASP LA 70 20.96 15.08 34.77
CA ASP LA 70 22.09 14.36 34.22
C ASP LA 70 22.59 13.31 35.22
N ALA LA 71 23.65 12.59 34.82
CA ALA LA 71 24.11 11.45 35.61
C ALA LA 71 24.59 11.86 36.99
N ALA LA 72 25.00 13.13 37.17
CA ALA LA 72 25.47 13.60 38.46
C ALA LA 72 24.32 14.01 39.38
N GLY LA 73 23.08 13.92 38.91
CA GLY LA 73 21.92 14.30 39.69
C GLY LA 73 21.57 15.76 39.65
N ALA LA 74 22.35 16.58 38.95
CA ALA LA 74 22.07 18.00 38.84
C ALA LA 74 20.91 18.25 37.89
N THR LA 75 20.37 19.46 37.95
CA THR LA 75 19.24 19.83 37.11
C THR LA 75 19.73 20.59 35.89
N ILE LA 76 19.33 20.11 34.71
CA ILE LA 76 19.65 20.78 33.47
C ILE LA 76 18.59 21.83 33.12
N ASP LA 77 17.32 21.46 33.22
CA ASP LA 77 16.24 22.38 32.92
C ASP LA 77 15.05 22.05 33.82
N THR LA 78 14.35 23.11 34.24
CA THR LA 78 13.16 22.97 35.06
C THR LA 78 12.09 23.93 34.55
N GLN LA 79 10.87 23.43 34.41
CA GLN LA 79 9.73 24.21 33.92
C GLN LA 79 8.52 23.92 34.79
N THR LA 80 7.52 24.79 34.70
CA THR LA 80 6.29 24.66 35.46
C THR LA 80 5.11 24.48 34.51
N LEU LA 81 4.21 23.58 34.87
CA LEU LA 81 3.05 23.26 34.04
C LEU LA 81 1.77 23.36 34.84
N ASN LA 82 0.72 23.85 34.19
CA ASN LA 82 -0.63 23.94 34.73
C ASN LA 82 -1.52 22.93 34.02
N PRO LA 83 -2.60 22.46 34.67
CA PRO LA 83 -3.41 21.40 34.06
C PRO LA 83 -3.97 21.80 32.71
N GLY LA 84 -3.93 20.86 31.77
CA GLY LA 84 -4.49 21.05 30.45
C GLY LA 84 -3.54 21.62 29.41
N THR LA 85 -2.23 21.58 29.64
CA THR LA 85 -1.27 22.19 28.72
C THR LA 85 -0.21 21.16 28.32
N SER LA 86 0.75 21.61 27.51
CA SER LA 86 1.83 20.77 27.02
C SER LA 86 3.12 21.57 27.00
N ILE LA 87 4.25 20.86 27.06
CA ILE LA 87 5.56 21.49 26.94
C ILE LA 87 6.43 20.64 26.01
N ALA LA 88 7.04 21.29 25.03
CA ALA LA 88 7.95 20.62 24.10
C ALA LA 88 9.39 20.92 24.48
N PHE LA 89 10.28 19.99 24.16
CA PHE LA 89 11.66 20.10 24.58
C PHE LA 89 12.57 19.36 23.61
N THR LA 90 13.84 19.77 23.62
CA THR LA 90 14.92 19.08 22.92
C THR LA 90 16.16 19.19 23.78
N TYR LA 91 16.65 18.06 24.29
CA TYR LA 91 17.71 18.04 25.29
C TYR LA 91 18.84 17.13 24.85
N ARG LA 92 20.05 17.41 25.35
CA ARG LA 92 21.20 16.56 25.10
C ARG LA 92 21.94 16.31 26.40
N ARG LA 93 22.59 15.14 26.47
CA ARG LA 93 23.41 14.74 27.61
C ARG LA 93 22.63 14.83 28.92
N PHE LA 94 21.56 14.05 28.98
CA PHE LA 94 20.70 13.96 30.15
C PHE LA 94 20.51 12.50 30.53
N VAL LA 95 20.30 12.26 31.82
CA VAL LA 95 20.10 10.91 32.31
C VAL LA 95 18.63 10.58 32.55
N THR LA 96 17.80 11.57 32.87
CA THR LA 96 16.41 11.27 33.17
C THR LA 96 15.56 12.52 33.03
N ILE LA 97 14.26 12.28 32.82
CA ILE LA 97 13.22 13.31 32.81
C ILE LA 97 12.18 12.90 33.81
N GLU LA 98 11.72 13.85 34.64
CA GLU LA 98 10.80 13.52 35.71
C GLU LA 98 9.85 14.68 35.96
N VAL LA 99 8.74 14.37 36.63
CA VAL LA 99 7.77 15.36 37.06
C VAL LA 99 7.72 15.34 38.58
N THR LA 100 7.87 16.52 39.17
CA THR LA 100 7.76 16.72 40.61
C THR LA 100 6.35 17.20 40.92
N LEU LA 101 5.65 16.46 41.78
CA LEU LA 101 4.32 16.71 42.28
C LEU LA 101 4.38 17.13 43.74
N PRO LA 102 3.95 18.34 44.07
CA PRO LA 102 4.05 18.82 45.45
C PRO LA 102 3.09 18.09 46.38
N ALA LA 103 3.45 18.08 47.66
CA ALA LA 103 2.64 17.44 48.68
C ALA LA 103 1.53 18.36 49.20
N ALA LA 104 1.44 19.59 48.69
CA ALA LA 104 0.46 20.55 49.17
C ALA LA 104 -0.96 20.05 48.94
N THR LA 105 -1.33 19.81 47.69
CA THR LA 105 -2.68 19.37 47.39
C THR LA 105 -2.70 17.87 47.09
N ALA LA 106 -3.52 17.14 47.83
CA ALA LA 106 -3.67 15.72 47.61
C ALA LA 106 -4.62 15.45 46.45
N GLY LA 107 -4.24 14.52 45.59
CA GLY LA 107 -5.05 14.19 44.45
C GLY LA 107 -4.26 13.44 43.41
N THR LA 108 -4.91 13.20 42.27
CA THR LA 108 -4.33 12.41 41.18
C THR LA 108 -3.94 13.32 40.03
N TYR LA 109 -2.71 13.18 39.56
CA TYR LA 109 -2.20 13.87 38.39
C TYR LA 109 -2.04 12.87 37.26
N GLN LA 110 -2.52 13.23 36.07
CA GLN LA 110 -2.47 12.36 34.92
C GLN LA 110 -2.00 13.13 33.70
N GLY LA 111 -1.31 12.44 32.81
CA GLY LA 111 -0.82 13.08 31.60
C GLY LA 111 -0.18 12.09 30.67
N GLU LA 112 0.50 12.63 29.66
CA GLU LA 112 1.13 11.82 28.62
C GLU LA 112 2.56 12.30 28.39
N PHE LA 113 3.36 11.46 27.74
CA PHE LA 113 4.75 11.77 27.48
C PHE LA 113 5.19 11.11 26.19
N CYS LA 114 5.78 11.89 25.28
CA CYS LA 114 6.32 11.36 24.04
C CYS LA 114 7.77 11.80 23.91
N ILE LA 115 8.63 10.88 23.50
CA ILE LA 115 10.03 11.22 23.23
C ILE LA 115 10.52 10.43 22.03
N THR LA 116 11.43 11.04 21.27
CA THR LA 116 12.19 10.37 20.23
C THR LA 116 13.66 10.70 20.46
N THR LA 117 14.51 9.68 20.50
CA THR LA 117 15.89 9.81 20.92
C THR LA 117 16.84 9.32 19.83
N ARG LA 118 17.90 10.09 19.62
CA ARG LA 118 18.98 9.74 18.70
C ARG LA 118 20.25 9.47 19.49
N TYR LA 119 20.95 8.41 19.11
CA TYR LA 119 22.15 7.96 19.79
C TYR LA 119 22.98 7.15 18.81
N PRO LA 120 24.30 7.03 19.04
CA PRO LA 120 25.14 6.25 18.13
C PRO LA 120 25.01 4.76 18.41
N LEU LA 121 24.84 3.97 17.34
CA LEU LA 121 24.75 2.52 17.44
C LEU LA 121 26.10 1.87 17.18
N SER LA 122 27.15 2.46 17.74
CA SER LA 122 28.50 2.05 17.38
C SER LA 122 29.17 1.24 18.48
N ALA MA 9 43.54 11.44 5.33
CA ALA MA 9 43.91 11.06 6.68
C ALA MA 9 44.81 12.10 7.31
N LEU MA 10 44.78 13.32 6.77
CA LEU MA 10 45.65 14.39 7.23
C LEU MA 10 45.03 15.24 8.34
N THR MA 11 43.75 15.06 8.63
CA THR MA 11 43.06 15.97 9.54
C THR MA 11 42.32 15.20 10.62
N CYS MA 12 42.31 15.75 11.83
CA CYS MA 12 41.40 15.35 12.89
C CYS MA 12 40.21 16.30 12.96
N CYS MA 13 39.77 16.80 11.81
CA CYS MA 13 38.61 17.68 11.69
C CYS MA 13 37.40 16.87 11.27
N PRO MA 14 36.57 16.41 12.21
CA PRO MA 14 35.41 15.60 11.84
C PRO MA 14 34.34 16.44 11.18
N ASP MA 15 33.52 15.77 10.38
CA ASP MA 15 32.41 16.41 9.70
C ASP MA 15 31.28 16.72 10.66
N LYS MA 16 30.46 17.70 10.31
CA LYS MA 16 29.28 18.08 11.08
C LYS MA 16 28.06 17.44 10.44
N ASN MA 17 27.47 16.47 11.13
CA ASN MA 17 26.31 15.74 10.65
C ASN MA 17 25.07 16.37 11.28
N TYR MA 18 24.38 17.21 10.52
CA TYR MA 18 23.20 17.92 11.01
C TYR MA 18 21.97 17.04 10.84
N VAL MA 19 21.09 17.07 11.85
CA VAL MA 19 19.86 16.31 11.83
C VAL MA 19 18.70 17.23 12.20
N GLN MA 20 17.50 16.78 11.85
CA GLN MA 20 16.28 17.55 12.00
C GLN MA 20 15.21 16.73 12.70
N ASP MA 21 14.49 17.36 13.62
CA ASP MA 21 13.36 16.76 14.31
C ASP MA 21 12.16 17.69 14.20
N LYS MA 22 10.99 17.16 14.55
CA LYS MA 22 9.74 17.92 14.47
C LYS MA 22 8.89 17.59 15.69
N VAL MA 23 8.18 18.59 16.20
CA VAL MA 23 7.26 18.39 17.32
C VAL MA 23 6.14 19.42 17.24
N CYS MA 24 4.90 18.97 17.46
CA CYS MA 24 3.73 19.82 17.49
C CYS MA 24 2.98 19.56 18.80
N SER MA 25 2.39 20.61 19.36
CA SER MA 25 1.68 20.48 20.62
C SER MA 25 0.67 21.61 20.77
N PRO MA 26 -0.50 21.34 21.35
CA PRO MA 26 -1.42 22.42 21.71
C PRO MA 26 -1.05 23.04 23.05
N TRP MA 27 -1.45 24.30 23.21
CA TRP MA 27 -1.16 25.04 24.43
C TRP MA 27 -2.42 25.74 24.92
N SER MA 28 -2.50 25.88 26.24
CA SER MA 28 -3.63 26.52 26.89
C SER MA 28 -3.12 27.26 28.12
N GLY MA 29 -3.87 28.28 28.52
CA GLY MA 29 -3.53 29.06 29.70
C GLY MA 29 -4.69 29.87 30.24
N THR MA 30 -4.94 29.78 31.54
CA THR MA 30 -6.06 30.48 32.18
C THR MA 30 -5.50 31.62 33.03
N VAL MA 31 -5.87 32.85 32.66
CA VAL MA 31 -5.44 34.03 33.41
C VAL MA 31 -6.58 34.49 34.30
N VAL MA 32 -6.28 34.69 35.58
CA VAL MA 32 -7.26 35.14 36.57
C VAL MA 32 -6.92 36.52 37.10
N ALA MA 33 -5.74 36.69 37.69
CA ALA MA 33 -5.34 37.97 38.25
C ALA MA 33 -3.90 38.33 37.90
N THR MA 34 -3.13 37.35 37.42
CA THR MA 34 -1.71 37.53 37.16
C THR MA 34 -1.38 37.17 35.72
N ALA MA 35 -0.39 37.87 35.17
CA ALA MA 35 0.09 37.59 33.82
C ALA MA 35 0.78 36.23 33.77
N ILE MA 36 0.75 35.62 32.59
CA ILE MA 36 1.32 34.29 32.39
C ILE MA 36 2.40 34.37 31.31
N THR MA 37 3.43 33.54 31.48
CA THR MA 37 4.61 33.53 30.62
C THR MA 37 4.77 32.10 30.11
N ASN MA 38 3.70 31.58 29.49
CA ASN MA 38 3.62 30.18 29.10
C ASN MA 38 4.69 29.80 28.10
N VAL MA 39 5.63 28.95 28.51
CA VAL MA 39 6.71 28.52 27.64
C VAL MA 39 6.24 27.34 26.80
N LEU MA 40 6.43 27.42 25.48
CA LEU MA 40 6.00 26.37 24.58
C LEU MA 40 7.13 25.43 24.17
N TYR MA 41 8.37 25.89 24.17
CA TYR MA 41 9.49 25.09 23.72
C TYR MA 41 10.76 25.59 24.40
N ASN MA 42 11.66 24.67 24.71
CA ASN MA 42 12.94 25.02 25.32
C ASN MA 42 13.98 23.98 24.97
N ASN MA 43 15.25 24.37 25.04
CA ASN MA 43 16.35 23.48 24.71
C ASN MA 43 17.61 23.97 25.40
N ASN MA 44 18.61 23.09 25.44
CA ASN MA 44 19.92 23.41 26.02
C ASN MA 44 21.04 23.30 24.99
N ILE MA 45 20.71 23.38 23.71
CA ILE MA 45 21.67 23.21 22.63
C ILE MA 45 21.69 24.46 21.75
N ASN MA 46 21.53 25.62 22.40
CA ASN MA 46 21.36 26.89 21.68
C ASN MA 46 22.45 27.13 20.65
N GLN MA 47 23.67 26.69 20.93
CA GLN MA 47 24.75 26.84 19.96
C GLN MA 47 24.49 25.95 18.76
N ASN MA 48 24.48 26.54 17.57
CA ASN MA 48 24.19 25.84 16.33
C ASN MA 48 22.83 25.16 16.36
N MET MA 49 21.77 25.93 16.59
CA MET MA 49 20.41 25.41 16.52
C MET MA 49 19.57 26.36 15.68
N ILE MA 50 18.76 25.80 14.78
CA ILE MA 50 17.81 26.61 14.02
C ILE MA 50 16.44 25.94 14.07
N GLY MA 51 15.41 26.75 14.23
CA GLY MA 51 14.05 26.23 14.30
C GLY MA 51 13.08 27.00 13.43
N THR MA 52 12.31 26.29 12.62
CA THR MA 52 11.28 26.87 11.76
C THR MA 52 9.93 26.32 12.16
N GLY MA 53 8.93 27.19 12.25
CA GLY MA 53 7.61 26.71 12.61
C GLY MA 53 6.58 27.81 12.69
N PHE MA 54 5.50 27.53 13.42
CA PHE MA 54 4.43 28.49 13.57
C PHE MA 54 3.78 28.36 14.94
N VAL MA 55 3.12 29.45 15.34
CA VAL MA 55 2.29 29.51 16.53
C VAL MA 55 0.91 29.98 16.11
N ARG MA 56 -0.12 29.22 16.46
CA ARG MA 56 -1.50 29.52 16.09
C ARG MA 56 -2.28 29.93 17.33
N TYR MA 57 -2.89 31.12 17.27
CA TYR MA 57 -3.75 31.63 18.32
C TYR MA 57 -5.20 31.44 17.85
N ASP MA 58 -5.92 30.53 18.51
CA ASP MA 58 -7.26 30.15 18.09
C ASP MA 58 -8.35 30.94 18.82
N VAL MA 59 -8.41 30.81 20.13
CA VAL MA 59 -9.44 31.45 20.94
C VAL MA 59 -8.79 32.13 22.14
N GLY MA 60 -9.30 33.29 22.51
CA GLY MA 60 -8.79 34.03 23.64
C GLY MA 60 -9.45 35.39 23.80
N PRO MA 61 -9.53 35.86 25.05
CA PRO MA 61 -10.17 37.16 25.29
C PRO MA 61 -9.48 38.34 24.64
N ALA MA 62 -8.15 38.30 24.51
CA ALA MA 62 -7.41 39.49 24.12
C ALA MA 62 -6.15 39.16 23.34
N PRO MA 63 -5.50 40.13 22.71
CA PRO MA 63 -4.21 39.87 22.05
C PRO MA 63 -3.17 39.34 23.02
N ILE MA 64 -2.30 38.49 22.51
CA ILE MA 64 -1.20 37.89 23.28
C ILE MA 64 0.11 38.29 22.61
N THR MA 65 1.22 38.02 23.32
CA THR MA 65 2.54 38.33 22.79
C THR MA 65 3.32 37.04 22.62
N LEU MA 66 4.06 36.92 21.52
CA LEU MA 66 4.95 35.79 21.29
C LEU MA 66 6.39 36.29 21.33
N THR MA 67 7.19 35.72 22.24
CA THR MA 67 8.55 36.18 22.46
C THR MA 67 9.51 35.00 22.35
N VAL MA 68 10.73 35.29 21.88
CA VAL MA 68 11.79 34.30 21.76
C VAL MA 68 13.00 34.79 22.54
N LEU MA 69 13.55 33.93 23.39
CA LEU MA 69 14.61 34.31 24.31
C LEU MA 69 15.81 33.40 24.14
N ASP MA 70 17.00 33.98 24.37
CA ASP MA 70 18.24 33.25 24.36
C ASP MA 70 18.66 32.90 25.79
N ALA MA 71 19.82 32.25 25.90
CA ALA MA 71 20.25 31.70 27.19
C ALA MA 71 20.47 32.79 28.23
N ALA MA 72 20.73 34.03 27.80
CA ALA MA 72 20.97 35.13 28.72
C ALA MA 72 19.65 35.75 29.21
N GLY MA 73 18.52 35.27 28.72
CA GLY MA 73 17.22 35.80 29.10
C GLY MA 73 16.76 36.99 28.29
N ALA MA 74 17.59 37.48 27.37
CA ALA MA 74 17.21 38.62 26.54
C ALA MA 74 16.20 38.21 25.49
N THR MA 75 15.55 39.20 24.89
CA THR MA 75 14.54 38.97 23.87
C THR MA 75 15.16 39.09 22.49
N ILE MA 76 14.99 38.06 21.67
CA ILE MA 76 15.45 38.09 20.29
C ILE MA 76 14.38 38.68 19.37
N ASP MA 77 13.14 38.22 19.52
CA ASP MA 77 12.05 38.71 18.70
C ASP MA 77 10.77 38.69 19.51
N THR MA 78 9.92 39.70 19.29
CA THR MA 78 8.63 39.81 19.95
C THR MA 78 7.58 40.23 18.92
N GLN MA 79 6.44 39.55 18.94
CA GLN MA 79 5.35 39.82 18.03
C GLN MA 79 4.03 39.81 18.80
N THR MA 80 3.00 40.36 18.19
CA THR MA 80 1.67 40.44 18.79
C THR MA 80 0.68 39.66 17.95
N LEU MA 81 -0.20 38.91 18.61
CA LEU MA 81 -1.18 38.08 17.93
C LEU MA 81 -2.57 38.36 18.45
N ASN MA 82 -3.54 38.32 17.55
CA ASN MA 82 -4.96 38.46 17.83
C ASN MA 82 -5.66 37.10 17.65
N PRO MA 83 -6.77 36.86 18.33
CA PRO MA 83 -7.39 35.54 18.25
C PRO MA 83 -7.77 35.15 16.82
N GLY MA 84 -7.51 33.89 16.49
CA GLY MA 84 -7.85 33.34 15.19
C GLY MA 84 -6.81 33.47 14.11
N THR MA 85 -5.55 33.74 14.45
CA THR MA 85 -4.52 33.96 13.45
C THR MA 85 -3.33 33.05 13.72
N SER MA 86 -2.28 33.19 12.90
CA SER MA 86 -1.08 32.38 12.99
C SER MA 86 0.13 33.25 12.70
N ILE MA 87 1.28 32.83 13.21
CA ILE MA 87 2.54 33.51 12.93
C ILE MA 87 3.62 32.46 12.63
N ALA MA 88 4.32 32.63 11.52
CA ALA MA 88 5.42 31.76 11.14
C ALA MA 88 6.75 32.41 11.46
N PHE MA 89 7.75 31.56 11.73
CA PHE MA 89 9.04 32.07 12.18
C PHE MA 89 10.14 31.10 11.78
N THR MA 90 11.36 31.65 11.72
CA THR MA 90 12.59 30.86 11.56
C THR MA 90 13.67 31.56 12.37
N TYR MA 91 14.15 30.91 13.42
CA TYR MA 91 15.03 31.53 14.40
C TYR MA 91 16.29 30.68 14.58
N ARG MA 92 17.38 31.34 14.98
CA ARG MA 92 18.62 30.66 15.30
C ARG MA 92 19.17 31.17 16.62
N ARG MA 93 19.89 30.29 17.32
CA ARG MA 93 20.56 30.61 18.59
C ARG MA 93 19.57 31.20 19.60
N PHE MA 94 18.57 30.40 19.94
CA PHE MA 94 17.55 30.77 20.91
C PHE MA 94 17.42 29.65 21.93
N VAL MA 95 17.03 30.03 23.16
CA VAL MA 95 16.86 29.06 24.23
C VAL MA 95 15.40 28.68 24.45
N THR MA 96 14.46 29.57 24.16
CA THR MA 96 13.07 29.25 24.43
C THR MA 96 12.14 30.13 23.59
N ILE MA 97 10.92 29.64 23.41
CA ILE MA 97 9.83 30.36 22.79
C ILE MA 97 8.66 30.34 23.76
N GLU MA 98 8.02 31.50 23.96
CA GLU MA 98 6.97 31.59 24.95
C GLU MA 98 5.90 32.58 24.51
N VAL MA 99 4.73 32.46 25.14
CA VAL MA 99 3.61 33.38 24.92
C VAL MA 99 3.33 34.09 26.24
N THR MA 100 3.29 35.42 26.17
CA THR MA 100 2.94 36.26 27.31
C THR MA 100 1.47 36.62 27.20
N LEU MA 101 0.71 36.29 28.24
CA LEU MA 101 -0.71 36.54 28.43
C LEU MA 101 -0.91 37.62 29.49
N PRO MA 102 -1.48 38.75 29.12
CA PRO MA 102 -1.64 39.85 30.09
C PRO MA 102 -2.66 39.52 31.16
N ALA MA 103 -2.51 40.18 32.30
CA ALA MA 103 -3.42 40.00 33.42
C ALA MA 103 -4.66 40.88 33.31
N ALA MA 104 -4.77 41.69 32.26
CA ALA MA 104 -5.89 42.60 32.08
C ALA MA 104 -7.21 41.85 32.01
N THR MA 105 -7.37 41.00 31.01
CA THR MA 105 -8.62 40.27 30.82
C THR MA 105 -8.47 38.82 31.31
N ALA MA 106 -9.34 38.43 32.23
CA ALA MA 106 -9.32 37.06 32.74
C ALA MA 106 -10.06 36.14 31.77
N GLY MA 107 -9.48 34.98 31.53
CA GLY MA 107 -10.07 34.02 30.62
C GLY MA 107 -9.06 32.99 30.17
N THR MA 108 -9.50 32.15 29.24
CA THR MA 108 -8.70 31.03 28.75
C THR MA 108 -8.21 31.32 27.34
N TYR MA 109 -6.91 31.15 27.14
CA TYR MA 109 -6.28 31.27 25.83
C TYR MA 109 -5.86 29.88 25.36
N GLN MA 110 -6.18 29.56 24.11
CA GLN MA 110 -5.88 28.25 23.56
C GLN MA 110 -5.29 28.41 22.16
N GLY MA 111 -4.41 27.49 21.80
CA GLY MA 111 -3.80 27.54 20.49
C GLY MA 111 -2.93 26.32 20.23
N GLU MA 112 -2.15 26.40 19.16
CA GLU MA 112 -1.31 25.30 18.74
C GLU MA 112 0.10 25.81 18.43
N PHE MA 113 1.06 24.89 18.37
CA PHE MA 113 2.44 25.25 18.13
C PHE MA 113 3.13 24.11 17.39
N CYS MA 114 3.79 24.45 16.27
CA CYS MA 114 4.56 23.47 15.50
C CYS MA 114 5.97 24.00 15.34
N ILE MA 115 6.97 23.13 15.51
CA ILE MA 115 8.35 23.50 15.24
C ILE MA 115 9.09 22.31 14.65
N THR MA 116 10.05 22.62 13.78
CA THR MA 116 11.02 21.65 13.30
C THR MA 116 12.40 22.26 13.46
N THR MA 117 13.31 21.52 14.08
CA THR MA 117 14.60 22.04 14.52
C THR MA 117 15.74 21.24 13.91
N ARG MA 118 16.76 21.95 13.45
CA ARG MA 118 17.99 21.37 12.94
C ARG MA 118 19.14 21.71 13.88
N TYR MA 119 19.96 20.71 14.15
CA TYR MA 119 21.09 20.82 15.07
C TYR MA 119 22.12 19.76 14.71
N PRO MA 120 23.39 19.97 15.09
CA PRO MA 120 24.43 18.97 14.78
C PRO MA 120 24.37 17.80 15.75
N LEU MA 121 24.44 16.59 15.19
CA LEU MA 121 24.44 15.36 15.98
C LEU MA 121 25.87 14.87 16.21
N SER MA 122 26.77 15.79 16.50
CA SER MA 122 28.19 15.44 16.52
C SER MA 122 28.73 15.39 17.94
N ALA NA 9 44.08 19.93 2.97
CA ALA NA 9 44.27 20.30 4.38
C ALA NA 9 44.98 21.64 4.49
N LEU NA 10 44.94 22.42 3.41
CA LEU NA 10 45.63 23.70 3.37
C LEU NA 10 44.80 24.87 3.84
N THR NA 11 43.49 24.68 4.07
CA THR NA 11 42.60 25.80 4.33
C THR NA 11 41.77 25.54 5.57
N CYS NA 12 41.53 26.60 6.34
CA CYS NA 12 40.49 26.62 7.37
C CYS NA 12 39.25 27.32 6.84
N CYS NA 13 38.95 27.13 5.55
CA CYS NA 13 37.76 27.67 4.90
C CYS NA 13 36.69 26.58 4.83
N PRO NA 14 35.77 26.53 5.78
CA PRO NA 14 34.74 25.48 5.75
C PRO NA 14 33.73 25.74 4.65
N ASP NA 15 33.09 24.66 4.21
CA ASP NA 15 32.06 24.72 3.19
C ASP NA 15 30.77 25.30 3.77
N LYS NA 16 29.95 25.86 2.89
CA LYS NA 16 28.64 26.38 3.25
C LYS NA 16 27.59 25.34 2.90
N ASN NA 17 26.97 24.75 3.92
CA ASN NA 17 25.96 23.72 3.74
C ASN NA 17 24.59 24.39 3.85
N TYR NA 18 23.96 24.65 2.71
CA TYR NA 18 22.68 25.33 2.68
C TYR NA 18 21.55 24.32 2.84
N VAL NA 19 20.53 24.70 3.60
CA VAL NA 19 19.37 23.85 3.85
C VAL NA 19 18.11 24.66 3.59
N GLN NA 20 17.01 23.94 3.40
CA GLN NA 20 15.72 24.50 3.02
C GLN NA 20 14.63 23.97 3.93
N ASP NA 21 13.73 24.85 4.34
CA ASP NA 21 12.55 24.50 5.12
C ASP NA 21 11.31 25.07 4.45
N LYS NA 22 10.15 24.62 4.91
CA LYS NA 22 8.88 25.06 4.33
C LYS NA 22 7.86 25.24 5.46
N VAL NA 23 7.01 26.24 5.33
CA VAL NA 23 5.95 26.47 6.31
C VAL NA 23 4.78 27.17 5.62
N CYS NA 24 3.56 26.71 5.92
CA CYS NA 24 2.33 27.28 5.41
C CYS NA 24 1.41 27.58 6.58
N SER NA 25 0.67 28.67 6.50
CA SER NA 25 -0.23 29.06 7.58
C SER NA 25 -1.33 29.97 7.05
N PRO NA 26 -2.55 29.85 7.57
CA PRO NA 26 -3.59 30.82 7.25
C PRO NA 26 -3.49 32.05 8.14
N TRP NA 27 -4.00 33.16 7.62
CA TRP NA 27 -3.96 34.43 8.33
C TRP NA 27 -5.34 35.09 8.29
N SER NA 28 -5.64 35.83 9.35
CA SER NA 28 -6.89 36.54 9.49
C SER NA 28 -6.65 37.85 10.23
N GLY NA 29 -7.53 38.81 10.00
CA GLY NA 29 -7.43 40.09 10.66
C GLY NA 29 -8.72 40.89 10.61
N THR NA 30 -9.17 41.40 11.75
CA THR NA 30 -10.42 42.15 11.85
C THR NA 30 -10.10 43.62 12.07
N VAL NA 31 -10.48 44.46 11.12
CA VAL NA 31 -10.28 45.90 11.22
C VAL NA 31 -11.58 46.56 11.66
N VAL NA 32 -11.50 47.39 12.69
CA VAL NA 32 -12.65 48.11 13.22
C VAL NA 32 -12.51 49.62 13.04
N ALA NA 33 -11.44 50.21 13.57
CA ALA NA 33 -11.24 51.65 13.46
C ALA NA 33 -9.80 51.99 13.13
N THR NA 34 -8.89 51.03 13.28
CA THR NA 34 -7.47 51.27 13.10
C THR NA 34 -6.88 50.31 12.07
N ALA NA 35 -5.88 50.79 11.35
CA ALA NA 35 -5.18 49.97 10.36
C ALA NA 35 -4.39 48.87 11.06
N ILE NA 36 -4.17 47.78 10.34
CA ILE NA 36 -3.49 46.61 10.88
C ILE NA 36 -2.25 46.32 10.02
N THR NA 37 -1.20 45.82 10.68
CA THR NA 37 0.10 45.58 10.05
C THR NA 37 0.44 44.11 10.34
N ASN NA 38 -0.48 43.23 9.95
CA ASN NA 38 -0.39 41.80 10.30
C ASN NA 38 0.85 41.15 9.73
N VAL NA 39 1.78 40.75 10.60
CA VAL NA 39 3.02 40.11 10.17
C VAL NA 39 2.77 38.61 9.98
N LEU NA 40 3.16 38.09 8.82
CA LEU NA 40 2.96 36.68 8.51
C LEU NA 40 4.20 35.83 8.74
N TYR NA 41 5.40 36.41 8.64
CA TYR NA 41 6.64 35.66 8.76
C TYR NA 41 7.73 36.61 9.21
N ASN NA 42 8.65 36.09 10.03
CA ASN NA 42 9.77 36.86 10.51
C ASN NA 42 10.93 35.94 10.83
N ASN NA 43 12.14 36.51 10.82
CA ASN NA 43 13.35 35.73 11.07
C ASN NA 43 14.45 36.67 11.56
N ASN NA 44 15.50 36.07 12.12
CA ASN NA 44 16.66 36.80 12.60
C ASN NA 44 17.94 36.38 11.88
N ILE NA 45 17.80 35.79 10.70
CA ILE NA 45 18.93 35.26 9.94
C ILE NA 45 19.00 35.93 8.57
N ASN NA 46 18.66 37.23 8.53
CA ASN NA 46 18.49 37.94 7.27
C ASN NA 46 19.72 37.83 6.37
N GLN NA 47 20.90 37.75 6.96
CA GLN NA 47 22.11 37.57 6.16
C GLN NA 47 22.10 36.19 5.53
N ASN NA 48 22.25 36.13 4.20
CA ASN NA 48 22.21 34.88 3.44
C ASN NA 48 20.91 34.11 3.68
N MET NA 49 19.78 34.74 3.40
CA MET NA 49 18.49 34.07 3.45
C MET NA 49 17.71 34.36 2.18
N ILE NA 50 17.10 33.33 1.59
CA ILE NA 50 16.23 33.51 0.44
C ILE NA 50 14.92 32.77 0.68
N GLY NA 51 13.82 33.40 0.32
CA GLY NA 51 12.51 32.80 0.50
C GLY NA 51 11.63 32.91 -0.73
N THR NA 52 11.05 31.78 -1.15
CA THR NA 52 10.14 31.74 -2.28
C THR NA 52 8.77 31.27 -1.80
N GLY NA 53 7.72 31.91 -2.26
CA GLY NA 53 6.39 31.47 -1.83
C GLY NA 53 5.28 32.32 -2.41
N PHE NA 54 4.13 32.27 -1.74
CA PHE NA 54 2.97 33.02 -2.20
C PHE NA 54 2.13 33.47 -1.02
N VAL NA 55 1.34 34.50 -1.27
CA VAL NA 55 0.32 35.01 -0.35
C VAL NA 55 -1.00 35.01 -1.09
N ARG NA 56 -2.02 34.38 -0.51
CA ARG NA 56 -3.33 34.27 -1.11
C ARG NA 56 -4.33 35.10 -0.33
N TYR NA 57 -5.00 36.01 -1.03
CA TYR NA 57 -6.07 36.83 -0.46
C TYR NA 57 -7.40 36.25 -0.91
N ASP NA 58 -8.14 35.67 0.04
CA ASP NA 58 -9.37 34.95 -0.28
C ASP NA 58 -10.62 35.80 -0.14
N VAL NA 59 -10.88 36.33 1.05
CA VAL NA 59 -12.06 37.12 1.33
C VAL NA 59 -11.66 38.37 2.10
N GLY NA 60 -12.32 39.48 1.79
CA GLY NA 60 -12.05 40.73 2.45
C GLY NA 60 -12.83 41.89 1.86
N PRO NA 61 -13.14 42.89 2.69
CA PRO NA 61 -13.91 44.05 2.20
C PRO NA 61 -13.20 44.85 1.12
N ALA NA 62 -11.88 44.95 1.16
CA ALA NA 62 -11.18 45.91 0.31
C ALA NA 62 -9.79 45.41 -0.08
N PRO NA 63 -9.12 46.06 -1.04
CA PRO NA 63 -7.74 45.69 -1.35
C PRO NA 63 -6.82 45.85 -0.14
N ILE NA 64 -5.81 44.99 -0.08
CA ILE NA 64 -4.82 45.00 0.98
C ILE NA 64 -3.45 45.21 0.35
N THR NA 65 -2.45 45.48 1.19
CA THR NA 65 -1.09 45.68 0.72
C THR NA 65 -0.19 44.59 1.28
N LEU NA 66 0.72 44.07 0.46
CA LEU NA 66 1.72 43.12 0.91
C LEU NA 66 3.09 43.77 0.85
N THR NA 67 3.78 43.83 1.99
CA THR NA 67 5.06 44.53 2.09
C THR NA 67 6.11 43.59 2.66
N VAL NA 68 7.36 43.80 2.24
CA VAL NA 68 8.50 43.04 2.74
C VAL NA 68 9.52 44.01 3.29
N LEU NA 69 10.00 43.74 4.50
CA LEU NA 69 10.87 44.67 5.21
C LEU NA 69 12.15 43.97 5.63
N ASP NA 70 13.23 44.75 5.66
CA ASP NA 70 14.53 44.30 6.14
C ASP NA 70 14.73 44.73 7.58
N ALA NA 71 15.91 44.39 8.12
CA ALA NA 71 16.18 44.60 9.54
C ALA NA 71 16.15 46.08 9.93
N ALA NA 72 16.38 46.97 8.97
CA ALA NA 72 16.37 48.41 9.24
C ALA NA 72 14.96 48.99 9.23
N GLY NA 73 13.95 48.17 8.93
CA GLY NA 73 12.58 48.62 8.87
C GLY NA 73 12.16 49.20 7.54
N ALA NA 74 13.07 49.31 6.58
CA ALA NA 74 12.75 49.84 5.27
C ALA NA 74 11.95 48.83 4.45
N THR NA 75 11.33 49.32 3.39
CA THR NA 75 10.52 48.48 2.53
C THR NA 75 11.33 48.02 1.32
N ILE NA 76 11.37 46.71 1.11
CA ILE NA 76 12.03 46.14 -0.05
C ILE NA 76 11.07 46.06 -1.24
N ASP NA 77 9.87 45.54 -1.01
CA ASP NA 77 8.89 45.41 -2.07
C ASP NA 77 7.50 45.61 -1.48
N THR NA 78 6.63 46.25 -2.25
CA THR NA 78 5.24 46.48 -1.86
C THR NA 78 4.34 46.20 -3.05
N GLN NA 79 3.26 45.46 -2.83
CA GLN NA 79 2.31 45.10 -3.86
C GLN NA 79 0.90 45.27 -3.31
N THR NA 80 -0.08 45.30 -4.22
CA THR NA 80 -1.48 45.47 -3.86
C THR NA 80 -2.27 44.25 -4.31
N LEU NA 81 -3.17 43.80 -3.45
CA LEU NA 81 -3.96 42.61 -3.73
C LEU NA 81 -5.45 42.90 -3.55
N ASN NA 82 -6.26 42.30 -4.42
CA ASN NA 82 -7.71 42.34 -4.36
C ASN NA 82 -8.25 40.98 -3.93
N PRO NA 83 -9.45 40.94 -3.34
CA PRO NA 83 -9.94 39.66 -2.80
C PRO NA 83 -10.06 38.59 -3.88
N GLY NA 84 -9.65 37.37 -3.53
CA GLY NA 84 -9.74 36.23 -4.42
C GLY NA 84 -8.56 35.98 -5.30
N THR NA 85 -7.40 36.56 -5.01
CA THR NA 85 -6.23 36.43 -5.89
C THR NA 85 -5.03 35.92 -5.09
N SER NA 86 -3.90 35.80 -5.77
CA SER NA 86 -2.66 35.32 -5.17
C SER NA 86 -1.48 36.11 -5.72
N ILE NA 87 -0.40 36.16 -4.96
CA ILE NA 87 0.84 36.79 -5.42
C ILE NA 87 2.01 35.89 -5.05
N ALA NA 88 2.87 35.61 -6.02
CA ALA NA 88 4.08 34.82 -5.82
C ALA NA 88 5.30 35.74 -5.72
N PHE NA 89 6.30 35.28 -4.98
CA PHE NA 89 7.46 36.12 -4.71
C PHE NA 89 8.69 35.25 -4.46
N THR NA 90 9.85 35.86 -4.67
CA THR NA 90 11.14 35.29 -4.30
C THR NA 90 12.03 36.44 -3.83
N TYR NA 91 12.38 36.44 -2.55
CA TYR NA 91 13.06 37.57 -1.93
C TYR NA 91 14.33 37.11 -1.24
N ARG NA 92 15.29 38.03 -1.11
CA ARG NA 92 16.51 37.76 -0.37
C ARG NA 92 16.81 38.92 0.57
N ARG NA 93 17.48 38.60 1.69
CA ARG NA 93 17.90 39.58 2.69
C ARG NA 93 16.73 40.43 3.17
N PHE NA 94 15.75 39.75 3.76
CA PHE NA 94 14.57 40.38 4.32
C PHE NA 94 14.37 39.90 5.74
N VAL NA 95 13.76 40.75 6.57
CA VAL NA 95 13.50 40.41 7.95
C VAL NA 95 12.06 39.97 8.19
N THR NA 96 11.11 40.46 7.40
CA THR NA 96 9.72 40.12 7.66
C THR NA 96 8.88 40.35 6.42
N ILE NA 97 7.74 39.65 6.38
CA ILE NA 97 6.70 39.84 5.37
C ILE NA 97 5.40 40.12 6.11
N GLU NA 98 4.65 41.11 5.65
CA GLU NA 98 3.46 41.52 6.36
C GLU NA 98 2.39 42.00 5.38
N VAL NA 99 1.15 42.04 5.86
CA VAL NA 99 0.02 42.57 5.11
C VAL NA 99 -0.52 43.77 5.87
N THR NA 100 -0.65 44.89 5.16
CA THR NA 100 -1.24 46.11 5.69
C THR NA 100 -2.70 46.17 5.27
N LEU NA 101 -3.59 46.26 6.25
CA LEU NA 101 -5.03 46.37 6.15
C LEU NA 101 -5.47 47.77 6.51
N PRO NA 102 -6.07 48.51 5.58
CA PRO NA 102 -6.46 49.89 5.85
C PRO NA 102 -7.61 49.98 6.84
N ALA NA 103 -7.69 51.11 7.52
CA ALA NA 103 -8.75 51.37 8.48
C ALA NA 103 -10.02 51.90 7.84
N ALA NA 104 -10.02 52.07 6.51
CA ALA NA 104 -11.18 52.62 5.80
C ALA NA 104 -12.41 51.74 5.97
N THR NA 105 -12.33 50.50 5.51
CA THR NA 105 -13.47 49.61 5.60
C THR NA 105 -13.29 48.61 6.73
N ALA NA 106 -14.26 48.58 7.65
CA ALA NA 106 -14.23 47.64 8.76
C ALA NA 106 -14.74 46.28 8.31
N GLY NA 107 -14.03 45.24 8.74
CA GLY NA 107 -14.40 43.89 8.36
C GLY NA 107 -13.25 42.93 8.59
N THR NA 108 -13.48 41.69 8.16
CA THR NA 108 -12.53 40.61 8.36
C THR NA 108 -11.85 40.25 7.05
N TYR NA 109 -10.53 40.19 7.08
CA TYR NA 109 -9.71 39.75 5.96
C TYR NA 109 -9.12 38.39 6.28
N GLN NA 110 -9.21 37.47 5.33
CA GLN NA 110 -8.73 36.12 5.53
C GLN NA 110 -7.94 35.68 4.30
N GLY NA 111 -6.95 34.81 4.53
CA GLY NA 111 -6.13 34.33 3.44
C GLY NA 111 -5.16 33.28 3.90
N GLU NA 112 -4.22 32.94 3.02
CA GLU NA 112 -3.23 31.90 3.27
C GLU NA 112 -1.85 32.41 2.91
N PHE NA 113 -0.82 31.71 3.39
CA PHE NA 113 0.55 32.11 3.15
C PHE NA 113 1.44 30.87 3.12
N CYS NA 114 2.23 30.72 2.07
CA CYS NA 114 3.19 29.62 1.97
C CYS NA 114 4.56 30.19 1.70
N ILE NA 115 5.59 29.67 2.38
CA ILE NA 115 6.96 30.06 2.10
C ILE NA 115 7.86 28.86 2.25
N THR NA 116 8.93 28.84 1.45
CA THR NA 116 10.04 27.91 1.60
C THR NA 116 11.32 28.72 1.58
N THR NA 117 12.17 28.50 2.58
CA THR NA 117 13.33 29.35 2.82
C THR NA 117 14.61 28.52 2.80
N ARG NA 118 15.63 29.07 2.15
CA ARG NA 118 16.97 28.50 2.12
C ARG NA 118 17.93 29.41 2.88
N TYR NA 119 18.78 28.78 3.68
CA TYR NA 119 19.72 29.49 4.54
C TYR NA 119 20.88 28.55 4.86
N PRO NA 120 22.05 29.08 5.20
CA PRO NA 120 23.21 28.23 5.52
C PRO NA 120 23.10 27.67 6.93
N LEU NA 121 23.34 26.37 7.07
CA LEU NA 121 23.31 25.68 8.35
C LEU NA 121 24.72 25.57 8.94
N SER NA 122 25.45 26.67 8.84
CA SER NA 122 26.87 26.63 9.19
C SER NA 122 27.17 27.27 10.53
N ALA OA 9 44.38 26.32 -3.24
CA ALA OA 9 44.32 27.34 -2.19
C ALA OA 9 44.88 28.67 -2.68
N LEU OA 10 44.96 28.81 -4.01
CA LEU OA 10 45.55 29.99 -4.61
C LEU OA 10 44.55 31.12 -4.85
N THR OA 11 43.25 30.87 -4.70
CA THR OA 11 42.25 31.84 -5.11
C THR OA 11 41.25 32.08 -3.99
N CYS OA 12 40.81 33.34 -3.87
CA CYS OA 12 39.62 33.70 -3.10
C CYS OA 12 38.42 33.87 -4.03
N CYS OA 13 38.35 33.04 -5.07
CA CYS OA 13 37.23 33.02 -6.01
C CYS OA 13 36.29 31.90 -5.66
N PRO OA 14 35.23 32.17 -4.89
CA PRO OA 14 34.31 31.09 -4.50
C PRO OA 14 33.46 30.63 -5.68
N ASP OA 15 32.99 29.40 -5.57
CA ASP OA 15 32.13 28.82 -6.60
C ASP OA 15 30.72 29.40 -6.50
N LYS OA 16 30.00 29.34 -7.62
CA LYS OA 16 28.62 29.78 -7.69
C LYS OA 16 27.72 28.56 -7.58
N ASN OA 17 27.01 28.45 -6.47
CA ASN OA 17 26.11 27.32 -6.21
C ASN OA 17 24.70 27.76 -6.58
N TYR OA 18 24.24 27.35 -7.76
CA TYR OA 18 22.93 27.72 -8.25
C TYR OA 18 21.87 26.76 -7.72
N VAL OA 19 20.71 27.31 -7.35
CA VAL OA 19 19.60 26.53 -6.83
C VAL OA 19 18.34 26.92 -7.57
N GLN OA 20 17.35 26.03 -7.48
CA GLN OA 20 16.09 26.16 -8.21
C GLN OA 20 14.91 25.96 -7.27
N ASP OA 21 13.90 26.80 -7.45
CA ASP OA 21 12.64 26.70 -6.71
C ASP OA 21 11.48 26.69 -7.70
N LYS OA 22 10.29 26.34 -7.20
CA LYS OA 22 9.10 26.26 -8.02
C LYS OA 22 7.92 26.81 -7.24
N VAL OA 23 7.01 27.50 -7.93
CA VAL OA 23 5.79 28.01 -7.30
C VAL OA 23 4.70 28.11 -8.36
N CYS OA 24 3.49 27.68 -8.00
CA CYS OA 24 2.31 27.74 -8.84
C CYS OA 24 1.20 28.43 -8.06
N SER OA 25 0.39 29.24 -8.75
CA SER OA 25 -0.69 29.96 -8.10
C SER OA 25 -1.76 30.32 -9.11
N PRO OA 26 -3.03 30.28 -8.72
CA PRO OA 26 -4.09 30.82 -9.57
C PRO OA 26 -4.23 32.33 -9.41
N TRP OA 27 -4.74 32.97 -10.45
CA TRP OA 27 -4.92 34.41 -10.46
C TRP OA 27 -6.31 34.76 -10.95
N SER OA 28 -6.83 35.87 -10.43
CA SER OA 28 -8.15 36.36 -10.79
C SER OA 28 -8.12 37.88 -10.78
N GLY OA 29 -9.03 38.47 -11.54
CA GLY OA 29 -9.15 39.93 -11.59
C GLY OA 29 -10.47 40.40 -12.15
N THR OA 30 -11.13 41.33 -11.46
CA THR OA 30 -12.43 41.83 -11.87
C THR OA 30 -12.27 43.27 -12.37
N VAL OA 31 -12.57 43.47 -13.66
CA VAL OA 31 -12.49 44.80 -14.26
C VAL OA 31 -13.89 45.38 -14.34
N VAL OA 32 -14.05 46.62 -13.84
CA VAL OA 32 -15.31 47.32 -13.85
C VAL OA 32 -15.27 48.56 -14.74
N ALA OA 33 -14.36 49.48 -14.47
CA ALA OA 33 -14.25 50.70 -15.27
C ALA OA 33 -12.80 51.06 -15.58
N THR OA 34 -11.85 50.43 -14.89
CA THR OA 34 -10.44 50.76 -15.02
C THR OA 34 -9.63 49.52 -15.37
N ALA OA 35 -8.57 49.73 -16.15
CA ALA OA 35 -7.67 48.66 -16.52
C ALA OA 35 -6.91 48.16 -15.29
N ILE OA 36 -6.49 46.89 -15.35
CA ILE OA 36 -5.81 46.24 -14.24
C ILE OA 36 -4.44 45.76 -14.72
N THR OA 37 -3.47 45.80 -13.81
CA THR OA 37 -2.08 45.47 -14.10
C THR OA 37 -1.66 44.39 -13.10
N ASN OA 38 -2.43 43.31 -13.08
CA ASN OA 38 -2.29 42.27 -12.06
C ASN OA 38 -0.92 41.60 -12.11
N VAL OA 39 -0.12 41.80 -11.07
CA VAL OA 39 1.22 41.22 -11.00
C VAL OA 39 1.13 39.81 -10.46
N LEU OA 40 1.73 38.85 -11.16
CA LEU OA 40 1.70 37.45 -10.74
C LEU OA 40 2.95 37.01 -10.01
N TYR OA 41 4.10 37.64 -10.27
CA TYR OA 41 5.36 37.23 -9.68
C TYR OA 41 6.29 38.43 -9.64
N ASN OA 42 7.10 38.50 -8.59
CA ASN OA 42 8.07 39.58 -8.45
C ASN OA 42 9.24 39.10 -7.60
N ASN OA 43 10.38 39.76 -7.77
CA ASN OA 43 11.60 39.38 -7.06
C ASN OA 43 12.53 40.59 -6.99
N ASN OA 44 13.53 40.50 -6.10
CA ASN OA 44 14.54 41.54 -5.95
C ASN OA 44 15.94 41.00 -6.23
N ILE OA 45 16.04 39.91 -6.97
CA ILE OA 45 17.31 39.25 -7.26
C ILE OA 45 17.54 39.19 -8.76
N ASN OA 46 17.10 40.23 -9.47
CA ASN OA 46 17.08 40.23 -10.93
C ASN OA 46 18.44 39.87 -11.53
N GLN OA 47 19.52 40.26 -10.87
CA GLN OA 47 20.84 39.90 -11.36
C GLN OA 47 21.05 38.40 -11.21
N ASN OA 48 21.40 37.74 -12.31
CA ASN OA 48 21.58 36.29 -12.36
C ASN OA 48 20.33 35.54 -11.90
N MET OA 49 19.20 35.79 -12.56
CA MET OA 49 17.98 35.04 -12.31
C MET OA 49 17.39 34.57 -13.63
N ILE OA 50 16.97 33.31 -13.69
CA ILE OA 50 16.27 32.79 -14.86
C ILE OA 50 15.01 32.07 -14.41
N GLY OA 51 13.93 32.28 -15.14
CA GLY OA 51 12.66 31.65 -14.82
C GLY OA 51 11.98 31.03 -16.02
N THR OA 52 11.56 29.78 -15.88
CA THR OA 52 10.84 29.05 -16.92
C THR OA 52 9.47 28.68 -16.40
N GLY OA 53 8.44 28.86 -17.22
CA GLY OA 53 7.11 28.50 -16.76
C GLY OA 53 6.04 28.79 -17.79
N PHE OA 54 4.80 28.89 -17.31
CA PHE OA 54 3.67 29.16 -18.19
C PHE OA 54 2.63 29.99 -17.46
N VAL OA 55 1.81 30.65 -18.28
CA VAL OA 55 0.63 31.38 -17.84
C VAL OA 55 -0.57 30.84 -18.60
N ARG OA 56 -1.61 30.42 -17.88
CA ARG OA 56 -2.80 29.84 -18.48
C ARG OA 56 -3.97 30.78 -18.31
N TYR OA 57 -4.60 31.14 -19.42
CA TYR OA 57 -5.80 31.97 -19.45
C TYR OA 57 -7.00 31.05 -19.67
N ASP OA 58 -7.82 30.90 -18.64
CA ASP OA 58 -8.92 29.94 -18.67
C ASP OA 58 -10.25 30.57 -19.10
N VAL OA 59 -10.72 31.56 -18.35
CA VAL OA 59 -12.00 32.20 -18.63
C VAL OA 59 -11.83 33.71 -18.55
N GLY OA 60 -12.52 34.43 -19.43
CA GLY OA 60 -12.45 35.87 -19.45
C GLY OA 60 -13.21 36.47 -20.61
N PRO OA 61 -13.73 37.68 -20.42
CA PRO OA 61 -14.51 38.34 -21.49
C PRO OA 61 -13.71 38.62 -22.74
N ALA OA 62 -12.42 38.91 -22.64
CA ALA OA 62 -11.68 39.44 -23.77
C ALA OA 62 -10.20 39.03 -23.72
N PRO OA 63 -9.46 39.23 -24.81
CA PRO OA 63 -8.01 38.96 -24.77
C PRO OA 63 -7.30 39.81 -23.72
N ILE OA 64 -6.26 39.24 -23.13
CA ILE OA 64 -5.44 39.91 -22.13
C ILE OA 64 -4.01 39.99 -22.64
N THR OA 65 -3.18 40.77 -21.95
CA THR OA 65 -1.78 40.92 -22.32
C THR OA 65 -0.90 40.37 -21.21
N LEU OA 66 0.16 39.67 -21.57
CA LEU OA 66 1.15 39.21 -20.62
C LEU OA 66 2.46 39.94 -20.86
N THR OA 67 2.95 40.64 -19.84
CA THR OA 67 4.14 41.47 -19.97
C THR OA 67 5.16 41.09 -18.91
N VAL OA 68 6.44 41.25 -19.26
CA VAL OA 68 7.54 40.99 -18.34
C VAL OA 68 8.39 42.25 -18.24
N LEU OA 69 8.69 42.67 -17.02
CA LEU OA 69 9.36 43.94 -16.78
C LEU OA 69 10.62 43.72 -15.95
N ASP OA 70 11.61 44.58 -16.20
CA ASP OA 70 12.84 44.60 -15.44
C ASP OA 70 12.79 45.70 -14.39
N ALA OA 71 13.89 45.84 -13.63
CA ALA OA 71 13.91 46.74 -12.49
C ALA OA 71 13.71 48.20 -12.89
N ALA OA 72 14.02 48.55 -14.13
CA ALA OA 72 13.85 49.92 -14.61
C ALA OA 72 12.42 50.20 -15.05
N GLY OA 73 11.54 49.20 -15.00
CA GLY OA 73 10.16 49.38 -15.41
C GLY OA 73 9.91 49.17 -16.89
N ALA OA 74 10.94 48.93 -17.68
CA ALA OA 74 10.80 48.73 -19.11
C ALA OA 74 10.22 47.34 -19.39
N THR OA 75 9.73 47.16 -20.61
CA THR OA 75 9.13 45.90 -21.02
C THR OA 75 10.16 45.04 -21.76
N ILE OA 76 10.34 43.81 -21.28
CA ILE OA 76 11.22 42.86 -21.94
C ILE OA 76 10.46 42.09 -23.01
N ASP OA 77 9.28 41.58 -22.68
CA ASP OA 77 8.49 40.81 -23.63
C ASP OA 77 7.02 41.06 -23.35
N THR OA 78 6.23 41.12 -24.43
CA THR OA 78 4.79 41.29 -24.33
C THR OA 78 4.11 40.35 -25.32
N GLN OA 79 3.07 39.67 -24.85
CA GLN OA 79 2.32 38.71 -25.66
C GLN OA 79 0.83 38.91 -25.41
N THR OA 80 0.02 38.37 -26.31
CA THR OA 80 -1.43 38.48 -26.22
C THR OA 80 -2.04 37.10 -26.07
N LEU OA 81 -3.03 36.98 -25.19
CA LEU OA 81 -3.67 35.71 -24.92
C LEU OA 81 -5.18 35.82 -25.06
N ASN OA 82 -5.80 34.78 -25.58
CA ASN OA 82 -7.24 34.62 -25.70
C ASN OA 82 -7.73 33.57 -24.72
N PRO OA 83 -9.00 33.64 -24.29
CA PRO OA 83 -9.47 32.72 -23.25
C PRO OA 83 -9.33 31.27 -23.66
N GLY OA 84 -8.88 30.45 -22.71
CA GLY OA 84 -8.76 29.02 -22.92
C GLY OA 84 -7.42 28.54 -23.45
N THR OA 85 -6.37 29.35 -23.37
CA THR OA 85 -5.08 28.99 -23.94
C THR OA 85 -3.98 29.11 -22.88
N SER OA 86 -2.75 28.85 -23.30
CA SER OA 86 -1.58 28.89 -22.43
C SER OA 86 -0.41 29.49 -23.19
N ILE OA 87 0.54 30.06 -22.45
CA ILE OA 87 1.78 30.56 -23.03
C ILE OA 87 2.95 30.13 -22.16
N ALA OA 88 3.98 29.55 -22.78
CA ALA OA 88 5.18 29.14 -22.09
C ALA OA 88 6.30 30.15 -22.34
N PHE OA 89 7.20 30.26 -21.37
CA PHE OA 89 8.24 31.29 -21.45
C PHE OA 89 9.48 30.84 -20.69
N THR OA 90 10.61 31.44 -21.05
CA THR OA 90 11.86 31.30 -20.32
C THR OA 90 12.57 32.65 -20.41
N TYR OA 91 12.72 33.31 -19.26
CA TYR OA 91 13.20 34.69 -19.22
C TYR OA 91 14.38 34.82 -18.27
N ARG OA 92 15.23 35.82 -18.51
CA ARG OA 92 16.35 36.12 -17.63
C ARG OA 92 16.40 37.62 -17.36
N ARG OA 93 16.90 37.97 -16.18
CA ARG OA 93 17.09 39.35 -15.76
C ARG OA 93 15.79 40.16 -15.88
N PHE OA 94 14.79 39.70 -15.13
CA PHE OA 94 13.49 40.35 -15.07
C PHE OA 94 13.10 40.58 -13.62
N VAL OA 95 12.31 41.63 -13.39
CA VAL OA 95 11.87 41.96 -12.04
C VAL OA 95 10.45 41.48 -11.77
N THR OA 96 9.59 41.40 -12.79
CA THR OA 96 8.21 41.01 -12.52
C THR OA 96 7.55 40.50 -13.79
N ILE OA 97 6.50 39.71 -13.59
CA ILE OA 97 5.62 39.24 -14.65
C ILE OA 97 4.20 39.64 -14.28
N GLU OA 98 3.46 40.17 -15.26
CA GLU OA 98 2.13 40.68 -14.96
C GLU OA 98 1.20 40.48 -16.14
N VAL OA 99 -0.09 40.55 -15.87
CA VAL OA 99 -1.13 40.50 -16.89
C VAL OA 99 -1.88 41.82 -16.88
N THR OA 100 -1.99 42.42 -18.05
CA THR OA 100 -2.75 43.65 -18.26
C THR OA 100 -4.12 43.28 -18.80
N LEU OA 101 -5.15 43.71 -18.07
CA LEU OA 101 -6.57 43.54 -18.36
C LEU OA 101 -7.17 44.86 -18.78
N PRO OA 102 -7.67 44.96 -20.01
CA PRO OA 102 -8.21 46.24 -20.50
C PRO OA 102 -9.51 46.62 -19.80
N ALA OA 103 -9.78 47.91 -19.79
CA ALA OA 103 -11.00 48.45 -19.18
C ALA OA 103 -12.19 48.40 -20.13
N ALA OA 104 -12.00 47.92 -21.35
CA ALA OA 104 -13.06 47.89 -22.35
C ALA OA 104 -14.24 47.03 -21.90
N THR OA 105 -13.98 45.75 -21.67
CA THR OA 105 -15.06 44.85 -21.26
C THR OA 105 -14.98 44.56 -19.77
N ALA OA 106 -16.07 44.83 -19.06
CA ALA OA 106 -16.13 44.55 -17.63
C ALA OA 106 -16.45 43.08 -17.40
N GLY OA 107 -15.75 42.49 -16.45
CA GLY OA 107 -15.95 41.09 -16.14
C GLY OA 107 -14.77 40.52 -15.36
N THR OA 108 -14.84 39.22 -15.13
CA THR OA 108 -13.84 38.51 -14.33
C THR OA 108 -12.94 37.68 -15.22
N TYR OA 109 -11.63 37.84 -15.03
CA TYR OA 109 -10.61 37.05 -15.72
C TYR OA 109 -9.97 36.10 -14.70
N GLN OA 110 -9.85 34.83 -15.07
CA GLN OA 110 -9.29 33.83 -14.19
C GLN OA 110 -8.29 32.98 -14.94
N GLY OA 111 -7.29 32.49 -14.23
CA GLY OA 111 -6.28 31.66 -14.85
C GLY OA 111 -5.31 31.12 -13.83
N GLU OA 112 -4.21 30.54 -14.34
CA GLU OA 112 -3.20 29.90 -13.51
C GLU OA 112 -1.81 30.37 -13.94
N PHE OA 113 -0.83 30.15 -13.08
CA PHE OA 113 0.53 30.58 -13.35
C PHE OA 113 1.50 29.62 -12.66
N CYS OA 114 2.47 29.10 -13.42
CA CYS OA 114 3.51 28.24 -12.88
C CYS OA 114 4.86 28.81 -13.26
N ILE OA 115 5.80 28.84 -12.32
CA ILE OA 115 7.16 29.24 -12.62
C ILE OA 115 8.14 28.40 -11.80
N THR OA 116 9.31 28.16 -12.38
CA THR OA 116 10.44 27.59 -11.68
C THR OA 116 11.65 28.47 -11.98
N THR OA 117 12.34 28.88 -10.93
CA THR OA 117 13.38 29.90 -11.02
C THR OA 117 14.71 29.36 -10.50
N ARG OA 118 15.78 29.68 -11.24
CA ARG OA 118 17.14 29.36 -10.85
C ARG OA 118 17.89 30.66 -10.56
N TYR OA 119 18.66 30.62 -9.47
CA TYR OA 119 19.40 31.79 -8.98
C TYR OA 119 20.57 31.29 -8.14
N PRO OA 120 21.62 32.10 -7.99
CA PRO OA 120 22.76 31.68 -7.17
C PRO OA 120 22.48 31.85 -5.68
N LEU OA 121 22.81 30.82 -4.90
CA LEU OA 121 22.63 30.83 -3.46
C LEU OA 121 23.93 31.24 -2.76
N SER OA 122 24.60 32.23 -3.33
CA SER OA 122 25.95 32.53 -2.91
C SER OA 122 26.02 33.74 -1.98
N ALA PA 9 45.10 28.85 -11.68
CA ALA PA 9 44.79 30.22 -11.29
C ALA PA 9 45.33 31.21 -12.32
N LEU PA 10 45.60 30.72 -13.53
CA LEU PA 10 46.18 31.54 -14.57
C LEU PA 10 45.15 32.25 -15.44
N THR PA 11 43.87 31.92 -15.31
CA THR PA 11 42.86 32.41 -16.25
C THR PA 11 41.69 33.02 -15.50
N CYS PA 12 41.14 34.10 -16.06
CA CYS PA 12 39.82 34.60 -15.69
C CYS PA 12 38.77 34.13 -16.69
N CYS PA 13 38.93 32.91 -17.19
CA CYS PA 13 37.99 32.28 -18.12
C CYS PA 13 37.08 31.34 -17.33
N PRO PA 14 35.90 31.78 -16.90
CA PRO PA 14 35.01 30.91 -16.13
C PRO PA 14 34.39 29.83 -17.00
N ASP PA 15 34.01 28.73 -16.36
CA ASP PA 15 33.38 27.62 -17.03
C ASP PA 15 31.93 27.97 -17.37
N LYS PA 16 31.41 27.28 -18.38
CA LYS PA 16 30.02 27.43 -18.80
C LYS PA 16 29.20 26.29 -18.19
N ASN PA 17 28.34 26.62 -17.25
CA ASN PA 17 27.50 25.64 -16.56
C ASN PA 17 26.13 25.64 -17.23
N TYR PA 18 25.91 24.66 -18.09
CA TYR PA 18 24.65 24.55 -18.83
C TYR PA 18 23.61 23.82 -18.01
N VAL PA 19 22.37 24.30 -18.06
CA VAL PA 19 21.25 23.72 -17.34
C VAL PA 19 20.09 23.52 -18.29
N GLN PA 20 19.17 22.65 -17.88
CA GLN PA 20 18.05 22.22 -18.70
C GLN PA 20 16.75 22.34 -17.91
N ASP PA 21 15.72 22.83 -18.57
CA ASP PA 21 14.36 22.91 -18.01
C ASP PA 21 13.38 22.26 -18.98
N LYS PA 22 12.17 22.03 -18.48
CA LYS PA 22 11.12 21.39 -19.28
C LYS PA 22 9.80 22.07 -18.99
N VAL PA 23 8.95 22.21 -20.01
CA VAL PA 23 7.62 22.77 -19.85
C VAL PA 23 6.69 22.19 -20.92
N CYS PA 24 5.49 21.82 -20.51
CA CYS PA 24 4.45 21.31 -21.39
C CYS PA 24 3.18 22.12 -21.16
N SER PA 25 2.43 22.36 -22.24
CA SER PA 25 1.21 23.14 -22.13
C SER PA 25 0.28 22.81 -23.29
N PRO PA 26 -1.02 22.79 -23.06
CA PRO PA 26 -1.97 22.69 -24.17
C PRO PA 26 -2.25 24.05 -24.79
N TRP PA 27 -2.64 24.03 -26.06
CA TRP PA 27 -2.92 25.25 -26.79
C TRP PA 27 -4.25 25.12 -27.53
N SER PA 28 -4.92 26.25 -27.68
CA SER PA 28 -6.21 26.32 -28.37
C SER PA 28 -6.30 27.64 -29.10
N GLY PA 29 -7.13 27.66 -30.15
CA GLY PA 29 -7.35 28.87 -30.91
C GLY PA 29 -8.60 28.82 -31.76
N THR PA 30 -9.42 29.87 -31.69
CA THR PA 30 -10.69 29.92 -32.42
C THR PA 30 -10.55 30.93 -33.55
N VAL PA 31 -10.66 30.47 -34.79
CA VAL PA 31 -10.61 31.33 -35.95
C VAL PA 31 -12.02 31.60 -36.45
N VAL PA 32 -12.33 32.87 -36.65
CA VAL PA 32 -13.64 33.31 -37.13
C VAL PA 32 -13.55 33.96 -38.51
N ALA PA 33 -12.77 35.02 -38.64
CA ALA PA 33 -12.63 35.70 -39.92
C ALA PA 33 -11.18 36.07 -40.22
N THR PA 34 -10.31 35.99 -39.22
CA THR PA 34 -8.93 36.43 -39.35
C THR PA 34 -7.97 35.30 -38.98
N ALA PA 35 -6.82 35.27 -39.63
CA ALA PA 35 -5.79 34.29 -39.34
C ALA PA 35 -5.19 34.56 -37.95
N ILE PA 36 -4.68 33.49 -37.34
CA ILE PA 36 -4.13 33.56 -35.99
C ILE PA 36 -2.67 33.11 -36.03
N THR PA 37 -1.86 33.72 -35.17
CA THR PA 37 -0.42 33.50 -35.13
C THR PA 37 -0.09 33.11 -33.68
N ASN PA 38 -0.76 32.07 -33.20
CA ASN PA 38 -0.70 31.66 -31.80
C ASN PA 38 0.71 31.27 -31.37
N VAL PA 39 1.32 32.05 -30.51
CA VAL PA 39 2.67 31.79 -30.03
C VAL PA 39 2.60 30.80 -28.87
N LEU PA 40 3.39 29.73 -28.93
CA LEU PA 40 3.39 28.71 -27.89
C LEU PA 40 4.54 28.86 -26.91
N TYR PA 41 5.66 29.45 -27.34
CA TYR PA 41 6.85 29.56 -26.50
C TYR PA 41 7.67 30.75 -26.96
N ASN PA 42 8.30 31.43 -26.02
CA ASN PA 42 9.15 32.57 -26.33
C ASN PA 42 10.20 32.73 -25.24
N ASN PA 43 11.30 33.39 -25.60
CA ASN PA 43 12.41 33.58 -24.68
C ASN PA 43 13.23 34.79 -25.12
N ASN PA 44 14.07 35.28 -24.22
CA ASN PA 44 14.96 36.40 -24.50
C ASN PA 44 16.42 36.01 -24.34
N ILE PA 45 16.73 34.72 -24.43
CA ILE PA 45 18.08 34.20 -24.23
C ILE PA 45 18.54 33.45 -25.47
N ASN PA 46 18.14 33.96 -26.64
CA ASN PA 46 18.35 33.25 -27.90
C ASN PA 46 19.80 32.85 -28.11
N GLN PA 47 20.74 33.66 -27.63
CA GLN PA 47 22.15 33.30 -27.74
C GLN PA 47 22.45 32.10 -26.85
N ASN PA 48 23.02 31.06 -27.44
CA ASN PA 48 23.31 29.81 -26.75
C ASN PA 48 22.06 29.21 -26.11
N MET PA 49 21.05 28.93 -26.91
CA MET PA 49 19.86 28.23 -26.44
C MET PA 49 19.52 27.10 -27.41
N ILE PA 50 19.21 25.92 -26.87
CA ILE PA 50 18.75 24.81 -27.70
C ILE PA 50 17.49 24.22 -27.08
N GLY PA 51 16.52 23.89 -27.92
CA GLY PA 51 15.27 23.32 -27.47
C GLY PA 51 14.84 22.11 -28.26
N THR PA 52 14.51 21.03 -27.56
CA THR PA 52 14.02 19.81 -28.17
C THR PA 52 12.61 19.53 -27.67
N GLY PA 53 11.72 19.15 -28.58
CA GLY PA 53 10.36 18.86 -28.13
C GLY PA 53 9.45 18.47 -29.27
N PHE PA 54 8.15 18.60 -29.02
CA PHE PA 54 7.15 18.25 -30.02
C PHE PA 54 5.94 19.17 -29.92
N VAL PA 55 5.22 19.23 -31.03
CA VAL PA 55 3.93 19.90 -31.12
C VAL PA 55 2.91 18.89 -31.63
N ARG PA 56 1.81 18.72 -30.90
CA ARG PA 56 0.77 17.76 -31.25
C ARG PA 56 -0.48 18.49 -31.69
N TYR PA 57 -0.96 18.18 -32.89
CA TYR PA 57 -2.20 18.71 -33.44
C TYR PA 57 -3.27 17.63 -33.29
N ASP PA 58 -4.23 17.87 -32.41
CA ASP PA 58 -5.24 16.87 -32.08
C ASP PA 58 -6.52 17.01 -32.89
N VAL PA 59 -7.19 18.17 -32.78
CA VAL PA 59 -8.45 18.40 -33.46
C VAL PA 59 -8.40 19.77 -34.11
N GLY PA 60 -9.01 19.88 -35.30
CA GLY PA 60 -9.04 21.12 -36.02
C GLY PA 60 -9.66 20.97 -37.40
N PRO PA 61 -10.30 22.05 -37.89
CA PRO PA 61 -10.94 21.99 -39.21
C PRO PA 61 -9.99 21.74 -40.35
N ALA PA 62 -8.75 22.24 -40.27
CA ALA PA 62 -7.88 22.25 -41.44
C ALA PA 62 -6.41 22.14 -41.06
N PRO PA 63 -5.52 21.90 -42.01
CA PRO PA 63 -4.08 21.90 -41.71
C PRO PA 63 -3.62 23.24 -41.14
N ILE PA 64 -2.63 23.17 -40.26
CA ILE PA 64 -2.04 24.35 -39.64
C ILE PA 64 -0.56 24.38 -39.99
N THR PA 65 0.08 25.51 -39.69
CA THR PA 65 1.51 25.66 -39.95
C THR PA 65 2.25 25.86 -38.63
N LEU PA 66 3.41 25.22 -38.50
CA LEU PA 66 4.27 25.42 -37.33
C LEU PA 66 5.54 26.13 -37.78
N THR PA 67 5.81 27.30 -37.20
CA THR PA 67 6.93 28.12 -37.60
C THR PA 67 7.80 28.46 -36.40
N VAL PA 68 9.10 28.60 -36.65
CA VAL PA 68 10.07 28.98 -35.63
C VAL PA 68 10.80 30.24 -36.08
N LEU PA 69 10.85 31.23 -35.20
CA LEU PA 69 11.38 32.55 -35.55
C LEU PA 69 12.50 32.94 -34.61
N ASP PA 70 13.46 33.71 -35.15
CA ASP PA 70 14.55 34.26 -34.38
C ASP PA 70 14.25 35.71 -34.02
N ALA PA 71 15.20 36.35 -33.33
CA ALA PA 71 14.98 37.68 -32.78
C ALA PA 71 14.72 38.72 -33.87
N ALA PA 72 15.19 38.47 -35.09
CA ALA PA 72 14.99 39.41 -36.18
C ALA PA 72 13.63 39.24 -36.85
N GLY PA 73 12.84 38.27 -36.40
CA GLY PA 73 11.53 38.02 -36.97
C GLY PA 73 11.52 37.11 -38.18
N ALA PA 74 12.70 36.67 -38.64
CA ALA PA 74 12.79 35.78 -39.79
C ALA PA 74 12.36 34.36 -39.40
N THR PA 75 12.10 33.55 -40.42
CA THR PA 75 11.67 32.18 -40.20
C THR PA 75 12.86 31.24 -40.31
N ILE PA 76 13.06 30.43 -39.28
CA ILE PA 76 14.10 29.41 -39.30
C ILE PA 76 13.59 28.11 -39.91
N ASP PA 77 12.41 27.66 -39.49
CA ASP PA 77 11.84 26.43 -40.00
C ASP PA 77 10.33 26.56 -40.03
N THR PA 78 9.72 25.99 -41.07
CA THR PA 78 8.27 25.98 -41.23
C THR PA 78 7.83 24.59 -41.67
N GLN PA 79 6.79 24.06 -41.03
CA GLN PA 79 6.25 22.75 -41.33
C GLN PA 79 4.73 22.82 -41.37
N THR PA 80 4.11 21.81 -41.95
CA THR PA 80 2.66 21.74 -42.08
C THR PA 80 2.15 20.52 -41.33
N LEU PA 81 1.04 20.70 -40.61
CA LEU PA 81 0.46 19.63 -39.80
C LEU PA 81 -1.01 19.45 -40.13
N ASN PA 82 -1.45 18.20 -40.12
CA ASN PA 82 -2.83 17.80 -40.29
C ASN PA 82 -3.39 17.30 -38.97
N PRO PA 83 -4.71 17.37 -38.76
CA PRO PA 83 -5.27 17.01 -37.45
C PRO PA 83 -4.95 15.57 -37.07
N GLY PA 84 -4.60 15.38 -35.80
CA GLY PA 84 -4.33 14.06 -35.27
C GLY PA 84 -2.89 13.59 -35.36
N THR PA 85 -1.94 14.48 -35.60
CA THR PA 85 -0.54 14.07 -35.78
C THR PA 85 0.35 14.85 -34.82
N SER PA 86 1.67 14.60 -34.93
CA SER PA 86 2.66 15.23 -34.08
C SER PA 86 3.90 15.55 -34.91
N ILE PA 87 4.67 16.53 -34.46
CA ILE PA 87 5.94 16.87 -35.09
C ILE PA 87 6.99 17.09 -34.01
N ALA PA 88 8.14 16.44 -34.16
CA ALA PA 88 9.25 16.59 -33.24
C ALA PA 88 10.31 17.50 -33.85
N PHE PA 89 11.04 18.20 -32.97
CA PHE PA 89 12.00 19.19 -33.45
C PHE PA 89 13.13 19.34 -32.44
N THR PA 90 14.25 19.86 -32.94
CA THR PA 90 15.39 20.27 -32.12
C THR PA 90 15.99 21.50 -32.79
N TYR PA 91 15.91 22.64 -32.12
CA TYR PA 91 16.26 23.93 -32.71
C TYR PA 91 17.27 24.66 -31.83
N ARG PA 92 18.06 25.52 -32.46
CA ARG PA 92 18.99 26.38 -31.73
C ARG PA 92 18.89 27.81 -32.24
N ARG PA 93 19.17 28.75 -31.34
CA ARG PA 93 19.18 30.18 -31.64
C ARG PA 93 17.85 30.63 -32.27
N PHE PA 94 16.80 30.46 -31.49
CA PHE PA 94 15.46 30.85 -31.90
C PHE PA 94 14.83 31.69 -30.80
N VAL PA 95 13.93 32.60 -31.19
CA VAL PA 95 13.26 33.46 -30.24
C VAL PA 95 11.85 32.97 -29.91
N THR PA 96 11.18 32.29 -30.82
CA THR PA 96 9.80 31.89 -30.54
C THR PA 96 9.40 30.73 -31.45
N ILE PA 97 8.39 29.99 -31.00
CA ILE PA 97 7.73 28.94 -31.76
C ILE PA 97 6.24 29.26 -31.78
N GLU PA 98 5.62 29.16 -32.95
CA GLU PA 98 4.23 29.56 -33.08
C GLU PA 98 3.53 28.67 -34.10
N VAL PA 99 2.20 28.68 -34.03
CA VAL PA 99 1.33 27.98 -34.98
C VAL PA 99 0.49 29.03 -35.70
N THR PA 100 0.52 28.98 -37.02
CA THR PA 100 -0.28 29.84 -37.88
C THR PA 100 -1.53 29.06 -38.30
N LEU PA 101 -2.68 29.62 -37.99
CA LEU PA 101 -4.02 29.13 -38.29
C LEU PA 101 -4.65 29.99 -39.37
N PRO PA 102 -4.96 29.42 -40.54
CA PRO PA 102 -5.52 30.21 -41.63
C PRO PA 102 -6.93 30.69 -41.35
N ALA PA 103 -7.30 31.77 -42.01
CA ALA PA 103 -8.64 32.34 -41.87
C ALA PA 103 -9.66 31.69 -42.78
N ALA PA 104 -9.24 30.71 -43.58
CA ALA PA 104 -10.13 30.05 -44.53
C ALA PA 104 -11.29 29.36 -43.82
N THR PA 105 -10.98 28.39 -42.97
CA THR PA 105 -12.03 27.65 -42.28
C THR PA 105 -12.16 28.13 -40.84
N ALA PA 106 -13.37 28.54 -40.47
CA ALA PA 106 -13.64 28.98 -39.11
C ALA PA 106 -13.86 27.77 -38.20
N GLY PA 107 -13.28 27.81 -37.02
CA GLY PA 107 -13.41 26.73 -36.08
C GLY PA 107 -12.33 26.78 -35.02
N THR PA 108 -12.33 25.74 -34.18
CA THR PA 108 -11.43 25.67 -33.05
C THR PA 108 -10.33 24.64 -33.31
N TYR PA 109 -9.08 25.06 -33.10
CA TYR PA 109 -7.92 24.20 -33.19
C TYR PA 109 -7.37 23.96 -31.79
N GLN PA 110 -7.09 22.70 -31.47
CA GLN PA 110 -6.61 22.34 -30.15
C GLN PA 110 -5.44 21.37 -30.29
N GLY PA 111 -4.52 21.45 -29.33
CA GLY PA 111 -3.36 20.57 -29.36
C GLY PA 111 -2.52 20.72 -28.12
N GLU PA 112 -1.33 20.15 -28.17
CA GLU PA 112 -0.41 20.15 -27.03
C GLU PA 112 0.98 20.54 -27.50
N PHE PA 113 1.84 20.90 -26.55
CA PHE PA 113 3.19 21.34 -26.86
C PHE PA 113 4.11 20.99 -25.70
N CYS PA 114 5.22 20.30 -26.01
CA CYS PA 114 6.23 19.97 -25.01
C CYS PA 114 7.58 20.48 -25.49
N ILE PA 115 8.35 21.08 -24.58
CA ILE PA 115 9.70 21.49 -24.91
C ILE PA 115 10.60 21.30 -23.69
N THR PA 116 11.86 20.98 -23.96
CA THR PA 116 12.92 20.98 -22.96
C THR PA 116 14.08 21.77 -23.53
N THR PA 117 14.57 22.73 -22.76
CA THR PA 117 15.52 23.73 -23.25
C THR PA 117 16.79 23.70 -22.41
N ARG PA 118 17.93 23.78 -23.08
CA ARG PA 118 19.24 23.89 -22.46
C ARG PA 118 19.84 25.25 -22.76
N TYR PA 119 20.42 25.86 -21.74
CA TYR PA 119 20.99 27.20 -21.82
C TYR PA 119 22.03 27.35 -20.74
N PRO PA 120 22.99 28.28 -20.90
CA PRO PA 120 24.03 28.47 -19.86
C PRO PA 120 23.50 29.29 -18.70
N LEU PA 121 23.77 28.82 -17.48
CA LEU PA 121 23.37 29.50 -16.26
C LEU PA 121 24.51 30.36 -15.72
N SER PA 122 25.18 31.05 -16.65
CA SER PA 122 26.42 31.72 -16.27
C SER PA 122 26.26 33.23 -16.15
N ALA QA 9 46.92 27.09 -20.15
CA ALA QA 9 46.46 28.42 -20.52
C ALA QA 9 47.07 28.87 -21.84
N LEU QA 10 47.55 27.90 -22.62
CA LEU QA 10 48.24 28.20 -23.87
C LEU QA 10 47.30 28.25 -25.08
N THR QA 11 46.05 27.84 -24.92
CA THR QA 11 45.16 27.67 -26.07
C THR QA 11 43.84 28.39 -25.84
N CYS QA 12 43.31 28.97 -26.91
CA CYS QA 12 41.91 29.39 -26.98
C CYS QA 12 41.07 28.36 -27.71
N CYS QA 13 41.39 27.08 -27.53
CA CYS QA 13 40.66 25.96 -28.10
C CYS QA 13 39.72 25.39 -27.05
N PRO QA 14 38.45 25.80 -27.03
CA PRO QA 14 37.53 25.29 -26.01
C PRO QA 14 37.14 23.85 -26.29
N ASP QA 15 36.75 23.16 -25.23
CA ASP QA 15 36.32 21.77 -25.32
C ASP QA 15 34.91 21.70 -25.94
N LYS QA 16 34.61 20.55 -26.53
CA LYS QA 16 33.30 20.27 -27.09
C LYS QA 16 32.50 19.46 -26.08
N ASN QA 17 31.47 20.07 -25.51
CA ASN QA 17 30.61 19.44 -24.52
C ASN QA 17 29.38 18.91 -25.23
N TYR QA 18 29.36 17.60 -25.51
CA TYR QA 18 28.26 16.98 -26.22
C TYR QA 18 27.15 16.60 -25.25
N VAL QA 19 25.90 16.81 -25.67
CA VAL QA 19 24.74 16.49 -24.86
C VAL QA 19 23.76 15.68 -25.71
N GLN QA 20 22.85 14.99 -25.00
CA GLN QA 20 21.90 14.07 -25.62
C GLN QA 20 20.50 14.37 -25.11
N ASP QA 21 19.54 14.33 -26.04
CA ASP QA 21 18.12 14.47 -25.73
C ASP QA 21 17.36 13.31 -26.33
N LYS QA 22 16.10 13.16 -25.91
CA LYS QA 22 15.25 12.08 -26.39
C LYS QA 22 13.84 12.61 -26.61
N VAL QA 23 13.16 12.12 -27.64
CA VAL QA 23 11.78 12.49 -27.90
C VAL QA 23 11.08 11.35 -28.64
N CYS QA 24 9.86 11.04 -28.22
CA CYS QA 24 9.01 10.03 -28.83
C CYS QA 24 7.67 10.65 -29.16
N SER QA 25 7.08 10.24 -30.27
CA SER QA 25 5.80 10.79 -30.70
C SER QA 25 5.10 9.82 -31.63
N PRO QA 26 3.78 9.72 -31.55
CA PRO QA 26 3.01 8.97 -32.55
C PRO QA 26 2.74 9.82 -33.79
N TRP QA 27 2.56 9.13 -34.91
CA TRP QA 27 2.30 9.80 -36.17
C TRP QA 27 1.12 9.13 -36.87
N SER QA 28 0.39 9.94 -37.63
CA SER QA 28 -0.77 9.49 -38.38
C SER QA 28 -0.86 10.27 -39.68
N GLY QA 29 -1.51 9.66 -40.67
CA GLY QA 29 -1.69 10.31 -41.96
C GLY QA 29 -2.78 9.69 -42.80
N THR QA 30 -3.69 10.50 -43.33
CA THR QA 30 -4.82 10.01 -44.10
C THR QA 30 -4.59 10.38 -45.57
N VAL QA 31 -4.47 9.37 -46.42
CA VAL QA 31 -4.30 9.56 -47.85
C VAL QA 31 -5.63 9.35 -48.55
N VAL QA 32 -6.01 10.32 -49.39
CA VAL QA 32 -7.26 10.27 -50.14
C VAL QA 32 -7.00 10.18 -51.64
N ALA QA 33 -6.29 11.16 -52.21
CA ALA QA 33 -6.01 11.16 -53.64
C ALA QA 33 -4.56 11.54 -53.94
N THR QA 34 -3.86 12.08 -52.94
CA THR QA 34 -2.51 12.59 -53.13
C THR QA 34 -1.55 11.94 -52.16
N ALA QA 35 -0.30 11.76 -52.60
CA ALA QA 35 0.75 11.21 -51.76
C ALA QA 35 1.09 12.18 -50.64
N ILE QA 36 1.58 11.63 -49.53
CA ILE QA 36 1.90 12.41 -48.34
C ILE QA 36 3.39 12.21 -48.01
N THR QA 37 4.00 13.27 -47.49
CA THR QA 37 5.43 13.32 -47.20
C THR QA 37 5.56 13.72 -45.72
N ASN QA 38 4.90 12.94 -44.86
CA ASN QA 38 4.77 13.27 -43.44
C ASN QA 38 6.12 13.33 -42.75
N VAL QA 39 6.53 14.53 -42.32
CA VAL QA 39 7.81 14.71 -41.64
C VAL QA 39 7.63 14.41 -40.16
N LEU QA 40 8.50 13.56 -39.61
CA LEU QA 40 8.42 13.18 -38.21
C LEU QA 40 9.39 13.95 -37.33
N TYR QA 41 10.51 14.40 -37.87
CA TYR QA 41 11.53 15.08 -37.08
C TYR QA 41 12.32 16.00 -37.99
N ASN QA 42 12.74 17.14 -37.44
CA ASN QA 42 13.54 18.10 -38.19
C ASN QA 42 14.39 18.91 -37.23
N ASN QA 43 15.48 19.46 -37.75
CA ASN QA 43 16.42 20.23 -36.95
C ASN QA 43 17.19 21.19 -37.85
N ASN QA 44 17.85 22.17 -37.22
CA ASN QA 44 18.68 23.13 -37.92
C ASN QA 44 20.13 23.09 -37.45
N ILE QA 45 20.53 21.97 -36.86
CA ILE QA 45 21.87 21.81 -36.30
C ILE QA 45 22.59 20.63 -36.96
N ASN QA 46 22.34 20.45 -38.26
CA ASN QA 46 22.80 19.27 -38.98
C ASN QA 46 24.29 19.04 -38.83
N GLN QA 47 25.08 20.10 -38.71
CA GLN QA 47 26.50 19.95 -38.49
C GLN QA 47 26.75 19.37 -37.10
N ASN QA 48 27.49 18.26 -37.04
CA ASN QA 48 27.76 17.56 -35.79
C ASN QA 48 26.49 17.17 -35.07
N MET QA 49 25.63 16.39 -35.72
CA MET QA 49 24.44 15.83 -35.09
C MET QA 49 24.35 14.35 -35.40
N ILE QA 50 24.05 13.54 -34.39
CA ILE QA 50 23.81 12.12 -34.60
C ILE QA 50 22.53 11.72 -33.90
N GLY QA 51 21.72 10.89 -34.56
CA GLY QA 51 20.47 10.43 -34.00
C GLY QA 51 20.27 8.94 -34.13
N THR QA 52 19.90 8.30 -33.03
CA THR QA 52 19.62 6.87 -33.01
C THR QA 52 18.17 6.67 -32.57
N GLY QA 53 17.46 5.77 -33.25
CA GLY QA 53 16.09 5.53 -32.86
C GLY QA 53 15.39 4.52 -33.74
N PHE QA 54 14.07 4.57 -33.72
CA PHE QA 54 13.27 3.65 -34.51
C PHE QA 54 11.99 4.31 -34.99
N VAL QA 55 11.44 3.73 -36.05
CA VAL QA 55 10.13 4.08 -36.60
C VAL QA 55 9.30 2.81 -36.63
N ARG QA 56 8.11 2.85 -36.03
CA ARG QA 56 7.21 1.71 -35.95
C ARG QA 56 6.00 1.95 -36.82
N TYR QA 57 5.75 1.03 -37.75
CA TYR QA 57 4.56 1.05 -38.61
C TYR QA 57 3.58 0.03 -38.06
N ASP QA 58 2.47 0.52 -37.51
CA ASP QA 58 1.50 -0.34 -36.82
C ASP QA 58 0.36 -0.78 -37.73
N VAL QA 59 -0.41 0.17 -38.26
CA VAL QA 59 -1.56 -0.13 -39.10
C VAL QA 59 -1.53 0.75 -40.34
N GLY QA 60 -1.93 0.19 -41.46
CA GLY QA 60 -1.95 0.92 -42.71
C GLY QA 60 -2.33 0.04 -43.89
N PRO QA 61 -2.97 0.65 -44.90
CA PRO QA 61 -3.39 -0.13 -46.07
C PRO QA 61 -2.24 -0.76 -46.85
N ALA QA 62 -1.08 -0.11 -46.91
CA ALA QA 62 -0.05 -0.53 -47.84
C ALA QA 62 1.35 -0.23 -47.30
N PRO QA 63 2.40 -0.78 -47.92
CA PRO QA 63 3.76 -0.42 -47.51
C PRO QA 63 4.03 1.08 -47.64
N ILE QA 64 4.86 1.59 -46.75
CA ILE QA 64 5.26 3.00 -46.74
C ILE QA 64 6.77 3.08 -46.91
N THR QA 65 7.27 4.28 -47.15
CA THR QA 65 8.70 4.50 -47.30
C THR QA 65 9.19 5.40 -46.18
N LEU QA 66 10.37 5.09 -45.65
CA LEU QA 66 11.03 5.94 -44.65
C LEU QA 66 12.29 6.52 -45.27
N THR QA 67 12.37 7.85 -45.30
CA THR QA 67 13.48 8.53 -45.95
C THR QA 67 14.12 9.52 -45.00
N VAL QA 68 15.42 9.72 -45.17
CA VAL QA 68 16.19 10.67 -44.37
C VAL QA 68 16.87 11.65 -45.30
N LEU QA 69 16.72 12.95 -45.03
CA LEU QA 69 17.19 13.99 -45.93
C LEU QA 69 18.12 14.95 -45.20
N ASP QA 70 19.08 15.48 -45.95
CA ASP QA 70 19.99 16.50 -45.45
C ASP QA 70 19.52 17.88 -45.89
N ALA QA 71 20.30 18.90 -45.51
CA ALA QA 71 19.89 20.28 -45.72
C ALA QA 71 19.72 20.63 -47.19
N ALA QA 72 20.40 19.90 -48.08
CA ALA QA 72 20.31 20.16 -49.51
C ALA QA 72 19.09 19.49 -50.13
N GLY QA 73 18.31 18.75 -49.35
CA GLY QA 73 17.13 18.07 -49.85
C GLY QA 73 17.39 16.70 -50.44
N ALA QA 74 18.65 16.28 -50.50
CA ALA QA 74 18.98 14.97 -51.05
C ALA QA 74 18.62 13.87 -50.06
N THR QA 75 18.58 12.64 -50.56
CA THR QA 75 18.23 11.49 -49.74
C THR QA 75 19.49 10.80 -49.25
N ILE QA 76 19.59 10.61 -47.93
CA ILE QA 76 20.70 9.88 -47.34
C ILE QA 76 20.40 8.39 -47.29
N ASP QA 77 19.21 8.03 -46.81
CA ASP QA 77 18.82 6.63 -46.71
C ASP QA 77 17.32 6.52 -46.95
N THR QA 78 16.93 5.44 -47.63
CA THR QA 78 15.53 5.14 -47.88
C THR QA 78 15.28 3.65 -47.64
N GLN QA 79 14.18 3.36 -46.93
CA GLN QA 79 13.81 2.00 -46.60
C GLN QA 79 12.31 1.83 -46.81
N THR QA 80 11.87 0.57 -46.88
CA THR QA 80 10.47 0.24 -47.09
C THR QA 80 9.94 -0.52 -45.89
N LEU QA 81 8.72 -0.19 -45.47
CA LEU QA 81 8.12 -0.81 -44.30
C LEU QA 81 6.74 -1.34 -44.65
N ASN QA 82 6.40 -2.48 -44.06
CA ASN QA 82 5.09 -3.11 -44.15
C ASN QA 82 4.36 -3.00 -42.80
N PRO QA 83 3.03 -3.01 -42.80
CA PRO QA 83 2.30 -2.79 -41.55
C PRO QA 83 2.67 -3.81 -40.48
N GLY QA 84 2.84 -3.31 -39.24
CA GLY QA 84 3.12 -4.15 -38.10
C GLY QA 84 4.58 -4.40 -37.81
N THR QA 85 5.50 -3.60 -38.36
CA THR QA 85 6.92 -3.84 -38.18
C THR QA 85 7.60 -2.59 -37.65
N SER QA 86 8.92 -2.66 -37.49
CA SER QA 86 9.72 -1.56 -36.97
C SER QA 86 11.05 -1.51 -37.72
N ILE QA 87 11.66 -0.33 -37.74
CA ILE QA 87 12.98 -0.15 -38.33
C ILE QA 87 13.82 0.70 -37.40
N ALA QA 88 15.02 0.23 -37.08
CA ALA QA 88 15.97 0.97 -36.26
C ALA QA 88 17.04 1.62 -37.14
N PHE QA 89 17.57 2.74 -36.65
CA PHE QA 89 18.50 3.53 -37.46
C PHE QA 89 19.44 4.29 -36.55
N THR QA 90 20.59 4.66 -37.13
CA THR QA 90 21.55 5.58 -36.51
C THR QA 90 22.14 6.42 -37.63
N TYR QA 91 21.88 7.71 -37.63
CA TYR QA 91 22.22 8.59 -38.74
C TYR QA 91 23.02 9.80 -38.25
N ARG QA 92 23.83 10.36 -39.14
CA ARG QA 92 24.56 11.58 -38.83
C ARG QA 92 24.42 12.56 -39.99
N ARG QA 93 24.49 13.85 -39.65
CA ARG QA 93 24.44 14.95 -40.62
C ARG QA 93 23.19 14.84 -41.51
N PHE QA 94 22.05 14.91 -40.86
CA PHE QA 94 20.76 14.86 -41.54
C PHE QA 94 19.91 16.02 -41.05
N VAL QA 95 19.02 16.49 -41.93
CA VAL QA 95 18.13 17.59 -41.60
C VAL QA 95 16.74 17.13 -41.21
N THR QA 96 16.27 16.00 -41.73
CA THR QA 96 14.90 15.58 -41.43
C THR QA 96 14.73 14.09 -41.68
N ILE QA 97 13.73 13.53 -41.02
CA ILE QA 97 13.28 12.15 -41.23
C ILE QA 97 11.79 12.20 -41.56
N GLU QA 98 11.37 11.46 -42.58
CA GLU QA 98 9.99 11.55 -43.02
C GLU QA 98 9.53 10.19 -43.53
N VAL QA 99 8.20 10.04 -43.61
CA VAL QA 99 7.56 8.87 -44.17
C VAL QA 99 6.77 9.30 -45.40
N THR QA 100 7.01 8.63 -46.52
CA THR QA 100 6.29 8.84 -47.76
C THR QA 100 5.18 7.79 -47.85
N LEU QA 101 3.95 8.26 -47.98
CA LEU QA 101 2.72 7.49 -48.13
C LEU QA 101 2.20 7.63 -49.55
N PRO QA 102 2.13 6.53 -50.31
CA PRO QA 102 1.70 6.61 -51.70
C PRO QA 102 0.21 6.95 -51.82
N ALA QA 103 -0.14 7.52 -52.97
CA ALA QA 103 -1.51 7.90 -53.26
C ALA QA 103 -2.32 6.74 -53.83
N ALA QA 104 -1.71 5.57 -54.00
CA ALA QA 104 -2.38 4.42 -54.58
C ALA QA 104 -3.58 3.99 -53.74
N THR QA 105 -3.34 3.60 -52.49
CA THR QA 105 -4.42 3.14 -51.64
C THR QA 105 -4.81 4.22 -50.64
N ALA QA 106 -6.10 4.58 -50.64
CA ALA QA 106 -6.61 5.57 -49.71
C ALA QA 106 -6.88 4.93 -48.36
N GLY QA 107 -6.49 5.62 -47.30
CA GLY QA 107 -6.68 5.10 -45.96
C GLY QA 107 -5.80 5.82 -44.97
N THR QA 108 -5.84 5.32 -43.73
CA THR QA 108 -5.13 5.92 -42.62
C THR QA 108 -3.93 5.08 -42.23
N TYR QA 109 -2.76 5.72 -42.14
CA TYR QA 109 -1.54 5.09 -41.68
C TYR QA 109 -1.19 5.63 -40.30
N GLN QA 110 -0.87 4.74 -39.37
CA GLN QA 110 -0.57 5.12 -38.00
C GLN QA 110 0.68 4.40 -37.53
N GLY QA 111 1.42 5.05 -36.65
CA GLY QA 111 2.63 4.45 -36.13
C GLY QA 111 3.25 5.30 -35.04
N GLU QA 112 4.49 4.95 -34.68
CA GLU QA 112 5.20 5.61 -33.61
C GLU QA 112 6.63 5.93 -34.07
N PHE QA 113 7.29 6.84 -33.35
CA PHE QA 113 8.63 7.26 -33.69
C PHE QA 113 9.38 7.63 -32.43
N CYS QA 114 10.58 7.06 -32.25
CA CYS QA 114 11.44 7.40 -31.12
C CYS QA 114 12.80 7.80 -31.65
N ILE QA 115 13.37 8.87 -31.09
CA ILE QA 115 14.73 9.27 -31.45
C ILE QA 115 15.43 9.82 -30.21
N THR QA 116 16.74 9.59 -30.16
CA THR QA 116 17.62 10.22 -29.20
C THR QA 116 18.80 10.80 -29.97
N THR QA 117 19.08 12.08 -29.72
CA THR QA 117 20.02 12.84 -30.53
C THR QA 117 21.14 13.40 -29.67
N ARG QA 118 22.36 13.31 -30.18
CA ARG QA 118 23.54 13.90 -29.57
C ARG QA 118 24.08 15.02 -30.45
N TYR QA 119 24.43 16.12 -29.79
CA TYR QA 119 24.89 17.33 -30.48
C TYR QA 119 25.76 18.12 -29.51
N PRO QA 120 26.64 18.98 -30.01
CA PRO QA 120 27.49 19.78 -29.12
C PRO QA 120 26.73 20.99 -28.56
N LEU QA 121 26.84 21.20 -27.25
CA LEU QA 121 26.20 22.32 -26.57
C LEU QA 121 27.17 23.49 -26.43
N SER QA 122 27.90 23.74 -27.50
CA SER QA 122 29.03 24.68 -27.43
C SER QA 122 28.71 26.04 -28.02
N ALA RA 9 50.24 21.78 -26.49
CA ALA RA 9 49.72 22.68 -27.51
C ALA RA 9 50.49 22.53 -28.81
N LEU RA 10 51.17 21.39 -28.95
CA LEU RA 10 52.01 21.14 -30.12
C LEU RA 10 51.28 20.48 -31.27
N THR RA 11 50.05 20.01 -31.06
CA THR RA 11 49.37 19.19 -32.05
C THR RA 11 47.98 19.72 -32.34
N CYS RA 12 47.57 19.64 -33.60
CA CYS RA 12 46.18 19.78 -34.01
C CYS RA 12 45.55 18.41 -34.20
N CYS RA 13 45.93 17.44 -33.38
CA CYS RA 13 45.39 16.08 -33.40
C CYS RA 13 44.34 15.96 -32.30
N PRO RA 14 43.06 16.14 -32.61
CA PRO RA 14 42.03 16.06 -31.57
C PRO RA 14 41.81 14.61 -31.14
N ASP RA 15 41.31 14.47 -29.91
CA ASP RA 15 41.00 13.16 -29.35
C ASP RA 15 39.73 12.60 -29.98
N LYS RA 16 39.62 11.28 -29.94
CA LYS RA 16 38.43 10.58 -30.42
C LYS RA 16 37.54 10.25 -29.23
N ASN RA 17 36.40 10.91 -29.14
CA ASN RA 17 35.45 10.70 -28.05
C ASN RA 17 34.38 9.72 -28.52
N TYR RA 18 34.51 8.46 -28.13
CA TYR RA 18 33.58 7.42 -28.54
C TYR RA 18 32.38 7.40 -27.62
N VAL RA 19 31.19 7.20 -28.21
CA VAL RA 19 29.94 7.14 -27.46
C VAL RA 19 29.17 5.90 -27.89
N GLN RA 20 28.23 5.51 -27.03
CA GLN RA 20 27.47 4.28 -27.20
C GLN RA 20 25.98 4.57 -27.04
N ASP RA 21 25.17 3.96 -27.91
CA ASP RA 21 23.72 4.02 -27.86
C ASP RA 21 23.15 2.61 -27.88
N LYS RA 22 21.86 2.50 -27.57
CA LYS RA 22 21.19 1.21 -27.52
C LYS RA 22 19.79 1.37 -28.11
N VAL RA 23 19.32 0.35 -28.83
CA VAL RA 23 17.97 0.35 -29.37
C VAL RA 23 17.49 -1.09 -29.51
N CYS RA 24 16.24 -1.33 -29.12
CA CYS RA 24 15.58 -2.62 -29.22
C CYS RA 24 14.26 -2.44 -29.94
N SER RA 25 13.89 -3.41 -30.76
CA SER RA 25 12.65 -3.32 -31.53
C SER RA 25 12.19 -4.71 -31.92
N PRO RA 26 10.87 -4.96 -31.93
CA PRO RA 26 10.35 -6.19 -32.49
C PRO RA 26 10.20 -6.10 -34.00
N TRP RA 27 10.24 -7.26 -34.66
CA TRP RA 27 10.13 -7.33 -36.10
C TRP RA 27 9.14 -8.41 -36.49
N SER RA 28 8.47 -8.18 -37.62
CA SER RA 28 7.49 -9.10 -38.15
C SER RA 28 7.54 -9.06 -39.67
N GLY RA 29 7.10 -10.14 -40.30
CA GLY RA 29 7.07 -10.23 -41.74
C GLY RA 29 6.18 -11.33 -42.26
N THR RA 30 5.29 -11.01 -43.21
CA THR RA 30 4.35 -11.97 -43.75
C THR RA 30 4.76 -12.33 -45.17
N VAL RA 31 5.10 -13.60 -45.39
CA VAL RA 31 5.48 -14.09 -46.71
C VAL RA 31 4.30 -14.80 -47.34
N VAL RA 32 3.97 -14.41 -48.58
CA VAL RA 32 2.87 -15.00 -49.32
C VAL RA 32 3.36 -15.75 -50.56
N ALA RA 33 4.07 -15.07 -51.45
CA ALA RA 33 4.57 -15.72 -52.66
C ALA RA 33 6.00 -15.33 -52.97
N THR RA 34 6.51 -14.29 -52.31
CA THR RA 34 7.82 -13.74 -52.60
C THR RA 34 8.67 -13.69 -51.34
N ALA RA 35 9.98 -13.88 -51.52
CA ALA RA 35 10.93 -13.81 -50.41
C ALA RA 35 11.01 -12.38 -49.89
N ILE RA 36 11.36 -12.25 -48.61
CA ILE RA 36 11.45 -10.96 -47.94
C ILE RA 36 12.86 -10.75 -47.41
N THR RA 37 13.30 -9.50 -47.43
CA THR RA 37 14.66 -9.11 -47.06
C THR RA 37 14.53 -8.05 -45.97
N ASN RA 38 13.80 -8.40 -44.91
CA ASN RA 38 13.43 -7.45 -43.86
C ASN RA 38 14.65 -6.86 -43.16
N VAL RA 39 14.90 -5.57 -43.34
CA VAL RA 39 16.03 -4.90 -42.72
C VAL RA 39 15.65 -4.47 -41.31
N LEU RA 40 16.48 -4.83 -40.33
CA LEU RA 40 16.21 -4.49 -38.94
C LEU RA 40 16.97 -3.26 -38.46
N TYR RA 41 18.13 -2.96 -39.05
CA TYR RA 41 18.96 -1.85 -38.60
C TYR RA 41 19.80 -1.37 -39.76
N ASN RA 42 20.04 -0.07 -39.82
CA ASN RA 42 20.87 0.52 -40.86
C ASN RA 42 21.50 1.81 -40.35
N ASN RA 43 22.61 2.19 -40.98
CA ASN RA 43 23.33 3.38 -40.57
C ASN RA 43 24.17 3.88 -41.74
N ASN RA 44 24.64 5.13 -41.61
CA ASN RA 44 25.49 5.75 -42.62
C ASN RA 44 26.86 6.14 -42.05
N ILE RA 45 27.25 5.51 -40.95
CA ILE RA 45 28.49 5.84 -40.25
C ILE RA 45 29.38 4.61 -40.17
N ASN RA 46 29.36 3.80 -41.23
CA ASN RA 46 30.01 2.49 -41.22
C ASN RA 46 31.49 2.59 -40.83
N GLN RA 47 32.15 3.67 -41.18
CA GLN RA 47 33.54 3.85 -40.77
C GLN RA 47 33.61 4.06 -39.27
N ASN RA 48 34.41 3.23 -38.59
CA ASN RA 48 34.55 3.27 -37.13
C ASN RA 48 33.20 3.08 -36.43
N MET RA 49 32.52 1.98 -36.71
CA MET RA 49 31.30 1.63 -36.00
C MET RA 49 31.37 0.18 -35.54
N ILE RA 50 30.98 -0.08 -34.29
CA ILE RA 50 30.89 -1.45 -33.80
C ILE RA 50 29.54 -1.65 -33.12
N GLY RA 51 28.93 -2.80 -33.35
CA GLY RA 51 27.64 -3.10 -32.77
C GLY RA 51 27.57 -4.49 -32.16
N THR RA 52 27.10 -4.57 -30.93
CA THR RA 52 26.93 -5.84 -30.23
C THR RA 52 25.45 -6.01 -29.90
N GLY RA 53 24.93 -7.21 -30.11
CA GLY RA 53 23.54 -7.43 -29.79
C GLY RA 53 23.07 -8.83 -30.11
N PHE RA 54 21.75 -8.97 -30.26
CA PHE RA 54 21.16 -10.27 -30.55
C PHE RA 54 19.92 -10.10 -31.41
N VAL RA 55 19.60 -11.19 -32.10
CA VAL RA 55 18.36 -11.34 -32.87
C VAL RA 55 17.64 -12.58 -32.36
N ARG RA 56 16.38 -12.42 -31.98
CA ARG RA 56 15.58 -13.51 -31.43
C ARG RA 56 14.49 -13.89 -32.42
N TYR RA 57 14.46 -15.17 -32.79
CA TYR RA 57 13.43 -15.74 -33.66
C TYR RA 57 12.45 -16.50 -32.77
N ASP RA 58 11.23 -15.98 -32.65
CA ASP RA 58 10.24 -16.51 -31.73
C ASP RA 58 9.30 -17.50 -32.40
N VAL RA 59 8.55 -17.05 -33.41
CA VAL RA 59 7.57 -17.87 -34.09
C VAL RA 59 7.73 -17.70 -35.59
N GLY RA 60 7.55 -18.79 -36.33
CA GLY RA 60 7.65 -18.76 -37.77
C GLY RA 60 7.53 -20.14 -38.39
N PRO RA 61 7.02 -20.20 -39.62
CA PRO RA 61 6.85 -21.50 -40.29
C PRO RA 61 8.15 -22.24 -40.55
N ALA RA 62 9.25 -21.53 -40.80
CA ALA RA 62 10.44 -22.20 -41.29
C ALA RA 62 11.72 -21.48 -40.83
N PRO RA 63 12.89 -22.09 -41.00
CA PRO RA 63 14.14 -21.39 -40.69
C PRO RA 63 14.30 -20.13 -41.53
N ILE RA 64 14.96 -19.13 -40.92
CA ILE RA 64 15.22 -17.84 -41.57
C ILE RA 64 16.73 -17.65 -41.61
N THR RA 65 17.17 -16.64 -42.36
CA THR RA 65 18.59 -16.32 -42.47
C THR RA 65 18.84 -14.93 -41.90
N LEU RA 66 19.93 -14.77 -41.16
CA LEU RA 66 20.35 -13.48 -40.66
C LEU RA 66 21.64 -13.08 -41.36
N THR RA 67 21.63 -11.94 -42.05
CA THR RA 67 22.76 -11.49 -42.84
C THR RA 67 23.17 -10.09 -42.43
N VAL RA 68 24.46 -9.81 -42.55
CA VAL RA 68 25.02 -8.49 -42.26
C VAL RA 68 25.76 -8.00 -43.49
N LEU RA 69 25.47 -6.76 -43.91
CA LEU RA 69 25.99 -6.23 -45.15
C LEU RA 69 26.72 -4.91 -44.91
N ASP RA 70 27.74 -4.66 -45.72
CA ASP RA 70 28.48 -3.42 -45.71
C ASP RA 70 27.98 -2.49 -46.82
N ALA RA 71 28.60 -1.32 -46.91
CA ALA RA 71 28.12 -0.28 -47.82
C ALA RA 71 28.17 -0.72 -49.28
N ALA RA 72 29.03 -1.67 -49.62
CA ALA RA 72 29.14 -2.15 -50.99
C ALA RA 72 28.09 -3.20 -51.32
N GLY RA 73 27.26 -3.58 -50.36
CA GLY RA 73 26.23 -4.58 -50.57
C GLY RA 73 26.68 -6.00 -50.37
N ALA RA 74 27.96 -6.23 -50.10
CA ALA RA 74 28.48 -7.57 -49.89
C ALA RA 74 28.06 -8.10 -48.52
N THR RA 75 28.18 -9.41 -48.34
CA THR RA 75 27.80 -10.06 -47.10
C THR RA 75 29.03 -10.25 -46.21
N ILE RA 76 28.93 -9.76 -44.98
CA ILE RA 76 29.99 -9.96 -44.00
C ILE RA 76 29.79 -11.26 -43.24
N ASP RA 77 28.58 -11.52 -42.77
CA ASP RA 77 28.30 -12.73 -42.02
C ASP RA 77 26.86 -13.16 -42.31
N THR RA 78 26.67 -14.47 -42.40
CA THR RA 78 25.35 -15.06 -42.62
C THR RA 78 25.18 -16.26 -41.70
N GLN RA 79 24.02 -16.34 -41.04
CA GLN RA 79 23.70 -17.41 -40.12
C GLN RA 79 22.27 -17.88 -40.37
N THR RA 80 21.95 -19.05 -39.84
CA THR RA 80 20.63 -19.65 -40.00
C THR RA 80 19.98 -19.81 -38.64
N LEU RA 81 18.70 -19.49 -38.56
CA LEU RA 81 17.96 -19.56 -37.31
C LEU RA 81 16.69 -20.38 -37.47
N ASN RA 82 16.35 -21.14 -36.43
CA ASN RA 82 15.13 -21.92 -36.33
C ASN RA 82 14.20 -21.28 -35.30
N PRO RA 83 12.89 -21.49 -35.41
CA PRO RA 83 11.96 -20.79 -34.51
C PRO RA 83 12.23 -21.11 -33.04
N GLY RA 84 12.17 -20.07 -32.22
CA GLY RA 84 12.33 -20.21 -30.79
C GLY RA 84 13.75 -20.07 -30.27
N THR RA 85 14.66 -19.51 -31.04
CA THR RA 85 16.07 -19.42 -30.63
C THR RA 85 16.55 -17.98 -30.73
N SER RA 86 17.83 -17.77 -30.42
CA SER RA 86 18.45 -16.46 -30.44
C SER RA 86 19.87 -16.59 -30.99
N ILE RA 87 20.38 -15.49 -31.53
CA ILE RA 87 21.76 -15.43 -32.00
C ILE RA 87 22.38 -14.11 -31.53
N ALA RA 88 23.56 -14.20 -30.91
CA ALA RA 88 24.30 -13.03 -30.47
C ALA RA 88 25.44 -12.73 -31.45
N PHE RA 89 25.80 -11.45 -31.53
CA PHE RA 89 26.78 -11.02 -32.52
C PHE RA 89 27.51 -9.78 -32.04
N THR RA 90 28.69 -9.58 -32.60
CA THR RA 90 29.47 -8.35 -32.43
C THR RA 90 30.18 -8.08 -33.76
N TYR RA 91 29.80 -6.99 -34.42
CA TYR RA 91 30.25 -6.72 -35.78
C TYR RA 91 30.85 -5.33 -35.88
N ARG RA 92 31.75 -5.14 -36.84
CA ARG RA 92 32.34 -3.84 -37.11
C ARG RA 92 32.31 -3.56 -38.61
N ARG RA 93 32.22 -2.28 -38.94
CA ARG RA 93 32.22 -1.79 -40.34
C ARG RA 93 31.15 -2.49 -41.17
N PHE RA 94 29.91 -2.30 -40.75
CA PHE RA 94 28.75 -2.84 -41.44
C PHE RA 94 27.75 -1.72 -41.69
N VAL RA 95 26.97 -1.88 -42.76
CA VAL RA 95 25.96 -0.89 -43.11
C VAL RA 95 24.56 -1.31 -42.68
N THR RA 96 24.27 -2.61 -42.61
CA THR RA 96 22.91 -3.02 -42.28
C THR RA 96 22.91 -4.45 -41.78
N ILE RA 97 21.85 -4.77 -41.03
CA ILE RA 97 21.56 -6.13 -40.57
C ILE RA 97 20.13 -6.45 -41.02
N GLU RA 98 19.94 -7.63 -41.57
CA GLU RA 98 18.64 -7.99 -42.13
C GLU RA 98 18.37 -9.47 -41.95
N VAL RA 99 17.09 -9.82 -42.07
CA VAL RA 99 16.64 -11.21 -42.03
C VAL RA 99 16.01 -11.53 -43.38
N THR RA 100 16.48 -12.62 -43.99
CA THR RA 100 15.94 -13.13 -45.24
C THR RA 100 14.95 -14.25 -44.91
N LEU RA 101 13.72 -14.09 -45.37
CA LEU RA 101 12.59 -15.00 -45.25
C LEU RA 101 12.29 -15.64 -46.59
N PRO RA 102 12.43 -16.96 -46.70
CA PRO RA 102 12.21 -17.62 -47.99
C PRO RA 102 10.75 -17.60 -48.41
N ALA RA 103 10.54 -17.70 -49.72
CA ALA RA 103 9.20 -17.72 -50.29
C ALA RA 103 8.57 -19.11 -50.28
N ALA RA 104 9.30 -20.11 -49.79
CA ALA RA 104 8.82 -21.49 -49.79
C ALA RA 104 7.54 -21.63 -48.97
N THR RA 105 7.61 -21.33 -47.68
CA THR RA 105 6.45 -21.48 -46.81
C THR RA 105 5.82 -20.12 -46.53
N ALA RA 106 4.53 -20.00 -46.83
CA ALA RA 106 3.81 -18.76 -46.56
C ALA RA 106 3.37 -18.71 -45.11
N GLY RA 107 3.55 -17.55 -44.50
CA GLY RA 107 3.18 -17.38 -43.11
C GLY RA 107 3.85 -16.16 -42.51
N THR RA 108 3.65 -16.00 -41.21
CA THR RA 108 4.14 -14.84 -40.48
C THR RA 108 5.32 -15.22 -39.61
N TYR RA 109 6.40 -14.45 -39.73
CA TYR RA 109 7.59 -14.59 -38.90
C TYR RA 109 7.66 -13.41 -37.94
N GLN RA 110 7.91 -13.69 -36.66
CA GLN RA 110 7.95 -12.66 -35.65
C GLN RA 110 9.17 -12.88 -34.76
N GLY RA 111 9.71 -11.79 -34.25
CA GLY RA 111 10.88 -11.88 -33.38
C GLY RA 111 11.25 -10.54 -32.80
N GLU RA 112 12.44 -10.49 -32.20
CA GLU RA 112 12.93 -9.30 -31.54
C GLU RA 112 14.36 -9.03 -31.96
N PHE RA 113 14.83 -7.81 -31.71
CA PHE RA 113 16.19 -7.41 -32.09
C PHE RA 113 16.70 -6.38 -31.11
N CYS RA 114 17.90 -6.61 -30.56
CA CYS RA 114 18.54 -5.65 -29.66
C CYS RA 114 19.93 -5.36 -30.19
N ILE RA 115 20.32 -4.09 -30.18
CA ILE RA 115 21.67 -3.72 -30.55
C ILE RA 115 22.14 -2.55 -29.68
N THR RA 116 23.44 -2.53 -29.40
CA THR RA 116 24.10 -1.39 -28.79
C THR RA 116 25.34 -1.09 -29.63
N THR RA 117 25.48 0.17 -30.02
CA THR RA 117 26.47 0.58 -31.01
C THR RA 117 27.39 1.65 -30.43
N ARG RA 118 28.68 1.49 -30.72
CA ARG RA 118 29.71 2.46 -30.36
C ARG RA 118 30.28 3.10 -31.62
N TYR RA 119 30.45 4.41 -31.58
CA TYR RA 119 30.92 5.19 -32.71
C TYR RA 119 31.54 6.47 -32.18
N PRO RA 120 32.44 7.11 -32.96
CA PRO RA 120 33.06 8.36 -32.50
C PRO RA 120 32.13 9.54 -32.69
N LEU RA 121 32.02 10.37 -31.66
CA LEU RA 121 31.19 11.58 -31.68
C LEU RA 121 32.04 12.80 -32.04
N SER RA 122 32.94 12.61 -33.00
CA SER RA 122 33.96 13.63 -33.27
C SER RA 122 33.67 14.41 -34.54
N ALA SA 9 54.92 14.60 -28.99
CA ALA SA 9 54.52 14.81 -30.37
C ALA SA 9 55.49 14.17 -31.34
N LEU SA 10 56.27 13.21 -30.83
CA LEU SA 10 57.29 12.56 -31.64
C LEU SA 10 56.81 11.32 -32.37
N THR SA 11 55.60 10.84 -32.08
CA THR SA 11 55.15 9.55 -32.60
C THR SA 11 53.78 9.68 -33.25
N CYS SA 12 53.59 8.94 -34.34
CA CYS SA 12 52.26 8.67 -34.89
C CYS SA 12 51.78 7.30 -34.45
N CYS SA 13 52.11 6.91 -33.22
CA CYS SA 13 51.68 5.65 -32.61
C CYS SA 13 50.48 5.92 -31.71
N PRO SA 14 49.26 5.75 -32.19
CA PRO SA 14 48.09 6.02 -31.35
C PRO SA 14 47.92 4.96 -30.28
N ASP SA 15 47.25 5.34 -29.20
CA ASP SA 15 46.95 4.44 -28.11
C ASP SA 15 45.83 3.47 -28.49
N LYS SA 16 45.82 2.32 -27.83
CA LYS SA 16 44.78 1.32 -28.00
C LYS SA 16 43.76 1.47 -26.90
N ASN SA 17 42.55 1.91 -27.26
CA ASN SA 17 41.46 2.13 -26.31
C ASN SA 17 40.57 0.90 -26.34
N TYR SA 18 40.73 0.03 -25.37
CA TYR SA 18 39.95 -1.21 -25.29
C TYR SA 18 38.63 -0.96 -24.61
N VAL SA 19 37.57 -1.59 -25.13
CA VAL SA 19 36.22 -1.45 -24.58
C VAL SA 19 35.63 -2.85 -24.41
N GLN SA 20 34.60 -2.91 -23.57
CA GLN SA 20 33.97 -4.15 -23.18
C GLN SA 20 32.46 -4.06 -23.33
N ASP SA 21 31.85 -5.12 -23.87
CA ASP SA 21 30.40 -5.24 -23.98
C ASP SA 21 29.96 -6.55 -23.37
N LYS SA 22 28.64 -6.68 -23.17
CA LYS SA 22 28.06 -7.87 -22.56
C LYS SA 22 26.77 -8.22 -23.28
N VAL SA 23 26.50 -9.52 -23.43
CA VAL SA 23 25.25 -9.98 -24.04
C VAL SA 23 24.92 -11.36 -23.49
N CYS SA 24 23.65 -11.55 -23.16
CA CYS SA 24 23.11 -12.82 -22.67
C CYS SA 24 21.90 -13.19 -23.52
N SER SA 25 21.74 -14.49 -23.78
CA SER SA 25 20.63 -14.95 -24.60
C SER SA 25 20.34 -16.41 -24.31
N PRO SA 26 19.08 -16.81 -24.32
CA PRO SA 26 18.74 -18.22 -24.24
C PRO SA 26 18.82 -18.89 -25.61
N TRP SA 27 19.06 -20.20 -25.60
CA TRP SA 27 19.18 -20.96 -26.82
C TRP SA 27 18.34 -22.23 -26.73
N SER SA 28 17.84 -22.67 -27.88
CA SER SA 28 17.02 -23.86 -27.98
C SER SA 28 17.31 -24.54 -29.31
N GLY SA 29 17.07 -25.85 -29.35
CA GLY SA 29 17.27 -26.62 -30.56
C GLY SA 29 16.55 -27.96 -30.54
N THR SA 30 15.80 -28.26 -31.61
CA THR SA 30 15.03 -29.49 -31.70
C THR SA 30 15.69 -30.42 -32.71
N VAL SA 31 16.14 -31.57 -32.23
CA VAL SA 31 16.77 -32.57 -33.10
C VAL SA 31 15.75 -33.66 -33.41
N VAL SA 32 15.60 -33.98 -34.70
CA VAL SA 32 14.67 -35.00 -35.16
C VAL SA 32 15.41 -36.17 -35.79
N ALA SA 33 16.20 -35.90 -36.84
CA ALA SA 33 16.93 -36.97 -37.51
C ALA SA 33 18.36 -36.57 -37.84
N THR SA 34 18.67 -35.28 -37.73
CA THR SA 34 19.97 -34.76 -38.13
C THR SA 34 20.60 -33.99 -36.97
N ALA SA 35 21.93 -34.06 -36.90
CA ALA SA 35 22.69 -33.33 -35.89
C ALA SA 35 22.59 -31.83 -36.14
N ILE SA 36 22.73 -31.05 -35.07
CA ILE SA 36 22.59 -29.60 -35.13
C ILE SA 36 23.89 -28.97 -34.63
N THR SA 37 24.23 -27.83 -35.21
CA THR SA 37 25.48 -27.13 -34.96
C THR SA 37 25.11 -25.69 -34.56
N ASN SA 38 24.25 -25.59 -33.54
CA ASN SA 38 23.64 -24.32 -33.15
C ASN SA 38 24.69 -23.31 -32.70
N VAL SA 39 24.86 -22.24 -33.48
CA VAL SA 39 25.83 -21.19 -33.16
C VAL SA 39 25.20 -20.20 -32.19
N LEU SA 40 25.90 -19.92 -31.09
CA LEU SA 40 25.39 -19.00 -30.08
C LEU SA 40 25.96 -17.59 -30.20
N TYR SA 41 27.18 -17.46 -30.74
CA TYR SA 41 27.84 -16.16 -30.82
C TYR SA 41 28.82 -16.19 -31.98
N ASN SA 42 28.95 -15.04 -32.65
CA ASN SA 42 29.89 -14.92 -33.77
C ASN SA 42 30.32 -13.47 -33.89
N ASN SA 43 31.49 -13.27 -34.52
CA ASN SA 43 32.05 -11.94 -34.68
C ASN SA 43 33.01 -11.95 -35.86
N ASN SA 44 33.37 -10.75 -36.32
CA ASN SA 44 34.32 -10.57 -37.42
C ASN SA 44 35.53 -9.76 -36.98
N ILE SA 45 35.80 -9.72 -35.69
CA ILE SA 45 36.89 -8.92 -35.12
C ILE SA 45 37.85 -9.82 -34.35
N ASN SA 46 38.05 -11.04 -34.87
CA ASN SA 46 38.80 -12.07 -34.16
C ASN SA 46 40.18 -11.60 -33.71
N GLN SA 47 40.81 -10.73 -34.49
CA GLN SA 47 42.10 -10.17 -34.09
C GLN SA 47 41.91 -9.26 -32.88
N ASN SA 48 42.66 -9.54 -31.82
CA ASN SA 48 42.56 -8.79 -30.56
C ASN SA 48 41.15 -8.80 -30.00
N MET SA 49 40.60 -10.00 -29.76
CA MET SA 49 39.31 -10.13 -29.09
C MET SA 49 39.43 -11.15 -27.97
N ILE SA 50 38.87 -10.83 -26.81
CA ILE SA 50 38.82 -11.80 -25.71
C ILE SA 50 37.39 -11.83 -25.16
N GLY SA 51 36.91 -13.03 -24.86
CA GLY SA 51 35.57 -13.20 -24.32
C GLY SA 51 35.52 -14.11 -23.13
N THR SA 52 34.88 -13.66 -22.05
CA THR SA 52 34.68 -14.45 -20.85
C THR SA 52 33.19 -14.65 -20.61
N GLY SA 53 32.81 -15.87 -20.26
CA GLY SA 53 31.40 -16.11 -20.01
C GLY SA 53 31.09 -17.54 -19.64
N PHE SA 54 29.83 -17.91 -19.82
CA PHE SA 54 29.40 -19.26 -19.50
C PHE SA 54 28.31 -19.72 -20.45
N VAL SA 55 28.17 -21.04 -20.53
CA VAL SA 55 27.09 -21.71 -21.24
C VAL SA 55 26.39 -22.64 -20.25
N ARG SA 56 25.08 -22.51 -20.13
CA ARG SA 56 24.29 -23.29 -19.20
C ARG SA 56 23.40 -24.26 -19.96
N TYR SA 57 23.52 -25.55 -19.66
CA TYR SA 57 22.69 -26.60 -20.22
C TYR SA 57 21.64 -26.98 -19.18
N ASP SA 58 20.39 -26.64 -19.46
CA ASP SA 58 19.31 -26.81 -18.49
C ASP SA 58 18.55 -28.12 -18.67
N VAL SA 59 17.94 -28.32 -19.84
CA VAL SA 59 17.14 -29.50 -20.11
C VAL SA 59 17.52 -30.05 -21.48
N GLY SA 60 17.55 -31.38 -21.60
CA GLY SA 60 17.88 -32.02 -22.84
C GLY SA 60 17.96 -33.53 -22.71
N PRO SA 61 17.65 -34.24 -23.80
CA PRO SA 61 17.69 -35.71 -23.75
C PRO SA 61 19.06 -36.30 -23.47
N ALA SA 62 20.13 -35.65 -23.93
CA ALA SA 62 21.44 -36.28 -23.92
C ALA SA 62 22.56 -35.27 -23.75
N PRO SA 63 23.79 -35.71 -23.48
CA PRO SA 63 24.92 -34.77 -23.44
C PRO SA 63 25.12 -34.05 -24.77
N ILE SA 64 25.58 -32.81 -24.68
CA ILE SA 64 25.86 -31.97 -25.84
C ILE SA 64 27.33 -31.60 -25.82
N THR SA 65 27.80 -31.03 -26.93
CA THR SA 65 29.19 -30.60 -27.04
C THR SA 65 29.24 -29.09 -27.21
N LEU SA 66 30.18 -28.44 -26.54
CA LEU SA 66 30.43 -27.01 -26.72
C LEU SA 66 31.78 -26.82 -27.39
N THR SA 67 31.77 -26.16 -28.54
CA THR SA 67 32.99 -25.99 -29.34
C THR SA 67 33.21 -24.53 -29.65
N VAL SA 68 34.49 -24.15 -29.76
CA VAL SA 68 34.88 -22.78 -30.11
C VAL SA 68 35.77 -22.85 -31.34
N LEU SA 69 35.46 -22.02 -32.33
CA LEU SA 69 36.12 -22.08 -33.62
C LEU SA 69 36.69 -20.72 -33.99
N ASP SA 70 37.81 -20.75 -34.72
CA ASP SA 70 38.44 -19.55 -35.26
C ASP SA 70 38.05 -19.37 -36.71
N ALA SA 71 38.59 -18.31 -37.32
CA ALA SA 71 38.18 -17.90 -38.66
C ALA SA 71 38.49 -18.98 -39.70
N ALA SA 72 39.45 -19.85 -39.44
CA ALA SA 72 39.82 -20.90 -40.38
C ALA SA 72 38.92 -22.13 -40.25
N GLY SA 73 37.98 -22.10 -39.30
CA GLY SA 73 37.08 -23.22 -39.10
C GLY SA 73 37.59 -24.30 -38.17
N ALA SA 74 38.83 -24.17 -37.70
CA ALA SA 74 39.41 -25.16 -36.80
C ALA SA 74 38.82 -25.02 -35.41
N THR SA 75 39.03 -26.06 -34.60
CA THR SA 75 38.51 -26.08 -33.23
C THR SA 75 39.58 -25.63 -32.26
N ILE SA 76 39.25 -24.63 -31.44
CA ILE SA 76 40.17 -24.17 -30.39
C ILE SA 76 39.96 -24.97 -29.12
N ASP SA 77 38.70 -25.14 -28.69
CA ASP SA 77 38.40 -25.88 -27.48
C ASP SA 77 37.08 -26.60 -27.66
N THR SA 78 36.99 -27.81 -27.11
CA THR SA 78 35.77 -28.61 -27.14
C THR SA 78 35.55 -29.22 -25.76
N GLN SA 79 34.32 -29.14 -25.27
CA GLN SA 79 33.94 -29.67 -23.97
C GLN SA 79 32.61 -30.41 -24.10
N THR SA 80 32.30 -31.22 -23.09
CA THR SA 80 31.07 -31.99 -23.07
C THR SA 80 30.23 -31.58 -21.87
N LEU SA 81 28.92 -31.45 -22.09
CA LEU SA 81 28.01 -31.01 -21.04
C LEU SA 81 26.86 -31.99 -20.90
N ASN SA 82 26.42 -32.19 -19.66
CA ASN SA 82 25.26 -32.98 -19.31
C ASN SA 82 24.13 -32.07 -18.83
N PRO SA 83 22.87 -32.50 -18.95
CA PRO SA 83 21.76 -31.60 -18.61
C PRO SA 83 21.83 -31.12 -17.16
N GLY SA 84 21.55 -29.84 -16.96
CA GLY SA 84 21.50 -29.25 -15.64
C GLY SA 84 22.81 -28.68 -15.12
N THR SA 85 23.79 -28.44 -15.99
CA THR SA 85 25.10 -27.97 -15.54
C THR SA 85 25.48 -26.69 -16.29
N SER SA 86 26.68 -26.19 -15.99
CA SER SA 86 27.19 -24.97 -16.60
C SER SA 86 28.69 -25.13 -16.88
N ILE SA 87 29.19 -24.36 -17.83
CA ILE SA 87 30.62 -24.34 -18.13
C ILE SA 87 31.05 -22.89 -18.32
N ALA SA 88 32.12 -22.50 -17.63
CA ALA SA 88 32.69 -21.17 -17.75
C ALA SA 88 33.94 -21.22 -18.63
N PHE SA 89 34.20 -20.10 -19.30
CA PHE SA 89 35.30 -20.07 -20.27
C PHE SA 89 35.84 -18.65 -20.39
N THR SA 90 37.09 -18.57 -20.87
CA THR SA 90 37.73 -17.32 -21.25
C THR SA 90 38.60 -17.62 -22.46
N TYR SA 91 38.26 -17.04 -23.61
CA TYR SA 91 38.89 -17.39 -24.88
C TYR SA 91 39.40 -16.16 -25.58
N ARG SA 92 40.42 -16.33 -26.42
CA ARG SA 92 40.93 -15.25 -27.25
C ARG SA 92 41.11 -15.72 -28.68
N ARG SA 93 40.98 -14.79 -29.61
CA ARG SA 93 41.17 -15.03 -31.05
C ARG SA 93 40.29 -16.20 -31.53
N PHE SA 94 38.99 -16.01 -31.39
CA PHE SA 94 38.00 -16.97 -31.82
C PHE SA 94 36.97 -16.28 -32.69
N VAL SA 95 36.38 -17.03 -33.62
CA VAL SA 95 35.37 -16.48 -34.50
C VAL SA 95 33.95 -16.84 -34.07
N THR SA 96 33.75 -17.97 -33.40
CA THR SA 96 32.39 -18.37 -33.03
C THR SA 96 32.42 -19.37 -31.89
N ILE SA 97 31.30 -19.43 -31.19
CA ILE SA 97 31.03 -20.43 -30.16
C ILE SA 97 29.73 -21.13 -30.52
N GLU SA 98 29.71 -22.45 -30.43
CA GLU SA 98 28.54 -23.22 -30.87
C GLU SA 98 28.36 -24.45 -30.01
N VAL SA 99 27.15 -25.00 -30.06
CA VAL SA 99 26.81 -26.24 -29.39
C VAL SA 99 26.43 -27.26 -30.46
N THR SA 100 27.06 -28.42 -30.39
CA THR SA 100 26.76 -29.54 -31.27
C THR SA 100 25.83 -30.49 -30.54
N LEU SA 101 24.67 -30.75 -31.14
CA LEU SA 101 23.61 -31.64 -30.68
C LEU SA 101 23.58 -32.89 -31.56
N PRO SA 102 23.82 -34.06 -30.98
CA PRO SA 102 23.86 -35.28 -31.79
C PRO SA 102 22.49 -35.67 -32.32
N ALA SA 103 22.50 -36.42 -33.41
CA ALA SA 103 21.26 -36.89 -34.02
C ALA SA 103 20.76 -38.18 -33.39
N ALA SA 104 21.47 -38.72 -32.40
CA ALA SA 104 21.11 -39.98 -31.76
C ALA SA 104 19.73 -39.90 -31.11
N THR SA 105 19.57 -39.01 -30.13
CA THR SA 105 18.30 -38.88 -29.43
C THR SA 105 17.54 -37.66 -29.92
N ALA SA 106 16.32 -37.89 -30.37
CA ALA SA 106 15.46 -36.80 -30.83
C ALA SA 106 14.80 -36.11 -29.63
N GLY SA 107 14.78 -34.80 -29.66
CA GLY SA 107 14.19 -34.03 -28.58
C GLY SA 107 14.66 -32.59 -28.61
N THR SA 108 14.26 -31.85 -27.57
CA THR SA 108 14.52 -30.43 -27.47
C THR SA 108 15.59 -30.17 -26.42
N TYR SA 109 16.61 -29.41 -26.80
CA TYR SA 109 17.67 -28.95 -25.89
C TYR SA 109 17.50 -27.47 -25.64
N GLN SA 110 17.56 -27.07 -24.38
CA GLN SA 110 17.37 -25.68 -24.01
C GLN SA 110 18.44 -25.26 -23.01
N GLY SA 111 18.82 -24.00 -23.06
CA GLY SA 111 19.83 -23.50 -22.14
C GLY SA 111 20.01 -22.00 -22.28
N GLU SA 112 21.08 -21.50 -21.67
CA GLU SA 112 21.37 -20.08 -21.63
C GLU SA 112 22.83 -19.84 -21.98
N PHE SA 113 23.16 -18.60 -22.33
CA PHE SA 113 24.52 -18.25 -22.72
C PHE SA 113 24.79 -16.80 -22.33
N CYS SA 114 25.90 -16.57 -21.63
CA CYS SA 114 26.32 -15.22 -21.27
C CYS SA 114 27.75 -15.02 -21.73
N ILE SA 115 28.03 -13.87 -22.31
CA ILE SA 115 29.40 -13.53 -22.68
C ILE SA 115 29.63 -12.03 -22.46
N THR SA 116 30.87 -11.70 -22.11
CA THR SA 116 31.34 -10.32 -22.08
C THR SA 116 32.66 -10.28 -22.84
N THR SA 117 32.77 -9.37 -23.79
CA THR SA 117 33.86 -9.34 -24.74
C THR SA 117 34.60 -8.00 -24.68
N ARG SA 118 35.93 -8.09 -24.72
CA ARG SA 118 36.80 -6.93 -24.79
C ARG SA 118 37.52 -6.91 -26.13
N TYR SA 119 37.58 -5.73 -26.73
CA TYR SA 119 38.15 -5.53 -28.05
C TYR SA 119 38.59 -4.07 -28.18
N PRO SA 120 39.54 -3.77 -29.07
CA PRO SA 120 39.99 -2.38 -29.23
C PRO SA 120 39.01 -1.57 -30.07
N LEU SA 121 38.68 -0.37 -29.60
CA LEU SA 121 37.78 0.54 -30.30
C LEU SA 121 38.57 1.55 -31.12
N SER SA 122 39.52 0.97 -31.87
CA SER SA 122 40.54 1.65 -32.64
C SER SA 122 40.06 2.11 -34.01
N ALA TA 9 60.38 7.93 -27.13
CA ALA TA 9 60.18 7.41 -28.48
C ALA TA 9 61.34 6.52 -28.89
N LEU TA 10 62.11 6.05 -27.91
CA LEU TA 10 63.30 5.25 -28.18
C LEU TA 10 63.03 3.75 -28.26
N THR TA 11 61.83 3.30 -27.89
CA THR TA 11 61.57 1.88 -27.74
C THR TA 11 60.32 1.48 -28.50
N CYS TA 12 60.35 0.29 -29.10
CA CYS TA 12 59.16 -0.41 -29.56
C CYS TA 12 58.72 -1.45 -28.56
N CYS TA 13 58.88 -1.15 -27.26
CA CYS TA 13 58.46 -2.02 -26.17
C CYS TA 13 57.13 -1.52 -25.63
N PRO TA 14 56.01 -2.08 -26.08
CA PRO TA 14 54.70 -1.61 -25.61
C PRO TA 14 54.45 -2.06 -24.17
N ASP TA 15 53.59 -1.30 -23.50
CA ASP TA 15 53.20 -1.60 -22.13
C ASP TA 15 52.25 -2.79 -22.10
N LYS TA 16 52.21 -3.46 -20.95
CA LYS TA 16 51.31 -4.57 -20.71
C LYS TA 16 50.10 -4.06 -19.93
N ASN TA 17 48.95 -4.02 -20.59
CA ASN TA 17 47.71 -3.54 -19.98
C ASN TA 17 46.92 -4.75 -19.48
N TYR TA 18 47.00 -5.02 -18.18
CA TYR TA 18 46.33 -6.17 -17.59
C TYR TA 18 44.89 -5.81 -17.24
N VAL TA 19 43.99 -6.75 -17.49
CA VAL TA 19 42.56 -6.58 -17.21
C VAL TA 19 42.06 -7.79 -16.44
N GLN TA 20 40.92 -7.59 -15.78
CA GLN TA 20 40.33 -8.59 -14.89
C GLN TA 20 38.86 -8.78 -15.23
N ASP TA 21 38.43 -10.04 -15.21
CA ASP TA 21 37.04 -10.42 -15.39
C ASP TA 21 36.60 -11.32 -14.26
N LYS TA 22 35.30 -11.54 -14.16
CA LYS TA 22 34.73 -12.36 -13.09
C LYS TA 22 33.60 -13.19 -13.67
N VAL TA 23 33.46 -14.43 -13.20
CA VAL TA 23 32.36 -15.30 -13.61
C VAL TA 23 32.05 -16.28 -12.49
N CYS TA 24 30.75 -16.48 -12.22
CA CYS TA 24 30.26 -17.42 -11.23
C CYS TA 24 29.24 -18.33 -11.89
N SER TA 25 29.22 -19.60 -11.49
CA SER TA 25 28.29 -20.55 -12.08
C SER TA 25 28.08 -21.72 -11.13
N PRO TA 26 26.86 -22.26 -11.07
CA PRO TA 26 26.63 -23.49 -10.34
C PRO TA 26 26.98 -24.71 -11.18
N TRP TA 27 27.32 -25.80 -10.50
CA TRP TA 27 27.69 -27.04 -11.17
C TRP TA 27 26.95 -28.20 -10.54
N SER TA 28 26.67 -29.21 -11.37
CA SER TA 28 25.98 -30.41 -10.95
C SER TA 28 26.53 -31.59 -11.73
N GLY TA 29 26.39 -32.78 -11.14
CA GLY TA 29 26.83 -34.00 -11.79
C GLY TA 29 26.23 -35.26 -11.19
N THR TA 30 25.70 -36.14 -12.03
CA THR TA 30 25.05 -37.35 -11.58
C THR TA 30 25.93 -38.55 -11.92
N VAL TA 31 26.40 -39.25 -10.90
CA VAL TA 31 27.23 -40.44 -11.09
C VAL TA 31 26.36 -41.68 -10.92
N VAL TA 32 26.44 -42.59 -11.89
CA VAL TA 32 25.67 -43.83 -11.88
C VAL TA 32 26.59 -45.04 -11.78
N ALA TA 33 27.51 -45.21 -12.73
CA ALA TA 33 28.42 -46.34 -12.71
C ALA TA 33 29.85 -45.95 -13.05
N THR TA 34 30.03 -44.73 -13.57
CA THR TA 34 31.33 -44.28 -14.04
C THR TA 34 31.72 -42.97 -13.36
N ALA TA 35 33.03 -42.80 -13.14
CA ALA TA 35 33.55 -41.57 -12.55
C ALA TA 35 33.36 -40.40 -13.52
N ILE TA 36 33.27 -39.20 -12.96
CA ILE TA 36 33.04 -37.98 -13.74
C ILE TA 36 34.19 -37.02 -13.50
N THR TA 37 34.52 -36.25 -14.53
CA THR TA 37 35.66 -35.34 -14.54
C THR TA 37 35.10 -33.97 -14.94
N ASN TA 38 34.10 -33.52 -14.18
CA ASN TA 38 33.35 -32.32 -14.53
C ASN TA 38 34.22 -31.07 -14.56
N VAL TA 39 34.41 -30.49 -15.73
CA VAL TA 39 35.24 -29.29 -15.88
C VAL TA 39 34.39 -28.07 -15.59
N LEU TA 40 34.89 -27.19 -14.72
CA LEU TA 40 34.16 -25.98 -14.36
C LEU TA 40 34.63 -24.75 -15.09
N TYR TA 41 35.88 -24.70 -15.52
CA TYR TA 41 36.46 -23.52 -16.15
C TYR TA 41 37.60 -23.96 -17.05
N ASN TA 42 37.76 -23.27 -18.19
CA ASN TA 42 38.84 -23.56 -19.11
C ASN TA 42 39.17 -22.30 -19.90
N ASN TA 43 40.40 -22.26 -20.42
CA ASN TA 43 40.88 -21.10 -21.16
C ASN TA 43 42.01 -21.54 -22.08
N ASN TA 44 42.33 -20.67 -23.04
CA ASN TA 44 43.42 -20.90 -23.98
C ASN TA 44 44.49 -19.81 -23.89
N ILE TA 45 44.55 -19.12 -22.76
CA ILE TA 45 45.46 -18.00 -22.57
C ILE TA 45 46.36 -18.27 -21.36
N ASN TA 46 46.73 -19.54 -21.19
CA ASN TA 46 47.44 -19.98 -19.98
C ASN TA 46 48.68 -19.15 -19.71
N GLN TA 47 49.36 -18.68 -20.75
CA GLN TA 47 50.53 -17.83 -20.55
C GLN TA 47 50.09 -16.48 -19.97
N ASN TA 48 50.67 -16.10 -18.84
CA ASN TA 48 50.32 -14.87 -18.14
C ASN TA 48 48.84 -14.82 -17.78
N MET TA 49 48.36 -15.81 -17.03
CA MET TA 49 47.00 -15.81 -16.52
C MET TA 49 47.02 -16.13 -15.03
N ILE TA 50 46.26 -15.38 -14.25
CA ILE TA 50 46.11 -15.69 -12.83
C ILE TA 50 44.63 -15.67 -12.47
N GLY TA 51 44.21 -16.63 -11.66
CA GLY TA 51 42.82 -16.72 -11.26
C GLY TA 51 42.65 -16.95 -9.77
N THR TA 52 41.81 -16.14 -9.13
CA THR TA 52 41.49 -16.27 -7.71
C THR TA 52 40.01 -16.55 -7.56
N GLY TA 53 39.67 -17.49 -6.69
CA GLY TA 53 38.26 -17.78 -6.50
C GLY TA 53 38.02 -18.89 -5.50
N PHE TA 54 36.83 -19.49 -5.59
CA PHE TA 54 36.47 -20.56 -4.69
C PHE TA 54 35.57 -21.57 -5.39
N VAL TA 55 35.56 -22.78 -4.82
CA VAL TA 55 34.66 -23.85 -5.21
C VAL TA 55 33.90 -24.28 -3.97
N ARG TA 56 32.58 -24.30 -4.05
CA ARG TA 56 31.71 -24.66 -2.94
C ARG TA 56 31.03 -25.99 -3.20
N TYR TA 57 31.21 -26.93 -2.29
CA TYR TA 57 30.57 -28.24 -2.34
C TYR TA 57 29.40 -28.22 -1.35
N ASP TA 58 28.17 -28.25 -1.89
CA ASP TA 58 26.97 -28.08 -1.07
C ASP TA 58 26.37 -29.42 -0.65
N VAL TA 59 25.97 -30.24 -1.63
CA VAL TA 59 25.31 -31.51 -1.36
C VAL TA 59 25.95 -32.59 -2.23
N GLY TA 60 26.09 -33.78 -1.68
CA GLY TA 60 26.66 -34.89 -2.40
C GLY TA 60 26.84 -36.12 -1.52
N PRO TA 61 26.76 -37.31 -2.14
CA PRO TA 61 26.91 -38.55 -1.38
C PRO TA 61 28.27 -38.72 -0.71
N ALA TA 62 29.34 -38.23 -1.32
CA ALA TA 62 30.68 -38.57 -0.87
C ALA TA 62 31.68 -37.46 -1.12
N PRO TA 63 32.88 -37.52 -0.55
CA PRO TA 63 33.91 -36.52 -0.87
C PRO TA 63 34.25 -36.51 -2.35
N ILE TA 64 34.60 -35.33 -2.84
CA ILE TA 64 34.99 -35.11 -4.24
C ILE TA 64 36.40 -34.56 -4.26
N THR TA 65 36.99 -34.54 -5.45
CA THR TA 65 38.34 -34.01 -5.62
C THR TA 65 38.30 -32.78 -6.51
N LEU TA 66 39.08 -31.76 -6.17
CA LEU TA 66 39.22 -30.57 -7.00
C LEU TA 66 40.64 -30.53 -7.54
N THR TA 67 40.78 -30.52 -8.87
CA THR TA 67 42.08 -30.57 -9.51
C THR TA 67 42.23 -29.42 -10.49
N VAL TA 68 43.47 -28.95 -10.64
CA VAL TA 68 43.80 -27.89 -11.58
C VAL TA 68 44.88 -28.40 -12.53
N LEU TA 69 44.66 -28.22 -13.83
CA LEU TA 69 45.52 -28.78 -14.85
C LEU TA 69 46.03 -27.70 -15.78
N ASP TA 70 47.25 -27.91 -16.28
CA ASP TA 70 47.86 -27.03 -17.28
C ASP TA 70 47.69 -27.62 -18.67
N ALA TA 71 48.23 -26.92 -19.67
CA ALA TA 71 48.00 -27.28 -21.06
C ALA TA 71 48.55 -28.67 -21.40
N ALA TA 72 49.54 -29.15 -20.65
CA ALA TA 72 50.13 -30.45 -20.90
C ALA TA 72 49.32 -31.58 -20.27
N GLY TA 73 48.24 -31.25 -19.56
CA GLY TA 73 47.41 -32.24 -18.91
C GLY TA 73 47.87 -32.66 -17.53
N ALA TA 74 48.99 -32.14 -17.07
CA ALA TA 74 49.51 -32.48 -15.75
C ALA TA 74 48.70 -31.78 -14.66
N THR TA 75 48.85 -32.26 -13.43
CA THR TA 75 48.13 -31.71 -12.30
C THR TA 75 49.00 -30.70 -11.57
N ILE TA 76 48.48 -29.49 -11.39
CA ILE TA 76 49.17 -28.46 -10.62
C ILE TA 76 48.82 -28.57 -9.15
N ASP TA 77 47.53 -28.70 -8.83
CA ASP TA 77 47.11 -28.80 -7.44
C ASP TA 77 45.88 -29.70 -7.37
N THR TA 78 45.81 -30.50 -6.30
CA THR TA 78 44.69 -31.37 -6.04
C THR TA 78 44.30 -31.29 -4.58
N GLN TA 79 43.00 -31.16 -4.32
CA GLN TA 79 42.48 -31.06 -2.97
C GLN TA 79 41.24 -31.93 -2.84
N THR TA 80 40.84 -32.21 -1.61
CA THR TA 80 39.69 -33.05 -1.32
C THR TA 80 38.64 -32.23 -0.57
N LEU TA 81 37.38 -32.42 -0.95
CA LEU TA 81 36.28 -31.67 -0.36
C LEU TA 81 35.20 -32.62 0.13
N ASN TA 82 34.58 -32.27 1.27
CA ASN TA 82 33.45 -32.96 1.85
C ASN TA 82 32.20 -32.10 1.71
N PRO TA 83 31.02 -32.71 1.69
CA PRO TA 83 29.79 -31.93 1.43
C PRO TA 83 29.60 -30.82 2.45
N GLY TA 84 29.19 -29.65 1.96
CA GLY TA 84 28.89 -28.52 2.81
C GLY TA 84 30.04 -27.58 3.10
N THR TA 85 31.13 -27.64 2.33
CA THR TA 85 32.31 -26.82 2.62
C THR TA 85 32.69 -26.03 1.38
N SER TA 86 33.79 -25.27 1.49
CA SER TA 86 34.30 -24.43 0.42
C SER TA 86 35.82 -24.50 0.41
N ILE TA 87 36.41 -24.21 -0.75
CA ILE TA 87 37.86 -24.12 -0.88
C ILE TA 87 38.20 -22.89 -1.72
N ALA TA 88 39.11 -22.07 -1.22
CA ALA TA 88 39.59 -20.89 -1.92
C ALA TA 88 40.96 -21.17 -2.53
N PHE TA 89 41.24 -20.49 -3.64
CA PHE TA 89 42.46 -20.76 -4.39
C PHE TA 89 42.90 -19.51 -5.14
N THR TA 90 44.20 -19.50 -5.47
CA THR TA 90 44.78 -18.50 -6.35
C THR TA 90 45.86 -19.20 -7.16
N TYR TA 91 45.66 -19.31 -8.47
CA TYR TA 91 46.50 -20.14 -9.33
C TYR TA 91 47.02 -19.32 -10.51
N ARG TA 92 48.16 -19.72 -11.05
CA ARG TA 92 48.71 -19.11 -12.25
C ARG TA 92 49.15 -20.19 -13.23
N ARG TA 93 49.09 -19.84 -14.51
CA ARG TA 93 49.53 -20.71 -15.61
C ARG TA 93 48.84 -22.08 -15.54
N PHE TA 94 47.51 -22.03 -15.64
CA PHE TA 94 46.68 -23.23 -15.63
C PHE TA 94 45.74 -23.18 -16.82
N VAL TA 95 45.37 -24.37 -17.31
CA VAL TA 95 44.47 -24.47 -18.44
C VAL TA 95 43.03 -24.78 -18.03
N THR TA 96 42.83 -25.47 -16.91
CA THR TA 96 41.46 -25.82 -16.53
C THR TA 96 41.39 -26.15 -15.05
N ILE TA 97 40.18 -26.03 -14.52
CA ILE TA 97 39.83 -26.44 -13.16
C ILE TA 97 38.66 -27.41 -13.26
N GLU TA 98 38.74 -28.51 -12.52
CA GLU TA 98 37.72 -29.55 -12.64
C GLU TA 98 37.51 -30.23 -11.30
N VAL TA 99 36.37 -30.90 -11.20
CA VAL TA 99 36.02 -31.71 -10.04
C VAL TA 99 35.89 -33.16 -10.49
N THR TA 100 36.61 -34.05 -9.80
CA THR TA 100 36.54 -35.48 -10.03
C THR TA 100 35.57 -36.09 -9.02
N LEU TA 101 34.55 -36.77 -9.53
CA LEU TA 101 33.51 -37.48 -8.80
C LEU TA 101 33.71 -38.97 -8.94
N PRO TA 102 33.96 -39.68 -7.84
CA PRO TA 102 34.22 -41.13 -7.93
C PRO TA 102 32.98 -41.91 -8.32
N ALA TA 103 33.21 -43.08 -8.90
CA ALA TA 103 32.13 -43.97 -9.31
C ALA TA 103 31.64 -44.86 -8.18
N ALA TA 104 32.23 -44.74 -6.99
CA ALA TA 104 31.87 -45.58 -5.86
C ALA TA 104 30.40 -45.40 -5.47
N THR TA 105 30.04 -44.18 -5.08
CA THR TA 105 28.67 -43.92 -4.65
C THR TA 105 27.89 -43.21 -5.75
N ALA TA 106 26.77 -43.80 -6.16
CA ALA TA 106 25.91 -43.20 -7.16
C ALA TA 106 25.03 -42.13 -6.53
N GLY TA 107 24.90 -41.00 -7.22
CA GLY TA 107 24.10 -39.92 -6.71
C GLY TA 107 24.45 -38.61 -7.41
N THR TA 108 23.83 -37.54 -6.91
CA THR TA 108 23.96 -36.22 -7.51
C THR TA 108 24.83 -35.33 -6.62
N TYR TA 109 25.83 -34.70 -7.22
CA TYR TA 109 26.69 -33.73 -6.56
C TYR TA 109 26.37 -32.35 -7.10
N GLN TA 110 26.19 -31.38 -6.20
CA GLN TA 110 25.85 -30.03 -6.58
C GLN TA 110 26.72 -29.04 -5.82
N GLY TA 111 26.99 -27.91 -6.45
CA GLY TA 111 27.80 -26.90 -5.81
C GLY TA 111 27.88 -25.64 -6.66
N GLU TA 112 28.79 -24.75 -6.26
CA GLU TA 112 28.96 -23.47 -6.91
C GLU TA 112 30.44 -23.21 -7.18
N PHE TA 113 30.72 -22.25 -8.06
CA PHE TA 113 32.08 -21.94 -8.45
C PHE TA 113 32.18 -20.47 -8.80
N CYS TA 114 33.14 -19.77 -8.20
CA CYS TA 114 33.39 -18.36 -8.52
C CYS TA 114 34.85 -18.21 -8.87
N ILE TA 115 35.13 -17.43 -9.92
CA ILE TA 115 36.51 -17.11 -10.28
C ILE TA 115 36.58 -15.69 -10.80
N THR TA 116 37.71 -15.04 -10.53
CA THR TA 116 38.06 -13.77 -11.15
C THR TA 116 39.48 -13.91 -11.69
N THR TA 117 39.67 -13.55 -12.96
CA THR TA 117 40.89 -13.83 -13.69
C THR TA 117 41.50 -12.54 -14.22
N ARG TA 118 42.82 -12.43 -14.09
CA ARG TA 118 43.60 -11.33 -14.64
C ARG TA 118 44.52 -11.86 -15.74
N TYR TA 119 44.57 -11.11 -16.83
CA TYR TA 119 45.34 -11.49 -18.02
C TYR TA 119 45.66 -10.22 -18.79
N PRO TA 120 46.72 -10.24 -19.62
CA PRO TA 120 47.07 -9.05 -20.41
C PRO TA 120 46.17 -8.91 -21.63
N LEU TA 121 45.68 -7.69 -21.84
CA LEU TA 121 44.82 -7.36 -22.99
C LEU TA 121 45.66 -6.78 -24.12
N SER TA 122 46.81 -7.41 -24.37
CA SER TA 122 47.79 -6.85 -25.28
C SER TA 122 47.77 -7.50 -26.66
N ALA UA 9 66.05 3.82 -21.71
CA ALA UA 9 66.09 2.68 -22.63
C ALA UA 9 67.37 1.88 -22.44
N LEU UA 10 68.01 2.06 -21.28
CA LEU UA 10 69.28 1.41 -21.01
C LEU UA 10 69.15 0.04 -20.36
N THR UA 11 67.95 -0.34 -19.93
CA THR UA 11 67.79 -1.54 -19.12
C THR UA 11 66.70 -2.43 -19.70
N CYS UA 12 66.92 -3.74 -19.63
CA CYS UA 12 65.88 -4.75 -19.80
C CYS UA 12 65.36 -5.24 -18.44
N CYS UA 13 65.30 -4.33 -17.48
CA CYS UA 13 64.79 -4.61 -16.14
C CYS UA 13 63.34 -4.12 -16.05
N PRO UA 14 62.36 -4.98 -16.28
CA PRO UA 14 60.97 -4.54 -16.22
C PRO UA 14 60.53 -4.27 -14.79
N ASP UA 15 59.52 -3.42 -14.67
CA ASP UA 15 58.94 -3.08 -13.37
C ASP UA 15 58.09 -4.23 -12.84
N LYS UA 16 57.93 -4.27 -11.53
CA LYS UA 16 57.07 -5.25 -10.87
C LYS UA 16 55.74 -4.61 -10.56
N ASN UA 17 54.69 -5.06 -11.25
CA ASN UA 17 53.35 -4.52 -11.09
C ASN UA 17 52.59 -5.45 -10.14
N TYR UA 18 52.48 -5.05 -8.88
CA TYR UA 18 51.82 -5.85 -7.87
C TYR UA 18 50.32 -5.60 -7.89
N VAL UA 19 49.54 -6.66 -7.72
CA VAL UA 19 48.09 -6.58 -7.70
C VAL UA 19 47.57 -7.32 -6.48
N GLN UA 20 46.32 -7.01 -6.12
CA GLN UA 20 45.68 -7.52 -4.92
C GLN UA 20 44.30 -8.07 -5.25
N ASP UA 21 43.98 -9.22 -4.66
CA ASP UA 21 42.67 -9.83 -4.77
C ASP UA 21 42.13 -10.13 -3.38
N LYS UA 22 40.84 -10.45 -3.31
CA LYS UA 22 40.18 -10.75 -2.05
C LYS UA 22 39.22 -11.91 -2.24
N VAL UA 23 39.11 -12.77 -1.24
CA VAL UA 23 38.17 -13.88 -1.27
C VAL UA 23 37.76 -14.23 0.15
N CYS UA 24 36.46 -14.47 0.35
CA CYS UA 24 35.89 -14.88 1.63
C CYS UA 24 35.06 -16.13 1.41
N SER UA 25 35.07 -17.04 2.37
CA SER UA 25 34.33 -18.28 2.25
C SER UA 25 34.06 -18.87 3.63
N PRO UA 26 32.90 -19.48 3.82
CA PRO UA 26 32.66 -20.24 5.05
C PRO UA 26 33.22 -21.65 4.95
N TRP UA 27 33.53 -22.21 6.11
CA TRP UA 27 34.10 -23.54 6.18
C TRP UA 27 33.37 -24.37 7.23
N SER UA 28 33.31 -25.68 6.99
CA SER UA 28 32.65 -26.61 7.88
C SER UA 28 33.40 -27.94 7.84
N GLY UA 29 33.27 -28.70 8.92
CA GLY UA 29 33.91 -30.00 9.02
C GLY UA 29 33.32 -30.88 10.10
N THR UA 30 33.00 -32.12 9.75
CA THR UA 30 32.37 -33.06 10.68
C THR UA 30 33.40 -34.13 11.06
N VAL UA 31 33.75 -34.18 12.34
CA VAL UA 31 34.68 -35.18 12.84
C VAL UA 31 33.90 -36.29 13.52
N VAL UA 32 34.20 -37.53 13.13
CA VAL UA 32 33.56 -38.72 13.69
C VAL UA 32 34.53 -39.58 14.47
N ALA UA 33 35.60 -40.04 13.82
CA ALA UA 33 36.58 -40.90 14.48
C ALA UA 33 38.01 -40.50 14.13
N THR UA 34 38.18 -39.67 13.10
CA THR UA 34 39.50 -39.31 12.60
C THR UA 34 39.67 -37.80 12.57
N ALA UA 35 40.90 -37.35 12.81
CA ALA UA 35 41.23 -35.94 12.76
C ALA UA 35 41.11 -35.42 11.32
N ILE UA 36 40.84 -34.12 11.20
CA ILE UA 36 40.63 -33.49 9.91
C ILE UA 36 41.65 -32.35 9.75
N THR UA 37 42.08 -32.15 8.51
CA THR UA 37 43.13 -31.19 8.16
C THR UA 37 42.54 -30.27 7.08
N ASN UA 38 41.40 -29.67 7.41
CA ASN UA 38 40.61 -28.91 6.44
C ASN UA 38 41.38 -27.72 5.89
N VAL UA 39 41.72 -27.75 4.61
CA VAL UA 39 42.45 -26.67 3.97
C VAL UA 39 41.48 -25.58 3.53
N LEU UA 40 41.75 -24.33 3.90
CA LEU UA 40 40.89 -23.22 3.55
C LEU UA 40 41.37 -22.44 2.35
N TYR UA 41 42.68 -22.42 2.08
CA TYR UA 41 43.24 -21.63 1.00
C TYR UA 41 44.54 -22.27 0.55
N ASN UA 42 44.82 -22.18 -0.75
CA ASN UA 42 46.05 -22.73 -1.30
C ASN UA 42 46.41 -21.97 -2.57
N ASN UA 43 47.69 -22.00 -2.93
CA ASN UA 43 48.19 -21.29 -4.09
C ASN UA 43 49.48 -21.94 -4.56
N ASN UA 44 49.87 -21.61 -5.79
CA ASN UA 44 51.11 -22.09 -6.38
C ASN UA 44 52.07 -20.95 -6.73
N ILE UA 45 51.89 -19.80 -6.09
CA ILE UA 45 52.68 -18.60 -6.39
C ILE UA 45 53.39 -18.14 -5.13
N ASN UA 46 53.84 -19.10 -4.32
CA ASN UA 46 54.37 -18.79 -2.99
C ASN UA 46 55.49 -17.77 -3.04
N GLN UA 47 56.28 -17.76 -4.11
CA GLN UA 47 57.34 -16.76 -4.23
C GLN UA 47 56.71 -15.39 -4.45
N ASN UA 48 57.08 -14.43 -3.61
CA ASN UA 48 56.53 -13.07 -3.64
C ASN UA 48 55.01 -13.07 -3.50
N MET UA 49 54.50 -13.64 -2.42
CA MET UA 49 53.08 -13.58 -2.11
C MET UA 49 52.88 -13.15 -0.66
N ILE UA 50 51.96 -12.24 -0.42
CA ILE UA 50 51.61 -11.85 0.94
C ILE UA 50 50.09 -11.87 1.10
N GLY UA 51 49.63 -12.38 2.23
CA GLY UA 51 48.21 -12.47 2.48
C GLY UA 51 47.82 -11.97 3.87
N THR UA 52 46.83 -11.09 3.94
CA THR UA 52 46.31 -10.57 5.18
C THR UA 52 44.85 -10.95 5.31
N GLY UA 53 44.45 -11.39 6.50
CA GLY UA 53 43.05 -11.76 6.67
C GLY UA 53 42.75 -12.28 8.06
N PHE UA 54 41.64 -13.01 8.15
CA PHE UA 54 41.22 -13.55 9.44
C PHE UA 54 40.53 -14.90 9.24
N VAL UA 55 40.52 -15.68 10.32
CA VAL UA 55 39.78 -16.92 10.44
C VAL UA 55 38.88 -16.81 11.65
N ARG UA 56 37.58 -17.06 11.45
CA ARG UA 56 36.58 -16.95 12.51
C ARG UA 56 36.07 -18.34 12.86
N TYR UA 57 36.17 -18.69 14.15
CA TYR UA 57 35.65 -19.94 14.69
C TYR UA 57 34.34 -19.62 15.42
N ASP UA 58 33.23 -20.07 14.85
CA ASP UA 58 31.91 -19.71 15.35
C ASP UA 58 31.34 -20.76 16.31
N VAL UA 59 31.17 -21.99 15.85
CA VAL UA 59 30.58 -23.06 16.64
C VAL UA 59 31.43 -24.31 16.48
N GLY UA 60 31.58 -25.07 17.57
CA GLY UA 60 32.34 -26.29 17.56
C GLY UA 60 32.48 -26.91 18.92
N PRO UA 61 32.59 -28.24 18.96
CA PRO UA 61 32.71 -28.93 20.26
C PRO UA 61 33.96 -28.56 21.05
N ALA UA 62 35.07 -28.26 20.38
CA ALA UA 62 36.34 -28.16 21.09
C ALA UA 62 37.28 -27.16 20.40
N PRO UA 63 38.38 -26.78 21.06
CA PRO UA 63 39.36 -25.91 20.39
C PRO UA 63 39.93 -26.56 19.13
N ILE UA 64 40.26 -25.72 18.15
CA ILE UA 64 40.84 -26.16 16.89
C ILE UA 64 42.19 -25.48 16.73
N THR UA 65 42.96 -25.94 15.74
CA THR UA 65 44.28 -25.37 15.47
C THR UA 65 44.27 -24.74 14.08
N LEU UA 66 44.90 -23.58 13.96
CA LEU UA 66 45.09 -22.93 12.66
C LEU UA 66 46.57 -22.94 12.32
N THR UA 67 46.90 -23.55 11.17
CA THR UA 67 48.28 -23.72 10.78
C THR UA 67 48.51 -23.17 9.37
N VAL UA 68 49.71 -22.67 9.13
CA VAL UA 68 50.11 -22.14 7.83
C VAL UA 68 51.35 -22.88 7.36
N LEU UA 69 51.32 -23.37 6.13
CA LEU UA 69 52.37 -24.23 5.62
C LEU UA 69 52.94 -23.66 4.32
N ASP UA 70 54.23 -23.91 4.11
CA ASP UA 70 54.92 -23.55 2.89
C ASP UA 70 55.01 -24.75 1.95
N ALA UA 71 55.65 -24.53 0.79
CA ALA UA 71 55.67 -25.55 -0.25
C ALA UA 71 56.37 -26.83 0.20
N ALA UA 72 57.26 -26.75 1.18
CA ALA UA 72 57.98 -27.91 1.67
C ALA UA 72 57.17 -28.70 2.69
N GLY UA 73 55.98 -28.24 3.03
CA GLY UA 73 55.14 -28.91 4.00
C GLY UA 73 55.40 -28.54 5.44
N ALA UA 74 56.40 -27.71 5.70
CA ALA UA 74 56.73 -27.28 7.06
C ALA UA 74 55.70 -26.28 7.57
N THR UA 75 55.71 -26.08 8.88
CA THR UA 75 54.78 -25.16 9.51
C THR UA 75 55.44 -23.81 9.74
N ILE UA 76 54.79 -22.76 9.24
CA ILE UA 76 55.27 -21.40 9.46
C ILE UA 76 54.71 -20.83 10.76
N ASP UA 77 53.41 -20.98 10.97
CA ASP UA 77 52.78 -20.46 12.17
C ASP UA 77 51.63 -21.39 12.56
N THR UA 78 51.46 -21.57 13.87
CA THR UA 78 50.38 -22.38 14.42
C THR UA 78 49.76 -21.65 15.61
N GLN UA 79 48.43 -21.60 15.64
CA GLN UA 79 47.69 -20.95 16.71
C GLN UA 79 46.53 -21.83 17.13
N THR UA 80 45.96 -21.52 18.29
CA THR UA 80 44.85 -22.28 18.85
C THR UA 80 43.64 -21.38 18.99
N LEU UA 81 42.46 -21.90 18.63
CA LEU UA 81 41.23 -21.13 18.66
C LEU UA 81 40.17 -21.87 19.44
N ASN UA 82 39.36 -21.11 20.18
CA ASN UA 82 38.21 -21.59 20.93
C ASN UA 82 36.92 -21.11 20.26
N PRO UA 83 35.81 -21.81 20.42
CA PRO UA 83 34.59 -21.43 19.69
C PRO UA 83 34.14 -20.01 20.01
N GLY UA 84 33.73 -19.29 18.97
CA GLY UA 84 33.21 -17.95 19.11
C GLY UA 84 34.23 -16.84 19.01
N THR UA 85 35.42 -17.09 18.48
CA THR UA 85 36.47 -16.09 18.44
C THR UA 85 36.99 -15.93 17.00
N SER UA 86 37.99 -15.06 16.85
CA SER UA 86 38.60 -14.78 15.55
C SER UA 86 40.09 -14.62 15.72
N ILE UA 87 40.84 -14.84 14.64
CA ILE UA 87 42.28 -14.62 14.62
C ILE UA 87 42.65 -13.90 13.33
N ALA UA 88 43.40 -12.82 13.44
CA ALA UA 88 43.89 -12.07 12.29
C ALA UA 88 45.35 -12.41 12.03
N PHE UA 89 45.75 -12.31 10.77
CA PHE UA 89 47.09 -12.72 10.38
C PHE UA 89 47.54 -11.93 9.16
N THR UA 90 48.87 -11.89 8.99
CA THR UA 90 49.52 -11.36 7.79
C THR UA 90 50.75 -12.21 7.55
N TYR UA 91 50.77 -12.96 6.45
CA TYR UA 91 51.80 -13.96 6.19
C TYR UA 91 52.42 -13.74 4.82
N ARG UA 92 53.67 -14.19 4.67
CA ARG UA 92 54.35 -14.14 3.39
C ARG UA 92 55.03 -15.49 3.11
N ARG UA 93 55.14 -15.81 1.83
CA ARG UA 93 55.80 -17.03 1.36
C ARG UA 93 55.22 -18.28 2.02
N PHE UA 94 53.92 -18.47 1.78
CA PHE UA 94 53.20 -19.63 2.30
C PHE UA 94 52.46 -20.31 1.16
N VAL UA 95 52.26 -21.62 1.29
CA VAL UA 95 51.56 -22.37 0.27
C VAL UA 95 50.11 -22.65 0.65
N THR UA 96 49.78 -22.74 1.93
CA THR UA 96 48.41 -23.08 2.30
C THR UA 96 48.13 -22.65 3.73
N ILE UA 97 46.84 -22.47 4.01
CA ILE UA 97 46.32 -22.22 5.35
C ILE UA 97 45.26 -23.28 5.64
N GLU UA 98 45.31 -23.87 6.83
CA GLU UA 98 44.41 -24.97 7.14
C GLU UA 98 44.04 -24.96 8.61
N VAL UA 99 42.95 -25.65 8.93
CA VAL UA 99 42.50 -25.84 10.30
C VAL UA 99 42.55 -27.34 10.61
N THR UA 100 43.22 -27.67 11.70
CA THR UA 100 43.30 -29.03 12.21
C THR UA 100 42.25 -29.20 13.29
N LEU UA 101 41.37 -30.19 13.09
CA LEU UA 101 40.28 -30.60 13.97
C LEU UA 101 40.63 -31.94 14.60
N PRO UA 102 40.75 -31.99 15.93
CA PRO UA 102 41.13 -33.24 16.59
C PRO UA 102 40.04 -34.29 16.52
N ALA UA 103 40.45 -35.55 16.63
CA ALA UA 103 39.52 -36.67 16.60
C ALA UA 103 38.93 -36.97 17.97
N ALA UA 104 39.32 -36.20 18.99
CA ALA UA 104 38.84 -36.44 20.36
C ALA UA 104 37.33 -36.31 20.46
N THR UA 105 36.81 -35.13 20.15
CA THR UA 105 35.37 -34.89 20.26
C THR UA 105 34.72 -34.92 18.89
N ALA UA 106 33.73 -35.78 18.72
CA ALA UA 106 33.00 -35.87 17.47
C ALA UA 106 31.94 -34.78 17.40
N GLY UA 107 31.85 -34.14 16.24
CA GLY UA 107 30.88 -33.07 16.06
C GLY UA 107 31.23 -32.23 14.85
N THR UA 108 30.46 -31.16 14.68
CA THR UA 108 30.59 -30.27 13.53
C THR UA 108 31.23 -28.96 13.94
N TYR UA 109 32.25 -28.56 13.21
CA TYR UA 109 32.92 -27.28 13.38
C TYR UA 109 32.58 -26.39 12.20
N GLN UA 110 32.20 -25.14 12.48
CA GLN UA 110 31.81 -24.21 11.44
C GLN UA 110 32.47 -22.86 11.71
N GLY UA 111 32.74 -22.14 10.62
CA GLY UA 111 33.37 -20.84 10.75
C GLY UA 111 33.48 -20.14 9.42
N GLU UA 112 34.25 -19.06 9.41
CA GLU UA 112 34.41 -18.23 8.22
C GLU UA 112 35.89 -17.93 8.00
N PHE UA 113 36.22 -17.49 6.79
CA PHE UA 113 37.60 -17.19 6.44
C PHE UA 113 37.63 -16.07 5.41
N CYS UA 114 38.43 -15.04 5.69
CA CYS UA 114 38.62 -13.94 4.74
C CYS UA 114 40.10 -13.76 4.50
N ILE UA 115 40.48 -13.56 3.24
CA ILE UA 115 41.87 -13.25 2.91
C ILE UA 115 41.91 -12.26 1.75
N THR UA 116 42.93 -11.41 1.78
CA THR UA 116 43.28 -10.55 0.66
C THR UA 116 44.76 -10.72 0.40
N THR UA 117 45.12 -10.99 -0.86
CA THR UA 117 46.46 -11.40 -1.24
C THR UA 117 47.04 -10.45 -2.28
N ARG UA 118 48.31 -10.10 -2.08
CA ARG UA 118 49.08 -9.30 -3.02
C ARG UA 118 50.19 -10.15 -3.63
N TYR UA 119 50.36 -10.02 -4.94
CA TYR UA 119 51.32 -10.81 -5.70
C TYR UA 119 51.67 -10.04 -6.96
N PRO UA 120 52.83 -10.30 -7.56
CA PRO UA 120 53.21 -9.60 -8.79
C PRO UA 120 52.51 -10.19 -10.01
N LEU UA 121 51.97 -9.31 -10.85
CA LEU UA 121 51.28 -9.70 -12.08
C LEU UA 121 52.22 -9.61 -13.27
N SER UA 122 53.44 -10.13 -13.05
CA SER UA 122 54.52 -9.99 -14.01
C SER UA 122 54.72 -11.24 -14.86
N ALA VA 9 71.13 3.66 -14.41
CA ALA VA 9 71.41 2.25 -14.64
C ALA VA 9 72.70 1.84 -13.96
N LEU VA 10 73.13 2.64 -12.97
CA LEU VA 10 74.39 2.38 -12.30
C LEU VA 10 74.27 1.49 -11.07
N THR VA 11 73.04 1.19 -10.63
CA THR VA 11 72.86 0.51 -9.36
C THR VA 11 71.94 -0.70 -9.52
N CYS VA 12 72.25 -1.76 -8.78
CA CYS VA 12 71.32 -2.87 -8.54
C CYS VA 12 70.65 -2.71 -7.19
N CYS VA 13 70.36 -1.47 -6.79
CA CYS VA 13 69.67 -1.15 -5.55
C CYS VA 13 68.20 -0.88 -5.86
N PRO VA 14 67.33 -1.88 -5.73
CA PRO VA 14 65.92 -1.68 -6.04
C PRO VA 14 65.23 -0.82 -4.97
N ASP VA 15 64.15 -0.17 -5.39
CA ASP VA 15 63.37 0.66 -4.50
C ASP VA 15 62.53 -0.21 -3.56
N LYS VA 16 62.17 0.36 -2.42
CA LYS VA 16 61.30 -0.28 -1.45
C LYS VA 16 59.89 0.23 -1.64
N ASN VA 17 59.00 -0.65 -2.11
CA ASN VA 17 57.61 -0.30 -2.36
C ASN VA 17 56.79 -0.76 -1.17
N TYR VA 18 56.45 0.18 -0.29
CA TYR VA 18 55.71 -0.13 0.93
C TYR VA 18 54.21 -0.12 0.64
N VAL VA 19 53.50 -1.09 1.23
CA VAL VA 19 52.07 -1.21 1.06
C VAL VA 19 51.41 -1.36 2.43
N GLN VA 20 50.11 -1.09 2.46
CA GLN VA 20 49.33 -1.04 3.68
C GLN VA 20 48.07 -1.88 3.54
N ASP VA 21 47.75 -2.64 4.59
CA ASP VA 21 46.51 -3.41 4.66
C ASP VA 21 45.79 -3.09 5.95
N LYS VA 22 44.54 -3.52 6.04
CA LYS VA 22 43.71 -3.25 7.22
C LYS VA 22 42.89 -4.49 7.53
N VAL VA 23 42.69 -4.78 8.82
CA VAL VA 23 41.84 -5.88 9.24
C VAL VA 23 41.25 -5.58 10.61
N CYS VA 24 39.96 -5.86 10.76
CA CYS VA 24 39.23 -5.69 12.02
C CYS VA 24 38.54 -7.00 12.36
N SER VA 25 38.48 -7.33 13.65
CA SER VA 25 37.87 -8.57 14.09
C SER VA 25 37.42 -8.45 15.53
N PRO VA 26 36.30 -9.06 15.89
CA PRO VA 26 35.92 -9.16 17.30
C PRO VA 26 36.61 -10.34 17.97
N TRP VA 27 36.77 -10.23 19.29
CA TRP VA 27 37.43 -11.27 20.06
C TRP VA 27 36.61 -11.58 21.30
N SER VA 28 36.69 -12.84 21.73
CA SER VA 28 35.97 -13.32 22.90
C SER VA 28 36.82 -14.37 23.60
N GLY VA 29 36.58 -14.53 24.89
CA GLY VA 29 37.30 -15.52 25.68
C GLY VA 29 36.62 -15.86 26.98
N THR VA 30 36.45 -17.14 27.27
CA THR VA 30 35.76 -17.59 28.48
C THR VA 30 36.78 -18.20 29.44
N VAL VA 31 36.94 -17.57 30.60
CA VAL VA 31 37.86 -18.06 31.62
C VAL VA 31 37.08 -18.82 32.68
N VAL VA 32 37.53 -20.03 32.99
CA VAL VA 32 36.89 -20.88 33.98
C VAL VA 32 37.80 -21.12 35.19
N ALA VA 33 38.99 -21.68 34.96
CA ALA VA 33 39.91 -21.95 36.04
C ALA VA 33 41.34 -21.57 35.69
N THR VA 34 41.61 -21.32 34.41
CA THR VA 34 42.96 -21.07 33.93
C THR VA 34 43.01 -19.74 33.17
N ALA VA 35 44.15 -19.07 33.28
CA ALA VA 35 44.37 -17.82 32.56
C ALA VA 35 44.44 -18.07 31.06
N ILE VA 36 44.09 -17.04 30.29
CA ILE VA 36 44.05 -17.14 28.83
C ILE VA 36 44.98 -16.10 28.24
N THR VA 37 45.59 -16.44 27.11
CA THR VA 37 46.60 -15.63 26.44
C THR VA 37 46.11 -15.44 24.99
N ASN VA 38 44.89 -14.93 24.87
CA ASN VA 38 44.21 -14.84 23.57
C ASN VA 38 44.96 -13.96 22.59
N VAL VA 39 45.50 -14.56 21.53
CA VAL VA 39 46.24 -13.82 20.52
C VAL VA 39 45.26 -13.25 19.50
N LEU VA 40 45.38 -11.94 19.24
CA LEU VA 40 44.49 -11.27 18.30
C LEU VA 40 45.10 -11.10 16.91
N TYR VA 41 46.42 -11.02 16.81
CA TYR VA 41 47.09 -10.78 15.54
C TYR VA 41 48.49 -11.36 15.60
N ASN VA 42 48.96 -11.88 14.46
CA ASN VA 42 50.31 -12.42 14.37
C ASN VA 42 50.79 -12.32 12.93
N ASN VA 43 52.11 -12.34 12.78
CA ASN VA 43 52.73 -12.21 11.46
C ASN VA 43 54.12 -12.81 11.50
N ASN VA 44 54.68 -13.05 10.31
CA ASN VA 44 56.04 -13.58 10.17
C ASN VA 44 56.94 -12.63 9.40
N ILE VA 45 56.58 -11.34 9.35
CA ILE VA 45 57.31 -10.34 8.59
C ILE VA 45 57.78 -9.21 9.51
N ASN VA 46 58.16 -9.60 10.73
CA ASN VA 46 58.46 -8.62 11.79
C ASN VA 46 59.49 -7.59 11.35
N GLN VA 47 60.44 -7.99 10.50
CA GLN VA 47 61.41 -7.03 9.98
C GLN VA 47 60.71 -6.04 9.07
N ASN VA 48 60.87 -4.75 9.36
CA ASN VA 48 60.23 -3.67 8.61
C ASN VA 48 58.72 -3.82 8.57
N MET VA 49 58.09 -3.88 9.75
CA MET VA 49 56.63 -3.88 9.84
C MET VA 49 56.19 -2.84 10.86
N ILE VA 50 55.17 -2.07 10.53
CA ILE VA 50 54.58 -1.12 11.47
C ILE VA 50 53.07 -1.30 11.46
N GLY VA 51 52.47 -1.25 12.65
CA GLY VA 51 51.03 -1.40 12.77
C GLY VA 51 50.40 -0.38 13.68
N THR VA 52 49.35 0.27 13.21
CA THR VA 52 48.60 1.25 13.98
C THR VA 52 47.17 0.77 14.14
N GLY VA 53 46.63 0.90 15.35
CA GLY VA 53 45.25 0.46 15.53
C GLY VA 53 44.77 0.63 16.96
N PHE VA 54 43.73 -0.11 17.30
CA PHE VA 54 43.16 -0.03 18.63
C PHE VA 54 42.60 -1.39 19.06
N VAL VA 55 42.49 -1.54 20.38
CA VAL VA 55 41.84 -2.68 21.02
C VAL VA 55 40.75 -2.13 21.92
N ARG VA 56 39.53 -2.62 21.75
CA ARG VA 56 38.37 -2.18 22.51
C ARG VA 56 37.91 -3.28 23.46
N TYR VA 57 37.85 -2.95 24.74
CA TYR VA 57 37.34 -3.86 25.77
C TYR VA 57 35.92 -3.41 26.11
N ASP VA 58 34.94 -4.24 25.73
CA ASP VA 58 33.53 -3.87 25.87
C ASP VA 58 32.91 -4.40 27.16
N VAL VA 59 32.91 -5.72 27.34
CA VAL VA 59 32.29 -6.35 28.50
C VAL VA 59 33.24 -7.39 29.07
N GLY VA 60 33.27 -7.49 30.39
CA GLY VA 60 34.12 -8.45 31.06
C GLY VA 60 34.09 -8.31 32.57
N PRO VA 61 34.30 -9.43 33.27
CA PRO VA 61 34.27 -9.38 34.74
C PRO VA 61 35.35 -8.50 35.36
N ALA VA 62 36.53 -8.40 34.76
CA ALA VA 62 37.66 -7.80 35.43
C ALA VA 62 38.61 -7.13 34.45
N PRO VA 63 39.56 -6.32 34.92
CA PRO VA 63 40.57 -5.75 34.02
C PRO VA 63 41.37 -6.84 33.30
N ILE VA 64 41.78 -6.52 32.08
CA ILE VA 64 42.58 -7.42 31.25
C ILE VA 64 43.89 -6.73 30.93
N THR VA 65 44.84 -7.48 30.37
CA THR VA 65 46.13 -6.93 29.99
C THR VA 65 46.29 -7.05 28.48
N LEU VA 66 46.84 -6.02 27.86
CA LEU VA 66 47.18 -6.05 26.44
C LEU VA 66 48.70 -6.01 26.28
N THR VA 67 49.25 -7.03 25.63
CA THR VA 67 50.70 -7.18 25.51
C THR VA 67 51.08 -7.33 24.04
N VAL VA 68 52.27 -6.84 23.71
CA VAL VA 68 52.82 -6.95 22.37
C VAL VA 68 54.17 -7.64 22.45
N LEU VA 69 54.38 -8.66 21.63
CA LEU VA 69 55.56 -9.50 21.71
C LEU VA 69 56.28 -9.54 20.37
N ASP VA 70 57.60 -9.68 20.44
CA ASP VA 70 58.44 -9.84 19.26
C ASP VA 70 58.77 -11.32 19.06
N ALA VA 71 59.57 -11.59 18.02
CA ALA VA 71 59.82 -12.97 17.62
C ALA VA 71 60.55 -13.77 18.71
N ALA VA 72 61.26 -13.09 19.61
CA ALA VA 72 61.99 -13.77 20.67
C ALA VA 72 61.10 -14.08 21.87
N GLY VA 73 59.83 -13.68 21.81
CA GLY VA 73 58.90 -13.92 22.90
C GLY VA 73 58.90 -12.87 23.98
N ALA VA 74 59.78 -11.88 23.89
CA ALA VA 74 59.86 -10.83 24.89
C ALA VA 74 58.69 -9.86 24.74
N THR VA 75 58.47 -9.05 25.78
CA THR VA 75 57.38 -8.08 25.77
C THR VA 75 57.90 -6.71 25.35
N ILE VA 76 57.26 -6.14 24.35
CA ILE VA 76 57.59 -4.78 23.91
C ILE VA 76 56.79 -3.75 24.70
N ASP VA 77 55.49 -3.96 24.82
CA ASP VA 77 54.64 -3.03 25.55
C ASP VA 77 53.53 -3.81 26.22
N THR VA 78 53.16 -3.37 27.43
CA THR VA 78 52.07 -3.96 28.20
C THR VA 78 51.22 -2.85 28.80
N GLN VA 79 49.91 -2.99 28.68
CA GLN VA 79 48.95 -2.01 29.19
C GLN VA 79 47.82 -2.75 29.88
N THR VA 80 47.05 -2.01 30.68
CA THR VA 80 45.92 -2.56 31.43
C THR VA 80 44.64 -1.88 30.98
N LEU VA 81 43.59 -2.67 30.81
CA LEU VA 81 42.31 -2.16 30.34
C LEU VA 81 41.20 -2.58 31.28
N ASN VA 82 40.22 -1.69 31.47
CA ASN VA 82 39.01 -1.92 32.23
C ASN VA 82 37.82 -2.00 31.28
N PRO VA 83 36.75 -2.70 31.66
CA PRO VA 83 35.63 -2.90 30.73
C PRO VA 83 35.03 -1.57 30.25
N GLY VA 84 34.73 -1.52 28.96
CA GLY VA 84 34.09 -0.36 28.37
C GLY VA 84 35.03 0.70 27.83
N THR VA 85 36.31 0.40 27.62
CA THR VA 85 37.27 1.40 27.19
C THR VA 85 37.99 0.93 25.92
N SER VA 86 38.93 1.75 25.46
CA SER VA 86 39.71 1.46 24.26
C SER VA 86 41.14 1.90 24.47
N ILE VA 87 42.06 1.29 23.72
CA ILE VA 87 43.46 1.69 23.74
C ILE VA 87 43.98 1.73 22.30
N ALA VA 88 44.61 2.84 21.94
CA ALA VA 88 45.22 3.01 20.63
C ALA VA 88 46.72 2.81 20.71
N PHE VA 89 47.31 2.35 19.61
CA PHE VA 89 48.72 1.99 19.61
C PHE VA 89 49.30 2.14 18.21
N THR VA 90 50.63 2.30 18.18
CA THR VA 90 51.41 2.28 16.94
C THR VA 90 52.73 1.60 17.27
N TYR VA 91 52.98 0.42 16.69
CA TYR VA 91 54.11 -0.41 17.07
C TYR VA 91 54.92 -0.79 15.84
N ARG VA 92 56.21 -1.06 16.05
CA ARG VA 92 57.07 -1.54 14.99
C ARG VA 92 57.88 -2.74 15.48
N ARG VA 93 58.22 -3.63 14.55
CA ARG VA 93 59.05 -4.81 14.81
C ARG VA 93 58.46 -5.65 15.94
N PHE VA 94 57.24 -6.13 15.71
CA PHE VA 94 56.53 -6.97 16.66
C PHE VA 94 56.03 -8.22 15.93
N VAL VA 95 55.92 -9.31 16.67
CA VAL VA 95 55.46 -10.57 16.09
C VAL VA 95 53.99 -10.84 16.41
N THR VA 96 53.46 -10.35 17.53
CA THR VA 96 52.09 -10.65 17.88
C THR VA 96 51.56 -9.64 18.88
N ILE VA 97 50.23 -9.53 18.91
CA ILE VA 97 49.49 -8.75 19.90
C ILE VA 97 48.49 -9.69 20.56
N GLU VA 98 48.38 -9.62 21.88
CA GLU VA 98 47.55 -10.56 22.60
C GLU VA 98 46.94 -9.89 23.83
N VAL VA 99 45.88 -10.50 24.34
CA VAL VA 99 45.23 -10.07 25.57
C VAL VA 99 45.35 -11.21 26.59
N THR VA 100 45.86 -10.87 27.77
CA THR VA 100 45.97 -11.80 28.89
C THR VA 100 44.76 -11.59 29.80
N LEU VA 101 44.02 -12.66 30.02
CA LEU VA 101 42.84 -12.75 30.88
C LEU VA 101 43.18 -13.56 32.13
N PRO VA 102 43.10 -12.95 33.30
CA PRO VA 102 43.48 -13.66 34.53
C PRO VA 102 42.48 -14.76 34.89
N ALA VA 103 42.97 -15.73 35.64
CA ALA VA 103 42.15 -16.86 36.08
C ALA VA 103 41.37 -16.53 37.35
N ALA VA 104 41.53 -15.33 37.90
CA ALA VA 104 40.87 -14.96 39.15
C ALA VA 104 39.36 -15.01 39.02
N THR VA 105 38.80 -14.21 38.11
CA THR VA 105 37.36 -14.17 37.95
C THR VA 105 36.93 -14.93 36.71
N ALA VA 106 36.05 -15.91 36.90
CA ALA VA 106 35.53 -16.69 35.80
C ALA VA 106 34.42 -15.93 35.09
N GLY VA 107 34.45 -15.95 33.76
CA GLY VA 107 33.45 -15.25 32.98
C GLY VA 107 33.92 -15.05 31.56
N THR VA 108 33.10 -14.32 30.81
CA THR VA 108 33.34 -14.08 29.39
C THR VA 108 33.80 -12.65 29.15
N TYR VA 109 34.90 -12.51 28.42
CA TYR VA 109 35.43 -11.23 28.00
C TYR VA 109 35.21 -11.07 26.51
N GLN VA 110 34.69 -9.91 26.10
CA GLN VA 110 34.39 -9.65 24.71
C GLN VA 110 34.89 -8.27 24.33
N GLY VA 111 35.29 -8.12 23.07
CA GLY VA 111 35.78 -6.84 22.60
C GLY VA 111 36.04 -6.87 21.10
N GLU VA 112 36.71 -5.82 20.64
CA GLU VA 112 37.00 -5.65 19.22
C GLU VA 112 38.47 -5.28 19.03
N PHE VA 113 38.95 -5.42 17.80
CA PHE VA 113 40.34 -5.14 17.49
C PHE VA 113 40.45 -4.66 16.05
N CYS VA 114 41.11 -3.52 15.84
CA CYS VA 114 41.35 -3.00 14.51
C CYS VA 114 42.84 -2.74 14.35
N ILE VA 115 43.40 -3.11 13.20
CA ILE VA 115 44.79 -2.80 12.90
C ILE VA 115 44.94 -2.50 11.42
N THR VA 116 45.88 -1.60 11.12
CA THR VA 116 46.32 -1.35 9.76
C THR VA 116 47.85 -1.41 9.77
N THR VA 117 48.40 -2.19 8.85
CA THR VA 117 49.82 -2.53 8.86
C THR VA 117 50.48 -2.12 7.56
N ARG VA 118 51.67 -1.54 7.67
CA ARG VA 118 52.51 -1.20 6.55
C ARG VA 118 53.77 -2.06 6.55
N TYR VA 119 54.13 -2.55 5.37
CA TYR VA 119 55.26 -3.45 5.20
C TYR VA 119 55.74 -3.34 3.76
N PRO VA 120 57.00 -3.69 3.48
CA PRO VA 120 57.52 -3.61 2.11
C PRO VA 120 57.06 -4.80 1.28
N LEU VA 121 56.58 -4.53 0.07
CA LEU VA 121 56.13 -5.55 -0.86
C LEU VA 121 57.25 -5.91 -1.84
N SER VA 122 58.45 -6.04 -1.30
CA SER VA 122 59.64 -6.17 -2.14
C SER VA 122 60.15 -7.60 -2.21
#